data_2QTJ
#
_entry.id   2QTJ
#
_cell.length_a   1.000
_cell.length_b   1.000
_cell.length_c   1.000
_cell.angle_alpha   90.00
_cell.angle_beta   90.00
_cell.angle_gamma   90.00
#
_symmetry.space_group_name_H-M   'P 1'
#
loop_
_entity.id
_entity.type
_entity.pdbx_description
1 polymer 'Kappa light chain IgA1'
2 polymer 'Ig alpha-1 chain C region'
#
loop_
_entity_poly.entity_id
_entity_poly.type
_entity_poly.pdbx_seq_one_letter_code
_entity_poly.pdbx_strand_id
1 'polypeptide(L)'
;ELVMTQSPSSLSASVGDRVNIACRASQGISSALAWYQQKPGKAPRLLIYDASNLESGVPSRFSGSGSGTDFTLTISSLQP
EDFAIYYCQQFNSYPLTFGGGTKVEIKRTVAAPSVFIFPPSDEQLKSGTASVVCLLNNFYPREAKVQWKVDNALQSGNSQ
ESVTEQDSKDSTYSLSSTLTLSKADYEKHKVYACEVTHQGLSSPVTKSFNRGEC
;
L,M,N,O
2 'polypeptide(L)'
;QVKLLEQSGAEVKKPGASVKVSCKASGYSFTSYGLHWVRQAPGQRLEWMGWISAGTGNTKYSQKFRGRVTFTRDTSATTA
YMGLSSLRPEDTAVYYCARDPYGGGKSEFDYWGQGTLVTVSSASPTSPKVFPLSLCSTQPDGNVVIACLVQGFFPQEPLS
VTWSESGQGVTARNFPPSQDASGDLYTTSSQLTLPATQCLAGKSVTCHVKHYTNPSQDVTVPCPVPSTPPTPSPSTPPTP
SPSCCHPRLSLHRPALEDLLLGSEANLTCTLTGLRDASGVTFTWTPSSGKSAVQGPPERDLCGCYSVSSVLPGCAEPWNH
GKTFTCTAAYPESKTPLTATLSKSGNTFRPEVHLLPPPSEELALNELVTLTCLARGFSPKDVLVRWLQGSQELPREKYLT
WASRQEPSQGTTTFAVTSILRVAAEDWKKGDTFSCMVGHEALPLAFTQKTIDRLAGKPTHVNVSVVMAEVDGTCY
;
A,B,C,D
#
# COMPACT_ATOMS: atom_id res chain seq x y z
CA GLU A 1 -76.32 74.66 -74.02
CA LEU A 2 -73.35 72.46 -73.20
CA VAL A 3 -73.22 71.98 -69.46
CA MET A 4 -69.87 72.29 -67.63
CA THR A 5 -69.80 70.60 -64.22
CA GLN A 6 -66.87 71.01 -61.82
CA SER A 7 -65.85 68.66 -59.09
CA PRO A 8 -65.50 69.40 -56.18
CA SER A 9 -67.23 72.59 -55.12
CA SER A 10 -64.74 73.18 -52.26
CA LEU A 11 -61.39 71.82 -51.12
CA SER A 12 -59.09 72.76 -48.24
CA ALA A 13 -55.47 71.60 -48.56
CA SER A 14 -52.16 72.51 -46.93
CA VAL A 15 -49.43 74.39 -48.76
CA GLY A 16 -47.20 71.98 -50.66
CA ASP A 17 -50.15 69.69 -51.42
CA ARG A 18 -51.03 68.77 -54.95
CA VAL A 19 -54.66 69.55 -55.83
CA ASN A 20 -56.66 68.38 -58.89
CA ILE A 21 -60.06 69.97 -59.92
CA ALA A 22 -62.17 68.16 -62.56
CA CYS A 23 -64.54 69.66 -65.13
CA ARG A 24 -66.91 67.60 -67.32
CA ALA A 25 -68.42 68.72 -70.56
CA SER A 26 -71.93 67.18 -71.12
CA GLN A 27 -70.57 66.30 -74.61
CA GLY A 28 -67.28 66.46 -76.53
CA ILE A 29 -65.53 69.84 -76.86
CA SER A 30 -62.13 68.63 -78.15
CA SER A 31 -59.62 70.99 -76.47
CA ALA A 32 -61.76 74.11 -76.25
CA LEU A 33 -61.51 74.60 -72.56
CA ALA A 34 -60.01 77.57 -70.66
CA TRP A 35 -59.47 77.77 -66.80
CA TYR A 36 -59.79 81.04 -64.78
CA GLN A 37 -58.72 82.04 -61.31
CA GLN A 38 -60.90 84.60 -59.49
CA LYS A 39 -59.73 86.04 -56.18
CA PRO A 40 -62.77 87.11 -54.21
CA GLY A 41 -63.90 90.52 -55.42
CA LYS A 42 -61.88 90.74 -58.59
CA ALA A 43 -62.09 90.18 -62.21
CA PRO A 44 -61.37 86.57 -63.29
CA ARG A 45 -57.85 85.80 -64.68
CA LEU A 46 -56.84 83.41 -67.46
CA LEU A 47 -54.51 80.58 -66.43
CA ILE A 48 -54.88 77.98 -69.16
CA TYR A 49 -56.45 77.99 -72.69
CA ASP A 50 -56.87 75.08 -75.19
CA ALA A 51 -57.00 72.64 -72.20
CA SER A 52 -53.26 72.70 -71.61
CA ASN A 53 -51.52 75.95 -72.74
CA LEU A 54 -50.40 78.24 -69.84
CA GLU A 55 -51.02 81.88 -70.45
CA SER A 56 -47.80 84.02 -70.33
CA GLY A 57 -46.78 85.02 -66.76
CA VAL A 58 -48.82 82.21 -64.98
CA PRO A 59 -46.66 80.18 -62.54
CA SER A 60 -45.31 76.88 -63.78
CA ARG A 61 -47.10 75.03 -60.90
CA PHE A 62 -50.42 75.30 -62.79
CA SER A 63 -51.04 72.64 -65.48
CA GLY A 64 -54.17 71.37 -67.29
CA SER A 65 -55.08 68.17 -69.13
CA GLY A 66 -58.01 66.45 -70.88
CA SER A 67 -59.63 66.22 -74.26
CA GLY A 68 -63.15 65.38 -75.30
CA THR A 69 -65.24 65.53 -72.19
CA ASP A 70 -63.01 65.33 -69.04
CA PHE A 71 -60.49 68.01 -68.09
CA THR A 72 -58.20 68.42 -64.99
CA LEU A 73 -56.44 71.50 -63.59
CA THR A 74 -53.51 70.52 -61.25
CA ILE A 75 -51.79 72.93 -58.84
CA SER A 76 -48.66 70.97 -58.03
CA SER A 77 -47.54 72.73 -54.80
CA LEU A 78 -50.36 74.79 -53.33
CA GLN A 79 -49.23 78.20 -52.11
CA PRO A 80 -51.28 80.78 -49.82
CA GLU A 81 -51.76 83.09 -52.75
CA ASP A 82 -53.65 80.30 -54.54
CA PHE A 83 -56.81 80.90 -52.45
CA ALA A 84 -59.46 81.61 -55.09
CA ILE A 85 -62.52 80.23 -56.93
CA TYR A 86 -61.44 78.39 -60.12
CA TYR A 87 -63.79 78.15 -63.28
CA CYS A 88 -63.65 76.21 -66.48
CA GLN A 89 -65.35 77.59 -69.60
CA GLN A 90 -66.02 75.85 -73.00
CA PHE A 91 -65.79 77.71 -76.34
CA ASN A 92 -66.65 74.93 -78.71
CA SER A 93 -70.31 75.95 -78.97
CA TYR A 94 -72.48 79.02 -78.43
CA PRO A 95 -73.75 79.90 -75.71
CA LEU A 96 -70.29 79.85 -74.25
CA THR A 97 -70.69 78.31 -70.77
CA PHE A 98 -68.90 78.25 -67.43
CA GLY A 99 -68.69 75.63 -64.80
CA GLY A 100 -69.95 76.27 -61.27
CA GLY A 101 -66.61 76.91 -59.44
CA THR A 102 -64.23 75.13 -57.10
CA LYS A 103 -63.32 77.26 -54.07
CA VAL A 104 -59.86 76.37 -52.76
CA GLU A 105 -59.21 77.40 -49.11
CA ILE A 106 -55.72 76.96 -47.47
CA LYS A 107 -55.31 74.73 -44.32
CA ARG A 108 -52.80 75.98 -41.70
CA THR A 109 -52.00 75.94 -37.95
CA VAL A 110 -54.41 77.50 -35.40
CA ALA A 111 -53.90 81.16 -34.69
CA ALA A 112 -55.66 82.83 -31.81
CA PRO A 113 -57.30 86.15 -32.48
CA SER A 114 -56.31 89.61 -31.25
CA VAL A 115 -59.52 91.14 -29.84
CA PHE A 116 -60.41 94.83 -29.81
CA ILE A 117 -63.59 96.65 -28.74
CA PHE A 118 -64.64 100.17 -29.80
CA PRO A 119 -67.26 102.44 -28.12
CA PRO A 120 -69.80 104.57 -30.18
CA SER A 121 -68.28 107.79 -31.44
CA ASP A 122 -69.63 111.11 -30.24
CA GLU A 123 -71.18 112.29 -33.46
CA GLN A 124 -72.80 108.93 -33.83
CA LEU A 125 -74.63 109.30 -30.45
CA LYS A 126 -75.64 112.79 -31.78
CA SER A 127 -77.82 110.96 -34.41
CA GLY A 128 -79.63 108.99 -31.70
CA THR A 129 -77.83 105.57 -32.44
CA ALA A 130 -74.89 103.73 -30.96
CA SER A 131 -72.84 101.02 -32.73
CA VAL A 132 -70.36 99.09 -30.59
CA VAL A 133 -67.75 97.08 -32.59
CA CYS A 134 -65.71 94.08 -31.45
CA LEU A 135 -62.78 93.06 -33.72
CA LEU A 136 -61.15 89.63 -33.80
CA ASN A 137 -58.05 90.08 -35.94
CA ASN A 138 -56.08 87.42 -37.73
CA PHE A 139 -57.10 83.96 -36.72
CA TYR A 140 -57.32 80.41 -38.05
CA PRO A 141 -59.68 78.27 -38.28
CA ARG A 142 -62.62 80.55 -39.21
CA GLU A 143 -65.00 79.30 -36.49
CA ALA A 144 -65.21 81.64 -33.45
CA LYS A 145 -68.08 82.76 -31.18
CA VAL A 146 -68.68 86.40 -30.08
CA GLN A 147 -71.07 87.04 -27.21
CA TRP A 148 -72.16 90.49 -26.12
CA LYS A 149 -73.03 91.19 -22.49
CA VAL A 150 -74.34 94.61 -21.39
CA ASP A 151 -74.49 95.01 -17.57
CA ASN A 152 -72.65 91.76 -17.11
CA ALA A 153 -74.56 88.55 -18.06
CA LEU A 154 -77.45 90.45 -19.68
CA GLN A 155 -76.04 88.99 -22.80
CA SER A 156 -77.80 90.03 -25.94
CA GLY A 157 -79.22 88.89 -29.37
CA ASN A 158 -79.10 92.19 -31.61
CA SER A 159 -75.67 92.03 -33.35
CA GLN A 160 -74.43 91.41 -36.90
CA GLU A 161 -71.14 89.84 -38.05
CA SER A 162 -68.82 90.13 -41.04
CA VAL A 163 -65.81 87.87 -41.80
CA THR A 164 -63.19 88.71 -44.38
CA GLU A 165 -61.98 86.11 -46.99
CA GLN A 166 -58.69 84.26 -46.39
CA ASP A 167 -55.62 86.42 -46.55
CA SER A 168 -53.28 85.42 -49.40
CA LYS A 169 -50.22 86.03 -47.28
CA ASP A 170 -50.89 84.27 -43.94
CA SER A 171 -54.19 82.39 -44.49
CA THR A 172 -56.14 84.02 -41.64
CA TYR A 173 -59.58 85.58 -41.28
CA SER A 174 -60.63 88.66 -39.34
CA LEU A 175 -64.19 89.24 -38.04
CA SER A 176 -66.32 92.16 -36.75
CA SER A 177 -69.41 92.04 -34.63
CA THR A 178 -71.47 95.23 -34.47
CA LEU A 179 -73.95 95.64 -31.65
CA THR A 180 -76.46 98.39 -32.44
CA LEU A 181 -78.70 100.03 -29.91
CA SER A 182 -80.42 103.41 -29.67
CA LYS A 183 -78.71 106.40 -27.85
CA ALA A 184 -81.29 105.94 -25.02
CA ASP A 185 -80.64 102.19 -24.72
CA TYR A 186 -76.91 102.75 -24.60
CA GLU A 187 -77.42 105.58 -22.01
CA LYS A 188 -78.85 103.25 -19.49
CA HIS A 189 -76.20 100.59 -19.20
CA LYS A 190 -72.52 100.96 -18.20
CA VAL A 191 -70.42 97.74 -18.76
CA TYR A 192 -70.31 96.75 -22.43
CA ALA A 193 -68.37 93.55 -23.15
CA CYS A 194 -67.34 91.28 -26.02
CA GLU A 195 -66.58 87.65 -25.03
CA VAL A 196 -64.67 85.50 -27.54
CA THR A 197 -64.32 81.77 -27.92
CA HIS A 198 -61.95 80.25 -30.47
CA GLN A 199 -59.70 77.13 -30.54
CA GLY A 200 -56.34 78.97 -30.20
CA LEU A 201 -57.25 80.70 -26.92
CA SER A 202 -56.84 78.83 -23.59
CA SER A 203 -59.75 80.70 -22.00
CA PRO A 204 -62.66 82.82 -23.40
CA VAL A 205 -61.44 86.41 -23.82
CA THR A 206 -63.41 89.49 -22.72
CA LYS A 207 -62.84 93.10 -23.76
CA SER A 208 -65.07 95.53 -21.88
CA PHE A 209 -65.44 99.24 -21.37
CA ASN A 210 -67.41 101.49 -19.09
CA ARG A 211 -69.87 104.01 -20.56
CA GLY A 212 -68.04 107.24 -19.59
CA GLU A 213 -64.55 106.73 -21.26
CA CYS A 214 -61.56 109.19 -20.95
CA GLU B 1 -16.88 68.09 62.64
CA LEU B 2 -15.95 65.61 59.95
CA VAL B 3 -17.07 66.98 56.61
CA MET B 4 -18.84 64.68 54.13
CA THR B 5 -18.73 65.91 50.52
CA GLN B 6 -20.75 64.23 47.75
CA SER B 7 -19.99 64.29 44.08
CA PRO B 8 -21.91 65.19 41.91
CA SER B 9 -24.76 67.35 43.11
CA SER B 10 -27.03 66.26 40.20
CA LEU B 11 -27.03 63.59 37.49
CA SER B 12 -29.55 62.71 34.79
CA ALA B 13 -29.22 59.23 33.29
CA SER B 14 -31.43 56.89 31.25
CA VAL B 15 -32.99 53.76 32.69
CA GLY B 16 -30.59 50.84 32.39
CA ASP B 17 -27.58 53.11 32.94
CA ARG B 18 -25.14 52.43 35.72
CA VAL B 19 -24.64 55.44 38.04
CA ASN B 20 -21.91 55.96 40.69
CA ILE B 21 -22.13 58.72 43.41
CA ALA B 22 -18.99 59.50 45.45
CA CYS B 23 -18.74 60.70 49.04
CA ARG B 24 -15.48 61.87 50.71
CA ALA B 25 -14.82 61.99 54.39
CA SER B 26 -12.44 64.90 55.32
CA GLN B 27 -10.56 62.20 57.32
CA GLY B 28 -10.67 58.41 57.84
CA ILE B 29 -13.92 56.86 59.08
CA SER B 30 -13.09 53.17 58.45
CA SER B 31 -16.44 51.68 57.29
CA ALA B 32 -18.82 53.87 59.28
CA LEU B 33 -20.80 55.15 56.40
CA ALA B 34 -24.53 54.71 55.72
CA TRP B 35 -26.38 55.79 52.45
CA TYR B 36 -30.04 57.06 52.41
CA GLN B 37 -32.57 57.53 49.67
CA GLN B 38 -35.08 60.39 50.09
CA LYS B 39 -37.95 60.73 47.64
CA PRO B 40 -39.01 64.36 47.56
CA GLY B 41 -41.29 65.07 50.51
CA LYS B 42 -40.65 61.96 52.52
CA ALA B 43 -38.65 60.65 55.30
CA PRO B 44 -35.18 59.37 54.28
CA ARG B 45 -34.73 55.56 53.87
CA LEU B 46 -31.73 53.40 54.71
CA LEU B 47 -30.16 51.54 51.76
CA ILE B 48 -26.66 50.66 52.93
CA TYR B 49 -24.90 50.65 56.36
CA ASP B 50 -21.21 49.87 57.21
CA ALA B 51 -20.22 51.10 53.67
CA SER B 52 -21.36 47.93 51.95
CA ASN B 53 -24.18 46.04 53.78
CA LEU B 54 -27.64 46.30 52.09
CA GLU B 55 -30.49 46.80 54.47
CA SER B 56 -33.15 44.00 54.27
CA GLY B 57 -35.71 44.58 51.46
CA VAL B 58 -33.48 47.02 49.40
CA PRO B 59 -33.17 45.93 45.72
CA SER B 60 -30.05 44.03 44.77
CA ARG B 61 -29.16 46.76 42.15
CA PHE B 62 -27.89 49.02 44.95
CA SER B 63 -24.30 48.37 46.15
CA GLY B 64 -21.73 50.43 48.11
CA SER B 65 -17.94 50.37 48.44
CA GLY B 66 -15.05 52.23 50.08
CA SER B 67 -13.11 52.34 53.28
CA GLY B 68 -11.14 55.10 54.95
CA THR B 69 -12.06 58.27 53.17
CA ASP B 70 -13.67 57.51 49.75
CA PHE B 71 -17.01 55.71 49.35
CA THR B 72 -19.14 54.90 46.22
CA LEU B 73 -22.82 54.00 45.90
CA THR B 74 -23.57 52.24 42.54
CA ILE B 75 -27.08 51.76 41.08
CA SER B 76 -26.38 49.14 38.45
CA SER B 77 -29.50 49.50 36.25
CA LEU B 78 -31.28 52.78 36.95
CA GLN B 79 -35.05 52.41 37.14
CA PRO B 80 -37.80 55.33 37.14
CA GLU B 81 -38.55 54.70 40.77
CA ASP B 82 -34.93 55.57 41.59
CA PHE B 83 -35.58 59.32 41.23
CA ALA B 84 -34.54 60.71 44.62
CA ILE B 85 -31.88 62.68 46.52
CA TYR B 86 -29.20 60.32 47.93
CA TYR B 87 -27.18 61.18 51.19
CA CYS B 88 -24.20 59.66 52.88
CA GLN B 89 -23.77 60.01 56.65
CA GLN B 90 -20.69 59.16 58.86
CA PHE B 91 -21.04 57.69 62.38
CA ASN B 92 -17.42 57.38 63.33
CA SER B 93 -17.40 60.67 65.25
CA TYR B 94 -19.83 63.02 66.97
CA PRO B 95 -21.43 65.32 65.58
CA LEU B 96 -22.77 62.75 63.18
CA THR B 97 -22.71 64.46 59.76
CA PHE B 98 -24.42 64.16 56.38
CA GLY B 99 -23.20 64.91 52.94
CA GLY B 100 -24.93 67.52 50.78
CA GLY B 101 -26.99 65.24 48.44
CA THR B 102 -26.90 63.93 44.89
CA LYS B 103 -30.23 64.43 43.08
CA VAL B 104 -30.75 61.76 40.42
CA GLU B 105 -33.29 62.69 37.68
CA ILE B 106 -34.35 60.16 34.95
CA LYS B 107 -33.75 60.95 31.20
CA ARG B 108 -36.48 59.78 28.79
CA THR B 109 -38.15 60.57 25.42
CA VAL B 110 -40.02 63.88 24.86
CA ALA B 111 -43.65 63.87 25.80
CA ALA B 112 -45.90 66.74 24.80
CA PRO B 113 -48.21 68.12 27.45
CA SER B 114 -51.99 67.88 27.71
CA VAL B 115 -53.18 71.46 28.32
CA PHE B 116 -56.27 72.46 30.32
CA ILE B 117 -57.59 75.88 31.35
CA PHE B 118 -60.04 76.58 34.21
CA PRO B 119 -62.13 79.77 34.77
CA PRO B 120 -62.60 81.36 38.30
CA SER B 121 -65.31 79.62 40.29
CA ASP B 122 -68.42 81.51 41.31
CA GLU B 123 -67.80 81.67 45.00
CA GLN B 124 -64.32 82.84 44.31
CA LEU B 125 -65.59 85.89 42.33
CA LYS B 126 -67.92 86.45 45.37
CA SER B 127 -64.73 87.29 47.43
CA GLY B 128 -63.67 89.93 44.92
CA THR B 129 -60.75 87.83 43.33
CA ALA B 130 -60.39 85.65 40.28
CA SER B 131 -57.75 82.93 39.78
CA VAL B 132 -57.46 81.44 36.28
CA VAL B 133 -55.47 78.14 36.11
CA CYS B 134 -53.73 76.60 33.10
CA LEU B 135 -52.57 72.96 33.50
CA LEU B 136 -49.88 71.26 31.43
CA ASN B 137 -50.10 67.59 32.33
CA ASN B 138 -47.47 64.93 31.92
CA PHE B 139 -44.59 66.11 29.85
CA TYR B 140 -40.86 65.59 29.37
CA PRO B 141 -38.33 67.55 29.38
CA ARG B 142 -39.31 69.98 32.17
CA GLU B 143 -38.77 73.18 30.18
CA ALA B 144 -42.01 74.72 28.84
CA LYS B 145 -43.28 78.31 28.46
CA VAL B 146 -46.81 79.49 29.44
CA GLN B 147 -47.99 82.87 28.18
CA TRP B 148 -51.25 84.48 29.27
CA LYS B 149 -53.12 86.77 26.91
CA VAL B 150 -56.31 88.57 28.03
CA ASP B 151 -58.18 90.27 25.12
CA ASN B 152 -55.90 88.63 22.63
CA ALA B 153 -52.25 89.83 22.57
CA LEU B 154 -52.62 91.91 25.75
CA GLN B 155 -50.38 89.29 27.17
CA SER B 156 -49.63 89.66 30.81
CA GLY B 157 -46.90 89.52 33.59
CA ASN B 158 -48.94 88.67 36.89
CA SER B 159 -48.88 84.82 37.09
CA GLN B 160 -47.18 82.23 39.30
CA GLU B 161 -46.08 78.68 38.39
CA SER B 162 -45.64 75.36 40.20
CA VAL B 163 -44.02 72.19 38.77
CA THR B 164 -44.31 68.80 40.38
CA GLU B 165 -41.23 66.51 40.92
CA GLN B 166 -40.57 63.66 38.44
CA ASP B 167 -43.13 60.89 38.53
CA SER B 168 -41.62 57.57 39.62
CA LYS B 169 -43.71 55.65 37.12
CA ASP B 170 -43.35 57.53 33.81
CA SER B 171 -40.72 60.23 34.50
CA THR B 172 -42.87 63.23 33.57
CA TYR B 173 -43.61 66.62 35.17
CA SER B 174 -46.89 68.50 35.36
CA LEU B 175 -47.13 72.31 35.76
CA SER B 176 -49.75 74.92 36.77
CA SER B 177 -49.80 78.58 36.03
CA THR B 178 -52.22 80.70 38.06
CA LEU B 179 -53.15 84.12 36.78
CA THR B 180 -54.70 86.22 39.55
CA LEU B 181 -56.68 89.38 38.99
CA SER B 182 -59.37 91.21 40.94
CA LYS B 183 -63.15 90.54 40.24
CA ALA B 184 -63.30 94.01 38.59
CA ASP B 185 -60.25 93.35 36.39
CA TYR B 186 -61.64 90.03 35.29
CA GLU B 187 -65.09 91.68 34.64
CA LYS B 188 -63.70 93.89 31.98
CA HIS B 189 -62.07 91.46 29.62
CA LYS B 190 -63.64 88.53 27.72
CA VAL B 191 -61.04 86.23 25.99
CA TYR B 192 -58.70 84.58 28.51
CA ALA B 193 -56.02 82.37 26.95
CA CYS B 194 -53.08 80.14 27.91
CA GLU B 195 -50.44 79.67 25.17
CA VAL B 196 -47.95 76.81 25.59
CA THR B 197 -44.57 76.17 24.06
CA HIS B 198 -42.73 72.89 24.64
CA GLN B 199 -40.45 70.65 22.50
CA GLY B 200 -42.98 67.81 21.94
CA LEU B 201 -45.63 70.05 20.36
CA SER B 202 -45.42 70.94 16.63
CA SER B 203 -47.06 74.32 17.16
CA PRO B 204 -47.70 76.52 20.28
CA VAL B 205 -50.99 75.41 21.87
CA THR B 206 -53.72 77.81 23.05
CA LYS B 207 -56.63 77.04 25.38
CA SER B 208 -59.03 79.96 25.71
CA PHE B 209 -62.44 80.68 27.14
CA ASN B 210 -64.91 83.52 26.97
CA ARG B 211 -65.99 85.30 30.18
CA GLY B 212 -69.65 84.17 30.25
CA GLU B 213 -69.33 80.29 30.20
CA CYS B 214 -72.30 77.81 30.08
CA GLN C 1 -52.41 101.87 -69.61
CA VAL C 2 -54.90 103.73 -67.38
CA LYS C 3 -55.97 100.10 -67.12
CA LEU C 4 -56.19 98.14 -70.47
CA LEU C 5 -59.96 97.48 -70.59
CA GLU C 6 -61.79 99.92 -68.20
CA GLN C 7 -65.51 100.09 -67.38
CA SER C 8 -68.08 102.74 -66.33
CA GLY C 9 -68.94 102.49 -62.58
CA ALA C 10 -72.12 101.35 -60.89
CA GLU C 11 -75.44 101.83 -60.99
CA VAL C 12 -78.84 101.54 -59.51
CA LYS C 13 -81.73 101.34 -61.95
CA LYS C 14 -85.46 100.97 -61.22
CA PRO C 15 -87.16 97.68 -62.44
CA GLY C 16 -88.39 98.31 -66.04
CA ALA C 17 -85.58 100.78 -66.87
CA SER C 18 -82.55 100.28 -69.15
CA VAL C 19 -78.83 100.41 -68.24
CA LYS C 20 -75.89 101.24 -70.56
CA VAL C 21 -72.46 99.92 -69.52
CA SER C 22 -69.28 101.10 -71.35
CA CYS C 23 -65.86 99.50 -71.79
CA LYS C 24 -62.96 101.72 -72.99
CA ALA C 25 -59.96 99.86 -74.54
CA SER C 26 -56.49 101.52 -74.06
CA GLY C 27 -52.94 100.36 -75.11
CA TYR C 28 -53.84 97.83 -77.88
CA SER C 29 -55.33 98.27 -81.42
CA PHE C 30 -59.12 98.34 -80.66
CA THR C 31 -60.40 97.22 -84.15
CA SER C 32 -58.13 94.08 -84.29
CA TYR C 33 -60.06 92.15 -81.54
CA GLY C 34 -63.61 91.30 -80.47
CA LEU C 35 -65.04 92.05 -76.99
CA HIS C 36 -67.17 89.58 -75.02
CA TRP C 37 -69.77 90.60 -72.34
CA VAL C 38 -70.21 88.35 -69.27
CA ARG C 39 -72.19 88.79 -66.04
CA GLN C 40 -72.02 87.31 -62.52
CA ALA C 41 -75.17 87.47 -60.34
CA PRO C 42 -74.49 87.22 -56.53
CA GLY C 43 -73.40 83.67 -55.51
CA GLN C 44 -73.76 82.44 -59.09
CA ARG C 45 -71.57 81.29 -61.97
CA LEU C 46 -70.44 83.58 -64.79
CA GLU C 47 -72.96 83.81 -67.65
CA TRP C 48 -71.93 84.71 -71.21
CA MET C 49 -74.27 87.41 -72.74
CA GLY C 50 -72.76 88.33 -76.13
CA TRP C 51 -69.81 89.47 -78.28
CA ILE C 52 -69.05 92.39 -80.65
CA SER C 53 -66.34 92.58 -83.37
CA ALA C 54 -64.72 96.09 -82.93
CA GLY C 55 -63.70 96.12 -86.65
CA THR C 56 -67.08 95.28 -88.37
CA GLY C 57 -69.59 96.11 -85.55
CA ASN C 58 -71.05 92.55 -85.96
CA THR C 59 -72.89 91.02 -83.10
CA LYS C 60 -73.52 87.63 -81.48
CA TYR C 61 -75.57 87.04 -78.36
CA SER C 62 -77.09 84.53 -75.94
CA GLN C 63 -80.77 83.82 -76.78
CA LYS C 64 -81.46 84.06 -72.99
CA PHE C 65 -81.27 87.90 -73.65
CA ARG C 66 -83.21 87.75 -76.99
CA GLY C 67 -84.97 91.05 -77.68
CA ARG C 68 -83.48 93.04 -74.72
CA VAL C 69 -79.64 93.24 -75.17
CA THR C 70 -77.81 95.60 -77.64
CA PHE C 71 -74.02 95.84 -78.40
CA THR C 72 -72.45 98.98 -79.93
CA ARG C 73 -68.85 100.20 -80.46
CA ASP C 74 -67.62 103.80 -80.95
CA THR C 75 -64.51 103.01 -83.02
CA SER C 76 -63.10 106.63 -82.75
CA ALA C 77 -63.45 106.84 -78.89
CA THR C 78 -62.32 103.17 -78.72
CA THR C 79 -65.24 102.24 -76.43
CA ALA C 80 -67.75 99.35 -76.65
CA TYR C 81 -71.17 99.45 -74.92
CA MET C 82 -73.82 96.99 -73.89
CA GLY C 83 -77.42 98.17 -73.47
CA LEU C 84 -79.74 96.00 -71.29
CA SER C 85 -83.48 96.88 -71.44
CA SER C 86 -86.55 95.89 -69.33
CA LEU C 87 -84.51 95.47 -66.13
CA ARG C 88 -85.76 92.89 -63.61
CA PRO C 89 -84.44 92.48 -59.99
CA GLU C 90 -82.52 89.30 -61.13
CA ASP C 91 -80.35 91.50 -63.46
CA THR C 92 -78.54 92.69 -60.25
CA ALA C 93 -75.05 91.43 -61.14
CA VAL C 94 -71.48 92.49 -61.98
CA TYR C 95 -71.16 93.10 -65.77
CA TYR C 96 -67.70 92.45 -67.24
CA CYS C 97 -66.39 93.10 -70.71
CA ALA C 98 -63.50 90.75 -71.64
CA ARG C 99 -61.25 90.54 -74.70
CA ASP C 100 -61.43 87.91 -77.51
CA PRO C 101 -57.65 87.44 -78.37
CA TYR C 102 -58.45 86.40 -82.00
CA GLY C 103 -61.49 88.49 -83.20
CA GLY C 104 -63.61 85.40 -84.18
CA GLY C 105 -66.27 85.25 -81.39
CA LYS C 106 -65.51 81.83 -79.85
CA SER C 107 -62.49 82.04 -77.57
CA GLU C 108 -61.09 82.04 -74.03
CA PHE C 109 -60.93 85.67 -72.68
CA ASP C 110 -57.36 86.97 -72.00
CA TYR C 111 -58.05 90.52 -70.57
CA TRP C 112 -61.04 91.39 -68.40
CA GLY C 113 -62.48 94.78 -67.48
CA GLN C 114 -62.97 95.40 -63.72
CA GLY C 115 -66.78 94.96 -63.59
CA THR C 116 -69.71 97.37 -63.05
CA LEU C 117 -72.32 96.36 -60.53
CA VAL C 118 -75.83 97.22 -61.74
CA THR C 119 -78.36 96.95 -58.93
CA VAL C 120 -82.05 96.83 -59.96
CA SER C 121 -84.22 98.37 -57.15
CA SER C 122 -87.15 100.63 -56.08
CA ALA C 123 -86.48 100.23 -52.27
CA SER C 124 -84.96 103.68 -52.36
CA PRO C 125 -81.23 104.46 -53.04
CA THR C 126 -79.49 105.97 -49.95
CA SER C 127 -75.89 107.34 -49.73
CA PRO C 128 -73.58 106.17 -46.84
CA LYS C 129 -72.95 108.35 -43.75
CA VAL C 130 -69.29 107.91 -42.75
CA PHE C 131 -68.39 107.99 -39.01
CA PRO C 132 -64.95 107.84 -37.29
CA LEU C 133 -63.97 104.87 -35.08
CA SER C 134 -61.16 106.13 -32.76
CA LEU C 135 -60.05 105.66 -29.09
CA CYS C 136 -58.41 108.25 -26.75
CA SER C 137 -56.41 106.15 -24.13
CA THR C 138 -58.91 103.18 -24.40
CA GLN C 139 -56.67 101.07 -26.78
CA PRO C 140 -53.68 98.96 -25.48
CA ASP C 141 -50.22 100.73 -25.20
CA GLY C 142 -48.24 99.71 -28.38
CA ASN C 143 -50.57 99.28 -31.43
CA VAL C 144 -53.39 101.57 -32.72
CA VAL C 145 -56.74 100.49 -34.34
CA ILE C 146 -58.73 103.24 -36.10
CA ALA C 147 -61.62 102.78 -38.51
CA CYS C 148 -64.47 104.27 -40.59
CA LEU C 149 -68.06 103.05 -40.16
CA VAL C 150 -69.77 103.38 -43.64
CA GLN C 151 -73.40 103.37 -42.48
CA GLY C 152 -76.96 103.15 -43.89
CA PHE C 153 -76.52 102.80 -47.66
CA PHE C 154 -78.52 101.06 -50.44
CA PRO C 155 -77.91 99.35 -52.74
CA GLN C 156 -74.64 97.43 -51.86
CA GLU C 157 -72.61 98.37 -55.07
CA PRO C 158 -68.72 98.42 -55.24
CA LEU C 159 -67.34 100.33 -52.22
CA SER C 160 -63.69 101.52 -52.76
CA VAL C 161 -62.08 102.26 -49.33
CA THR C 162 -58.51 103.62 -49.32
CA TRP C 163 -56.50 104.97 -46.29
CA SER C 164 -53.92 107.89 -46.41
CA GLU C 165 -51.14 105.80 -44.67
CA SER C 166 -49.66 102.58 -46.23
CA GLY C 167 -46.62 100.45 -45.16
CA GLN C 168 -45.14 97.08 -43.98
CA GLY C 169 -46.80 96.89 -40.49
CA VAL C 170 -49.97 98.93 -41.40
CA THR C 171 -52.83 96.41 -42.09
CA ALA C 172 -56.15 97.42 -43.74
CA ARG C 173 -59.24 95.19 -43.21
CA ASN C 174 -62.33 95.94 -45.35
CA PHE C 175 -65.32 94.10 -43.73
CA PRO C 176 -67.98 92.87 -46.31
CA PRO C 177 -71.44 94.64 -46.36
CA SER C 178 -73.91 93.41 -43.70
CA GLN C 179 -77.66 93.91 -44.36
CA ASP C 180 -80.10 95.26 -41.64
CA ALA C 181 -83.56 93.44 -41.69
CA SER C 182 -85.42 92.84 -45.06
CA GLY C 183 -83.20 94.80 -47.52
CA ASP C 184 -83.63 98.11 -45.52
CA LEU C 185 -79.99 99.41 -45.15
CA TYR C 186 -76.41 98.02 -45.62
CA THR C 187 -73.46 98.85 -43.25
CA THR C 188 -69.69 98.11 -43.79
CA SER C 189 -66.68 98.97 -41.56
CA SER C 190 -63.07 99.64 -42.82
CA GLN C 191 -60.33 99.15 -40.15
CA LEU C 192 -56.64 100.34 -40.19
CA THR C 193 -54.33 98.57 -37.63
CA LEU C 194 -50.86 100.31 -37.36
CA PRO C 195 -48.04 100.69 -34.71
CA ALA C 196 -48.55 103.50 -32.08
CA THR C 197 -45.19 105.11 -33.18
CA GLN C 198 -46.76 105.46 -36.73
CA CYS C 199 -50.06 106.97 -35.35
CA LEU C 200 -49.11 109.47 -32.55
CA ALA C 201 -51.60 111.51 -30.37
CA GLY C 202 -52.78 114.76 -32.11
CA LYS C 203 -52.19 113.28 -35.64
CA SER C 204 -54.87 111.88 -38.06
CA VAL C 205 -55.23 109.33 -40.96
CA THR C 206 -57.71 110.03 -43.83
CA CYS C 207 -60.17 107.34 -44.98
CA HIS C 208 -61.33 107.82 -48.64
CA VAL C 209 -64.69 106.10 -49.46
CA LYS C 210 -66.01 105.79 -53.05
CA HIS C 211 -69.57 104.37 -53.36
CA TYR C 212 -70.18 103.39 -57.17
CA THR C 213 -69.41 106.22 -59.65
CA ASN C 214 -70.30 108.89 -57.01
CA PRO C 215 -67.73 111.53 -55.77
CA SER C 216 -65.24 110.40 -53.04
CA GLN C 217 -66.34 110.96 -49.39
CA ASP C 218 -63.31 111.72 -47.16
CA VAL C 219 -63.05 111.56 -43.32
CA THR C 220 -60.04 112.59 -41.20
CA VAL C 221 -59.86 109.92 -38.40
CA PRO C 222 -57.75 110.74 -35.22
CA CYS C 223 -57.90 109.86 -33.50
CA PRO C 224 -58.06 108.98 -31.78
CA VAL C 225 -56.74 106.25 -30.81
CA PRO C 226 -54.48 103.29 -32.34
CA SER C 227 -54.74 101.33 -28.81
CA THR C 228 -55.26 97.51 -28.05
CA PRO C 229 -53.39 96.54 -24.72
CA PRO C 230 -54.26 93.32 -22.46
CA THR C 231 -51.86 91.19 -20.19
CA PRO C 232 -50.14 88.07 -21.90
CA SER C 233 -48.79 85.38 -19.40
CA PRO C 234 -44.90 85.08 -19.71
CA SER C 235 -44.73 81.69 -17.78
CA THR C 236 -42.11 78.81 -18.01
CA PRO C 237 -42.61 75.75 -15.70
CA PRO C 238 -39.17 73.75 -15.01
CA THR C 239 -40.06 70.00 -13.73
CA PRO C 240 -37.09 67.34 -13.17
CA SER C 241 -37.45 63.30 -12.82
CA PRO C 242 -36.86 60.10 -10.61
CA SER C 243 -35.28 56.62 -11.06
CA CYS C 244 -35.18 53.21 -9.34
CA CYS C 245 -34.08 52.17 -5.66
CA HIS C 246 -33.49 48.44 -5.05
CA PRO C 247 -31.16 46.99 -2.08
CA ARG C 248 -28.83 44.28 -3.60
CA LEU C 249 -25.31 43.40 -2.17
CA SER C 250 -22.81 41.97 -4.76
CA LEU C 251 -19.14 40.82 -4.39
CA HIS C 252 -17.02 40.88 -7.62
CA ARG C 253 -13.79 38.74 -7.22
CA PRO C 254 -10.19 39.71 -8.35
CA ALA C 255 -9.11 38.70 -11.96
CA LEU C 256 -6.72 35.67 -12.43
CA GLU C 257 -4.22 37.29 -14.91
CA ASP C 258 -3.69 40.53 -12.81
CA LEU C 259 -3.20 38.70 -9.43
CA LEU C 260 -0.67 36.23 -11.03
CA LEU C 261 1.31 38.80 -13.16
CA GLY C 262 2.59 41.37 -10.57
CA SER C 263 0.32 40.78 -7.44
CA GLU C 264 -2.59 43.08 -8.56
CA ALA C 265 -5.89 41.91 -6.93
CA ASN C 266 -8.91 43.95 -5.67
CA LEU C 267 -12.01 42.33 -4.11
CA THR C 268 -14.87 44.70 -4.92
CA CYS C 269 -18.01 45.27 -2.81
CA THR C 270 -21.08 46.78 -4.53
CA LEU C 271 -24.34 47.81 -2.71
CA THR C 272 -27.10 48.23 -5.34
CA GLY C 273 -30.70 49.12 -4.21
CA LEU C 274 -30.22 51.59 -1.26
CA ARG C 275 -33.36 53.90 -1.59
CA ASP C 276 -33.57 57.78 -1.15
CA ALA C 277 -31.87 59.85 1.72
CA SER C 278 -29.27 57.22 2.65
CA GLY C 279 -25.63 56.09 3.38
CA VAL C 280 -23.75 52.71 3.62
CA THR C 281 -21.13 51.72 6.29
CA PHE C 282 -18.56 49.09 5.22
CA THR C 283 -16.62 46.59 7.47
CA TRP C 284 -13.88 44.60 5.57
CA THR C 285 -11.67 41.82 7.12
CA PRO C 286 -7.88 42.56 6.64
CA SER C 287 -5.70 40.49 4.19
CA SER C 288 -3.12 38.03 5.74
CA GLY C 289 -0.14 40.48 6.22
CA LYS C 290 -2.22 42.79 8.56
CA SER C 291 -3.66 44.98 5.70
CA ALA C 292 -7.13 46.70 5.47
CA VAL C 293 -7.42 49.64 2.95
CA GLN C 294 -10.78 50.94 1.45
CA GLY C 295 -12.29 53.76 -0.80
CA PRO C 296 -16.16 54.07 -0.82
CA PRO C 297 -17.97 56.60 -3.19
CA GLU C 298 -21.83 56.89 -3.50
CA ARG C 299 -23.01 56.63 -7.15
CA ASP C 300 -26.72 57.08 -8.19
CA LEU C 301 -27.33 54.24 -10.78
CA CYS C 302 -30.78 53.88 -12.58
CA GLY C 303 -32.29 56.36 -10.06
CA CYS C 304 -30.85 55.14 -6.66
CA TYR C 305 -27.53 55.13 -4.60
CA SER C 306 -24.75 52.44 -4.85
CA VAL C 307 -21.87 52.39 -2.24
CA SER C 308 -19.08 50.62 -4.15
CA SER C 309 -16.04 50.08 -1.92
CA VAL C 310 -12.78 48.28 -2.96
CA LEU C 311 -10.16 46.39 -0.87
CA PRO C 312 -6.69 46.06 -2.61
CA GLY C 313 -5.03 42.62 -2.00
CA CYS C 314 -1.75 40.70 -2.49
CA ALA C 315 -1.27 37.34 -4.37
CA GLU C 316 -0.26 35.27 -1.22
CA PRO C 317 -3.62 35.56 0.77
CA TRP C 318 -5.60 34.63 -2.44
CA ASN C 319 -3.20 31.70 -3.42
CA HIS C 320 -2.76 30.23 0.16
CA GLY C 321 -6.47 30.45 1.33
CA LYS C 322 -7.90 33.66 2.93
CA THR C 323 -11.65 34.50 3.54
CA PHE C 324 -12.56 38.11 2.55
CA THR C 325 -15.69 39.39 4.33
CA CYS C 326 -17.50 42.59 3.27
CA THR C 327 -20.03 43.36 6.04
CA ALA C 328 -22.27 46.33 5.25
CA ALA C 329 -24.56 48.11 7.84
CA TYR C 330 -27.59 50.44 7.04
CA PRO C 331 -30.64 51.32 9.35
CA GLU C 332 -33.39 50.23 6.83
CA SER C 333 -31.49 46.85 6.42
CA LYS C 334 -32.46 45.34 9.87
CA THR C 335 -29.81 42.54 9.51
CA PRO C 336 -26.38 44.04 8.42
CA LEU C 337 -25.34 42.05 5.27
CA THR C 338 -22.19 39.95 5.42
CA ALA C 339 -20.73 38.48 2.14
CA THR C 340 -17.52 36.35 2.34
CA LEU C 341 -15.25 35.25 -0.53
CA SER C 342 -12.08 33.01 -0.93
CA LYS C 343 -10.36 30.31 -3.14
CA SER C 344 -12.15 27.04 -4.25
CA GLY C 345 -12.17 23.35 -3.08
CA ASN C 346 -9.62 20.69 -1.90
CA THR C 347 -6.21 20.37 -3.76
CA PHE C 348 -4.98 17.72 -6.34
CA ARG C 349 -1.40 17.32 -7.84
CA PRO C 350 -1.21 18.05 -11.66
CA GLU C 351 -0.06 15.13 -13.84
CA VAL C 352 2.20 16.72 -16.57
CA HIS C 353 2.82 14.61 -19.75
CA LEU C 354 4.75 16.14 -22.72
CA LEU C 355 3.62 14.94 -26.19
CA PRO C 356 5.87 15.19 -29.33
CA PRO C 357 4.31 16.14 -32.74
CA PRO C 358 2.31 13.68 -34.90
CA SER C 359 4.17 12.00 -37.85
CA GLU C 360 1.89 13.83 -40.39
CA GLU C 361 2.72 17.32 -38.87
CA LEU C 362 6.41 16.71 -39.87
CA ALA C 363 5.13 17.11 -43.49
CA LEU C 364 4.53 20.76 -42.32
CA ASN C 365 7.40 23.35 -41.90
CA GLU C 366 7.25 26.76 -40.02
CA LEU C 367 5.57 25.47 -36.78
CA VAL C 368 5.94 22.01 -35.08
CA THR C 369 3.25 21.47 -32.50
CA LEU C 370 4.87 20.59 -29.10
CA THR C 371 2.06 19.74 -26.66
CA CYS C 372 2.02 19.37 -22.85
CA LEU C 373 -1.08 17.96 -21.09
CA ALA C 374 -1.62 19.08 -17.45
CA ARG C 375 -4.46 16.85 -16.10
CA GLY C 376 -6.23 15.83 -12.85
CA PHE C 377 -5.42 19.14 -11.05
CA SER C 378 -7.45 21.26 -8.52
CA PRO C 379 -8.14 24.03 -7.91
CA LYS C 380 -8.11 25.47 -11.51
CA ASP C 381 -5.43 27.91 -10.38
CA VAL C 382 -2.24 27.06 -12.39
CA LEU C 383 0.64 28.65 -14.43
CA VAL C 384 2.17 26.85 -17.41
CA ARG C 385 5.24 28.22 -19.32
CA TRP C 386 7.71 26.86 -21.93
CA LEU C 387 11.54 26.97 -22.05
CA GLN C 388 14.18 26.36 -24.76
CA GLY C 389 17.20 24.19 -23.67
CA SER C 390 19.26 25.08 -26.83
CA GLN C 391 19.51 28.86 -25.98
CA GLU C 392 18.94 28.61 -22.14
CA LEU C 393 15.95 31.02 -22.51
CA PRO C 394 12.12 31.23 -22.14
CA ARG C 395 10.08 30.73 -25.36
CA GLU C 396 7.57 32.96 -27.21
CA LYS C 397 5.35 31.08 -29.70
CA TYR C 398 3.07 29.22 -27.26
CA LEU C 399 -0.66 29.28 -26.39
CA THR C 400 -2.52 27.67 -23.38
CA TRP C 401 -6.28 26.75 -23.47
CA ALA C 402 -8.71 25.59 -20.62
CA SER C 403 -11.08 22.74 -19.43
CA ARG C 404 -12.86 22.41 -15.99
CA GLN C 405 -14.27 18.81 -15.84
CA GLU C 406 -17.70 18.43 -14.05
CA PRO C 407 -20.40 15.80 -15.01
CA SER C 408 -23.41 14.55 -12.88
CA GLN C 409 -21.10 12.39 -10.63
CA GLY C 410 -18.62 13.21 -7.79
CA THR C 411 -15.67 13.34 -10.30
CA THR C 412 -14.58 17.05 -10.68
CA THR C 413 -10.89 18.08 -11.47
CA PHE C 414 -9.36 20.20 -14.37
CA ALA C 415 -7.31 19.59 -17.55
CA VAL C 416 -5.45 21.96 -19.95
CA THR C 417 -3.28 21.52 -23.06
CA SER C 418 -0.44 23.99 -23.83
CA ILE C 419 0.82 24.33 -27.44
CA LEU C 420 4.45 25.44 -28.20
CA ARG C 421 4.91 25.92 -31.95
CA VAL C 422 8.55 25.53 -33.29
CA ALA C 423 10.42 25.35 -36.64
CA ALA C 424 10.57 21.67 -37.89
CA GLU C 425 14.42 22.00 -38.06
CA ASP C 426 15.15 22.88 -34.33
CA TRP C 427 13.16 19.83 -33.09
CA LYS C 428 15.28 17.68 -35.56
CA LYS C 429 18.51 19.51 -34.45
CA GLY C 430 17.85 17.58 -31.17
CA ASP C 431 16.69 20.51 -29.01
CA THR C 432 15.19 19.94 -25.54
CA PHE C 433 12.02 22.00 -24.85
CA SER C 434 10.50 21.94 -21.33
CA CYS C 435 6.97 22.65 -20.11
CA MET C 436 7.11 24.20 -16.58
CA VAL C 437 3.91 23.85 -14.47
CA GLY C 438 3.34 25.81 -11.21
CA HIS C 439 0.49 24.73 -8.93
CA GLU C 440 -0.56 24.76 -5.18
CA ALA C 441 -0.18 20.91 -4.89
CA LEU C 442 3.22 20.50 -6.70
CA PRO C 443 6.26 19.45 -4.51
CA LEU C 444 8.15 22.81 -4.59
CA ALA C 445 5.08 24.56 -6.16
CA PHE C 446 6.93 23.81 -9.43
CA THR C 447 7.51 20.83 -11.77
CA GLN C 448 9.05 20.73 -15.26
CA LYS C 449 8.66 17.88 -17.83
CA THR C 450 10.95 17.81 -20.93
CA ILE C 451 10.57 17.00 -24.71
CA ASP C 452 13.31 16.26 -27.30
CA ARG C 453 13.73 14.35 -30.65
CA LEU C 454 15.89 11.86 -28.57
CA ALA C 455 14.13 8.69 -27.24
CA GLY C 456 16.13 6.16 -25.11
CA LYS C 457 13.94 3.12 -24.25
CA PRO C 458 15.06 2.21 -20.68
CA THR C 459 12.46 4.16 -20.59
CA HIS C 460 11.26 7.83 -20.13
CA VAL C 461 13.89 9.49 -17.76
CA ASN C 462 14.79 13.22 -17.07
CA VAL C 463 17.83 15.72 -17.19
CA SER C 464 20.58 15.87 -14.44
CA VAL C 465 20.94 18.23 -11.32
CA VAL C 466 21.71 21.79 -12.67
CA MET C 467 22.78 24.14 -9.77
CA ALA C 468 23.91 23.69 -6.07
CA GLU C 469 24.05 25.35 -3.36
CA VAL C 470 22.89 29.11 -3.32
CA ASP C 471 19.23 28.30 -2.34
CA GLY C 472 17.79 31.83 -1.57
CA THR C 473 17.81 31.63 2.29
CA CYS C 474 21.57 30.73 2.45
CA TYR C 475 22.80 33.02 -0.48
CA GLN D 1 -48.28 49.29 63.50
CA VAL D 2 -50.26 52.58 63.37
CA LYS D 3 -46.91 53.47 61.86
CA LEU D 4 -43.77 52.21 63.78
CA LEU D 5 -42.29 55.57 64.85
CA GLU D 6 -44.99 58.35 64.63
CA GLN D 7 -44.62 62.06 65.31
CA SER D 8 -46.81 64.97 66.54
CA GLY D 9 -47.92 67.27 63.64
CA ALA D 10 -46.85 70.80 62.80
CA GLU D 11 -46.48 73.81 64.24
CA VAL D 12 -46.05 77.51 64.04
CA LYS D 13 -44.23 79.14 66.94
CA LYS D 14 -43.35 82.83 67.43
CA PRO D 15 -39.56 83.71 67.49
CA GLY D 16 -38.37 83.41 71.15
CA ALA D 17 -40.88 80.63 72.02
CA SER D 18 -40.20 76.92 72.63
CA VAL D 19 -41.53 73.89 70.68
CA LYS D 20 -42.00 70.31 71.97
CA VAL D 21 -42.03 67.53 69.35
CA SER D 22 -43.06 63.96 70.31
CA CYS D 23 -42.24 60.58 68.78
CA LYS D 24 -44.39 57.54 69.79
CA ALA D 25 -42.80 54.08 69.19
CA SER D 26 -45.25 51.19 68.38
CA GLY D 27 -44.61 47.47 67.52
CA TYR D 28 -41.04 47.04 68.91
CA SER D 29 -39.66 47.00 72.52
CA PHE D 30 -39.17 50.77 73.22
CA THR D 31 -36.47 50.46 76.00
CA SER D 32 -34.15 48.18 73.90
CA TYR D 33 -33.11 50.96 71.40
CA GLY D 34 -31.98 54.59 71.34
CA LEU D 35 -33.73 57.34 69.32
CA HIS D 36 -31.84 59.96 67.29
CA TRP D 37 -33.24 63.48 66.45
CA VAL D 38 -32.39 65.01 63.04
CA ARG D 39 -33.63 68.15 61.26
CA GLN D 40 -33.77 69.35 57.64
CA ALA D 41 -34.09 73.12 57.00
CA PRO D 42 -35.56 74.04 53.53
CA GLY D 43 -33.08 73.28 50.69
CA GLN D 44 -30.45 72.09 53.17
CA ARG D 45 -28.77 68.87 54.25
CA LEU D 46 -29.91 66.81 57.25
CA GLU D 47 -28.39 67.96 60.56
CA TRP D 48 -28.00 65.61 63.55
CA MET D 49 -29.23 67.26 66.82
CA GLY D 50 -29.03 64.56 69.53
CA TRP D 51 -29.84 61.05 70.81
CA ILE D 52 -31.64 59.54 73.84
CA SER D 53 -31.34 55.97 75.25
CA ALA D 54 -34.98 54.84 75.94
CA GLY D 55 -33.74 52.41 78.67
CA THR D 56 -31.53 54.75 80.83
CA GLY D 57 -32.83 58.22 79.75
CA ASN D 58 -29.18 59.23 78.96
CA THR D 59 -28.56 61.98 76.52
CA LYS D 60 -26.07 63.04 73.85
CA TYR D 61 -26.34 66.16 71.71
CA SER D 62 -24.75 68.39 69.10
CA GLN D 63 -22.94 71.37 70.69
CA LYS D 64 -24.54 73.56 67.94
CA PHE D 65 -27.71 73.30 70.18
CA ARG D 66 -25.77 73.71 73.51
CA GLY D 67 -28.03 75.21 76.20
CA ARG D 68 -31.34 75.15 74.17
CA VAL D 69 -32.19 71.47 73.34
CA THR D 70 -33.71 68.92 75.84
CA PHE D 71 -34.47 65.16 75.28
CA THR D 72 -37.00 63.26 77.45
CA ARG D 73 -38.69 59.82 77.22
CA ASP D 74 -41.96 58.68 78.86
CA THR D 75 -41.13 54.96 79.14
CA SER D 76 -44.77 53.96 80.10
CA ALA D 77 -46.42 55.87 77.16
CA THR D 78 -43.50 54.70 74.94
CA THR D 79 -42.93 58.26 73.62
CA ALA D 80 -39.72 60.32 73.34
CA TYR D 81 -39.74 64.15 73.11
CA MET D 82 -37.36 66.86 72.04
CA GLY D 83 -37.75 70.38 73.47
CA LEU D 84 -36.19 73.26 71.46
CA SER D 85 -36.05 76.67 73.25
CA SER D 86 -35.33 80.27 72.11
CA LEU D 87 -36.72 79.69 68.60
CA ARG D 88 -35.16 81.72 65.78
CA PRO D 89 -36.55 81.97 62.16
CA GLU D 90 -33.72 79.59 60.99
CA ASP D 91 -35.22 76.78 63.17
CA THR D 92 -37.98 76.49 60.47
CA ALA D 93 -37.30 72.88 59.44
CA VAL D 94 -38.71 69.33 59.40
CA TYR D 95 -37.80 67.53 62.68
CA TYR D 96 -37.41 63.75 62.42
CA CYS D 97 -36.89 61.18 65.11
CA ALA D 98 -35.09 58.06 63.81
CA ARG D 99 -34.17 54.75 65.47
CA ASP D 100 -30.68 53.63 66.61
CA PRO D 101 -30.77 49.83 65.82
CA TYR D 102 -28.20 49.01 68.59
CA GLY D 103 -28.88 51.41 71.57
CA GLY D 104 -25.26 52.79 71.68
CA GLY D 105 -25.66 56.35 70.21
CA LYS D 106 -23.41 56.10 67.12
CA SER D 107 -25.21 54.29 64.31
CA GLU D 108 -26.96 54.44 60.95
CA PHE D 109 -30.76 55.02 61.45
CA ASP D 110 -32.99 52.10 60.27
CA TYR D 111 -36.56 53.49 60.98
CA TRP D 112 -37.52 57.15 60.62
CA GLY D 113 -40.57 58.99 61.91
CA GLN D 114 -42.53 61.01 59.29
CA GLY D 115 -41.32 64.51 60.27
CA THR D 116 -43.00 67.52 61.93
CA LEU D 117 -42.54 70.88 60.28
CA VAL D 118 -42.01 73.64 62.86
CA THR D 119 -42.33 77.08 61.29
CA VAL D 120 -40.97 80.01 63.34
CA SER D 121 -42.97 83.21 62.47
CA SER D 122 -44.75 86.43 63.63
CA ALA D 123 -46.09 87.35 60.10
CA SER D 124 -49.45 86.10 61.25
CA PRO D 125 -50.70 82.46 60.91
CA THR D 126 -53.70 82.20 58.46
CA SER D 127 -55.81 79.06 57.70
CA PRO D 128 -56.47 78.07 54.00
CA LYS D 129 -59.78 78.86 52.26
CA VAL D 130 -60.64 75.90 49.99
CA PHE D 131 -62.42 76.60 46.65
CA PRO D 132 -63.77 74.15 44.01
CA LEU D 133 -62.25 74.00 40.50
CA SER D 134 -64.95 72.45 38.23
CA LEU D 135 -66.26 72.89 34.62
CA CYS D 136 -69.86 72.48 33.34
CA SER D 137 -69.52 71.62 29.54
CA THR D 138 -66.22 73.64 29.24
CA GLN D 139 -63.89 70.52 29.47
CA PRO D 140 -63.23 68.22 26.41
CA ASP D 141 -65.70 65.26 25.82
CA GLY D 142 -63.97 62.11 27.29
CA ASN D 143 -61.82 62.99 30.38
CA VAL D 144 -62.68 65.14 33.45
CA VAL D 145 -60.32 67.49 35.41
CA ILE D 146 -61.59 68.73 38.81
CA ALA D 147 -59.55 70.37 41.55
CA CYS D 148 -59.38 72.19 44.91
CA LEU D 149 -57.65 75.60 45.22
CA VAL D 150 -56.15 75.74 48.80
CA GLN D 151 -55.80 79.54 49.08
CA GLY D 152 -54.22 82.20 51.34
CA PHE D 153 -52.47 80.26 54.12
CA PHE D 154 -49.37 80.87 56.28
CA PRO D 155 -47.05 79.30 57.17
CA GLN D 156 -46.46 76.57 54.45
CA GLU D 157 -46.45 73.47 56.82
CA PRO D 158 -47.32 69.85 55.67
CA LEU D 159 -50.55 69.90 53.60
CA SER D 160 -52.22 66.41 53.35
CA VAL D 161 -54.62 66.37 50.34
CA THR D 162 -56.64 63.18 49.74
CA TRP D 163 -59.51 62.65 47.20
CA SER D 164 -62.64 60.39 47.77
CA GLU D 165 -62.13 58.45 44.44
CA SER D 166 -58.97 56.30 43.73
CA GLY D 167 -58.21 53.86 40.83
CA GLN D 168 -56.03 52.82 37.81
CA GLY D 169 -56.91 55.75 35.42
CA VAL D 170 -57.62 58.37 38.20
CA THR D 171 -54.47 60.58 38.57
CA ALA D 172 -53.93 62.99 41.51
CA ARG D 173 -51.47 65.91 41.10
CA ASN D 174 -50.57 67.90 44.26
CA PHE D 175 -48.91 71.21 43.09
CA PRO D 176 -46.17 72.51 45.55
CA PRO D 177 -46.93 75.74 47.58
CA SER D 178 -46.35 79.03 45.66
CA GLN D 179 -45.68 82.19 47.71
CA ASP D 180 -47.41 85.59 46.93
CA ALA D 181 -45.00 88.64 47.31
CA SER D 182 -42.68 88.95 50.42
CA GLY D 183 -43.94 86.01 52.60
CA ASP D 184 -47.56 87.38 52.62
CA LEU D 185 -49.70 84.27 51.68
CA TYR D 186 -49.09 80.74 50.22
CA THR D 187 -51.45 79.06 47.64
CA THR D 188 -51.44 75.36 46.47
CA SER D 189 -53.79 73.55 44.01
CA SER D 190 -54.69 69.79 44.13
CA GLN D 191 -55.96 68.34 40.78
CA LEU D 192 -57.84 65.03 40.11
CA THR D 193 -57.82 63.86 36.42
CA LEU D 194 -60.27 60.88 35.81
CA PRO D 195 -62.32 59.41 32.86
CA ALA D 196 -65.76 61.08 32.18
CA THR D 197 -67.50 57.65 32.67
CA GLN D 198 -66.02 57.65 36.28
CA CYS D 199 -67.16 61.31 36.96
CA LEU D 200 -70.73 61.70 35.50
CA ALA D 201 -72.85 64.96 35.50
CA GLY D 202 -74.76 65.49 38.82
CA LYS D 203 -72.16 63.44 40.83
CA SER D 204 -69.33 64.84 43.08
CA VAL D 205 -65.82 63.87 44.41
CA THR D 206 -64.73 65.01 47.92
CA CYS D 207 -61.30 66.66 48.46
CA HIS D 208 -59.98 66.25 52.08
CA VAL D 209 -57.38 68.89 53.11
CA LYS D 210 -55.35 68.63 56.35
CA HIS D 211 -53.14 71.68 57.17
CA TYR D 212 -50.61 70.64 60.03
CA THR D 213 -52.29 69.07 63.12
CA ASN D 214 -55.52 71.09 62.48
CA PRO D 215 -58.95 69.37 61.80
CA SER D 216 -59.61 68.15 58.20
CA GLN D 217 -61.34 70.67 55.84
CA ASP D 218 -63.60 68.84 53.33
CA VAL D 219 -65.06 70.15 50.02
CA THR D 220 -67.51 68.33 47.74
CA VAL D 221 -66.43 69.29 44.16
CA PRO D 222 -68.87 68.70 41.19
CA CYS D 223 -68.74 69.50 39.43
CA PRO D 224 -68.62 70.29 37.67
CA VAL D 225 -66.89 69.33 35.16
CA PRO D 226 -64.16 66.51 34.30
CA SER D 227 -63.80 68.07 30.59
CA THR D 228 -60.59 68.68 28.38
CA PRO D 229 -61.50 68.26 24.57
CA PRO D 230 -59.36 69.81 21.52
CA THR D 231 -58.93 68.43 17.86
CA PRO D 232 -55.87 66.02 17.25
CA SER D 233 -54.79 65.67 13.51
CA PRO D 234 -55.29 61.97 12.31
CA SER D 235 -53.11 62.43 9.11
CA THR D 236 -51.05 59.81 7.08
CA PRO D 237 -49.15 61.05 3.95
CA PRO D 238 -48.44 58.09 1.29
CA THR D 239 -45.42 59.22 -1.17
CA PRO D 240 -43.96 56.61 -3.87
CA SER D 241 -40.45 56.89 -5.89
CA PRO D 242 -38.63 57.08 -9.37
CA SER D 243 -35.72 55.28 -11.14
CA CYS D 244 -33.42 55.73 -14.15
CA CYS D 245 -34.23 56.14 -18.03
CA HIS D 246 -31.31 55.67 -20.44
CA PRO D 247 -31.73 54.68 -24.34
CA ARG D 248 -29.26 51.80 -25.14
CA LEU D 249 -29.86 49.13 -27.89
CA SER D 250 -28.10 45.72 -27.28
CA LEU D 251 -28.07 42.46 -29.36
CA HIS D 252 -27.29 39.22 -27.40
CA ARG D 253 -26.30 36.33 -29.80
CA PRO D 254 -27.51 32.63 -29.65
CA ALA D 255 -25.41 30.13 -27.52
CA LEU D 256 -23.07 27.61 -29.35
CA GLU D 257 -24.08 24.40 -27.40
CA ASP D 258 -27.91 24.93 -27.81
CA LEU D 259 -27.77 25.77 -31.59
CA LEU D 260 -25.50 22.68 -32.28
CA LEU D 261 -27.37 20.14 -30.01
CA GLY D 262 -30.99 20.15 -31.39
CA SER D 263 -31.20 23.45 -33.46
CA GLU D 264 -32.14 25.76 -30.49
CA ALA D 265 -31.01 29.39 -31.25
CA ASN D 266 -32.65 32.75 -30.33
CA LEU D 267 -31.14 36.14 -31.30
CA THR D 268 -32.27 38.53 -28.57
CA CYS D 269 -32.91 42.29 -28.98
CA THR D 270 -32.85 44.47 -25.84
CA LEU D 271 -33.77 48.23 -25.75
CA THR D 272 -32.44 49.71 -22.46
CA GLY D 273 -32.88 53.50 -21.77
CA LEU D 274 -36.37 54.38 -23.20
CA ARG D 275 -37.57 57.24 -20.81
CA ASP D 276 -41.14 57.78 -19.31
CA ALA D 277 -44.52 57.49 -21.29
CA SER D 278 -43.15 55.36 -24.14
CA GLY D 279 -43.26 52.28 -26.50
CA VAL D 280 -40.80 50.49 -28.88
CA THR D 281 -41.59 49.13 -32.42
CA PHE D 282 -39.41 46.22 -33.63
CA THR D 283 -38.55 45.24 -37.27
CA TRP D 284 -36.63 41.87 -37.57
CA THR D 285 -35.30 40.35 -40.86
CA PRO D 286 -36.62 36.73 -41.41
CA SER D 287 -34.29 33.65 -41.09
CA SER D 288 -33.33 31.79 -44.37
CA GLY D 289 -36.37 29.38 -44.65
CA LYS D 290 -38.89 32.35 -44.79
CA SER D 291 -39.34 32.61 -40.95
CA ALA D 292 -39.98 35.77 -38.80
CA VAL D 293 -41.51 35.16 -35.27
CA GLN D 294 -41.30 37.69 -32.31
CA GLY D 295 -42.53 38.29 -28.66
CA PRO D 296 -41.93 41.83 -27.18
CA PRO D 297 -42.81 42.65 -23.47
CA GLU D 298 -42.05 46.07 -21.77
CA ARG D 299 -40.09 45.65 -18.49
CA ASP D 300 -39.23 48.64 -16.18
CA LEU D 301 -35.52 48.02 -15.16
CA CYS D 302 -33.70 50.41 -12.68
CA GLY D 303 -36.57 52.94 -13.09
CA CYS D 304 -37.19 52.94 -16.93
CA TYR D 305 -38.76 50.75 -19.74
CA SER D 306 -36.91 47.97 -21.72
CA VAL D 307 -38.56 46.40 -24.86
CA SER D 308 -36.86 42.99 -25.06
CA SER D 309 -37.97 41.08 -28.16
CA VAL D 310 -36.70 37.60 -29.24
CA LEU D 311 -36.46 35.95 -32.73
CA PRO D 312 -36.24 32.07 -32.61
CA GLY D 313 -33.82 30.64 -35.26
CA CYS D 314 -32.67 27.34 -36.85
CA ALA D 315 -29.04 25.98 -37.02
CA GLU D 316 -28.70 26.22 -40.91
CA PRO D 317 -29.01 30.12 -41.26
CA TRP D 318 -26.44 30.58 -38.39
CA ASN D 319 -23.99 27.85 -39.74
CA HIS D 320 -24.24 28.82 -43.51
CA GLY D 321 -24.06 32.69 -43.11
CA LYS D 322 -27.23 34.81 -42.46
CA THR D 323 -27.37 38.52 -41.31
CA PHE D 324 -29.96 39.13 -38.52
CA THR D 325 -31.11 42.77 -38.33
CA CYS D 326 -33.10 44.16 -35.37
CA THR D 327 -34.33 47.61 -36.44
CA ALA D 328 -36.14 49.49 -33.66
CA ALA D 329 -38.23 52.71 -34.19
CA TYR D 330 -39.30 55.27 -31.45
CA PRO D 331 -40.32 59.03 -31.90
CA GLU D 332 -37.71 60.48 -29.40
CA SER D 333 -34.98 58.42 -31.25
CA LYS D 334 -34.81 60.61 -34.47
CA THR D 335 -32.79 57.91 -36.35
CA PRO D 336 -34.45 54.41 -35.94
CA LEU D 337 -31.65 52.09 -34.61
CA THR D 338 -30.56 49.17 -36.77
CA ALA D 339 -28.27 46.44 -35.25
CA THR D 340 -27.20 43.49 -37.48
CA LEU D 341 -25.58 40.20 -36.40
CA SER D 342 -24.14 37.03 -38.18
CA LYS D 343 -21.25 34.42 -38.20
CA SER D 344 -17.50 35.45 -38.18
CA GLY D 345 -14.69 35.78 -40.83
CA ASN D 346 -13.39 33.78 -43.89
CA THR D 347 -13.13 29.90 -43.67
CA PHE D 348 -10.02 27.60 -43.19
CA ARG D 349 -9.87 23.72 -43.35
CA PRO D 350 -9.02 22.03 -39.94
CA GLU D 351 -5.81 19.93 -39.90
CA VAL D 352 -6.62 16.86 -37.70
CA HIS D 353 -3.61 14.89 -36.27
CA LEU D 354 -4.19 12.00 -33.78
CA LEU D 355 -1.48 11.57 -31.11
CA PRO D 356 -0.94 8.26 -29.18
CA PRO D 357 -0.05 8.35 -25.42
CA PRO D 358 3.46 9.18 -24.10
CA SER D 359 5.72 6.20 -23.10
CA GLU D 360 5.66 7.35 -19.39
CA GLU D 361 1.77 7.38 -19.31
CA LEU D 362 1.87 3.58 -20.02
CA ALA D 363 3.27 3.30 -16.43
CA LEU D 364 -0.31 4.51 -15.50
CA ASN D 365 -3.42 2.18 -15.62
CA GLU D 366 -7.16 3.25 -15.54
CA LEU D 367 -6.96 6.03 -18.22
CA VAL D 368 -4.67 6.21 -21.33
CA THR D 369 -4.61 9.68 -22.80
CA LEU D 370 -5.59 9.54 -26.53
CA THR D 371 -5.18 13.05 -27.99
CA CYS D 372 -6.39 14.61 -31.26
CA LEU D 373 -5.13 18.07 -32.31
CA ALA D 374 -7.48 20.10 -34.58
CA ARG D 375 -5.42 23.12 -35.77
CA GLY D 376 -5.43 26.01 -38.31
CA PHE D 377 -9.27 26.16 -38.52
CA SER D 378 -11.70 29.15 -38.94
CA PRO D 379 -14.25 30.16 -37.92
CA LYS D 380 -14.06 28.75 -34.32
CA ASP D 381 -17.30 26.89 -35.02
CA VAL D 382 -16.45 23.11 -34.84
CA LEU D 383 -17.70 19.73 -33.41
CA VAL D 384 -15.24 17.04 -32.31
CA ARG D 385 -16.39 13.54 -31.16
CA TRP D 386 -14.70 10.17 -30.47
CA LEU D 387 -15.61 6.61 -31.62
CA GLN D 388 -14.58 3.07 -30.57
CA GLY D 389 -13.78 0.66 -33.48
CA SER D 390 -13.75 -2.46 -31.19
CA GLN D 391 -17.51 -2.16 -30.22
CA GLU D 392 -18.72 -0.10 -33.29
CA LEU D 393 -20.02 2.60 -30.86
CA PRO D 394 -19.47 6.26 -29.78
CA ARG D 395 -17.26 6.80 -26.68
CA GLU D 396 -17.92 8.45 -23.28
CA LYS D 397 -14.74 9.38 -21.36
CA TYR D 398 -13.56 12.36 -23.45
CA LEU D 399 -13.12 16.11 -22.87
CA THR D 400 -12.49 18.95 -25.45
CA TRP D 401 -10.78 22.31 -24.54
CA ALA D 402 -10.35 25.62 -26.60
CA SER D 403 -7.76 28.13 -28.08
CA ARG D 404 -8.47 31.12 -30.46
CA GLN D 405 -5.01 32.29 -31.77
CA GLU D 406 -4.62 36.13 -32.24
CA PRO D 407 -1.29 38.07 -31.75
CA SER D 408 -0.36 41.62 -33.07
CA GLN D 409 0.13 40.31 -36.69
CA GLY D 410 -2.32 39.23 -39.48
CA THR D 411 -2.09 35.53 -38.37
CA THR D 412 -5.47 34.56 -36.71
CA THR D 413 -6.92 30.93 -36.83
CA PHE D 414 -7.96 28.46 -33.98
CA ALA D 415 -6.60 25.28 -32.35
CA VAL D 416 -8.15 22.72 -29.91
CA THR D 417 -6.99 19.47 -28.30
CA SER D 418 -9.52 16.68 -27.49
CA ILE D 419 -8.64 14.10 -24.80
CA LEU D 420 -10.14 10.53 -24.90
CA ARG D 421 -9.16 8.61 -21.75
CA VAL D 422 -9.10 4.73 -22.05
CA ALA D 423 -8.01 1.65 -20.02
CA ALA D 424 -4.29 0.82 -20.76
CA GLU D 425 -5.38 -2.74 -21.77
CA ASP D 426 -7.83 -1.85 -24.67
CA TRP D 427 -5.18 0.31 -26.41
CA LYS D 428 -2.77 -2.72 -26.11
CA LYS D 429 -5.57 -5.13 -27.25
CA GLY D 430 -5.04 -3.30 -30.61
CA ASP D 431 -8.24 -1.22 -30.64
CA THR D 432 -8.81 1.52 -33.24
CA PHE D 433 -10.18 4.80 -31.78
CA SER D 434 -11.20 7.61 -34.19
CA CYS D 435 -11.53 11.37 -33.67
CA MET D 436 -14.37 12.74 -35.89
CA VAL D 437 -14.18 16.50 -36.70
CA GLY D 438 -17.10 18.43 -38.28
CA HIS D 439 -16.42 21.91 -39.68
CA GLU D 440 -17.72 24.38 -42.38
CA ALA D 441 -14.51 23.96 -44.54
CA LEU D 442 -14.21 20.10 -44.38
CA PRO D 443 -14.85 18.16 -47.70
CA LEU D 444 -18.23 16.56 -46.71
CA ALA D 445 -18.43 18.82 -43.58
CA PHE D 446 -16.87 15.77 -41.87
CA THR D 447 -13.42 14.16 -41.52
CA GLN D 448 -12.26 11.32 -39.23
CA LYS D 449 -8.61 10.49 -38.31
CA THR D 450 -7.82 7.16 -36.57
CA ILE D 451 -5.49 5.93 -33.72
CA ASP D 452 -4.41 2.34 -32.86
CA ARG D 453 -1.45 0.51 -31.14
CA LEU D 454 -0.59 -0.75 -34.73
CA ALA D 455 2.08 1.25 -36.69
CA GLY D 456 3.01 0.14 -40.28
CA LYS D 457 5.86 2.34 -41.65
CA PRO D 458 4.95 2.72 -45.37
CA THR D 459 3.79 5.23 -43.67
CA HIS D 460 0.63 6.69 -41.94
CA VAL D 461 -2.41 5.34 -44.01
CA ASN D 462 -6.19 4.97 -43.15
CA VAL D 463 -9.05 2.27 -42.93
CA SER D 464 -10.93 0.89 -46.05
CA VAL D 465 -14.36 1.94 -47.63
CA VAL D 466 -17.14 0.87 -45.14
CA MET D 467 -20.64 1.18 -46.79
CA ALA D 468 -22.00 1.62 -50.43
CA GLU D 469 -24.60 2.68 -51.92
CA VAL D 470 -27.68 3.94 -49.83
CA ASP D 471 -26.53 7.63 -49.77
CA GLY D 472 -29.63 9.44 -48.28
CA THR D 473 -31.02 10.97 -51.55
CA CYS D 474 -31.14 7.55 -53.36
CA TYR D 475 -32.26 5.36 -50.32
CA GLU E 1 84.94 -24.37 54.10
CA LEU E 2 82.83 -23.15 51.20
CA VAL E 3 80.41 -25.88 50.26
CA MET E 4 79.87 -26.74 46.57
CA THR E 5 76.60 -28.56 45.84
CA GLN E 6 75.84 -30.04 42.41
CA SER E 7 72.44 -30.74 40.99
CA PRO E 8 71.50 -33.41 39.92
CA SER E 9 73.50 -36.39 41.11
CA SER E 10 72.60 -38.45 37.99
CA LEU E 11 71.04 -37.84 34.58
CA SER E 12 70.40 -40.14 31.62
CA ALA E 13 69.83 -38.41 28.28
CA SER E 14 69.91 -39.43 24.61
CA VAL E 15 72.64 -38.35 22.23
CA GLY E 16 71.80 -34.99 20.71
CA ASP E 17 70.11 -33.82 23.90
CA ARG E 18 71.20 -30.67 25.65
CA VAL E 19 72.12 -31.23 29.31
CA ASN E 20 72.67 -28.59 32.05
CA ILE E 21 74.35 -29.42 35.45
CA ALA E 22 74.14 -26.80 38.25
CA CYS E 23 76.64 -26.10 41.03
CA ARG E 24 75.97 -23.76 43.99
CA ALA E 25 78.57 -22.10 46.12
CA SER E 26 77.37 -21.65 49.77
CA GLN E 27 78.61 -18.03 49.31
CA GLY E 28 79.98 -15.80 46.53
CA ILE E 29 83.09 -16.95 44.65
CA SER E 30 82.99 -14.44 41.75
CA SER E 31 84.21 -16.51 38.74
CA ALA E 32 86.58 -18.87 40.52
CA LEU E 33 85.00 -22.06 39.39
CA ALA E 34 86.55 -24.84 37.29
CA TRP E 35 84.65 -27.94 35.86
CA TYR E 36 86.27 -31.43 35.45
CA GLN E 37 85.29 -34.51 33.54
CA GLN E 38 86.31 -37.88 35.05
CA LYS E 39 85.80 -41.05 33.03
CA PRO E 40 85.45 -43.93 35.44
CA GLY E 41 88.89 -45.07 36.56
CA LYS E 42 90.91 -42.15 35.31
CA ALA E 43 92.40 -38.98 36.39
CA PRO E 44 90.01 -35.99 36.21
CA ARG E 45 90.33 -33.62 33.17
CA LEU E 46 89.91 -29.85 33.02
CA LEU E 47 87.12 -28.60 30.74
CA ILE E 48 86.39 -25.08 31.93
CA TYR E 49 88.23 -22.60 34.26
CA ASP E 50 87.12 -19.09 35.45
CA ALA E 51 83.44 -20.22 35.11
CA SER E 52 83.40 -19.86 31.33
CA ASN E 53 86.85 -20.29 29.66
CA LEU E 54 87.26 -23.61 27.72
CA GLU E 55 90.60 -25.23 28.18
CA SER E 56 92.53 -25.73 24.85
CA GLY E 57 91.48 -28.93 22.97
CA VAL E 58 88.04 -29.32 24.77
CA PRO E 59 85.14 -29.69 22.27
CA SER E 60 83.15 -26.58 21.49
CA ARG E 61 79.91 -28.33 22.72
CA PHE E 62 80.96 -27.73 26.35
CA SER E 63 80.16 -24.26 27.77
CA GLY E 64 79.88 -22.84 31.32
CA SER E 65 78.14 -19.84 32.88
CA GLY E 66 77.48 -18.18 36.25
CA SER E 67 79.01 -15.71 38.62
CA GLY E 68 78.66 -15.23 42.34
CA THR E 69 76.97 -18.32 43.64
CA ASP E 70 75.24 -20.23 40.76
CA PHE E 71 77.13 -21.86 37.90
CA THR E 72 75.92 -24.05 34.93
CA LEU E 73 77.84 -26.43 32.67
CA THR E 74 75.93 -27.11 29.37
CA ILE E 75 76.75 -29.97 26.95
CA SER E 76 74.86 -28.82 23.89
CA SER E 77 74.65 -32.12 21.91
CA LEU E 78 75.41 -35.08 24.15
CA GLN E 79 77.67 -37.64 22.52
CA PRO E 80 78.47 -41.37 23.78
CA GLU E 81 81.96 -40.37 24.75
CA ASP E 82 80.48 -37.86 27.20
CA PHE E 83 79.66 -40.61 29.74
CA ALA E 84 81.51 -39.48 32.86
CA ILE E 85 81.17 -37.96 36.36
CA TYR E 86 81.43 -34.14 36.19
CA TYR E 87 82.79 -32.01 39.21
CA CYS E 88 82.92 -28.34 39.96
CA GLN E 89 85.66 -26.96 42.21
CA GLN E 90 86.01 -23.43 43.79
CA PHE E 91 89.40 -21.67 44.18
CA ASN E 92 88.29 -18.47 45.77
CA SER E 93 89.06 -19.67 49.30
CA TYR E 94 91.21 -22.26 51.05
CA PRO E 95 90.39 -25.24 51.60
CA LEU E 96 89.78 -25.59 47.90
CA THR E 97 86.58 -27.65 47.62
CA PHE E 98 84.82 -29.90 45.12
CA GLY E 99 81.20 -30.56 44.51
CA GLY E 100 79.75 -34.06 44.88
CA GLY E 101 79.51 -35.09 41.16
CA THR E 102 76.89 -35.47 38.47
CA LYS E 103 77.09 -38.85 36.71
CA VAL E 104 75.83 -38.62 33.12
CA GLU E 105 74.76 -41.98 31.57
CA ILE E 106 73.71 -42.25 27.85
CA LYS E 107 70.17 -43.50 26.90
CA ARG E 108 69.95 -45.69 23.76
CA THR E 109 67.92 -48.51 22.14
CA VAL E 110 67.70 -51.99 23.77
CA ALA E 111 70.41 -54.41 22.83
CA ALA E 112 70.13 -58.05 23.75
CA PRO E 113 73.18 -59.70 25.23
CA SER E 114 75.48 -62.33 23.73
CA VAL E 115 75.79 -65.04 26.40
CA PHE E 116 78.81 -67.27 26.97
CA ILE E 117 79.56 -69.86 29.65
CA PHE E 118 83.02 -71.16 30.65
CA PRO E 119 83.86 -74.35 32.64
CA PRO E 120 86.59 -74.44 35.41
CA SER E 121 90.06 -74.81 33.96
CA ASP E 122 92.12 -77.89 34.75
CA GLU E 123 94.74 -76.28 36.89
CA GLN E 124 92.04 -74.56 38.81
CA LEU E 125 90.40 -77.91 39.79
CA LYS E 126 93.98 -78.96 40.80
CA SER E 127 93.75 -76.35 43.66
CA GLY E 128 90.52 -77.89 44.95
CA THR E 129 88.16 -75.03 43.64
CA ALA E 130 86.00 -74.54 40.60
CA SER E 131 84.82 -71.18 39.21
CA VAL E 132 82.19 -71.28 36.46
CA VAL E 133 81.75 -67.96 34.54
CA CYS E 134 78.74 -66.78 32.53
CA LEU E 135 79.30 -63.71 30.30
CA LEU E 136 76.57 -61.42 28.99
CA ASN E 137 78.29 -59.20 26.45
CA ASN E 138 77.17 -55.84 25.16
CA PHE E 139 73.66 -55.04 26.18
CA TYR E 140 71.39 -52.09 26.98
CA PRO E 141 69.59 -51.30 29.48
CA ARG E 142 71.81 -52.48 32.37
CA GLU E 143 69.15 -54.56 34.15
CA ALA E 144 69.45 -58.32 33.47
CA LYS E 145 68.97 -61.44 35.65
CA VAL E 146 71.38 -64.43 35.70
CA GLN E 147 70.21 -67.66 37.32
CA TRP E 148 72.45 -70.67 37.86
CA LYS E 149 71.01 -74.17 37.82
CA VAL E 150 73.21 -77.22 38.56
CA ASP E 151 71.45 -80.55 37.80
CA ASN E 152 68.58 -78.74 36.17
CA ALA E 153 66.30 -76.69 38.48
CA LEU E 154 68.60 -77.09 41.51
CA GLN E 155 69.16 -73.44 40.98
CA SER E 156 71.62 -71.87 43.31
CA GLY E 157 72.45 -68.82 45.58
CA ASN E 158 76.42 -68.77 45.71
CA SER E 159 77.44 -66.47 42.80
CA GLN E 160 78.94 -62.97 42.46
CA GLU E 161 78.44 -60.43 39.65
CA SER E 162 80.44 -57.63 38.07
CA VAL E 163 79.16 -55.08 35.49
CA THR E 164 81.42 -52.84 33.48
CA GLU E 165 80.74 -49.04 33.11
CA GLN E 166 79.05 -47.76 29.92
CA ASP E 167 81.15 -48.08 26.80
CA SER E 168 82.00 -44.68 25.28
CA LYS E 169 81.55 -46.01 21.76
CA ASP E 170 78.22 -47.92 21.79
CA SER E 171 76.74 -47.23 25.26
CA THR E 172 76.44 -50.87 26.37
CA TYR E 173 77.33 -52.81 29.51
CA SER E 174 78.80 -56.29 29.85
CA LEU E 175 78.36 -58.49 32.95
CA SER E 176 79.98 -61.61 34.50
CA SER E 177 78.53 -63.98 37.02
CA THR E 178 80.99 -66.32 38.73
CA LEU E 179 79.66 -69.39 40.47
CA THR E 180 82.23 -70.83 42.87
CA LEU E 181 82.10 -74.30 44.32
CA SER E 182 84.69 -76.71 45.69
CA LYS E 183 86.30 -79.40 43.37
CA ALA E 184 84.23 -82.05 45.27
CA ASP E 185 80.97 -80.11 44.86
CA TYR E 186 81.61 -79.63 41.17
CA GLU E 187 82.54 -83.38 40.85
CA LYS E 188 79.12 -84.48 41.83
CA HIS E 189 76.91 -82.65 39.41
CA LYS E 190 76.90 -82.80 35.59
CA VAL E 191 74.63 -80.12 33.93
CA TYR E 192 75.80 -76.58 34.73
CA ALA E 193 73.63 -73.83 33.26
CA CYS E 194 73.35 -70.04 33.09
CA GLU E 195 69.81 -68.69 32.41
CA VAL E 196 69.50 -65.06 31.30
CA THR E 197 66.59 -62.65 31.34
CA HIS E 198 66.85 -59.22 29.74
CA GLN E 199 64.43 -56.96 27.81
CA GLY E 200 65.98 -57.43 24.34
CA LEU E 201 65.60 -61.22 24.33
CA SER E 202 62.26 -62.81 23.31
CA SER E 203 62.78 -65.78 25.62
CA PRO E 204 65.14 -66.48 28.61
CA VAL E 205 68.44 -67.79 27.25
CA THR E 206 70.31 -70.82 28.67
CA LYS E 207 73.93 -71.79 28.06
CA SER E 208 74.80 -75.16 29.61
CA PHE E 209 77.62 -77.65 29.56
CA ASN E 210 78.13 -81.17 30.79
CA ARG E 211 80.91 -81.92 33.31
CA GLY E 212 83.19 -84.02 31.06
CA GLU E 213 83.88 -81.59 28.10
CA CYS E 214 85.96 -82.46 24.94
CA GLU F 1 8.87 -117.32 -34.39
CA LEU F 2 8.32 -113.57 -34.49
CA VAL F 3 11.21 -111.88 -32.75
CA MET F 4 10.53 -109.05 -30.27
CA THR F 5 13.52 -106.77 -29.65
CA GLN F 6 13.49 -104.10 -26.94
CA SER F 7 15.58 -101.00 -26.83
CA PRO F 8 17.39 -100.17 -24.54
CA SER F 9 18.38 -102.98 -22.20
CA SER F 10 18.92 -100.56 -19.26
CA LEU F 11 18.15 -96.94 -18.43
CA SER F 12 18.72 -94.86 -15.30
CA ALA F 13 16.64 -91.70 -15.01
CA SER F 14 15.65 -89.31 -12.21
CA VAL F 15 12.16 -89.14 -10.79
CA GLY F 16 10.02 -86.75 -12.82
CA ASP F 17 11.79 -87.72 -16.04
CA ARG F 18 9.88 -89.03 -18.99
CA VAL F 19 11.17 -92.41 -20.24
CA ASN F 20 10.34 -94.19 -23.53
CA ILE F 21 11.15 -97.94 -24.16
CA ALA F 22 10.89 -99.27 -27.74
CA CYS F 23 9.95 -102.76 -28.90
CA ARG F 24 10.23 -103.97 -32.53
CA ALA F 25 8.38 -106.86 -34.03
CA SER F 26 10.45 -108.63 -36.78
CA GLN F 27 7.22 -108.34 -38.86
CA GLY F 28 3.76 -106.75 -38.56
CA ILE F 29 1.58 -107.67 -35.57
CA SER F 30 -1.10 -104.96 -35.94
CA SER F 31 -1.94 -104.01 -32.31
CA ALA F 32 -1.33 -107.35 -30.63
CA LEU F 33 1.19 -106.19 -28.15
CA ALA F 34 0.97 -106.26 -24.34
CA TRP F 35 3.53 -104.65 -21.88
CA TYR F 36 4.40 -106.16 -18.43
CA GLN F 37 6.13 -104.79 -15.38
CA GLN F 38 8.14 -107.27 -13.26
CA LYS F 39 9.57 -106.15 -9.94
CA PRO F 40 12.59 -108.29 -9.17
CA GLY F 41 11.45 -111.59 -7.70
CA LYS F 42 7.79 -111.38 -8.54
CA ALA F 43 5.31 -112.46 -11.02
CA PRO F 44 5.00 -110.13 -14.04
CA ARG F 45 2.06 -107.63 -14.09
CA LEU F 46 -0.02 -106.43 -17.02
CA LEU F 47 0.12 -102.68 -17.73
CA ILE F 48 -1.05 -102.32 -21.31
CA TYR F 49 -2.80 -104.68 -23.81
CA ASP F 50 -3.69 -104.08 -27.53
CA ALA F 51 -0.69 -101.65 -27.78
CA SER F 52 -2.48 -98.82 -26.02
CA ASN F 53 -5.23 -99.94 -23.56
CA LEU F 54 -4.30 -99.51 -19.85
CA GLU F 55 -5.35 -102.38 -17.67
CA SER F 56 -7.74 -101.33 -14.81
CA GLY F 57 -5.89 -99.97 -11.73
CA VAL F 58 -2.59 -99.10 -13.61
CA PRO F 59 -1.49 -95.48 -12.99
CA SER F 60 -2.37 -92.94 -15.65
CA ARG F 61 1.38 -92.10 -16.12
CA PHE F 62 1.85 -95.29 -18.17
CA SER F 63 0.87 -95.05 -21.88
CA GLY F 64 1.70 -97.15 -24.98
CA SER F 65 1.68 -96.50 -28.72
CA GLY F 66 2.53 -98.16 -32.05
CA SER F 67 1.00 -100.34 -34.68
CA GLY F 68 2.52 -102.72 -37.19
CA THR F 69 6.09 -103.22 -36.13
CA ASP F 70 7.21 -100.41 -33.73
CA PHE F 71 5.72 -99.90 -30.27
CA THR F 72 6.61 -97.43 -27.41
CA LEU F 73 5.81 -97.56 -23.70
CA THR F 74 6.11 -94.06 -22.05
CA ILE F 75 6.28 -93.45 -18.28
CA SER F 76 5.56 -89.73 -18.16
CA SER F 77 6.87 -88.88 -14.65
CA LEU F 78 9.12 -91.64 -13.34
CA GLN F 79 8.48 -92.48 -9.70
CA PRO F 80 10.76 -94.71 -7.26
CA GLU F 81 8.21 -97.47 -7.31
CA ASP F 82 8.72 -97.76 -11.08
CA PHE F 83 12.02 -99.65 -10.66
CA ALA F 84 11.40 -102.89 -12.56
CA ILE F 85 12.19 -104.88 -15.73
CA TYR F 86 9.61 -104.11 -18.46
CA TYR F 87 8.68 -106.73 -21.24
CA CYS F 88 6.67 -106.58 -24.40
CA GLN F 89 4.95 -109.71 -25.70
CA GLN F 90 3.22 -110.32 -29.13
CA PHE F 91 0.05 -112.45 -29.49
CA ASN F 92 -0.50 -112.20 -33.19
CA SER F 93 1.21 -115.52 -33.91
CA TYR F 94 2.10 -118.75 -32.12
CA PRO F 95 4.68 -119.24 -30.44
CA LEU F 96 3.75 -116.24 -28.39
CA THR F 97 7.04 -114.38 -27.79
CA PHE F 98 8.53 -111.89 -25.34
CA GLY F 99 11.10 -109.24 -25.79
CA GLY F 100 14.35 -109.30 -23.82
CA GLY F 101 13.59 -106.67 -21.11
CA THR F 102 14.42 -103.07 -20.28
CA LYS F 103 15.62 -102.66 -16.68
CA VAL F 104 14.80 -99.19 -15.35
CA GLU F 105 16.91 -98.07 -12.33
CA ILE F 106 16.20 -94.74 -10.48
CA LYS F 107 18.94 -92.01 -10.27
CA ARG F 108 19.09 -90.06 -6.97
CA THR F 109 21.49 -88.15 -4.64
CA VAL F 110 24.45 -89.93 -2.96
CA ALA F 111 23.71 -91.53 0.35
CA ALA F 112 26.52 -92.80 2.54
CA PRO F 113 26.10 -96.22 4.06
CA SER F 114 25.53 -97.20 7.69
CA VAL F 115 28.11 -99.92 8.43
CA PHE F 116 27.69 -102.79 10.88
CA ILE F 117 29.91 -105.78 11.66
CA PHE F 118 28.80 -109.04 13.33
CA PRO F 119 31.04 -111.71 14.99
CA PRO F 120 30.42 -115.53 14.51
CA SER F 121 27.72 -116.83 16.81
CA ASP F 122 28.56 -119.40 19.46
CA GLU F 123 26.72 -122.34 18.00
CA GLN F 124 28.29 -121.58 14.69
CA LEU F 125 31.85 -121.94 16.13
CA LYS F 126 30.52 -125.24 17.65
CA SER F 127 30.30 -126.61 14.02
CA GLY F 128 33.95 -125.76 13.37
CA THR F 129 33.23 -122.66 11.06
CA ALA F 130 33.07 -118.93 11.57
CA SER F 131 31.23 -116.44 9.34
CA VAL F 132 31.89 -112.74 9.98
CA VAL F 133 29.35 -110.36 8.34
CA CYS F 134 29.80 -106.67 7.46
CA LEU F 135 26.60 -104.76 6.53
CA LEU F 136 26.47 -101.54 4.53
CA ASN F 137 22.89 -100.34 4.82
CA ASN F 138 21.04 -97.95 2.57
CA PHE F 139 23.33 -96.23 0.16
CA TYR F 140 23.40 -94.70 -3.31
CA PRO F 141 25.18 -95.17 -5.91
CA ARG F 142 25.63 -98.97 -5.79
CA GLU F 143 29.44 -98.97 -6.12
CA ALA F 144 31.24 -99.48 -2.78
CA LYS F 145 34.39 -101.41 -1.74
CA VAL F 146 34.62 -103.67 1.37
CA GLN F 147 38.06 -104.76 2.54
CA TRP F 148 38.63 -107.26 5.32
CA LYS F 149 41.71 -107.04 7.51
CA VAL F 150 42.42 -109.67 10.20
CA ASP F 151 45.31 -108.67 12.54
CA ASN F 152 45.43 -105.23 11.03
CA ALA F 153 46.69 -104.98 7.41
CA LEU F 154 46.68 -108.76 6.88
CA GLN F 155 43.85 -107.96 4.58
CA SER F 156 42.24 -110.93 2.99
CA GLY F 157 40.77 -112.46 -0.28
CA ASN F 158 38.14 -115.15 1.01
CA SER F 159 34.81 -113.21 1.20
CA GLN F 160 31.54 -113.20 -0.75
CA GLU F 161 29.13 -110.28 -1.34
CA SER F 162 25.40 -109.85 -1.91
CA VAL F 163 23.62 -106.59 -2.91
CA THR F 164 19.89 -106.13 -2.74
CA GLU F 165 17.86 -104.61 -5.67
CA GLN F 166 16.87 -100.91 -5.51
CA ASP F 167 14.34 -100.08 -2.84
CA SER F 168 11.04 -98.81 -4.30
CA LYS F 169 10.67 -96.25 -1.53
CA ASP F 170 14.08 -94.50 -1.28
CA SER F 171 16.12 -95.91 -4.20
CA THR F 172 19.01 -97.29 -2.13
CA TYR F 173 20.93 -100.57 -2.05
CA SER F 174 22.21 -102.52 0.94
CA LEU F 175 25.16 -104.95 0.79
CA SER F 176 26.64 -107.80 2.89
CA SER F 177 30.11 -109.19 2.83
CA THR F 178 30.63 -112.55 4.55
CA LEU F 179 34.13 -113.59 5.48
CA THR F 180 34.29 -117.32 6.18
CA LEU F 181 37.12 -119.04 7.98
CA SER F 182 37.43 -122.23 10.01
CA LYS F 183 37.02 -122.19 13.88
CA ALA F 184 40.82 -122.77 14.14
CA ASP F 185 41.64 -119.93 11.73
CA TYR F 186 39.37 -117.56 13.59
CA GLU F 187 40.90 -118.74 16.95
CA LYS F 188 44.27 -117.46 16.05
CA HIS F 189 43.63 -113.86 15.19
CA LYS F 190 42.10 -111.11 17.38
CA VAL F 191 41.28 -107.85 15.45
CA TYR F 192 38.68 -108.45 12.72
CA ALA F 193 37.82 -105.36 10.64
CA CYS F 194 35.63 -104.25 7.75
CA GLU F 195 36.89 -101.16 5.85
CA VAL F 196 34.40 -99.37 3.56
CA THR F 197 34.90 -96.99 0.68
CA HIS F 198 31.95 -95.26 -0.98
CA GLN F 199 31.39 -91.79 -2.53
CA GLY F 200 29.15 -90.39 0.28
CA LEU F 201 31.74 -90.95 3.04
CA SER F 202 34.50 -88.36 3.62
CA SER F 203 36.95 -91.01 4.83
CA PRO F 204 37.05 -94.87 4.56
CA VAL F 205 35.07 -96.32 7.47
CA THR F 206 36.27 -99.21 9.67
CA LYS F 207 34.18 -101.36 12.02
CA SER F 208 36.31 -103.77 14.04
CA PHE F 209 35.93 -106.11 16.97
CA ASN F 210 38.24 -108.09 19.17
CA ARG F 211 37.92 -111.90 19.36
CA GLY F 212 36.71 -112.20 22.98
CA GLU F 213 33.51 -109.98 22.98
CA CYS F 214 31.32 -109.24 26.09
CA GLN G 1 106.80 -37.04 27.78
CA VAL G 2 106.99 -40.44 29.55
CA LYS G 3 103.75 -38.94 30.81
CA LEU G 4 103.91 -35.23 31.94
CA LEU G 5 103.19 -35.66 35.68
CA GLU G 6 103.82 -39.34 36.72
CA GLN G 7 103.30 -40.95 40.12
CA SER G 8 104.79 -43.84 42.17
CA GLY G 9 102.48 -46.94 42.16
CA ALA G 10 100.42 -48.43 44.96
CA GLU G 11 100.67 -49.38 48.16
CA VAL G 12 99.41 -51.23 51.14
CA LYS G 13 100.39 -49.82 54.51
CA LYS G 14 99.45 -51.08 58.00
CA PRO G 15 97.26 -48.72 60.18
CA GLY G 16 99.66 -46.43 62.16
CA ALA G 17 102.36 -46.45 59.43
CA SER G 18 103.36 -43.62 57.04
CA VAL G 19 103.21 -43.55 53.21
CA LYS G 20 105.34 -41.43 50.83
CA VAL G 21 103.89 -40.76 47.37
CA SER G 22 106.06 -39.17 44.61
CA CYS G 23 105.18 -37.16 41.53
CA LYS G 24 107.86 -36.71 38.80
CA ALA G 25 107.33 -33.75 36.39
CA SER G 26 108.67 -34.22 32.79
CA GLY G 27 108.50 -31.91 29.68
CA TYR G 28 107.82 -28.52 31.38
CA SER G 29 110.01 -26.24 33.61
CA PHE G 30 109.44 -27.79 37.10
CA THR G 31 110.30 -24.66 39.24
CA SER G 32 107.89 -22.31 37.31
CA TYR G 33 104.66 -23.95 38.69
CA GLY G 34 103.15 -25.19 41.96
CA LEU G 35 101.81 -28.74 42.49
CA HIS G 36 98.53 -29.48 44.30
CA TRP G 37 97.78 -32.81 46.13
CA VAL G 38 94.19 -34.18 46.03
CA ARG G 39 92.68 -37.49 47.16
CA GLN G 40 89.55 -39.49 46.31
CA ALA G 41 88.31 -42.09 48.85
CA PRO G 42 86.08 -44.87 47.34
CA GLY G 43 82.62 -43.52 46.33
CA GLN G 44 83.50 -40.04 47.59
CA ARG G 45 84.23 -36.59 46.21
CA LEU G 46 87.76 -35.27 45.60
CA GLU G 47 89.35 -33.67 48.68
CA TRP G 48 92.10 -31.05 48.42
CA MET G 49 95.04 -31.82 50.83
CA GLY G 50 97.75 -29.23 50.08
CA TRP G 51 100.05 -27.41 47.61
CA ILE G 52 103.84 -26.90 47.19
CA SER G 53 105.64 -24.17 45.17
CA ALA G 54 108.43 -26.04 43.23
CA GLY G 55 110.55 -22.82 43.09
CA THR G 56 110.55 -21.76 46.83
CA GLY G 57 109.57 -25.08 48.56
CA ASN G 58 106.73 -23.16 50.35
CA THR G 59 103.77 -25.08 51.58
CA LYS G 60 100.02 -24.70 52.09
CA TYR G 61 97.70 -27.38 53.42
CA SER G 62 94.20 -28.34 54.52
CA GLN G 63 93.83 -28.14 58.34
CA LYS G 64 91.94 -31.49 58.12
CA PHE G 65 95.52 -32.99 57.78
CA ARG G 66 97.09 -30.65 60.45
CA GLY G 67 100.13 -32.31 62.07
CA ARG G 68 100.27 -35.43 59.78
CA VAL G 69 100.92 -34.26 56.14
CA THR G 70 104.35 -33.12 54.76
CA PHE G 71 105.20 -31.74 51.24
CA THR G 72 108.76 -31.84 49.82
CA ARG G 73 110.29 -31.23 46.36
CA ASP G 74 113.63 -32.49 44.99
CA THR G 75 114.29 -29.67 42.51
CA SER G 76 117.26 -31.51 40.79
CA ALA G 77 115.31 -34.83 40.25
CA THR G 78 112.23 -32.71 39.37
CA THR G 79 110.02 -34.73 41.77
CA ALA G 80 107.58 -33.59 44.48
CA TYR G 81 106.51 -35.85 47.38
CA MET G 82 103.72 -35.97 49.92
CA GLY G 83 104.26 -37.78 53.23
CA LEU G 84 101.11 -38.91 55.13
CA SER G 85 101.70 -40.14 58.73
CA SER G 86 99.54 -42.04 61.30
CA LEU G 87 97.58 -43.92 58.62
CA ARG G 88 93.97 -44.85 59.46
CA PRO G 89 91.75 -47.25 57.38
CA GLU G 90 89.82 -44.15 56.02
CA ASP G 91 93.06 -42.95 54.28
CA THR G 92 92.43 -45.77 51.70
CA ALA G 93 92.07 -43.55 48.62
CA VAL G 94 93.63 -42.61 45.26
CA TYR G 95 96.22 -39.80 45.78
CA TYR G 96 96.68 -37.45 42.82
CA CYS G 97 99.19 -34.70 42.28
CA ALA G 98 97.90 -31.99 39.87
CA ARG G 99 99.53 -28.88 38.41
CA ASP G 100 98.84 -25.24 39.42
CA PRO G 101 99.14 -23.40 36.00
CA TYR G 102 100.19 -20.09 37.68
CA GLY G 103 102.41 -20.96 40.75
CA GLY G 104 100.23 -19.00 43.27
CA GLY G 105 98.42 -21.80 45.22
CA LYS G 106 94.77 -21.01 44.38
CA SER G 107 93.88 -22.26 40.92
CA GLU G 108 92.06 -24.79 38.76
CA PHE G 109 94.37 -27.81 38.00
CA ASP G 110 95.31 -28.22 34.28
CA TYR G 111 97.48 -31.46 34.35
CA TRP G 112 96.83 -34.38 36.69
CA GLY G 113 99.09 -37.29 37.61
CA GLN G 114 97.54 -40.79 37.18
CA GLY G 115 96.87 -41.53 40.88
CA THR G 116 98.40 -43.96 43.41
CA LEU G 117 96.03 -46.07 45.44
CA VAL G 118 97.20 -46.38 49.06
CA THR G 119 95.29 -49.11 50.90
CA VAL G 120 95.52 -49.06 54.72
CA SER G 121 95.16 -52.67 56.06
CA SER G 122 96.29 -55.45 58.48
CA ALA G 123 93.92 -58.15 56.99
CA SER G 124 96.96 -59.59 55.27
CA PRO G 125 98.20 -58.58 51.75
CA THR G 126 97.90 -61.50 49.23
CA SER G 127 99.15 -61.57 45.58
CA PRO G 128 96.74 -62.73 42.77
CA LYS G 129 96.93 -66.26 41.28
CA VAL G 130 96.24 -65.98 37.54
CA PHE G 131 94.33 -68.83 35.79
CA PRO G 132 93.49 -69.33 32.08
CA LEU G 133 89.87 -69.27 30.85
CA SER G 134 89.83 -71.19 27.49
CA LEU G 135 87.51 -73.62 25.61
CA CYS G 136 88.50 -76.53 23.28
CA SER G 137 85.46 -77.04 20.91
CA THR G 138 82.96 -75.81 23.61
CA GLN G 139 82.62 -72.22 22.16
CA PRO G 140 80.32 -71.43 19.12
CA ASP G 141 81.88 -71.80 15.56
CA GLY G 142 82.87 -68.22 14.45
CA ASN G 143 84.02 -66.07 17.44
CA VAL G 144 86.47 -66.91 20.29
CA VAL G 145 86.24 -65.82 24.00
CA ILE G 146 89.37 -66.35 26.12
CA ALA G 147 90.12 -64.83 29.52
CA CYS G 148 92.32 -64.61 32.64
CA LEU G 149 90.84 -65.15 36.13
CA VAL G 150 92.91 -62.91 38.55
CA GLN G 151 92.05 -64.71 41.81
CA GLY G 152 92.40 -64.27 45.60
CA PHE G 153 94.18 -60.93 46.07
CA PHE G 154 94.12 -58.21 48.79
CA PRO G 155 93.97 -55.29 48.85
CA GLN G 156 92.08 -54.19 45.63
CA GLU G 157 94.73 -51.64 44.32
CA PRO G 158 95.10 -50.62 40.58
CA LEU G 159 95.16 -53.77 38.39
CA SER G 160 96.67 -53.13 34.88
CA VAL G 161 95.52 -55.91 32.49
CA THR G 162 96.87 -55.82 28.91
CA TRP G 163 96.48 -58.53 26.16
CA SER G 164 99.15 -59.40 23.46
CA GLU G 165 96.64 -59.03 20.53
CA SER G 166 94.87 -55.68 19.69
CA GLY G 167 92.69 -54.68 16.66
CA GLN G 168 89.31 -53.46 15.22
CA GLY G 169 87.17 -56.57 16.05
CA VAL G 170 89.17 -57.68 19.18
CA THR G 171 87.26 -56.44 22.30
CA ALA G 172 88.80 -56.42 25.83
CA ARG G 173 86.46 -56.37 28.87
CA ASN G 174 88.06 -55.76 32.31
CA PHE G 175 85.45 -56.79 34.98
CA PRO G 176 85.67 -54.65 38.24
CA PRO G 177 86.97 -56.38 41.47
CA SER G 178 84.33 -58.44 43.36
CA GLN G 179 84.88 -59.06 47.12
CA ASP G 180 84.39 -62.55 48.76
CA ALA G 181 82.67 -62.35 52.26
CA SER G 182 83.88 -59.73 54.89
CA GLY G 183 87.01 -58.29 53.14
CA ASP G 184 88.65 -61.79 52.84
CA LEU G 185 89.77 -61.94 49.13
CA TYR G 186 89.09 -59.97 45.86
CA THR G 187 88.66 -61.64 42.40
CA THR G 188 88.57 -59.93 38.93
CA SER G 189 88.26 -61.48 35.42
CA SER G 190 89.73 -59.98 32.15
CA GLN G 191 88.04 -61.24 28.92
CA LEU G 192 89.29 -60.99 25.27
CA THR G 193 86.56 -61.54 22.57
CA LEU G 194 88.08 -61.89 19.01
CA PRO G 195 87.13 -63.58 15.63
CA ALA G 196 88.03 -67.35 15.31
CA THR G 197 90.18 -66.54 12.17
CA GLN G 198 92.31 -64.23 14.48
CA CYS G 199 92.62 -66.94 17.25
CA LEU G 200 93.24 -70.33 15.49
CA ALA G 201 93.62 -73.78 17.26
CA GLY G 202 97.21 -74.40 18.54
CA LYS G 203 97.94 -70.62 18.89
CA SER G 204 97.90 -68.54 22.16
CA VAL G 205 97.32 -64.89 23.37
CA THR G 206 99.32 -63.54 26.38
CA CYS G 207 97.53 -61.72 29.25
CA HIS G 208 99.86 -59.29 31.17
CA VAL G 209 98.66 -58.49 34.74
CA LYS G 210 100.26 -55.73 36.88
CA HIS G 211 99.01 -55.54 40.52
CA TYR G 212 100.22 -52.09 42.06
CA THR G 213 104.00 -51.43 41.66
CA ASN G 214 104.74 -55.22 41.72
CA PRO G 215 106.43 -57.04 38.72
CA SER G 216 104.16 -58.06 35.77
CA GLN G 217 102.59 -61.57 35.96
CA ASP G 218 102.20 -63.07 32.44
CA VAL G 219 100.00 -66.02 31.33
CA THR G 220 99.89 -67.59 27.84
CA VAL G 221 96.14 -68.36 27.23
CA PRO G 222 95.23 -70.89 24.39
CA CYS G 223 93.55 -71.83 24.22
CA PRO G 224 91.87 -72.78 24.05
CA VAL G 225 89.14 -71.78 22.74
CA PRO G 226 87.64 -68.41 21.14
CA SER G 227 84.06 -70.27 20.73
CA THR G 228 80.41 -68.94 21.37
CA PRO G 229 77.90 -70.67 18.86
CA PRO G 230 73.92 -70.95 19.43
CA THR G 231 71.05 -71.07 16.75
CA PRO G 232 69.48 -67.61 15.71
CA SER G 233 65.96 -67.86 14.04
CA PRO G 234 66.11 -66.52 10.36
CA SER G 235 62.24 -66.22 10.01
CA THR G 236 60.11 -63.86 7.74
CA PRO G 237 56.25 -64.18 7.94
CA PRO G 238 54.42 -62.87 4.60
CA THR G 239 50.52 -62.07 5.45
CA PRO G 240 48.17 -60.39 2.66
CA SER G 241 44.58 -58.57 3.24
CA PRO G 242 40.74 -58.50 2.41
CA SER G 243 38.16 -55.88 1.25
CA CYS G 244 34.38 -55.40 1.03
CA CYS G 245 31.58 -57.56 -0.82
CA HIS G 246 28.17 -55.90 -1.24
CA PRO G 247 25.47 -56.96 -4.06
CA ARG G 248 24.17 -53.73 -5.77
CA LEU G 249 22.88 -53.58 -9.44
CA SER G 250 23.24 -50.12 -11.16
CA LEU G 251 22.30 -48.94 -14.72
CA HIS G 252 24.23 -45.87 -16.05
CA ARG G 253 22.42 -44.29 -19.10
CA PRO G 254 24.07 -43.04 -22.40
CA ALA G 255 25.25 -39.34 -22.56
CA LEU G 256 23.11 -36.76 -24.53
CA GLU G 257 25.97 -35.04 -26.51
CA ASP G 258 27.58 -38.36 -27.75
CA LEU G 259 24.23 -39.99 -28.86
CA LEU G 260 23.19 -36.77 -30.75
CA LEU G 261 26.62 -35.97 -32.39
CA GLY G 262 27.45 -39.16 -34.43
CA SER G 263 25.11 -41.89 -32.90
CA GLU G 264 27.47 -42.91 -30.00
CA ALA G 265 25.40 -44.38 -27.09
CA ASN G 266 26.24 -47.20 -24.60
CA LEU G 267 23.85 -48.32 -21.82
CA THR G 268 26.10 -49.61 -19.04
CA CYS G 269 25.24 -52.37 -16.52
CA THR G 270 27.25 -52.51 -13.27
CA LEU G 271 26.93 -55.29 -10.61
CA THR G 272 28.53 -54.05 -7.35
CA GLY G 273 28.44 -56.28 -4.19
CA LEU G 274 28.95 -59.89 -5.51
CA ARG G 275 30.87 -61.61 -2.57
CA ASP G 276 33.86 -64.11 -2.78
CA ALA G 277 34.14 -67.15 -5.24
CA SER G 278 31.60 -65.87 -7.78
CA GLY G 279 30.47 -65.00 -11.39
CA VAL G 280 27.64 -62.92 -13.00
CA THR G 281 25.51 -63.93 -16.09
CA PHE G 282 24.04 -61.04 -18.13
CA THR G 283 20.86 -61.06 -20.32
CA TRP G 284 20.39 -57.80 -22.40
CA THR G 285 17.35 -57.02 -24.68
CA PRO G 286 18.46 -56.16 -28.30
CA SER G 287 18.19 -52.55 -29.70
CA SER G 288 15.45 -51.88 -32.37
CA GLY G 289 17.42 -52.88 -35.56
CA LYS G 290 17.97 -56.51 -34.25
CA SER G 291 21.24 -55.72 -32.38
CA ALA G 292 22.61 -57.28 -29.10
CA VAL G 293 26.43 -56.90 -28.46
CA GLN G 294 28.13 -57.18 -24.96
CA GLY G 295 31.61 -57.23 -23.20
CA PRO G 296 31.64 -58.29 -19.46
CA PRO G 297 34.94 -58.17 -17.36
CA GLU G 298 35.11 -58.98 -13.57
CA ARG G 299 36.81 -56.16 -11.56
CA ASP G 300 37.52 -56.44 -7.76
CA LEU G 301 36.50 -52.96 -6.35
CA CYS G 302 36.98 -52.11 -2.57
CA GLY G 303 37.60 -55.85 -1.87
CA CYS G 304 34.81 -57.60 -3.96
CA TYR G 305 33.89 -58.48 -7.64
CA SER G 306 31.95 -56.17 -10.07
CA VAL G 307 30.65 -57.56 -13.46
CA SER G 308 30.38 -54.43 -15.59
CA SER G 309 28.91 -55.22 -19.02
CA VAL G 310 28.16 -52.64 -21.79
CA LEU G 311 25.60 -52.69 -24.68
CA PRO G 312 26.48 -50.30 -27.62
CA GLY G 313 23.37 -48.55 -29.09
CA CYS G 314 22.23 -46.34 -32.01
CA ALA G 315 20.47 -42.89 -31.80
CA GLU G 316 17.08 -44.07 -33.34
CA PRO G 317 16.04 -46.63 -30.56
CA TRP G 318 16.88 -44.00 -27.82
CA ASN G 319 15.12 -41.07 -29.70
CA HIS G 320 11.96 -43.06 -30.84
CA GLY G 321 11.28 -44.99 -27.52
CA LYS G 322 13.02 -48.36 -26.75
CA THR G 323 13.16 -50.18 -23.32
CA PHE G 324 16.67 -51.55 -22.48
CA THR G 325 16.58 -54.41 -19.96
CA CYS G 326 19.72 -55.70 -18.19
CA THR G 327 18.71 -58.95 -16.45
CA ALA G 328 21.49 -60.45 -14.32
CA ALA G 329 21.44 -64.03 -12.82
CA TYR G 330 23.62 -65.36 -9.89
CA PRO G 331 22.93 -68.42 -7.54
CA GLU G 332 23.23 -66.43 -4.19
CA SER G 333 20.74 -63.83 -5.68
CA LYS G 334 17.53 -66.02 -5.42
CA THR G 335 15.54 -63.60 -7.69
CA PRO G 336 17.59 -62.73 -10.88
CA LEU G 337 17.71 -58.87 -11.01
CA THR G 338 16.06 -57.11 -13.95
CA ALA G 339 16.70 -53.33 -14.49
CA THR G 340 15.00 -51.59 -17.48
CA LEU G 341 15.78 -48.14 -18.95
CA SER G 342 14.31 -45.86 -21.75
CA LYS G 343 13.35 -42.22 -22.72
CA SER G 344 11.11 -39.97 -20.46
CA GLY G 345 7.38 -38.92 -20.41
CA ASN G 346 4.67 -37.84 -22.97
CA THR G 347 5.63 -35.36 -25.82
CA PHE G 348 4.88 -31.56 -26.22
CA ARG G 349 5.58 -29.29 -29.32
CA PRO G 350 8.28 -26.55 -28.67
CA GLU G 351 7.08 -22.94 -29.07
CA VAL G 352 10.03 -21.08 -30.77
CA HIS G 353 10.03 -17.22 -30.47
CA LEU G 354 13.03 -15.19 -31.78
CA LEU G 355 13.84 -12.00 -29.80
CA PRO G 356 15.90 -9.08 -31.27
CA PRO G 357 18.45 -7.19 -29.05
CA PRO G 358 17.45 -4.59 -26.43
CA SER G 359 17.75 -0.86 -27.43
CA GLU G 360 20.53 -0.33 -24.78
CA GLU G 361 22.67 -3.25 -26.20
CA LEU G 362 22.93 -1.25 -29.51
CA ALA G 363 25.14 1.16 -27.46
CA LEU G 364 27.54 -1.90 -27.43
CA ASN G 365 29.65 -2.96 -30.51
CA GLU G 366 31.47 -6.36 -31.06
CA LEU G 367 28.55 -8.68 -30.09
CA VAL G 368 24.74 -8.10 -30.56
CA THR G 369 22.72 -10.51 -28.50
CA LEU G 370 20.25 -12.42 -30.78
CA THR G 371 18.02 -14.59 -28.56
CA CYS G 372 15.65 -17.47 -29.35
CA LEU G 373 13.32 -18.85 -26.64
CA ALA G 374 12.24 -22.52 -27.03
CA ARG G 375 9.48 -23.08 -24.42
CA GLY G 376 6.74 -25.57 -23.36
CA PHE G 377 8.60 -28.63 -24.82
CA SER G 378 8.87 -32.29 -23.59
CA PRO G 379 10.82 -34.44 -23.29
CA LYS G 380 13.98 -32.30 -22.60
CA ASP G 381 15.58 -33.92 -25.64
CA VAL G 382 16.15 -31.07 -28.22
CA LEU G 383 18.77 -29.62 -30.66
CA VAL G 384 18.97 -25.87 -31.33
CA ARG G 385 21.34 -24.36 -33.97
CA TRP G 386 21.77 -20.94 -35.66
CA LEU G 387 22.17 -20.00 -39.37
CA GLN G 388 23.29 -16.86 -41.26
CA GLY G 389 21.06 -15.87 -44.27
CA SER G 390 23.64 -13.31 -45.62
CA GLN G 391 26.37 -15.98 -46.35
CA GLU G 392 24.04 -19.08 -46.66
CA LEU G 393 26.08 -20.79 -43.86
CA PRO G 394 25.82 -22.09 -40.24
CA ARG G 395 27.01 -19.69 -37.48
CA GLU G 396 29.74 -20.00 -34.80
CA LYS G 397 29.38 -17.49 -31.93
CA TYR G 398 26.36 -18.99 -30.13
CA LEU G 399 25.71 -20.59 -26.71
CA THR G 400 22.62 -22.59 -25.47
CA TRP G 401 21.66 -22.91 -21.72
CA ALA G 402 18.99 -25.15 -19.94
CA SER G 403 15.82 -25.13 -17.68
CA ARG G 404 13.56 -28.14 -16.73
CA GLN G 405 10.37 -26.65 -15.11
CA GLU G 406 8.88 -28.69 -12.17
CA PRO G 407 7.04 -27.13 -9.12
CA SER G 408 4.65 -28.88 -6.59
CA GLN G 409 1.76 -28.98 -9.18
CA GLY G 410 1.05 -31.14 -12.31
CA THR G 411 2.70 -28.49 -14.59
CA THR G 412 6.08 -29.94 -15.86
CA THR G 413 7.60 -29.00 -19.34
CA PHE G 414 11.04 -27.43 -20.32
CA ALA G 415 12.39 -24.06 -21.53
CA VAL G 416 15.79 -22.96 -22.97
CA THR G 417 17.24 -19.70 -24.33
CA SER G 418 19.90 -19.76 -27.11
CA ILE G 419 22.22 -16.72 -27.51
CA LEU G 420 23.78 -15.87 -30.96
CA ARG G 421 26.25 -12.98 -30.58
CA VAL G 422 26.88 -10.83 -33.77
CA ALA G 423 28.66 -7.59 -34.81
CA ALA G 424 26.26 -4.56 -34.39
CA GLU G 425 26.86 -3.71 -38.10
CA ASP G 426 25.63 -7.02 -39.73
CA TRP G 427 22.28 -6.83 -37.85
CA LYS G 428 21.93 -3.19 -39.18
CA LYS G 429 23.07 -4.31 -42.70
CA GLY G 430 19.64 -6.07 -42.67
CA ASP G 431 20.85 -9.67 -42.26
CA THR G 432 18.40 -12.53 -41.56
CA PHE G 433 19.55 -14.94 -38.80
CA SER G 434 17.49 -18.11 -38.13
CA CYS G 435 17.21 -20.30 -35.04
CA MET G 436 16.61 -23.97 -36.11
CA VAL G 437 14.96 -26.23 -33.46
CA GLY G 438 14.80 -30.04 -33.80
CA HIS G 439 12.49 -31.97 -31.47
CA GLU G 440 10.41 -35.26 -31.31
CA ALA G 441 7.05 -33.33 -31.45
CA LEU G 442 7.90 -30.85 -34.30
CA PRO G 443 6.02 -31.33 -37.68
CA LEU G 444 8.98 -32.65 -39.76
CA ALA G 445 11.12 -33.04 -36.55
CA PHE G 446 12.38 -29.56 -37.53
CA THR G 447 11.20 -25.93 -37.33
CA GLN G 448 13.10 -22.69 -38.02
CA LYS G 449 12.08 -19.16 -36.83
CA THR G 450 13.85 -16.09 -38.34
CA ILE G 451 15.20 -12.69 -37.03
CA ASP G 452 16.14 -9.55 -39.05
CA ARG G 453 16.39 -5.71 -38.54
CA LEU G 454 13.32 -5.55 -40.92
CA ALA G 455 9.83 -5.32 -39.26
CA GLY G 456 6.67 -5.19 -41.50
CA LYS G 457 3.52 -4.75 -39.34
CA PRO G 458 0.90 -6.89 -41.17
CA THR G 459 2.32 -8.62 -38.82
CA HIS G 460 5.07 -11.26 -38.04
CA VAL G 461 5.33 -13.46 -41.26
CA ASN G 462 8.15 -15.82 -42.59
CA VAL G 463 10.48 -16.36 -45.71
CA SER G 464 9.30 -18.03 -49.02
CA VAL G 465 9.59 -21.74 -50.26
CA VAL G 466 13.36 -22.40 -50.98
CA MET G 467 13.82 -25.75 -52.86
CA ALA G 468 11.49 -28.24 -54.78
CA GLU G 469 11.43 -31.31 -55.66
CA VAL G 470 14.48 -33.64 -54.84
CA ASP G 471 13.06 -34.84 -51.45
CA GLY G 472 15.49 -37.71 -50.50
CA THR G 473 13.23 -40.71 -51.40
CA CYS G 474 12.63 -39.48 -55.01
CA TYR G 475 16.21 -38.05 -55.70
CA GLN H 1 -9.25 -115.20 -2.66
CA VAL H 2 -6.55 -117.33 -0.96
CA LYS H 3 -4.77 -115.80 -3.94
CA LEU H 4 -6.67 -115.94 -7.33
CA LEU H 5 -4.35 -118.28 -9.27
CA GLU H 6 -2.08 -120.23 -6.82
CA GLN H 7 0.69 -122.70 -7.62
CA SER H 8 2.33 -125.79 -6.00
CA GLY H 9 5.76 -124.94 -4.45
CA ALA H 10 9.23 -125.93 -5.56
CA GLU H 11 10.99 -128.62 -6.49
CA VAL H 12 14.23 -130.37 -7.15
CA LYS H 13 14.13 -133.16 -9.70
CA LYS H 14 17.00 -135.35 -10.95
CA PRO H 15 17.95 -134.99 -14.72
CA GLY H 16 15.77 -137.50 -16.68
CA ALA H 17 12.82 -137.29 -14.24
CA SER H 18 9.43 -135.61 -14.74
CA VAL H 19 7.86 -132.72 -12.78
CA LYS H 20 4.14 -131.93 -12.34
CA VAL H 21 3.24 -128.32 -11.49
CA SER H 22 -0.34 -127.40 -10.44
CA CYS H 23 -2.29 -124.15 -10.61
CA LYS H 24 -5.51 -123.82 -8.52
CA ALA H 25 -7.99 -121.09 -9.66
CA SER H 26 -10.11 -119.45 -6.87
CA GLY H 27 -12.73 -116.59 -6.99
CA TYR H 28 -13.63 -116.65 -10.75
CA SER H 29 -15.55 -119.22 -12.92
CA PHE H 30 -12.74 -121.71 -13.84
CA THR H 31 -14.33 -123.16 -17.08
CA SER H 32 -14.97 -119.68 -18.67
CA TYR H 33 -11.22 -118.93 -19.32
CA GLY H 34 -8.07 -120.57 -20.68
CA LEU H 35 -4.78 -120.84 -18.74
CA HIS H 36 -1.38 -120.17 -20.31
CA TRP H 37 1.95 -121.73 -19.04
CA VAL H 38 5.14 -119.61 -19.20
CA ARG H 39 8.65 -120.15 -17.83
CA GLN H 40 11.62 -117.92 -16.95
CA ALA H 41 15.10 -119.49 -16.80
CA PRO H 42 17.66 -117.54 -14.65
CA GLY H 43 18.73 -114.25 -16.34
CA GLN H 44 16.53 -115.01 -19.37
CA ARG H 45 13.36 -113.74 -20.99
CA LEU H 46 9.93 -115.31 -20.41
CA GLU H 47 9.20 -118.25 -22.74
CA TRP H 48 5.64 -119.30 -23.63
CA MET H 49 5.16 -123.13 -23.31
CA GLY H 50 1.44 -123.80 -23.92
CA TRP H 51 -2.24 -123.13 -23.14
CA ILE H 52 -5.27 -125.19 -21.97
CA SER H 53 -9.00 -124.32 -22.32
CA ALA H 54 -10.55 -125.14 -18.84
CA GLY H 55 -13.99 -125.73 -20.48
CA THR H 56 -13.07 -128.21 -23.31
CA GLY H 57 -9.65 -129.54 -22.07
CA ASN H 58 -8.16 -128.57 -25.50
CA THR H 59 -4.49 -127.95 -25.76
CA LYS H 60 -2.00 -125.79 -27.66
CA TYR H 61 1.76 -125.81 -27.14
CA SER H 62 5.15 -124.52 -28.26
CA GLN H 63 6.88 -127.01 -30.62
CA LYS H 64 10.12 -126.34 -28.61
CA PHE H 65 8.49 -128.75 -26.03
CA ARG H 66 7.14 -131.21 -28.69
CA GLY H 67 6.79 -134.72 -27.23
CA ARG H 68 7.65 -133.82 -23.57
CA VAL H 69 4.96 -131.36 -22.26
CA THR H 70 1.38 -132.35 -21.16
CA PHE H 71 -1.51 -130.06 -19.99
CA THR H 72 -4.43 -131.37 -17.90
CA ARG H 73 -7.30 -129.73 -15.93
CA ASP H 74 -9.34 -131.18 -13.05
CA THR H 75 -12.55 -129.21 -13.62
CA SER H 76 -14.14 -130.30 -10.24
CA ALA H 77 -11.05 -129.34 -8.10
CA THR H 78 -10.63 -126.24 -10.34
CA THR H 79 -6.91 -126.97 -10.87
CA ALA H 80 -4.83 -127.09 -14.08
CA TYR H 81 -1.50 -128.99 -14.31
CA MET H 82 1.50 -129.02 -16.58
CA GLY H 83 3.65 -132.17 -16.80
CA LEU H 84 7.25 -131.75 -18.09
CA SER H 85 9.13 -135.01 -18.90
CA SER H 86 12.81 -135.87 -19.60
CA LEU H 87 14.15 -133.05 -17.42
CA ARG H 88 17.49 -131.50 -18.44
CA PRO H 89 19.57 -129.04 -16.28
CA GLU H 90 18.38 -126.14 -18.58
CA ASP H 91 14.75 -126.73 -17.40
CA THR H 92 15.81 -125.04 -14.08
CA ALA H 93 13.38 -122.09 -14.22
CA VAL H 94 10.35 -120.48 -12.56
CA TYR H 95 7.11 -121.94 -14.07
CA TYR H 96 4.12 -119.59 -14.08
CA CYS H 97 0.53 -120.26 -15.01
CA ALA H 98 -1.28 -117.09 -16.22
CA ARG H 99 -4.89 -116.42 -17.23
CA ASP H 100 -6.22 -115.93 -20.79
CA PRO H 101 -9.00 -113.25 -20.23
CA TYR H 102 -11.02 -114.45 -23.29
CA GLY H 103 -10.67 -118.31 -23.50
CA GLY H 104 -9.35 -118.30 -27.14
CA GLY H 105 -5.60 -119.12 -26.70
CA LYS H 106 -3.99 -115.97 -28.15
CA SER H 107 -4.10 -113.14 -25.62
CA GLU H 108 -2.25 -110.92 -23.17
CA PHE H 109 -2.27 -112.53 -19.64
CA ASP H 110 -4.21 -110.53 -16.97
CA TYR H 111 -3.65 -112.68 -13.78
CA TRP H 112 -0.44 -114.59 -13.05
CA GLY H 113 0.22 -117.35 -10.54
CA GLN H 114 3.21 -116.78 -8.18
CA GLY H 115 5.68 -119.19 -9.86
CA THR H 116 7.19 -122.54 -8.84
CA LEU H 117 10.93 -122.92 -9.18
CA VAL H 118 11.88 -126.38 -10.49
CA THR H 119 15.58 -127.04 -10.09
CA VAL H 120 17.02 -129.96 -12.11
CA SER H 121 20.05 -131.46 -10.22
CA SER H 122 22.01 -134.55 -9.01
CA ALA H 123 24.61 -132.51 -6.98
CA SER H 124 22.73 -133.55 -3.88
CA PRO H 125 19.79 -131.59 -2.31
CA THR H 126 20.72 -130.19 1.18
CA SER H 127 18.37 -128.37 3.66
CA PRO H 128 19.52 -125.00 5.22
CA LYS H 129 20.92 -124.79 8.77
CA VAL H 130 19.62 -121.57 10.36
CA PHE H 131 21.91 -119.66 12.79
CA PRO H 132 21.21 -116.52 14.89
CA LEU H 133 23.08 -113.25 14.24
CA SER H 134 22.86 -111.21 17.50
CA LEU H 135 25.11 -108.84 19.57
CA CYS H 136 25.24 -108.43 23.39
CA SER H 137 26.59 -104.82 24.00
CA THR H 138 28.65 -104.88 20.70
CA GLN H 139 26.07 -102.83 18.64
CA PRO H 140 25.83 -98.96 18.88
CA ASP H 141 23.53 -97.47 21.63
CA GLY H 142 20.20 -96.55 19.86
CA ASN H 143 19.37 -99.01 17.00
CA VAL H 144 19.46 -102.86 16.96
CA VAL H 145 20.51 -105.17 14.03
CA ILE H 146 19.63 -108.87 14.40
CA ALA H 147 19.64 -111.50 11.67
CA CYS H 148 19.35 -115.16 10.58
CA LEU H 149 22.14 -116.85 8.58
CA VAL H 150 20.41 -119.47 6.29
CA GLN H 151 23.46 -121.66 5.58
CA GLY H 152 24.55 -124.56 3.33
CA PHE H 153 21.52 -125.34 1.15
CA PHE H 154 21.05 -126.69 -2.42
CA PRO H 155 19.39 -126.01 -4.74
CA GLN H 156 18.63 -122.21 -4.48
CA GLU H 157 14.73 -122.44 -4.79
CA PRO H 158 12.28 -119.76 -3.40
CA LEU H 159 13.25 -118.87 0.21
CA SER H 160 10.36 -117.18 2.15
CA VAL H 161 11.81 -115.28 5.17
CA THR H 162 9.35 -113.55 7.51
CA TRP H 163 10.11 -111.89 10.94
CA SER H 164 7.72 -111.84 14.02
CA GLU H 165 7.93 -107.99 14.42
CA SER H 166 6.70 -105.52 11.70
CA GLY H 167 6.28 -101.67 11.82
CA GLN H 168 7.19 -98.16 10.48
CA GLY H 169 10.88 -98.02 11.64
CA VAL H 170 11.53 -101.84 11.49
CA THR H 171 13.37 -102.61 8.18
CA ALA H 172 13.81 -106.17 6.79
CA ARG H 173 16.64 -106.82 4.27
CA ASN H 174 16.65 -110.24 2.52
CA PHE H 175 20.14 -110.70 0.92
CA PRO H 176 20.07 -112.75 -2.40
CA PRO H 177 21.62 -116.31 -2.38
CA SER H 178 25.46 -116.41 -2.76
CA GLN H 179 27.04 -119.62 -4.14
CA ASP H 180 30.20 -121.23 -2.53
CA ALA H 181 32.71 -122.62 -5.20
CA SER H 182 31.40 -124.75 -8.18
CA GLY H 183 27.69 -125.23 -7.24
CA ASP H 184 28.60 -126.84 -3.83
CA LEU H 185 26.38 -124.90 -1.30
CA TYR H 186 24.26 -121.65 -1.28
CA THR H 187 24.10 -119.22 1.74
CA THR H 188 21.64 -116.27 2.28
CA SER H 189 21.32 -113.85 5.26
CA SER H 190 18.05 -112.13 6.40
CA GLN H 191 18.58 -108.94 8.52
CA LEU H 192 16.05 -107.05 10.75
CA THR H 193 17.08 -103.42 11.67
CA LEU H 194 14.76 -101.91 14.40
CA PRO H 195 15.00 -99.20 17.19
CA ALA H 196 16.58 -100.35 20.56
CA THR H 197 13.32 -99.31 22.40
CA GLN H 198 11.46 -101.88 20.15
CA CYS H 199 14.07 -104.68 20.81
CA LEU H 200 14.98 -104.53 24.57
CA ALA H 201 17.58 -106.81 26.38
CA GLY H 202 16.10 -110.22 27.42
CA LYS H 203 13.45 -110.13 24.60
CA SER H 204 13.58 -112.04 21.23
CA VAL H 205 12.26 -111.76 17.59
CA THR H 206 11.36 -114.96 15.64
CA CYS H 207 12.66 -115.49 12.06
CA HIS H 208 10.43 -117.87 9.99
CA VAL H 209 12.25 -119.52 7.02
CA LYS H 210 10.39 -121.53 4.34
CA HIS H 211 12.65 -123.32 1.77
CA TYR H 212 10.38 -124.49 -1.28
CA THR H 213 7.28 -126.52 -0.22
CA ASN H 214 9.12 -127.86 2.90
CA PRO H 215 7.84 -127.18 6.51
CA SER H 216 8.74 -123.77 8.08
CA GLN H 217 12.02 -123.63 10.10
CA ASP H 218 11.71 -121.14 13.01
CA VAL H 219 14.52 -119.52 15.09
CA THR H 220 14.08 -117.26 18.13
CA VAL H 221 16.90 -114.65 17.82
CA PRO H 222 17.86 -112.49 20.91
CA CYS H 223 19.50 -111.46 21.13
CA PRO H 224 21.13 -110.45 21.35
CA VAL H 225 21.79 -107.51 20.34
CA PRO H 226 20.06 -104.64 18.09
CA SER H 227 23.41 -102.39 18.48
CA THR H 228 25.30 -100.19 15.82
CA PRO H 229 26.98 -97.09 17.62
CA PRO H 230 30.06 -94.98 16.11
CA THR H 231 30.91 -91.17 16.64
CA PRO H 232 29.41 -88.65 13.99
CA SER H 233 31.21 -85.19 13.84
CA PRO H 234 28.74 -82.33 14.87
CA SER H 235 31.00 -79.49 13.47
CA THR H 236 30.02 -75.95 12.13
CA PRO H 237 32.88 -73.64 10.92
CA PRO H 238 31.89 -69.73 11.07
CA THR H 239 34.36 -67.64 8.62
CA PRO H 240 33.73 -63.71 8.02
CA SER H 241 35.27 -61.40 5.05
CA PRO H 242 37.43 -58.27 4.07
CA SER H 243 37.07 -55.18 1.80
CA CYS H 244 39.21 -52.45 0.21
CA CYS H 245 41.62 -49.74 1.86
CA HIS H 246 42.72 -46.85 -0.38
CA PRO H 247 43.98 -43.27 1.00
CA ARG H 248 42.15 -40.49 -1.00
CA LEU H 249 41.36 -36.95 0.42
CA SER H 250 38.28 -35.20 -1.17
CA LEU H 251 36.69 -31.75 -0.45
CA HIS H 252 32.95 -31.40 -1.41
CA ARG H 253 31.90 -27.66 -1.60
CA PRO H 254 28.64 -26.08 -0.17
CA ALA H 255 25.52 -25.95 -2.50
CA LEU H 256 24.54 -22.56 -4.16
CA GLU H 257 20.74 -22.63 -3.38
CA ASP H 258 21.16 -23.49 0.39
CA LEU H 259 23.93 -20.85 1.05
CA LEU H 260 21.85 -18.10 -0.75
CA LEU H 261 18.38 -18.99 0.75
CA GLY H 262 18.92 -18.72 4.58
CA SER H 263 22.80 -18.89 5.00
CA GLU H 264 23.06 -22.76 5.05
CA ALA H 265 26.58 -23.83 3.85
CA ASN H 266 28.80 -26.78 4.96
CA LEU H 267 32.26 -27.48 3.46
CA THR H 268 32.71 -31.24 3.74
CA CYS H 269 36.04 -33.10 4.17
CA THR H 270 36.16 -36.79 3.22
CA LEU H 271 39.21 -39.12 3.79
CA THR H 272 38.75 -42.27 1.64
CA GLY H 273 41.52 -44.98 1.61
CA LEU H 274 42.82 -45.11 5.25
CA ARG H 275 43.84 -48.86 5.65
CA ASP H 276 43.27 -51.21 8.72
CA ALA H 277 43.89 -50.25 12.48
CA SER H 278 43.74 -46.47 11.98
CA GLY H 279 42.43 -42.93 12.87
CA VAL H 280 42.38 -39.46 11.16
CA THR H 281 43.10 -36.05 12.85
CA PHE H 282 41.46 -32.99 11.23
CA THR H 283 42.67 -29.31 11.31
CA TRP H 284 40.13 -26.81 9.78
CA THR H 285 40.71 -22.99 9.35
CA PRO H 286 37.90 -20.91 11.04
CA SER H 287 35.29 -18.95 8.95
CA SER H 288 35.58 -15.08 8.92
CA GLY H 289 33.52 -14.27 12.11
CA LYS H 290 35.92 -16.35 14.36
CA SER H 291 34.04 -19.69 13.90
CA ALA H 292 35.48 -23.29 13.79
CA VAL H 293 32.96 -26.16 14.51
CA GLN H 294 33.48 -29.88 13.43
CA GLY H 295 31.92 -33.45 13.74
CA PRO H 296 34.13 -36.41 12.53
CA PRO H 297 32.74 -40.07 12.47
CA GLU H 298 34.73 -43.11 11.09
CA ARG H 299 32.72 -45.07 8.46
CA ASP H 300 34.02 -48.36 6.87
CA LEU H 301 33.17 -47.97 3.08
CA CYS H 302 33.95 -50.84 0.56
CA GLY H 303 36.11 -52.55 3.25
CA CYS H 304 38.15 -49.59 4.72
CA TYR H 305 37.75 -46.50 7.07
CA SER H 306 36.62 -42.97 5.95
CA VAL H 307 36.89 -39.96 8.39
CA SER H 308 34.26 -37.57 7.05
CA SER H 309 34.27 -34.28 8.99
CA VAL H 310 32.02 -31.24 8.26
CA LEU H 311 32.55 -27.47 8.96
CA PRO H 312 29.25 -25.41 9.03
CA GLY H 313 29.64 -21.93 7.40
CA CYS H 314 27.81 -18.60 6.90
CA ALA H 315 26.98 -16.87 3.53
CA GLU H 316 29.31 -13.78 4.07
CA PRO H 317 32.75 -15.66 4.14
CA TRP H 318 31.74 -17.64 0.95
CA ASN H 319 30.33 -14.50 -0.89
CA HIS H 320 33.18 -12.04 0.13
CA GLY H 321 36.21 -14.41 -0.43
CA LYS H 322 37.44 -16.83 2.33
CA THR H 323 39.91 -19.79 1.91
CA PHE H 324 38.75 -22.99 3.74
CA THR H 325 41.63 -25.37 4.53
CA CYS H 326 41.06 -28.98 5.67
CA THR H 327 44.46 -30.27 6.83
CA ALA H 328 44.41 -33.96 7.81
CA ALA H 329 47.27 -35.77 9.72
CA TYR H 330 47.86 -39.61 9.92
CA PRO H 331 51.19 -41.52 10.73
CA GLU H 332 51.21 -43.72 7.51
CA SER H 333 50.65 -40.46 5.45
CA LYS H 334 54.25 -39.01 5.84
CA THR H 335 53.13 -35.55 4.52
CA PRO H 336 49.87 -34.39 6.31
CA LEU H 337 47.38 -33.56 3.48
CA THR H 338 46.17 -29.97 3.14
CA ALA H 339 43.20 -29.19 0.78
CA THR H 340 42.01 -25.54 0.48
CA LEU H 341 38.76 -24.25 -1.09
CA SER H 342 37.17 -20.76 -1.82
CA LYS H 343 35.17 -18.66 -4.43
CA SER H 344 36.25 -18.35 -8.15
CA GLY H 345 38.13 -15.72 -10.28
CA ASN H 346 38.20 -11.87 -10.69
CA THR H 347 34.84 -9.90 -10.70
CA PHE H 348 32.85 -8.31 -13.66
CA ARG H 349 29.69 -6.04 -13.45
CA PRO H 350 26.47 -7.69 -14.93
CA GLU H 351 24.90 -5.83 -17.89
CA VAL H 352 21.08 -6.14 -17.36
CA HIS H 353 18.84 -5.53 -20.47
CA LEU H 354 15.04 -6.11 -20.24
CA LEU H 355 13.38 -7.39 -23.46
CA PRO H 356 9.60 -7.04 -24.17
CA PRO H 357 7.68 -9.92 -25.91
CA PRO H 358 7.88 -10.61 -29.67
CA SER H 359 4.98 -9.28 -31.87
CA GLU H 360 3.93 -12.92 -32.73
CA GLU H 361 3.66 -13.91 -28.99
CA LEU H 362 0.87 -11.25 -28.62
CA ALA H 363 -1.22 -13.67 -30.79
CA LEU H 364 -0.93 -15.92 -27.63
CA ASN H 365 -3.01 -15.29 -24.40
CA GLU H 366 -2.39 -16.81 -20.87
CA LEU H 367 1.41 -16.10 -20.66
CA VAL H 368 3.39 -13.14 -22.19
CA THR H 369 7.09 -13.84 -22.18
CA LEU H 370 8.95 -10.96 -20.36
CA THR H 371 12.70 -11.58 -20.70
CA CYS H 372 15.71 -10.06 -18.90
CA LEU H 373 19.26 -10.80 -20.14
CA ALA H 374 22.05 -10.60 -17.50
CA ARG H 375 25.35 -10.81 -19.47
CA GLY H 376 29.15 -10.31 -19.11
CA PHE H 377 29.16 -11.12 -15.34
CA SER H 378 31.73 -12.98 -13.11
CA PRO H 379 31.87 -14.93 -10.94
CA LYS H 380 28.74 -17.05 -11.84
CA ASP H 381 27.37 -16.23 -8.40
CA VAL H 382 24.16 -14.14 -8.97
CA LEU H 383 20.48 -13.76 -7.82
CA VAL H 384 17.77 -12.60 -10.25
CA ARG H 385 14.15 -11.92 -9.13
CA TRP H 386 11.05 -10.24 -10.67
CA LEU H 387 8.64 -7.62 -9.24
CA GLN H 388 5.18 -6.31 -10.21
CA GLY H 389 4.78 -2.46 -10.13
CA SER H 390 0.93 -2.62 -10.43
CA GLN H 391 0.41 -4.45 -7.04
CA GLU H 392 3.74 -3.36 -5.32
CA LEU H 393 4.61 -7.08 -4.82
CA PRO H 394 7.12 -9.82 -5.89
CA ARG H 395 6.01 -12.10 -8.79
CA GLU H 396 5.52 -15.89 -9.06
CA LYS H 397 5.44 -17.20 -12.65
CA TYR H 398 9.14 -16.84 -13.55
CA LEU H 399 12.01 -19.24 -14.41
CA THR H 400 15.82 -18.54 -14.64
CA TRP H 401 18.24 -20.70 -16.78
CA ALA H 402 22.15 -20.72 -16.98
CA SER H 403 25.23 -20.27 -19.34
CA ARG H 404 28.98 -20.13 -18.35
CA GLN H 405 30.89 -18.90 -21.49
CA GLU H 406 34.38 -20.50 -22.05
CA PRO H 407 35.95 -21.16 -25.55
CA SER H 408 39.69 -21.81 -26.42
CA GLN H 409 40.59 -18.06 -25.96
CA GLY H 410 41.05 -15.78 -22.86
CA THR H 411 37.37 -14.64 -23.06
CA THR H 412 35.44 -16.25 -20.09
CA THR H 413 32.37 -14.52 -18.38
CA PHE H 414 28.70 -15.73 -17.82
CA ALA H 415 25.23 -15.01 -19.27
CA VAL H 416 21.67 -15.96 -18.13
CA THR H 417 18.14 -15.22 -19.36
CA SER H 418 15.21 -14.97 -16.88
CA ILE H 419 11.64 -15.54 -18.15
CA LEU H 420 8.61 -13.89 -16.39
CA ARG H 421 5.35 -15.16 -17.92
CA VAL H 422 2.27 -12.79 -17.61
CA ALA H 423 -1.34 -12.52 -18.89
CA ALA H 424 -1.41 -10.61 -22.28
CA GLU H 425 -3.91 -8.12 -20.70
CA ASP H 426 -1.74 -6.84 -17.72
CA TRP H 427 1.18 -5.97 -20.07
CA LYS H 428 -1.38 -4.01 -22.25
CA LYS H 429 -2.95 -2.44 -19.08
CA GLY H 430 0.43 -0.59 -18.96
CA ASP H 431 2.00 -2.44 -16.01
CA THR H 432 5.68 -1.96 -15.08
CA PHE H 433 7.54 -5.23 -14.33
CA SER H 434 11.14 -5.04 -13.00
CA CYS H 435 13.98 -7.58 -13.10
CA MET H 436 16.17 -7.18 -9.94
CA VAL H 437 19.77 -8.52 -10.24
CA GLY H 438 22.06 -8.98 -7.19
CA HIS H 439 25.79 -9.57 -7.79
CA GLU H 440 29.24 -9.02 -6.11
CA ALA H 441 30.25 -6.30 -8.69
CA LEU H 442 26.96 -4.28 -8.73
CA PRO H 443 27.09 -0.69 -7.20
CA LEU H 444 25.02 -1.41 -4.02
CA ALA H 445 25.19 -5.21 -4.70
CA PHE H 446 21.80 -4.59 -6.39
CA THR H 447 20.48 -3.18 -9.69
CA GLN H 448 16.92 -3.22 -11.12
CA LYS H 449 15.95 -2.67 -14.81
CA THR H 450 12.26 -2.08 -15.72
CA ILE H 451 9.83 -3.18 -18.53
CA ASP H 452 6.43 -1.67 -19.49
CA ARG H 453 4.14 -1.37 -22.61
CA LEU H 454 5.08 2.39 -22.54
CA ALA H 455 7.98 3.53 -24.84
CA GLY H 456 9.07 7.24 -24.82
CA LYS H 457 11.83 7.83 -27.45
CA PRO H 458 14.11 10.41 -25.75
CA THR H 459 15.21 7.41 -25.19
CA HIS H 460 15.31 4.49 -22.64
CA VAL H 461 15.11 6.18 -19.12
CA ASN H 462 14.11 4.79 -15.61
CA VAL H 463 11.55 5.41 -12.69
CA SER H 464 11.96 8.23 -10.04
CA VAL H 465 13.50 8.15 -6.42
CA VAL H 466 11.07 6.06 -4.21
CA MET H 467 12.02 6.40 -0.47
CA ALA H 468 14.28 8.78 1.65
CA GLU H 469 15.82 8.81 4.44
CA VAL H 470 15.55 5.72 6.85
CA ASP H 471 18.68 3.93 5.42
CA GLY H 472 19.20 1.04 7.96
CA THR H 473 22.18 2.52 9.94
CA CYS H 474 20.28 5.80 10.75
CA TYR H 475 16.73 4.27 11.30
CA GLU A 1 -91.80 73.04 -61.87
CA LEU A 2 -89.63 70.27 -60.46
CA VAL A 3 -89.20 70.86 -56.77
CA MET A 4 -85.73 70.49 -55.19
CA THR A 5 -85.79 69.91 -51.43
CA GLN A 6 -82.60 69.96 -49.33
CA SER A 7 -82.08 68.28 -46.02
CA PRO A 8 -81.14 69.64 -43.49
CA SER A 9 -81.58 73.40 -43.45
CA SER A 10 -78.69 73.88 -40.96
CA LEU A 11 -75.85 71.81 -39.53
CA SER A 12 -73.03 72.67 -37.12
CA ALA A 13 -70.07 70.28 -37.14
CA SER A 14 -66.45 70.40 -35.94
CA VAL A 15 -63.52 70.61 -38.30
CA GLY A 16 -62.45 67.14 -39.41
CA ASP A 17 -66.05 65.90 -39.35
CA ARG A 18 -67.62 64.38 -42.41
CA VAL A 19 -70.89 66.09 -43.43
CA ASN A 20 -73.53 64.88 -45.93
CA ILE A 21 -76.32 67.18 -47.34
CA ALA A 22 -79.21 65.56 -49.24
CA CYS A 23 -81.28 66.99 -52.09
CA ARG A 24 -84.45 65.35 -53.50
CA ALA A 25 -85.91 65.96 -56.90
CA SER A 26 -89.76 65.66 -56.87
CA GLN A 27 -89.21 63.40 -59.95
CA GLY A 28 -86.32 61.85 -61.89
CA ILE A 29 -83.62 64.16 -63.28
CA SER A 30 -81.00 61.52 -64.21
CA SER A 31 -77.66 63.24 -63.38
CA ALA A 32 -78.61 66.83 -64.10
CA LEU A 33 -77.75 68.23 -60.76
CA ALA A 34 -75.15 70.90 -59.91
CA TRP A 35 -74.09 71.98 -56.31
CA TYR A 36 -73.07 75.60 -55.40
CA GLN A 37 -71.30 77.09 -52.44
CA GLN A 38 -72.29 80.67 -51.44
CA LYS A 39 -70.30 82.48 -48.78
CA PRO A 40 -72.55 85.06 -47.20
CA GLY A 41 -72.65 88.16 -49.37
CA LYS A 42 -71.09 86.75 -52.48
CA ALA A 43 -71.93 85.29 -55.75
CA PRO A 44 -72.56 81.52 -55.67
CA ARG A 45 -69.69 79.20 -56.83
CA LEU A 46 -69.87 75.93 -58.74
CA LEU A 47 -68.48 72.88 -56.93
CA ILE A 48 -70.02 69.90 -58.70
CA TYR A 49 -71.92 69.45 -62.03
CA ASP A 50 -73.58 66.29 -63.50
CA ALA A 51 -74.14 65.00 -59.90
CA SER A 52 -70.54 63.93 -59.43
CA ASN A 53 -68.00 65.90 -61.54
CA LEU A 54 -65.83 68.37 -59.52
CA GLU A 55 -65.30 71.67 -61.22
CA SER A 56 -61.56 72.49 -61.84
CA GLY A 57 -59.84 74.05 -58.76
CA VAL A 58 -62.44 72.75 -56.16
CA PRO A 59 -60.76 70.88 -53.26
CA SER A 60 -60.73 67.11 -53.44
CA ARG A 61 -62.65 66.90 -50.09
CA PHE A 62 -65.91 67.76 -51.90
CA SER A 63 -67.70 64.84 -53.62
CA GLY A 64 -71.28 64.28 -54.89
CA SER A 65 -73.40 61.23 -55.62
CA GLY A 66 -76.92 60.22 -56.70
CA SER A 67 -78.95 59.61 -59.80
CA GLY A 68 -82.65 59.79 -60.47
CA THR A 69 -84.16 61.54 -57.52
CA ASP A 70 -81.74 61.48 -54.50
CA PHE A 71 -78.39 63.27 -54.48
CA THR A 72 -75.72 63.72 -51.71
CA LEU A 73 -72.90 66.24 -51.37
CA THR A 74 -70.18 65.01 -48.89
CA ILE A 75 -67.46 67.26 -47.38
CA SER A 76 -65.08 64.63 -46.06
CA SER A 77 -63.04 66.74 -43.57
CA LEU A 78 -64.82 69.98 -42.77
CA GLN A 79 -62.50 72.98 -42.69
CA PRO A 80 -63.29 76.65 -41.27
CA GLU A 81 -63.36 78.06 -44.76
CA ASP A 82 -66.27 75.71 -45.56
CA PHE A 83 -68.78 77.94 -43.69
CA ALA A 84 -71.36 78.74 -46.37
CA ILE A 85 -74.90 78.05 -47.64
CA TYR A 86 -74.89 75.13 -50.12
CA TYR A 87 -77.56 74.83 -52.99
CA CYS A 88 -78.47 72.15 -55.44
CA GLN A 89 -80.01 73.08 -58.79
CA GLN A 90 -81.64 70.80 -61.48
CA PHE A 91 -81.24 71.42 -65.23
CA ASN A 92 -83.24 68.56 -66.60
CA SER A 93 -86.36 70.68 -67.09
CA TYR A 94 -87.34 74.33 -67.50
CA PRO A 95 -87.90 76.33 -65.15
CA LEU A 96 -84.49 75.50 -63.82
CA THR A 97 -84.94 75.25 -60.03
CA PHE A 98 -82.86 75.53 -56.87
CA GLY A 99 -83.18 73.86 -53.56
CA GLY A 100 -83.71 75.89 -50.39
CA GLY A 101 -80.13 75.81 -48.92
CA THR A 102 -78.19 74.06 -46.18
CA LYS A 103 -76.26 76.51 -43.99
CA VAL A 104 -73.14 74.87 -42.52
CA GLU A 105 -71.74 76.61 -39.38
CA ILE A 106 -68.41 75.46 -37.76
CA LYS A 107 -68.35 74.24 -34.08
CA ARG A 108 -65.27 75.21 -32.03
CA THR A 109 -64.07 75.97 -28.47
CA VAL A 110 -65.48 78.93 -26.48
CA ALA A 111 -63.73 82.21 -26.96
CA ALA A 112 -64.47 85.14 -24.70
CA PRO A 113 -65.00 88.49 -26.34
CA SER A 114 -62.80 91.58 -26.28
CA VAL A 115 -65.13 94.47 -25.33
CA PHE A 116 -64.75 98.08 -26.44
CA ILE A 117 -67.00 101.12 -25.93
CA PHE A 118 -66.98 104.33 -28.00
CA PRO A 119 -68.47 107.74 -27.07
CA PRO A 120 -70.42 109.93 -29.63
CA SER A 121 -68.10 111.93 -31.86
CA ASP A 122 -68.14 115.72 -31.72
CA GLU A 123 -69.60 116.38 -35.12
CA GLN A 124 -72.26 113.85 -34.39
CA LEU A 125 -73.44 115.78 -31.27
CA LYS A 126 -73.41 118.86 -33.59
CA SER A 127 -76.38 117.24 -35.49
CA GLY A 128 -78.38 116.88 -32.26
CA THR A 129 -77.91 112.99 -31.94
CA ALA A 130 -75.57 110.75 -30.02
CA SER A 131 -74.74 107.12 -30.90
CA VAL A 132 -72.78 105.14 -28.31
CA VAL A 133 -71.24 101.85 -29.63
CA CYS A 134 -70.16 98.79 -27.66
CA LEU A 135 -68.04 96.22 -29.55
CA LEU A 136 -67.64 92.56 -28.60
CA ASN A 137 -64.86 91.26 -30.83
CA ASN A 138 -64.11 87.70 -31.75
CA PHE A 139 -66.06 85.25 -29.70
CA TYR A 140 -67.60 81.77 -29.85
CA PRO A 141 -70.53 80.63 -29.37
CA ARG A 142 -72.67 83.43 -30.88
CA GLU A 143 -74.95 83.92 -27.87
CA ALA A 144 -74.01 86.94 -25.71
CA LYS A 145 -76.04 89.59 -23.84
CA VAL A 146 -75.29 93.36 -23.92
CA GLN A 147 -76.95 95.58 -21.33
CA TRP A 148 -76.71 99.36 -21.36
CA LYS A 149 -76.85 101.32 -18.11
CA VAL A 150 -76.82 105.14 -18.11
CA ASP A 151 -76.34 106.64 -14.59
CA ASN A 152 -75.62 103.23 -13.17
CA ALA A 153 -78.57 100.76 -13.04
CA LEU A 154 -80.87 103.00 -15.11
CA GLN A 155 -80.43 100.31 -17.66
CA SER A 156 -82.12 100.96 -20.93
CA GLY A 157 -84.26 99.47 -23.81
CA ASN A 158 -83.35 101.73 -26.96
CA SER A 159 -80.41 99.89 -28.63
CA GLN A 160 -79.90 97.90 -31.85
CA GLU A 161 -77.46 95.02 -32.51
CA SER A 162 -75.58 93.62 -35.48
CA VAL A 163 -73.59 90.34 -35.56
CA THR A 164 -71.19 89.43 -38.33
CA GLU A 165 -71.23 85.95 -40.03
CA GLN A 166 -68.68 83.31 -38.94
CA ASP A 167 -65.11 84.13 -39.82
CA SER A 168 -63.61 81.61 -42.28
CA LYS A 169 -60.26 81.69 -40.51
CA ASP A 170 -61.06 81.31 -36.77
CA SER A 171 -64.83 80.62 -36.65
CA THR A 172 -65.76 83.57 -34.41
CA TYR A 173 -68.44 86.27 -34.48
CA SER A 174 -68.17 89.93 -33.58
CA LEU A 175 -71.15 92.06 -32.44
CA SER A 176 -72.03 95.78 -32.09
CA SER A 177 -74.70 97.36 -29.97
CA THR A 178 -75.57 100.98 -30.77
CA LEU A 179 -77.40 103.00 -28.18
CA THR A 180 -78.96 106.11 -29.73
CA LEU A 181 -80.21 109.08 -27.79
CA SER A 182 -80.69 112.76 -28.58
CA LYS A 183 -77.88 115.35 -27.80
CA ALA A 184 -80.10 116.65 -24.93
CA ASP A 185 -80.67 113.16 -23.49
CA TYR A 186 -76.98 112.40 -23.62
CA GLU A 187 -76.21 115.84 -22.03
CA LYS A 188 -77.98 114.96 -18.88
CA HIS A 189 -76.34 111.75 -17.84
CA LYS A 190 -72.65 111.09 -17.08
CA VAL A 191 -71.79 107.33 -16.64
CA TYR A 192 -72.48 105.34 -19.83
CA ALA A 193 -71.79 101.61 -19.56
CA CYS A 194 -71.92 98.41 -21.60
CA GLU A 195 -72.27 95.17 -19.54
CA VAL A 196 -71.50 91.88 -21.30
CA THR A 197 -72.44 88.32 -20.50
CA HIS A 198 -71.03 85.41 -22.50
CA GLN A 199 -69.95 81.83 -21.64
CA GLY A 200 -66.17 82.38 -21.96
CA LEU A 201 -66.04 85.18 -19.37
CA SER A 202 -65.85 84.32 -15.63
CA SER A 203 -67.76 87.46 -14.64
CA PRO A 204 -69.97 89.96 -16.58
CA VAL A 205 -67.71 92.62 -18.12
CA THR A 206 -68.40 96.39 -17.98
CA LYS A 207 -66.83 99.11 -20.11
CA SER A 208 -67.90 102.59 -19.02
CA PHE A 209 -66.95 106.17 -19.70
CA ASN A 210 -67.79 109.52 -18.19
CA ARG A 211 -69.46 112.22 -20.33
CA GLY A 212 -66.57 114.73 -20.44
CA GLU A 213 -63.67 112.59 -21.93
CA CYS A 214 -60.03 113.82 -22.46
CA GLU B 1 -16.83 87.14 57.13
CA LEU B 2 -15.44 85.58 53.97
CA VAL B 3 -17.56 86.72 51.06
CA MET B 4 -18.67 84.16 48.43
CA THR B 5 -19.67 85.71 45.10
CA GLN B 6 -21.27 83.65 42.31
CA SER B 7 -21.24 84.42 38.65
CA PRO B 8 -23.69 84.66 36.88
CA SER B 9 -26.94 85.27 38.74
CA SER B 10 -29.02 83.66 35.94
CA LEU B 11 -28.42 81.55 32.85
CA SER B 12 -30.79 79.98 30.32
CA ALA B 13 -29.35 77.15 28.22
CA SER B 14 -30.75 74.35 26.07
CA VAL B 15 -30.65 70.71 27.12
CA GLY B 16 -27.37 69.13 26.07
CA ASP B 17 -25.47 72.36 26.67
CA ARG B 18 -22.53 72.50 29.01
CA VAL B 19 -22.90 75.15 31.73
CA ASN B 20 -20.21 76.49 34.11
CA ILE B 21 -21.05 78.59 37.28
CA ALA B 22 -18.19 80.38 39.07
CA CYS B 23 -17.83 81.18 42.76
CA ARG B 24 -15.09 83.43 44.23
CA ALA B 25 -13.91 83.42 47.80
CA SER B 26 -12.78 86.94 48.94
CA GLN B 27 -9.67 85.08 50.23
CA GLY B 28 -8.16 81.57 50.12
CA ILE B 29 -10.25 78.66 51.42
CA SER B 30 -8.14 75.76 50.08
CA SER B 31 -10.75 73.13 49.06
CA ALA B 32 -13.43 73.89 51.64
CA LEU B 33 -16.21 74.52 49.25
CA ALA B 34 -19.51 72.63 48.91
CA TRP B 35 -22.17 73.17 46.09
CA TYR B 36 -25.98 72.77 46.67
CA GLN B 37 -28.91 72.44 44.34
CA GLN B 38 -32.24 73.91 45.50
CA LYS B 39 -35.37 73.26 43.49
CA PRO B 40 -37.81 76.09 44.13
CA GLY B 41 -39.63 75.45 47.39
CA LYS B 42 -37.47 72.69 48.77
CA ALA B 43 -34.67 72.06 51.05
CA PRO B 44 -31.22 72.49 49.45
CA ARG B 45 -29.35 69.28 48.36
CA LEU B 46 -25.64 68.51 48.48
CA LEU B 47 -23.99 67.82 45.12
CA ILE B 48 -20.28 68.38 45.73
CA TYR B 49 -18.11 68.74 48.90
CA ASP B 50 -14.33 69.50 49.19
CA ALA B 51 -14.53 71.40 45.84
CA SER B 52 -14.58 68.26 43.73
CA ASN B 53 -16.05 65.18 45.51
CA LEU B 54 -19.55 64.13 44.27
CA GLU B 55 -21.91 63.13 47.00
CA SER B 56 -23.22 59.50 46.63
CA GLY B 57 -26.24 59.25 44.24
CA VAL B 58 -25.56 62.62 42.40
CA PRO B 59 -25.45 62.17 38.58
CA SER B 60 -22.05 61.87 36.98
CA ARG B 61 -22.79 64.99 34.78
CA PHE B 62 -22.08 67.27 37.77
CA SER B 63 -18.38 68.06 38.43
CA GLY B 64 -16.57 70.79 40.43
CA SER B 65 -13.08 72.28 40.33
CA GLY B 66 -10.95 75.00 41.95
CA SER B 67 -8.70 75.57 44.88
CA GLY B 68 -7.75 78.69 46.77
CA THR B 69 -10.15 81.36 45.67
CA ASP B 70 -11.87 80.36 42.35
CA PHE B 71 -14.21 77.39 42.03
CA THR B 72 -16.35 76.09 39.06
CA LEU B 73 -19.36 73.78 38.99
CA THR B 74 -19.90 72.23 35.48
CA ILE B 75 -23.11 70.48 34.36
CA SER B 76 -21.87 68.71 31.26
CA SER B 77 -25.20 67.95 29.50
CA LEU B 78 -27.99 70.08 30.94
CA GLN B 79 -31.20 68.14 31.47
CA PRO B 80 -34.85 69.61 32.27
CA GLU B 81 -34.66 68.33 35.80
CA ASP B 82 -31.61 70.55 36.36
CA PHE B 83 -33.76 73.70 36.70
CA ALA B 84 -32.81 75.02 40.15
CA ILE B 85 -30.89 77.70 42.06
CA TYR B 86 -27.28 76.56 42.75
CA TYR B 87 -25.26 77.82 45.87
CA CYS B 88 -21.68 77.52 46.94
CA GLN B 89 -20.80 77.61 50.64
CA GLN B 90 -17.31 77.90 52.33
CA PHE B 91 -16.44 76.04 55.57
CA ASN B 92 -12.90 77.19 56.05
CA SER B 93 -13.87 79.96 58.49
CA TYR B 94 -16.71 80.85 60.83
CA PRO B 95 -19.31 82.41 60.03
CA LEU B 96 -19.89 79.79 57.40
CA THR B 97 -21.10 81.71 54.33
CA PHE B 98 -23.10 81.11 51.16
CA GLY B 99 -22.88 82.66 47.78
CA GLY B 100 -25.84 84.53 46.29
CA GLY B 101 -27.18 81.86 43.84
CA THR B 102 -27.18 81.11 40.13
CA LYS B 103 -30.68 80.35 38.81
CA VAL B 104 -30.54 78.01 35.80
CA GLU B 105 -33.66 78.08 33.55
CA ILE B 106 -34.06 75.64 30.56
CA LYS B 107 -34.47 77.02 26.96
CA ARG B 108 -36.86 75.07 24.70
CA THR B 109 -39.25 75.45 21.71
CA VAL B 110 -42.36 77.70 21.93
CA ALA B 111 -45.47 76.07 23.25
CA ALA B 112 -48.81 77.80 23.00
CA PRO B 113 -50.99 77.79 26.07
CA SER B 114 -54.26 75.96 26.70
CA VAL B 115 -56.66 78.60 28.04
CA PHE B 116 -59.51 77.99 30.49
CA ILE B 117 -61.90 80.40 32.23
CA PHE B 118 -63.89 79.69 35.41
CA PRO B 119 -66.97 81.61 36.73
CA PRO B 120 -67.42 82.47 40.50
CA SER B 121 -68.82 79.54 42.46
CA ASP B 122 -72.22 79.82 44.11
CA GLU B 123 -71.10 79.82 47.69
CA GLN B 124 -68.55 82.41 46.83
CA LEU B 125 -71.25 84.85 45.56
CA LYS B 126 -73.05 84.04 48.88
CA SER B 127 -70.18 85.91 50.69
CA GLY B 128 -70.72 89.01 48.56
CA THR B 129 -67.50 88.52 46.33
CA ALA B 130 -66.82 87.05 42.93
CA SER B 131 -63.43 85.76 41.70
CA VAL B 132 -63.17 84.91 38.00
CA VAL B 133 -60.08 82.81 37.05
CA CYS B 134 -58.41 82.48 33.64
CA LEU B 135 -55.84 79.64 33.29
CA LEU B 136 -53.08 79.49 30.69
CA ASN B 137 -51.67 75.99 30.98
CA ASN B 138 -48.30 74.74 29.84
CA PHE B 139 -46.52 77.25 27.69
CA TYR B 140 -43.04 78.41 26.72
CA PRO B 141 -41.55 81.23 26.79
CA ARG B 142 -42.93 82.70 30.04
CA GLU B 143 -44.06 86.03 28.58
CA ALA B 144 -47.83 86.19 27.88
CA LYS B 145 -50.48 88.94 28.26
CA VAL B 146 -53.96 88.40 29.80
CA GLN B 147 -56.59 91.08 29.27
CA TRP B 148 -59.99 91.04 30.96
CA LYS B 149 -63.00 92.56 29.24
CA VAL B 150 -66.39 92.73 30.99
CA ASP B 151 -69.25 93.79 28.63
CA ASN B 152 -66.96 93.54 25.66
CA ALA B 153 -64.17 96.17 25.42
CA LEU B 154 -64.80 97.53 28.92
CA GLN B 155 -61.48 95.96 29.62
CA SER B 156 -60.35 96.23 33.17
CA GLY B 157 -57.37 96.94 35.58
CA ASN B 158 -58.30 94.95 38.89
CA SER B 159 -56.67 91.49 38.42
CA GLN B 160 -53.72 89.63 39.97
CA GLU B 161 -51.45 87.00 38.35
CA SER B 162 -49.43 84.01 39.51
CA VAL B 163 -46.94 81.99 37.39
CA THR B 164 -45.56 78.64 38.42
CA GLU B 165 -41.79 77.82 38.23
CA GLN B 166 -40.47 75.80 35.25
CA ASP B 167 -41.64 72.22 35.15
CA SER B 168 -38.77 69.74 35.49
CA LYS B 169 -40.31 67.41 32.95
CA ASP B 170 -41.31 69.61 29.98
CA SER B 171 -39.89 73.08 30.83
CA THR B 172 -43.20 74.97 30.68
CA TYR B 173 -44.95 77.53 32.88
CA SER B 174 -48.62 77.83 33.74
CA LEU B 175 -50.29 81.11 34.80
CA SER B 176 -53.53 82.25 36.52
CA SER B 177 -55.17 85.61 36.41
CA THR B 178 -57.86 86.27 39.04
CA LEU B 179 -60.29 89.09 38.47
CA THR B 180 -62.06 90.03 41.70
CA LEU B 181 -65.20 92.10 41.90
CA SER B 182 -68.02 92.40 44.41
CA LYS B 183 -71.27 90.28 44.03
CA ALA B 184 -73.08 93.53 43.01
CA ASP B 185 -70.44 94.47 40.42
CA TYR B 186 -70.54 91.00 38.93
CA GLU B 187 -74.42 91.11 38.94
CA LYS B 188 -74.52 93.96 36.56
CA HIS B 189 -72.46 92.73 33.67
CA LYS B 190 -73.02 89.62 31.49
CA VAL B 191 -70.06 88.84 29.10
CA TYR B 192 -66.86 88.08 31.03
CA ALA B 193 -63.82 87.38 28.85
CA CYS B 194 -60.13 86.51 29.09
CA GLU B 195 -58.02 87.51 26.04
CA VAL B 196 -54.57 85.92 25.70
CA THR B 197 -51.52 86.94 23.72
CA HIS B 198 -48.45 84.70 23.54
CA GLN B 199 -45.88 83.88 20.81
CA GLY B 200 -47.10 80.32 20.05
CA LEU B 201 -50.65 81.40 19.17
CA SER B 202 -51.45 82.68 15.65
CA SER B 203 -54.19 84.98 16.93
CA PRO B 204 -55.12 86.34 20.42
CA VAL B 205 -57.37 83.79 22.14
CA THR B 206 -60.60 84.66 24.01
CA LYS B 207 -62.51 82.50 26.47
CA SER B 208 -65.78 84.08 27.55
CA PHE B 209 -68.89 83.14 29.44
CA ASN B 210 -72.28 84.66 30.04
CA ARG B 211 -73.44 85.45 33.59
CA GLY B 212 -76.26 82.90 33.87
CA GLU B 213 -74.43 79.55 33.12
CA CYS B 214 -76.13 76.07 32.90
CA GLN C 1 -59.97 90.24 -66.61
CA VAL C 2 -61.42 93.41 -65.00
CA LYS C 3 -63.57 90.61 -63.62
CA LEU C 4 -64.84 87.99 -66.19
CA LEU C 5 -68.60 88.68 -66.03
CA GLU C 6 -69.22 92.18 -64.47
CA GLN C 7 -72.54 93.86 -63.68
CA SER C 8 -73.95 97.42 -63.45
CA GLY C 9 -74.38 98.56 -59.79
CA ALA C 10 -77.51 99.14 -57.77
CA GLU C 11 -80.48 100.69 -57.95
CA VAL C 12 -83.58 102.05 -56.38
CA LYS C 13 -86.65 102.17 -58.59
CA LYS C 14 -90.17 103.35 -57.70
CA PRO C 15 -92.99 100.67 -57.81
CA GLY C 16 -94.40 100.62 -61.40
CA ALA C 17 -91.06 101.63 -63.02
CA SER C 18 -88.67 99.46 -65.08
CA VAL C 19 -85.02 98.54 -64.34
CA LYS C 20 -82.30 97.61 -66.86
CA VAL C 21 -79.38 95.52 -65.53
CA SER C 22 -76.26 94.94 -67.69
CA CYS C 23 -73.62 92.20 -67.68
CA LYS C 24 -70.32 92.83 -69.57
CA ALA C 25 -68.32 89.67 -70.52
CA SER C 26 -64.47 90.08 -70.64
CA GLY C 27 -61.65 87.51 -71.36
CA TYR C 28 -63.67 84.77 -73.18
CA SER C 29 -65.38 84.67 -76.65
CA PHE C 30 -68.80 86.29 -75.88
CA THR C 31 -70.81 84.73 -78.81
CA SER C 32 -69.72 81.10 -78.02
CA TYR C 33 -71.81 80.84 -74.77
CA GLY C 34 -75.28 81.62 -73.42
CA LEU C 35 -75.93 83.78 -70.33
CA HIS C 36 -78.49 82.88 -67.65
CA TRP C 37 -80.25 85.46 -65.36
CA VAL C 38 -81.02 84.48 -61.74
CA ARG C 39 -82.32 86.48 -58.75
CA GLN C 40 -82.20 86.10 -54.96
CA ALA C 41 -84.82 87.97 -52.88
CA PRO C 42 -83.79 88.59 -49.19
CA GLY C 43 -83.79 85.34 -47.13
CA GLN C 44 -84.98 83.34 -50.16
CA ARG C 45 -83.67 80.73 -52.57
CA LEU C 46 -82.23 81.57 -55.99
CA GLU C 47 -84.87 81.84 -58.73
CA TRP C 48 -84.06 81.28 -62.41
CA MET C 49 -85.56 84.06 -64.65
CA GLY C 50 -84.27 83.40 -68.19
CA TRP C 51 -81.40 82.77 -70.65
CA ILE C 52 -80.04 84.44 -73.83
CA SER C 53 -77.78 82.89 -76.53
CA ALA C 54 -75.07 85.58 -77.22
CA GLY C 55 -74.57 84.20 -80.80
CA THR C 56 -78.22 84.12 -82.10
CA GLY C 57 -79.95 86.55 -79.63
CA ASN C 58 -82.54 83.77 -78.88
CA THR C 59 -84.39 83.85 -75.65
CA LYS C 60 -85.88 81.51 -73.05
CA TYR C 61 -87.62 82.59 -69.86
CA SER C 62 -89.55 81.57 -66.75
CA GLN C 63 -93.33 81.98 -67.25
CA LYS C 64 -93.42 83.52 -63.71
CA PHE C 65 -92.07 86.68 -65.54
CA ARG C 66 -94.36 86.27 -68.64
CA GLY C 67 -95.02 89.65 -70.28
CA ARG C 68 -92.60 91.74 -68.11
CA VAL C 69 -89.00 90.45 -68.68
CA THR C 70 -86.83 91.22 -71.80
CA PHE C 71 -83.30 89.90 -72.66
CA THR C 72 -80.99 91.72 -75.12
CA ARG C 73 -77.28 91.40 -76.09
CA ASP C 74 -75.02 94.04 -77.68
CA THR C 75 -72.63 91.66 -79.45
CA SER C 76 -70.09 94.48 -80.36
CA ALA C 77 -69.87 95.89 -76.75
CA THR C 78 -69.98 92.26 -75.47
CA THR C 79 -72.74 93.10 -72.96
CA ALA C 80 -76.05 91.35 -72.22
CA TYR C 81 -79.00 93.12 -70.52
CA MET C 82 -82.16 92.13 -68.73
CA GLY C 83 -85.10 94.56 -68.64
CA LEU C 84 -87.70 94.05 -65.84
CA SER C 85 -90.94 96.10 -66.18
CA SER C 86 -93.86 96.90 -63.81
CA LEU C 87 -91.69 96.72 -60.67
CA ARG C 88 -93.39 95.57 -57.46
CA PRO C 89 -91.84 95.77 -53.92
CA GLU C 90 -91.21 91.94 -54.06
CA ASP C 91 -88.76 92.48 -56.99
CA THR C 92 -86.27 93.83 -54.34
CA ALA C 93 -83.52 91.22 -54.86
CA VAL C 94 -79.93 90.69 -56.06
CA TYR C 95 -79.92 90.04 -59.86
CA TYR C 96 -77.07 87.84 -61.13
CA CYS C 97 -76.07 86.98 -64.65
CA ALA C 98 -74.25 83.60 -64.86
CA ARG C 99 -72.60 81.76 -67.75
CA ASP C 100 -73.96 78.68 -69.59
CA PRO C 101 -70.69 76.69 -70.34
CA TYR C 102 -72.24 75.01 -73.45
CA GLY C 103 -74.55 77.59 -75.18
CA GLY C 104 -77.67 75.30 -75.12
CA GLY C 105 -79.86 76.88 -72.36
CA LYS C 106 -80.06 74.00 -69.85
CA SER C 107 -76.88 73.78 -67.80
CA GLU C 108 -75.12 74.31 -64.48
CA PHE C 109 -73.62 77.88 -64.32
CA ASP C 110 -69.76 77.98 -64.15
CA TYR C 111 -69.07 81.81 -63.88
CA TRP C 112 -71.33 84.24 -62.03
CA GLY C 113 -71.45 88.03 -62.18
CA GLN C 114 -71.24 89.83 -58.80
CA GLY C 115 -74.94 90.80 -58.46
CA THR C 116 -76.82 94.12 -58.64
CA LEU C 117 -79.27 94.86 -55.87
CA VAL C 118 -82.44 96.51 -57.22
CA THR C 119 -84.55 97.95 -54.41
CA VAL C 120 -88.17 98.83 -55.29
CA SER C 121 -89.34 101.76 -53.05
CA SER C 122 -91.22 105.11 -52.67
CA ALA C 123 -90.24 105.60 -48.94
CA SER C 124 -87.70 108.13 -50.14
CA PRO C 125 -84.05 107.33 -51.10
CA THR C 126 -81.53 108.95 -48.65
CA SER C 127 -77.68 108.98 -48.96
CA PRO C 128 -75.54 107.95 -45.89
CA LYS C 129 -73.85 110.55 -43.64
CA VAL C 130 -70.44 109.18 -42.63
CA PHE C 131 -69.10 109.99 -39.11
CA PRO C 132 -65.71 109.14 -37.50
CA LEU C 133 -65.47 106.78 -34.51
CA SER C 134 -62.14 107.60 -32.74
CA LEU C 135 -60.79 107.82 -29.12
CA CYS C 136 -58.12 110.23 -27.75
CA SER C 137 -56.61 108.41 -24.64
CA THR C 138 -59.94 106.55 -23.92
CA GLN C 139 -58.83 103.21 -25.58
CA PRO C 140 -56.55 100.65 -23.73
CA ASP C 141 -52.70 101.11 -24.10
CA GLY C 142 -51.58 98.60 -26.83
CA ASN C 143 -54.28 98.15 -29.55
CA VAL C 144 -56.34 100.81 -31.45
CA VAL C 145 -60.04 100.56 -32.57
CA ILE C 146 -61.23 103.22 -35.06
CA ALA C 147 -64.38 103.13 -37.15
CA CYS C 148 -66.83 104.85 -39.54
CA LEU C 149 -70.55 105.14 -38.68
CA VAL C 150 -72.48 105.03 -42.06
CA GLN C 151 -75.73 106.64 -40.88
CA GLY C 152 -79.32 107.27 -42.08
CA PHE C 153 -79.49 105.73 -45.56
CA PHE C 154 -82.29 104.09 -47.63
CA PRO C 155 -82.57 101.69 -49.29
CA GLN C 156 -80.01 99.08 -47.92
CA GLU C 157 -78.21 98.30 -51.29
CA PRO C 158 -74.57 96.95 -51.55
CA LEU C 159 -72.26 99.03 -49.31
CA SER C 160 -68.53 98.67 -50.26
CA VAL C 161 -66.35 99.73 -47.26
CA THR C 162 -62.56 99.71 -47.75
CA TRP C 163 -59.86 101.08 -45.32
CA SER C 164 -56.50 102.75 -46.40
CA GLU C 165 -54.36 100.41 -44.15
CA SER C 166 -54.21 96.57 -44.67
CA GLY C 167 -51.93 93.90 -43.03
CA GLN C 168 -51.49 90.72 -40.90
CA GLY C 169 -52.67 92.13 -37.50
CA VAL C 170 -55.09 94.79 -38.93
CA THR C 171 -58.68 93.36 -38.74
CA ALA C 172 -61.67 94.94 -40.57
CA ARG C 173 -65.22 94.17 -39.30
CA ASN C 174 -68.15 95.32 -41.52
CA PHE C 175 -71.34 95.19 -39.35
CA PRO C 176 -74.55 94.27 -41.37
CA PRO C 177 -77.22 97.05 -41.90
CA SER C 178 -79.62 97.57 -38.93
CA GLN C 179 -83.05 99.14 -39.65
CA ASP C 180 -84.56 101.97 -37.44
CA ALA C 181 -88.39 101.54 -36.84
CA SER C 182 -90.76 100.69 -39.82
CA GLY C 183 -88.34 100.97 -42.82
CA ASP C 184 -87.42 104.63 -41.93
CA LEU C 185 -83.54 104.64 -42.06
CA TYR C 186 -80.69 102.01 -42.16
CA THR C 187 -77.36 102.40 -40.20
CA THR C 188 -74.14 100.26 -40.56
CA SER C 189 -70.75 100.62 -38.77
CA SER C 190 -67.32 99.59 -40.25
CA GLN C 191 -64.57 98.96 -37.60
CA LEU C 192 -60.74 98.73 -38.08
CA THR C 193 -58.82 97.06 -35.16
CA LEU C 194 -54.96 97.47 -35.50
CA PRO C 195 -51.86 97.59 -33.16
CA ALA C 196 -51.11 101.03 -31.52
CA THR C 197 -47.57 100.98 -33.13
CA GLN C 198 -49.36 100.84 -36.58
CA CYS C 199 -51.80 103.72 -35.68
CA LEU C 200 -49.73 106.43 -33.81
CA ALA C 201 -51.14 109.74 -32.33
CA GLY C 202 -51.39 112.56 -34.97
CA LYS C 203 -51.76 110.03 -37.88
CA SER C 204 -55.05 109.02 -39.68
CA VAL C 205 -56.57 106.05 -41.64
CA THR C 206 -59.02 106.72 -44.54
CA CYS C 207 -62.37 104.84 -44.75
CA HIS C 208 -63.75 104.64 -48.35
CA VAL C 209 -67.56 104.04 -48.54
CA LYS C 210 -69.35 103.21 -51.82
CA HIS C 211 -73.19 103.08 -51.61
CA TYR C 212 -74.56 101.34 -54.90
CA THR C 213 -73.23 102.89 -58.17
CA ASN C 214 -72.87 106.34 -56.46
CA PRO C 215 -69.43 108.14 -56.15
CA SER C 216 -67.12 107.05 -53.26
CA GLN C 217 -67.52 108.98 -49.94
CA ASP C 218 -64.14 109.23 -48.12
CA VAL C 219 -63.47 110.09 -44.42
CA THR C 220 -60.05 110.56 -42.78
CA VAL C 221 -60.39 108.92 -39.30
CA PRO C 222 -57.76 109.81 -36.57
CA CYS C 223 -57.83 109.55 -34.64
CA PRO C 224 -57.91 109.26 -32.71
CA VAL C 225 -56.67 107.01 -30.91
CA PRO C 226 -55.45 103.01 -31.13
CA SER C 227 -55.61 100.29 -28.25
CA THR C 228 -54.41 96.66 -28.44
CA PRO C 229 -55.97 93.90 -26.53
CA PRO C 230 -54.79 91.04 -27.07
CA THR C 231 -52.04 90.31 -24.09
CA PRO C 232 -49.04 88.09 -23.04
CA SER C 233 -50.03 85.17 -20.84
CA PRO C 234 -46.88 83.17 -19.34
CA SER C 235 -47.86 79.61 -17.63
CA THR C 236 -45.06 77.02 -16.62
CA PRO C 237 -45.49 74.84 -13.28
CA PRO C 238 -42.98 72.92 -10.99
CA THR C 239 -43.13 68.93 -11.45
CA PRO C 240 -41.33 65.89 -9.67
CA SER C 241 -39.82 62.77 -11.46
CA PRO C 242 -39.03 60.53 -8.30
CA SER C 243 -35.53 59.08 -7.51
CA CYS C 244 -34.98 55.42 -5.93
CA CYS C 245 -32.13 52.61 -5.15
CA HIS C 246 -32.93 48.78 -5.02
CA PRO C 247 -31.16 46.99 -2.08
CA ARG C 248 -28.83 44.28 -3.60
CA LEU C 249 -25.31 43.40 -2.17
CA SER C 250 -22.81 41.97 -4.76
CA LEU C 251 -19.14 40.82 -4.39
CA HIS C 252 -17.02 40.88 -7.62
CA ARG C 253 -13.79 38.74 -7.22
CA PRO C 254 -10.19 39.71 -8.35
CA ALA C 255 -9.11 38.70 -11.96
CA LEU C 256 -6.72 35.67 -12.43
CA GLU C 257 -4.22 37.29 -14.91
CA ASP C 258 -3.69 40.53 -12.81
CA LEU C 259 -3.20 38.70 -9.43
CA LEU C 260 -0.67 36.23 -11.03
CA LEU C 261 1.31 38.80 -13.16
CA GLY C 262 2.59 41.37 -10.57
CA SER C 263 0.32 40.78 -7.44
CA GLU C 264 -2.59 43.08 -8.56
CA ALA C 265 -5.89 41.91 -6.93
CA ASN C 266 -8.91 43.95 -5.67
CA LEU C 267 -12.01 42.33 -4.11
CA THR C 268 -14.87 44.70 -4.92
CA CYS C 269 -18.01 45.27 -2.81
CA THR C 270 -21.08 46.78 -4.53
CA LEU C 271 -24.34 47.81 -2.71
CA THR C 272 -27.10 48.23 -5.34
CA GLY C 273 -30.70 49.12 -4.21
CA LEU C 274 -30.22 51.59 -1.26
CA ARG C 275 -33.36 53.90 -1.59
CA ASP C 276 -33.57 57.78 -1.15
CA ALA C 277 -31.87 59.85 1.72
CA SER C 278 -29.27 57.22 2.65
CA GLY C 279 -25.63 56.09 3.38
CA VAL C 280 -23.75 52.71 3.62
CA THR C 281 -21.13 51.72 6.29
CA PHE C 282 -18.56 49.09 5.22
CA THR C 283 -16.62 46.59 7.47
CA TRP C 284 -13.88 44.60 5.57
CA THR C 285 -11.67 41.82 7.12
CA PRO C 286 -7.88 42.56 6.64
CA SER C 287 -5.70 40.49 4.19
CA SER C 288 -3.12 38.03 5.74
CA GLY C 289 -0.14 40.48 6.22
CA LYS C 290 -2.22 42.79 8.56
CA SER C 291 -3.66 44.98 5.70
CA ALA C 292 -7.13 46.70 5.47
CA VAL C 293 -7.42 49.64 2.95
CA GLN C 294 -10.78 50.94 1.45
CA GLY C 295 -12.29 53.76 -0.80
CA PRO C 296 -16.16 54.07 -0.82
CA PRO C 297 -17.97 56.60 -3.19
CA GLU C 298 -21.83 56.89 -3.50
CA ARG C 299 -23.01 56.63 -7.15
CA ASP C 300 -26.72 57.08 -8.19
CA LEU C 301 -27.33 54.24 -10.78
CA CYS C 302 -30.78 53.88 -12.58
CA GLY C 303 -32.29 56.36 -10.06
CA CYS C 304 -30.85 55.14 -6.66
CA TYR C 305 -27.53 55.13 -4.60
CA SER C 306 -24.75 52.44 -4.85
CA VAL C 307 -21.87 52.39 -2.24
CA SER C 308 -19.08 50.62 -4.15
CA SER C 309 -16.04 50.08 -1.92
CA VAL C 310 -12.78 48.28 -2.96
CA LEU C 311 -10.16 46.39 -0.87
CA PRO C 312 -6.69 46.06 -2.61
CA GLY C 313 -5.03 42.62 -2.00
CA CYS C 314 -1.75 40.70 -2.49
CA ALA C 315 -1.27 37.34 -4.37
CA GLU C 316 -0.26 35.27 -1.22
CA PRO C 317 -3.62 35.56 0.77
CA TRP C 318 -5.60 34.63 -2.44
CA ASN C 319 -3.20 31.70 -3.42
CA HIS C 320 -2.76 30.23 0.16
CA GLY C 321 -6.47 30.45 1.33
CA LYS C 322 -7.90 33.66 2.93
CA THR C 323 -11.65 34.50 3.54
CA PHE C 324 -12.56 38.11 2.55
CA THR C 325 -15.69 39.39 4.33
CA CYS C 326 -17.50 42.59 3.27
CA THR C 327 -20.03 43.36 6.04
CA ALA C 328 -22.27 46.33 5.25
CA ALA C 329 -24.56 48.11 7.84
CA TYR C 330 -27.59 50.44 7.04
CA PRO C 331 -30.64 51.32 9.35
CA GLU C 332 -33.39 50.23 6.83
CA SER C 333 -31.49 46.85 6.42
CA LYS C 334 -32.46 45.34 9.87
CA THR C 335 -29.81 42.54 9.51
CA PRO C 336 -26.38 44.04 8.42
CA LEU C 337 -25.34 42.05 5.27
CA THR C 338 -22.19 39.95 5.42
CA ALA C 339 -20.73 38.48 2.14
CA THR C 340 -17.52 36.35 2.34
CA LEU C 341 -15.25 35.25 -0.53
CA SER C 342 -12.08 33.01 -0.93
CA LYS C 343 -10.36 30.31 -3.14
CA SER C 344 -12.15 27.04 -4.25
CA GLY C 345 -12.17 23.35 -3.08
CA ASN C 346 -9.62 20.69 -1.90
CA THR C 347 -6.21 20.37 -3.76
CA PHE C 348 -4.98 17.72 -6.34
CA ARG C 349 -1.40 17.32 -7.84
CA PRO C 350 -1.21 18.05 -11.66
CA GLU C 351 -0.06 15.13 -13.84
CA VAL C 352 2.20 16.72 -16.57
CA HIS C 353 2.82 14.61 -19.75
CA LEU C 354 4.75 16.14 -22.72
CA LEU C 355 3.62 14.94 -26.19
CA PRO C 356 5.87 15.19 -29.33
CA PRO C 357 4.31 16.14 -32.74
CA PRO C 358 2.31 13.68 -34.90
CA SER C 359 4.17 12.00 -37.85
CA GLU C 360 1.89 13.83 -40.39
CA GLU C 361 2.72 17.32 -38.87
CA LEU C 362 6.41 16.71 -39.87
CA ALA C 363 5.13 17.11 -43.49
CA LEU C 364 4.53 20.76 -42.32
CA ASN C 365 7.40 23.35 -41.90
CA GLU C 366 7.25 26.76 -40.02
CA LEU C 367 5.57 25.47 -36.78
CA VAL C 368 5.94 22.01 -35.08
CA THR C 369 3.25 21.47 -32.50
CA LEU C 370 4.87 20.59 -29.10
CA THR C 371 2.06 19.74 -26.66
CA CYS C 372 2.02 19.37 -22.85
CA LEU C 373 -1.08 17.96 -21.09
CA ALA C 374 -1.62 19.08 -17.45
CA ARG C 375 -4.46 16.85 -16.10
CA GLY C 376 -6.23 15.83 -12.85
CA PHE C 377 -5.42 19.14 -11.05
CA SER C 378 -7.45 21.26 -8.52
CA PRO C 379 -8.14 24.03 -7.91
CA LYS C 380 -8.11 25.47 -11.51
CA ASP C 381 -5.43 27.91 -10.38
CA VAL C 382 -2.24 27.06 -12.39
CA LEU C 383 0.64 28.65 -14.43
CA VAL C 384 2.17 26.85 -17.41
CA ARG C 385 5.24 28.22 -19.32
CA TRP C 386 7.71 26.86 -21.93
CA LEU C 387 11.54 26.97 -22.05
CA GLN C 388 14.18 26.36 -24.76
CA GLY C 389 17.20 24.19 -23.67
CA SER C 390 19.26 25.08 -26.83
CA GLN C 391 19.51 28.86 -25.98
CA GLU C 392 18.94 28.61 -22.14
CA LEU C 393 15.95 31.02 -22.51
CA PRO C 394 12.12 31.23 -22.14
CA ARG C 395 10.08 30.73 -25.36
CA GLU C 396 7.57 32.96 -27.21
CA LYS C 397 5.35 31.08 -29.70
CA TYR C 398 3.07 29.22 -27.26
CA LEU C 399 -0.66 29.28 -26.39
CA THR C 400 -2.52 27.67 -23.38
CA TRP C 401 -6.28 26.75 -23.47
CA ALA C 402 -8.71 25.59 -20.62
CA SER C 403 -11.08 22.74 -19.43
CA ARG C 404 -12.86 22.41 -15.99
CA GLN C 405 -14.27 18.81 -15.84
CA GLU C 406 -17.70 18.43 -14.05
CA PRO C 407 -20.40 15.80 -15.01
CA SER C 408 -23.41 14.55 -12.88
CA GLN C 409 -21.10 12.39 -10.63
CA GLY C 410 -18.62 13.21 -7.79
CA THR C 411 -15.67 13.34 -10.30
CA THR C 412 -14.58 17.05 -10.68
CA THR C 413 -10.89 18.08 -11.47
CA PHE C 414 -9.36 20.20 -14.37
CA ALA C 415 -7.31 19.59 -17.55
CA VAL C 416 -5.45 21.96 -19.95
CA THR C 417 -3.28 21.52 -23.06
CA SER C 418 -0.44 23.99 -23.83
CA ILE C 419 0.82 24.33 -27.44
CA LEU C 420 4.45 25.44 -28.20
CA ARG C 421 4.91 25.92 -31.95
CA VAL C 422 8.55 25.53 -33.29
CA ALA C 423 10.42 25.35 -36.64
CA ALA C 424 10.57 21.67 -37.89
CA GLU C 425 14.42 22.00 -38.06
CA ASP C 426 15.15 22.88 -34.33
CA TRP C 427 13.16 19.83 -33.09
CA LYS C 428 15.28 17.68 -35.56
CA LYS C 429 18.51 19.51 -34.45
CA GLY C 430 17.85 17.58 -31.17
CA ASP C 431 16.69 20.51 -29.01
CA THR C 432 15.19 19.94 -25.54
CA PHE C 433 12.02 22.00 -24.85
CA SER C 434 10.50 21.94 -21.33
CA CYS C 435 6.97 22.65 -20.11
CA MET C 436 7.11 24.20 -16.58
CA VAL C 437 3.91 23.85 -14.47
CA GLY C 438 3.34 25.81 -11.21
CA HIS C 439 0.49 24.73 -8.93
CA GLU C 440 -0.56 24.76 -5.18
CA ALA C 441 -0.18 20.91 -4.89
CA LEU C 442 3.22 20.50 -6.70
CA PRO C 443 6.26 19.45 -4.51
CA LEU C 444 8.15 22.81 -4.59
CA ALA C 445 5.08 24.56 -6.16
CA PHE C 446 6.93 23.81 -9.43
CA THR C 447 7.51 20.83 -11.77
CA GLN C 448 9.05 20.73 -15.26
CA LYS C 449 8.66 17.88 -17.83
CA THR C 450 10.95 17.81 -20.93
CA ILE C 451 10.57 17.00 -24.71
CA ASP C 452 13.31 16.26 -27.30
CA ARG C 453 13.73 14.35 -30.65
CA LEU C 454 15.89 11.86 -28.57
CA ALA C 455 14.13 8.69 -27.24
CA GLY C 456 16.13 6.16 -25.11
CA LYS C 457 13.94 3.12 -24.25
CA PRO C 458 15.06 2.21 -20.68
CA THR C 459 12.46 4.16 -20.59
CA HIS C 460 11.26 7.83 -20.13
CA VAL C 461 13.89 9.49 -17.76
CA ASN C 462 14.79 13.22 -17.07
CA VAL C 463 17.83 15.72 -17.19
CA SER C 464 20.58 15.87 -14.44
CA VAL C 465 20.94 18.23 -11.32
CA VAL C 466 21.71 21.79 -12.67
CA MET C 467 22.78 24.14 -9.77
CA ALA C 468 23.91 23.69 -6.07
CA GLU C 469 24.05 25.35 -3.36
CA VAL C 470 22.89 29.11 -3.32
CA ASP C 471 19.23 28.30 -2.34
CA GLY C 472 17.79 31.83 -1.57
CA THR C 473 17.81 31.63 2.29
CA CYS C 474 21.57 30.73 2.45
CA TYR C 475 22.80 33.02 -0.48
CA GLN D 1 -37.40 56.88 58.22
CA VAL D 2 -40.53 59.02 58.85
CA LYS D 3 -38.12 61.40 57.15
CA LEU D 4 -34.47 61.39 58.48
CA LEU D 5 -34.30 64.93 59.95
CA GLU D 6 -37.88 66.30 60.49
CA GLN D 7 -38.93 69.73 61.75
CA SER D 8 -41.87 71.29 63.68
CA GLY D 9 -44.26 73.21 61.35
CA ALA D 10 -44.86 76.93 61.01
CA GLU D 11 -45.50 79.63 62.89
CA VAL D 12 -46.62 83.17 63.28
CA LYS D 13 -45.15 85.09 66.18
CA LYS D 14 -45.74 88.72 67.20
CA PRO D 15 -42.68 91.12 67.00
CA GLY D 16 -40.87 90.94 70.40
CA ALA D 17 -41.87 87.29 71.06
CA SER D 18 -39.66 84.17 70.95
CA VAL D 19 -39.98 81.09 68.67
CA LYS D 20 -38.75 77.54 69.38
CA VAL D 21 -38.10 75.31 66.34
CA SER D 22 -37.43 71.54 66.79
CA CYS D 23 -35.61 69.02 64.62
CA LYS D 24 -36.15 65.27 65.34
CA ALA D 25 -33.43 62.89 63.99
CA SER D 26 -34.61 59.35 62.97
CA GLY D 27 -32.69 56.36 61.42
CA TYR D 28 -29.07 57.33 62.34
CA SER D 29 -27.19 57.47 65.72
CA PHE D 30 -28.15 60.99 66.99
CA THR D 31 -25.14 61.56 69.37
CA SER D 32 -22.48 60.70 66.66
CA TYR D 33 -23.08 63.92 64.58
CA GLY D 34 -23.53 67.67 65.01
CA LEU D 35 -26.54 69.63 63.69
CA HIS D 36 -26.24 73.01 61.94
CA TRP D 37 -29.05 75.67 61.86
CA VAL D 38 -29.48 77.79 58.69
CA ARG D 39 -32.16 80.28 57.62
CA GLN D 40 -33.38 81.69 54.29
CA ALA D 41 -35.28 85.02 54.33
CA PRO D 42 -37.56 85.61 51.25
CA GLY D 43 -35.51 86.28 48.06
CA GLN D 44 -32.25 86.05 50.02
CA ARG D 45 -29.26 83.74 50.34
CA LEU D 46 -28.95 81.08 53.05
CA GLU D 47 -27.49 82.40 56.32
CA TRP D 48 -25.68 80.13 58.81
CA MET D 49 -26.89 80.73 62.43
CA GLY D 50 -25.17 78.09 64.60
CA TRP D 51 -24.28 74.45 65.35
CA ILE D 52 -24.78 72.00 68.26
CA SER D 53 -22.83 68.76 69.00
CA ALA D 54 -25.56 66.13 69.89
CA GLY D 55 -22.99 64.16 72.01
CA THR D 56 -21.58 66.97 74.27
CA GLY D 57 -24.33 69.67 73.96
CA ASN D 58 -21.57 72.19 72.94
CA THR D 59 -22.54 75.19 70.96
CA LYS D 60 -21.17 77.49 68.25
CA TYR D 61 -23.03 80.43 66.72
CA SER D 62 -22.94 83.39 64.35
CA GLN D 63 -22.24 86.66 66.24
CA LYS D 64 -25.01 88.26 64.08
CA PHE D 65 -27.38 86.45 66.58
CA ARG D 66 -25.24 87.26 69.71
CA GLY D 67 -27.42 87.36 72.83
CA ARG D 68 -30.71 86.14 71.20
CA VAL D 69 -30.15 82.56 69.85
CA THR D 70 -30.07 79.35 72.03
CA PHE D 71 -29.34 75.70 70.93
CA THR D 72 -30.49 72.70 73.00
CA ARG D 73 -30.67 68.91 72.39
CA ASP D 74 -32.88 66.33 74.15
CA THR D 75 -30.59 63.30 73.70
CA SER D 76 -33.30 60.76 74.88
CA ALA D 77 -36.06 62.10 72.49
CA THR D 78 -33.34 62.53 69.81
CA THR D 79 -34.47 66.11 69.06
CA ALA D 80 -32.45 69.35 68.78
CA TYR D 81 -34.04 72.81 69.21
CA MET D 82 -33.18 76.37 68.35
CA GLY D 83 -34.69 79.22 70.39
CA LEU D 84 -34.78 82.70 68.75
CA SER D 85 -35.72 85.62 71.06
CA SER D 86 -36.72 89.28 70.48
CA LEU D 87 -38.32 88.57 67.09
CA ARG D 88 -38.21 91.37 64.50
CA PRO D 89 -40.18 91.39 61.15
CA GLU D 90 -36.87 90.57 59.29
CA ASP D 91 -36.72 87.17 61.12
CA THR D 92 -39.56 86.04 58.73
CA ALA D 93 -37.66 83.20 57.03
CA VAL D 94 -37.53 79.41 56.54
CA TYR D 95 -35.41 77.82 59.36
CA TYR D 96 -33.61 74.60 58.41
CA CYS D 97 -31.64 72.22 60.55
CA ALA D 98 -28.99 70.30 58.56
CA ARG D 99 -26.55 67.53 59.52
CA ASP D 100 -22.78 67.88 60.08
CA PRO D 101 -21.46 64.49 58.66
CA TYR D 102 -18.36 64.55 60.97
CA GLY D 103 -19.42 66.10 64.36
CA GLY D 104 -16.70 68.85 64.30
CA GLY D 105 -18.72 72.04 63.51
CA LYS D 106 -17.14 73.11 60.19
CA SER D 107 -18.50 71.02 57.33
CA GLU D 108 -20.70 70.79 54.25
CA PHE D 109 -24.28 69.65 55.26
CA ASP D 110 -25.32 66.21 53.86
CA TYR D 111 -28.97 65.88 55.17
CA TRP D 112 -31.36 68.81 55.54
CA GLY D 113 -34.62 69.05 57.46
CA GLN D 114 -37.64 70.32 55.44
CA GLY D 115 -37.79 73.88 56.86
CA THR D 116 -40.22 75.69 59.18
CA LEU D 117 -41.44 79.09 58.09
CA VAL D 118 -41.63 81.51 61.02
CA THR D 119 -43.57 84.64 60.10
CA VAL D 120 -43.17 87.65 62.45
CA SER D 121 -46.41 89.76 62.37
CA SER D 122 -49.10 91.81 64.24
CA ALA D 123 -51.27 92.44 61.07
CA SER D 124 -53.59 89.77 62.36
CA PRO D 125 -53.32 86.00 61.54
CA THR D 126 -56.33 84.78 59.43
CA SER D 127 -57.11 81.14 58.38
CA PRO D 128 -57.93 80.37 54.66
CA LYS D 129 -61.52 79.88 53.45
CA VAL D 130 -61.49 77.10 50.82
CA PHE D 131 -63.94 77.34 47.87
CA PRO D 132 -64.61 74.86 45.01
CA LEU D 133 -63.79 75.74 41.38
CA SER D 134 -65.98 73.46 39.18
CA LEU D 135 -67.95 73.71 35.86
CA CYS D 136 -71.25 71.95 34.94
CA SER D 137 -71.24 71.73 31.04
CA THR D 138 -69.12 74.97 30.72
CA GLN D 139 -65.74 73.12 30.16
CA PRO D 140 -64.74 71.66 26.70
CA ASP D 141 -65.87 68.02 25.90
CA GLY D 142 -62.80 65.76 26.61
CA ASN D 143 -60.70 67.11 29.55
CA VAL D 144 -61.81 68.35 33.02
CA VAL D 145 -60.30 71.25 35.09
CA ILE D 146 -61.37 71.47 38.76
CA ALA D 147 -59.73 73.49 41.50
CA CYS D 148 -59.73 74.85 45.08
CA LEU D 149 -59.49 78.61 45.78
CA VAL D 150 -57.59 78.98 49.15
CA GLN D 151 -58.75 82.52 50.02
CA GLY D 152 -58.01 85.34 52.51
CA PHE D 153 -55.19 84.01 54.72
CA PHE D 154 -52.26 85.64 56.60
CA PRO D 155 -49.40 85.10 56.95
CA GLN D 156 -48.24 83.20 53.76
CA GLU D 157 -46.58 80.15 55.56
CA PRO D 158 -46.11 76.65 53.91
CA LEU D 159 -49.38 75.56 52.25
CA SER D 160 -49.53 71.74 51.59
CA VAL D 161 -52.18 71.03 48.90
CA THR D 162 -52.83 67.37 47.99
CA TRP D 163 -55.64 65.95 45.73
CA SER D 164 -57.45 62.53 46.23
CA GLU D 165 -56.77 61.38 42.59
CA SER D 166 -53.19 60.84 41.19
CA GLY D 167 -52.01 59.28 37.86
CA GLN D 168 -50.15 59.60 34.48
CA GLY D 169 -52.51 62.12 32.74
CA VAL D 170 -53.73 63.88 35.97
CA THR D 171 -51.72 67.16 36.37
CA ALA D 172 -51.71 69.23 39.60
CA ARG D 173 -50.74 72.94 39.42
CA ASN D 174 -50.18 74.77 42.75
CA PHE D 175 -50.21 78.56 41.99
CA PRO D 176 -47.86 80.63 44.33
CA PRO D 177 -49.49 82.99 46.94
CA SER D 178 -50.61 86.40 45.56
CA GLN D 179 -50.93 89.32 48.03
CA ASP D 180 -53.99 91.74 48.03
CA ALA D 181 -52.98 95.45 48.65
CA SER D 182 -50.48 96.37 51.49
CA GLY D 183 -50.06 92.96 53.27
CA ASP D 184 -53.88 92.66 53.92
CA LEU D 185 -54.71 89.07 52.71
CA TYR D 186 -52.99 86.30 50.61
CA THR D 187 -54.89 84.07 48.06
CA THR D 188 -53.60 80.87 46.28
CA SER D 189 -55.39 78.53 43.82
CA SER D 190 -54.68 74.75 43.40
CA GLN D 191 -55.80 73.28 40.01
CA LEU D 192 -56.28 69.57 39.00
CA THR D 193 -56.42 68.93 35.18
CA LEU D 194 -57.54 65.28 34.35
CA PRO D 195 -59.29 63.40 31.43
CA ALA D 196 -63.17 63.55 31.42
CA THR D 197 -63.28 59.67 31.52
CA GLN D 198 -61.34 59.89 34.89
CA CYS D 199 -63.72 62.63 36.30
CA LEU D 200 -67.34 61.63 35.32
CA ALA D 201 -70.55 63.68 36.10
CA GLY D 202 -71.92 62.99 39.65
CA LYS D 203 -68.42 62.03 41.00
CA SER D 204 -66.05 64.23 43.12
CA VAL D 205 -62.27 64.69 43.88
CA THR D 206 -61.15 65.79 47.40
CA CYS D 207 -58.63 68.66 47.84
CA HIS D 208 -56.68 68.45 51.17
CA VAL D 209 -55.21 71.82 52.33
CA LYS D 210 -52.74 72.08 55.25
CA HIS D 211 -51.84 75.69 56.32
CA TYR D 212 -48.66 75.51 58.68
CA THR D 213 -49.02 73.05 61.62
CA ASN D 214 -52.83 73.57 61.69
CA PRO D 215 -55.34 70.65 61.11
CA SER D 216 -56.07 69.67 57.44
CA GLN D 217 -59.03 71.46 55.75
CA ASP D 218 -60.76 69.13 53.23
CA VAL D 219 -63.16 70.06 50.36
CA THR D 220 -65.02 67.63 48.08
CA VAL D 221 -65.04 69.35 44.62
CA PRO D 222 -67.50 68.11 41.88
CA CYS D 223 -68.02 68.95 40.20
CA PRO D 224 -68.53 69.78 38.51
CA VAL D 225 -67.53 69.28 35.58
CA PRO D 226 -64.18 67.87 33.50
CA SER D 227 -62.90 69.06 29.94
CA THR D 228 -59.89 67.69 28.01
CA PRO D 229 -57.85 69.75 25.71
CA PRO D 230 -55.36 68.32 24.44
CA THR D 231 -56.54 66.98 20.73
CA PRO D 232 -55.67 64.55 17.83
CA SER D 233 -53.75 66.19 15.01
CA PRO D 234 -53.30 63.84 11.80
CA SER D 235 -50.61 65.25 9.09
CA THR D 236 -49.35 62.97 6.12
CA PRO D 237 -48.66 64.61 2.52
CA PRO D 238 -48.46 63.15 -1.09
CA THR D 239 -44.70 62.89 -2.50
CA PRO D 240 -43.14 61.83 -5.96
CA SER D 241 -39.99 59.57 -6.45
CA PRO D 242 -39.46 60.01 -10.34
CA SER D 243 -39.28 57.08 -12.84
CA CYS D 244 -36.80 57.02 -16.01
CA CYS D 245 -35.27 54.60 -18.90
CA HIS D 246 -31.74 55.20 -20.50
CA PRO D 247 -31.73 54.68 -24.34
CA ARG D 248 -29.26 51.80 -25.14
CA LEU D 249 -29.86 49.13 -27.89
CA SER D 250 -28.10 45.72 -27.28
CA LEU D 251 -28.07 42.46 -29.36
CA HIS D 252 -27.29 39.22 -27.40
CA ARG D 253 -26.30 36.33 -29.80
CA PRO D 254 -27.51 32.63 -29.65
CA ALA D 255 -25.41 30.13 -27.52
CA LEU D 256 -23.07 27.61 -29.35
CA GLU D 257 -24.08 24.40 -27.40
CA ASP D 258 -27.91 24.93 -27.81
CA LEU D 259 -27.77 25.77 -31.59
CA LEU D 260 -25.50 22.68 -32.28
CA LEU D 261 -27.37 20.14 -30.01
CA GLY D 262 -30.99 20.15 -31.39
CA SER D 263 -31.20 23.45 -33.46
CA GLU D 264 -32.14 25.76 -30.49
CA ALA D 265 -31.01 29.39 -31.25
CA ASN D 266 -32.65 32.75 -30.33
CA LEU D 267 -31.14 36.14 -31.30
CA THR D 268 -32.27 38.53 -28.57
CA CYS D 269 -32.91 42.29 -28.98
CA THR D 270 -32.85 44.47 -25.84
CA LEU D 271 -33.77 48.23 -25.75
CA THR D 272 -32.44 49.71 -22.46
CA GLY D 273 -32.88 53.50 -21.77
CA LEU D 274 -36.37 54.38 -23.20
CA ARG D 275 -37.57 57.24 -20.81
CA ASP D 276 -41.14 57.78 -19.31
CA ALA D 277 -44.52 57.49 -21.29
CA SER D 278 -43.15 55.36 -24.14
CA GLY D 279 -43.26 52.28 -26.50
CA VAL D 280 -40.80 50.49 -28.88
CA THR D 281 -41.59 49.13 -32.42
CA PHE D 282 -39.41 46.22 -33.63
CA THR D 283 -38.55 45.24 -37.27
CA TRP D 284 -36.63 41.87 -37.57
CA THR D 285 -35.30 40.35 -40.86
CA PRO D 286 -36.62 36.73 -41.41
CA SER D 287 -34.29 33.65 -41.09
CA SER D 288 -33.33 31.79 -44.37
CA GLY D 289 -36.37 29.38 -44.65
CA LYS D 290 -38.89 32.35 -44.79
CA SER D 291 -39.34 32.61 -40.95
CA ALA D 292 -39.98 35.77 -38.80
CA VAL D 293 -41.51 35.16 -35.27
CA GLN D 294 -41.30 37.69 -32.31
CA GLY D 295 -42.53 38.29 -28.66
CA PRO D 296 -41.93 41.83 -27.18
CA PRO D 297 -42.81 42.65 -23.47
CA GLU D 298 -42.05 46.07 -21.77
CA ARG D 299 -40.09 45.65 -18.49
CA ASP D 300 -39.23 48.64 -16.18
CA LEU D 301 -35.52 48.02 -15.16
CA CYS D 302 -33.70 50.41 -12.68
CA GLY D 303 -36.57 52.94 -13.09
CA CYS D 304 -37.19 52.94 -16.93
CA TYR D 305 -38.76 50.75 -19.74
CA SER D 306 -36.91 47.97 -21.72
CA VAL D 307 -38.56 46.40 -24.86
CA SER D 308 -36.86 42.99 -25.06
CA SER D 309 -37.97 41.08 -28.16
CA VAL D 310 -36.70 37.60 -29.24
CA LEU D 311 -36.46 35.95 -32.73
CA PRO D 312 -36.24 32.07 -32.61
CA GLY D 313 -33.82 30.64 -35.26
CA CYS D 314 -32.67 27.34 -36.85
CA ALA D 315 -29.04 25.98 -37.02
CA GLU D 316 -28.70 26.22 -40.91
CA PRO D 317 -29.01 30.12 -41.26
CA TRP D 318 -26.44 30.58 -38.39
CA ASN D 319 -23.99 27.85 -39.74
CA HIS D 320 -24.24 28.82 -43.51
CA GLY D 321 -24.06 32.69 -43.11
CA LYS D 322 -27.23 34.81 -42.46
CA THR D 323 -27.37 38.52 -41.31
CA PHE D 324 -29.96 39.13 -38.52
CA THR D 325 -31.11 42.77 -38.33
CA CYS D 326 -33.10 44.16 -35.37
CA THR D 327 -34.33 47.61 -36.44
CA ALA D 328 -36.14 49.49 -33.66
CA ALA D 329 -38.23 52.71 -34.19
CA TYR D 330 -39.30 55.27 -31.45
CA PRO D 331 -40.32 59.03 -31.90
CA GLU D 332 -37.71 60.48 -29.40
CA SER D 333 -34.98 58.42 -31.25
CA LYS D 334 -34.81 60.61 -34.47
CA THR D 335 -32.79 57.91 -36.35
CA PRO D 336 -34.45 54.41 -35.94
CA LEU D 337 -31.65 52.09 -34.61
CA THR D 338 -30.56 49.17 -36.77
CA ALA D 339 -28.27 46.44 -35.25
CA THR D 340 -27.20 43.49 -37.48
CA LEU D 341 -25.58 40.20 -36.40
CA SER D 342 -24.14 37.03 -38.18
CA LYS D 343 -21.25 34.42 -38.20
CA SER D 344 -17.50 35.45 -38.18
CA GLY D 345 -14.69 35.78 -40.83
CA ASN D 346 -13.39 33.78 -43.89
CA THR D 347 -13.13 29.90 -43.67
CA PHE D 348 -10.02 27.60 -43.19
CA ARG D 349 -9.87 23.72 -43.35
CA PRO D 350 -9.02 22.03 -39.94
CA GLU D 351 -5.81 19.93 -39.90
CA VAL D 352 -6.62 16.86 -37.70
CA HIS D 353 -3.61 14.89 -36.27
CA LEU D 354 -4.19 12.00 -33.78
CA LEU D 355 -1.48 11.57 -31.11
CA PRO D 356 -0.94 8.26 -29.18
CA PRO D 357 -0.05 8.35 -25.42
CA PRO D 358 3.46 9.18 -24.10
CA SER D 359 5.72 6.20 -23.10
CA GLU D 360 5.66 7.35 -19.39
CA GLU D 361 1.77 7.38 -19.31
CA LEU D 362 1.87 3.58 -20.02
CA ALA D 363 3.27 3.30 -16.43
CA LEU D 364 -0.31 4.51 -15.50
CA ASN D 365 -3.42 2.18 -15.62
CA GLU D 366 -7.16 3.25 -15.54
CA LEU D 367 -6.96 6.03 -18.22
CA VAL D 368 -4.67 6.21 -21.33
CA THR D 369 -4.61 9.68 -22.80
CA LEU D 370 -5.59 9.54 -26.53
CA THR D 371 -5.18 13.05 -27.99
CA CYS D 372 -6.39 14.61 -31.26
CA LEU D 373 -5.13 18.07 -32.31
CA ALA D 374 -7.48 20.10 -34.58
CA ARG D 375 -5.42 23.12 -35.77
CA GLY D 376 -5.43 26.01 -38.31
CA PHE D 377 -9.27 26.16 -38.52
CA SER D 378 -11.70 29.15 -38.94
CA PRO D 379 -14.25 30.16 -37.92
CA LYS D 380 -14.06 28.75 -34.32
CA ASP D 381 -17.30 26.89 -35.02
CA VAL D 382 -16.45 23.11 -34.84
CA LEU D 383 -17.70 19.73 -33.41
CA VAL D 384 -15.24 17.04 -32.31
CA ARG D 385 -16.39 13.54 -31.16
CA TRP D 386 -14.70 10.17 -30.47
CA LEU D 387 -15.61 6.61 -31.62
CA GLN D 388 -14.58 3.07 -30.57
CA GLY D 389 -13.78 0.66 -33.48
CA SER D 390 -13.75 -2.46 -31.19
CA GLN D 391 -17.51 -2.16 -30.22
CA GLU D 392 -18.72 -0.10 -33.29
CA LEU D 393 -20.02 2.60 -30.86
CA PRO D 394 -19.47 6.26 -29.78
CA ARG D 395 -17.26 6.80 -26.68
CA GLU D 396 -17.92 8.45 -23.28
CA LYS D 397 -14.74 9.38 -21.36
CA TYR D 398 -13.56 12.36 -23.45
CA LEU D 399 -13.12 16.11 -22.87
CA THR D 400 -12.49 18.95 -25.45
CA TRP D 401 -10.78 22.31 -24.54
CA ALA D 402 -10.35 25.62 -26.60
CA SER D 403 -7.76 28.13 -28.08
CA ARG D 404 -8.47 31.12 -30.46
CA GLN D 405 -5.01 32.29 -31.77
CA GLU D 406 -4.62 36.13 -32.24
CA PRO D 407 -1.29 38.07 -31.75
CA SER D 408 -0.36 41.62 -33.07
CA GLN D 409 0.13 40.31 -36.69
CA GLY D 410 -2.32 39.23 -39.48
CA THR D 411 -2.09 35.53 -38.37
CA THR D 412 -5.47 34.56 -36.71
CA THR D 413 -6.92 30.93 -36.83
CA PHE D 414 -7.96 28.46 -33.98
CA ALA D 415 -6.60 25.28 -32.35
CA VAL D 416 -8.15 22.72 -29.91
CA THR D 417 -6.99 19.47 -28.30
CA SER D 418 -9.52 16.68 -27.49
CA ILE D 419 -8.64 14.10 -24.80
CA LEU D 420 -10.14 10.53 -24.90
CA ARG D 421 -9.16 8.61 -21.75
CA VAL D 422 -9.10 4.73 -22.05
CA ALA D 423 -8.01 1.65 -20.02
CA ALA D 424 -4.29 0.82 -20.76
CA GLU D 425 -5.38 -2.74 -21.77
CA ASP D 426 -7.83 -1.85 -24.67
CA TRP D 427 -5.18 0.31 -26.41
CA LYS D 428 -2.77 -2.72 -26.11
CA LYS D 429 -5.57 -5.13 -27.25
CA GLY D 430 -5.04 -3.30 -30.61
CA ASP D 431 -8.24 -1.22 -30.64
CA THR D 432 -8.81 1.52 -33.24
CA PHE D 433 -10.18 4.80 -31.78
CA SER D 434 -11.20 7.61 -34.19
CA CYS D 435 -11.53 11.37 -33.67
CA MET D 436 -14.37 12.74 -35.89
CA VAL D 437 -14.18 16.50 -36.70
CA GLY D 438 -17.10 18.43 -38.28
CA HIS D 439 -16.42 21.91 -39.68
CA GLU D 440 -17.72 24.38 -42.38
CA ALA D 441 -14.51 23.96 -44.54
CA LEU D 442 -14.21 20.10 -44.38
CA PRO D 443 -14.85 18.16 -47.70
CA LEU D 444 -18.23 16.56 -46.71
CA ALA D 445 -18.43 18.82 -43.58
CA PHE D 446 -16.87 15.77 -41.87
CA THR D 447 -13.42 14.16 -41.52
CA GLN D 448 -12.26 11.32 -39.23
CA LYS D 449 -8.61 10.49 -38.31
CA THR D 450 -7.82 7.16 -36.57
CA ILE D 451 -5.49 5.93 -33.72
CA ASP D 452 -4.41 2.34 -32.86
CA ARG D 453 -1.45 0.51 -31.14
CA LEU D 454 -0.59 -0.75 -34.73
CA ALA D 455 2.08 1.25 -36.69
CA GLY D 456 3.01 0.14 -40.28
CA LYS D 457 5.86 2.34 -41.65
CA PRO D 458 4.95 2.72 -45.37
CA THR D 459 3.79 5.23 -43.67
CA HIS D 460 0.63 6.69 -41.94
CA VAL D 461 -2.41 5.34 -44.01
CA ASN D 462 -6.19 4.97 -43.15
CA VAL D 463 -9.05 2.27 -42.93
CA SER D 464 -10.93 0.89 -46.05
CA VAL D 465 -14.36 1.94 -47.63
CA VAL D 466 -17.14 0.87 -45.14
CA MET D 467 -20.64 1.18 -46.79
CA ALA D 468 -22.00 1.62 -50.43
CA GLU D 469 -24.60 2.68 -51.92
CA VAL D 470 -27.68 3.94 -49.83
CA ASP D 471 -26.53 7.63 -49.77
CA GLY D 472 -29.63 9.44 -48.28
CA THR D 473 -31.02 10.97 -51.55
CA CYS D 474 -31.14 7.55 -53.36
CA TYR D 475 -32.26 5.36 -50.32
CA GLU E 1 76.05 -36.93 66.46
CA LEU E 2 73.09 -36.05 64.23
CA VAL E 3 71.61 -39.26 62.93
CA MET E 4 70.66 -39.53 59.23
CA THR E 5 68.13 -42.27 58.46
CA GLN E 6 67.21 -43.24 54.89
CA SER E 7 64.05 -44.88 53.75
CA PRO E 8 63.88 -47.45 52.15
CA SER E 9 66.97 -49.61 52.28
CA SER E 10 66.20 -51.21 48.88
CA LEU E 11 63.86 -50.59 45.95
CA SER E 12 63.45 -52.34 42.59
CA ALA E 13 61.63 -50.34 39.91
CA SER E 14 61.30 -50.53 36.12
CA VAL E 15 62.94 -48.04 33.79
CA GLY E 16 60.71 -45.02 33.29
CA ASP E 17 59.42 -45.23 36.86
CA ARG E 18 59.71 -42.30 39.21
CA VAL E 19 61.50 -43.18 42.47
CA ASN E 20 61.67 -41.11 45.70
CA ILE E 21 64.20 -41.88 48.56
CA ALA E 22 63.70 -40.14 51.93
CA CYS E 23 66.32 -39.09 54.47
CA ARG E 24 65.52 -37.81 57.99
CA ALA E 25 67.78 -35.73 60.14
CA SER E 26 67.27 -36.49 63.91
CA GLN E 27 67.09 -32.67 64.24
CA GLY E 28 67.01 -29.58 61.99
CA ILE E 29 69.88 -29.07 59.52
CA SER E 30 68.33 -26.28 57.40
CA SER E 31 69.52 -27.09 53.83
CA ALA E 32 72.87 -28.68 54.64
CA LEU E 33 72.28 -31.94 52.94
CA ALA E 34 74.21 -33.46 50.01
CA TRP E 35 73.23 -36.71 48.07
CA TYR E 36 75.83 -39.16 46.60
CA GLN E 37 75.58 -41.95 44.08
CA GLN E 38 77.97 -44.91 44.54
CA LYS E 39 78.17 -47.58 41.86
CA PRO E 40 79.32 -50.79 43.47
CA GLY E 41 83.10 -50.73 43.84
CA LYS E 42 83.70 -47.08 43.14
CA ALA E 43 84.20 -43.86 44.81
CA PRO E 44 80.95 -42.02 45.70
CA ARG E 45 79.82 -39.16 43.36
CA LEU E 46 78.11 -35.89 44.23
CA LEU E 47 74.65 -35.37 42.70
CA ILE E 48 73.04 -32.70 44.84
CA TYR E 49 74.35 -30.21 47.48
CA ASP E 50 72.39 -27.69 49.67
CA ALA E 51 69.33 -30.05 49.48
CA SER E 52 68.39 -29.00 45.97
CA ASN E 53 71.35 -27.75 43.83
CA LEU E 54 72.46 -30.23 41.07
CA GLU E 55 76.17 -30.52 40.68
CA SER E 56 77.42 -29.58 37.15
CA GLY E 57 77.16 -32.51 34.65
CA VAL E 58 74.51 -34.52 36.68
CA PRO E 59 71.46 -35.46 34.53
CA SER E 60 68.41 -33.26 34.83
CA ARG E 61 66.30 -36.31 35.94
CA PHE E 62 67.80 -36.08 39.46
CA SER E 63 66.18 -33.52 41.81
CA GLY E 64 66.18 -33.03 45.61
CA SER E 65 63.88 -31.28 48.09
CA GLY E 66 63.41 -30.69 51.82
CA SER E 67 64.46 -28.33 54.54
CA GLY E 68 64.75 -28.75 58.27
CA THR E 69 64.52 -32.44 58.93
CA ASP E 70 62.98 -34.27 55.90
CA PHE E 71 64.67 -34.47 52.50
CA THR E 72 63.71 -36.33 49.24
CA LEU E 73 65.81 -37.31 46.23
CA THR E 74 63.61 -38.01 43.11
CA ILE E 75 64.83 -39.81 39.97
CA SER E 76 62.06 -38.90 37.55
CA SER E 77 62.60 -41.58 34.84
CA LEU E 78 64.77 -44.40 36.14
CA GLN E 79 67.38 -45.54 33.63
CA PRO E 80 69.63 -48.86 33.80
CA GLU E 81 72.69 -46.82 34.55
CA ASP E 82 71.00 -45.58 37.73
CA PHE E 83 71.70 -48.88 39.57
CA ALA E 84 73.66 -47.76 42.62
CA ILE E 85 73.55 -47.20 46.40
CA TYR E 86 72.45 -43.61 47.19
CA TYR E 87 73.60 -41.75 50.46
CA CYS E 88 72.63 -38.53 52.11
CA GLN E 89 75.14 -36.67 54.31
CA GLN E 90 74.57 -33.66 56.67
CA PHE E 91 77.17 -30.87 57.09
CA ASN E 92 75.39 -28.69 59.58
CA SER E 93 77.24 -30.17 62.55
CA TYR E 94 80.45 -32.04 63.30
CA PRO E 95 80.83 -35.14 63.16
CA LEU E 96 79.62 -34.98 59.60
CA THR E 97 77.33 -38.01 59.19
CA PHE E 98 75.96 -40.22 56.43
CA GLY E 99 72.75 -42.07 56.11
CA GLY E 100 72.69 -45.85 55.74
CA GLY E 101 72.04 -46.16 51.94
CA THR E 102 69.21 -46.97 49.58
CA LYS E 103 70.19 -49.62 47.01
CA VAL E 104 68.22 -49.19 43.77
CA GLU E 105 68.06 -52.33 41.55
CA ILE E 106 66.41 -52.25 38.04
CA LYS E 107 63.39 -54.53 37.24
CA ARG E 108 63.29 -56.00 33.70
CA THR E 109 62.06 -59.01 31.66
CA VAL E 110 63.37 -62.54 32.36
CA ALA E 111 66.49 -63.53 30.50
CA ALA E 112 67.68 -67.12 30.48
CA PRO E 113 71.34 -67.73 31.11
CA SER E 114 74.03 -68.94 28.72
CA VAL E 115 75.79 -71.80 30.54
CA PHE E 116 79.44 -72.77 30.15
CA ILE E 117 81.56 -75.36 31.97
CA PHE E 118 85.38 -75.40 32.17
CA PRO E 119 87.65 -78.36 33.16
CA PRO E 120 90.76 -77.93 35.47
CA SER E 121 93.78 -76.68 33.56
CA ASP E 122 96.87 -78.84 33.28
CA GLU E 123 99.18 -76.80 35.42
CA GLN E 124 96.50 -76.64 38.04
CA LEU E 125 96.34 -80.48 38.31
CA LYS E 126 100.19 -80.27 38.58
CA SER E 127 99.69 -78.55 42.02
CA GLY E 128 97.51 -81.42 43.25
CA THR E 129 94.10 -79.47 43.02
CA ALA E 130 91.33 -79.26 40.48
CA SER E 131 88.81 -76.40 40.17
CA VAL E 132 85.87 -76.95 37.82
CA VAL E 133 83.93 -73.75 36.88
CA CYS E 134 80.36 -73.44 35.63
CA LEU E 135 79.36 -70.02 34.20
CA LEU E 136 75.80 -68.71 33.87
CA ASN E 137 76.11 -65.57 31.78
CA ASN E 138 73.66 -62.71 31.55
CA PHE E 139 70.38 -63.51 33.16
CA TYR E 140 67.47 -61.87 34.96
CA PRO E 141 66.05 -62.32 37.78
CA ARG E 142 69.09 -63.10 39.98
CA GLU E 143 67.73 -66.34 41.47
CA ALA E 144 69.14 -69.50 39.82
CA LYS E 145 70.23 -72.92 41.17
CA VAL E 146 73.47 -74.73 40.15
CA GLN E 147 73.83 -78.41 41.00
CA TRP E 148 77.01 -80.37 40.49
CA LYS E 149 76.88 -84.08 39.73
CA VAL E 150 80.09 -86.15 39.40
CA ASP E 151 79.45 -89.68 38.01
CA ASN E 152 75.88 -88.81 37.26
CA ALA E 153 73.56 -88.28 40.29
CA LEU E 154 76.42 -88.36 42.81
CA GLN E 155 75.58 -84.74 43.17
CA SER E 156 77.79 -82.85 45.51
CA GLY E 157 77.97 -80.21 48.37
CA ASN E 158 81.64 -78.68 48.04
CA SER E 159 81.18 -75.64 45.70
CA GLN E 160 81.30 -71.86 46.10
CA GLU E 161 79.39 -69.20 44.11
CA SER E 162 79.95 -65.59 43.08
CA VAL E 163 77.37 -63.27 41.41
CA THR E 164 78.25 -60.00 39.79
CA GLU E 165 76.26 -56.74 40.48
CA GLN E 166 73.62 -55.61 37.97
CA ASP E 167 75.00 -54.49 34.64
CA SER E 168 74.31 -50.80 33.95
CA LYS E 169 73.62 -51.50 30.29
CA ASP E 170 71.23 -54.49 30.23
CA SER E 171 70.36 -55.10 33.92
CA THR E 172 71.55 -58.72 34.07
CA TYR E 173 73.68 -60.75 36.48
CA SER E 174 76.28 -63.40 35.73
CA LEU E 175 77.27 -66.16 38.20
CA SER E 176 80.13 -68.67 38.68
CA SER E 177 80.15 -71.85 40.67
CA THR E 178 83.55 -73.37 41.42
CA LEU E 179 83.73 -76.99 42.44
CA THR E 180 87.08 -77.78 44.06
CA LEU E 181 88.44 -81.25 44.59
CA SER E 182 91.92 -82.71 44.96
CA LYS E 183 93.84 -84.08 41.86
CA ALA E 184 93.23 -87.63 43.24
CA ASP E 185 89.49 -87.03 43.74
CA TYR E 186 89.15 -85.65 40.26
CA GLU E 187 91.22 -88.62 38.87
CA LYS E 188 88.66 -91.10 39.95
CA HIS E 189 85.50 -89.83 38.36
CA LYS E 190 84.76 -89.22 34.66
CA VAL E 191 81.43 -87.33 34.02
CA TYR E 192 81.46 -83.85 35.57
CA ALA E 193 78.22 -81.89 35.12
CA CYS E 194 76.64 -78.53 35.97
CA GLU E 195 72.81 -78.53 36.09
CA VAL E 196 71.04 -75.15 36.00
CA THR E 197 67.57 -74.09 37.01
CA HIS E 198 66.30 -70.57 36.32
CA GLN E 199 62.90 -69.07 35.36
CA GLY E 200 63.78 -68.24 31.71
CA LEU E 201 64.71 -71.81 30.78
CA SER E 202 61.98 -74.32 29.80
CA SER E 203 63.95 -77.25 31.18
CA PRO E 204 66.97 -77.57 33.58
CA VAL E 205 70.17 -77.24 31.54
CA THR E 206 73.20 -79.54 31.89
CA LYS E 207 76.73 -78.93 30.64
CA SER E 208 78.99 -81.94 31.15
CA PHE E 209 82.42 -83.11 30.12
CA ASN E 210 84.35 -86.34 30.33
CA ARG E 211 87.67 -86.46 32.22
CA GLY E 212 90.01 -87.05 29.24
CA GLU E 213 89.20 -84.02 26.94
CA CYS E 214 90.75 -83.40 23.44
CA GLU F 1 27.82 -123.15 -34.66
CA LEU F 2 28.32 -119.42 -35.17
CA VAL F 3 30.72 -118.18 -32.52
CA MET F 4 29.94 -114.94 -30.66
CA THR F 5 32.99 -113.32 -29.04
CA GLN F 6 32.67 -110.33 -26.69
CA SER F 7 35.32 -107.79 -25.94
CA PRO F 8 36.32 -107.06 -23.18
CA SER F 9 35.63 -109.64 -20.49
CA SER F 10 35.68 -107.00 -17.70
CA LEU F 11 35.63 -103.22 -17.43
CA SER F 12 35.54 -100.88 -14.41
CA ALA F 13 34.40 -97.33 -15.12
CA SER F 14 33.12 -94.40 -13.04
CA VAL F 15 29.52 -93.25 -13.10
CA GLY F 16 28.96 -90.78 -15.91
CA ASP F 17 31.46 -92.57 -18.14
CA ARG F 18 30.48 -93.85 -21.55
CA VAL F 19 31.20 -97.57 -22.02
CA ASN F 20 31.20 -99.59 -25.28
CA ILE F 21 31.18 -103.47 -25.35
CA ALA F 22 31.90 -105.22 -28.69
CA CYS F 23 30.57 -108.55 -29.94
CA ARG F 24 31.82 -110.31 -33.11
CA ALA F 25 29.95 -112.91 -35.06
CA SER F 26 32.34 -115.48 -36.70
CA GLN F 27 30.28 -114.78 -39.87
CA GLY F 28 27.49 -112.45 -41.03
CA ILE F 29 24.22 -112.41 -39.07
CA SER F 30 22.65 -109.26 -40.59
CA SER F 31 20.84 -107.62 -37.62
CA ALA F 32 19.91 -110.75 -35.67
CA LEU F 33 21.56 -109.81 -32.47
CA ALA F 34 19.96 -109.29 -29.04
CA TRP F 35 21.78 -107.93 -25.86
CA TYR F 36 20.92 -109.07 -22.27
CA GLN F 37 21.71 -107.69 -18.86
CA GLN F 38 22.11 -110.21 -16.02
CA LYS F 39 22.48 -108.97 -12.45
CA PRO F 40 24.34 -111.58 -10.47
CA GLY F 41 21.93 -114.30 -9.39
CA LYS F 42 19.01 -113.41 -11.58
CA ALA F 43 17.41 -114.26 -14.78
CA PRO F 44 18.84 -112.39 -17.80
CA ARG F 45 16.87 -109.34 -19.11
CA LEU F 46 16.39 -108.15 -22.69
CA LEU F 47 17.73 -104.68 -23.46
CA ILE F 48 18.09 -104.60 -27.23
CA TYR F 49 16.81 -106.84 -30.10
CA ASP F 50 17.51 -106.61 -33.89
CA ALA F 51 20.92 -104.97 -33.09
CA SER F 52 19.43 -101.59 -32.31
CA ASN F 53 15.78 -101.70 -31.04
CA LEU F 54 15.37 -100.96 -27.29
CA GLU F 55 12.90 -103.16 -25.54
CA SER F 56 10.00 -101.21 -23.90
CA GLY F 57 10.89 -99.86 -20.40
CA VAL F 58 14.75 -100.02 -20.91
CA PRO F 59 16.46 -96.68 -20.09
CA SER F 60 17.29 -94.43 -23.01
CA ARG F 61 21.04 -94.51 -22.03
CA PHE F 62 21.37 -97.99 -23.58
CA SER F 63 21.90 -98.09 -27.38
CA GLY F 64 23.21 -100.75 -29.81
CA SER F 65 24.73 -100.66 -33.30
CA GLY F 66 26.27 -102.94 -35.94
CA SER F 67 25.28 -105.09 -38.85
CA GLY F 68 26.93 -108.09 -40.45
CA THR F 69 29.61 -109.20 -38.07
CA ASP F 70 30.47 -106.38 -35.57
CA PHE F 71 28.02 -105.06 -32.97
CA THR F 72 28.42 -102.46 -30.13
CA LEU F 73 26.33 -101.86 -27.02
CA THR F 74 26.91 -98.31 -25.56
CA ILE F 75 25.86 -97.21 -22.06
CA SER F 76 26.14 -93.45 -22.41
CA SER F 77 26.25 -92.40 -18.72
CA LEU F 78 27.08 -95.37 -16.50
CA GLN F 79 24.96 -95.51 -13.35
CA PRO F 80 25.55 -97.80 -10.11
CA GLU F 81 22.57 -99.92 -11.00
CA ASP F 82 24.31 -100.85 -14.27
CA PHE F 83 26.62 -103.35 -12.50
CA ALA F 84 25.91 -106.61 -14.32
CA ILE F 85 27.25 -109.17 -16.83
CA TYR F 86 26.13 -108.25 -20.39
CA TYR F 87 25.63 -110.98 -23.17
CA CYS F 88 25.01 -110.85 -26.87
CA GLN F 89 23.13 -113.69 -28.59
CA GLN F 90 22.66 -114.39 -32.37
CA PHE F 91 19.40 -115.80 -33.82
CA ASN F 92 20.32 -115.97 -37.45
CA SER F 93 21.24 -119.67 -37.29
CA TYR F 94 20.55 -122.71 -35.14
CA PRO F 95 22.13 -123.51 -32.56
CA LEU F 96 21.34 -120.10 -31.18
CA THR F 97 24.55 -118.95 -29.45
CA PHE F 98 25.63 -116.53 -26.74
CA GLY F 99 28.79 -114.60 -26.30
CA GLY F 100 30.97 -115.09 -23.23
CA GLY F 101 29.98 -111.97 -21.16
CA THR F 102 31.37 -108.58 -20.25
CA LYS F 103 31.24 -107.92 -16.49
CA VAL F 104 30.92 -104.19 -15.76
CA GLU F 105 32.01 -103.14 -12.23
CA ILE F 106 31.57 -99.50 -10.96
CA LYS F 107 34.65 -97.44 -9.85
CA ARG F 108 34.11 -95.11 -6.85
CA THR F 109 35.90 -93.46 -3.88
CA VAL F 110 37.48 -95.59 -1.09
CA ALA F 111 35.21 -96.49 1.75
CA ALA F 112 36.59 -98.01 4.92
CA PRO F 113 34.78 -101.00 6.34
CA SER F 114 32.70 -101.28 9.50
CA VAL F 115 34.04 -104.36 11.32
CA PHE F 116 32.03 -106.68 13.56
CA ILE F 117 32.95 -109.94 15.29
CA PHE F 118 30.51 -112.59 16.56
CA PRO F 119 31.22 -115.42 19.09
CA PRO F 120 29.86 -119.04 18.60
CA SER F 121 26.26 -119.37 19.73
CA ASP F 122 25.38 -121.65 22.63
CA GLU F 123 23.51 -124.28 20.72
CA GLN F 124 26.31 -124.38 18.24
CA LEU F 125 28.87 -125.30 20.97
CA LYS F 126 26.28 -127.97 22.02
CA SER F 127 27.05 -129.77 18.67
CA GLY F 128 30.76 -129.86 19.43
CA THR F 129 31.76 -127.03 16.87
CA ALA F 130 32.40 -123.33 17.10
CA SER F 131 32.21 -120.85 14.20
CA VAL F 132 33.53 -117.34 14.86
CA VAL F 133 32.47 -114.71 12.25
CA CYS F 134 34.14 -111.40 11.43
CA LEU F 135 32.12 -108.98 9.23
CA LEU F 136 33.57 -106.14 7.17
CA ASN F 137 30.56 -104.14 5.99
CA ASN F 138 30.35 -101.77 3.09
CA PHE F 139 33.72 -100.96 1.67
CA TYR F 140 35.42 -100.01 -1.59
CA PRO F 141 37.84 -101.23 -3.26
CA ARG F 142 37.22 -104.98 -2.79
CA GLU F 143 40.75 -105.86 -1.61
CA ALA F 144 41.02 -106.26 2.19
CA LYS F 145 42.96 -108.68 4.46
CA VAL F 146 41.46 -110.45 7.52
CA GLN F 147 43.83 -112.09 10.00
CA TRP F 148 42.67 -114.22 12.91
CA LYS F 149 44.70 -114.37 16.10
CA VAL F 150 43.68 -116.66 18.99
CA ASP F 151 45.67 -116.00 22.20
CA ASN F 152 47.21 -112.93 20.69
CA ALA F 153 49.72 -113.50 17.83
CA LEU F 154 48.92 -117.21 17.53
CA GLN F 155 47.43 -116.15 14.28
CA SER F 156 45.79 -118.90 12.34
CA GLY F 157 45.27 -120.52 8.85
CA ASN F 158 41.75 -122.35 9.15
CA SER F 159 39.21 -119.72 7.94
CA GLN F 160 36.99 -119.27 4.87
CA GLU F 161 35.80 -116.01 3.25
CA SER F 162 32.78 -114.86 1.25
CA VAL F 163 32.39 -111.47 -0.52
CA THR F 164 29.11 -110.17 -1.83
CA GLU F 165 28.75 -108.68 -5.39
CA GLN F 166 28.76 -104.88 -5.82
CA ASP F 167 25.75 -103.14 -4.38
CA SER F 168 23.67 -101.39 -7.06
CA LYS F 169 23.00 -98.43 -4.80
CA ASP F 170 26.40 -97.46 -3.33
CA SER F 171 28.93 -99.70 -5.16
CA THR F 172 30.40 -101.37 -2.07
CA TYR F 173 31.23 -104.94 -1.07
CA SER F 174 30.79 -106.67 2.27
CA LEU F 175 32.86 -109.69 3.39
CA SER F 176 32.69 -112.45 6.05
CA SER F 177 35.46 -114.57 7.40
CA THR F 178 34.41 -117.67 9.36
CA LEU F 179 36.94 -119.31 11.62
CA THR F 180 35.87 -122.84 12.53
CA LEU F 181 37.31 -124.85 15.36
CA SER F 182 36.02 -127.71 17.51
CA LYS F 183 34.26 -127.01 20.91
CA ALA F 184 37.42 -128.37 22.65
CA ASP F 185 39.76 -126.17 20.61
CA TYR F 186 37.68 -123.12 21.33
CA GLU F 187 37.51 -124.09 25.07
CA LYS F 188 41.20 -123.74 25.49
CA HIS F 189 41.86 -120.25 24.26
CA LYS F 190 40.41 -116.94 25.54
CA VAL F 191 41.22 -113.90 23.28
CA TYR F 192 39.72 -114.30 19.79
CA ALA F 193 40.51 -111.44 17.40
CA CYS F 194 39.89 -110.30 13.82
CA GLU F 195 42.50 -107.87 12.40
CA VAL F 196 41.58 -105.94 9.25
CA THR F 197 43.69 -104.17 6.66
CA HIS F 198 42.09 -102.10 3.90
CA GLN F 199 43.05 -98.85 2.08
CA GLY F 200 40.40 -96.60 3.73
CA LEU F 201 41.56 -97.30 7.30
CA SER F 202 44.50 -95.33 8.78
CA SER F 203 45.57 -98.25 10.97
CA PRO F 204 44.76 -102.03 10.97
CA VAL F 205 41.54 -102.57 12.95
CA THR F 206 41.08 -105.30 15.59
CA LYS F 207 37.80 -106.57 17.04
CA SER F 208 38.35 -109.06 19.85
CA PHE F 209 36.33 -110.82 22.52
CA ASN F 210 37.09 -112.90 25.55
CA ARG F 211 35.75 -116.49 25.78
CA GLY F 212 33.28 -115.98 28.66
CA GLU F 213 30.99 -113.14 27.32
CA CYS F 214 28.10 -111.48 29.28
CA GLN G 1 0.64 -112.48 -12.59
CA VAL G 2 1.89 -114.88 -9.87
CA LYS G 3 4.96 -114.23 -12.00
CA LEU G 4 4.45 -114.44 -15.84
CA LEU G 5 6.63 -117.49 -16.62
CA GLU G 6 7.26 -119.53 -13.38
CA GLN G 7 9.39 -122.63 -12.92
CA SER G 8 9.47 -125.73 -10.64
CA GLY G 9 12.20 -125.44 -7.92
CA ALA G 10 15.46 -127.33 -7.55
CA GLU G 11 16.67 -130.45 -7.59
CA VAL G 12 19.34 -132.94 -6.85
CA LYS G 13 19.46 -135.99 -9.10
CA LYS G 14 21.92 -138.91 -9.04
CA PRO G 15 24.22 -139.33 -12.15
CA GLY G 16 22.33 -141.56 -14.68
CA ALA G 17 18.86 -140.35 -13.57
CA SER G 18 16.45 -138.05 -15.44
CA VAL G 19 15.08 -134.62 -14.38
CA LYS G 20 11.79 -132.98 -15.45
CA VAL G 21 11.62 -129.17 -15.20
CA SER G 22 8.26 -127.34 -15.67
CA CYS G 23 7.43 -123.80 -16.75
CA LYS G 24 3.87 -122.47 -16.09
CA ALA G 25 2.79 -119.46 -18.24
CA SER G 26 0.29 -117.00 -16.59
CA GLY G 27 -1.25 -113.69 -17.85
CA TYR G 28 -0.72 -114.09 -21.65
CA SER G 29 -2.32 -116.47 -24.26
CA PHE G 30 -0.12 -119.62 -23.89
CA THR G 31 -0.75 -121.14 -27.42
CA SER G 32 0.16 -117.88 -29.31
CA TYR G 33 3.95 -118.07 -28.49
CA GLY G 34 6.83 -120.55 -28.44
CA LEU G 35 9.00 -121.25 -25.36
CA HIS G 36 12.81 -121.59 -25.53
CA TRP G 37 14.90 -123.63 -22.98
CA VAL G 38 18.37 -122.31 -22.01
CA ARG G 39 20.89 -123.42 -19.36
CA GLN G 40 23.80 -121.78 -17.53
CA ALA G 41 26.45 -124.06 -15.95
CA PRO G 42 28.47 -122.42 -13.08
CA GLY G 43 30.90 -119.73 -14.39
CA GLN G 44 29.83 -120.42 -17.98
CA ARG G 45 27.90 -118.74 -20.78
CA LEU G 46 24.22 -119.41 -21.49
CA GLU G 47 23.64 -122.43 -23.77
CA TRP G 48 20.50 -122.78 -25.91
CA MET G 49 18.96 -126.33 -25.61
CA GLY G 50 15.68 -126.24 -27.57
CA TRP G 51 12.27 -124.67 -28.33
CA ILE G 52 8.60 -125.81 -28.32
CA SER G 53 5.62 -124.20 -30.12
CA ALA G 54 2.77 -124.14 -27.48
CA GLY G 55 0.12 -124.18 -30.29
CA THR G 56 1.33 -127.21 -32.41
CA GLY G 57 3.60 -129.05 -29.88
CA ASN G 58 6.43 -128.95 -32.52
CA THR G 59 9.96 -129.20 -31.36
CA LYS G 60 13.44 -127.93 -32.25
CA TYR G 61 16.62 -128.71 -30.33
CA SER G 62 20.39 -128.39 -30.10
CA GLN G 63 22.15 -131.52 -31.47
CA LYS G 64 24.49 -131.28 -28.41
CA PHE G 65 21.47 -132.88 -26.53
CA ARG G 66 20.58 -135.33 -29.39
CA GLY G 67 18.84 -138.44 -28.00
CA ARG G 68 18.50 -137.22 -24.35
CA VAL G 69 16.27 -134.07 -24.30
CA THR G 70 12.41 -134.07 -24.63
CA PHE G 71 9.99 -131.04 -24.79
CA THR G 72 6.28 -131.36 -23.92
CA ARG G 73 3.43 -128.86 -23.32
CA ASP G 74 0.17 -129.39 -21.37
CA THR G 75 -1.98 -126.86 -23.24
CA SER G 76 -4.91 -127.07 -20.69
CA ALA G 77 -2.66 -126.52 -17.57
CA THR G 78 -0.68 -123.94 -19.63
CA THR G 79 2.66 -125.54 -18.64
CA ALA G 80 5.64 -126.59 -20.79
CA TYR G 81 8.22 -129.19 -19.61
CA MET G 82 11.72 -130.21 -20.54
CA GLY G 83 12.90 -133.76 -19.75
CA LEU G 84 16.71 -134.33 -19.56
CA SER G 85 17.83 -138.01 -19.40
CA SER G 86 21.16 -139.75 -18.59
CA LEU G 87 22.30 -137.01 -16.21
CA ARG G 88 26.06 -136.40 -15.94
CA PRO G 89 27.78 -134.17 -13.26
CA GLU G 90 28.31 -131.45 -15.98
CA ASP G 91 24.47 -131.05 -16.27
CA THR G 92 24.66 -129.17 -12.89
CA ALA G 93 23.31 -125.81 -14.12
CA VAL G 94 20.41 -123.34 -13.85
CA TYR G 95 17.68 -124.26 -16.41
CA TYR G 96 15.60 -121.33 -17.70
CA CYS G 97 12.56 -121.32 -19.91
CA ALA G 98 12.20 -118.04 -21.88
CA ARG G 99 9.52 -116.75 -24.24
CA ASP G 100 9.73 -116.50 -28.06
CA PRO G 101 7.74 -113.22 -28.75
CA TYR G 102 6.73 -114.38 -32.30
CA GLY G 103 6.12 -118.20 -32.16
CA GLY G 104 8.61 -119.02 -35.00
CA GLY G 105 11.60 -120.58 -33.11
CA LYS G 106 14.38 -118.10 -33.97
CA SER G 107 14.11 -114.98 -31.84
CA GLU G 108 15.46 -112.88 -28.97
CA PHE G 109 13.75 -113.93 -25.65
CA ASP G 110 11.55 -111.18 -24.05
CA TYR G 111 10.34 -112.91 -20.78
CA TRP G 112 12.44 -115.34 -18.78
CA GLY G 113 11.41 -117.79 -16.06
CA GLN G 114 13.38 -117.55 -12.77
CA GLY G 115 15.58 -120.67 -13.23
CA THR G 116 15.70 -124.09 -11.53
CA LEU G 117 19.07 -125.32 -10.37
CA VAL G 118 19.49 -129.06 -11.04
CA THR G 119 22.49 -130.47 -9.21
CA VAL G 120 23.75 -133.89 -10.36
CA SER G 121 25.38 -135.73 -7.37
CA SER G 122 25.90 -138.97 -5.34
CA ALA G 123 28.04 -137.27 -2.57
CA SER G 124 24.95 -137.40 -0.39
CA PRO G 125 22.25 -134.64 -0.18
CA THR G 126 22.19 -132.98 3.32
CA SER G 127 19.67 -130.35 4.60
CA PRO G 128 20.99 -127.13 6.31
CA LYS G 129 21.02 -126.72 10.11
CA VAL G 130 20.12 -123.09 10.90
CA PHE G 131 21.78 -121.40 13.94
CA PRO G 132 21.21 -117.92 15.43
CA LEU G 133 23.97 -115.26 15.40
CA SER G 134 23.12 -112.76 18.21
CA LEU G 135 25.00 -110.67 20.85
CA CYS G 136 23.84 -109.75 24.41
CA SER G 137 25.76 -106.48 25.30
CA THR G 138 28.79 -107.49 23.08
CA GLN G 139 27.76 -105.24 20.06
CA PRO G 140 28.47 -101.42 20.00
CA ASP G 141 25.78 -99.06 21.57
CA GLY G 142 23.69 -97.70 18.61
CA ASN G 143 23.35 -100.31 15.79
CA VAL G 144 22.44 -104.05 15.97
CA VAL G 145 23.84 -106.93 13.80
CA ILE G 146 21.96 -110.25 13.98
CA ALA G 147 22.27 -113.19 11.61
CA CYS G 148 21.45 -116.82 10.68
CA LEU G 149 24.25 -119.35 10.00
CA VAL G 150 22.85 -121.83 7.35
CA GLN G 151 25.26 -124.73 8.00
CA GLY G 152 26.31 -128.08 6.49
CA PHE G 153 24.18 -128.49 3.35
CA PHE G 154 24.70 -130.21 -0.05
CA PRO G 155 24.22 -129.53 -2.85
CA GLN G 156 24.44 -125.66 -3.11
CA GLU G 157 21.01 -125.07 -4.89
CA PRO G 158 19.00 -121.73 -4.69
CA LEU G 159 18.79 -120.56 -1.05
CA SER G 160 15.95 -118.01 -0.46
CA VAL G 161 16.65 -116.06 2.79
CA THR G 162 14.03 -113.50 3.91
CA TRP G 163 13.90 -111.57 7.25
CA SER G 164 10.66 -110.55 9.16
CA GLU G 165 11.71 -106.83 9.44
CA SER G 166 12.24 -104.56 6.32
CA GLY G 167 12.81 -100.75 6.07
CA GLN G 168 15.02 -97.75 5.01
CA GLY G 169 17.93 -98.27 7.50
CA VAL G 170 17.59 -102.12 7.81
CA THR G 171 20.24 -103.74 5.51
CA ALA G 172 20.21 -107.48 4.59
CA ARG G 173 23.48 -109.10 3.40
CA ASN G 174 23.24 -112.65 1.96
CA PHE G 175 26.83 -114.10 1.87
CA PRO G 176 27.43 -116.54 -1.11
CA PRO G 177 27.89 -120.32 -0.31
CA SER G 178 31.43 -121.32 0.82
CA GLN G 179 32.52 -124.97 0.34
CA ASP G 180 34.35 -126.99 3.11
CA ALA G 181 37.19 -129.26 1.70
CA SER G 182 36.56 -131.47 -1.44
CA GLY G 183 32.77 -130.97 -1.99
CA ASP G 184 31.93 -132.21 1.59
CA LEU G 185 29.53 -129.49 2.96
CA TYR G 186 28.46 -125.90 1.99
CA THR G 187 27.87 -123.08 4.58
CA THR G 188 26.23 -119.60 3.98
CA SER G 189 25.49 -116.77 6.47
CA SER G 190 22.59 -114.21 6.18
CA GLN G 191 23.13 -110.95 8.16
CA LEU G 192 20.55 -108.24 9.14
CA THR G 193 22.07 -104.84 10.21
CA LEU G 194 19.41 -102.46 11.75
CA PRO G 195 19.32 -99.49 14.27
CA ALA G 196 19.21 -100.47 18.04
CA THR G 197 15.89 -98.48 18.42
CA GLN G 198 14.38 -100.87 15.75
CA CYS G 199 15.75 -104.05 17.52
CA LEU G 200 15.24 -103.56 21.33
CA ALA G 201 16.33 -106.06 24.11
CA GLY G 202 13.74 -108.87 24.67
CA LYS G 203 12.41 -108.62 21.05
CA SER G 204 13.25 -110.97 18.09
CA VAL G 205 13.45 -110.95 14.22
CA THR G 206 12.53 -114.12 12.23
CA CYS G 207 14.85 -115.44 9.47
CA HIS G 208 12.99 -117.55 6.82
CA VAL G 209 15.27 -119.98 4.88
CA LYS G 210 14.05 -121.90 1.78
CA HIS G 211 16.53 -124.49 0.38
CA TYR G 212 15.30 -125.56 -3.23
CA THR G 213 11.62 -126.68 -3.36
CA ASN G 214 11.79 -127.92 0.28
CA PRO G 215 9.51 -126.46 3.08
CA SER G 216 10.63 -123.14 4.71
CA GLN G 217 12.87 -123.43 7.82
CA ASP G 218 12.19 -120.55 10.27
CA VAL G 219 14.38 -119.30 13.18
CA THR G 220 13.47 -116.57 15.69
CA VAL G 221 16.78 -114.72 16.37
CA PRO G 222 17.08 -112.41 19.48
CA CYS G 223 18.67 -111.62 20.31
CA PRO G 224 20.25 -110.83 21.13
CA VAL G 225 21.48 -107.96 20.86
CA PRO G 226 21.64 -104.73 18.20
CA SER G 227 24.64 -102.19 17.68
CA THR G 228 24.73 -99.20 15.30
CA PRO G 229 27.83 -97.98 13.69
CA PRO G 230 27.46 -95.59 11.68
CA THR G 231 28.28 -92.14 13.78
CA PRO G 232 27.89 -88.28 13.79
CA SER G 233 30.91 -86.44 12.44
CA PRO G 234 30.71 -82.47 12.92
CA SER G 235 33.52 -80.41 10.83
CA THR G 236 33.30 -76.49 10.47
CA PRO G 237 36.67 -74.30 10.50
CA PRO G 238 37.41 -70.55 11.24
CA THR G 239 38.20 -68.40 7.93
CA PRO G 240 39.28 -64.65 7.29
CA SER G 241 37.85 -62.30 4.52
CA PRO G 242 40.36 -59.28 4.86
CA SER G 243 39.27 -55.63 5.50
CA CYS G 244 41.10 -52.45 3.81
CA CYS G 245 40.74 -48.44 3.19
CA HIS G 246 42.32 -46.64 0.09
CA PRO G 247 43.98 -43.27 1.00
CA ARG G 248 42.15 -40.49 -1.00
CA LEU G 249 41.36 -36.95 0.42
CA SER G 250 38.28 -35.20 -1.17
CA LEU G 251 36.69 -31.75 -0.45
CA HIS G 252 32.95 -31.40 -1.41
CA ARG G 253 31.90 -27.66 -1.60
CA PRO G 254 28.64 -26.08 -0.17
CA ALA G 255 25.52 -25.95 -2.50
CA LEU G 256 24.54 -22.56 -4.16
CA GLU G 257 20.74 -22.63 -3.38
CA ASP G 258 21.16 -23.49 0.39
CA LEU G 259 23.93 -20.85 1.05
CA LEU G 260 21.85 -18.10 -0.75
CA LEU G 261 18.38 -18.99 0.75
CA GLY G 262 18.92 -18.72 4.58
CA SER G 263 22.80 -18.89 5.00
CA GLU G 264 23.06 -22.76 5.05
CA ALA G 265 26.58 -23.83 3.85
CA ASN G 266 28.80 -26.78 4.96
CA LEU G 267 32.26 -27.48 3.46
CA THR G 268 32.71 -31.24 3.74
CA CYS G 269 36.04 -33.10 4.17
CA THR G 270 36.16 -36.79 3.22
CA LEU G 271 39.21 -39.12 3.79
CA THR G 272 38.75 -42.27 1.64
CA GLY G 273 41.52 -44.98 1.61
CA LEU G 274 42.82 -45.11 5.25
CA ARG G 275 43.84 -48.86 5.65
CA ASP G 276 43.27 -51.21 8.72
CA ALA G 277 43.89 -50.25 12.48
CA SER G 278 43.74 -46.47 11.98
CA GLY G 279 42.43 -42.93 12.87
CA VAL G 280 42.38 -39.46 11.16
CA THR G 281 43.10 -36.05 12.85
CA PHE G 282 41.46 -32.99 11.23
CA THR G 283 42.67 -29.31 11.31
CA TRP G 284 40.13 -26.81 9.78
CA THR G 285 40.71 -22.99 9.35
CA PRO G 286 37.90 -20.91 11.04
CA SER G 287 35.29 -18.95 8.95
CA SER G 288 35.58 -15.08 8.92
CA GLY G 289 33.52 -14.27 12.11
CA LYS G 290 35.92 -16.35 14.36
CA SER G 291 34.04 -19.69 13.90
CA ALA G 292 35.48 -23.29 13.79
CA VAL G 293 32.96 -26.16 14.51
CA GLN G 294 33.48 -29.88 13.43
CA GLY G 295 31.92 -33.45 13.74
CA PRO G 296 34.13 -36.41 12.53
CA PRO G 297 32.74 -40.07 12.47
CA GLU G 298 34.73 -43.11 11.09
CA ARG G 299 32.72 -45.07 8.46
CA ASP G 300 34.02 -48.36 6.87
CA LEU G 301 33.17 -47.97 3.08
CA CYS G 302 33.95 -50.84 0.56
CA GLY G 303 36.11 -52.55 3.25
CA CYS G 304 38.15 -49.59 4.72
CA TYR G 305 37.75 -46.50 7.07
CA SER G 306 36.62 -42.97 5.95
CA VAL G 307 36.89 -39.96 8.39
CA SER G 308 34.26 -37.57 7.05
CA SER G 309 34.27 -34.28 8.99
CA VAL G 310 32.02 -31.24 8.26
CA LEU G 311 32.55 -27.47 8.96
CA PRO G 312 29.25 -25.41 9.03
CA GLY G 313 29.64 -21.93 7.40
CA CYS G 314 27.81 -18.60 6.90
CA ALA G 315 26.98 -16.87 3.53
CA GLU G 316 29.31 -13.78 4.07
CA PRO G 317 32.75 -15.66 4.14
CA TRP G 318 31.74 -17.64 0.95
CA ASN G 319 30.33 -14.50 -0.89
CA HIS G 320 33.18 -12.04 0.13
CA GLY G 321 36.21 -14.41 -0.43
CA LYS G 322 37.44 -16.83 2.33
CA THR G 323 39.91 -19.79 1.91
CA PHE G 324 38.75 -22.99 3.74
CA THR G 325 41.63 -25.37 4.53
CA CYS G 326 41.06 -28.98 5.67
CA THR G 327 44.46 -30.27 6.83
CA ALA G 328 44.41 -33.96 7.81
CA ALA G 329 47.27 -35.77 9.72
CA TYR G 330 47.86 -39.61 9.92
CA PRO G 331 51.19 -41.52 10.73
CA GLU G 332 51.21 -43.72 7.51
CA SER G 333 50.65 -40.46 5.45
CA LYS G 334 54.25 -39.01 5.84
CA THR G 335 53.13 -35.55 4.52
CA PRO G 336 49.87 -34.39 6.31
CA LEU G 337 47.38 -33.56 3.48
CA THR G 338 46.17 -29.97 3.14
CA ALA G 339 43.20 -29.19 0.78
CA THR G 340 42.01 -25.54 0.48
CA LEU G 341 38.76 -24.25 -1.09
CA SER G 342 37.17 -20.76 -1.82
CA LYS G 343 35.17 -18.66 -4.43
CA SER G 344 36.25 -18.35 -8.15
CA GLY G 345 38.13 -15.72 -10.28
CA ASN G 346 38.20 -11.87 -10.69
CA THR G 347 34.84 -9.90 -10.70
CA PHE G 348 32.85 -8.31 -13.66
CA ARG G 349 29.69 -6.04 -13.45
CA PRO G 350 26.47 -7.69 -14.93
CA GLU G 351 24.90 -5.83 -17.89
CA VAL G 352 21.08 -6.14 -17.36
CA HIS G 353 18.84 -5.53 -20.47
CA LEU G 354 15.04 -6.11 -20.24
CA LEU G 355 13.38 -7.39 -23.46
CA PRO G 356 9.60 -7.04 -24.17
CA PRO G 357 7.68 -9.92 -25.91
CA PRO G 358 7.88 -10.61 -29.67
CA SER G 359 4.98 -9.28 -31.87
CA GLU G 360 3.93 -12.92 -32.73
CA GLU G 361 3.66 -13.91 -28.99
CA LEU G 362 0.87 -11.25 -28.62
CA ALA G 363 -1.22 -13.67 -30.79
CA LEU G 364 -0.93 -15.92 -27.63
CA ASN G 365 -3.01 -15.29 -24.40
CA GLU G 366 -2.39 -16.81 -20.87
CA LEU G 367 1.41 -16.10 -20.66
CA VAL G 368 3.39 -13.14 -22.19
CA THR G 369 7.09 -13.84 -22.18
CA LEU G 370 8.95 -10.96 -20.36
CA THR G 371 12.70 -11.58 -20.70
CA CYS G 372 15.71 -10.06 -18.90
CA LEU G 373 19.26 -10.80 -20.14
CA ALA G 374 22.05 -10.60 -17.50
CA ARG G 375 25.35 -10.81 -19.47
CA GLY G 376 29.15 -10.31 -19.11
CA PHE G 377 29.16 -11.12 -15.34
CA SER G 378 31.73 -12.98 -13.11
CA PRO G 379 31.87 -14.93 -10.94
CA LYS G 380 28.74 -17.05 -11.84
CA ASP G 381 27.37 -16.23 -8.40
CA VAL G 382 24.16 -14.14 -8.97
CA LEU G 383 20.48 -13.76 -7.82
CA VAL G 384 17.77 -12.60 -10.25
CA ARG G 385 14.15 -11.92 -9.13
CA TRP G 386 11.05 -10.24 -10.67
CA LEU G 387 8.64 -7.62 -9.24
CA GLN G 388 5.18 -6.31 -10.21
CA GLY G 389 4.78 -2.46 -10.13
CA SER G 390 0.93 -2.62 -10.43
CA GLN G 391 0.41 -4.45 -7.04
CA GLU G 392 3.74 -3.36 -5.32
CA LEU G 393 4.61 -7.08 -4.82
CA PRO G 394 7.12 -9.82 -5.89
CA ARG G 395 6.01 -12.10 -8.79
CA GLU G 396 5.52 -15.89 -9.06
CA LYS G 397 5.44 -17.20 -12.65
CA TYR G 398 9.14 -16.84 -13.55
CA LEU G 399 12.01 -19.24 -14.41
CA THR G 400 15.82 -18.54 -14.64
CA TRP G 401 18.24 -20.70 -16.78
CA ALA G 402 22.15 -20.72 -16.98
CA SER G 403 25.23 -20.27 -19.34
CA ARG G 404 28.98 -20.13 -18.35
CA GLN G 405 30.89 -18.90 -21.49
CA GLU G 406 34.38 -20.50 -22.05
CA PRO G 407 35.95 -21.16 -25.55
CA SER G 408 39.69 -21.81 -26.42
CA GLN G 409 40.59 -18.06 -25.96
CA GLY G 410 41.05 -15.78 -22.86
CA THR G 411 37.37 -14.64 -23.06
CA THR G 412 35.44 -16.25 -20.09
CA THR G 413 32.37 -14.52 -18.38
CA PHE G 414 28.70 -15.73 -17.82
CA ALA G 415 25.23 -15.01 -19.27
CA VAL G 416 21.67 -15.96 -18.13
CA THR G 417 18.14 -15.22 -19.36
CA SER G 418 15.21 -14.97 -16.88
CA ILE G 419 11.64 -15.54 -18.15
CA LEU G 420 8.61 -13.89 -16.39
CA ARG G 421 5.35 -15.16 -17.92
CA VAL G 422 2.27 -12.79 -17.61
CA ALA G 423 -1.34 -12.52 -18.89
CA ALA G 424 -1.41 -10.61 -22.28
CA GLU G 425 -3.91 -8.12 -20.70
CA ASP G 426 -1.74 -6.84 -17.72
CA TRP G 427 1.18 -5.97 -20.07
CA LYS G 428 -1.38 -4.01 -22.25
CA LYS G 429 -2.95 -2.44 -19.08
CA GLY G 430 0.43 -0.59 -18.96
CA ASP G 431 2.00 -2.44 -16.01
CA THR G 432 5.68 -1.96 -15.08
CA PHE G 433 7.54 -5.23 -14.33
CA SER G 434 11.14 -5.04 -13.00
CA CYS G 435 13.98 -7.58 -13.10
CA MET G 436 16.17 -7.18 -9.94
CA VAL G 437 19.77 -8.52 -10.24
CA GLY G 438 22.06 -8.98 -7.19
CA HIS G 439 25.79 -9.57 -7.79
CA GLU G 440 29.24 -9.02 -6.11
CA ALA G 441 30.25 -6.30 -8.69
CA LEU G 442 26.96 -4.28 -8.73
CA PRO G 443 27.09 -0.69 -7.20
CA LEU G 444 25.02 -1.41 -4.02
CA ALA G 445 25.19 -5.21 -4.70
CA PHE G 446 21.80 -4.59 -6.39
CA THR G 447 20.48 -3.18 -9.69
CA GLN G 448 16.92 -3.22 -11.12
CA LYS G 449 15.95 -2.67 -14.81
CA THR G 450 12.26 -2.08 -15.72
CA ILE G 451 9.83 -3.18 -18.53
CA ASP G 452 6.43 -1.67 -19.49
CA ARG G 453 4.14 -1.37 -22.61
CA LEU G 454 5.08 2.39 -22.54
CA ALA G 455 7.98 3.53 -24.84
CA GLY G 456 9.07 7.24 -24.82
CA LYS G 457 11.83 7.83 -27.45
CA PRO G 458 14.11 10.41 -25.75
CA THR G 459 15.21 7.41 -25.19
CA HIS G 460 15.31 4.49 -22.64
CA VAL G 461 15.11 6.18 -19.12
CA ASN G 462 14.11 4.79 -15.61
CA VAL G 463 11.55 5.41 -12.69
CA SER G 464 11.96 8.23 -10.04
CA VAL G 465 13.50 8.15 -6.42
CA VAL G 466 11.07 6.06 -4.21
CA MET G 467 12.02 6.40 -0.47
CA ALA G 468 14.28 8.78 1.65
CA GLU G 469 15.82 8.81 4.44
CA VAL G 470 15.55 5.72 6.85
CA ASP G 471 18.68 3.93 5.42
CA GLY G 472 19.20 1.04 7.96
CA THR G 473 22.18 2.52 9.94
CA CYS G 474 20.28 5.80 10.75
CA TYR G 475 16.73 4.27 11.30
CA GLN H 1 94.97 -34.95 35.31
CA VAL H 2 96.66 -38.31 36.11
CA LYS H 3 93.44 -38.42 38.09
CA LEU H 4 92.56 -35.22 40.11
CA LEU H 5 92.82 -36.61 43.68
CA GLU H 6 94.87 -39.90 43.66
CA GLN H 7 95.64 -42.23 46.56
CA SER H 8 98.42 -44.67 47.60
CA GLY H 9 97.36 -48.34 47.08
CA ALA H 10 96.56 -51.02 49.62
CA GLU H 11 97.76 -52.40 52.42
CA VAL H 12 97.86 -55.13 54.97
CA LYS H 13 98.98 -54.14 58.44
CA LYS H 14 99.28 -56.31 61.57
CA PRO H 15 96.91 -55.43 64.53
CA GLY H 16 98.74 -52.83 66.73
CA ALA H 17 100.66 -51.30 63.77
CA SER H 18 100.12 -47.90 62.10
CA VAL H 19 99.16 -47.15 58.46
CA LYS H 20 99.91 -43.96 56.47
CA VAL H 21 97.62 -43.24 53.49
CA SER H 22 98.50 -40.43 51.00
CA CYS H 23 96.36 -38.35 48.66
CA LYS H 24 98.11 -36.39 45.84
CA ALA H 25 96.12 -33.46 44.36
CA SER H 26 96.76 -32.66 40.61
CA GLY H 27 95.17 -30.04 38.24
CA TYR H 28 93.73 -27.56 40.83
CA SER H 29 95.44 -25.09 43.28
CA PHE H 30 96.16 -27.39 46.31
CA THR H 31 96.33 -24.65 49.05
CA SER H 32 92.92 -23.07 48.09
CA TYR H 33 90.81 -26.05 49.41
CA GLY H 34 90.52 -28.37 52.39
CA LEU H 35 90.60 -32.19 52.15
CA HIS H 36 88.23 -34.47 54.10
CA TRP H 37 89.06 -38.13 55.09
CA VAL H 38 86.21 -40.70 55.07
CA ARG H 39 86.19 -44.50 55.49
CA GLN H 40 83.82 -47.33 54.54
CA ALA H 41 84.09 -50.64 56.45
CA PRO H 42 82.68 -53.71 54.57
CA GLY H 43 78.83 -53.61 54.35
CA GLN H 44 78.73 -50.37 56.35
CA ARG H 45 77.94 -46.71 55.84
CA LEU H 46 80.59 -44.06 55.15
CA GLU H 47 82.14 -42.61 58.33
CA TRP H 48 83.72 -39.13 58.42
CA MET H 49 87.17 -39.19 60.18
CA GLY H 50 88.62 -35.66 59.79
CA TRP H 51 89.60 -32.67 57.62
CA ILE H 52 92.80 -30.68 56.89
CA SER H 53 93.12 -27.14 55.44
CA ALA H 54 95.91 -27.39 52.76
CA GLY H 55 96.73 -23.64 53.20
CA THR H 56 97.15 -23.42 57.04
CA GLY H 57 97.73 -27.12 57.97
CA ASN H 58 94.83 -26.82 60.53
CA THR H 59 93.04 -29.91 61.57
CA LYS H 60 89.57 -31.09 62.61
CA TYR H 61 88.64 -34.67 63.47
CA SER H 62 85.98 -37.07 64.72
CA GLN H 63 86.36 -37.77 68.47
CA LYS H 64 85.72 -41.49 67.63
CA PHE H 65 89.46 -41.41 66.49
CA ARG H 66 90.65 -39.22 69.46
CA GLY H 67 94.33 -39.87 70.21
CA ARG H 68 95.05 -42.20 67.20
CA VAL H 69 94.50 -40.19 63.95
CA THR H 70 96.97 -37.58 62.49
CA PHE H 71 96.55 -35.34 59.36
CA THR H 72 99.55 -33.80 57.55
CA ARG H 73 100.03 -31.98 54.19
CA ASP H 74 103.25 -31.59 52.15
CA THR H 75 102.37 -28.31 50.43
CA SER H 76 105.37 -28.51 47.96
CA ALA H 77 104.61 -32.14 46.80
CA THR H 78 100.87 -31.23 46.89
CA THR H 79 100.03 -34.37 48.93
CA ALA H 80 97.97 -34.78 52.12
CA TYR H 81 98.35 -37.80 54.46
CA MET H 82 96.36 -39.46 57.19
CA GLY H 83 98.16 -41.53 59.83
CA LEU H 84 96.05 -44.12 61.75
CA SER H 85 97.76 -45.72 64.81
CA SER H 86 96.96 -48.75 67.04
CA LEU H 87 95.24 -50.68 64.23
CA ARG H 88 92.43 -53.04 65.24
CA PRO H 89 90.76 -55.67 62.89
CA GLU H 90 87.67 -53.32 62.62
CA ASP H 91 89.86 -50.68 60.87
CA THR H 92 89.72 -52.96 57.75
CA ALA H 93 87.98 -50.49 55.40
CA VAL H 94 88.40 -48.39 52.24
CA TYR H 95 89.93 -44.97 53.14
CA TYR H 96 88.95 -42.09 50.84
CA CYS H 97 90.20 -38.55 50.75
CA ALA H 98 87.60 -36.13 49.28
CA ARG H 99 87.71 -32.40 48.49
CA ASP H 100 86.05 -29.57 50.48
CA PRO H 101 85.00 -27.13 47.62
CA TYR H 102 85.18 -24.06 49.96
CA GLY H 103 88.15 -24.61 52.41
CA GLY H 104 86.00 -24.15 55.60
CA GLY H 105 85.70 -27.74 56.96
CA LYS H 106 81.91 -28.25 56.81
CA SER H 107 80.80 -29.05 53.27
CA GLU H 108 79.55 -31.61 50.77
CA PHE H 109 82.54 -33.31 48.99
CA ASP H 110 82.78 -32.61 45.20
CA TYR H 111 85.87 -34.74 44.17
CA TRP H 112 86.77 -38.07 45.74
CA GLY H 113 90.02 -40.03 45.61
CA GLN H 114 89.70 -43.70 44.48
CA GLY H 115 90.11 -45.35 47.93
CA THR H 116 92.86 -47.45 49.53
CA LEU H 117 91.83 -50.65 51.23
CA VAL H 118 93.75 -51.19 54.48
CA THR H 119 93.30 -54.73 55.77
CA VAL H 120 94.30 -55.35 59.42
CA SER H 121 95.46 -59.01 59.82
CA SER H 122 97.95 -61.57 61.29
CA ALA H 123 96.39 -64.63 59.46
CA SER H 124 99.32 -64.43 57.07
CA PRO H 125 99.39 -62.36 53.80
CA THR H 126 99.59 -64.63 50.67
CA SER H 127 100.00 -63.50 47.01
CA PRO H 128 97.60 -64.93 44.30
CA LYS H 129 98.67 -67.75 41.95
CA VAL H 130 97.17 -67.03 38.51
CA PHE H 131 96.02 -69.99 36.34
CA PRO H 132 94.65 -70.04 32.75
CA LEU H 133 91.06 -71.13 32.01
CA SER H 134 90.99 -72.22 28.32
CA LEU H 135 89.30 -74.95 26.17
CA CYS H 136 90.72 -76.74 23.07
CA SER H 137 87.61 -77.91 21.03
CA THR H 138 85.46 -78.26 24.24
CA GLN H 139 83.63 -74.86 23.80
CA PRO H 140 80.62 -74.43 21.37
CA ASP H 141 81.43 -73.49 17.68
CA GLY H 142 80.89 -69.66 17.42
CA ASN H 143 81.83 -67.86 20.70
CA VAL H 144 84.96 -68.24 22.92
CA VAL H 145 85.14 -68.06 26.79
CA ILE H 146 88.63 -67.76 28.31
CA ALA H 147 89.51 -66.76 31.86
CA CYS H 148 92.09 -66.34 34.64
CA LEU H 149 91.64 -68.06 38.03
CA VAL H 150 93.27 -65.72 40.68
CA GLN H 151 93.78 -68.30 43.44
CA GLY H 152 94.74 -68.51 47.15
CA PHE H 153 95.33 -64.91 48.25
CA PHE H 154 94.90 -63.00 51.55
CA PRO H 155 93.77 -60.43 52.38
CA GLN H 156 91.01 -59.53 49.80
CA GLU H 157 92.29 -55.96 48.88
CA PRO H 158 91.52 -54.17 45.51
CA LEU H 159 92.19 -56.56 42.60
CA SER H 160 92.63 -54.73 39.22
CA VAL H 161 92.03 -57.22 36.34
CA THR H 162 92.51 -55.93 32.78
CA TRP H 163 92.50 -57.99 29.49
CA SER H 164 94.68 -57.24 26.35
CA GLU H 165 91.64 -57.29 23.94
CA SER H 166 88.72 -54.76 24.21
CA GLY H 167 85.74 -54.11 21.83
CA GLN H 168 81.93 -54.01 21.17
CA GLY H 169 81.19 -57.79 21.42
CA VAL H 170 84.06 -58.64 23.90
CA THR H 171 82.53 -58.85 27.45
CA ALA H 172 84.67 -58.94 30.64
CA ARG H 173 83.12 -60.37 33.85
CA ASN H 174 85.10 -59.89 37.10
CA PHE H 175 83.62 -62.32 39.72
CA PRO H 176 83.76 -60.95 43.38
CA PRO H 177 86.20 -62.64 45.87
CA SER H 178 84.88 -65.88 47.48
CA GLN H 179 86.38 -66.95 50.84
CA ASP H 180 87.45 -70.61 51.58
CA ALA H 181 86.54 -71.77 55.20
CA SER H 182 87.30 -69.46 58.24
CA GLY H 183 89.30 -66.62 56.57
CA ASP H 184 91.95 -69.10 55.18
CA LEU H 185 92.25 -68.10 51.44
CA TYR H 186 90.28 -65.93 48.91
CA THR H 187 89.75 -66.94 45.20
CA THR H 188 88.36 -64.74 42.31
CA SER H 189 87.88 -65.59 38.60
CA SER H 190 88.04 -63.03 35.68
CA GLN H 191 86.24 -64.18 32.46
CA LEU H 192 86.55 -62.78 28.87
CA THR H 193 83.68 -63.79 26.47
CA LEU H 194 84.46 -62.83 22.78
CA PRO H 195 83.47 -64.06 19.22
CA ALA H 196 85.51 -67.07 17.84
CA THR H 197 86.56 -64.92 14.78
CA GLN H 198 88.19 -62.47 17.32
CA CYS H 199 89.98 -65.33 19.25
CA LEU H 200 91.34 -67.82 16.62
CA ALA H 201 93.23 -71.14 17.38
CA GLY H 202 97.01 -70.60 18.02
CA LYS H 203 96.45 -66.95 19.24
CA SER H 204 96.38 -65.73 22.91
CA VAL H 205 94.86 -62.89 25.07
CA THR H 206 96.85 -61.49 28.06
CA CYS H 207 95.18 -61.08 31.50
CA HIS H 208 96.89 -58.38 33.69
CA VAL H 209 96.25 -58.80 37.46
CA LYS H 210 97.23 -56.12 40.03
CA HIS H 211 96.77 -57.12 43.72
CA TYR H 212 97.02 -53.84 45.93
CA THR H 213 100.18 -51.73 45.27
CA ASN H 214 102.16 -54.88 44.25
CA PRO H 215 103.71 -55.31 40.71
CA SER H 216 101.37 -56.52 37.89
CA GLN H 217 101.16 -60.33 37.36
CA ASP H 218 100.59 -61.15 33.66
CA VAL H 219 99.35 -64.44 32.09
CA THR H 220 99.05 -65.22 28.36
CA VAL H 221 95.77 -67.23 28.03
CA PRO H 222 95.19 -69.30 24.77
CA CYS H 223 93.91 -70.72 24.42
CA PRO H 224 92.63 -72.15 24.07
CA VAL H 225 89.83 -72.10 22.65
CA PRO H 226 86.69 -69.48 21.82
CA SER H 227 82.82 -70.38 21.52
CA THR H 228 79.96 -67.97 20.68
CA PRO H 229 76.53 -68.39 21.98
CA PRO H 230 74.50 -66.12 21.17
CA THR H 231 72.44 -67.50 17.88
CA PRO H 232 70.18 -66.43 14.90
CA SER H 233 66.48 -66.86 15.58
CA PRO H 234 64.19 -66.27 12.34
CA SER H 235 60.22 -65.96 13.17
CA THR H 236 57.68 -64.71 10.42
CA PRO H 237 54.00 -66.32 10.24
CA PRO H 238 51.32 -66.55 7.43
CA THR H 239 48.21 -64.05 7.99
CA PRO H 240 44.81 -63.43 6.08
CA SER H 241 43.26 -59.94 5.26
CA PRO H 242 39.71 -61.10 3.95
CA SER H 243 38.28 -60.14 0.48
CA CYS H 244 34.39 -59.30 -0.12
CA CYS H 245 31.80 -57.74 -2.85
CA HIS H 246 28.46 -55.96 -1.81
CA PRO H 247 25.47 -56.96 -4.06
CA ARG H 248 24.17 -53.73 -5.77
CA LEU H 249 22.88 -53.58 -9.44
CA SER H 250 23.24 -50.12 -11.16
CA LEU H 251 22.30 -48.94 -14.72
CA HIS H 252 24.23 -45.87 -16.05
CA ARG H 253 22.42 -44.29 -19.10
CA PRO H 254 24.07 -43.04 -22.40
CA ALA H 255 25.25 -39.34 -22.56
CA LEU H 256 23.11 -36.76 -24.53
CA GLU H 257 25.97 -35.04 -26.51
CA ASP H 258 27.58 -38.36 -27.75
CA LEU H 259 24.23 -39.99 -28.86
CA LEU H 260 23.19 -36.77 -30.75
CA LEU H 261 26.62 -35.97 -32.39
CA GLY H 262 27.45 -39.16 -34.43
CA SER H 263 25.11 -41.89 -32.90
CA GLU H 264 27.47 -42.91 -30.00
CA ALA H 265 25.40 -44.38 -27.09
CA ASN H 266 26.24 -47.20 -24.60
CA LEU H 267 23.85 -48.32 -21.82
CA THR H 268 26.10 -49.61 -19.04
CA CYS H 269 25.24 -52.37 -16.52
CA THR H 270 27.25 -52.51 -13.27
CA LEU H 271 26.93 -55.29 -10.61
CA THR H 272 28.53 -54.05 -7.35
CA GLY H 273 28.44 -56.28 -4.19
CA LEU H 274 28.95 -59.89 -5.51
CA ARG H 275 30.87 -61.61 -2.57
CA ASP H 276 33.86 -64.11 -2.78
CA ALA H 277 34.14 -67.15 -5.24
CA SER H 278 31.60 -65.87 -7.78
CA GLY H 279 30.47 -65.00 -11.39
CA VAL H 280 27.64 -62.92 -13.00
CA THR H 281 25.51 -63.93 -16.09
CA PHE H 282 24.04 -61.04 -18.13
CA THR H 283 20.86 -61.06 -20.32
CA TRP H 284 20.39 -57.80 -22.40
CA THR H 285 17.35 -57.02 -24.68
CA PRO H 286 18.46 -56.16 -28.30
CA SER H 287 18.19 -52.55 -29.70
CA SER H 288 15.45 -51.88 -32.37
CA GLY H 289 17.42 -52.88 -35.56
CA LYS H 290 17.97 -56.51 -34.25
CA SER H 291 21.24 -55.72 -32.38
CA ALA H 292 22.61 -57.28 -29.10
CA VAL H 293 26.43 -56.90 -28.46
CA GLN H 294 28.13 -57.18 -24.96
CA GLY H 295 31.61 -57.23 -23.20
CA PRO H 296 31.64 -58.29 -19.46
CA PRO H 297 34.94 -58.17 -17.36
CA GLU H 298 35.11 -58.98 -13.57
CA ARG H 299 36.81 -56.16 -11.56
CA ASP H 300 37.52 -56.44 -7.76
CA LEU H 301 36.50 -52.96 -6.35
CA CYS H 302 36.98 -52.11 -2.57
CA GLY H 303 37.60 -55.85 -1.87
CA CYS H 304 34.81 -57.60 -3.96
CA TYR H 305 33.89 -58.48 -7.64
CA SER H 306 31.95 -56.17 -10.07
CA VAL H 307 30.65 -57.56 -13.46
CA SER H 308 30.38 -54.43 -15.59
CA SER H 309 28.91 -55.22 -19.02
CA VAL H 310 28.16 -52.64 -21.79
CA LEU H 311 25.60 -52.69 -24.68
CA PRO H 312 26.48 -50.30 -27.62
CA GLY H 313 23.37 -48.55 -29.09
CA CYS H 314 22.23 -46.34 -32.01
CA ALA H 315 20.47 -42.89 -31.80
CA GLU H 316 17.08 -44.07 -33.34
CA PRO H 317 16.04 -46.63 -30.56
CA TRP H 318 16.88 -44.00 -27.82
CA ASN H 319 15.12 -41.07 -29.70
CA HIS H 320 11.96 -43.06 -30.84
CA GLY H 321 11.28 -44.99 -27.52
CA LYS H 322 13.02 -48.36 -26.75
CA THR H 323 13.16 -50.18 -23.32
CA PHE H 324 16.67 -51.55 -22.48
CA THR H 325 16.58 -54.41 -19.96
CA CYS H 326 19.72 -55.70 -18.19
CA THR H 327 18.71 -58.95 -16.45
CA ALA H 328 21.49 -60.45 -14.32
CA ALA H 329 21.44 -64.03 -12.82
CA TYR H 330 23.62 -65.36 -9.89
CA PRO H 331 22.93 -68.42 -7.54
CA GLU H 332 23.23 -66.43 -4.19
CA SER H 333 20.74 -63.83 -5.68
CA LYS H 334 17.53 -66.02 -5.42
CA THR H 335 15.54 -63.60 -7.69
CA PRO H 336 17.59 -62.73 -10.88
CA LEU H 337 17.71 -58.87 -11.01
CA THR H 338 16.06 -57.11 -13.95
CA ALA H 339 16.70 -53.33 -14.49
CA THR H 340 15.00 -51.59 -17.48
CA LEU H 341 15.78 -48.14 -18.95
CA SER H 342 14.31 -45.86 -21.75
CA LYS H 343 13.35 -42.22 -22.72
CA SER H 344 11.11 -39.97 -20.46
CA GLY H 345 7.38 -38.92 -20.41
CA ASN H 346 4.67 -37.84 -22.97
CA THR H 347 5.63 -35.36 -25.82
CA PHE H 348 4.88 -31.56 -26.22
CA ARG H 349 5.58 -29.29 -29.32
CA PRO H 350 8.28 -26.55 -28.67
CA GLU H 351 7.08 -22.94 -29.07
CA VAL H 352 10.03 -21.08 -30.77
CA HIS H 353 10.03 -17.22 -30.47
CA LEU H 354 13.03 -15.19 -31.78
CA LEU H 355 13.84 -12.00 -29.80
CA PRO H 356 15.90 -9.08 -31.27
CA PRO H 357 18.45 -7.19 -29.05
CA PRO H 358 17.45 -4.59 -26.43
CA SER H 359 17.75 -0.86 -27.43
CA GLU H 360 20.53 -0.33 -24.78
CA GLU H 361 22.67 -3.25 -26.20
CA LEU H 362 22.93 -1.25 -29.51
CA ALA H 363 25.14 1.16 -27.46
CA LEU H 364 27.54 -1.90 -27.43
CA ASN H 365 29.65 -2.96 -30.51
CA GLU H 366 31.47 -6.36 -31.06
CA LEU H 367 28.55 -8.68 -30.09
CA VAL H 368 24.74 -8.10 -30.56
CA THR H 369 22.72 -10.51 -28.50
CA LEU H 370 20.25 -12.42 -30.78
CA THR H 371 18.02 -14.59 -28.56
CA CYS H 372 15.65 -17.47 -29.35
CA LEU H 373 13.32 -18.85 -26.64
CA ALA H 374 12.24 -22.52 -27.03
CA ARG H 375 9.48 -23.08 -24.42
CA GLY H 376 6.74 -25.57 -23.36
CA PHE H 377 8.60 -28.63 -24.82
CA SER H 378 8.87 -32.29 -23.59
CA PRO H 379 10.82 -34.44 -23.29
CA LYS H 380 13.98 -32.30 -22.60
CA ASP H 381 15.58 -33.92 -25.64
CA VAL H 382 16.15 -31.07 -28.22
CA LEU H 383 18.77 -29.62 -30.66
CA VAL H 384 18.97 -25.87 -31.33
CA ARG H 385 21.34 -24.36 -33.97
CA TRP H 386 21.77 -20.94 -35.66
CA LEU H 387 22.17 -20.00 -39.37
CA GLN H 388 23.29 -16.86 -41.26
CA GLY H 389 21.06 -15.87 -44.27
CA SER H 390 23.64 -13.31 -45.62
CA GLN H 391 26.37 -15.98 -46.35
CA GLU H 392 24.04 -19.08 -46.66
CA LEU H 393 26.08 -20.79 -43.86
CA PRO H 394 25.82 -22.09 -40.24
CA ARG H 395 27.01 -19.69 -37.48
CA GLU H 396 29.74 -20.00 -34.80
CA LYS H 397 29.38 -17.49 -31.93
CA TYR H 398 26.36 -18.99 -30.13
CA LEU H 399 25.71 -20.59 -26.71
CA THR H 400 22.62 -22.59 -25.47
CA TRP H 401 21.66 -22.91 -21.72
CA ALA H 402 18.99 -25.15 -19.94
CA SER H 403 15.82 -25.13 -17.68
CA ARG H 404 13.56 -28.14 -16.73
CA GLN H 405 10.37 -26.65 -15.11
CA GLU H 406 8.88 -28.69 -12.17
CA PRO H 407 7.04 -27.13 -9.12
CA SER H 408 4.65 -28.88 -6.59
CA GLN H 409 1.76 -28.98 -9.18
CA GLY H 410 1.05 -31.14 -12.31
CA THR H 411 2.70 -28.49 -14.59
CA THR H 412 6.08 -29.94 -15.86
CA THR H 413 7.60 -29.00 -19.34
CA PHE H 414 11.04 -27.43 -20.32
CA ALA H 415 12.39 -24.06 -21.53
CA VAL H 416 15.79 -22.96 -22.97
CA THR H 417 17.24 -19.70 -24.33
CA SER H 418 19.90 -19.76 -27.11
CA ILE H 419 22.22 -16.72 -27.51
CA LEU H 420 23.78 -15.87 -30.96
CA ARG H 421 26.25 -12.98 -30.58
CA VAL H 422 26.88 -10.83 -33.77
CA ALA H 423 28.66 -7.59 -34.81
CA ALA H 424 26.26 -4.56 -34.39
CA GLU H 425 26.86 -3.71 -38.10
CA ASP H 426 25.63 -7.02 -39.73
CA TRP H 427 22.28 -6.83 -37.85
CA LYS H 428 21.93 -3.19 -39.18
CA LYS H 429 23.07 -4.31 -42.70
CA GLY H 430 19.64 -6.07 -42.67
CA ASP H 431 20.85 -9.67 -42.26
CA THR H 432 18.40 -12.53 -41.56
CA PHE H 433 19.55 -14.94 -38.80
CA SER H 434 17.49 -18.11 -38.13
CA CYS H 435 17.21 -20.30 -35.04
CA MET H 436 16.61 -23.97 -36.11
CA VAL H 437 14.96 -26.23 -33.46
CA GLY H 438 14.80 -30.04 -33.80
CA HIS H 439 12.49 -31.97 -31.47
CA GLU H 440 10.41 -35.26 -31.31
CA ALA H 441 7.05 -33.33 -31.45
CA LEU H 442 7.90 -30.85 -34.30
CA PRO H 443 6.02 -31.33 -37.68
CA LEU H 444 8.98 -32.65 -39.76
CA ALA H 445 11.12 -33.04 -36.55
CA PHE H 446 12.38 -29.56 -37.53
CA THR H 447 11.20 -25.93 -37.33
CA GLN H 448 13.10 -22.69 -38.02
CA LYS H 449 12.08 -19.16 -36.83
CA THR H 450 13.85 -16.09 -38.34
CA ILE H 451 15.20 -12.69 -37.03
CA ASP H 452 16.14 -9.55 -39.05
CA ARG H 453 16.39 -5.71 -38.54
CA LEU H 454 13.32 -5.55 -40.92
CA ALA H 455 9.83 -5.32 -39.26
CA GLY H 456 6.67 -5.19 -41.50
CA LYS H 457 3.52 -4.75 -39.34
CA PRO H 458 0.90 -6.89 -41.17
CA THR H 459 2.32 -8.62 -38.82
CA HIS H 460 5.07 -11.26 -38.04
CA VAL H 461 5.33 -13.46 -41.26
CA ASN H 462 8.15 -15.82 -42.59
CA VAL H 463 10.48 -16.36 -45.71
CA SER H 464 9.30 -18.03 -49.02
CA VAL H 465 9.59 -21.74 -50.26
CA VAL H 466 13.36 -22.40 -50.98
CA MET H 467 13.82 -25.75 -52.86
CA ALA H 468 11.49 -28.24 -54.78
CA GLU H 469 11.43 -31.31 -55.66
CA VAL H 470 14.48 -33.64 -54.84
CA ASP H 471 13.06 -34.84 -51.45
CA GLY H 472 15.49 -37.71 -50.50
CA THR H 473 13.23 -40.71 -51.40
CA CYS H 474 12.63 -39.48 -55.01
CA TYR H 475 16.21 -38.05 -55.70
CA GLU A 1 -80.88 76.65 -67.96
CA LEU A 2 -78.88 74.06 -66.06
CA VAL A 3 -80.29 73.80 -62.57
CA MET A 4 -77.90 73.69 -59.58
CA THR A 5 -79.43 72.22 -56.41
CA GLN A 6 -77.62 72.32 -53.06
CA SER A 7 -78.16 70.01 -50.16
CA PRO A 8 -78.82 70.87 -47.33
CA SER A 9 -80.25 74.36 -47.03
CA SER A 10 -78.98 74.72 -43.42
CA LEU A 11 -76.61 72.91 -41.07
CA SER A 12 -75.47 73.65 -37.52
CA ALA A 13 -72.27 71.91 -36.41
CA SER A 14 -69.72 72.37 -33.63
CA VAL A 15 -66.23 73.67 -34.23
CA GLY A 16 -63.89 70.83 -35.13
CA ASP A 17 -66.66 68.99 -36.98
CA ARG A 18 -66.26 67.99 -40.59
CA VAL A 19 -69.09 69.29 -42.81
CA ASN A 20 -69.94 68.26 -46.41
CA ILE A 21 -72.35 70.32 -48.68
CA ALA A 22 -73.56 68.71 -51.93
CA CYS A 23 -74.48 70.40 -55.21
CA ARG A 24 -76.14 68.61 -58.17
CA ALA A 25 -76.08 69.75 -61.74
CA SER A 26 -79.31 68.77 -63.61
CA GLN A 27 -76.90 67.46 -66.31
CA GLY A 28 -73.13 66.96 -66.79
CA ILE A 29 -70.85 69.98 -66.40
CA SER A 30 -67.47 68.16 -66.28
CA SER A 31 -65.44 70.19 -63.74
CA ALA A 32 -66.91 73.63 -64.35
CA LEU A 33 -68.01 74.31 -60.85
CA ALA A 34 -66.88 77.11 -58.52
CA TRP A 35 -67.83 77.46 -54.75
CA TYR A 36 -68.33 80.87 -53.00
CA GLN A 37 -68.51 81.90 -49.38
CA GLN A 38 -70.76 84.88 -48.55
CA LYS A 39 -70.71 86.32 -45.04
CA PRO A 40 -74.03 88.00 -44.40
CA GLY A 41 -74.02 91.47 -45.94
CA LYS A 42 -70.92 91.14 -48.07
CA ALA A 43 -69.83 90.40 -51.49
CA PRO A 44 -69.38 86.66 -52.22
CA ARG A 45 -65.78 85.25 -52.14
CA LEU A 46 -64.22 82.57 -54.31
CA LEU A 47 -62.98 79.46 -52.47
CA ILE A 48 -62.73 76.78 -55.14
CA TYR A 49 -62.79 76.83 -59.00
CA ASP A 50 -62.71 73.86 -61.48
CA ALA A 51 -64.41 71.67 -58.79
CA SER A 52 -61.23 71.17 -56.79
CA ASN A 53 -58.66 74.02 -57.14
CA LEU A 54 -58.36 76.27 -54.03
CA GLU A 55 -58.06 79.93 -54.82
CA SER A 56 -54.81 81.51 -53.45
CA GLY A 57 -55.09 82.57 -49.75
CA VAL A 58 -58.10 80.25 -48.92
CA PRO A 59 -57.43 78.05 -45.84
CA SER A 60 -56.29 74.51 -46.47
CA ARG A 61 -59.35 73.15 -44.51
CA PHE A 62 -61.58 73.83 -47.55
CA SER A 63 -61.57 71.14 -50.27
CA GLY A 64 -63.94 70.28 -53.17
CA SER A 65 -64.62 67.16 -55.22
CA GLY A 66 -66.89 65.83 -57.99
CA SER A 67 -67.11 65.64 -61.72
CA GLY A 68 -70.05 65.31 -64.06
CA THR A 69 -73.10 66.00 -62.00
CA ASP A 70 -72.33 65.64 -58.24
CA PHE A 71 -69.94 67.94 -56.38
CA THR A 72 -68.98 68.17 -52.62
CA LEU A 73 -67.39 71.00 -50.65
CA THR A 74 -65.80 69.72 -47.35
CA ILE A 75 -64.75 71.98 -44.44
CA SER A 76 -62.56 69.58 -42.48
CA SER A 77 -62.47 71.34 -39.08
CA LEU A 78 -65.24 73.93 -38.82
CA GLN A 79 -64.10 77.18 -37.24
CA PRO A 80 -66.39 80.20 -35.92
CA GLU A 81 -65.31 82.37 -38.78
CA ASP A 82 -66.82 79.81 -41.18
CA PHE A 83 -70.38 81.03 -40.48
CA ALA A 84 -71.65 82.00 -43.94
CA ILE A 85 -73.96 81.01 -46.83
CA TYR A 86 -72.07 78.82 -49.36
CA TYR A 87 -73.03 78.76 -53.17
CA CYS A 88 -72.02 76.62 -56.08
CA GLN A 89 -72.12 78.06 -59.61
CA GLN A 90 -71.73 76.23 -63.02
CA PHE A 91 -69.91 77.82 -66.00
CA ASN A 92 -70.27 75.06 -68.52
CA SER A 93 -73.31 76.64 -70.17
CA TYR A 94 -74.95 80.04 -70.52
CA PRO A 95 -77.00 81.29 -68.50
CA LEU A 96 -74.43 80.79 -65.81
CA THR A 97 -76.40 79.55 -62.77
CA PHE A 98 -76.06 79.41 -58.99
CA GLY A 99 -77.33 76.96 -56.50
CA GLY A 100 -79.72 78.03 -53.74
CA GLY A 101 -77.27 78.24 -50.75
CA THR A 102 -76.33 76.25 -47.67
CA LYS A 103 -76.29 78.41 -44.52
CA VAL A 104 -73.81 77.05 -41.97
CA GLU A 105 -74.44 78.18 -38.35
CA ILE A 106 -71.98 77.29 -35.48
CA LYS A 107 -73.20 75.24 -32.43
CA ARG A 108 -71.71 76.23 -29.04
CA THR A 109 -72.44 76.30 -25.27
CA VAL A 110 -75.33 78.39 -23.85
CA ALA A 111 -74.51 81.95 -23.00
CA ALA A 112 -76.91 84.06 -21.01
CA PRO A 113 -77.57 87.56 -22.25
CA SER A 114 -76.55 90.89 -20.73
CA VAL A 115 -79.74 93.00 -20.66
CA PHE A 116 -79.92 96.78 -20.97
CA ILE A 117 -82.89 99.15 -21.20
CA PHE A 118 -82.83 102.71 -22.58
CA PRO A 119 -85.46 105.48 -22.05
CA PRO A 120 -86.61 107.85 -24.92
CA SER A 121 -84.18 110.69 -25.47
CA ASP A 122 -85.30 114.27 -24.89
CA GLU A 123 -85.26 115.46 -28.44
CA GLN A 124 -87.18 112.40 -29.42
CA LEU A 125 -90.07 113.27 -27.02
CA LYS A 126 -89.88 116.78 -28.62
CA SER A 127 -91.16 115.17 -31.91
CA GLY A 128 -94.18 113.69 -30.13
CA THR A 129 -92.86 109.97 -30.13
CA ALA A 130 -91.07 107.80 -27.63
CA SER A 131 -89.00 104.69 -28.47
CA VAL A 132 -87.91 102.52 -25.53
CA VAL A 133 -85.12 99.99 -26.36
CA CYS A 134 -84.23 96.78 -24.54
CA LEU A 135 -80.87 95.16 -25.50
CA LEU A 136 -79.96 91.51 -24.94
CA ASN A 137 -76.25 91.32 -25.71
CA ASN A 138 -74.23 88.27 -26.62
CA PHE A 139 -76.14 85.10 -26.09
CA TYR A 140 -76.44 81.55 -27.42
CA PRO A 141 -78.86 79.81 -28.56
CA ARG A 142 -80.79 82.47 -30.54
CA GLU A 143 -84.20 81.80 -28.97
CA ALA A 144 -85.16 84.32 -26.25
CA LYS A 145 -88.43 86.03 -25.26
CA VAL A 146 -88.78 89.78 -24.47
CA GLN A 147 -91.94 90.98 -22.74
CA TRP A 148 -92.74 94.63 -22.15
CA LYS A 149 -94.80 95.68 -19.15
CA VAL A 150 -95.82 99.33 -18.63
CA ASP A 151 -97.35 99.99 -15.16
CA ASN A 152 -96.42 96.53 -14.04
CA ALA A 153 -98.34 93.62 -15.66
CA LEU A 154 -100.01 95.84 -18.26
CA GLN A 155 -97.80 93.98 -20.61
CA SER A 156 -98.00 95.08 -24.17
CA GLY A 157 -98.18 93.98 -27.90
CA ASN A 158 -96.64 97.06 -29.90
CA SER A 159 -92.89 96.24 -30.17
CA GLN A 160 -90.51 95.21 -32.97
CA GLU A 161 -87.36 93.06 -32.75
CA SER A 162 -84.06 92.78 -34.59
CA VAL A 163 -81.42 90.02 -34.15
CA THR A 164 -77.91 90.26 -35.50
CA GLU A 165 -76.26 87.35 -37.45
CA GLN A 166 -73.83 85.02 -35.61
CA ASP A 167 -70.60 86.66 -34.56
CA SER A 168 -67.56 85.12 -36.29
CA LYS A 169 -65.49 85.36 -33.13
CA ASP A 170 -67.70 83.95 -30.33
CA SER A 171 -70.79 82.59 -32.13
CA THR A 172 -73.37 84.69 -30.25
CA TYR A 173 -76.37 86.80 -31.25
CA SER A 174 -77.53 90.13 -29.86
CA LEU A 175 -81.15 91.35 -30.04
CA SER A 176 -83.08 94.65 -29.67
CA SER A 177 -86.71 95.17 -28.91
CA THR A 178 -88.10 98.65 -29.55
CA LEU A 179 -91.36 99.63 -27.93
CA THR A 180 -92.85 102.69 -29.61
CA LEU A 181 -95.58 104.83 -28.14
CA SER A 182 -96.64 108.45 -28.58
CA LYS A 183 -95.28 111.23 -26.22
CA ALA A 184 -98.78 111.38 -24.62
CA ASP A 185 -98.95 107.60 -24.11
CA TYR A 186 -95.52 107.56 -22.55
CA GLU A 187 -96.48 110.60 -20.34
CA LYS A 188 -99.14 108.68 -18.59
CA HIS A 189 -97.32 105.65 -17.31
CA LYS A 190 -94.30 105.49 -14.96
CA VAL A 191 -92.74 101.96 -14.67
CA TYR A 192 -91.39 100.72 -18.01
CA ALA A 193 -89.91 97.21 -17.93
CA CYS A 194 -88.27 94.64 -20.18
CA GLU A 195 -88.59 90.99 -18.99
CA VAL A 196 -86.26 88.42 -20.57
CA THR A 197 -86.45 84.65 -20.80
CA HIS A 198 -83.58 82.61 -22.23
CA GLN A 199 -82.06 79.19 -21.43
CA GLY A 200 -78.82 80.48 -19.81
CA LEU A 201 -80.60 82.53 -17.14
CA SER A 202 -81.83 80.84 -13.91
CA SER A 203 -84.75 83.24 -13.57
CA PRO A 204 -86.49 85.72 -15.99
CA VAL A 205 -84.60 89.02 -15.89
CA THR A 206 -86.28 92.46 -15.61
CA LYS A 207 -84.74 95.85 -16.35
CA SER A 208 -87.06 98.71 -15.46
CA PHE A 209 -86.95 102.46 -15.14
CA ASN A 210 -89.23 105.13 -13.79
CA ARG A 211 -90.46 107.93 -16.10
CA GLY A 212 -88.61 110.87 -14.47
CA GLU A 213 -84.90 109.71 -14.65
CA CYS A 214 -81.87 111.67 -13.20
CA GLU B 1 -20.07 74.85 60.11
CA LEU B 2 -18.99 73.67 56.67
CA VAL B 3 -19.86 76.35 54.17
CA MET B 4 -21.52 75.37 50.85
CA THR B 5 -21.14 77.98 48.10
CA GLN B 6 -23.00 77.68 44.78
CA SER B 7 -22.01 79.24 41.52
CA PRO B 8 -23.76 81.03 39.83
CA SER B 9 -26.66 82.63 41.66
CA SER B 10 -28.74 82.95 38.44
CA LEU B 11 -28.61 81.65 34.88
CA SER B 12 -30.96 82.08 31.92
CA ALA B 13 -30.59 79.52 29.13
CA SER B 14 -32.71 78.34 26.20
CA VAL B 15 -34.41 74.96 26.10
CA GLY B 16 -32.05 72.34 24.74
CA ASP B 17 -29.04 74.03 26.34
CA ARG B 18 -26.80 72.16 28.71
CA VAL B 19 -26.41 73.90 32.09
CA ASN B 20 -23.84 73.17 34.86
CA ILE B 21 -24.19 74.55 38.48
CA ALA B 22 -21.18 74.27 40.80
CA CYS B 23 -21.15 73.85 44.59
CA ARG B 24 -17.99 74.09 46.76
CA ALA B 25 -17.56 72.64 50.18
CA SER B 26 -15.20 74.79 52.37
CA GLN B 27 -13.50 71.42 53.15
CA GLY B 28 -13.72 67.78 52.05
CA ILE B 29 -17.07 65.99 52.34
CA SER B 30 -16.27 62.87 50.27
CA SER B 31 -19.56 62.13 48.42
CA ALA B 32 -22.01 63.40 51.01
CA LEU B 33 -23.78 65.85 48.84
CA ALA B 34 -27.46 65.90 47.83
CA TRP B 35 -29.09 68.32 45.22
CA TYR B 36 -32.71 69.65 45.53
CA GLN B 37 -35.04 71.33 43.10
CA GLN B 38 -37.52 73.86 44.55
CA LYS B 39 -40.23 75.31 42.32
CA PRO B 40 -41.21 78.67 43.70
CA GLY B 41 -43.66 78.20 46.56
CA LYS B 42 -43.21 74.51 47.10
CA ALA B 43 -41.42 72.08 49.19
CA PRO B 44 -37.92 71.19 47.92
CA ARG B 45 -37.51 67.88 45.98
CA LEU B 46 -34.60 65.43 45.98
CA LEU B 47 -32.88 64.90 42.63
CA ILE B 48 -29.49 63.47 43.50
CA TYR B 49 -27.95 61.96 46.70
CA ASP B 50 -24.34 60.73 47.35
CA ALA B 51 -23.10 63.27 44.70
CA SER B 52 -24.18 61.15 41.75
CA ASN B 53 -27.15 58.80 42.48
CA LEU B 54 -30.48 59.89 40.87
CA GLU B 55 -33.46 59.48 43.09
CA SER B 56 -36.16 57.14 41.60
CA GLY B 57 -38.53 58.95 39.16
CA VAL B 58 -36.12 61.92 38.42
CA PRO B 59 -35.58 62.45 34.66
CA SER B 60 -32.44 60.98 33.15
CA ARG B 61 -31.33 64.50 31.96
CA PHE B 62 -30.21 65.35 35.52
CA SER B 63 -26.71 64.10 36.51
CA GLY B 64 -24.25 65.05 39.29
CA SER B 65 -20.50 64.69 39.76
CA GLY B 66 -17.69 65.58 42.18
CA SER B 67 -15.95 64.26 45.24
CA GLY B 68 -14.05 65.98 48.01
CA THR B 69 -14.80 69.64 47.67
CA ASP B 70 -16.19 70.44 44.15
CA PHE B 71 -19.52 69.12 42.88
CA THR B 72 -21.47 69.78 39.58
CA LEU B 73 -25.13 69.26 38.72
CA THR B 74 -25.69 69.09 34.89
CA ILE B 75 -29.11 69.41 33.20
CA SER B 76 -28.28 68.08 29.74
CA SER B 77 -31.24 69.47 27.73
CA LEU B 78 -33.00 72.22 29.65
CA GLN B 79 -36.78 71.97 29.47
CA PRO B 80 -39.47 74.75 30.55
CA GLU B 81 -40.47 72.71 33.54
CA ASP B 82 -36.90 73.00 34.84
CA PHE B 83 -37.46 76.59 36.04
CA ALA B 84 -36.62 76.39 39.74
CA ILE B 85 -34.05 77.28 42.43
CA TYR B 86 -31.51 74.43 42.87
CA TYR B 87 -29.69 73.77 46.29
CA CYS B 88 -26.86 71.55 47.35
CA GLN B 89 -26.68 70.30 50.94
CA GLN B 90 -23.77 68.47 52.75
CA PHE B 91 -24.37 65.68 55.31
CA ASN B 92 -20.83 64.84 56.22
CA SER B 93 -20.88 67.04 59.34
CA TYR B 94 -23.39 68.57 61.75
CA PRO B 95 -24.83 71.31 61.36
CA LEU B 96 -26.06 70.03 58.06
CA THR B 97 -25.75 72.99 55.66
CA PHE B 98 -27.24 74.21 52.39
CA GLY B 99 -25.78 76.26 49.64
CA GLY B 100 -27.30 79.61 48.68
CA GLY B 101 -29.25 78.59 45.50
CA THR B 102 -28.96 78.88 41.74
CA LYS B 103 -32.14 80.22 40.13
CA VAL B 104 -32.55 78.93 36.57
CA GLU B 105 -34.88 81.02 34.34
CA ILE B 106 -35.80 79.90 30.75
CA LYS B 107 -34.95 82.15 27.72
CA ARG B 108 -37.53 82.19 24.89
CA THR B 109 -38.95 84.40 22.08
CA VAL B 110 -40.73 87.71 22.85
CA ALA B 111 -44.42 87.48 23.52
CA ALA B 112 -46.54 90.59 23.68
CA PRO B 113 -48.99 90.86 26.53
CA SER B 114 -52.79 90.70 26.47
CA VAL B 115 -53.96 93.73 28.47
CA PHE B 116 -57.14 93.96 30.54
CA ILE B 117 -58.47 96.69 32.84
CA PHE B 118 -61.09 96.25 35.59
CA PRO B 119 -63.16 99.01 37.31
CA PRO B 120 -63.83 99.01 41.15
CA SER B 121 -66.68 96.71 42.10
CA ASP B 122 -69.83 98.15 43.64
CA GLU B 123 -69.46 96.73 47.10
CA GLN B 124 -65.91 97.92 47.13
CA LEU B 125 -67.00 101.59 46.55
CA LYS B 126 -69.50 100.92 49.42
CA SER B 127 -66.46 100.69 51.80
CA GLY B 128 -65.18 104.10 50.68
CA THR B 129 -62.20 102.71 48.52
CA ALA B 130 -61.68 101.98 44.85
CA SER B 131 -59.06 99.60 43.41
CA VAL B 132 -58.57 99.69 39.63
CA VAL B 133 -56.62 96.67 38.20
CA CYS B 134 -54.72 96.45 34.92
CA LEU B 135 -53.66 92.92 33.82
CA LEU B 136 -50.86 92.13 31.38
CA ASN B 137 -51.21 88.43 30.66
CA ASN B 138 -48.61 86.07 29.30
CA PHE B 139 -45.57 87.87 28.07
CA TYR B 140 -41.83 87.44 27.62
CA PRO B 141 -39.27 89.11 28.56
CA ARG B 142 -40.40 90.19 32.07
CA GLU B 143 -39.66 93.92 31.63
CA ALA B 144 -42.79 96.00 30.89
CA LYS B 145 -43.96 99.49 31.98
CA VAL B 146 -47.53 100.30 33.17
CA GLN B 147 -48.56 103.94 33.38
CA TRP B 148 -51.85 105.09 34.86
CA LYS B 149 -53.54 108.23 33.58
CA VAL B 150 -56.75 109.55 35.19
CA ASP B 151 -58.39 112.38 33.16
CA ASN B 152 -55.99 111.83 30.32
CA ALA B 153 -52.32 112.78 30.97
CA LEU B 154 -52.86 113.36 34.70
CA GLN B 155 -50.76 110.30 35.01
CA SER B 156 -50.25 109.10 38.51
CA GLY B 157 -47.72 107.69 41.11
CA ASN B 158 -49.99 105.63 43.65
CA SER B 159 -50.00 102.05 42.22
CA GLN B 160 -48.50 98.71 43.24
CA GLU B 161 -47.39 95.81 40.99
CA SER B 162 -47.14 92.03 41.26
CA VAL B 163 -45.49 89.67 38.73
CA THR B 164 -45.95 85.93 38.76
CA GLU B 165 -42.94 83.50 38.45
CA GLN B 166 -42.18 81.91 35.05
CA ASP B 167 -44.78 79.46 33.85
CA SER B 168 -43.41 75.92 33.53
CA LYS B 169 -45.38 75.31 30.35
CA ASP B 170 -44.76 78.39 28.15
CA SER B 171 -42.13 80.44 30.04
CA THR B 172 -44.16 83.64 30.35
CA TYR B 173 -44.94 86.08 33.16
CA SER B 174 -48.19 87.86 33.95
CA LEU B 175 -48.39 91.16 35.89
CA SER B 176 -51.03 93.23 37.75
CA SER B 177 -50.96 96.88 38.60
CA THR B 178 -53.48 98.04 41.21
CA LEU B 179 -54.26 101.73 41.43
CA THR B 180 -55.95 102.56 44.73
CA LEU B 181 -57.83 105.75 45.43
CA SER B 182 -60.61 106.72 47.83
CA LYS B 183 -64.34 106.56 46.71
CA ALA B 184 -64.33 110.42 46.65
CA ASP B 185 -61.15 110.59 44.56
CA TYR B 186 -62.52 108.09 42.10
CA GLU B 187 -65.88 110.01 42.02
CA LYS B 188 -64.29 113.06 40.59
CA HIS B 189 -62.55 111.76 37.53
CA LYS B 190 -64.04 109.95 34.51
CA VAL B 191 -61.38 108.47 32.10
CA TYR B 192 -59.24 105.83 33.82
CA ALA B 193 -56.50 104.34 31.63
CA CYS B 194 -53.68 101.80 31.72
CA GLU B 195 -50.86 102.40 29.17
CA VAL B 196 -48.46 99.51 28.50
CA THR B 197 -44.99 99.42 27.01
CA HIS B 198 -43.26 96.11 26.28
CA GLN B 199 -40.89 94.87 23.52
CA GLY B 200 -43.41 92.64 21.69
CA LEU B 201 -45.91 95.45 21.05
CA SER B 202 -45.45 97.78 18.04
CA SER B 203 -47.06 100.71 19.86
CA PRO B 204 -47.87 101.44 23.57
CA VAL B 205 -51.27 99.92 24.37
CA THR B 206 -54.04 101.72 26.30
CA LYS B 207 -57.10 100.19 27.95
CA SER B 208 -59.47 102.81 29.33
CA PHE B 209 -62.95 103.01 30.76
CA ASN B 210 -65.35 105.77 31.66
CA ARG B 211 -66.61 106.10 35.25
CA GLY B 212 -70.29 105.21 34.66
CA GLU B 213 -70.02 101.69 33.00
CA CYS B 214 -73.03 99.61 31.70
CA GLN C 1 -56.18 99.89 -54.50
CA VAL C 2 -58.98 102.26 -53.40
CA LYS C 3 -60.67 98.87 -53.60
CA LEU C 4 -59.93 96.77 -56.77
CA LEU C 5 -63.42 96.72 -58.35
CA GLU C 6 -65.58 99.57 -56.85
CA GLN C 7 -69.23 100.39 -57.55
CA SER C 8 -71.51 103.47 -57.56
CA GLY C 9 -73.77 103.60 -54.45
CA ALA C 10 -77.50 103.10 -54.14
CA GLU C 11 -80.39 104.09 -55.51
CA VAL C 12 -84.10 104.45 -55.47
CA LYS C 13 -85.81 104.56 -58.84
CA LYS C 14 -89.54 104.84 -59.62
CA PRO C 15 -91.18 101.80 -61.41
CA GLY C 16 -90.81 102.38 -65.22
CA ALA C 17 -87.52 104.33 -64.87
CA SER C 18 -83.99 103.19 -65.79
CA VAL C 19 -80.92 102.78 -63.51
CA LYS C 20 -77.23 102.98 -64.51
CA VAL C 21 -74.74 101.20 -62.23
CA SER C 22 -70.96 101.73 -62.67
CA CYS C 23 -67.97 99.59 -61.75
CA LYS C 24 -64.48 101.23 -61.71
CA ALA C 25 -61.48 98.81 -61.99
CA SER C 26 -58.24 99.91 -60.19
CA GLY C 27 -54.80 98.14 -59.79
CA TYR C 28 -55.00 95.61 -62.69
CA SER C 29 -54.92 96.06 -66.54
CA PHE C 30 -58.64 96.79 -67.30
CA THR C 31 -58.67 95.67 -71.03
CA SER C 32 -57.08 92.20 -70.28
CA TYR C 33 -60.23 90.78 -68.50
CA GLY C 34 -64.01 90.59 -68.90
CA LEU C 35 -66.50 91.78 -66.25
CA HIS C 36 -69.62 89.81 -65.27
CA TRP C 37 -72.83 91.41 -63.81
CA VAL C 38 -74.80 89.45 -61.17
CA ARG C 39 -77.76 90.41 -58.94
CA GLN C 40 -79.21 89.15 -55.65
CA ALA C 41 -82.87 89.96 -54.86
CA PRO C 42 -83.76 89.84 -51.09
CA GLY C 43 -83.78 86.24 -49.74
CA GLN C 44 -82.94 84.86 -53.18
CA ARG C 45 -80.06 83.19 -54.98
CA LEU C 46 -77.55 85.08 -57.14
CA GLU C 47 -78.71 85.53 -60.76
CA TRP C 48 -76.24 86.02 -63.63
CA MET C 49 -77.31 88.95 -65.93
CA GLY C 50 -74.49 89.42 -68.48
CA TRP C 51 -70.78 89.92 -69.30
CA ILE C 52 -68.68 92.53 -71.18
CA SER C 53 -65.14 92.11 -72.63
CA ALA C 54 -63.25 95.33 -71.58
CA GLY C 55 -60.88 94.96 -74.62
CA THR C 56 -63.44 94.55 -77.51
CA GLY C 57 -66.65 95.96 -75.89
CA ASN C 58 -68.45 92.66 -76.85
CA THR C 59 -71.46 91.63 -74.93
CA LYS C 60 -73.23 88.51 -73.70
CA TYR C 61 -76.41 88.45 -71.62
CA SER C 62 -79.14 86.37 -70.00
CA GLN C 63 -82.28 86.21 -72.19
CA LYS C 64 -84.32 86.80 -68.97
CA PHE C 65 -83.23 90.51 -69.49
CA ARG C 66 -83.73 90.46 -73.33
CA GLY C 67 -84.50 93.96 -74.64
CA ARG C 68 -83.94 95.86 -71.31
CA VAL C 69 -80.24 95.41 -70.25
CA THR C 70 -77.23 97.29 -71.80
CA PHE C 71 -73.46 96.87 -71.03
CA THR C 72 -70.91 99.61 -71.82
CA ARG C 73 -67.22 100.21 -70.90
CA ASP C 74 -65.30 103.51 -70.85
CA THR C 75 -61.83 102.10 -71.55
CA SER C 76 -60.02 105.46 -70.74
CA ALA C 77 -61.79 105.97 -67.32
CA THR C 78 -61.45 102.18 -66.74
CA THR C 79 -65.15 101.88 -65.77
CA ALA C 80 -67.83 99.43 -66.97
CA TYR C 81 -71.59 100.19 -66.69
CA MET C 82 -74.82 98.24 -66.78
CA GLY C 83 -78.03 100.02 -67.80
CA LEU C 84 -81.35 98.38 -66.69
CA SER C 85 -84.53 99.84 -68.28
CA SER C 86 -88.29 99.51 -67.53
CA LEU C 87 -87.75 98.97 -63.79
CA ARG C 88 -90.29 96.78 -61.97
CA PRO C 89 -90.55 96.40 -58.12
CA GLU C 90 -88.92 92.89 -58.44
CA ASP C 91 -85.68 94.56 -59.74
CA THR C 92 -85.07 95.64 -56.07
CA ALA C 93 -81.78 93.78 -55.53
CA VAL C 94 -78.03 94.20 -54.91
CA TYR C 95 -76.18 94.51 -58.29
CA TYR C 96 -72.59 93.22 -58.30
CA CYS C 97 -69.96 93.43 -60.98
CA ALA C 98 -67.39 90.59 -60.73
CA ARG C 99 -64.22 89.82 -62.68
CA ASP C 100 -63.75 87.09 -65.33
CA PRO C 101 -60.08 85.97 -64.66
CA TYR C 102 -59.58 84.83 -68.32
CA GLY C 103 -61.53 87.31 -70.60
CA GLY C 104 -63.60 84.54 -72.34
CA GLY C 105 -67.11 85.00 -70.80
CA LYS C 106 -67.60 81.61 -69.10
CA SER C 107 -65.71 81.47 -65.82
CA GLU C 108 -65.79 81.47 -62.02
CA PHE C 109 -65.53 85.11 -60.70
CA ASP C 110 -62.32 85.85 -58.68
CA TYR C 111 -62.89 89.56 -57.62
CA TRP C 112 -66.28 91.03 -56.78
CA GLY C 113 -67.35 94.66 -56.48
CA GLN C 114 -69.14 95.59 -53.21
CA GLY C 115 -72.72 95.78 -54.57
CA THR C 116 -75.17 98.65 -55.19
CA LEU C 117 -78.67 98.24 -53.88
CA VAL C 118 -81.26 99.58 -56.37
CA THR C 119 -84.67 99.90 -54.76
CA VAL C 120 -87.64 100.31 -57.14
CA SER C 121 -90.42 102.35 -55.40
CA SER C 122 -93.10 105.11 -55.54
CA ALA C 123 -94.03 104.85 -51.77
CA SER C 124 -92.02 108.00 -51.26
CA PRO C 125 -88.24 108.12 -50.43
CA THR C 126 -87.58 109.53 -46.89
CA SER C 127 -84.16 110.31 -45.28
CA PRO C 128 -83.38 108.97 -41.73
CA LYS C 129 -83.62 111.21 -38.64
CA VAL C 130 -80.76 110.27 -36.29
CA PHE C 131 -81.36 110.43 -32.49
CA PRO C 132 -78.92 109.84 -29.57
CA LEU C 133 -79.39 106.90 -27.17
CA SER C 134 -77.52 107.84 -23.93
CA LEU C 135 -78.00 107.42 -20.12
CA CYS C 136 -76.95 109.86 -17.32
CA SER C 137 -76.51 107.64 -14.14
CA THR C 138 -79.18 105.11 -15.36
CA GLN C 139 -76.61 102.51 -16.70
CA PRO C 140 -74.76 100.04 -14.33
CA ASP C 141 -71.42 101.24 -12.74
CA GLY C 142 -68.59 99.71 -14.90
CA ASN C 143 -69.60 99.47 -18.61
CA VAL C 144 -71.26 102.09 -20.90
CA VAL C 145 -73.87 101.48 -23.69
CA ILE C 146 -74.52 104.39 -26.08
CA ALA C 147 -76.31 104.25 -29.42
CA CYS C 148 -77.83 106.04 -32.44
CA LEU C 149 -81.48 105.44 -33.44
CA VAL C 150 -81.63 105.82 -37.32
CA GLN C 151 -85.37 106.48 -37.66
CA GLY C 152 -88.09 106.73 -40.34
CA PHE C 153 -86.32 106.07 -43.65
CA PHE C 154 -87.36 104.51 -46.99
CA PRO C 155 -86.22 102.58 -48.88
CA GLN C 156 -83.93 100.22 -46.80
CA GLU C 157 -80.69 100.61 -48.96
CA PRO C 158 -77.09 100.02 -47.61
CA LEU C 159 -76.65 101.88 -44.29
CA SER C 160 -72.94 102.43 -43.35
CA VAL C 161 -72.67 103.11 -39.57
CA THR C 162 -69.19 103.89 -38.17
CA TRP C 163 -68.31 105.08 -34.59
CA SER C 164 -65.41 107.53 -33.69
CA GLU C 165 -63.92 105.15 -31.01
CA SER C 166 -62.53 101.63 -31.89
CA GLY C 167 -60.54 99.11 -29.72
CA GLN C 168 -60.24 95.63 -28.08
CA GLY C 169 -63.12 95.94 -25.52
CA VAL C 170 -65.29 98.39 -27.58
CA THR C 171 -68.06 96.34 -29.32
CA ALA C 172 -70.26 97.76 -32.14
CA ARG C 173 -73.65 96.09 -32.86
CA ASN C 174 -75.50 97.19 -36.03
CA PHE C 175 -79.16 95.96 -35.70
CA PRO C 176 -80.79 95.01 -39.12
CA PRO C 177 -83.60 97.31 -40.51
CA SER C 178 -87.09 96.67 -39.02
CA GLN C 179 -90.15 97.72 -41.09
CA ASP C 180 -93.17 99.61 -39.53
CA ALA C 181 -96.62 98.37 -40.91
CA SER C 182 -97.10 97.87 -44.74
CA GLY C 183 -93.81 99.29 -46.15
CA ASP C 184 -94.39 102.73 -44.45
CA LEU C 185 -91.01 103.45 -42.70
CA TYR C 186 -87.82 101.48 -41.75
CA THR C 187 -85.91 101.97 -38.40
CA THR C 188 -82.41 100.60 -37.44
CA SER C 189 -80.39 101.10 -34.21
CA SER C 190 -76.51 101.10 -33.97
CA GLN C 191 -75.13 100.35 -30.44
CA LEU C 192 -71.57 100.94 -29.04
CA THR C 193 -70.75 98.98 -25.80
CA LEU C 194 -67.41 100.14 -24.19
CA PRO C 195 -65.79 100.24 -20.65
CA ALA C 196 -66.79 103.26 -18.42
CA THR C 197 -63.05 104.24 -18.12
CA GLN C 198 -63.04 104.61 -22.00
CA CYS C 199 -66.31 106.71 -22.00
CA LEU C 200 -66.08 109.20 -19.04
CA ALA C 201 -68.83 111.76 -18.00
CA GLY C 202 -68.67 115.03 -20.04
CA LYS C 203 -67.03 113.26 -23.08
CA SER C 204 -68.78 112.15 -26.35
CA VAL C 205 -68.44 109.52 -29.17
CA THR C 206 -69.46 110.42 -32.77
CA CYS C 207 -71.73 108.08 -34.81
CA HIS C 208 -71.29 108.51 -38.62
CA VAL C 209 -74.31 107.31 -40.69
CA LYS C 210 -74.19 106.99 -44.51
CA HIS C 211 -77.55 106.14 -46.19
CA TYR C 212 -76.82 105.03 -49.94
CA THR C 213 -74.68 107.54 -51.92
CA ASN C 214 -76.04 110.48 -49.82
CA PRO C 215 -73.71 112.74 -47.67
CA SER C 216 -72.70 111.40 -44.18
CA GLN C 217 -75.01 112.38 -41.25
CA ASP C 218 -72.98 112.78 -38.01
CA VAL C 219 -74.24 112.81 -34.37
CA THR C 220 -72.15 113.48 -31.24
CA VAL C 221 -73.52 111.00 -28.61
CA PRO C 222 -72.68 111.67 -24.86
CA CYS C 223 -71.68 110.05 -24.54
CA PRO C 224 -70.67 108.43 -24.21
CA VAL C 225 -69.03 105.91 -21.75
CA PRO C 226 -65.78 104.54 -23.31
CA SER C 227 -64.67 101.17 -21.71
CA THR C 228 -61.45 99.72 -23.37
CA PRO C 229 -60.83 95.64 -22.75
CA PRO C 230 -57.75 93.56 -21.98
CA THR C 231 -57.26 89.83 -22.08
CA PRO C 232 -55.33 87.93 -19.04
CA SER C 233 -52.46 85.29 -18.31
CA PRO C 234 -52.85 81.73 -16.60
CA SER C 235 -49.86 79.15 -15.96
CA THR C 236 -48.89 75.15 -15.65
CA PRO C 237 -46.30 72.92 -13.66
CA PRO C 238 -42.57 71.56 -14.37
CA THR C 239 -41.60 67.70 -14.76
CA PRO C 240 -40.96 65.17 -11.65
CA SER C 241 -38.67 62.22 -12.32
CA PRO C 242 -39.24 58.55 -10.66
CA SER C 243 -36.03 57.98 -8.41
CA CYS C 244 -36.10 54.68 -6.32
CA CYS C 245 -33.44 51.84 -5.23
CA HIS C 246 -33.83 48.07 -4.85
CA PRO C 247 -31.16 46.99 -2.08
CA ARG C 248 -28.83 44.28 -3.60
CA LEU C 249 -25.31 43.40 -2.17
CA SER C 250 -22.81 41.97 -4.76
CA LEU C 251 -19.14 40.82 -4.39
CA HIS C 252 -17.02 40.88 -7.62
CA ARG C 253 -13.79 38.74 -7.22
CA PRO C 254 -10.19 39.71 -8.35
CA ALA C 255 -9.11 38.70 -11.96
CA LEU C 256 -6.72 35.67 -12.43
CA GLU C 257 -4.22 37.29 -14.91
CA ASP C 258 -3.69 40.53 -12.81
CA LEU C 259 -3.20 38.70 -9.43
CA LEU C 260 -0.67 36.23 -11.03
CA LEU C 261 1.31 38.80 -13.16
CA GLY C 262 2.59 41.37 -10.57
CA SER C 263 0.32 40.78 -7.44
CA GLU C 264 -2.59 43.08 -8.56
CA ALA C 265 -5.89 41.91 -6.93
CA ASN C 266 -8.91 43.95 -5.67
CA LEU C 267 -12.01 42.33 -4.11
CA THR C 268 -14.87 44.70 -4.92
CA CYS C 269 -18.01 45.27 -2.81
CA THR C 270 -21.08 46.78 -4.53
CA LEU C 271 -24.34 47.81 -2.71
CA THR C 272 -27.10 48.23 -5.34
CA GLY C 273 -30.70 49.12 -4.21
CA LEU C 274 -30.22 51.59 -1.26
CA ARG C 275 -33.36 53.90 -1.59
CA ASP C 276 -33.57 57.78 -1.15
CA ALA C 277 -31.87 59.85 1.72
CA SER C 278 -29.27 57.22 2.65
CA GLY C 279 -25.63 56.09 3.38
CA VAL C 280 -23.75 52.71 3.62
CA THR C 281 -21.13 51.72 6.29
CA PHE C 282 -18.56 49.09 5.22
CA THR C 283 -16.62 46.59 7.47
CA TRP C 284 -13.88 44.60 5.57
CA THR C 285 -11.67 41.82 7.12
CA PRO C 286 -7.88 42.56 6.64
CA SER C 287 -5.70 40.49 4.19
CA SER C 288 -3.12 38.03 5.74
CA GLY C 289 -0.14 40.48 6.22
CA LYS C 290 -2.22 42.79 8.56
CA SER C 291 -3.66 44.98 5.70
CA ALA C 292 -7.13 46.70 5.47
CA VAL C 293 -7.42 49.64 2.95
CA GLN C 294 -10.78 50.94 1.45
CA GLY C 295 -12.29 53.76 -0.80
CA PRO C 296 -16.16 54.07 -0.82
CA PRO C 297 -17.97 56.60 -3.19
CA GLU C 298 -21.83 56.89 -3.50
CA ARG C 299 -23.01 56.63 -7.15
CA ASP C 300 -26.72 57.08 -8.19
CA LEU C 301 -27.33 54.24 -10.78
CA CYS C 302 -30.78 53.88 -12.58
CA GLY C 303 -32.29 56.36 -10.06
CA CYS C 304 -30.85 55.14 -6.66
CA TYR C 305 -27.53 55.13 -4.60
CA SER C 306 -24.75 52.44 -4.85
CA VAL C 307 -21.87 52.39 -2.24
CA SER C 308 -19.08 50.62 -4.15
CA SER C 309 -16.04 50.08 -1.92
CA VAL C 310 -12.78 48.28 -2.96
CA LEU C 311 -10.16 46.39 -0.87
CA PRO C 312 -6.69 46.06 -2.61
CA GLY C 313 -5.03 42.62 -2.00
CA CYS C 314 -1.75 40.70 -2.49
CA ALA C 315 -1.27 37.34 -4.37
CA GLU C 316 -0.26 35.27 -1.22
CA PRO C 317 -3.62 35.56 0.77
CA TRP C 318 -5.60 34.63 -2.44
CA ASN C 319 -3.20 31.70 -3.42
CA HIS C 320 -2.76 30.23 0.16
CA GLY C 321 -6.47 30.45 1.33
CA LYS C 322 -7.90 33.66 2.93
CA THR C 323 -11.65 34.50 3.54
CA PHE C 324 -12.56 38.11 2.55
CA THR C 325 -15.69 39.39 4.33
CA CYS C 326 -17.50 42.59 3.27
CA THR C 327 -20.03 43.36 6.04
CA ALA C 328 -22.27 46.33 5.25
CA ALA C 329 -24.56 48.11 7.84
CA TYR C 330 -27.59 50.44 7.04
CA PRO C 331 -30.64 51.32 9.35
CA GLU C 332 -33.39 50.23 6.83
CA SER C 333 -31.49 46.85 6.42
CA LYS C 334 -32.46 45.34 9.87
CA THR C 335 -29.81 42.54 9.51
CA PRO C 336 -26.38 44.04 8.42
CA LEU C 337 -25.34 42.05 5.27
CA THR C 338 -22.19 39.95 5.42
CA ALA C 339 -20.73 38.48 2.14
CA THR C 340 -17.52 36.35 2.34
CA LEU C 341 -15.25 35.25 -0.53
CA SER C 342 -12.08 33.01 -0.93
CA LYS C 343 -10.36 30.31 -3.14
CA SER C 344 -12.15 27.04 -4.25
CA GLY C 345 -12.17 23.35 -3.08
CA ASN C 346 -9.62 20.69 -1.90
CA THR C 347 -6.21 20.37 -3.76
CA PHE C 348 -4.98 17.72 -6.34
CA ARG C 349 -1.40 17.32 -7.84
CA PRO C 350 -1.21 18.05 -11.66
CA GLU C 351 -0.06 15.13 -13.84
CA VAL C 352 2.20 16.72 -16.57
CA HIS C 353 2.82 14.61 -19.75
CA LEU C 354 4.75 16.14 -22.72
CA LEU C 355 3.62 14.94 -26.19
CA PRO C 356 5.87 15.19 -29.33
CA PRO C 357 4.31 16.14 -32.74
CA PRO C 358 2.31 13.68 -34.90
CA SER C 359 4.17 12.00 -37.85
CA GLU C 360 1.89 13.83 -40.39
CA GLU C 361 2.72 17.32 -38.87
CA LEU C 362 6.41 16.71 -39.87
CA ALA C 363 5.13 17.11 -43.49
CA LEU C 364 4.53 20.76 -42.32
CA ASN C 365 7.40 23.35 -41.90
CA GLU C 366 7.25 26.76 -40.02
CA LEU C 367 5.57 25.47 -36.78
CA VAL C 368 5.94 22.01 -35.08
CA THR C 369 3.25 21.47 -32.50
CA LEU C 370 4.87 20.59 -29.10
CA THR C 371 2.06 19.74 -26.66
CA CYS C 372 2.02 19.37 -22.85
CA LEU C 373 -1.08 17.96 -21.09
CA ALA C 374 -1.62 19.08 -17.45
CA ARG C 375 -4.46 16.85 -16.10
CA GLY C 376 -6.23 15.83 -12.85
CA PHE C 377 -5.42 19.14 -11.05
CA SER C 378 -7.45 21.26 -8.52
CA PRO C 379 -8.14 24.03 -7.91
CA LYS C 380 -8.11 25.47 -11.51
CA ASP C 381 -5.43 27.91 -10.38
CA VAL C 382 -2.24 27.06 -12.39
CA LEU C 383 0.64 28.65 -14.43
CA VAL C 384 2.17 26.85 -17.41
CA ARG C 385 5.24 28.22 -19.32
CA TRP C 386 7.71 26.86 -21.93
CA LEU C 387 11.54 26.97 -22.05
CA GLN C 388 14.18 26.36 -24.76
CA GLY C 389 17.20 24.19 -23.67
CA SER C 390 19.26 25.08 -26.83
CA GLN C 391 19.51 28.86 -25.98
CA GLU C 392 18.94 28.61 -22.14
CA LEU C 393 15.95 31.02 -22.51
CA PRO C 394 12.12 31.23 -22.14
CA ARG C 395 10.08 30.73 -25.36
CA GLU C 396 7.57 32.96 -27.21
CA LYS C 397 5.35 31.08 -29.70
CA TYR C 398 3.07 29.22 -27.26
CA LEU C 399 -0.66 29.28 -26.39
CA THR C 400 -2.52 27.67 -23.38
CA TRP C 401 -6.28 26.75 -23.47
CA ALA C 402 -8.71 25.59 -20.62
CA SER C 403 -11.08 22.74 -19.43
CA ARG C 404 -12.86 22.41 -15.99
CA GLN C 405 -14.27 18.81 -15.84
CA GLU C 406 -17.70 18.43 -14.05
CA PRO C 407 -20.40 15.80 -15.01
CA SER C 408 -23.41 14.55 -12.88
CA GLN C 409 -21.10 12.39 -10.63
CA GLY C 410 -18.62 13.21 -7.79
CA THR C 411 -15.67 13.34 -10.30
CA THR C 412 -14.58 17.05 -10.68
CA THR C 413 -10.89 18.08 -11.47
CA PHE C 414 -9.36 20.20 -14.37
CA ALA C 415 -7.31 19.59 -17.55
CA VAL C 416 -5.45 21.96 -19.95
CA THR C 417 -3.28 21.52 -23.06
CA SER C 418 -0.44 23.99 -23.83
CA ILE C 419 0.82 24.33 -27.44
CA LEU C 420 4.45 25.44 -28.20
CA ARG C 421 4.91 25.92 -31.95
CA VAL C 422 8.55 25.53 -33.29
CA ALA C 423 10.42 25.35 -36.64
CA ALA C 424 10.57 21.67 -37.89
CA GLU C 425 14.42 22.00 -38.06
CA ASP C 426 15.15 22.88 -34.33
CA TRP C 427 13.16 19.83 -33.09
CA LYS C 428 15.28 17.68 -35.56
CA LYS C 429 18.51 19.51 -34.45
CA GLY C 430 17.85 17.58 -31.17
CA ASP C 431 16.69 20.51 -29.01
CA THR C 432 15.19 19.94 -25.54
CA PHE C 433 12.02 22.00 -24.85
CA SER C 434 10.50 21.94 -21.33
CA CYS C 435 6.97 22.65 -20.11
CA MET C 436 7.11 24.20 -16.58
CA VAL C 437 3.91 23.85 -14.47
CA GLY C 438 3.34 25.81 -11.21
CA HIS C 439 0.49 24.73 -8.93
CA GLU C 440 -0.56 24.76 -5.18
CA ALA C 441 -0.18 20.91 -4.89
CA LEU C 442 3.22 20.50 -6.70
CA PRO C 443 6.26 19.45 -4.51
CA LEU C 444 8.15 22.81 -4.59
CA ALA C 445 5.08 24.56 -6.16
CA PHE C 446 6.93 23.81 -9.43
CA THR C 447 7.51 20.83 -11.77
CA GLN C 448 9.05 20.73 -15.26
CA LYS C 449 8.66 17.88 -17.83
CA THR C 450 10.95 17.81 -20.93
CA ILE C 451 10.57 17.00 -24.71
CA ASP C 452 13.31 16.26 -27.30
CA ARG C 453 13.73 14.35 -30.65
CA LEU C 454 15.89 11.86 -28.57
CA ALA C 455 14.13 8.69 -27.24
CA GLY C 456 16.13 6.16 -25.11
CA LYS C 457 13.94 3.12 -24.25
CA PRO C 458 15.06 2.21 -20.68
CA THR C 459 12.46 4.16 -20.59
CA HIS C 460 11.26 7.83 -20.13
CA VAL C 461 13.89 9.49 -17.76
CA ASN C 462 14.79 13.22 -17.07
CA VAL C 463 17.83 15.72 -17.19
CA SER C 464 20.58 15.87 -14.44
CA VAL C 465 20.94 18.23 -11.32
CA VAL C 466 21.71 21.79 -12.67
CA MET C 467 22.78 24.14 -9.77
CA ALA C 468 23.91 23.69 -6.07
CA GLU C 469 24.05 25.35 -3.36
CA VAL C 470 22.89 29.11 -3.32
CA ASP C 471 19.23 28.30 -2.34
CA GLY C 472 17.79 31.83 -1.57
CA THR C 473 17.81 31.63 2.29
CA CYS C 474 21.57 30.73 2.45
CA TYR C 475 22.80 33.02 -0.48
CA GLN D 1 -51.77 58.77 51.40
CA VAL D 2 -53.68 61.90 52.54
CA LYS D 3 -50.22 63.19 51.71
CA LEU D 4 -47.24 61.12 53.10
CA LEU D 5 -45.77 63.67 55.55
CA GLU D 6 -48.41 66.39 56.37
CA GLN D 7 -48.02 69.48 58.55
CA SER D 8 -50.23 71.70 60.77
CA GLY D 9 -51.09 75.03 59.04
CA ALA D 10 -49.92 78.55 59.81
CA GLU D 11 -49.59 80.67 62.39
CA VAL D 12 -49.08 84.08 63.77
CA LYS D 13 -47.43 84.29 67.18
CA LYS D 14 -46.52 87.40 69.20
CA PRO D 15 -42.72 88.01 69.84
CA GLY D 16 -41.78 86.17 73.09
CA ALA D 17 -44.39 83.38 72.59
CA SER D 18 -43.83 79.74 71.62
CA VAL D 19 -45.08 77.84 68.52
CA LYS D 20 -45.69 74.08 68.18
CA VAL D 21 -45.60 72.65 64.63
CA SER D 22 -46.74 69.04 63.96
CA CYS D 23 -45.90 66.58 61.20
CA LYS D 24 -48.16 63.48 60.75
CA ALA D 25 -46.59 60.53 58.83
CA SER D 26 -49.03 58.34 56.76
CA GLY D 27 -48.41 55.29 54.46
CA TYR D 28 -44.94 54.17 55.74
CA SER D 29 -43.80 52.56 59.07
CA PHE D 30 -43.30 55.68 61.30
CA THR D 31 -40.79 54.14 63.84
CA SER D 32 -38.38 52.83 61.10
CA TYR D 33 -37.13 56.35 60.06
CA GLY D 34 -35.93 59.62 61.57
CA LEU D 35 -37.50 63.03 60.79
CA HIS D 36 -35.43 66.18 60.15
CA TRP D 37 -36.71 69.78 60.77
CA VAL D 38 -35.61 72.55 58.37
CA ARG D 39 -36.68 76.20 57.99
CA GLN D 40 -36.57 78.80 55.20
CA ALA D 41 -36.77 82.50 56.18
CA PRO D 42 -37.98 84.84 53.33
CA GLY D 43 -35.34 85.23 50.57
CA GLN D 44 -32.90 83.00 52.47
CA ARG D 45 -31.36 79.55 52.20
CA LEU D 46 -32.72 76.48 54.00
CA GLU D 47 -31.40 76.09 57.55
CA TRP D 48 -31.24 72.71 59.31
CA MET D 49 -32.67 72.89 62.91
CA GLY D 50 -32.69 69.31 64.24
CA TRP D 51 -33.65 65.62 63.89
CA ILE D 52 -35.68 63.06 65.91
CA SER D 53 -35.51 59.22 65.72
CA ALA D 54 -39.23 58.07 65.70
CA GLY D 55 -38.21 54.67 67.21
CA THR D 56 -36.10 55.80 70.26
CA GLY D 57 -37.28 59.47 70.68
CA ASN D 58 -33.56 60.55 70.55
CA THR D 59 -32.74 64.03 69.53
CA LYS D 60 -30.05 66.00 67.68
CA TYR D 61 -30.12 69.73 67.03
CA SER D 62 -28.32 72.78 65.66
CA GLN D 63 -26.58 74.75 68.47
CA LYS D 64 -27.94 77.95 66.78
CA PHE D 65 -31.26 76.92 68.55
CA ARG D 66 -29.55 75.81 71.84
CA GLY D 67 -31.94 76.16 74.78
CA ARG D 68 -35.11 77.10 72.75
CA VAL D 69 -35.98 74.14 70.41
CA THR D 70 -37.70 70.85 71.53
CA PHE D 71 -38.49 67.69 69.42
CA THR D 72 -41.18 65.18 70.47
CA ARG D 73 -42.92 62.22 68.74
CA ASP D 74 -46.31 60.64 69.57
CA THR D 75 -45.57 57.13 68.31
CA SER D 76 -49.27 55.97 68.58
CA ALA D 77 -50.71 58.99 66.62
CA THR D 78 -47.66 58.73 64.28
CA THR D 79 -46.94 62.48 64.60
CA ALA D 80 -43.69 64.34 65.36
CA TYR D 81 -43.62 67.91 66.76
CA MET D 82 -41.13 70.72 67.03
CA GLY D 83 -41.55 73.34 69.78
CA LEU D 84 -39.80 76.72 69.25
CA SER D 85 -39.74 79.06 72.30
CA SER D 86 -38.88 82.78 72.80
CA LEU D 87 -40.03 83.78 69.31
CA ARG D 88 -38.25 86.73 67.68
CA PRO D 89 -39.41 88.51 64.43
CA GLU D 90 -36.54 86.72 62.52
CA ASP D 91 -38.23 83.31 63.25
CA THR D 92 -40.82 84.30 60.53
CA ALA D 93 -40.12 81.42 58.12
CA VAL D 94 -41.61 78.27 56.53
CA TYR D 95 -40.93 75.24 58.81
CA TYR D 96 -40.60 71.89 57.01
CA CYS D 97 -40.30 68.41 58.41
CA ALA D 98 -38.47 66.03 56.02
CA ARG D 99 -37.72 62.30 56.19
CA ASP D 100 -34.33 60.66 56.95
CA PRO D 101 -34.45 57.53 54.63
CA TYR D 102 -32.08 55.54 56.94
CA GLY D 103 -32.91 56.50 60.61
CA GLY D 104 -29.28 57.56 61.47
CA GLY D 105 -29.52 61.42 61.61
CA LYS D 106 -27.08 62.38 58.82
CA SER D 107 -28.72 61.97 55.42
CA GLU D 108 -30.24 63.59 52.33
CA PHE D 109 -34.06 64.07 52.84
CA ASP D 110 -36.26 62.00 50.44
CA TYR D 111 -39.85 63.13 51.47
CA TRP D 112 -40.71 66.64 52.62
CA GLY D 113 -43.80 67.92 54.40
CA GLN D 114 -45.55 70.93 52.76
CA GLY D 115 -44.35 73.64 55.18
CA THR D 116 -46.08 75.75 57.84
CA LEU D 117 -45.45 79.47 57.77
CA VAL D 118 -45.05 80.88 61.30
CA THR D 119 -45.20 84.68 61.30
CA VAL D 120 -43.93 86.44 64.45
CA SER D 121 -45.81 89.78 64.89
CA SER D 122 -47.60 92.31 67.19
CA ALA D 123 -48.68 94.68 64.29
CA SER D 124 -52.13 93.20 64.64
CA PRO D 125 -53.43 90.10 62.74
CA THR D 126 -56.26 91.00 60.26
CA SER D 127 -58.38 88.56 58.16
CA PRO D 128 -58.80 89.22 54.35
CA LYS D 129 -61.99 90.82 52.93
CA VAL D 130 -62.75 89.10 49.60
CA PHE D 131 -64.29 91.20 46.76
CA PRO D 132 -65.49 90.13 43.27
CA LEU D 133 -63.76 91.39 40.10
CA SER D 134 -66.33 91.04 37.25
CA LEU D 135 -67.40 93.00 34.09
CA CYS D 136 -70.91 93.32 32.56
CA SER D 137 -70.34 94.08 28.78
CA THR D 138 -66.99 95.91 29.52
CA GLN D 139 -64.73 92.88 28.56
CA PRO D 140 -63.91 92.03 24.85
CA ASP D 141 -66.39 89.69 22.96
CA GLY D 142 -64.81 86.15 23.06
CA ASN D 143 -62.86 85.56 26.34
CA VAL D 144 -63.87 86.28 29.99
CA VAL D 145 -61.61 87.50 32.88
CA ILE D 146 -63.08 87.28 36.40
CA ALA D 147 -61.21 87.53 39.68
CA CYS D 148 -61.22 87.79 43.49
CA LEU D 149 -59.45 90.68 45.28
CA VAL D 150 -58.19 89.26 48.68
CA GLN D 151 -57.79 92.58 50.54
CA GLY D 152 -56.31 93.98 53.77
CA PHE D 153 -54.79 90.99 55.58
CA PHE D 154 -51.82 90.51 57.96
CA PRO D 155 -49.60 88.61 58.22
CA GLN D 156 -48.87 87.24 54.66
CA GLU D 157 -49.08 83.43 55.52
CA PRO D 158 -49.93 80.67 52.91
CA LEU D 159 -53.02 81.70 50.89
CA SER D 160 -54.73 78.73 49.12
CA VAL D 161 -56.92 80.04 46.24
CA THR D 162 -58.96 77.48 44.27
CA TRP D 163 -61.67 78.17 41.59
CA SER D 164 -64.86 76.02 40.99
CA GLU D 165 -64.17 75.61 37.20
CA SER D 166 -61.01 73.82 35.81
CA GLY D 167 -60.11 72.78 32.20
CA GLN D 168 -57.75 72.99 29.15
CA GLY D 169 -58.40 76.67 28.16
CA VAL D 170 -59.26 77.94 31.73
CA THR D 171 -56.10 79.66 33.15
CA ALA D 172 -55.72 80.60 36.86
CA ARG D 173 -53.18 83.32 37.83
CA ASN D 174 -52.46 83.78 41.57
CA PHE D 175 -50.66 87.19 41.98
CA PRO D 176 -48.08 87.23 44.90
CA PRO D 177 -48.91 89.36 48.05
CA SER D 178 -48.15 93.11 47.71
CA GLN D 179 -47.55 95.12 50.93
CA ASP D 180 -49.17 98.60 51.56
CA ALA D 181 -46.74 101.11 53.29
CA SER D 182 -44.62 99.99 56.36
CA GLY D 183 -46.07 96.47 57.05
CA ASP D 184 -49.67 97.86 57.45
CA LEU D 185 -51.79 95.53 55.19
CA TYR D 186 -51.14 92.90 52.42
CA THR D 187 -53.37 92.55 49.26
CA THR D 188 -53.34 89.67 46.65
CA SER D 189 -55.56 89.16 43.54
CA SER D 190 -56.53 85.73 42.03
CA GLN D 191 -57.59 85.86 38.32
CA LEU D 192 -59.49 83.20 36.24
CA THR D 193 -59.25 83.68 32.40
CA LEU D 194 -61.70 81.33 30.48
CA PRO D 195 -63.58 81.30 27.08
CA ALA D 196 -66.94 83.27 26.97
CA THR D 197 -68.77 80.02 25.90
CA GLN D 198 -67.53 78.46 29.25
CA CYS D 199 -68.65 81.54 31.34
CA LEU D 200 -72.10 82.66 29.98
CA ALA D 201 -74.16 85.71 31.23
CA GLY D 202 -76.28 84.90 34.36
CA LYS D 203 -73.86 82.09 35.48
CA SER D 204 -71.15 82.31 38.25
CA VAL D 205 -67.76 80.71 39.23
CA THR D 206 -66.87 80.23 42.95
CA CYS D 207 -63.47 81.36 44.31
CA HIS D 208 -62.40 79.43 47.50
CA VAL D 209 -59.81 81.29 49.66
CA LYS D 210 -58.01 79.62 52.61
CA HIS D 211 -55.81 81.96 54.72
CA TYR D 212 -53.49 79.72 57.03
CA THR D 213 -55.40 77.08 59.09
CA ASN D 214 -58.54 79.32 59.18
CA PRO D 215 -61.94 78.19 57.67
CA SER D 216 -62.40 78.61 53.85
CA GLN D 217 -63.91 81.94 52.68
CA ASP D 218 -66.04 81.43 49.52
CA VAL D 219 -67.26 84.06 46.98
CA THR D 220 -69.58 83.45 44.02
CA VAL D 221 -68.25 85.77 41.24
CA PRO D 222 -70.49 86.57 38.17
CA CYS D 223 -69.41 85.70 36.82
CA PRO D 224 -68.33 84.83 35.48
CA VAL D 225 -67.46 84.21 31.74
CA PRO D 226 -66.36 80.53 31.28
CA SER D 227 -64.28 80.01 28.04
CA THR D 228 -63.04 76.32 27.65
CA PRO D 229 -59.82 75.81 25.06
CA PRO D 230 -58.97 73.21 22.43
CA THR D 231 -55.74 72.54 20.62
CA PRO D 232 -55.72 71.90 16.59
CA SER D 233 -54.32 69.45 13.82
CA PRO D 234 -51.78 70.33 10.90
CA SER D 235 -50.41 67.72 8.18
CA THR D 236 -47.22 66.77 5.76
CA PRO D 237 -46.64 65.10 2.23
CA PRO D 238 -45.98 61.34 0.92
CA THR D 239 -42.63 60.10 -0.87
CA PRO D 240 -41.78 60.65 -4.79
CA SER D 241 -39.40 58.15 -6.38
CA PRO D 242 -36.70 59.15 -9.25
CA SER D 243 -37.82 57.10 -12.43
CA CYS D 244 -35.74 57.86 -15.64
CA CYS D 245 -34.26 55.73 -18.76
CA HIS D 246 -30.98 56.04 -20.66
CA PRO D 247 -31.73 54.68 -24.34
CA ARG D 248 -29.26 51.80 -25.14
CA LEU D 249 -29.86 49.13 -27.89
CA SER D 250 -28.10 45.72 -27.28
CA LEU D 251 -28.07 42.46 -29.36
CA HIS D 252 -27.29 39.22 -27.40
CA ARG D 253 -26.30 36.33 -29.80
CA PRO D 254 -27.51 32.63 -29.65
CA ALA D 255 -25.41 30.13 -27.52
CA LEU D 256 -23.07 27.61 -29.35
CA GLU D 257 -24.08 24.40 -27.40
CA ASP D 258 -27.91 24.93 -27.81
CA LEU D 259 -27.77 25.77 -31.59
CA LEU D 260 -25.50 22.68 -32.28
CA LEU D 261 -27.37 20.14 -30.01
CA GLY D 262 -30.99 20.15 -31.39
CA SER D 263 -31.20 23.45 -33.46
CA GLU D 264 -32.14 25.76 -30.49
CA ALA D 265 -31.01 29.39 -31.25
CA ASN D 266 -32.65 32.75 -30.33
CA LEU D 267 -31.14 36.14 -31.30
CA THR D 268 -32.27 38.53 -28.57
CA CYS D 269 -32.91 42.29 -28.98
CA THR D 270 -32.85 44.47 -25.84
CA LEU D 271 -33.77 48.23 -25.75
CA THR D 272 -32.44 49.71 -22.46
CA GLY D 273 -32.88 53.50 -21.77
CA LEU D 274 -36.37 54.38 -23.20
CA ARG D 275 -37.57 57.24 -20.81
CA ASP D 276 -41.14 57.78 -19.31
CA ALA D 277 -44.52 57.49 -21.29
CA SER D 278 -43.15 55.36 -24.14
CA GLY D 279 -43.26 52.28 -26.50
CA VAL D 280 -40.80 50.49 -28.88
CA THR D 281 -41.59 49.13 -32.42
CA PHE D 282 -39.41 46.22 -33.63
CA THR D 283 -38.55 45.24 -37.27
CA TRP D 284 -36.63 41.87 -37.57
CA THR D 285 -35.30 40.35 -40.86
CA PRO D 286 -36.62 36.73 -41.41
CA SER D 287 -34.29 33.65 -41.09
CA SER D 288 -33.33 31.79 -44.37
CA GLY D 289 -36.37 29.38 -44.65
CA LYS D 290 -38.89 32.35 -44.79
CA SER D 291 -39.34 32.61 -40.95
CA ALA D 292 -39.98 35.77 -38.80
CA VAL D 293 -41.51 35.16 -35.27
CA GLN D 294 -41.30 37.69 -32.31
CA GLY D 295 -42.53 38.29 -28.66
CA PRO D 296 -41.93 41.83 -27.18
CA PRO D 297 -42.81 42.65 -23.47
CA GLU D 298 -42.05 46.07 -21.77
CA ARG D 299 -40.09 45.65 -18.49
CA ASP D 300 -39.23 48.64 -16.18
CA LEU D 301 -35.52 48.02 -15.16
CA CYS D 302 -33.70 50.41 -12.68
CA GLY D 303 -36.57 52.94 -13.09
CA CYS D 304 -37.19 52.94 -16.93
CA TYR D 305 -38.76 50.75 -19.74
CA SER D 306 -36.91 47.97 -21.72
CA VAL D 307 -38.56 46.40 -24.86
CA SER D 308 -36.86 42.99 -25.06
CA SER D 309 -37.97 41.08 -28.16
CA VAL D 310 -36.70 37.60 -29.24
CA LEU D 311 -36.46 35.95 -32.73
CA PRO D 312 -36.24 32.07 -32.61
CA GLY D 313 -33.82 30.64 -35.26
CA CYS D 314 -32.67 27.34 -36.85
CA ALA D 315 -29.04 25.98 -37.02
CA GLU D 316 -28.70 26.22 -40.91
CA PRO D 317 -29.01 30.12 -41.26
CA TRP D 318 -26.44 30.58 -38.39
CA ASN D 319 -23.99 27.85 -39.74
CA HIS D 320 -24.24 28.82 -43.51
CA GLY D 321 -24.06 32.69 -43.11
CA LYS D 322 -27.23 34.81 -42.46
CA THR D 323 -27.37 38.52 -41.31
CA PHE D 324 -29.96 39.13 -38.52
CA THR D 325 -31.11 42.77 -38.33
CA CYS D 326 -33.10 44.16 -35.37
CA THR D 327 -34.33 47.61 -36.44
CA ALA D 328 -36.14 49.49 -33.66
CA ALA D 329 -38.23 52.71 -34.19
CA TYR D 330 -39.30 55.27 -31.45
CA PRO D 331 -40.32 59.03 -31.90
CA GLU D 332 -37.71 60.48 -29.40
CA SER D 333 -34.98 58.42 -31.25
CA LYS D 334 -34.81 60.61 -34.47
CA THR D 335 -32.79 57.91 -36.35
CA PRO D 336 -34.45 54.41 -35.94
CA LEU D 337 -31.65 52.09 -34.61
CA THR D 338 -30.56 49.17 -36.77
CA ALA D 339 -28.27 46.44 -35.25
CA THR D 340 -27.20 43.49 -37.48
CA LEU D 341 -25.58 40.20 -36.40
CA SER D 342 -24.14 37.03 -38.18
CA LYS D 343 -21.25 34.42 -38.20
CA SER D 344 -17.50 35.45 -38.18
CA GLY D 345 -14.69 35.78 -40.83
CA ASN D 346 -13.39 33.78 -43.89
CA THR D 347 -13.13 29.90 -43.67
CA PHE D 348 -10.02 27.60 -43.19
CA ARG D 349 -9.87 23.72 -43.35
CA PRO D 350 -9.02 22.03 -39.94
CA GLU D 351 -5.81 19.93 -39.90
CA VAL D 352 -6.62 16.86 -37.70
CA HIS D 353 -3.61 14.89 -36.27
CA LEU D 354 -4.19 12.00 -33.78
CA LEU D 355 -1.48 11.57 -31.11
CA PRO D 356 -0.94 8.26 -29.18
CA PRO D 357 -0.05 8.35 -25.42
CA PRO D 358 3.46 9.18 -24.10
CA SER D 359 5.72 6.20 -23.10
CA GLU D 360 5.66 7.35 -19.39
CA GLU D 361 1.77 7.38 -19.31
CA LEU D 362 1.87 3.58 -20.02
CA ALA D 363 3.27 3.30 -16.43
CA LEU D 364 -0.31 4.51 -15.50
CA ASN D 365 -3.42 2.18 -15.62
CA GLU D 366 -7.16 3.25 -15.54
CA LEU D 367 -6.96 6.03 -18.22
CA VAL D 368 -4.67 6.21 -21.33
CA THR D 369 -4.61 9.68 -22.80
CA LEU D 370 -5.59 9.54 -26.53
CA THR D 371 -5.18 13.05 -27.99
CA CYS D 372 -6.39 14.61 -31.26
CA LEU D 373 -5.13 18.07 -32.31
CA ALA D 374 -7.48 20.10 -34.58
CA ARG D 375 -5.42 23.12 -35.77
CA GLY D 376 -5.43 26.01 -38.31
CA PHE D 377 -9.27 26.16 -38.52
CA SER D 378 -11.70 29.15 -38.94
CA PRO D 379 -14.25 30.16 -37.92
CA LYS D 380 -14.06 28.75 -34.32
CA ASP D 381 -17.30 26.89 -35.02
CA VAL D 382 -16.45 23.11 -34.84
CA LEU D 383 -17.70 19.73 -33.41
CA VAL D 384 -15.24 17.04 -32.31
CA ARG D 385 -16.39 13.54 -31.16
CA TRP D 386 -14.70 10.17 -30.47
CA LEU D 387 -15.61 6.61 -31.62
CA GLN D 388 -14.58 3.07 -30.57
CA GLY D 389 -13.78 0.66 -33.48
CA SER D 390 -13.75 -2.46 -31.19
CA GLN D 391 -17.51 -2.16 -30.22
CA GLU D 392 -18.72 -0.10 -33.29
CA LEU D 393 -20.02 2.60 -30.86
CA PRO D 394 -19.47 6.26 -29.78
CA ARG D 395 -17.26 6.80 -26.68
CA GLU D 396 -17.92 8.45 -23.28
CA LYS D 397 -14.74 9.38 -21.36
CA TYR D 398 -13.56 12.36 -23.45
CA LEU D 399 -13.12 16.11 -22.87
CA THR D 400 -12.49 18.95 -25.45
CA TRP D 401 -10.78 22.31 -24.54
CA ALA D 402 -10.35 25.62 -26.60
CA SER D 403 -7.76 28.13 -28.08
CA ARG D 404 -8.47 31.12 -30.46
CA GLN D 405 -5.01 32.29 -31.77
CA GLU D 406 -4.62 36.13 -32.24
CA PRO D 407 -1.29 38.07 -31.75
CA SER D 408 -0.36 41.62 -33.07
CA GLN D 409 0.13 40.31 -36.69
CA GLY D 410 -2.32 39.23 -39.48
CA THR D 411 -2.09 35.53 -38.37
CA THR D 412 -5.47 34.56 -36.71
CA THR D 413 -6.92 30.93 -36.83
CA PHE D 414 -7.96 28.46 -33.98
CA ALA D 415 -6.60 25.28 -32.35
CA VAL D 416 -8.15 22.72 -29.91
CA THR D 417 -6.99 19.47 -28.30
CA SER D 418 -9.52 16.68 -27.49
CA ILE D 419 -8.64 14.10 -24.80
CA LEU D 420 -10.14 10.53 -24.90
CA ARG D 421 -9.16 8.61 -21.75
CA VAL D 422 -9.10 4.73 -22.05
CA ALA D 423 -8.01 1.65 -20.02
CA ALA D 424 -4.29 0.82 -20.76
CA GLU D 425 -5.38 -2.74 -21.77
CA ASP D 426 -7.83 -1.85 -24.67
CA TRP D 427 -5.18 0.31 -26.41
CA LYS D 428 -2.77 -2.72 -26.11
CA LYS D 429 -5.57 -5.13 -27.25
CA GLY D 430 -5.04 -3.30 -30.61
CA ASP D 431 -8.24 -1.22 -30.64
CA THR D 432 -8.81 1.52 -33.24
CA PHE D 433 -10.18 4.80 -31.78
CA SER D 434 -11.20 7.61 -34.19
CA CYS D 435 -11.53 11.37 -33.67
CA MET D 436 -14.37 12.74 -35.89
CA VAL D 437 -14.18 16.50 -36.70
CA GLY D 438 -17.10 18.43 -38.28
CA HIS D 439 -16.42 21.91 -39.68
CA GLU D 440 -17.72 24.38 -42.38
CA ALA D 441 -14.51 23.96 -44.54
CA LEU D 442 -14.21 20.10 -44.38
CA PRO D 443 -14.85 18.16 -47.70
CA LEU D 444 -18.23 16.56 -46.71
CA ALA D 445 -18.43 18.82 -43.58
CA PHE D 446 -16.87 15.77 -41.87
CA THR D 447 -13.42 14.16 -41.52
CA GLN D 448 -12.26 11.32 -39.23
CA LYS D 449 -8.61 10.49 -38.31
CA THR D 450 -7.82 7.16 -36.57
CA ILE D 451 -5.49 5.93 -33.72
CA ASP D 452 -4.41 2.34 -32.86
CA ARG D 453 -1.45 0.51 -31.14
CA LEU D 454 -0.59 -0.75 -34.73
CA ALA D 455 2.08 1.25 -36.69
CA GLY D 456 3.01 0.14 -40.28
CA LYS D 457 5.86 2.34 -41.65
CA PRO D 458 4.95 2.72 -45.37
CA THR D 459 3.79 5.23 -43.67
CA HIS D 460 0.63 6.69 -41.94
CA VAL D 461 -2.41 5.34 -44.01
CA ASN D 462 -6.19 4.97 -43.15
CA VAL D 463 -9.05 2.27 -42.93
CA SER D 464 -10.93 0.89 -46.05
CA VAL D 465 -14.36 1.94 -47.63
CA VAL D 466 -17.14 0.87 -45.14
CA MET D 467 -20.64 1.18 -46.79
CA ALA D 468 -22.00 1.62 -50.43
CA GLU D 469 -24.60 2.68 -51.92
CA VAL D 470 -27.68 3.94 -49.83
CA ASP D 471 -26.53 7.63 -49.77
CA GLY D 472 -29.63 9.44 -48.28
CA THR D 473 -31.02 10.97 -51.55
CA CYS D 474 -31.14 7.55 -53.36
CA TYR D 475 -32.26 5.36 -50.32
CA GLU E 1 83.06 -31.40 56.96
CA LEU E 2 79.97 -31.06 54.78
CA VAL E 3 77.78 -34.08 55.36
CA MET E 4 76.21 -35.88 52.37
CA THR E 5 73.17 -37.99 53.25
CA GLN E 6 71.54 -40.34 50.72
CA SER E 7 68.00 -41.55 50.76
CA PRO E 8 67.14 -44.46 50.69
CA SER E 9 69.81 -46.93 51.73
CA SER E 10 68.23 -49.75 49.65
CA LEU E 11 65.58 -50.11 46.95
CA SER E 12 64.34 -53.11 44.97
CA ALA E 13 62.47 -52.31 41.75
CA SER E 14 61.51 -54.22 38.60
CA VAL E 15 63.15 -53.62 35.25
CA GLY E 16 61.39 -50.80 33.42
CA ASP E 17 60.68 -48.96 36.66
CA ARG E 18 61.83 -45.42 37.19
CA VAL E 19 63.96 -44.99 40.33
CA ASN E 20 65.01 -41.72 42.06
CA ILE E 21 67.80 -41.56 44.76
CA ALA E 22 68.15 -38.35 46.81
CA CYS E 23 71.29 -36.83 48.30
CA ARG E 24 71.29 -33.85 50.73
CA ALA E 25 74.20 -31.57 51.40
CA SER E 26 74.19 -30.28 55.05
CA GLN E 27 74.70 -26.84 53.42
CA GLY E 28 74.78 -25.30 49.93
CA ILE E 29 77.24 -26.71 47.37
CA SER E 30 75.86 -25.03 44.22
CA SER E 31 76.31 -27.71 41.50
CA ALA E 32 79.43 -29.42 42.81
CA LEU E 33 78.03 -32.87 43.02
CA ALA E 34 79.18 -36.00 41.17
CA TRP E 35 77.37 -39.46 41.21
CA TYR E 36 79.23 -42.84 41.03
CA GLN E 37 78.11 -46.36 40.30
CA GLN E 38 80.03 -49.19 42.05
CA LYS E 39 79.33 -52.79 41.09
CA PRO E 40 80.19 -54.98 44.04
CA GLY E 41 83.92 -55.60 44.10
CA LYS E 42 85.00 -52.99 41.63
CA ALA E 43 86.31 -49.56 41.39
CA PRO E 44 83.60 -46.85 41.42
CA ARG E 45 82.59 -45.31 38.02
CA LEU E 46 81.62 -41.74 37.20
CA LEU E 47 78.10 -41.26 35.82
CA ILE E 48 77.32 -37.60 36.40
CA TYR E 49 79.44 -34.51 37.33
CA ASP E 50 78.32 -30.89 38.05
CA ALA E 51 74.92 -32.27 39.26
CA SER E 52 73.60 -32.86 35.76
CA ASN E 53 76.34 -33.52 33.12
CA LEU E 54 76.56 -37.19 31.94
CA GLU E 55 80.05 -38.46 31.54
CA SER E 56 80.84 -39.67 27.95
CA GLY E 57 79.71 -43.29 27.30
CA VAL E 58 77.12 -43.41 30.22
CA PRO E 59 73.65 -44.56 29.02
CA SER E 60 71.10 -41.86 28.34
CA ARG E 61 68.71 -43.42 30.97
CA PHE E 62 70.79 -41.86 33.78
CA SER E 63 70.02 -38.19 34.60
CA GLY E 64 70.73 -35.95 37.62
CA SER E 65 69.18 -32.75 39.00
CA GLY E 66 69.44 -30.34 41.93
CA SER E 67 71.29 -27.26 43.02
CA GLY E 68 72.11 -25.89 46.43
CA THR E 69 71.38 -28.64 48.87
CA ASP E 70 69.08 -31.31 47.29
CA PHE E 71 70.14 -33.50 44.37
CA THR E 72 68.36 -36.42 42.55
CA LEU E 73 69.75 -39.18 40.34
CA THR E 74 66.98 -40.78 38.15
CA ILE E 75 67.36 -44.10 36.28
CA SER E 76 64.42 -43.88 33.90
CA SER E 77 64.06 -47.57 32.89
CA LEU E 78 65.91 -49.82 35.32
CA GLN E 79 67.84 -52.59 33.59
CA PRO E 80 69.51 -55.83 35.28
CA GLU E 81 72.95 -54.43 34.73
CA ASP E 82 72.01 -51.46 36.93
CA PHE E 83 72.45 -53.52 40.14
CA ALA E 84 75.05 -51.54 42.09
CA ILE E 85 75.65 -49.22 45.06
CA TYR E 86 75.31 -45.55 43.98
CA TYR E 87 77.27 -42.66 45.80
CA CYS E 88 77.13 -38.91 45.63
CA GLN E 89 80.24 -36.87 46.44
CA GLN E 90 80.58 -33.03 46.98
CA PHE E 91 83.64 -31.06 45.78
CA ASN E 92 82.68 -27.61 46.90
CA SER E 93 84.71 -27.84 50.12
CA TYR E 94 87.65 -29.79 51.53
CA PRO E 95 87.47 -32.57 52.95
CA LEU E 96 85.75 -33.87 49.88
CA THR E 97 82.94 -36.12 51.20
CA PHE E 98 80.80 -39.01 50.01
CA GLY E 99 77.32 -40.00 50.87
CA GLY E 100 76.56 -43.37 52.47
CA GLY E 101 75.26 -45.33 49.40
CA THR E 102 71.98 -46.51 47.93
CA LYS E 103 72.08 -50.21 47.00
CA VAL E 104 69.70 -50.97 44.11
CA GLU E 105 68.66 -54.66 43.81
CA ILE E 106 66.50 -55.91 40.84
CA LYS E 107 63.05 -57.55 41.49
CA ARG E 108 62.13 -60.47 39.18
CA THR E 109 60.09 -63.72 39.03
CA VAL E 110 60.90 -66.68 41.34
CA ALA E 111 63.46 -69.11 40.07
CA ALA E 112 64.01 -72.42 41.80
CA PRO E 113 67.56 -73.46 42.45
CA SER E 114 69.59 -76.26 40.84
CA VAL E 115 71.13 -78.19 43.76
CA PHE E 116 74.45 -80.03 43.71
CA ILE E 117 76.38 -81.81 46.47
CA PHE E 118 80.12 -82.63 46.45
CA PRO E 119 81.98 -85.17 48.66
CA PRO E 120 85.46 -84.39 50.25
CA SER E 121 88.29 -84.93 47.81
CA ASP E 122 90.90 -87.59 48.48
CA GLU E 123 93.83 -85.36 49.17
CA GLN E 124 91.68 -83.35 51.48
CA LEU E 125 90.93 -86.43 53.67
CA LYS E 126 94.75 -86.99 53.58
CA SER E 127 95.11 -83.77 55.70
CA GLY E 128 92.71 -85.11 58.34
CA THR E 129 89.69 -82.80 57.35
CA ALA E 130 86.61 -83.22 55.21
CA SER E 131 84.59 -80.38 53.62
CA VAL E 132 81.25 -81.31 52.06
CA VAL E 133 79.75 -78.62 49.75
CA CYS E 134 76.12 -78.16 48.71
CA LEU E 135 75.49 -75.72 45.81
CA LEU E 136 72.20 -73.98 45.07
CA ASN E 137 72.68 -72.39 41.66
CA ASN E 138 70.74 -69.54 40.14
CA PHE E 139 67.68 -68.69 42.13
CA TYR E 140 65.41 -65.77 42.99
CA PRO E 141 64.43 -64.47 45.74
CA ARG E 142 67.60 -64.76 47.86
CA GLU E 143 65.98 -66.47 50.86
CA ALA E 144 66.56 -70.25 50.97
CA LYS E 145 67.26 -72.75 53.79
CA VAL E 146 69.95 -75.50 53.65
CA GLN E 147 69.81 -78.27 56.23
CA TRP E 148 72.50 -80.91 56.60
CA LYS E 149 71.62 -84.39 57.82
CA VAL E 150 74.35 -87.02 58.41
CA ASP E 151 72.92 -90.54 59.05
CA ASN E 152 69.46 -89.36 58.16
CA ALA E 153 67.80 -86.92 60.62
CA LEU E 154 70.97 -86.41 62.67
CA GLN E 155 70.81 -82.99 61.20
CA SER E 156 73.67 -80.74 62.13
CA GLY E 157 74.75 -77.18 63.24
CA ASN E 158 78.51 -76.88 61.96
CA SER E 159 78.20 -75.34 58.44
CA GLN E 160 79.01 -71.97 56.86
CA GLU E 161 77.27 -70.24 53.91
CA SER E 162 78.25 -67.83 51.16
CA VAL E 163 75.86 -66.09 48.70
CA THR E 164 77.01 -64.30 45.60
CA GLU E 165 75.73 -60.76 44.66
CA GLN E 166 72.93 -60.42 42.07
CA ASP E 167 73.92 -61.40 38.57
CA SER E 168 73.76 -58.46 36.14
CA LYS E 169 72.38 -60.65 33.38
CA ASP E 170 69.54 -62.68 34.98
CA SER E 171 69.19 -61.21 38.52
CA THR E 172 69.77 -64.46 40.42
CA TYR E 173 71.90 -65.50 43.40
CA SER E 174 73.85 -68.69 43.95
CA LEU E 175 74.75 -70.06 47.40
CA SER E 176 77.19 -72.60 48.93
CA SER E 177 76.99 -74.32 52.25
CA THR E 178 80.19 -76.02 53.47
CA LEU E 179 79.91 -78.62 56.18
CA THR E 180 83.31 -79.26 57.78
CA LEU E 181 84.13 -82.25 59.92
CA SER E 182 87.34 -84.10 60.78
CA LYS E 183 88.47 -87.20 58.70
CA ALA E 184 87.51 -89.39 61.72
CA ASP E 185 84.06 -87.80 62.06
CA TYR E 186 83.38 -88.23 58.38
CA GLU E 187 84.67 -91.87 58.58
CA LYS E 188 81.95 -92.89 60.91
CA HIS E 189 78.83 -91.86 59.07
CA LYS E 190 77.61 -92.97 55.62
CA VAL E 191 74.58 -90.93 54.31
CA TYR E 192 75.44 -87.23 53.87
CA ALA E 193 72.55 -85.06 52.68
CA CYS E 194 71.71 -81.46 51.80
CA GLU E 195 68.00 -80.53 52.12
CA VAL E 196 66.84 -77.32 50.43
CA THR E 197 63.80 -75.14 50.95
CA HIS E 198 63.05 -72.21 48.66
CA GLN E 199 59.84 -70.64 47.26
CA GLY E 200 60.23 -71.89 43.65
CA LEU E 201 60.40 -75.58 44.61
CA SER E 202 57.16 -77.55 45.18
CA SER E 203 58.80 -79.82 47.76
CA PRO E 204 62.07 -79.61 49.81
CA VAL E 205 64.91 -81.04 47.70
CA THR E 206 67.53 -83.51 48.99
CA LYS E 207 70.86 -84.39 47.40
CA SER E 208 72.64 -87.20 49.24
CA PHE E 209 75.61 -89.46 48.76
CA ASN E 210 76.98 -92.53 50.46
CA ARG E 211 80.50 -92.47 51.96
CA GLY E 212 82.18 -94.94 49.57
CA GLU E 213 81.54 -93.31 46.09
CA CYS E 214 82.58 -94.82 42.69
CA GLU F 1 15.71 -119.66 -31.25
CA LEU F 2 16.66 -115.99 -31.40
CA VAL F 3 20.21 -115.62 -30.19
CA MET F 4 21.09 -112.80 -27.76
CA THR F 5 24.78 -111.90 -27.69
CA GLN F 6 26.24 -109.50 -25.11
CA SER F 7 29.37 -107.47 -25.44
CA PRO F 8 31.68 -107.49 -23.50
CA SER F 9 31.84 -110.52 -21.23
CA SER F 10 33.73 -108.57 -18.50
CA LEU F 11 34.59 -104.96 -17.71
CA SER F 12 36.42 -103.35 -14.78
CA ALA F 13 35.81 -99.63 -14.30
CA SER F 14 36.28 -97.12 -11.49
CA VAL F 15 33.41 -95.61 -9.55
CA GLY F 16 32.09 -92.54 -11.32
CA ASP F 17 32.81 -94.05 -14.73
CA ARG F 18 30.10 -94.43 -17.31
CA VAL F 19 29.75 -98.01 -18.60
CA ASN F 20 27.78 -99.24 -21.66
CA ILE F 21 26.96 -102.99 -22.26
CA ALA F 22 25.64 -104.02 -25.70
CA CYS F 23 23.24 -106.84 -26.56
CA ARG F 24 22.45 -107.97 -30.15
CA ALA F 25 19.41 -109.87 -31.22
CA SER F 26 20.17 -112.24 -34.19
CA GLN F 27 17.03 -110.65 -35.75
CA GLY F 28 14.55 -107.83 -35.01
CA ILE F 29 12.68 -107.89 -31.68
CA SER F 30 11.25 -104.35 -31.74
CA SER F 31 11.44 -103.23 -28.07
CA ALA F 32 10.94 -106.58 -26.38
CA LEU F 33 14.07 -106.56 -24.35
CA ALA F 34 14.44 -106.64 -20.55
CA TRP F 35 17.77 -106.22 -18.57
CA TYR F 36 18.50 -108.03 -15.23
CA GLN F 37 21.09 -107.53 -12.55
CA GLN F 38 22.27 -110.64 -10.67
CA LYS F 39 24.52 -110.26 -7.65
CA PRO F 40 26.55 -113.43 -7.27
CA GLY F 41 24.45 -116.05 -5.51
CA LYS F 42 21.08 -114.40 -5.78
CA ALA F 43 18.02 -114.35 -7.80
CA PRO F 44 18.19 -112.02 -10.84
CA ARG F 45 16.49 -108.56 -10.53
CA LEU F 46 14.61 -106.57 -13.16
CA LEU F 47 16.09 -103.17 -14.03
CA ILE F 48 14.63 -102.29 -17.41
CA TYR F 49 11.71 -103.71 -19.51
CA ASP F 50 10.57 -102.71 -23.07
CA ALA F 51 14.20 -101.67 -23.87
CA SER F 52 13.97 -98.39 -21.98
CA ASN F 53 11.41 -98.41 -19.08
CA LEU F 54 13.00 -98.47 -15.57
CA GLU F 55 11.27 -100.74 -13.15
CA SER F 56 9.95 -98.91 -10.01
CA GLY F 57 12.65 -98.46 -7.29
CA VAL F 58 15.69 -98.92 -9.69
CA PRO F 59 18.21 -96.03 -9.39
CA SER F 60 17.99 -93.29 -11.98
CA ARG F 61 21.65 -93.97 -13.06
CA PHE F 62 20.49 -97.04 -15.03
CA SER F 63 19.12 -96.35 -18.54
CA GLY F 64 18.56 -98.53 -21.65
CA SER F 65 18.22 -97.84 -25.37
CA GLY F 66 17.83 -99.62 -28.73
CA SER F 67 15.17 -100.96 -30.99
CA GLY F 68 15.22 -103.68 -33.62
CA THR F 69 18.43 -105.57 -33.10
CA ASP F 70 20.92 -103.47 -31.00
CA PHE F 71 20.31 -102.52 -27.38
CA THR F 72 22.53 -100.66 -24.78
CA LEU F 73 22.34 -100.55 -20.99
CA THR F 74 24.24 -97.50 -19.56
CA ILE F 75 25.23 -97.09 -15.89
CA SER F 76 26.04 -93.40 -15.79
CA SER F 77 28.11 -93.22 -12.57
CA LEU F 78 29.27 -96.66 -11.51
CA GLN F 79 28.93 -97.27 -7.79
CA PRO F 80 30.50 -100.27 -5.64
CA GLU F 81 27.11 -101.82 -5.19
CA ASP F 82 26.86 -102.18 -8.98
CA PHE F 83 29.19 -105.23 -8.99
CA ALA F 84 27.05 -107.92 -10.64
CA ILE F 85 26.49 -109.98 -13.82
CA TYR F 86 24.03 -108.20 -16.15
CA TYR F 87 21.73 -110.17 -18.65
CA CYS F 88 19.46 -109.16 -21.47
CA GLN F 89 16.48 -111.33 -22.37
CA GLN F 90 14.14 -111.14 -25.47
CA PHE F 91 10.38 -111.84 -25.25
CA ASN F 92 9.40 -111.30 -28.83
CA SER F 93 9.54 -115.01 -29.67
CA TYR F 94 9.36 -118.37 -27.92
CA PRO F 95 11.78 -119.89 -26.63
CA LEU F 96 12.43 -116.81 -24.58
CA THR F 97 16.23 -116.40 -24.57
CA PHE F 98 18.93 -114.76 -22.47
CA GLY F 99 22.23 -113.31 -23.40
CA GLY F 100 25.46 -114.70 -21.97
CA GLY F 101 26.23 -112.04 -19.28
CA THR F 102 28.52 -109.09 -18.72
CA LYS F 103 30.33 -109.25 -15.37
CA VAL F 104 31.15 -105.78 -14.06
CA GLU F 105 33.98 -105.66 -11.45
CA ILE F 106 34.93 -102.37 -9.64
CA LYS F 107 38.51 -100.92 -9.96
CA ARG F 108 39.94 -99.28 -6.80
CA THR F 109 43.22 -98.53 -4.95
CA VAL F 110 45.46 -101.37 -3.67
CA ALA F 111 44.69 -102.64 -0.22
CA ALA F 112 47.07 -104.95 1.56
CA PRO F 113 45.59 -107.97 3.26
CA SER F 114 45.26 -108.73 6.97
CA VAL F 115 46.65 -112.26 7.41
CA PHE F 116 45.52 -114.79 10.01
CA ILE F 117 46.48 -118.44 10.56
CA PHE F 118 44.46 -121.04 12.51
CA PRO F 119 45.70 -124.41 13.90
CA PRO F 120 43.57 -127.67 13.68
CA SER F 121 40.96 -127.85 16.41
CA ASP F 122 41.13 -130.62 19.00
CA GLU F 123 38.10 -132.56 17.96
CA GLN F 124 39.29 -132.40 14.42
CA LEU F 125 42.61 -134.16 15.31
CA LYS F 126 40.35 -136.72 17.14
CA SER F 127 39.04 -137.79 13.65
CA GLY F 128 42.58 -138.43 12.41
CA THR F 129 42.78 -135.24 10.11
CA ALA F 130 44.19 -131.76 10.51
CA SER F 131 43.14 -128.70 8.49
CA VAL F 132 45.29 -125.58 8.87
CA VAL F 133 43.67 -122.34 7.54
CA CYS F 134 45.37 -119.11 6.47
CA LEU F 135 43.08 -116.08 5.96
CA LEU F 136 43.91 -113.02 3.87
CA ASN F 137 41.18 -110.51 4.66
CA ASN F 138 40.10 -107.53 2.63
CA PHE F 139 42.47 -106.80 -0.17
CA TYR F 140 42.58 -105.32 -3.67
CA PRO F 141 43.62 -106.39 -6.50
CA ARG F 142 42.56 -110.07 -6.30
CA GLU F 143 45.95 -111.56 -7.19
CA ALA F 144 47.92 -112.82 -4.16
CA LYS F 145 50.17 -115.86 -3.54
CA VAL F 146 49.98 -118.10 -0.42
CA GLN F 147 52.86 -120.48 0.26
CA TRP F 148 52.82 -123.07 3.02
CA LYS F 149 56.05 -124.13 4.70
CA VAL F 150 56.08 -126.89 7.36
CA ASP F 151 59.45 -127.17 9.19
CA ASN F 152 60.67 -124.01 7.54
CA ALA F 153 61.34 -124.20 3.76
CA LEU F 154 59.78 -127.65 3.39
CA GLN F 155 57.16 -125.75 1.52
CA SER F 156 54.28 -127.81 0.31
CA GLY F 157 51.85 -128.56 -2.63
CA ASN F 158 48.61 -130.02 -0.84
CA SER F 159 46.39 -126.95 -0.23
CA GLN F 160 43.12 -125.59 -1.66
CA GLU F 161 41.98 -121.96 -1.99
CA SER F 162 38.68 -120.08 -1.99
CA VAL F 163 38.20 -116.36 -2.83
CA THR F 164 35.02 -114.48 -2.12
CA GLU F 165 33.32 -112.20 -4.75
CA GLN F 166 33.89 -108.42 -4.60
CA ASP F 167 32.33 -106.74 -1.61
CA SER F 168 29.63 -104.23 -2.59
CA LYS F 169 30.71 -101.80 0.09
CA ASP F 170 34.53 -101.54 -0.24
CA SER F 171 35.38 -103.57 -3.39
CA THR F 172 37.77 -106.02 -1.74
CA TYR F 173 38.24 -109.80 -1.80
CA SER F 174 39.10 -112.15 1.02
CA LEU F 175 40.81 -115.55 0.50
CA SER F 176 41.36 -118.79 2.47
CA SER F 177 43.95 -121.44 1.94
CA THR F 178 43.37 -124.77 3.69
CA LEU F 179 46.29 -127.13 4.11
CA THR F 180 45.08 -130.64 4.93
CA LEU F 181 47.26 -133.36 6.34
CA SER F 182 46.60 -136.48 8.42
CA LYS F 183 46.86 -136.37 12.30
CA ALA F 184 50.11 -138.40 12.00
CA ASP F 185 51.59 -136.06 9.39
CA TYR F 186 50.75 -133.03 11.48
CA GLU F 187 52.19 -134.79 14.61
CA LYS F 188 55.62 -134.93 13.16
CA HIS F 189 56.31 -131.34 12.26
CA LYS F 190 56.34 -128.26 14.55
CA VAL F 191 56.57 -124.90 12.64
CA TYR F 192 53.55 -124.36 10.36
CA ALA F 193 53.66 -121.14 8.33
CA CYS F 194 51.66 -119.18 5.76
CA GLU F 195 53.71 -116.79 3.57
CA VAL F 196 51.80 -114.11 1.63
CA THR F 197 52.75 -112.05 -1.39
CA HIS F 198 50.48 -109.26 -2.65
CA GLN F 199 51.09 -105.81 -4.23
CA GLY F 200 50.06 -103.72 -1.17
CA LEU F 201 52.60 -105.31 1.17
CA SER F 202 56.22 -104.04 1.23
CA SER F 203 57.58 -107.45 2.15
CA PRO F 204 56.13 -111.04 2.03
CA VAL F 205 54.22 -111.66 5.26
CA THR F 206 54.51 -114.85 7.36
CA LYS F 207 52.15 -116.06 10.08
CA SER F 208 53.44 -119.16 11.85
CA PHE F 209 52.63 -121.23 14.88
CA ASN F 210 54.30 -124.01 16.80
CA ARG F 211 52.54 -127.39 17.17
CA GLY F 212 51.90 -127.28 20.94
CA GLU F 213 49.87 -123.99 21.35
CA CYS F 214 48.66 -122.52 24.72
CA GLN G 1 5.05 -111.36 2.78
CA VAL G 2 6.93 -114.42 4.12
CA LYS G 3 8.67 -113.64 0.85
CA LEU G 4 6.37 -112.94 -2.21
CA LEU G 5 7.25 -115.96 -4.39
CA GLU G 6 8.94 -118.70 -2.23
CA GLN G 7 10.36 -122.05 -3.35
CA SER G 8 10.88 -125.56 -1.88
CA GLY G 9 14.56 -126.16 -0.91
CA ALA G 10 17.15 -128.42 -2.49
CA GLU G 11 17.55 -131.56 -3.58
CA VAL G 12 19.70 -134.42 -4.64
CA LYS G 13 18.12 -136.88 -7.05
CA LYS G 14 19.67 -139.99 -8.63
CA PRO G 15 20.08 -139.94 -12.52
CA GLY G 16 16.82 -141.36 -14.03
CA ALA G 17 14.60 -140.06 -11.17
CA SER G 18 12.11 -137.17 -11.21
CA VAL G 19 12.13 -133.94 -9.14
CA LYS G 20 9.13 -131.77 -8.17
CA VAL G 21 9.87 -128.11 -7.34
CA SER G 22 7.13 -125.89 -5.78
CA CYS G 23 6.62 -122.12 -5.78
CA LYS G 24 4.14 -120.62 -3.25
CA ALA G 25 2.79 -117.10 -4.10
CA SER G 26 1.95 -114.82 -1.08
CA GLY G 27 0.68 -111.16 -0.92
CA TYR G 28 -0.75 -110.78 -4.49
CA SER G 29 -3.83 -112.33 -6.23
CA PHE G 30 -2.41 -115.70 -7.48
CA THR G 31 -4.92 -116.33 -10.37
CA SER G 32 -4.39 -112.85 -11.99
CA TYR G 33 -0.79 -113.61 -13.23
CA GLY G 34 1.20 -116.33 -14.99
CA LEU G 35 4.38 -117.91 -13.57
CA HIS G 36 7.49 -118.60 -15.67
CA TRP G 37 10.09 -121.36 -14.84
CA VAL G 38 13.79 -120.67 -15.59
CA ARG G 39 16.98 -122.58 -14.75
CA GLN G 40 20.68 -121.70 -14.42
CA ALA G 41 23.24 -124.54 -14.74
CA PRO G 42 26.67 -123.80 -13.09
CA GLY G 43 28.66 -121.15 -15.06
CA GLN G 44 25.91 -120.91 -17.67
CA ARG G 45 23.26 -118.46 -18.85
CA LEU G 46 19.63 -118.58 -17.69
CA GLU G 47 17.45 -120.93 -19.76
CA TRP G 48 13.67 -120.47 -20.04
CA MET G 49 11.79 -123.82 -19.51
CA GLY G 50 8.05 -122.96 -19.51
CA TRP G 51 5.10 -120.90 -18.22
CA ILE G 52 1.73 -121.64 -16.51
CA SER G 53 -1.36 -119.36 -16.32
CA ALA G 54 -2.54 -119.59 -12.62
CA GLY G 55 -6.15 -118.74 -13.69
CA THR G 56 -6.73 -121.32 -16.52
CA GLY G 57 -3.96 -123.91 -15.77
CA ASN G 58 -2.75 -123.53 -19.43
CA THR G 59 0.77 -124.39 -20.26
CA LYS G 60 3.58 -123.33 -22.59
CA TYR G 61 7.05 -124.84 -22.67
CA SER G 62 10.47 -124.97 -24.34
CA GLN G 63 10.69 -127.88 -26.83
CA LYS G 64 14.20 -128.58 -25.38
CA PHE G 65 12.18 -130.22 -22.48
CA ARG G 66 9.57 -131.89 -24.81
CA GLY G 67 8.12 -135.01 -23.18
CA ARG G 68 9.81 -134.61 -19.72
CA VAL G 69 8.55 -131.33 -18.11
CA THR G 70 5.08 -130.86 -16.44
CA PHE G 71 3.55 -127.63 -14.94
CA THR G 72 0.71 -127.75 -12.37
CA ARG G 73 -0.94 -125.15 -10.06
CA ASP G 74 -2.91 -125.77 -6.84
CA THR G 75 -5.14 -122.68 -7.00
CA SER G 76 -6.48 -123.14 -3.37
CA ALA G 77 -2.96 -123.52 -1.77
CA THR G 78 -1.73 -120.78 -4.16
CA THR G 79 1.28 -122.90 -5.23
CA ALA G 80 2.62 -123.75 -8.71
CA TYR G 81 4.86 -126.80 -9.38
CA MET G 82 7.21 -127.96 -12.08
CA GLY G 83 7.89 -131.69 -12.50
CA LEU G 84 11.12 -132.69 -14.34
CA SER G 85 11.42 -136.40 -15.29
CA SER G 86 14.32 -138.62 -16.52
CA LEU G 87 16.98 -136.60 -14.68
CA ARG G 88 20.44 -136.46 -16.26
CA PRO G 89 23.64 -135.07 -14.53
CA GLU G 90 23.34 -131.89 -16.73
CA ASP G 91 20.00 -131.03 -15.00
CA THR G 92 22.13 -129.98 -11.94
CA ALA G 93 21.07 -126.31 -11.84
CA VAL G 94 19.21 -123.67 -9.80
CA TYR G 95 15.47 -123.71 -10.73
CA TYR G 96 13.66 -120.38 -10.38
CA CYS G 97 10.02 -119.56 -10.72
CA ALA G 98 9.43 -115.91 -11.76
CA ARG G 99 6.26 -113.85 -12.23
CA ASP G 100 4.68 -112.79 -15.57
CA PRO G 101 3.30 -109.24 -14.68
CA TYR G 102 0.53 -109.48 -17.35
CA GLY G 103 -0.70 -113.16 -17.47
CA GLY G 104 -0.07 -113.57 -21.27
CA GLY G 105 3.07 -115.83 -21.37
CA LYS G 106 5.54 -113.51 -23.17
CA SER G 107 6.95 -110.94 -20.77
CA GLU G 108 9.88 -109.68 -18.72
CA PHE G 109 9.78 -111.25 -15.17
CA ASP G 110 9.22 -108.70 -12.31
CA TYR G 111 9.38 -110.98 -9.17
CA TRP G 112 11.65 -114.01 -8.86
CA GLY G 113 11.56 -116.86 -6.36
CA GLN G 114 14.87 -117.57 -4.52
CA GLY G 115 15.90 -120.72 -6.46
CA THR G 116 16.12 -124.42 -5.55
CA LEU G 117 19.31 -126.23 -6.44
CA VAL G 118 18.60 -129.75 -7.75
CA THR G 119 21.77 -131.83 -7.89
CA VAL G 120 21.61 -135.02 -9.99
CA SER G 121 24.06 -137.63 -8.52
CA SER G 122 24.82 -141.29 -7.52
CA ALA G 123 28.30 -140.47 -5.99
CA SER G 124 26.66 -140.77 -2.60
CA PRO G 125 25.02 -137.85 -0.67
CA THR G 126 26.95 -137.00 2.57
CA SER G 127 25.93 -134.47 5.31
CA PRO G 128 28.52 -131.86 6.54
CA LYS G 129 30.43 -132.32 9.83
CA VAL G 130 30.77 -128.87 11.46
CA PHE G 131 33.97 -128.08 13.44
CA PRO G 132 34.89 -124.97 15.50
CA LEU G 133 37.76 -122.68 14.45
CA SER G 134 38.88 -120.79 17.61
CA LEU G 135 42.16 -119.55 19.21
CA CYS G 136 43.04 -119.32 22.96
CA SER G 137 45.77 -116.54 23.20
CA THR G 138 47.11 -117.33 19.64
CA GLN G 139 45.24 -114.39 17.92
CA PRO G 140 46.59 -110.74 18.04
CA ASP G 141 45.50 -108.53 21.05
CA GLY G 142 42.58 -106.33 19.78
CA ASN G 143 40.42 -108.20 17.18
CA VAL G 144 38.98 -111.78 17.27
CA VAL G 145 38.57 -114.23 14.31
CA ILE G 146 36.38 -117.30 14.95
CA ALA G 147 34.93 -119.66 12.36
CA CYS G 148 33.06 -122.88 11.48
CA LEU G 149 34.63 -125.48 9.13
CA VAL G 150 31.67 -127.15 7.24
CA GLN G 151 33.47 -130.35 6.17
CA GLY G 152 32.97 -133.39 3.88
CA PHE G 153 29.58 -132.87 2.23
CA PHE G 154 28.06 -133.83 -1.16
CA PRO G 155 26.46 -132.50 -3.23
CA GLN G 156 27.29 -128.70 -3.01
CA GLU G 157 23.63 -127.39 -2.72
CA PRO G 158 22.67 -123.99 -1.07
CA LEU G 159 24.46 -123.64 2.31
CA SER G 160 22.81 -121.00 4.61
CA VAL G 161 25.35 -119.90 7.29
CA THR G 162 24.15 -117.40 9.92
CA TRP G 163 26.03 -116.25 13.11
CA SER G 164 24.35 -115.34 16.51
CA GLU G 165 26.12 -111.90 16.74
CA SER G 166 25.55 -109.08 14.13
CA GLY G 167 26.69 -105.38 14.16
CA GLN G 168 28.67 -102.48 12.57
CA GLY G 169 32.25 -103.82 13.14
CA VAL G 170 31.33 -107.59 13.04
CA THR G 171 32.19 -108.93 9.52
CA ALA G 172 30.97 -112.35 8.23
CA ARG G 173 32.89 -114.01 5.33
CA ASN G 174 31.29 -117.10 3.73
CA PHE G 175 34.02 -118.86 1.64
CA PRO G 176 32.64 -120.63 -1.55
CA PRO G 177 32.66 -124.53 -1.63
CA SER G 178 36.03 -126.11 -2.59
CA GLN G 179 36.00 -129.65 -4.05
CA ASP G 180 38.48 -132.41 -2.90
CA ALA G 181 39.80 -134.60 -5.86
CA SER G 182 37.31 -135.99 -8.52
CA GLY G 183 33.90 -134.98 -7.00
CA ASP G 184 34.63 -136.90 -3.71
CA LEU G 185 33.77 -134.30 -0.95
CA TYR G 186 33.12 -130.50 -0.73
CA THR G 187 34.39 -128.27 2.17
CA THR G 188 33.41 -124.61 2.98
CA SER G 189 34.53 -122.33 5.86
CA SER G 190 32.42 -119.48 7.43
CA GLN G 191 34.48 -116.81 9.31
CA LEU G 192 33.27 -114.13 11.83
CA THR G 193 35.77 -111.23 12.43
CA LEU G 194 34.70 -108.98 15.43
CA PRO G 195 36.41 -106.66 18.04
CA ALA G 196 37.90 -108.43 21.16
CA THR G 197 35.64 -106.24 23.44
CA GLN G 198 32.60 -107.80 21.60
CA CYS G 199 33.98 -111.42 21.97
CA LEU G 200 35.45 -111.74 25.53
CA ALA G 201 37.20 -114.88 27.02
CA GLY G 202 34.69 -117.47 28.41
CA LYS G 203 31.87 -116.28 26.02
CA SER G 204 30.72 -118.00 22.75
CA VAL G 205 29.06 -117.14 19.36
CA THR G 206 26.69 -119.68 17.68
CA CYS G 207 27.10 -120.58 13.97
CA HIS G 208 23.83 -121.86 12.37
CA VAL G 209 24.37 -124.01 9.21
CA LYS G 210 21.47 -125.07 6.92
CA HIS G 211 22.42 -127.53 4.11
CA TYR G 212 19.43 -127.64 1.51
CA THR G 213 15.98 -128.33 3.10
CA ASN G 214 17.62 -130.35 5.95
CA PRO G 215 17.28 -129.30 9.68
CA SER G 216 19.68 -126.56 10.96
CA GLN G 217 23.03 -127.77 12.45
CA ASP G 218 24.18 -125.44 15.28
CA VAL G 219 27.68 -125.11 16.83
CA THR G 220 28.64 -122.91 19.81
CA VAL G 221 32.18 -121.62 18.98
CA PRO G 222 34.37 -120.10 21.80
CA CYS G 223 34.44 -118.28 21.13
CA PRO G 224 34.52 -116.47 20.44
CA VAL G 225 36.07 -112.91 20.52
CA PRO G 226 33.31 -110.30 19.83
CA SER G 227 34.76 -106.90 18.59
CA THR G 228 31.96 -104.31 17.77
CA PRO G 229 33.14 -101.18 15.28
CA PRO G 230 32.43 -97.45 15.27
CA THR G 231 33.05 -94.87 12.60
CA PRO G 232 34.71 -91.27 13.55
CA SER G 233 34.25 -87.37 13.02
CA PRO G 234 36.72 -84.89 11.15
CA SER G 235 36.10 -80.96 10.65
CA THR G 236 36.81 -77.75 8.19
CA PRO G 237 37.37 -73.86 8.56
CA PRO G 238 34.97 -70.61 8.52
CA THR G 239 35.11 -67.71 5.76
CA PRO G 240 37.75 -64.63 5.81
CA SER G 241 36.66 -61.45 4.06
CA PRO G 242 39.22 -59.04 2.01
CA SER G 243 39.17 -55.62 4.00
CA CYS G 244 41.66 -52.95 2.64
CA CYS G 245 41.66 -48.93 2.09
CA HIS G 246 43.16 -46.80 -0.69
CA PRO G 247 43.98 -43.27 1.00
CA ARG G 248 42.15 -40.49 -1.00
CA LEU G 249 41.36 -36.95 0.42
CA SER G 250 38.28 -35.20 -1.17
CA LEU G 251 36.69 -31.75 -0.45
CA HIS G 252 32.95 -31.40 -1.41
CA ARG G 253 31.90 -27.66 -1.60
CA PRO G 254 28.64 -26.08 -0.17
CA ALA G 255 25.52 -25.95 -2.50
CA LEU G 256 24.54 -22.56 -4.16
CA GLU G 257 20.74 -22.63 -3.38
CA ASP G 258 21.16 -23.49 0.39
CA LEU G 259 23.93 -20.85 1.05
CA LEU G 260 21.85 -18.10 -0.75
CA LEU G 261 18.38 -18.99 0.75
CA GLY G 262 18.92 -18.72 4.58
CA SER G 263 22.80 -18.89 5.00
CA GLU G 264 23.06 -22.76 5.05
CA ALA G 265 26.58 -23.83 3.85
CA ASN G 266 28.80 -26.78 4.96
CA LEU G 267 32.26 -27.48 3.46
CA THR G 268 32.71 -31.24 3.74
CA CYS G 269 36.04 -33.10 4.17
CA THR G 270 36.16 -36.79 3.22
CA LEU G 271 39.21 -39.12 3.79
CA THR G 272 38.75 -42.27 1.64
CA GLY G 273 41.52 -44.98 1.61
CA LEU G 274 42.82 -45.11 5.25
CA ARG G 275 43.84 -48.86 5.65
CA ASP G 276 43.27 -51.21 8.72
CA ALA G 277 43.89 -50.25 12.48
CA SER G 278 43.74 -46.47 11.98
CA GLY G 279 42.43 -42.93 12.87
CA VAL G 280 42.38 -39.46 11.16
CA THR G 281 43.10 -36.05 12.85
CA PHE G 282 41.46 -32.99 11.23
CA THR G 283 42.67 -29.31 11.31
CA TRP G 284 40.13 -26.81 9.78
CA THR G 285 40.71 -22.99 9.35
CA PRO G 286 37.90 -20.91 11.04
CA SER G 287 35.29 -18.95 8.95
CA SER G 288 35.58 -15.08 8.92
CA GLY G 289 33.52 -14.27 12.11
CA LYS G 290 35.92 -16.35 14.36
CA SER G 291 34.04 -19.69 13.90
CA ALA G 292 35.48 -23.29 13.79
CA VAL G 293 32.96 -26.16 14.51
CA GLN G 294 33.48 -29.88 13.43
CA GLY G 295 31.92 -33.45 13.74
CA PRO G 296 34.13 -36.41 12.53
CA PRO G 297 32.74 -40.07 12.47
CA GLU G 298 34.73 -43.11 11.09
CA ARG G 299 32.72 -45.07 8.46
CA ASP G 300 34.02 -48.36 6.87
CA LEU G 301 33.17 -47.97 3.08
CA CYS G 302 33.95 -50.84 0.56
CA GLY G 303 36.11 -52.55 3.25
CA CYS G 304 38.15 -49.59 4.72
CA TYR G 305 37.75 -46.50 7.07
CA SER G 306 36.62 -42.97 5.95
CA VAL G 307 36.89 -39.96 8.39
CA SER G 308 34.26 -37.57 7.05
CA SER G 309 34.27 -34.28 8.99
CA VAL G 310 32.02 -31.24 8.26
CA LEU G 311 32.55 -27.47 8.96
CA PRO G 312 29.25 -25.41 9.03
CA GLY G 313 29.64 -21.93 7.40
CA CYS G 314 27.81 -18.60 6.90
CA ALA G 315 26.98 -16.87 3.53
CA GLU G 316 29.31 -13.78 4.07
CA PRO G 317 32.75 -15.66 4.14
CA TRP G 318 31.74 -17.64 0.95
CA ASN G 319 30.33 -14.50 -0.89
CA HIS G 320 33.18 -12.04 0.13
CA GLY G 321 36.21 -14.41 -0.43
CA LYS G 322 37.44 -16.83 2.33
CA THR G 323 39.91 -19.79 1.91
CA PHE G 324 38.75 -22.99 3.74
CA THR G 325 41.63 -25.37 4.53
CA CYS G 326 41.06 -28.98 5.67
CA THR G 327 44.46 -30.27 6.83
CA ALA G 328 44.41 -33.96 7.81
CA ALA G 329 47.27 -35.77 9.72
CA TYR G 330 47.86 -39.61 9.92
CA PRO G 331 51.19 -41.52 10.73
CA GLU G 332 51.21 -43.72 7.51
CA SER G 333 50.65 -40.46 5.45
CA LYS G 334 54.25 -39.01 5.84
CA THR G 335 53.13 -35.55 4.52
CA PRO G 336 49.87 -34.39 6.31
CA LEU G 337 47.38 -33.56 3.48
CA THR G 338 46.17 -29.97 3.14
CA ALA G 339 43.20 -29.19 0.78
CA THR G 340 42.01 -25.54 0.48
CA LEU G 341 38.76 -24.25 -1.09
CA SER G 342 37.17 -20.76 -1.82
CA LYS G 343 35.17 -18.66 -4.43
CA SER G 344 36.25 -18.35 -8.15
CA GLY G 345 38.13 -15.72 -10.28
CA ASN G 346 38.20 -11.87 -10.69
CA THR G 347 34.84 -9.90 -10.70
CA PHE G 348 32.85 -8.31 -13.66
CA ARG G 349 29.69 -6.04 -13.45
CA PRO G 350 26.47 -7.69 -14.93
CA GLU G 351 24.90 -5.83 -17.89
CA VAL G 352 21.08 -6.14 -17.36
CA HIS G 353 18.84 -5.53 -20.47
CA LEU G 354 15.04 -6.11 -20.24
CA LEU G 355 13.38 -7.39 -23.46
CA PRO G 356 9.60 -7.04 -24.17
CA PRO G 357 7.68 -9.92 -25.91
CA PRO G 358 7.88 -10.61 -29.67
CA SER G 359 4.98 -9.28 -31.87
CA GLU G 360 3.93 -12.92 -32.73
CA GLU G 361 3.66 -13.91 -28.99
CA LEU G 362 0.87 -11.25 -28.62
CA ALA G 363 -1.22 -13.67 -30.79
CA LEU G 364 -0.93 -15.92 -27.63
CA ASN G 365 -3.01 -15.29 -24.40
CA GLU G 366 -2.39 -16.81 -20.87
CA LEU G 367 1.41 -16.10 -20.66
CA VAL G 368 3.39 -13.14 -22.19
CA THR G 369 7.09 -13.84 -22.18
CA LEU G 370 8.95 -10.96 -20.36
CA THR G 371 12.70 -11.58 -20.70
CA CYS G 372 15.71 -10.06 -18.90
CA LEU G 373 19.26 -10.80 -20.14
CA ALA G 374 22.05 -10.60 -17.50
CA ARG G 375 25.35 -10.81 -19.47
CA GLY G 376 29.15 -10.31 -19.11
CA PHE G 377 29.16 -11.12 -15.34
CA SER G 378 31.73 -12.98 -13.11
CA PRO G 379 31.87 -14.93 -10.94
CA LYS G 380 28.74 -17.05 -11.84
CA ASP G 381 27.37 -16.23 -8.40
CA VAL G 382 24.16 -14.14 -8.97
CA LEU G 383 20.48 -13.76 -7.82
CA VAL G 384 17.77 -12.60 -10.25
CA ARG G 385 14.15 -11.92 -9.13
CA TRP G 386 11.05 -10.24 -10.67
CA LEU G 387 8.64 -7.62 -9.24
CA GLN G 388 5.18 -6.31 -10.21
CA GLY G 389 4.78 -2.46 -10.13
CA SER G 390 0.93 -2.62 -10.43
CA GLN G 391 0.41 -4.45 -7.04
CA GLU G 392 3.74 -3.36 -5.32
CA LEU G 393 4.61 -7.08 -4.82
CA PRO G 394 7.12 -9.82 -5.89
CA ARG G 395 6.01 -12.10 -8.79
CA GLU G 396 5.52 -15.89 -9.06
CA LYS G 397 5.44 -17.20 -12.65
CA TYR G 398 9.14 -16.84 -13.55
CA LEU G 399 12.01 -19.24 -14.41
CA THR G 400 15.82 -18.54 -14.64
CA TRP G 401 18.24 -20.70 -16.78
CA ALA G 402 22.15 -20.72 -16.98
CA SER G 403 25.23 -20.27 -19.34
CA ARG G 404 28.98 -20.13 -18.35
CA GLN G 405 30.89 -18.90 -21.49
CA GLU G 406 34.38 -20.50 -22.05
CA PRO G 407 35.95 -21.16 -25.55
CA SER G 408 39.69 -21.81 -26.42
CA GLN G 409 40.59 -18.06 -25.96
CA GLY G 410 41.05 -15.78 -22.86
CA THR G 411 37.37 -14.64 -23.06
CA THR G 412 35.44 -16.25 -20.09
CA THR G 413 32.37 -14.52 -18.38
CA PHE G 414 28.70 -15.73 -17.82
CA ALA G 415 25.23 -15.01 -19.27
CA VAL G 416 21.67 -15.96 -18.13
CA THR G 417 18.14 -15.22 -19.36
CA SER G 418 15.21 -14.97 -16.88
CA ILE G 419 11.64 -15.54 -18.15
CA LEU G 420 8.61 -13.89 -16.39
CA ARG G 421 5.35 -15.16 -17.92
CA VAL G 422 2.27 -12.79 -17.61
CA ALA G 423 -1.34 -12.52 -18.89
CA ALA G 424 -1.41 -10.61 -22.28
CA GLU G 425 -3.91 -8.12 -20.70
CA ASP G 426 -1.74 -6.84 -17.72
CA TRP G 427 1.18 -5.97 -20.07
CA LYS G 428 -1.38 -4.01 -22.25
CA LYS G 429 -2.95 -2.44 -19.08
CA GLY G 430 0.43 -0.59 -18.96
CA ASP G 431 2.00 -2.44 -16.01
CA THR G 432 5.68 -1.96 -15.08
CA PHE G 433 7.54 -5.23 -14.33
CA SER G 434 11.14 -5.04 -13.00
CA CYS G 435 13.98 -7.58 -13.10
CA MET G 436 16.17 -7.18 -9.94
CA VAL G 437 19.77 -8.52 -10.24
CA GLY G 438 22.06 -8.98 -7.19
CA HIS G 439 25.79 -9.57 -7.79
CA GLU G 440 29.24 -9.02 -6.11
CA ALA G 441 30.25 -6.30 -8.69
CA LEU G 442 26.96 -4.28 -8.73
CA PRO G 443 27.09 -0.69 -7.20
CA LEU G 444 25.02 -1.41 -4.02
CA ALA G 445 25.19 -5.21 -4.70
CA PHE G 446 21.80 -4.59 -6.39
CA THR G 447 20.48 -3.18 -9.69
CA GLN G 448 16.92 -3.22 -11.12
CA LYS G 449 15.95 -2.67 -14.81
CA THR G 450 12.26 -2.08 -15.72
CA ILE G 451 9.83 -3.18 -18.53
CA ASP G 452 6.43 -1.67 -19.49
CA ARG G 453 4.14 -1.37 -22.61
CA LEU G 454 5.08 2.39 -22.54
CA ALA G 455 7.98 3.53 -24.84
CA GLY G 456 9.07 7.24 -24.82
CA LYS G 457 11.83 7.83 -27.45
CA PRO G 458 14.11 10.41 -25.75
CA THR G 459 15.21 7.41 -25.19
CA HIS G 460 15.31 4.49 -22.64
CA VAL G 461 15.11 6.18 -19.12
CA ASN G 462 14.11 4.79 -15.61
CA VAL G 463 11.55 5.41 -12.69
CA SER G 464 11.96 8.23 -10.04
CA VAL G 465 13.50 8.15 -6.42
CA VAL G 466 11.07 6.06 -4.21
CA MET G 467 12.02 6.40 -0.47
CA ALA G 468 14.28 8.78 1.65
CA GLU G 469 15.82 8.81 4.44
CA VAL G 470 15.55 5.72 6.85
CA ASP G 471 18.68 3.93 5.42
CA GLY G 472 19.20 1.04 7.96
CA THR G 473 22.18 2.52 9.94
CA CYS G 474 20.28 5.80 10.75
CA TYR G 475 16.73 4.27 11.30
CA GLN H 1 96.72 -49.08 28.11
CA VAL H 2 97.94 -51.90 30.39
CA LYS H 3 95.11 -50.32 32.34
CA LEU H 4 95.12 -46.43 32.51
CA LEU H 5 95.71 -45.94 36.25
CA GLU H 6 97.15 -49.21 37.79
CA GLN H 7 97.99 -49.93 41.43
CA SER H 8 100.45 -52.13 43.40
CA GLY H 9 98.72 -55.25 44.87
CA ALA H 10 97.90 -56.10 48.46
CA GLU H 11 99.31 -56.19 51.50
CA VAL H 12 99.36 -57.29 55.06
CA LYS H 13 101.18 -55.03 57.49
CA LYS H 14 101.61 -55.42 61.26
CA PRO H 15 99.93 -52.71 63.51
CA GLY H 16 102.50 -49.87 63.97
CA ALA H 17 104.15 -50.42 60.54
CA SER H 18 103.92 -48.25 57.41
CA VAL H 19 102.52 -49.15 53.95
CA LYS H 20 103.46 -47.58 50.59
CA VAL H 21 100.87 -47.88 47.78
CA SER H 22 101.80 -46.92 44.17
CA CYS H 23 99.68 -45.82 41.22
CA LYS H 24 101.25 -45.91 37.70
CA ALA H 25 99.55 -43.69 35.05
CA SER H 26 99.70 -44.98 31.40
CA GLY H 27 98.21 -43.55 28.12
CA TYR H 28 97.66 -39.87 29.17
CA SER H 29 100.13 -36.99 29.94
CA PHE H 30 100.93 -37.63 33.66
CA THR H 31 102.01 -34.03 34.63
CA SER H 32 98.80 -32.38 33.20
CA TYR H 33 96.46 -33.79 35.95
CA GLY H 34 96.27 -34.25 39.71
CA LEU H 35 95.67 -37.61 41.44
CA HIS H 36 93.30 -38.06 44.39
CA TRP H 37 93.66 -40.85 47.05
CA VAL H 38 90.46 -42.40 48.50
CA ARG H 39 89.87 -45.40 50.79
CA GLN H 40 86.94 -47.72 51.54
CA ALA H 41 86.96 -49.65 54.86
CA PRO H 42 84.77 -52.84 54.86
CA GLY H 43 81.02 -52.00 54.86
CA GLN H 44 81.78 -48.26 54.94
CA ARG H 45 81.54 -45.23 52.68
CA LEU H 46 84.45 -43.93 50.60
CA GLU H 47 86.71 -41.52 52.51
CA TRP H 48 88.84 -38.89 50.74
CA MET H 49 92.48 -38.87 52.08
CA GLY H 50 94.42 -36.40 49.88
CA TRP H 51 95.51 -35.14 46.43
CA ILE H 52 98.85 -34.55 44.62
CA SER H 53 99.50 -32.32 41.56
CA ALA H 54 101.74 -34.46 39.23
CA GLY H 55 103.23 -31.26 37.65
CA THR H 56 104.30 -29.30 40.82
CA GLY H 57 104.41 -32.12 43.47
CA ASN H 58 102.06 -29.99 45.67
CA THR H 59 99.97 -31.68 48.24
CA LYS H 60 96.57 -31.39 49.94
CA TYR H 61 95.21 -33.78 52.54
CA SER H 62 92.41 -34.62 54.98
CA GLN H 63 93.28 -33.48 58.54
CA LYS H 64 91.91 -36.89 59.74
CA PHE H 65 95.35 -38.22 58.51
CA ARG H 66 97.36 -35.20 59.88
CA GLY H 67 100.96 -36.22 60.65
CA ARG H 68 100.78 -39.81 59.20
CA VAL H 69 100.05 -39.56 55.41
CA THR H 70 102.65 -38.62 52.69
CA PHE H 71 102.10 -38.13 48.89
CA THR H 72 104.98 -38.39 46.38
CA ARG H 73 105.21 -38.58 42.56
CA ASP H 74 108.08 -39.97 40.42
CA THR H 75 107.49 -37.83 37.31
CA SER H 76 109.97 -39.87 35.11
CA ALA H 77 108.44 -43.32 36.01
CA THR H 78 104.96 -41.67 35.84
CA THR H 79 103.95 -43.14 39.23
CA ALA H 80 102.40 -41.49 42.30
CA TYR H 81 102.65 -43.00 45.82
CA MET H 82 100.88 -42.62 49.12
CA GLY H 83 102.71 -43.51 52.34
CA LEU H 84 100.54 -44.30 55.43
CA SER H 85 102.43 -44.55 58.78
CA SER H 86 101.51 -45.85 62.28
CA LEU H 87 99.06 -48.45 60.94
CA ARG H 88 96.09 -49.33 63.16
CA PRO H 89 93.66 -52.30 62.56
CA GLU H 90 91.00 -49.76 61.31
CA ASP H 91 93.29 -48.86 58.35
CA THR H 92 92.25 -52.27 56.83
CA ALA H 93 90.60 -50.91 53.65
CA VAL H 94 90.84 -50.77 49.85
CA TYR H 95 93.04 -47.78 48.80
CA TYR H 96 92.20 -46.24 45.41
CA CYS H 97 93.99 -43.57 43.46
CA ALA H 98 91.63 -41.64 41.13
CA ARG H 99 92.24 -38.91 38.55
CA ASP H 100 91.42 -35.18 38.92
CA PRO H 101 90.34 -34.25 35.29
CA TYR H 102 91.41 -30.57 35.74
CA GLY H 103 94.59 -30.51 37.95
CA GLY H 104 93.11 -28.09 40.58
CA GLY H 105 92.44 -30.41 43.60
CA LYS H 106 88.64 -30.06 43.94
CA SER H 107 86.86 -32.19 41.37
CA GLU H 108 84.79 -35.28 40.57
CA PHE H 109 87.14 -38.26 39.75
CA ASP H 110 86.86 -39.55 36.11
CA TYR H 111 89.35 -42.54 36.13
CA TRP H 112 89.92 -44.80 39.12
CA GLY H 113 92.73 -47.27 39.81
CA GLN H 114 91.62 -50.84 40.73
CA GLY H 115 92.31 -50.66 44.49
CA THR H 116 94.90 -52.28 46.78
CA LEU H 117 93.63 -53.94 49.92
CA VAL H 118 95.94 -53.26 52.89
CA THR H 119 95.13 -55.53 55.82
CA VAL H 120 96.58 -54.51 59.21
CA SER H 121 97.16 -57.69 61.35
CA SER H 122 99.39 -59.70 63.77
CA ALA H 123 97.08 -62.82 63.82
CA SER H 124 99.56 -64.47 61.51
CA PRO H 125 99.44 -64.31 57.65
CA THR H 126 98.74 -67.79 56.09
CA SER H 127 98.73 -68.70 52.34
CA PRO H 128 95.73 -70.67 50.88
CA LYS H 129 95.90 -74.44 50.23
CA VAL H 130 94.01 -75.15 46.98
CA PHE H 131 92.05 -78.44 46.68
CA PRO H 132 90.12 -79.91 43.71
CA LEU H 133 86.32 -80.38 43.83
CA SER H 134 85.47 -83.06 41.20
CA LEU H 135 83.02 -86.03 40.83
CA CYS H 136 83.60 -89.37 38.99
CA SER H 137 80.05 -90.63 38.01
CA THR H 138 78.42 -88.89 41.07
CA GLN H 139 77.13 -85.81 39.08
CA PRO H 140 73.89 -85.95 36.94
CA ASP H 141 74.24 -87.11 33.24
CA GLY H 142 74.30 -83.88 31.10
CA ASN H 143 76.06 -80.98 32.95
CA VAL H 144 79.39 -80.94 34.89
CA VAL H 145 80.23 -78.96 38.10
CA ILE H 146 83.92 -78.77 39.06
CA ALA H 147 85.51 -76.40 41.57
CA CYS H 148 88.56 -75.29 43.59
CA LEU H 149 88.38 -75.01 47.41
CA VAL H 150 90.79 -72.12 48.41
CA GLN H 151 91.30 -73.07 52.07
CA GLY H 152 92.81 -71.68 55.31
CA PHE H 153 94.16 -68.24 54.39
CA PHE H 154 94.60 -64.93 56.29
CA PRO H 155 94.08 -62.10 55.76
CA GLN H 156 91.12 -61.96 53.24
CA GLU H 157 92.81 -59.67 50.57
CA PRO H 158 91.81 -59.61 46.81
CA LEU H 159 91.59 -63.20 45.48
CA SER H 160 91.77 -63.38 41.62
CA VAL H 161 90.30 -66.74 40.43
CA THR H 162 90.40 -67.47 36.69
CA TRP H 163 89.51 -70.81 34.91
CA SER H 164 91.25 -72.19 31.70
CA GLU H 165 87.90 -72.70 29.83
CA SER H 166 85.51 -69.77 28.95
CA GLY H 167 82.34 -69.69 26.74
CA GLN H 168 78.55 -69.06 26.34
CA GLY H 169 77.24 -71.98 28.51
CA VAL H 170 80.29 -72.15 30.90
CA THR H 171 79.34 -70.28 34.16
CA ALA H 172 81.92 -69.28 36.83
CA ARG H 173 80.71 -68.59 40.40
CA ASN H 174 83.24 -67.06 42.84
CA PHE H 175 81.82 -67.52 46.41
CA PRO H 176 82.78 -64.62 48.85
CA PRO H 177 85.28 -65.39 51.72
CA SER H 178 83.72 -67.07 54.81
CA GLN H 179 85.54 -66.68 58.17
CA ASP H 180 86.09 -69.67 60.60
CA ALA H 181 85.60 -68.69 64.35
CA SER H 182 87.22 -65.43 65.75
CA GLY H 183 89.38 -64.29 62.75
CA ASP H 184 91.31 -67.66 62.67
CA LEU H 185 91.16 -68.68 58.93
CA TYR H 186 89.19 -67.64 55.77
CA THR H 187 87.91 -70.16 53.12
CA THR H 188 86.45 -69.38 49.60
CA SER H 189 85.24 -71.79 46.86
CA SER H 190 85.34 -71.08 43.05
CA GLN H 191 82.88 -73.20 40.95
CA LEU H 192 82.83 -73.81 37.14
CA THR H 193 79.47 -75.18 35.76
CA LEU H 194 79.78 -76.32 32.05
CA PRO H 195 78.04 -78.86 29.67
CA ALA H 196 79.30 -82.54 29.89
CA THR H 197 80.18 -82.43 26.11
CA GLN H 198 82.59 -79.50 26.96
CA CYS H 199 84.17 -81.39 29.97
CA LEU H 200 84.65 -85.08 28.89
CA ALA H 201 86.05 -87.95 31.11
CA GLY H 202 89.92 -88.02 31.17
CA LYS H 203 90.18 -84.24 30.42
CA SER H 204 90.92 -81.40 32.95
CA VAL H 205 90.27 -77.62 33.46
CA THR H 206 92.93 -75.44 35.21
CA CYS H 207 91.93 -73.06 38.05
CA HIS H 208 94.40 -70.10 38.47
CA VAL H 209 94.33 -68.49 41.97
CA LYS H 210 96.14 -65.20 42.75
CA HIS H 211 96.13 -64.17 46.47
CA TYR H 212 97.28 -60.38 46.69
CA THR H 213 100.59 -59.63 44.87
CA ASN H 214 101.83 -63.24 45.48
CA PRO H 215 102.69 -65.65 42.56
CA SER H 216 99.74 -67.51 40.89
CA GLN H 217 98.82 -70.94 42.37
CA ASP H 218 97.53 -73.29 39.63
CA VAL H 219 95.51 -76.56 40.02
CA THR H 220 94.49 -78.94 37.23
CA VAL H 221 90.90 -80.07 38.15
CA PRO H 222 89.47 -83.26 36.42
CA CYS H 223 87.86 -82.44 35.33
CA PRO H 224 86.53 -81.55 34.58
CA VAL H 225 83.19 -81.79 32.62
CA PRO H 226 83.08 -79.03 29.91
CA SER H 227 79.46 -78.25 28.73
CA THR H 228 79.34 -75.37 26.11
CA PRO H 229 75.63 -73.52 25.68
CA PRO H 230 73.66 -72.29 22.69
CA THR H 231 70.60 -70.08 22.52
CA PRO H 232 67.50 -71.06 20.09
CA SER H 233 65.06 -69.54 17.35
CA PRO H 234 61.13 -69.10 17.61
CA SER H 235 58.80 -67.51 14.77
CA THR H 236 55.35 -65.38 14.06
CA PRO H 237 52.57 -65.18 11.27
CA PRO H 238 52.02 -62.99 7.92
CA THR H 239 49.06 -60.37 7.37
CA PRO H 240 45.31 -61.36 6.23
CA SER H 241 43.34 -58.68 4.39
CA PRO H 242 39.32 -58.17 4.83
CA SER H 243 37.82 -58.93 1.26
CA CYS H 244 33.93 -58.86 1.10
CA CYS H 245 31.11 -57.57 -1.51
CA HIS H 246 27.73 -55.92 -0.93
CA PRO H 247 25.47 -56.96 -4.06
CA ARG H 248 24.17 -53.73 -5.77
CA LEU H 249 22.88 -53.58 -9.44
CA SER H 250 23.24 -50.12 -11.16
CA LEU H 251 22.30 -48.94 -14.72
CA HIS H 252 24.23 -45.87 -16.05
CA ARG H 253 22.42 -44.29 -19.10
CA PRO H 254 24.07 -43.04 -22.40
CA ALA H 255 25.25 -39.34 -22.56
CA LEU H 256 23.11 -36.76 -24.53
CA GLU H 257 25.97 -35.04 -26.51
CA ASP H 258 27.58 -38.36 -27.75
CA LEU H 259 24.23 -39.99 -28.86
CA LEU H 260 23.19 -36.77 -30.75
CA LEU H 261 26.62 -35.97 -32.39
CA GLY H 262 27.45 -39.16 -34.43
CA SER H 263 25.11 -41.89 -32.90
CA GLU H 264 27.47 -42.91 -30.00
CA ALA H 265 25.40 -44.38 -27.09
CA ASN H 266 26.24 -47.20 -24.60
CA LEU H 267 23.85 -48.32 -21.82
CA THR H 268 26.10 -49.61 -19.04
CA CYS H 269 25.24 -52.37 -16.52
CA THR H 270 27.25 -52.51 -13.27
CA LEU H 271 26.93 -55.29 -10.61
CA THR H 272 28.53 -54.05 -7.35
CA GLY H 273 28.44 -56.28 -4.19
CA LEU H 274 28.95 -59.89 -5.51
CA ARG H 275 30.87 -61.61 -2.57
CA ASP H 276 33.86 -64.11 -2.78
CA ALA H 277 34.14 -67.15 -5.24
CA SER H 278 31.60 -65.87 -7.78
CA GLY H 279 30.47 -65.00 -11.39
CA VAL H 280 27.64 -62.92 -13.00
CA THR H 281 25.51 -63.93 -16.09
CA PHE H 282 24.04 -61.04 -18.13
CA THR H 283 20.86 -61.06 -20.32
CA TRP H 284 20.39 -57.80 -22.40
CA THR H 285 17.35 -57.02 -24.68
CA PRO H 286 18.46 -56.16 -28.30
CA SER H 287 18.19 -52.55 -29.70
CA SER H 288 15.45 -51.88 -32.37
CA GLY H 289 17.42 -52.88 -35.56
CA LYS H 290 17.97 -56.51 -34.25
CA SER H 291 21.24 -55.72 -32.38
CA ALA H 292 22.61 -57.28 -29.10
CA VAL H 293 26.43 -56.90 -28.46
CA GLN H 294 28.13 -57.18 -24.96
CA GLY H 295 31.61 -57.23 -23.20
CA PRO H 296 31.64 -58.29 -19.46
CA PRO H 297 34.94 -58.17 -17.36
CA GLU H 298 35.11 -58.98 -13.57
CA ARG H 299 36.81 -56.16 -11.56
CA ASP H 300 37.52 -56.44 -7.76
CA LEU H 301 36.50 -52.96 -6.35
CA CYS H 302 36.98 -52.11 -2.57
CA GLY H 303 37.60 -55.85 -1.87
CA CYS H 304 34.81 -57.60 -3.96
CA TYR H 305 33.89 -58.48 -7.64
CA SER H 306 31.95 -56.17 -10.07
CA VAL H 307 30.65 -57.56 -13.46
CA SER H 308 30.38 -54.43 -15.59
CA SER H 309 28.91 -55.22 -19.02
CA VAL H 310 28.16 -52.64 -21.79
CA LEU H 311 25.60 -52.69 -24.68
CA PRO H 312 26.48 -50.30 -27.62
CA GLY H 313 23.37 -48.55 -29.09
CA CYS H 314 22.23 -46.34 -32.01
CA ALA H 315 20.47 -42.89 -31.80
CA GLU H 316 17.08 -44.07 -33.34
CA PRO H 317 16.04 -46.63 -30.56
CA TRP H 318 16.88 -44.00 -27.82
CA ASN H 319 15.12 -41.07 -29.70
CA HIS H 320 11.96 -43.06 -30.84
CA GLY H 321 11.28 -44.99 -27.52
CA LYS H 322 13.02 -48.36 -26.75
CA THR H 323 13.16 -50.18 -23.32
CA PHE H 324 16.67 -51.55 -22.48
CA THR H 325 16.58 -54.41 -19.96
CA CYS H 326 19.72 -55.70 -18.19
CA THR H 327 18.71 -58.95 -16.45
CA ALA H 328 21.49 -60.45 -14.32
CA ALA H 329 21.44 -64.03 -12.82
CA TYR H 330 23.62 -65.36 -9.89
CA PRO H 331 22.93 -68.42 -7.54
CA GLU H 332 23.23 -66.43 -4.19
CA SER H 333 20.74 -63.83 -5.68
CA LYS H 334 17.53 -66.02 -5.42
CA THR H 335 15.54 -63.60 -7.69
CA PRO H 336 17.59 -62.73 -10.88
CA LEU H 337 17.71 -58.87 -11.01
CA THR H 338 16.06 -57.11 -13.95
CA ALA H 339 16.70 -53.33 -14.49
CA THR H 340 15.00 -51.59 -17.48
CA LEU H 341 15.78 -48.14 -18.95
CA SER H 342 14.31 -45.86 -21.75
CA LYS H 343 13.35 -42.22 -22.72
CA SER H 344 11.11 -39.97 -20.46
CA GLY H 345 7.38 -38.92 -20.41
CA ASN H 346 4.67 -37.84 -22.97
CA THR H 347 5.63 -35.36 -25.82
CA PHE H 348 4.88 -31.56 -26.22
CA ARG H 349 5.58 -29.29 -29.32
CA PRO H 350 8.28 -26.55 -28.67
CA GLU H 351 7.08 -22.94 -29.07
CA VAL H 352 10.03 -21.08 -30.77
CA HIS H 353 10.03 -17.22 -30.47
CA LEU H 354 13.03 -15.19 -31.78
CA LEU H 355 13.84 -12.00 -29.80
CA PRO H 356 15.90 -9.08 -31.27
CA PRO H 357 18.45 -7.19 -29.05
CA PRO H 358 17.45 -4.59 -26.43
CA SER H 359 17.75 -0.86 -27.43
CA GLU H 360 20.53 -0.33 -24.78
CA GLU H 361 22.67 -3.25 -26.20
CA LEU H 362 22.93 -1.25 -29.51
CA ALA H 363 25.14 1.16 -27.46
CA LEU H 364 27.54 -1.90 -27.43
CA ASN H 365 29.65 -2.96 -30.51
CA GLU H 366 31.47 -6.36 -31.06
CA LEU H 367 28.55 -8.68 -30.09
CA VAL H 368 24.74 -8.10 -30.56
CA THR H 369 22.72 -10.51 -28.50
CA LEU H 370 20.25 -12.42 -30.78
CA THR H 371 18.02 -14.59 -28.56
CA CYS H 372 15.65 -17.47 -29.35
CA LEU H 373 13.32 -18.85 -26.64
CA ALA H 374 12.24 -22.52 -27.03
CA ARG H 375 9.48 -23.08 -24.42
CA GLY H 376 6.74 -25.57 -23.36
CA PHE H 377 8.60 -28.63 -24.82
CA SER H 378 8.87 -32.29 -23.59
CA PRO H 379 10.82 -34.44 -23.29
CA LYS H 380 13.98 -32.30 -22.60
CA ASP H 381 15.58 -33.92 -25.64
CA VAL H 382 16.15 -31.07 -28.22
CA LEU H 383 18.77 -29.62 -30.66
CA VAL H 384 18.97 -25.87 -31.33
CA ARG H 385 21.34 -24.36 -33.97
CA TRP H 386 21.77 -20.94 -35.66
CA LEU H 387 22.17 -20.00 -39.37
CA GLN H 388 23.29 -16.86 -41.26
CA GLY H 389 21.06 -15.87 -44.27
CA SER H 390 23.64 -13.31 -45.62
CA GLN H 391 26.37 -15.98 -46.35
CA GLU H 392 24.04 -19.08 -46.66
CA LEU H 393 26.08 -20.79 -43.86
CA PRO H 394 25.82 -22.09 -40.24
CA ARG H 395 27.01 -19.69 -37.48
CA GLU H 396 29.74 -20.00 -34.80
CA LYS H 397 29.38 -17.49 -31.93
CA TYR H 398 26.36 -18.99 -30.13
CA LEU H 399 25.71 -20.59 -26.71
CA THR H 400 22.62 -22.59 -25.47
CA TRP H 401 21.66 -22.91 -21.72
CA ALA H 402 18.99 -25.15 -19.94
CA SER H 403 15.82 -25.13 -17.68
CA ARG H 404 13.56 -28.14 -16.73
CA GLN H 405 10.37 -26.65 -15.11
CA GLU H 406 8.88 -28.69 -12.17
CA PRO H 407 7.04 -27.13 -9.12
CA SER H 408 4.65 -28.88 -6.59
CA GLN H 409 1.76 -28.98 -9.18
CA GLY H 410 1.05 -31.14 -12.31
CA THR H 411 2.70 -28.49 -14.59
CA THR H 412 6.08 -29.94 -15.86
CA THR H 413 7.60 -29.00 -19.34
CA PHE H 414 11.04 -27.43 -20.32
CA ALA H 415 12.39 -24.06 -21.53
CA VAL H 416 15.79 -22.96 -22.97
CA THR H 417 17.24 -19.70 -24.33
CA SER H 418 19.90 -19.76 -27.11
CA ILE H 419 22.22 -16.72 -27.51
CA LEU H 420 23.78 -15.87 -30.96
CA ARG H 421 26.25 -12.98 -30.58
CA VAL H 422 26.88 -10.83 -33.77
CA ALA H 423 28.66 -7.59 -34.81
CA ALA H 424 26.26 -4.56 -34.39
CA GLU H 425 26.86 -3.71 -38.10
CA ASP H 426 25.63 -7.02 -39.73
CA TRP H 427 22.28 -6.83 -37.85
CA LYS H 428 21.93 -3.19 -39.18
CA LYS H 429 23.07 -4.31 -42.70
CA GLY H 430 19.64 -6.07 -42.67
CA ASP H 431 20.85 -9.67 -42.26
CA THR H 432 18.40 -12.53 -41.56
CA PHE H 433 19.55 -14.94 -38.80
CA SER H 434 17.49 -18.11 -38.13
CA CYS H 435 17.21 -20.30 -35.04
CA MET H 436 16.61 -23.97 -36.11
CA VAL H 437 14.96 -26.23 -33.46
CA GLY H 438 14.80 -30.04 -33.80
CA HIS H 439 12.49 -31.97 -31.47
CA GLU H 440 10.41 -35.26 -31.31
CA ALA H 441 7.05 -33.33 -31.45
CA LEU H 442 7.90 -30.85 -34.30
CA PRO H 443 6.02 -31.33 -37.68
CA LEU H 444 8.98 -32.65 -39.76
CA ALA H 445 11.12 -33.04 -36.55
CA PHE H 446 12.38 -29.56 -37.53
CA THR H 447 11.20 -25.93 -37.33
CA GLN H 448 13.10 -22.69 -38.02
CA LYS H 449 12.08 -19.16 -36.83
CA THR H 450 13.85 -16.09 -38.34
CA ILE H 451 15.20 -12.69 -37.03
CA ASP H 452 16.14 -9.55 -39.05
CA ARG H 453 16.39 -5.71 -38.54
CA LEU H 454 13.32 -5.55 -40.92
CA ALA H 455 9.83 -5.32 -39.26
CA GLY H 456 6.67 -5.19 -41.50
CA LYS H 457 3.52 -4.75 -39.34
CA PRO H 458 0.90 -6.89 -41.17
CA THR H 459 2.32 -8.62 -38.82
CA HIS H 460 5.07 -11.26 -38.04
CA VAL H 461 5.33 -13.46 -41.26
CA ASN H 462 8.15 -15.82 -42.59
CA VAL H 463 10.48 -16.36 -45.71
CA SER H 464 9.30 -18.03 -49.02
CA VAL H 465 9.59 -21.74 -50.26
CA VAL H 466 13.36 -22.40 -50.98
CA MET H 467 13.82 -25.75 -52.86
CA ALA H 468 11.49 -28.24 -54.78
CA GLU H 469 11.43 -31.31 -55.66
CA VAL H 470 14.48 -33.64 -54.84
CA ASP H 471 13.06 -34.84 -51.45
CA GLY H 472 15.49 -37.71 -50.50
CA THR H 473 13.23 -40.71 -51.40
CA CYS H 474 12.63 -39.48 -55.01
CA TYR H 475 16.21 -38.05 -55.70
CA GLU A 1 -117.47 50.13 -1.35
CA LEU A 2 -114.35 48.73 0.29
CA VAL A 3 -112.11 51.62 1.23
CA MET A 4 -108.36 51.40 0.49
CA THR A 5 -106.23 53.77 2.56
CA GLN A 6 -102.50 54.26 1.88
CA SER A 7 -99.91 55.43 4.31
CA PRO A 8 -98.05 57.79 3.90
CA SER A 9 -99.19 60.27 1.29
CA SER A 10 -95.59 61.42 0.58
CA LEU A 11 -92.06 60.26 1.38
CA SER A 12 -88.64 61.60 0.38
CA ALA A 13 -85.75 59.16 0.73
CA SER A 14 -82.20 58.92 -0.61
CA VAL A 15 -81.15 56.39 -3.23
CA GLY A 16 -80.17 53.12 -1.60
CA ASP A 17 -82.78 53.56 1.13
CA ARG A 18 -85.41 50.94 1.74
CA VAL A 19 -88.97 52.32 1.60
CA ASN A 20 -92.22 50.63 2.75
CA ILE A 21 -95.75 51.95 1.76
CA ALA A 22 -98.78 50.52 3.59
CA CYS A 23 -102.31 50.02 2.28
CA ARG A 24 -105.31 49.03 4.47
CA ALA A 25 -108.48 47.43 3.27
CA SER A 26 -111.52 48.52 5.41
CA GLN A 27 -112.28 44.74 5.52
CA GLY A 28 -110.66 41.46 4.44
CA ILE A 29 -109.74 41.00 0.77
CA SER A 30 -107.56 37.86 1.09
CA SER A 31 -104.76 38.43 -1.50
CA ALA A 32 -106.70 40.44 -4.06
CA LEU A 33 -104.47 43.42 -4.11
CA ALA A 34 -102.47 44.84 -7.04
CA TRP A 35 -99.87 47.75 -6.83
CA TYR A 36 -99.32 50.30 -9.68
CA GLN A 37 -96.57 52.78 -10.41
CA GLN A 38 -97.59 56.01 -12.21
CA LYS A 39 -94.90 58.39 -13.42
CA PRO A 40 -96.40 61.85 -13.58
CA GLY A 41 -98.34 62.24 -16.81
CA LYS A 42 -98.48 58.62 -17.86
CA ALA A 43 -100.63 55.65 -17.74
CA PRO A 44 -100.30 53.58 -14.54
CA ARG A 45 -98.11 50.39 -14.68
CA LEU A 46 -98.62 47.06 -12.94
CA LEU A 47 -95.86 46.03 -10.53
CA ILE A 48 -97.45 43.43 -8.28
CA TYR A 49 -100.71 41.38 -8.45
CA ASP A 50 -102.18 38.91 -5.85
CA ALA A 51 -100.39 40.89 -3.06
CA SER A 52 -96.99 39.39 -3.80
CA ASN A 53 -96.50 38.26 -7.46
CA LEU A 54 -94.17 40.54 -9.52
CA GLU A 55 -95.37 41.18 -13.02
CA SER A 56 -92.86 40.03 -15.73
CA GLY A 57 -90.12 42.64 -16.44
CA VAL A 58 -90.53 44.55 -13.06
CA PRO A 59 -87.18 44.94 -11.22
CA SER A 60 -86.45 42.48 -8.45
CA ARG A 61 -86.13 45.38 -5.91
CA PHE A 62 -89.94 45.67 -5.75
CA SER A 63 -91.71 43.20 -3.39
CA GLY A 64 -95.18 43.11 -1.77
CA SER A 65 -96.65 41.38 1.29
CA GLY A 66 -99.87 41.12 3.31
CA SER A 67 -103.08 39.18 3.43
CA GLY A 68 -106.48 40.02 4.82
CA THR A 69 -106.46 43.71 5.50
CA ASP A 70 -102.84 45.05 5.66
CA PHE A 71 -100.50 45.08 2.67
CA THR A 72 -96.91 46.48 2.21
CA LEU A 73 -94.97 47.36 -0.95
CA THR A 74 -91.16 47.50 -0.28
CA ILE A 75 -88.62 49.09 -2.66
CA SER A 76 -85.40 47.65 -1.27
CA SER A 77 -82.83 50.08 -2.79
CA LEU A 78 -84.53 53.23 -4.03
CA GLN A 79 -83.24 54.39 -7.41
CA PRO A 80 -83.89 57.93 -9.19
CA GLU A 81 -86.15 56.31 -11.73
CA ASP A 82 -88.44 55.23 -8.87
CA PHE A 83 -89.92 58.75 -8.53
CA ALA A 84 -93.65 58.17 -9.03
CA ILE A 85 -97.06 57.98 -7.31
CA TYR A 86 -97.79 54.39 -6.16
CA TYR A 87 -101.47 53.02 -5.87
CA CYS A 88 -102.97 49.89 -4.44
CA GLN A 89 -106.25 48.55 -5.83
CA GLN A 90 -108.55 45.75 -4.46
CA PHE A 91 -110.41 43.31 -6.75
CA ASN A 92 -112.18 41.22 -4.18
CA SER A 93 -115.43 43.18 -4.47
CA TYR A 94 -117.22 45.46 -6.93
CA PRO A 95 -116.81 48.55 -7.18
CA LEU A 96 -113.14 47.89 -7.64
CA THR A 97 -111.37 50.61 -5.60
CA PHE A 98 -108.02 52.36 -5.47
CA GLY A 99 -106.11 53.82 -2.62
CA GLY A 100 -105.23 57.52 -2.53
CA GLY A 101 -101.51 57.37 -3.59
CA THR A 102 -98.08 57.63 -2.03
CA LYS A 103 -95.83 60.09 -3.90
CA VAL A 104 -92.16 59.12 -3.56
CA GLU A 105 -89.67 61.98 -4.22
CA ILE A 106 -85.84 61.37 -4.28
CA LYS A 107 -83.53 63.23 -1.79
CA ARG A 108 -80.12 64.30 -3.16
CA THR A 109 -77.35 66.94 -2.79
CA VAL A 110 -78.04 70.65 -3.48
CA ALA A 111 -77.58 71.76 -7.04
CA ALA A 112 -77.56 75.42 -7.92
CA PRO A 113 -79.61 76.49 -10.91
CA SER A 114 -78.44 77.73 -14.31
CA VAL A 115 -80.43 80.94 -14.95
CA PHE A 116 -81.50 82.25 -18.35
CA ILE A 117 -83.68 85.22 -19.33
CA PHE A 118 -85.48 85.70 -22.67
CA PRO A 119 -86.90 88.96 -24.12
CA PRO A 120 -90.35 89.10 -25.93
CA SER A 121 -90.10 87.98 -29.54
CA ASP A 122 -90.87 90.42 -32.33
CA GLU A 123 -94.06 88.87 -33.58
CA GLN A 124 -95.28 88.69 -30.04
CA LEU A 125 -94.92 92.51 -29.58
CA LYS A 126 -96.83 92.74 -32.94
CA SER A 127 -99.93 91.35 -31.07
CA GLY A 128 -99.70 94.07 -28.44
CA THR A 129 -98.32 91.76 -25.58
CA ALA A 130 -94.90 90.98 -24.20
CA SER A 131 -93.94 87.86 -22.22
CA VAL A 132 -90.51 87.85 -20.57
CA VAL A 133 -89.29 84.39 -19.41
CA CYS A 134 -86.69 83.56 -16.75
CA LEU A 135 -85.47 79.92 -16.66
CA LEU A 136 -83.84 78.23 -13.67
CA ASN A 137 -82.54 74.93 -15.01
CA ASN A 138 -81.68 71.83 -13.07
CA PHE A 139 -81.62 72.43 -9.38
CA TYR A 140 -82.20 70.67 -6.06
CA PRO A 141 -84.07 71.27 -3.54
CA ARG A 142 -87.22 72.58 -5.27
CA GLU A 143 -87.53 75.80 -3.23
CA ALA A 144 -86.22 78.90 -5.05
CA LYS A 145 -87.40 82.54 -5.26
CA VAL A 146 -87.63 84.56 -8.52
CA GLN A 147 -88.04 88.33 -8.28
CA TRP A 148 -88.66 90.56 -11.27
CA LYS A 149 -87.41 94.13 -11.29
CA VAL A 150 -88.19 96.49 -14.20
CA ASP A 151 -86.20 99.78 -14.05
CA ASN A 152 -84.12 98.46 -11.21
CA ALA A 153 -85.91 97.99 -7.84
CA LEU A 154 -89.38 98.63 -9.31
CA GLN A 155 -89.84 95.01 -8.59
CA SER A 156 -93.14 93.60 -9.64
CA GLY A 157 -96.14 91.31 -8.71
CA ASN A 158 -97.60 90.15 -12.22
CA SER A 159 -95.75 86.86 -13.00
CA GLN A 160 -96.67 83.17 -13.12
CA GLU A 161 -94.45 80.13 -12.41
CA SER A 162 -94.26 76.51 -13.55
CA VAL A 163 -91.99 73.78 -12.08
CA THR A 164 -91.38 70.47 -13.75
CA GLU A 165 -91.60 67.12 -11.83
CA GLN A 166 -88.38 65.45 -10.61
CA ASP A 167 -86.15 64.15 -13.36
CA SER A 168 -85.75 60.37 -13.24
CA LYS A 169 -82.09 60.59 -14.17
CA ASP A 170 -80.60 63.30 -11.88
CA SER A 171 -83.44 64.19 -9.46
CA THR A 172 -83.59 67.91 -10.28
CA TYR A 173 -86.37 70.39 -11.04
CA SER A 174 -86.44 73.22 -13.56
CA LEU A 175 -88.68 76.30 -13.24
CA SER A 176 -89.99 79.14 -15.46
CA SER A 177 -91.32 82.49 -14.44
CA THR A 178 -93.23 84.43 -17.10
CA LEU A 179 -93.73 88.13 -16.63
CA THR A 180 -96.51 89.44 -18.89
CA LEU A 181 -97.07 93.07 -19.69
CA SER A 182 -98.68 94.92 -22.59
CA LYS A 183 -96.54 96.17 -25.60
CA ALA A 184 -97.02 99.75 -24.26
CA ASP A 185 -95.96 98.81 -20.72
CA TYR A 186 -92.88 97.05 -22.00
CA GLU A 187 -92.11 100.07 -24.31
CA LYS A 188 -91.65 102.36 -21.41
CA HIS A 189 -89.06 100.60 -19.33
CA LYS A 190 -85.51 99.55 -20.31
CA VAL A 191 -83.79 97.26 -17.69
CA TYR A 192 -85.66 93.97 -17.22
CA ALA A 193 -84.17 91.65 -14.61
CA CYS A 194 -84.71 88.25 -13.00
CA GLU A 195 -83.19 87.85 -9.50
CA VAL A 196 -82.82 84.30 -8.13
CA THR A 197 -82.40 82.98 -4.62
CA HIS A 198 -81.73 79.30 -3.97
CA GLN A 199 -79.62 77.36 -1.42
CA GLY A 200 -76.85 76.25 -3.83
CA LEU A 201 -75.93 79.79 -4.89
CA SER A 202 -73.53 81.87 -2.73
CA SER A 203 -75.20 85.14 -3.75
CA PRO A 204 -78.59 86.01 -5.40
CA VAL A 205 -78.17 85.82 -9.18
CA THR A 206 -79.46 88.46 -11.64
CA LYS A 207 -79.92 88.11 -15.38
CA SER A 208 -80.92 91.37 -17.03
CA PHE A 209 -81.31 92.79 -20.50
CA ASN A 210 -81.86 96.21 -21.98
CA ARG A 211 -84.96 96.87 -24.12
CA GLY A 212 -83.21 97.40 -27.50
CA GLU A 213 -81.23 94.08 -27.93
CA CYS A 214 -78.84 93.28 -30.88
CA GLU B 1 -15.27 133.94 5.53
CA LEU B 2 -15.39 131.68 2.49
CA VAL B 3 -18.83 130.14 2.30
CA MET B 4 -19.20 126.41 1.54
CA THR B 5 -22.62 125.41 0.21
CA GLN B 6 -23.62 121.76 -0.26
CA SER B 7 -26.23 120.43 -2.59
CA PRO B 8 -28.57 118.69 -1.79
CA SER B 9 -29.47 118.80 1.87
CA SER B 10 -31.01 115.28 1.77
CA LEU B 11 -31.10 112.33 -0.60
CA SER B 12 -32.67 108.87 -0.32
CA ALA B 13 -31.30 106.24 -2.71
CA SER B 14 -31.35 102.44 -2.92
CA VAL B 15 -28.30 100.30 -2.28
CA GLY B 16 -26.27 99.90 -5.46
CA ASP B 17 -27.17 103.41 -6.61
CA ARG B 18 -24.50 105.93 -7.44
CA VAL B 19 -24.86 109.19 -5.48
CA ASN B 20 -23.09 112.54 -6.11
CA ILE B 21 -23.05 115.43 -3.50
CA ALA B 22 -21.85 118.87 -4.65
CA CYS B 23 -20.08 121.55 -2.61
CA ARG B 24 -19.40 125.11 -3.85
CA ALA B 25 -16.79 127.44 -2.53
CA SER B 26 -17.91 131.13 -2.76
CA GLN B 27 -14.45 131.69 -4.34
CA GLY B 28 -11.47 129.61 -5.51
CA ILE B 29 -9.79 127.26 -3.03
CA SER B 30 -7.63 125.24 -5.47
CA SER B 31 -7.72 121.68 -4.03
CA ALA B 32 -8.03 122.51 -0.34
CA LEU B 33 -11.15 120.61 0.33
CA ALA B 34 -11.68 117.67 2.71
CA TRP B 35 -14.93 115.52 3.01
CA TYR B 36 -16.16 113.99 6.33
CA GLN B 37 -18.68 111.31 7.15
CA GLN B 38 -20.58 111.68 10.45
CA LYS B 39 -22.82 108.86 11.64
CA PRO B 40 -25.48 110.33 13.88
CA GLY B 41 -24.06 110.82 17.37
CA LYS B 42 -20.41 110.35 16.59
CA ALA B 43 -17.34 112.21 15.86
CA PRO B 44 -16.87 113.10 12.16
CA ARG B 45 -14.50 110.88 10.08
CA LEU B 46 -12.14 111.88 7.27
CA LEU B 47 -12.82 110.27 3.89
CA ILE B 48 -11.07 112.51 1.38
CA TYR B 49 -8.44 115.32 1.67
CA ASP B 50 -6.97 117.58 -1.09
CA ALA B 51 -10.25 117.17 -3.09
CA SER B 52 -9.40 113.69 -4.31
CA ASN B 53 -7.03 111.72 -2.00
CA LEU B 54 -8.75 108.87 -0.03
CA GLU B 55 -7.63 108.59 3.53
CA SER B 56 -6.08 105.14 4.38
CA GLY B 57 -8.73 102.47 5.24
CA VAL B 58 -11.69 104.31 3.49
CA PRO B 59 -13.54 102.01 1.03
CA SER B 60 -12.64 102.34 -2.62
CA ARG B 61 -16.32 103.22 -3.49
CA PHE B 62 -15.77 106.78 -2.20
CA SER B 63 -14.14 109.22 -4.67
CA GLY B 64 -13.93 113.04 -4.88
CA SER B 65 -13.30 115.53 -7.69
CA GLY B 66 -13.17 119.28 -8.38
CA SER B 67 -10.76 122.16 -8.28
CA GLY B 68 -11.29 125.87 -7.89
CA THR B 69 -14.84 126.31 -6.76
CA ASP B 70 -16.91 123.13 -7.49
CA PHE B 71 -16.25 119.78 -5.81
CA THR B 72 -18.14 116.40 -6.00
CA LEU B 73 -18.07 113.40 -3.67
CA THR B 74 -19.34 110.19 -5.42
CA ILE B 75 -20.36 106.99 -3.60
CA SER B 76 -20.38 104.53 -6.48
CA SER B 77 -22.49 101.70 -4.98
CA LEU B 78 -24.40 102.91 -1.94
CA GLN B 79 -24.35 100.43 0.93
CA PRO B 80 -26.61 100.47 4.24
CA GLU B 81 -23.64 101.44 6.34
CA ASP B 82 -23.32 104.62 4.28
CA PHE B 83 -26.24 106.30 6.12
CA ALA B 84 -24.68 109.47 7.52
CA ILE B 85 -24.44 113.28 7.17
CA TYR B 86 -21.56 114.22 4.82
CA TYR B 87 -19.63 117.63 5.18
CA CYS B 88 -17.09 119.43 3.07
CA GLN B 89 -14.60 121.80 4.71
CA GLN B 90 -12.14 124.31 3.06
CA PHE B 91 -8.63 124.97 4.44
CA ASN B 92 -7.42 127.51 1.96
CA SER B 93 -8.31 130.47 4.20
CA TYR B 94 -8.92 131.21 7.88
CA PRO B 95 -11.65 130.90 9.36
CA LEU B 96 -11.71 127.33 8.20
CA THR B 97 -15.34 126.66 7.19
CA PHE B 98 -17.72 123.74 6.75
CA GLY B 99 -20.59 123.23 4.45
CA GLY B 100 -24.10 122.65 5.79
CA GLY B 101 -24.39 118.81 5.33
CA THR B 102 -26.03 116.32 3.01
CA LYS B 103 -27.96 113.63 4.91
CA VAL B 104 -28.07 110.37 2.96
CA GLU B 105 -30.91 107.97 3.98
CA ILE B 106 -31.22 104.42 2.46
CA LYS B 107 -34.40 103.39 0.49
CA ARG B 108 -35.55 99.78 0.96
CA THR B 109 -38.67 97.54 0.94
CA VAL B 110 -41.52 98.06 3.45
CA ALA B 111 -41.17 96.27 6.73
CA ALA B 112 -44.07 96.08 9.14
CA PRO B 113 -43.33 96.79 12.77
CA SER B 114 -43.32 94.42 15.74
CA VAL B 115 -45.46 96.14 18.41
CA PHE B 116 -45.00 95.81 22.17
CA ILE B 117 -46.73 97.55 25.08
CA PHE B 118 -45.39 97.87 28.65
CA PRO B 119 -47.39 98.75 31.83
CA PRO B 120 -46.00 101.19 34.54
CA SER B 121 -43.59 99.45 36.91
CA ASP B 122 -44.45 99.15 40.58
CA GLU B 123 -41.85 101.48 41.97
CA GLN B 124 -42.86 104.01 39.39
CA LEU B 125 -46.50 104.06 40.66
CA LYS B 126 -44.91 104.45 44.16
CA SER B 127 -43.72 107.97 43.02
CA GLY B 128 -47.27 108.97 42.04
CA THR B 129 -46.68 108.74 38.16
CA ALA B 130 -47.33 106.13 35.52
CA SER B 131 -45.58 105.90 32.13
CA VAL B 132 -47.02 103.43 29.61
CA VAL B 133 -44.69 102.61 26.66
CA CYS B 134 -45.63 101.26 23.22
CA LEU B 135 -42.72 100.01 21.05
CA LEU B 136 -42.80 99.63 17.28
CA ASN B 137 -39.64 97.74 16.41
CA ASN B 138 -37.86 97.58 13.09
CA PHE B 139 -39.90 99.05 10.32
CA TYR B 140 -39.55 100.83 6.98
CA PRO B 141 -40.68 103.59 5.82
CA ARG B 142 -40.43 105.83 8.91
CA GLU B 143 -44.03 107.10 8.82
CA ALA B 144 -46.34 105.32 11.31
CA LYS B 145 -49.21 106.50 13.56
CA VAL B 146 -49.64 105.49 17.25
CA GLN B 147 -52.97 106.16 18.92
CA TRP B 148 -53.61 105.62 22.61
CA LYS B 149 -57.05 104.65 23.86
CA VAL B 150 -57.77 104.31 27.60
CA ASP B 151 -61.20 102.70 28.32
CA ASN B 152 -61.65 101.89 24.68
CA ALA B 153 -62.19 104.86 22.30
CA LEU B 154 -61.38 107.47 24.97
CA GLN B 155 -58.35 108.01 22.86
CA SER B 156 -55.94 110.52 24.19
CA GLY B 157 -53.60 113.53 23.38
CA ASN B 158 -50.83 113.39 26.22
CA SER B 159 -48.02 111.23 24.71
CA GLN B 160 -44.48 111.83 23.41
CA GLU B 161 -42.59 109.95 20.69
CA SER B 162 -38.96 109.12 19.89
CA VAL B 163 -37.65 107.51 16.66
CA THR B 164 -34.19 106.10 16.30
CA GLU B 165 -31.94 106.92 13.24
CA GLN B 166 -31.69 104.39 10.38
CA ASP B 167 -29.94 101.17 11.30
CA SER B 168 -26.71 100.66 9.32
CA LYS B 169 -27.37 96.95 8.95
CA ASP B 170 -31.04 96.65 7.83
CA SER B 171 -32.15 100.27 7.21
CA THR B 172 -35.09 100.26 9.64
CA TYR B 173 -36.34 102.63 12.35
CA SER B 174 -37.81 101.81 15.75
CA LEU B 175 -40.17 104.14 17.66
CA SER B 176 -41.49 104.58 21.23
CA SER B 177 -44.56 106.37 22.39
CA THR B 178 -44.77 107.14 26.11
CA LEU B 179 -48.13 107.98 27.60
CA THR B 180 -47.74 109.65 30.99
CA LEU B 181 -50.50 110.03 33.52
CA SER B 182 -50.60 110.43 37.30
CA LYS B 183 -50.99 107.32 39.61
CA ALA B 184 -54.59 108.48 40.33
CA ASP B 185 -55.43 108.90 36.64
CA TYR B 186 -54.05 105.48 35.84
CA GLU B 187 -55.96 104.00 38.86
CA LYS B 188 -59.27 104.86 37.39
CA HIS B 189 -59.15 103.24 34.00
CA LYS B 190 -58.62 99.56 33.12
CA VAL B 191 -58.04 98.92 29.33
CA TYR B 192 -54.89 100.65 28.07
CA ALA B 193 -54.23 100.23 24.34
CA CYS B 194 -51.75 101.20 21.63
CA GLU B 195 -53.15 101.20 18.06
CA VAL B 196 -50.65 101.25 15.18
CA THR B 197 -51.00 102.20 11.55
CA HIS B 198 -48.15 101.68 9.09
CA GLN B 199 -47.95 100.69 5.39
CA GLY B 200 -46.61 97.13 5.93
CA LEU B 201 -49.53 96.03 8.12
CA SER B 202 -52.79 94.81 6.51
CA SER B 203 -54.89 96.10 9.40
CA PRO B 204 -54.23 98.57 12.30
CA VAL B 205 -52.62 96.64 15.17
CA THR B 206 -53.68 96.96 18.84
CA LYS B 207 -51.74 95.85 21.91
CA SER B 208 -53.74 96.27 25.11
CA PHE B 209 -53.51 95.29 28.74
CA ASN B 210 -55.81 95.37 31.71
CA ARG B 211 -54.83 97.37 34.84
CA GLY B 212 -54.33 94.44 37.25
CA GLU B 213 -51.66 92.28 35.41
CA CYS B 214 -50.30 88.87 36.65
CA GLN C 1 -97.95 47.03 -32.02
CA VAL C 2 -98.92 50.61 -33.02
CA LYS C 3 -99.30 50.58 -29.25
CA LEU C 4 -101.18 47.52 -27.74
CA LEU C 5 -104.29 49.29 -26.37
CA GLU C 6 -104.68 52.76 -28.04
CA GLN C 7 -107.29 55.44 -27.35
CA SER C 8 -109.06 58.26 -29.26
CA GLY C 9 -107.64 61.73 -28.35
CA ALA C 10 -109.20 64.55 -26.37
CA GLU C 11 -112.03 66.33 -26.18
CA VAL C 12 -113.97 69.30 -25.01
CA LYS C 13 -117.69 68.79 -24.55
CA LYS C 14 -120.31 71.30 -23.34
CA PRO C 15 -122.07 70.48 -19.97
CA GLY C 16 -125.18 68.33 -20.79
CA ALA C 17 -123.57 66.71 -23.88
CA SER C 18 -122.31 63.12 -24.30
CA VAL C 19 -118.75 61.90 -25.07
CA LYS C 20 -117.73 58.63 -26.77
CA VAL C 21 -114.20 57.36 -26.05
CA SER C 22 -112.73 54.43 -28.08
CA CYS C 23 -110.01 51.91 -27.28
CA LYS C 24 -108.50 49.86 -30.18
CA ALA C 25 -106.73 46.58 -29.19
CA SER C 26 -103.77 45.50 -31.44
CA GLY C 27 -101.34 42.50 -31.18
CA TYR C 28 -103.38 40.15 -28.89
CA SER C 29 -106.64 38.15 -29.48
CA PHE C 30 -109.33 40.81 -28.69
CA THR C 31 -112.25 38.39 -27.79
CA SER C 32 -110.16 36.37 -25.23
CA TYR C 33 -110.01 39.22 -22.60
CA GLY C 34 -112.24 41.79 -20.92
CA LEU C 35 -111.53 45.56 -20.90
CA HIS C 36 -111.95 47.75 -17.81
CA TRP C 37 -112.68 51.55 -17.93
CA VAL C 38 -111.10 53.80 -15.25
CA ARG C 39 -110.94 57.60 -14.85
CA GLN C 40 -108.69 60.05 -12.98
CA ALA C 41 -110.06 63.54 -12.22
CA PRO C 42 -107.35 66.23 -11.62
CA GLY C 43 -105.54 65.70 -8.26
CA GLN C 44 -107.72 62.69 -7.46
CA ARG C 45 -107.43 58.93 -7.16
CA LEU C 46 -108.32 56.52 -9.98
CA GLU C 47 -112.01 55.58 -10.07
CA TRP C 48 -113.25 52.32 -11.63
CA MET C 49 -116.29 52.92 -13.96
CA GLY C 50 -117.05 49.55 -15.62
CA TRP C 51 -115.93 46.47 -17.60
CA ILE C 52 -116.93 44.78 -20.90
CA SER C 53 -116.23 41.15 -21.99
CA ALA C 54 -114.99 41.43 -25.67
CA GLY C 55 -116.26 37.86 -26.39
CA THR C 56 -119.91 38.07 -25.11
CA GLY C 57 -120.47 41.89 -25.04
CA ASN C 58 -121.57 41.54 -21.34
CA THR C 59 -121.32 44.52 -19.11
CA LYS C 60 -120.60 45.43 -15.48
CA TYR C 61 -120.48 48.95 -14.08
CA SER C 62 -120.14 51.17 -11.02
CA GLN C 63 -123.55 52.29 -9.70
CA LYS C 64 -122.01 55.81 -9.29
CA PHE C 65 -122.60 56.01 -13.14
CA ARG C 66 -126.06 54.27 -13.04
CA GLY C 67 -128.21 55.39 -15.98
CA ARG C 68 -125.51 57.46 -17.82
CA VAL C 69 -122.63 55.08 -18.85
CA THR C 70 -122.75 52.62 -21.85
CA PHE C 71 -120.07 50.03 -22.95
CA THR C 72 -119.95 48.64 -26.51
CA ARG C 73 -117.41 46.56 -28.49
CA ASP C 74 -117.01 46.31 -32.29
CA THR C 75 -115.54 42.80 -32.43
CA SER C 76 -114.57 43.06 -36.19
CA ALA C 77 -112.72 46.45 -35.82
CA THR C 78 -111.33 45.16 -32.47
CA THR C 79 -112.36 48.38 -30.66
CA ALA C 80 -114.27 48.90 -27.40
CA TYR C 81 -116.12 52.16 -26.57
CA MET C 82 -117.48 53.87 -23.50
CA GLY C 83 -120.32 56.38 -23.87
CA LEU C 84 -120.79 58.92 -21.00
CA SER C 85 -124.03 60.99 -21.11
CA SER C 86 -125.27 64.13 -19.26
CA LEU C 87 -121.76 65.57 -18.84
CA ARG C 88 -121.13 67.71 -15.76
CA PRO C 89 -117.96 69.88 -15.15
CA GLU C 90 -116.72 67.21 -12.61
CA ASP C 91 -116.46 64.65 -15.48
CA THR C 92 -113.28 66.56 -16.58
CA ALA C 93 -110.80 63.70 -16.18
CA VAL C 94 -108.44 61.35 -18.05
CA TYR C 95 -110.36 58.22 -19.20
CA TYR C 96 -108.29 55.03 -19.47
CA CYS C 97 -109.22 51.65 -20.82
CA ALA C 98 -107.14 48.83 -19.24
CA ARG C 99 -107.00 45.08 -19.90
CA ASP C 100 -108.46 42.31 -17.69
CA PRO C 101 -105.80 39.48 -18.11
CA TYR C 102 -108.40 36.70 -17.41
CA GLY C 103 -111.76 37.81 -18.98
CA GLY C 104 -113.76 37.45 -15.69
CA GLY C 105 -114.36 41.11 -14.63
CA LYS C 106 -112.54 41.20 -11.27
CA SER C 107 -108.80 41.52 -11.78
CA GLU C 108 -105.67 43.65 -11.60
CA PHE C 109 -105.13 45.48 -14.98
CA ASP C 110 -101.93 44.41 -16.88
CA TYR C 111 -102.04 46.74 -20.00
CA TRP C 112 -103.36 50.30 -19.94
CA GLY C 113 -104.34 52.57 -22.82
CA GLN C 114 -102.70 56.05 -22.83
CA GLY C 115 -105.73 58.07 -21.62
CA THR C 116 -108.05 60.60 -23.29
CA LEU C 117 -108.68 63.84 -21.44
CA VAL C 118 -112.33 64.92 -21.73
CA THR C 119 -112.80 68.49 -20.58
CA VAL C 120 -116.40 69.59 -19.86
CA SER C 121 -116.75 73.39 -20.54
CA SER C 122 -118.77 76.33 -22.00
CA ALA C 123 -116.05 78.99 -21.25
CA SER C 124 -115.19 78.87 -24.91
CA PRO C 125 -112.58 76.49 -26.51
CA THR C 126 -109.55 78.44 -27.93
CA SER C 127 -106.60 77.00 -29.96
CA PRO C 128 -102.97 77.87 -28.91
CA LYS C 129 -100.93 80.54 -30.74
CA VAL C 130 -97.31 79.32 -30.94
CA PHE C 131 -94.47 81.91 -30.69
CA PRO C 132 -90.68 81.44 -31.03
CA LEU C 133 -88.34 82.06 -28.07
CA SER C 134 -84.85 82.75 -29.55
CA LEU C 135 -81.83 85.04 -28.83
CA CYS C 136 -79.42 86.66 -31.37
CA SER C 137 -76.11 87.27 -29.40
CA THR C 138 -78.01 87.72 -26.05
CA GLN C 139 -77.32 84.11 -24.76
CA PRO C 140 -73.91 83.12 -23.15
CA ASP C 141 -71.09 81.89 -25.53
CA GLY C 142 -71.15 78.03 -25.37
CA ASN C 143 -74.74 76.68 -24.88
CA VAL C 144 -78.01 77.62 -26.69
CA VAL C 145 -81.56 77.85 -25.18
CA ILE C 146 -84.45 78.09 -27.68
CA ALA C 147 -88.14 77.55 -26.96
CA CYS C 148 -91.79 77.69 -28.10
CA LEU C 149 -94.38 79.69 -26.12
CA VAL C 150 -97.77 77.83 -26.56
CA GLN C 151 -100.11 80.72 -25.67
CA GLY C 152 -103.80 81.41 -24.91
CA PHE C 153 -105.52 78.01 -25.15
CA PHE C 154 -108.56 76.42 -23.43
CA PRO C 155 -109.19 73.84 -22.19
CA GLN C 156 -105.82 72.40 -20.87
CA GLU C 157 -106.05 68.91 -22.61
CA PRO C 158 -102.95 66.71 -23.48
CA LEU C 159 -100.29 68.86 -25.22
CA SER C 160 -97.72 66.74 -27.19
CA VAL C 161 -94.54 68.84 -27.77
CA THR C 162 -91.74 67.25 -29.82
CA TRP C 163 -88.52 68.96 -31.14
CA SER C 164 -86.73 68.13 -34.51
CA GLU C 165 -83.28 67.61 -32.82
CA SER C 166 -82.62 64.82 -30.20
CA GLY C 167 -79.32 63.62 -28.61
CA GLN C 168 -77.12 63.04 -25.48
CA GLY C 169 -76.51 66.73 -24.51
CA VAL C 170 -79.82 68.13 -25.96
CA THR C 171 -82.31 68.54 -23.03
CA ALA C 172 -86.07 69.18 -23.55
CA ARG C 173 -88.09 70.76 -20.69
CA ASN C 174 -91.91 70.82 -21.07
CA PHE C 175 -93.28 73.34 -18.47
CA PRO C 176 -96.79 72.37 -17.08
CA PRO C 177 -99.84 74.56 -18.10
CA SER C 178 -100.26 77.78 -16.05
CA GLN C 179 -103.76 79.35 -15.87
CA ASP C 180 -104.37 83.16 -16.32
CA ALA C 181 -107.06 84.57 -13.86
CA SER C 182 -110.42 82.68 -13.33
CA GLY C 183 -110.16 79.92 -16.02
CA ASP C 184 -109.71 82.51 -18.87
CA LEU C 185 -106.64 81.16 -20.83
CA TYR C 186 -103.83 78.56 -20.28
CA THR C 187 -100.15 79.11 -21.36
CA THR C 188 -97.28 76.50 -21.49
CA SER C 189 -93.64 76.91 -22.62
CA SER C 190 -91.45 74.10 -24.18
CA GLN C 191 -87.64 74.72 -23.91
CA LEU C 192 -84.76 72.99 -25.82
CA THR C 193 -81.25 73.45 -24.22
CA LEU C 194 -78.41 72.20 -26.59
CA PRO C 195 -74.63 72.95 -27.18
CA ALA C 196 -73.85 76.00 -29.46
CA THR C 197 -71.86 73.67 -31.85
CA GLN C 198 -75.18 71.68 -32.34
CA CYS C 199 -77.26 74.90 -32.95
CA LEU C 200 -75.15 77.24 -35.20
CA ALA C 201 -76.17 80.80 -36.39
CA GLY C 202 -78.42 80.72 -39.53
CA LYS C 203 -79.78 77.20 -38.69
CA SER C 204 -83.21 76.35 -37.09
CA VAL C 205 -84.88 73.61 -34.93
CA THR C 206 -88.61 72.74 -35.49
CA CYS C 207 -91.02 72.51 -32.51
CA HIS C 208 -94.07 70.24 -33.23
CA VAL C 209 -97.12 70.98 -30.99
CA LYS C 210 -100.20 68.68 -30.90
CA HIS C 211 -103.17 70.01 -28.83
CA TYR C 212 -105.72 67.01 -28.26
CA THR C 213 -106.74 65.19 -31.49
CA ASN C 214 -106.25 68.42 -33.55
CA PRO C 215 -103.69 68.64 -36.46
CA SER C 216 -100.00 69.31 -35.52
CA GLN C 217 -98.91 73.00 -35.37
CA ASP C 218 -95.24 73.38 -36.43
CA VAL C 219 -92.85 76.34 -35.82
CA THR C 220 -89.29 76.69 -37.14
CA VAL C 221 -87.31 78.30 -34.23
CA PRO C 222 -83.87 79.95 -35.03
CA CYS C 223 -82.34 79.14 -34.07
CA PRO C 224 -80.82 78.35 -33.11
CA VAL C 225 -78.96 78.99 -29.86
CA PRO C 226 -77.03 75.48 -29.68
CA SER C 227 -79.08 72.51 -28.01
CA THR C 228 -77.16 69.09 -27.81
CA PRO C 229 -76.98 65.83 -25.46
CA PRO C 230 -73.43 65.97 -23.50
CA THR C 231 -71.64 63.39 -21.19
CA PRO C 232 -69.83 64.73 -17.88
CA SER C 233 -68.61 62.97 -14.60
CA PRO C 234 -69.29 64.65 -11.09
CA SER C 235 -66.16 62.86 -9.61
CA THR C 236 -62.37 63.34 -8.12
CA PRO C 237 -59.10 61.90 -9.94
CA PRO C 238 -56.24 60.28 -7.54
CA THR C 239 -52.47 60.83 -8.22
CA PRO C 240 -51.00 58.61 -5.38
CA SER C 241 -47.69 58.03 -3.18
CA PRO C 242 -45.76 54.60 -3.76
CA SER C 243 -43.34 52.25 -1.98
CA CYS C 244 -40.66 50.73 -3.58
CA CYS C 245 -37.69 48.29 -4.56
CA HIS C 246 -35.03 46.35 -2.59
CA PRO C 247 -31.16 46.99 -2.08
CA ARG C 248 -28.83 44.28 -3.60
CA LEU C 249 -25.31 43.40 -2.17
CA SER C 250 -22.81 41.97 -4.76
CA LEU C 251 -19.14 40.82 -4.39
CA HIS C 252 -17.02 40.88 -7.62
CA ARG C 253 -13.79 38.74 -7.22
CA PRO C 254 -10.19 39.71 -8.35
CA ALA C 255 -9.11 38.70 -11.96
CA LEU C 256 -6.72 35.67 -12.43
CA GLU C 257 -4.22 37.29 -14.91
CA ASP C 258 -3.69 40.53 -12.81
CA LEU C 259 -3.20 38.70 -9.43
CA LEU C 260 -0.67 36.23 -11.03
CA LEU C 261 1.31 38.80 -13.16
CA GLY C 262 2.59 41.37 -10.57
CA SER C 263 0.32 40.78 -7.44
CA GLU C 264 -2.59 43.08 -8.56
CA ALA C 265 -5.89 41.91 -6.93
CA ASN C 266 -8.91 43.95 -5.67
CA LEU C 267 -12.01 42.33 -4.11
CA THR C 268 -14.87 44.70 -4.92
CA CYS C 269 -18.01 45.27 -2.81
CA THR C 270 -21.08 46.78 -4.53
CA LEU C 271 -24.34 47.81 -2.71
CA THR C 272 -27.10 48.23 -5.34
CA GLY C 273 -30.70 49.12 -4.21
CA LEU C 274 -30.22 51.59 -1.26
CA ARG C 275 -33.36 53.90 -1.59
CA ASP C 276 -33.57 57.78 -1.15
CA ALA C 277 -31.87 59.85 1.72
CA SER C 278 -29.27 57.22 2.65
CA GLY C 279 -25.63 56.09 3.38
CA VAL C 280 -23.75 52.71 3.62
CA THR C 281 -21.13 51.72 6.29
CA PHE C 282 -18.56 49.09 5.22
CA THR C 283 -16.62 46.59 7.47
CA TRP C 284 -13.88 44.60 5.57
CA THR C 285 -11.67 41.82 7.12
CA PRO C 286 -7.88 42.56 6.64
CA SER C 287 -5.70 40.49 4.19
CA SER C 288 -3.12 38.03 5.74
CA GLY C 289 -0.14 40.48 6.22
CA LYS C 290 -2.22 42.79 8.56
CA SER C 291 -3.66 44.98 5.70
CA ALA C 292 -7.13 46.70 5.47
CA VAL C 293 -7.42 49.64 2.95
CA GLN C 294 -10.78 50.94 1.45
CA GLY C 295 -12.29 53.76 -0.80
CA PRO C 296 -16.16 54.07 -0.82
CA PRO C 297 -17.97 56.60 -3.19
CA GLU C 298 -21.83 56.89 -3.50
CA ARG C 299 -23.01 56.63 -7.15
CA ASP C 300 -26.72 57.08 -8.19
CA LEU C 301 -27.33 54.24 -10.78
CA CYS C 302 -30.78 53.88 -12.58
CA GLY C 303 -32.29 56.36 -10.06
CA CYS C 304 -30.85 55.14 -6.66
CA TYR C 305 -27.53 55.13 -4.60
CA SER C 306 -24.75 52.44 -4.85
CA VAL C 307 -21.87 52.39 -2.24
CA SER C 308 -19.08 50.62 -4.15
CA SER C 309 -16.04 50.08 -1.92
CA VAL C 310 -12.78 48.28 -2.96
CA LEU C 311 -10.16 46.39 -0.87
CA PRO C 312 -6.69 46.06 -2.61
CA GLY C 313 -5.03 42.62 -2.00
CA CYS C 314 -1.75 40.70 -2.49
CA ALA C 315 -1.27 37.34 -4.37
CA GLU C 316 -0.26 35.27 -1.22
CA PRO C 317 -3.62 35.56 0.77
CA TRP C 318 -5.60 34.63 -2.44
CA ASN C 319 -3.20 31.70 -3.42
CA HIS C 320 -2.76 30.23 0.16
CA GLY C 321 -6.47 30.45 1.33
CA LYS C 322 -7.90 33.66 2.93
CA THR C 323 -11.65 34.50 3.54
CA PHE C 324 -12.56 38.11 2.55
CA THR C 325 -15.69 39.39 4.33
CA CYS C 326 -17.50 42.59 3.27
CA THR C 327 -20.03 43.36 6.04
CA ALA C 328 -22.27 46.33 5.25
CA ALA C 329 -24.56 48.11 7.84
CA TYR C 330 -27.59 50.44 7.04
CA PRO C 331 -30.64 51.32 9.35
CA GLU C 332 -33.39 50.23 6.83
CA SER C 333 -31.49 46.85 6.42
CA LYS C 334 -32.46 45.34 9.87
CA THR C 335 -29.81 42.54 9.51
CA PRO C 336 -26.38 44.04 8.42
CA LEU C 337 -25.34 42.05 5.27
CA THR C 338 -22.19 39.95 5.42
CA ALA C 339 -20.73 38.48 2.14
CA THR C 340 -17.52 36.35 2.34
CA LEU C 341 -15.25 35.25 -0.53
CA SER C 342 -12.08 33.01 -0.93
CA LYS C 343 -10.36 30.31 -3.14
CA SER C 344 -12.15 27.04 -4.25
CA GLY C 345 -12.17 23.35 -3.08
CA ASN C 346 -9.62 20.69 -1.90
CA THR C 347 -6.21 20.37 -3.76
CA PHE C 348 -4.98 17.72 -6.34
CA ARG C 349 -1.40 17.32 -7.84
CA PRO C 350 -1.21 18.05 -11.66
CA GLU C 351 -0.06 15.13 -13.84
CA VAL C 352 2.20 16.72 -16.57
CA HIS C 353 2.82 14.61 -19.75
CA LEU C 354 4.75 16.14 -22.72
CA LEU C 355 3.62 14.94 -26.19
CA PRO C 356 5.87 15.19 -29.33
CA PRO C 357 4.31 16.14 -32.74
CA PRO C 358 2.31 13.68 -34.90
CA SER C 359 4.17 12.00 -37.85
CA GLU C 360 1.89 13.83 -40.39
CA GLU C 361 2.72 17.32 -38.87
CA LEU C 362 6.41 16.71 -39.87
CA ALA C 363 5.13 17.11 -43.49
CA LEU C 364 4.53 20.76 -42.32
CA ASN C 365 7.40 23.35 -41.90
CA GLU C 366 7.25 26.76 -40.02
CA LEU C 367 5.57 25.47 -36.78
CA VAL C 368 5.94 22.01 -35.08
CA THR C 369 3.25 21.47 -32.50
CA LEU C 370 4.87 20.59 -29.10
CA THR C 371 2.06 19.74 -26.66
CA CYS C 372 2.02 19.37 -22.85
CA LEU C 373 -1.08 17.96 -21.09
CA ALA C 374 -1.62 19.08 -17.45
CA ARG C 375 -4.46 16.85 -16.10
CA GLY C 376 -6.23 15.83 -12.85
CA PHE C 377 -5.42 19.14 -11.05
CA SER C 378 -7.45 21.26 -8.52
CA PRO C 379 -8.14 24.03 -7.91
CA LYS C 380 -8.11 25.47 -11.51
CA ASP C 381 -5.43 27.91 -10.38
CA VAL C 382 -2.24 27.06 -12.39
CA LEU C 383 0.64 28.65 -14.43
CA VAL C 384 2.17 26.85 -17.41
CA ARG C 385 5.24 28.22 -19.32
CA TRP C 386 7.71 26.86 -21.93
CA LEU C 387 11.54 26.97 -22.05
CA GLN C 388 14.18 26.36 -24.76
CA GLY C 389 17.20 24.19 -23.67
CA SER C 390 19.26 25.08 -26.83
CA GLN C 391 19.51 28.86 -25.98
CA GLU C 392 18.94 28.61 -22.14
CA LEU C 393 15.95 31.02 -22.51
CA PRO C 394 12.12 31.23 -22.14
CA ARG C 395 10.08 30.73 -25.36
CA GLU C 396 7.57 32.96 -27.21
CA LYS C 397 5.35 31.08 -29.70
CA TYR C 398 3.07 29.22 -27.26
CA LEU C 399 -0.66 29.28 -26.39
CA THR C 400 -2.52 27.67 -23.38
CA TRP C 401 -6.28 26.75 -23.47
CA ALA C 402 -8.71 25.59 -20.62
CA SER C 403 -11.08 22.74 -19.43
CA ARG C 404 -12.86 22.41 -15.99
CA GLN C 405 -14.27 18.81 -15.84
CA GLU C 406 -17.70 18.43 -14.05
CA PRO C 407 -20.40 15.80 -15.01
CA SER C 408 -23.41 14.55 -12.88
CA GLN C 409 -21.10 12.39 -10.63
CA GLY C 410 -18.62 13.21 -7.79
CA THR C 411 -15.67 13.34 -10.30
CA THR C 412 -14.58 17.05 -10.68
CA THR C 413 -10.89 18.08 -11.47
CA PHE C 414 -9.36 20.20 -14.37
CA ALA C 415 -7.31 19.59 -17.55
CA VAL C 416 -5.45 21.96 -19.95
CA THR C 417 -3.28 21.52 -23.06
CA SER C 418 -0.44 23.99 -23.83
CA ILE C 419 0.82 24.33 -27.44
CA LEU C 420 4.45 25.44 -28.20
CA ARG C 421 4.91 25.92 -31.95
CA VAL C 422 8.55 25.53 -33.29
CA ALA C 423 10.42 25.35 -36.64
CA ALA C 424 10.57 21.67 -37.89
CA GLU C 425 14.42 22.00 -38.06
CA ASP C 426 15.15 22.88 -34.33
CA TRP C 427 13.16 19.83 -33.09
CA LYS C 428 15.28 17.68 -35.56
CA LYS C 429 18.51 19.51 -34.45
CA GLY C 430 17.85 17.58 -31.17
CA ASP C 431 16.69 20.51 -29.01
CA THR C 432 15.19 19.94 -25.54
CA PHE C 433 12.02 22.00 -24.85
CA SER C 434 10.50 21.94 -21.33
CA CYS C 435 6.97 22.65 -20.11
CA MET C 436 7.11 24.20 -16.58
CA VAL C 437 3.91 23.85 -14.47
CA GLY C 438 3.34 25.81 -11.21
CA HIS C 439 0.49 24.73 -8.93
CA GLU C 440 -0.56 24.76 -5.18
CA ALA C 441 -0.18 20.91 -4.89
CA LEU C 442 3.22 20.50 -6.70
CA PRO C 443 6.26 19.45 -4.51
CA LEU C 444 8.15 22.81 -4.59
CA ALA C 445 5.08 24.56 -6.16
CA PHE C 446 6.93 23.81 -9.43
CA THR C 447 7.51 20.83 -11.77
CA GLN C 448 9.05 20.73 -15.26
CA LYS C 449 8.66 17.88 -17.83
CA THR C 450 10.95 17.81 -20.93
CA ILE C 451 10.57 17.00 -24.71
CA ASP C 452 13.31 16.26 -27.30
CA ARG C 453 13.73 14.35 -30.65
CA LEU C 454 15.89 11.86 -28.57
CA ALA C 455 14.13 8.69 -27.24
CA GLY C 456 16.13 6.16 -25.11
CA LYS C 457 13.94 3.12 -24.25
CA PRO C 458 15.06 2.21 -20.68
CA THR C 459 12.46 4.16 -20.59
CA HIS C 460 11.26 7.83 -20.13
CA VAL C 461 13.89 9.49 -17.76
CA ASN C 462 14.79 13.22 -17.07
CA VAL C 463 17.83 15.72 -17.19
CA SER C 464 20.58 15.87 -14.44
CA VAL C 465 20.94 18.23 -11.32
CA VAL C 466 21.71 21.79 -12.67
CA MET C 467 22.78 24.14 -9.77
CA ALA C 468 23.91 23.69 -6.07
CA GLU C 469 24.05 25.35 -3.36
CA VAL C 470 22.89 29.11 -3.32
CA ASP C 471 19.23 28.30 -2.34
CA GLY C 472 17.79 31.83 -1.57
CA THR C 473 17.81 31.63 2.29
CA CYS C 474 21.57 30.73 2.45
CA TYR C 475 22.80 33.02 -0.48
CA GLN D 1 -4.46 103.48 22.73
CA VAL D 2 -7.01 104.15 25.53
CA LYS D 3 -8.41 106.03 22.55
CA LEU D 4 -5.89 108.19 20.55
CA LEU D 5 -7.31 111.67 21.27
CA GLU D 6 -9.62 111.54 24.38
CA GLN D 7 -11.67 114.33 25.92
CA SER D 8 -13.00 115.33 29.40
CA GLY D 9 -16.76 114.56 29.76
CA ALA D 10 -19.71 116.93 29.96
CA GLU D 11 -20.72 119.68 31.57
CA VAL D 12 -23.38 122.08 32.64
CA LYS D 13 -22.27 125.64 33.28
CA LYS D 14 -24.38 128.65 34.33
CA PRO D 15 -24.60 131.58 31.78
CA GLY D 16 -21.67 133.97 32.51
CA ALA D 17 -19.35 131.17 33.76
CA SER D 18 -16.29 129.67 32.03
CA VAL D 19 -15.71 126.05 30.88
CA LYS D 20 -12.36 124.26 30.44
CA VAL D 21 -12.32 121.26 28.07
CA SER D 22 -9.25 118.95 27.89
CA CYS D 23 -7.95 116.66 25.16
CA LYS D 24 -5.30 114.01 26.09
CA ALA D 25 -3.22 112.62 23.17
CA SER D 26 -2.02 108.96 23.52
CA GLY D 27 -0.01 106.69 21.10
CA TYR D 28 1.61 109.36 18.84
CA SER D 29 4.36 112.00 19.49
CA PHE D 30 2.30 114.92 20.97
CA THR D 31 4.74 117.81 20.11
CA SER D 32 5.02 116.83 16.37
CA TYR D 33 1.41 117.90 15.46
CA GLY D 34 -1.05 120.75 16.02
CA LEU D 35 -4.55 120.31 17.51
CA HIS D 36 -7.66 122.04 16.12
CA TRP D 37 -10.81 122.85 18.21
CA VAL D 38 -14.23 122.62 16.52
CA ARG D 39 -17.80 122.82 17.88
CA GLN D 40 -21.23 121.64 16.72
CA ALA D 41 -24.32 123.39 18.17
CA PRO D 42 -27.57 121.29 18.00
CA GLY D 43 -28.88 120.96 14.39
CA GLN D 44 -26.03 123.12 13.08
CA ARG D 45 -22.88 122.78 11.01
CA LEU D 46 -19.41 122.34 12.51
CA GLU D 47 -17.70 125.63 13.39
CA TRP D 48 -13.90 125.97 13.58
CA MET D 49 -12.79 127.82 16.81
CA GLY D 50 -8.96 127.68 16.87
CA TRP D 51 -5.70 125.71 16.70
CA ILE D 52 -2.64 125.19 18.97
CA SER D 53 0.86 123.94 17.97
CA ALA D 54 1.81 121.34 20.69
CA GLY D 55 5.56 122.01 20.06
CA THR D 56 5.69 125.88 20.34
CA GLY D 57 2.40 126.62 22.23
CA ASN D 58 1.46 129.09 19.41
CA THR D 59 -2.13 129.91 18.86
CA LYS D 60 -4.56 130.77 16.06
CA TYR D 61 -8.27 131.40 16.49
CA SER D 62 -11.56 132.43 14.88
CA GLN D 63 -12.29 136.15 15.46
CA LYS D 64 -15.93 135.09 16.23
CA PHE D 65 -14.43 134.07 19.69
CA ARG D 66 -12.14 137.19 19.96
CA GLY D 67 -11.45 138.03 23.63
CA ARG D 68 -13.16 134.92 25.17
CA VAL D 69 -11.29 131.75 23.96
CA THR D 70 -7.88 130.53 25.32
CA PHE D 71 -5.74 127.51 24.13
CA THR D 72 -3.11 125.89 26.37
CA ARG D 73 -1.04 122.66 26.19
CA ASP D 74 0.63 120.73 29.05
CA THR D 75 3.47 119.17 27.05
CA SER D 76 4.53 116.78 29.94
CA ALA D 77 0.95 115.41 30.56
CA THR D 78 0.42 115.43 26.76
CA THR D 79 -2.93 117.27 27.11
CA ALA D 80 -4.26 120.36 25.30
CA TYR D 81 -7.08 122.54 26.75
CA MET D 82 -9.51 125.11 25.47
CA GLY D 83 -10.95 127.69 27.89
CA LEU D 84 -14.24 129.40 26.86
CA SER D 85 -15.29 132.42 29.01
CA SER D 86 -18.54 134.46 29.35
CA LEU D 87 -20.78 131.50 28.48
CA ARG D 88 -24.07 132.28 26.73
CA PRO D 89 -26.96 129.74 26.16
CA GLU D 90 -25.90 129.50 22.42
CA ASP D 91 -22.53 127.96 23.52
CA THR D 92 -24.51 124.72 24.23
CA ALA D 93 -22.71 122.46 21.75
CA VAL D 94 -20.40 119.43 21.39
CA TYR D 95 -16.72 120.57 21.55
CA TYR D 96 -14.26 118.40 19.60
CA CYS D 97 -10.51 118.54 19.47
CA ALA D 98 -9.12 117.14 16.17
CA ARG D 99 -5.57 116.54 14.93
CA ASP D 100 -3.66 118.63 12.33
CA PRO D 101 -1.61 115.89 10.48
CA TYR D 102 1.16 118.40 9.51
CA GLY D 103 1.59 120.90 12.44
CA GLY D 104 1.03 124.03 10.24
CA GLY D 105 -2.50 125.20 11.27
CA LYS D 106 -4.35 124.90 7.93
CA SER D 107 -5.27 121.29 7.23
CA GLU D 108 -7.95 118.61 7.02
CA PHE D 109 -8.34 116.84 10.45
CA ASP D 110 -7.35 113.10 10.44
CA TYR D 111 -8.13 112.06 14.11
CA TRP D 112 -11.00 113.46 16.15
CA GLY D 113 -11.63 113.32 19.89
CA GLN D 114 -15.08 111.99 20.95
CA GLY D 115 -16.68 115.35 21.90
CA THR D 116 -17.71 116.93 25.22
CA LEU D 117 -21.18 118.41 25.41
CA VAL D 118 -21.19 121.68 27.38
CA THR D 119 -24.72 122.76 28.25
CA VAL D 120 -25.16 126.40 29.36
CA SER D 121 -28.17 126.64 31.79
CA SER D 122 -29.73 128.05 35.02
CA ALA D 123 -33.01 125.99 34.72
CA SER D 124 -31.61 123.72 37.38
CA PRO D 125 -29.46 120.57 36.72
CA THR D 126 -31.30 117.33 37.76
CA SER D 127 -29.87 113.74 37.77
CA PRO D 128 -31.90 110.89 36.08
CA LYS D 129 -33.99 108.42 38.13
CA VAL D 130 -33.65 104.98 36.51
CA PHE D 131 -36.69 102.62 36.55
CA PRO D 132 -37.01 98.99 35.32
CA LEU D 133 -39.29 98.09 32.38
CA SER D 134 -40.10 94.33 32.74
CA LEU D 135 -43.11 91.98 32.19
CA CYS D 136 -44.06 88.84 34.20
CA SER D 137 -46.15 86.64 31.75
CA THR D 138 -47.47 89.76 29.85
CA GLN D 139 -44.96 89.46 26.90
CA PRO D 140 -45.50 86.95 23.97
CA ASP D 141 -44.09 83.35 24.41
CA GLY D 142 -40.72 83.27 22.50
CA ASN D 143 -38.91 86.68 22.70
CA VAL D 144 -38.27 88.98 25.72
CA VAL D 145 -38.27 92.84 25.79
CA ILE D 146 -36.81 94.49 28.92
CA ALA D 147 -35.79 98.11 29.33
CA CYS D 148 -34.62 101.00 31.56
CA LEU D 149 -36.61 104.27 31.75
CA VAL D 150 -34.00 107.09 32.38
CA GLN D 151 -36.39 109.73 33.77
CA GLY D 152 -36.47 113.44 34.71
CA PHE D 153 -32.97 114.75 33.92
CA PHE D 154 -31.56 118.15 32.80
CA PRO D 155 -29.63 119.08 30.81
CA GLN D 156 -29.64 116.47 27.92
CA GLU D 157 -25.79 115.80 27.82
CA PRO D 158 -24.20 112.50 26.47
CA LEU D 159 -26.01 109.48 28.00
CA SER D 160 -23.94 106.22 27.77
CA VAL D 161 -26.28 103.19 28.15
CA THR D 162 -24.69 99.72 28.15
CA TRP D 163 -26.40 96.33 28.94
CA SER D 164 -24.71 93.30 30.71
CA GLU D 165 -25.71 90.80 27.93
CA SER D 166 -24.45 91.12 24.27
CA GLY D 167 -24.78 88.69 21.29
CA GLN D 168 -26.03 87.92 17.71
CA GLY D 169 -29.84 87.94 18.41
CA VAL D 170 -29.73 90.45 21.36
CA THR D 171 -30.71 93.94 19.99
CA ALA D 172 -30.21 97.18 21.97
CA ARG D 173 -32.31 100.26 21.04
CA ASN D 174 -31.34 103.59 22.67
CA PHE D 175 -34.31 106.03 22.15
CA PRO D 176 -33.20 109.75 21.75
CA PRO D 177 -34.04 112.23 24.62
CA SER D 178 -37.63 113.61 24.57
CA GLN D 179 -38.29 116.96 26.32
CA ASP D 180 -41.36 117.52 28.65
CA ALA D 181 -42.98 121.04 28.20
CA SER D 182 -40.74 124.23 28.02
CA GLY D 183 -37.28 122.78 28.87
CA ASP D 184 -38.52 121.34 32.26
CA LEU D 185 -37.25 117.68 32.21
CA TYR D 186 -35.81 115.21 29.60
CA THR D 187 -36.70 111.43 29.51
CA THR D 188 -34.99 108.63 27.43
CA SER D 189 -35.72 104.86 27.33
CA SER D 190 -33.10 102.09 26.58
CA GLN D 191 -34.63 98.75 25.35
CA LEU D 192 -32.98 95.26 25.15
CA THR D 193 -34.82 92.72 22.88
CA LEU D 194 -33.42 89.12 23.28
CA PRO D 195 -34.70 85.46 22.84
CA ALA D 196 -36.65 83.98 25.85
CA THR D 197 -34.08 81.09 26.07
CA GLN D 198 -31.37 83.82 26.67
CA CYS D 199 -33.50 85.63 29.36
CA LEU D 200 -35.15 82.91 31.57
CA ALA D 201 -37.58 83.54 34.53
CA GLY D 202 -35.73 84.33 37.83
CA LYS D 203 -32.65 85.73 35.97
CA SER D 204 -31.75 89.46 35.43
CA VAL D 205 -29.81 91.72 32.96
CA THR D 206 -27.97 94.85 34.27
CA CYS D 207 -28.41 98.25 32.54
CA HIS D 208 -25.42 100.64 33.11
CA VAL D 209 -26.28 104.36 32.65
CA LYS D 210 -23.58 107.10 32.55
CA HIS D 211 -24.92 110.71 32.45
CA TYR D 212 -21.92 113.10 31.46
CA THR D 213 -18.77 112.66 33.64
CA ASN D 214 -20.91 111.54 36.65
CA PRO D 215 -20.52 108.03 38.28
CA SER D 216 -22.32 105.07 36.56
CA GLN D 217 -25.90 104.33 37.77
CA ASP D 218 -26.64 100.56 37.57
CA VAL D 219 -30.06 98.78 37.63
CA THR D 220 -30.65 95.01 37.68
CA VAL D 221 -33.79 94.49 35.50
CA PRO D 222 -35.72 91.13 35.71
CA CYS D 223 -35.61 89.91 33.96
CA PRO D 224 -35.78 89.04 32.36
CA VAL D 225 -38.06 88.68 29.37
CA PRO D 226 -35.48 86.81 26.95
CA SER D 227 -33.05 89.22 24.90
CA THR D 228 -30.54 87.38 22.52
CA PRO D 229 -28.64 88.01 19.03
CA PRO D 230 -30.36 85.56 16.27
CA THR D 231 -29.41 84.73 12.60
CA PRO D 232 -32.34 84.48 9.88
CA SER D 233 -32.38 84.61 5.97
CA PRO D 234 -35.14 86.73 4.08
CA SER D 235 -34.85 84.38 0.99
CA THR D 236 -36.75 81.56 -1.30
CA PRO D 237 -35.46 77.75 -1.57
CA PRO D 238 -35.65 76.03 -5.26
CA THR D 239 -36.72 72.34 -5.71
CA PRO D 240 -36.22 72.03 -9.57
CA SER D 241 -37.35 69.87 -12.77
CA PRO D 242 -34.50 67.71 -14.52
CA SER D 243 -33.69 66.11 -17.88
CA CYS D 244 -32.30 62.93 -18.17
CA CYS D 245 -30.41 59.70 -19.50
CA HIS D 246 -30.11 57.97 -22.90
CA PRO D 247 -31.73 54.68 -24.34
CA ARG D 248 -29.26 51.80 -25.14
CA LEU D 249 -29.86 49.13 -27.89
CA SER D 250 -28.10 45.72 -27.28
CA LEU D 251 -28.07 42.46 -29.36
CA HIS D 252 -27.29 39.22 -27.40
CA ARG D 253 -26.30 36.33 -29.80
CA PRO D 254 -27.51 32.63 -29.65
CA ALA D 255 -25.41 30.13 -27.52
CA LEU D 256 -23.07 27.61 -29.35
CA GLU D 257 -24.08 24.40 -27.40
CA ASP D 258 -27.91 24.93 -27.81
CA LEU D 259 -27.77 25.77 -31.59
CA LEU D 260 -25.50 22.68 -32.28
CA LEU D 261 -27.37 20.14 -30.01
CA GLY D 262 -30.99 20.15 -31.39
CA SER D 263 -31.20 23.45 -33.46
CA GLU D 264 -32.14 25.76 -30.49
CA ALA D 265 -31.01 29.39 -31.25
CA ASN D 266 -32.65 32.75 -30.33
CA LEU D 267 -31.14 36.14 -31.30
CA THR D 268 -32.27 38.53 -28.57
CA CYS D 269 -32.91 42.29 -28.98
CA THR D 270 -32.85 44.47 -25.84
CA LEU D 271 -33.77 48.23 -25.75
CA THR D 272 -32.44 49.71 -22.46
CA GLY D 273 -32.88 53.50 -21.77
CA LEU D 274 -36.37 54.38 -23.20
CA ARG D 275 -37.57 57.24 -20.81
CA ASP D 276 -41.14 57.78 -19.31
CA ALA D 277 -44.52 57.49 -21.29
CA SER D 278 -43.15 55.36 -24.14
CA GLY D 279 -43.26 52.28 -26.50
CA VAL D 280 -40.80 50.49 -28.88
CA THR D 281 -41.59 49.13 -32.42
CA PHE D 282 -39.41 46.22 -33.63
CA THR D 283 -38.55 45.24 -37.27
CA TRP D 284 -36.63 41.87 -37.57
CA THR D 285 -35.30 40.35 -40.86
CA PRO D 286 -36.62 36.73 -41.41
CA SER D 287 -34.29 33.65 -41.09
CA SER D 288 -33.33 31.79 -44.37
CA GLY D 289 -36.37 29.38 -44.65
CA LYS D 290 -38.89 32.35 -44.79
CA SER D 291 -39.34 32.61 -40.95
CA ALA D 292 -39.98 35.77 -38.80
CA VAL D 293 -41.51 35.16 -35.27
CA GLN D 294 -41.30 37.69 -32.31
CA GLY D 295 -42.53 38.29 -28.66
CA PRO D 296 -41.93 41.83 -27.18
CA PRO D 297 -42.81 42.65 -23.47
CA GLU D 298 -42.05 46.07 -21.77
CA ARG D 299 -40.09 45.65 -18.49
CA ASP D 300 -39.23 48.64 -16.18
CA LEU D 301 -35.52 48.02 -15.16
CA CYS D 302 -33.70 50.41 -12.68
CA GLY D 303 -36.57 52.94 -13.09
CA CYS D 304 -37.19 52.94 -16.93
CA TYR D 305 -38.76 50.75 -19.74
CA SER D 306 -36.91 47.97 -21.72
CA VAL D 307 -38.56 46.40 -24.86
CA SER D 308 -36.86 42.99 -25.06
CA SER D 309 -37.97 41.08 -28.16
CA VAL D 310 -36.70 37.60 -29.24
CA LEU D 311 -36.46 35.95 -32.73
CA PRO D 312 -36.24 32.07 -32.61
CA GLY D 313 -33.82 30.64 -35.26
CA CYS D 314 -32.67 27.34 -36.85
CA ALA D 315 -29.04 25.98 -37.02
CA GLU D 316 -28.70 26.22 -40.91
CA PRO D 317 -29.01 30.12 -41.26
CA TRP D 318 -26.44 30.58 -38.39
CA ASN D 319 -23.99 27.85 -39.74
CA HIS D 320 -24.24 28.82 -43.51
CA GLY D 321 -24.06 32.69 -43.11
CA LYS D 322 -27.23 34.81 -42.46
CA THR D 323 -27.37 38.52 -41.31
CA PHE D 324 -29.96 39.13 -38.52
CA THR D 325 -31.11 42.77 -38.33
CA CYS D 326 -33.10 44.16 -35.37
CA THR D 327 -34.33 47.61 -36.44
CA ALA D 328 -36.14 49.49 -33.66
CA ALA D 329 -38.23 52.71 -34.19
CA TYR D 330 -39.30 55.27 -31.45
CA PRO D 331 -40.32 59.03 -31.90
CA GLU D 332 -37.71 60.48 -29.40
CA SER D 333 -34.98 58.42 -31.25
CA LYS D 334 -34.81 60.61 -34.47
CA THR D 335 -32.79 57.91 -36.35
CA PRO D 336 -34.45 54.41 -35.94
CA LEU D 337 -31.65 52.09 -34.61
CA THR D 338 -30.56 49.17 -36.77
CA ALA D 339 -28.27 46.44 -35.25
CA THR D 340 -27.20 43.49 -37.48
CA LEU D 341 -25.58 40.20 -36.40
CA SER D 342 -24.14 37.03 -38.18
CA LYS D 343 -21.25 34.42 -38.20
CA SER D 344 -17.50 35.45 -38.18
CA GLY D 345 -14.69 35.78 -40.83
CA ASN D 346 -13.39 33.78 -43.89
CA THR D 347 -13.13 29.90 -43.67
CA PHE D 348 -10.02 27.60 -43.19
CA ARG D 349 -9.87 23.72 -43.35
CA PRO D 350 -9.02 22.03 -39.94
CA GLU D 351 -5.81 19.93 -39.90
CA VAL D 352 -6.62 16.86 -37.70
CA HIS D 353 -3.61 14.89 -36.27
CA LEU D 354 -4.19 12.00 -33.78
CA LEU D 355 -1.48 11.57 -31.11
CA PRO D 356 -0.94 8.26 -29.18
CA PRO D 357 -0.05 8.35 -25.42
CA PRO D 358 3.46 9.18 -24.10
CA SER D 359 5.72 6.20 -23.10
CA GLU D 360 5.66 7.35 -19.39
CA GLU D 361 1.77 7.38 -19.31
CA LEU D 362 1.87 3.58 -20.02
CA ALA D 363 3.27 3.30 -16.43
CA LEU D 364 -0.31 4.51 -15.50
CA ASN D 365 -3.42 2.18 -15.62
CA GLU D 366 -7.16 3.25 -15.54
CA LEU D 367 -6.96 6.03 -18.22
CA VAL D 368 -4.67 6.21 -21.33
CA THR D 369 -4.61 9.68 -22.80
CA LEU D 370 -5.59 9.54 -26.53
CA THR D 371 -5.18 13.05 -27.99
CA CYS D 372 -6.39 14.61 -31.26
CA LEU D 373 -5.13 18.07 -32.31
CA ALA D 374 -7.48 20.10 -34.58
CA ARG D 375 -5.42 23.12 -35.77
CA GLY D 376 -5.43 26.01 -38.31
CA PHE D 377 -9.27 26.16 -38.52
CA SER D 378 -11.70 29.15 -38.94
CA PRO D 379 -14.25 30.16 -37.92
CA LYS D 380 -14.06 28.75 -34.32
CA ASP D 381 -17.30 26.89 -35.02
CA VAL D 382 -16.45 23.11 -34.84
CA LEU D 383 -17.70 19.73 -33.41
CA VAL D 384 -15.24 17.04 -32.31
CA ARG D 385 -16.39 13.54 -31.16
CA TRP D 386 -14.70 10.17 -30.47
CA LEU D 387 -15.61 6.61 -31.62
CA GLN D 388 -14.58 3.07 -30.57
CA GLY D 389 -13.78 0.66 -33.48
CA SER D 390 -13.75 -2.46 -31.19
CA GLN D 391 -17.51 -2.16 -30.22
CA GLU D 392 -18.72 -0.10 -33.29
CA LEU D 393 -20.02 2.60 -30.86
CA PRO D 394 -19.47 6.26 -29.78
CA ARG D 395 -17.26 6.80 -26.68
CA GLU D 396 -17.92 8.45 -23.28
CA LYS D 397 -14.74 9.38 -21.36
CA TYR D 398 -13.56 12.36 -23.45
CA LEU D 399 -13.12 16.11 -22.87
CA THR D 400 -12.49 18.95 -25.45
CA TRP D 401 -10.78 22.31 -24.54
CA ALA D 402 -10.35 25.62 -26.60
CA SER D 403 -7.76 28.13 -28.08
CA ARG D 404 -8.47 31.12 -30.46
CA GLN D 405 -5.01 32.29 -31.77
CA GLU D 406 -4.62 36.13 -32.24
CA PRO D 407 -1.29 38.07 -31.75
CA SER D 408 -0.36 41.62 -33.07
CA GLN D 409 0.13 40.31 -36.69
CA GLY D 410 -2.32 39.23 -39.48
CA THR D 411 -2.09 35.53 -38.37
CA THR D 412 -5.47 34.56 -36.71
CA THR D 413 -6.92 30.93 -36.83
CA PHE D 414 -7.96 28.46 -33.98
CA ALA D 415 -6.60 25.28 -32.35
CA VAL D 416 -8.15 22.72 -29.91
CA THR D 417 -6.99 19.47 -28.30
CA SER D 418 -9.52 16.68 -27.49
CA ILE D 419 -8.64 14.10 -24.80
CA LEU D 420 -10.14 10.53 -24.90
CA ARG D 421 -9.16 8.61 -21.75
CA VAL D 422 -9.10 4.73 -22.05
CA ALA D 423 -8.01 1.65 -20.02
CA ALA D 424 -4.29 0.82 -20.76
CA GLU D 425 -5.38 -2.74 -21.77
CA ASP D 426 -7.83 -1.85 -24.67
CA TRP D 427 -5.18 0.31 -26.41
CA LYS D 428 -2.77 -2.72 -26.11
CA LYS D 429 -5.57 -5.13 -27.25
CA GLY D 430 -5.04 -3.30 -30.61
CA ASP D 431 -8.24 -1.22 -30.64
CA THR D 432 -8.81 1.52 -33.24
CA PHE D 433 -10.18 4.80 -31.78
CA SER D 434 -11.20 7.61 -34.19
CA CYS D 435 -11.53 11.37 -33.67
CA MET D 436 -14.37 12.74 -35.89
CA VAL D 437 -14.18 16.50 -36.70
CA GLY D 438 -17.10 18.43 -38.28
CA HIS D 439 -16.42 21.91 -39.68
CA GLU D 440 -17.72 24.38 -42.38
CA ALA D 441 -14.51 23.96 -44.54
CA LEU D 442 -14.21 20.10 -44.38
CA PRO D 443 -14.85 18.16 -47.70
CA LEU D 444 -18.23 16.56 -46.71
CA ALA D 445 -18.43 18.82 -43.58
CA PHE D 446 -16.87 15.77 -41.87
CA THR D 447 -13.42 14.16 -41.52
CA GLN D 448 -12.26 11.32 -39.23
CA LYS D 449 -8.61 10.49 -38.31
CA THR D 450 -7.82 7.16 -36.57
CA ILE D 451 -5.49 5.93 -33.72
CA ASP D 452 -4.41 2.34 -32.86
CA ARG D 453 -1.45 0.51 -31.14
CA LEU D 454 -0.59 -0.75 -34.73
CA ALA D 455 2.08 1.25 -36.69
CA GLY D 456 3.01 0.14 -40.28
CA LYS D 457 5.86 2.34 -41.65
CA PRO D 458 4.95 2.72 -45.37
CA THR D 459 3.79 5.23 -43.67
CA HIS D 460 0.63 6.69 -41.94
CA VAL D 461 -2.41 5.34 -44.01
CA ASN D 462 -6.19 4.97 -43.15
CA VAL D 463 -9.05 2.27 -42.93
CA SER D 464 -10.93 0.89 -46.05
CA VAL D 465 -14.36 1.94 -47.63
CA VAL D 466 -17.14 0.87 -45.14
CA MET D 467 -20.64 1.18 -46.79
CA ALA D 468 -22.00 1.62 -50.43
CA GLU D 469 -24.60 2.68 -51.92
CA VAL D 470 -27.68 3.94 -49.83
CA ASP D 471 -26.53 7.63 -49.77
CA GLY D 472 -29.63 9.44 -48.28
CA THR D 473 -31.02 10.97 -51.55
CA CYS D 474 -31.14 7.55 -53.36
CA TYR D 475 -32.26 5.36 -50.32
CA GLU E 1 22.43 -79.47 79.27
CA LEU E 2 20.55 -79.31 75.97
CA VAL E 3 22.59 -81.09 73.36
CA MET E 4 23.05 -79.49 69.91
CA THR E 5 24.03 -81.96 67.17
CA GLN E 6 25.05 -80.80 63.68
CA SER E 7 24.85 -82.79 60.52
CA PRO E 8 27.17 -83.30 58.63
CA SER E 9 30.60 -82.80 60.13
CA SER E 10 32.17 -82.00 56.72
CA LEU E 11 30.97 -81.20 53.20
CA SER E 12 32.85 -80.32 50.01
CA ALA E 13 30.79 -78.60 47.31
CA SER E 14 31.53 -76.55 44.19
CA VAL E 15 30.91 -72.83 43.98
CA GLY E 16 27.34 -72.14 42.90
CA ASP E 17 26.07 -75.19 44.77
CA ARG E 18 23.38 -74.89 47.39
CA VAL E 19 24.40 -76.35 50.77
CA ASN E 20 22.16 -77.13 53.79
CA ILE E 21 23.59 -77.87 57.34
CA ALA E 22 21.21 -79.28 59.97
CA CYS E 23 21.28 -78.79 63.74
CA ARG E 24 19.08 -80.72 66.22
CA ALA E 25 18.21 -79.63 69.69
CA SER E 26 17.76 -82.65 72.07
CA GLN E 27 14.50 -80.89 73.07
CA GLY E 28 12.43 -77.86 72.00
CA ILE E 29 14.09 -74.43 71.98
CA SER E 30 11.44 -72.48 70.04
CA SER E 31 13.48 -70.05 67.89
CA ALA E 32 16.44 -69.51 70.19
CA LEU E 33 19.10 -70.56 67.81
CA ALA E 34 21.99 -68.49 66.43
CA TRP E 35 24.47 -69.62 63.64
CA TYR E 36 28.19 -68.57 63.54
CA GLN E 37 30.84 -68.68 60.87
CA GLN E 38 34.45 -69.21 62.01
CA LYS E 39 37.27 -68.90 59.50
CA PRO E 40 40.17 -70.99 60.72
CA GLY E 41 42.13 -69.02 63.32
CA LYS E 42 39.65 -66.28 63.96
CA ALA E 43 36.98 -65.26 66.26
CA PRO E 44 33.52 -66.66 65.37
CA ARG E 45 31.07 -64.31 63.53
CA LEU E 46 27.30 -64.03 63.87
CA LEU E 47 25.29 -64.77 60.71
CA ILE E 48 21.79 -65.56 61.95
CA TYR E 49 19.96 -65.08 65.31
CA ASP E 50 16.40 -66.17 66.34
CA ALA E 51 16.65 -69.08 63.80
CA SER E 52 16.01 -66.87 60.79
CA ASN E 53 17.08 -63.20 61.25
CA LEU E 54 20.25 -62.21 59.28
CA GLU E 55 22.61 -60.02 61.19
CA SER E 56 23.28 -56.62 59.47
CA GLY E 57 26.02 -56.82 56.77
CA VAL E 58 25.75 -60.67 56.24
CA PRO E 59 25.28 -61.59 52.55
CA SER E 60 21.77 -62.32 51.40
CA ARG E 61 22.83 -65.87 50.27
CA PHE E 62 22.75 -67.05 53.91
CA SER E 63 19.30 -68.03 55.27
CA GLY E 64 18.13 -70.11 58.28
CA SER E 65 14.94 -71.99 59.14
CA GLY E 66 13.42 -74.23 61.82
CA SER E 67 11.54 -74.03 65.05
CA GLY E 68 11.27 -76.40 67.97
CA THR E 69 13.99 -78.94 67.51
CA ASP E 70 15.25 -78.95 63.86
CA PHE E 71 17.04 -76.00 62.27
CA THR E 72 18.68 -75.54 58.78
CA LEU E 73 21.25 -73.02 57.56
CA THR E 74 21.25 -72.75 53.69
CA ILE E 75 24.03 -71.09 51.65
CA SER E 76 22.27 -70.67 48.32
CA SER E 77 25.28 -70.16 46.00
CA LEU E 78 28.50 -71.26 47.68
CA GLN E 79 31.37 -68.85 47.12
CA PRO E 80 35.26 -69.47 47.87
CA GLU E 81 35.14 -67.09 50.77
CA ASP E 82 32.55 -69.35 52.43
CA PHE E 83 35.22 -71.87 53.51
CA ALA E 84 34.78 -72.02 57.29
CA ILE E 85 33.48 -74.11 60.23
CA TYR E 86 29.81 -73.28 60.95
CA TYR E 87 28.27 -73.62 64.55
CA CYS E 88 24.78 -73.44 65.92
CA GLN E 89 24.22 -72.36 69.53
CA GLN E 90 20.98 -72.50 71.66
CA PHE E 91 20.07 -69.76 74.19
CA ASN E 92 16.81 -71.11 75.47
CA SER E 93 18.41 -72.71 78.54
CA TYR E 94 21.55 -72.37 80.66
CA PRO E 95 24.29 -73.75 80.08
CA LEU E 96 24.22 -72.15 76.69
CA THR E 97 25.50 -74.85 74.29
CA PHE E 98 27.10 -75.12 70.87
CA GLY E 99 26.89 -77.78 68.25
CA GLY E 100 29.99 -79.64 67.09
CA GLY E 101 30.68 -77.83 63.74
CA THR E 102 30.26 -78.42 60.03
CA LYS E 103 33.46 -77.72 58.08
CA VAL E 104 32.70 -76.61 54.51
CA GLU E 105 35.60 -77.04 52.03
CA ILE E 106 35.36 -75.77 48.38
CA LYS E 107 35.71 -78.24 45.42
CA ARG E 108 37.56 -76.91 42.34
CA THR E 109 39.73 -78.00 39.37
CA VAL E 110 43.18 -79.59 39.91
CA ALA E 111 46.07 -77.22 40.19
CA ALA E 112 49.62 -78.48 40.10
CA PRO E 113 52.01 -77.13 42.67
CA SER E 114 54.97 -74.77 42.23
CA VAL E 115 57.87 -76.46 44.06
CA PHE E 116 60.75 -74.67 45.77
CA ILE E 117 63.64 -75.99 47.88
CA PHE E 118 65.74 -73.98 50.36
CA PRO E 119 69.18 -74.90 51.82
CA PRO E 120 70.07 -74.32 55.57
CA SER E 121 71.10 -70.75 56.24
CA ASP E 122 74.62 -69.99 57.44
CA GLU E 123 73.80 -68.89 60.94
CA GLN E 124 71.66 -71.94 61.33
CA LEU E 125 74.63 -74.29 60.57
CA LYS E 126 76.52 -72.15 63.19
CA SER E 127 74.14 -73.63 65.87
CA GLY E 128 75.02 -77.19 64.83
CA THR E 129 71.61 -77.92 63.01
CA ALA E 130 70.42 -77.81 59.44
CA SER E 131 66.79 -77.49 58.30
CA VAL E 132 66.10 -78.03 54.59
CA VAL E 133 62.64 -76.80 53.41
CA CYS E 134 60.67 -77.89 50.34
CA LEU E 135 57.65 -75.71 49.42
CA LEU E 136 54.71 -76.83 47.28
CA ASN E 137 52.75 -73.66 46.58
CA ASN E 138 49.14 -73.35 45.54
CA PHE E 139 47.65 -76.64 44.59
CA TYR E 140 44.34 -78.51 44.53
CA PRO E 141 43.36 -81.29 45.72
CA ARG E 142 45.22 -81.35 49.07
CA GLU E 143 46.77 -84.81 48.65
CA ALA E 144 50.44 -84.71 47.56
CA LYS E 145 53.53 -86.79 48.48
CA VAL E 146 56.98 -85.30 49.29
CA GLN E 147 59.98 -87.63 49.34
CA TRP E 148 63.44 -86.56 50.46
CA LYS E 149 66.52 -88.19 48.96
CA VAL E 150 70.02 -87.29 50.21
CA ASP E 151 72.82 -88.72 47.98
CA ASN E 152 70.29 -89.82 45.42
CA ALA E 153 67.97 -92.70 46.43
CA LEU E 154 69.09 -92.68 50.07
CA GLN E 155 65.63 -91.41 50.64
CA SER E 156 64.82 -90.57 54.19
CA GLY E 157 62.21 -90.79 57.06
CA ASN E 158 63.06 -87.66 59.38
CA SER E 159 60.84 -84.84 58.01
CA GLN E 160 57.75 -82.95 59.23
CA GLU E 161 54.96 -81.36 57.14
CA SER E 162 52.56 -78.44 57.50
CA VAL E 163 49.62 -77.62 55.18
CA THR E 164 47.79 -74.33 55.21
CA GLU E 165 43.92 -74.13 55.25
CA GLN E 166 42.06 -73.46 51.98
CA ASP E 167 42.60 -70.02 50.54
CA SER E 168 39.39 -67.97 50.42
CA LYS E 169 40.32 -66.48 47.06
CA ASP E 170 41.42 -69.43 44.89
CA SER E 171 40.68 -72.54 47.02
CA THR E 172 44.23 -73.93 47.07
CA TYR E 173 46.55 -75.31 49.75
CA SER E 174 50.28 -74.81 50.17
CA LEU E 175 52.56 -77.27 52.04
CA SER E 176 56.06 -77.31 53.59
CA SER E 177 58.23 -80.26 54.40
CA THR E 178 61.18 -79.61 56.70
CA LEU E 179 64.00 -82.11 56.79
CA THR E 180 66.14 -81.63 59.90
CA LEU E 181 69.60 -83.08 60.35
CA SER E 182 72.62 -82.12 62.43
CA LYS E 183 75.42 -79.86 60.94
CA ALA E 184 77.67 -82.99 60.83
CA ASP E 185 75.03 -85.11 59.06
CA TYR E 186 74.44 -82.39 56.51
CA GLU E 187 78.26 -81.98 56.06
CA LYS E 188 78.65 -85.45 54.76
CA HIS E 189 76.19 -85.57 51.91
CA LYS E 190 76.06 -83.38 48.78
CA VAL E 191 72.83 -83.86 46.68
CA TYR E 192 69.70 -82.90 48.65
CA ALA E 193 66.43 -83.40 46.78
CA CYS E 194 62.68 -82.99 47.19
CA GLU E 195 60.52 -85.25 44.94
CA VAL E 196 56.85 -84.35 44.55
CA THR E 197 53.87 -86.37 43.44
CA HIS E 198 50.47 -84.75 42.93
CA GLN E 199 47.58 -85.27 40.45
CA GLY E 200 48.13 -82.07 38.40
CA LEU E 201 51.73 -82.91 37.47
CA SER E 202 52.45 -85.22 34.49
CA SER E 203 55.63 -86.56 36.09
CA PRO E 204 57.05 -86.50 39.69
CA VAL E 205 58.97 -83.23 40.17
CA THR E 206 62.43 -82.98 41.77
CA LYS E 207 64.14 -79.86 43.11
CA SER E 208 67.71 -80.53 44.21
CA PHE E 209 70.76 -78.58 45.26
CA ASN E 210 74.39 -79.37 45.88
CA ARG E 211 75.93 -78.73 49.32
CA GLY E 212 78.31 -75.88 48.36
CA GLU E 213 75.89 -73.27 46.79
CA CYS E 214 76.96 -69.89 45.22
CA GLU F 1 95.16 -106.39 -27.97
CA LEU F 2 94.92 -102.75 -26.97
CA VAL F 3 93.52 -102.56 -23.47
CA MET F 4 90.78 -100.02 -22.66
CA THR F 5 90.47 -99.20 -18.96
CA GLN F 6 87.59 -97.09 -17.59
CA SER F 7 87.59 -95.10 -14.42
CA PRO F 8 85.56 -95.34 -12.20
CA SER F 9 83.60 -98.58 -12.18
CA SER F 10 80.61 -96.95 -10.39
CA LEU F 11 79.42 -93.46 -9.53
CA SER F 12 76.27 -92.19 -7.80
CA ALA F 13 75.45 -88.51 -8.38
CA SER F 14 72.38 -86.30 -7.99
CA VAL F 15 70.43 -84.95 -10.93
CA GLY F 16 71.94 -81.69 -12.12
CA ASP F 17 75.45 -82.86 -11.26
CA ARG F 18 78.17 -82.94 -13.87
CA VAL F 19 79.83 -86.36 -14.22
CA ASN F 20 83.07 -87.25 -16.05
CA ILE F 21 84.08 -90.91 -16.90
CA ALA F 22 87.66 -91.57 -18.08
CA CYS F 23 88.91 -94.24 -20.48
CA ARG F 24 92.61 -95.00 -21.11
CA ALA F 25 94.01 -96.72 -24.14
CA SER F 26 97.16 -98.80 -23.29
CA GLN F 27 98.69 -97.01 -26.33
CA GLY F 28 97.78 -94.23 -28.79
CA ILE F 29 94.56 -94.59 -30.80
CA SER F 30 94.33 -91.02 -32.18
CA SER F 31 90.56 -90.27 -32.15
CA ALA F 32 89.22 -93.77 -32.77
CA LEU F 33 87.07 -94.01 -29.73
CA ALA F 34 83.29 -94.47 -29.55
CA TRP F 35 81.14 -94.32 -26.29
CA TYR F 36 77.97 -96.46 -25.74
CA GLN F 37 75.13 -96.27 -23.27
CA GLN F 38 73.53 -99.58 -22.22
CA LYS F 39 70.39 -99.54 -20.10
CA PRO F 40 70.23 -102.77 -18.15
CA GLY F 41 68.84 -105.52 -20.36
CA LYS F 42 69.09 -103.78 -23.69
CA ALA F 43 71.24 -103.47 -26.65
CA PRO F 44 74.01 -100.86 -26.32
CA ARG F 45 73.44 -97.42 -27.97
CA LEU F 46 75.94 -95.14 -29.70
CA LEU F 47 76.38 -91.70 -28.13
CA ILE F 48 79.72 -90.47 -29.43
CA TYR F 49 82.09 -91.61 -32.27
CA ASP F 50 85.57 -90.25 -33.23
CA ALA F 51 86.10 -89.19 -29.56
CA SER F 52 83.91 -86.12 -29.83
CA ASN F 53 81.15 -86.37 -32.51
CA LEU F 54 77.59 -86.81 -31.09
CA GLU F 55 75.48 -89.28 -32.96
CA SER F 56 72.24 -87.74 -34.39
CA GLY F 57 69.38 -87.62 -31.81
CA VAL F 58 71.68 -87.89 -28.68
CA PRO F 59 70.98 -85.09 -26.14
CA SER F 60 73.28 -82.10 -26.20
CA ARG F 61 74.26 -82.75 -22.50
CA PHE F 62 76.58 -85.58 -23.61
CA SER F 63 80.07 -84.53 -24.80
CA GLY F 64 83.40 -86.37 -25.25
CA SER F 65 87.05 -85.31 -25.42
CA GLY F 66 90.56 -86.74 -25.68
CA SER F 67 93.07 -87.80 -28.26
CA GLY F 68 95.94 -90.25 -28.13
CA THR F 69 95.48 -92.24 -24.97
CA ASP F 70 93.09 -90.42 -22.55
CA PHE F 71 89.41 -89.80 -23.31
CA THR F 72 86.55 -88.26 -21.18
CA LEU F 73 82.79 -88.52 -21.54
CA THR F 74 80.96 -85.66 -19.67
CA ILE F 75 77.23 -85.64 -18.84
CA SER F 76 76.74 -81.99 -17.97
CA SER F 77 73.42 -82.16 -16.06
CA LEU F 78 72.66 -85.72 -14.99
CA GLN F 79 69.04 -86.68 -15.51
CA PRO F 80 67.14 -89.92 -14.07
CA GLU F 81 66.99 -91.43 -17.51
CA ASP F 82 70.80 -91.42 -17.60
CA PHE F 83 71.02 -94.49 -15.31
CA ALA F 84 73.02 -96.97 -17.40
CA ILE F 85 76.40 -98.69 -17.85
CA TYR F 86 78.65 -96.63 -20.18
CA TYR F 87 81.43 -98.30 -22.40
CA CYS F 88 84.24 -96.98 -24.51
CA GLN F 89 85.48 -99.01 -27.49
CA GLN F 90 88.63 -98.46 -29.68
CA PHE F 91 88.66 -99.10 -33.46
CA ASN F 92 92.21 -98.19 -34.27
CA SER F 93 93.41 -101.81 -34.14
CA TYR F 94 92.01 -105.32 -34.45
CA PRO F 95 90.77 -107.00 -32.12
CA LEU F 96 88.40 -104.14 -31.51
CA THR F 97 88.18 -103.82 -27.72
CA PHE F 98 85.81 -102.45 -25.08
CA GLY F 99 86.46 -100.97 -21.73
CA GLY F 100 85.03 -102.56 -18.58
CA GLY F 101 82.05 -100.19 -17.90
CA THR F 102 81.11 -97.35 -15.59
CA LYS F 103 77.71 -97.89 -13.94
CA VAL F 104 76.03 -94.57 -13.13
CA GLU F 105 73.29 -94.76 -10.43
CA ILE F 106 71.13 -91.68 -9.50
CA LYS F 107 71.15 -90.29 -5.90
CA ARG F 108 67.78 -88.98 -4.59
CA THR F 109 65.72 -88.49 -1.39
CA VAL F 110 64.63 -91.48 0.76
CA ALA F 111 61.37 -93.06 -0.20
CA ALA F 112 59.73 -95.59 2.07
CA PRO F 113 58.40 -98.74 0.48
CA SER F 114 54.80 -99.85 -0.03
CA VAL F 115 54.66 -103.43 1.29
CA PHE F 116 52.37 -106.19 0.02
CA ILE F 117 52.15 -109.90 0.90
CA PHE F 118 50.56 -112.63 -1.25
CA PRO F 119 49.45 -116.14 -0.12
CA PRO F 120 50.10 -119.33 -2.28
CA SER F 121 47.51 -119.73 -5.01
CA ASP F 122 45.20 -122.75 -5.00
CA GLU F 123 46.57 -124.50 -8.02
CA GLN F 124 50.03 -124.03 -6.66
CA LEU F 125 49.16 -125.94 -3.42
CA LYS F 126 47.69 -128.61 -5.79
CA SER F 127 51.33 -129.32 -6.95
CA GLY F 128 52.48 -129.89 -3.37
CA THR F 129 54.42 -126.49 -3.03
CA ALA F 130 53.63 -123.10 -1.59
CA SER F 131 55.38 -119.83 -2.50
CA VAL F 132 54.59 -116.80 -0.33
CA VAL F 133 55.66 -113.41 -1.84
CA CYS F 134 56.33 -110.13 -0.04
CA LEU F 135 56.63 -107.02 -2.27
CA LEU F 136 58.37 -103.78 -1.29
CA ASN F 137 57.44 -101.32 -4.02
CA ASN F 138 59.22 -98.14 -4.97
CA PHE F 139 61.83 -97.18 -2.46
CA TYR F 140 65.15 -95.36 -2.18
CA PRO F 141 68.03 -96.16 -1.03
CA ARG F 142 68.24 -99.82 -2.16
CA GLU F 143 69.14 -101.28 1.26
CA ALA F 144 66.15 -102.87 3.07
CA LYS F 145 65.75 -106.00 5.25
CA VAL F 146 62.87 -108.53 4.89
CA GLN F 147 62.31 -111.02 7.70
CA TRP F 148 59.82 -113.87 7.50
CA LYS F 149 58.13 -115.16 10.63
CA VAL F 150 55.76 -118.16 10.51
CA ASP F 151 53.82 -118.68 13.78
CA ASN F 152 55.08 -115.41 15.12
CA ALA F 153 58.83 -115.22 15.96
CA LEU F 154 59.62 -118.59 14.36
CA GLN F 155 61.40 -116.47 11.87
CA SER F 156 62.93 -118.35 9.02
CA GLY F 157 66.03 -118.75 6.71
CA ASN F 158 64.55 -120.33 3.37
CA SER F 159 63.72 -117.28 1.17
CA GLN F 160 65.15 -115.74 -2.02
CA GLU F 161 65.16 -112.06 -3.08
CA SER F 162 65.13 -110.13 -6.35
CA VAL F 163 65.61 -106.34 -6.76
CA THR F 164 64.85 -104.47 -9.93
CA GLU F 165 67.32 -101.92 -11.48
CA GLN F 166 66.77 -98.19 -10.86
CA ASP F 167 63.69 -96.78 -12.53
CA SER F 168 64.54 -94.14 -15.15
CA LYS F 169 61.59 -92.00 -14.14
CA ASP F 170 61.72 -91.78 -10.32
CA SER F 171 65.02 -93.50 -9.36
CA THR F 172 63.51 -96.16 -7.08
CA TYR F 173 63.94 -99.91 -6.66
CA SER F 174 61.33 -102.55 -5.96
CA LEU F 175 62.10 -105.92 -4.29
CA SER F 176 60.44 -109.35 -3.86
CA SER F 177 61.14 -111.98 -1.28
CA THR F 178 59.75 -115.45 -1.99
CA LEU F 179 59.44 -117.89 0.86
CA THR F 180 59.02 -121.44 -0.42
CA LEU F 181 57.80 -124.34 1.65
CA SER F 182 56.07 -127.63 0.85
CA LYS F 183 52.18 -127.91 0.93
CA ALA F 184 52.55 -129.96 4.17
CA ASP F 185 54.85 -127.40 5.80
CA TYR F 186 52.51 -124.58 4.91
CA GLU F 187 49.50 -126.68 6.19
CA LYS F 188 50.81 -126.72 9.67
CA HIS F 189 51.31 -123.07 10.45
CA LYS F 190 48.73 -120.25 10.42
CA VAL F 191 50.29 -116.72 10.79
CA TYR F 192 52.63 -115.89 7.88
CA ALA F 193 54.32 -112.50 8.12
CA CYS F 194 56.76 -110.26 6.27
CA GLU F 195 58.62 -107.69 8.46
CA VAL F 196 60.37 -104.81 6.67
CA THR F 197 63.12 -102.47 7.78
CA HIS F 198 64.19 -99.53 5.61
CA GLN F 199 65.39 -95.95 6.34
CA GLY F 200 62.19 -94.14 5.20
CA LEU F 201 59.90 -96.01 7.61
CA SER F 202 59.56 -94.82 11.25
CA SER F 203 58.94 -98.34 12.52
CA PRO F 204 59.47 -101.86 11.02
CA VAL F 205 56.40 -102.77 8.95
CA THR F 206 54.62 -106.15 9.11
CA LYS F 207 52.13 -107.58 6.61
CA SER F 208 50.63 -110.86 7.78
CA PHE F 209 47.86 -113.21 6.80
CA ASN F 210 46.16 -116.20 8.35
CA ARG F 211 46.20 -119.56 6.53
CA GLY F 212 42.47 -119.82 5.72
CA GLU F 213 41.83 -116.55 3.72
CA CYS F 214 38.38 -115.39 2.37
CA GLN G 1 60.98 -101.30 -40.04
CA VAL G 2 59.87 -104.51 -38.27
CA LYS G 3 62.96 -103.45 -36.36
CA LEU G 4 66.03 -102.41 -38.52
CA LEU G 5 68.46 -105.21 -37.58
CA GLU G 6 66.52 -108.19 -36.04
CA GLN G 7 67.91 -111.43 -34.62
CA SER G 8 66.77 -115.08 -34.21
CA GLY G 9 65.71 -115.85 -30.58
CA ALA G 10 67.39 -117.98 -27.95
CA GLU G 11 68.77 -121.01 -27.55
CA VAL G 12 70.02 -123.78 -25.41
CA LYS G 13 72.73 -125.98 -26.91
CA LYS G 14 74.55 -128.93 -25.34
CA PRO G 15 78.38 -128.51 -24.75
CA GLY G 16 80.17 -129.70 -27.95
CA ALA G 17 77.29 -128.66 -30.28
CA SER G 18 77.15 -125.73 -32.73
CA VAL G 19 74.77 -122.72 -32.75
CA LYS G 20 73.73 -120.60 -35.77
CA VAL G 21 72.50 -117.06 -35.02
CA SER G 22 70.85 -114.94 -37.78
CA CYS G 23 70.50 -111.19 -38.24
CA LYS G 24 67.93 -109.90 -40.80
CA ALA G 25 68.49 -106.30 -42.06
CA SER G 26 65.30 -104.31 -43.02
CA GLY G 27 64.84 -100.66 -44.24
CA TYR G 28 68.40 -99.89 -45.49
CA SER G 29 70.42 -101.22 -48.52
CA PHE G 30 71.94 -104.47 -47.09
CA THR G 31 74.98 -104.76 -49.48
CA SER G 32 76.21 -101.14 -48.82
CA TYR G 33 77.37 -101.85 -45.19
CA GLY G 34 79.31 -104.41 -43.15
CA LEU G 35 77.92 -106.19 -40.06
CA HIS G 36 79.93 -106.73 -36.87
CA TRP G 37 79.28 -109.61 -34.35
CA VAL G 38 79.78 -108.90 -30.62
CA ARG G 39 79.00 -110.96 -27.49
CA GLN G 40 78.44 -110.19 -23.80
CA ALA G 41 78.91 -113.02 -21.26
CA PRO G 42 77.05 -112.51 -17.91
CA GLY G 43 78.66 -109.72 -15.79
CA GLN G 44 81.35 -109.16 -18.43
CA ARG G 45 82.38 -106.57 -20.98
CA LEU G 46 81.41 -106.73 -24.65
CA GLU G 47 83.80 -108.82 -26.77
CA TRP G 48 84.20 -108.27 -30.53
CA MET G 49 84.08 -111.62 -32.48
CA GLY G 50 84.16 -110.70 -36.19
CA TRP G 51 82.80 -108.72 -39.18
CA ILE G 52 81.33 -109.56 -42.63
CA SER G 53 81.04 -107.25 -45.70
CA ALA G 54 77.44 -107.83 -47.04
CA GLY G 55 78.57 -106.81 -50.59
CA THR G 56 81.67 -109.09 -51.08
CA GLY G 57 81.06 -111.79 -48.38
CA ASN G 58 84.61 -111.07 -47.01
CA THR G 59 85.38 -111.91 -43.46
CA LYS G 60 87.46 -110.68 -40.53
CA TYR G 61 87.54 -112.24 -37.08
CA SER G 62 89.06 -112.26 -33.60
CA GLN G 63 91.82 -114.92 -33.30
CA LYS G 64 90.29 -115.82 -29.87
CA PHE G 65 87.66 -117.71 -32.04
CA ARG G 66 90.26 -119.09 -34.57
CA GLY G 67 89.01 -122.33 -36.14
CA ARG G 68 85.46 -122.30 -34.59
CA VAL G 69 83.59 -119.17 -35.89
CA THR G 70 82.03 -118.80 -39.41
CA PHE G 71 80.29 -115.72 -40.97
CA THR G 72 77.87 -116.03 -43.92
CA ARG G 73 75.39 -113.65 -45.64
CA ASP G 74 72.32 -114.54 -47.77
CA THR G 75 72.27 -111.41 -49.94
CA SER G 76 68.76 -112.20 -51.45
CA ALA G 77 67.06 -112.81 -48.01
CA THR G 78 69.11 -109.87 -46.63
CA THR G 79 70.25 -111.92 -43.61
CA ALA G 80 73.74 -112.45 -42.13
CA TYR G 81 74.61 -115.46 -39.90
CA MET G 82 77.31 -116.39 -37.45
CA GLY G 83 78.07 -120.07 -36.80
CA LEU G 84 79.86 -120.94 -33.50
CA SER G 85 81.16 -124.55 -33.22
CA SER G 86 82.48 -126.69 -30.30
CA LEU G 87 80.33 -124.91 -27.70
CA ARG G 88 81.74 -124.68 -24.16
CA PRO G 89 79.75 -123.53 -21.03
CA GLU G 90 81.64 -120.13 -21.18
CA ASP G 91 79.96 -119.40 -24.59
CA THR G 92 76.73 -118.69 -22.58
CA ALA G 93 76.30 -115.04 -23.59
CA VAL G 94 74.09 -112.58 -25.50
CA TYR G 95 75.19 -112.45 -29.19
CA TYR G 96 74.59 -109.13 -30.97
CA CYS G 97 75.00 -108.21 -34.59
CA ALA G 98 75.69 -104.47 -35.08
CA ARG G 99 76.10 -102.32 -38.19
CA ASP G 100 79.37 -100.90 -39.60
CA PRO G 101 78.20 -97.44 -40.96
CA TYR G 102 81.00 -97.35 -43.62
CA GLY G 103 81.54 -100.98 -44.90
CA GLY G 104 85.32 -101.03 -44.10
CA GLY G 105 85.51 -103.31 -40.99
CA LYS G 106 86.97 -100.90 -38.40
CA SER G 107 84.27 -98.59 -37.07
CA GLU G 108 81.97 -97.59 -34.21
CA PHE G 109 78.60 -99.50 -34.50
CA ASP G 110 75.54 -97.24 -35.15
CA TYR G 111 72.62 -99.83 -35.17
CA TRP G 112 72.52 -102.91 -32.96
CA GLY G 113 70.33 -106.00 -33.20
CA GLN G 114 68.43 -106.95 -29.99
CA GLY G 115 70.63 -109.90 -28.91
CA THR G 116 70.09 -113.67 -28.79
CA LEU G 117 71.01 -115.45 -25.59
CA VAL G 118 72.69 -118.80 -26.29
CA THR G 119 72.91 -120.92 -23.14
CA VAL G 120 75.32 -123.89 -23.25
CA SER G 121 74.01 -126.69 -20.91
CA SER G 122 73.34 -130.43 -20.25
CA ALA G 123 71.58 -129.83 -16.84
CA SER G 124 68.32 -130.43 -18.62
CA PRO G 125 66.18 -127.69 -20.32
CA THR G 126 62.78 -127.21 -18.52
CA SER G 127 59.86 -124.94 -19.63
CA PRO G 128 58.26 -122.51 -17.06
CA LYS G 129 54.96 -123.32 -15.31
CA VAL G 130 52.97 -120.07 -15.00
CA PHE G 131 50.79 -119.53 -11.87
CA PRO G 132 48.39 -116.66 -11.00
CA LEU G 133 49.09 -114.33 -8.04
CA SER G 134 45.70 -112.78 -7.05
CA LEU G 135 43.84 -111.77 -3.83
CA CYS G 136 40.07 -111.93 -3.11
CA SER G 137 39.42 -109.25 -0.36
CA THR G 138 42.99 -109.70 1.11
CA GLN G 139 44.49 -106.56 -0.62
CA PRO G 140 43.95 -102.98 0.77
CA ASP G 141 40.77 -101.05 -0.42
CA GLY G 142 41.95 -98.68 -3.26
CA ASN G 143 44.81 -100.24 -5.32
CA VAL G 144 45.14 -103.79 -6.81
CA VAL G 145 48.34 -105.93 -7.12
CA ILE G 146 48.11 -109.01 -9.38
CA ALA G 147 50.99 -111.06 -10.75
CA CYS G 148 52.26 -114.15 -12.62
CA LEU G 149 54.78 -116.53 -10.99
CA VAL G 150 56.97 -117.95 -13.88
CA GLN G 151 58.28 -121.06 -12.08
CA GLY G 152 60.87 -123.85 -12.51
CA PHE G 153 62.60 -123.11 -15.82
CA PHE G 154 66.14 -123.70 -17.20
CA PRO G 155 68.13 -122.15 -18.68
CA GLN G 156 67.50 -118.41 -17.80
CA GLU G 157 67.23 -117.05 -21.46
CA PRO G 158 65.30 -113.82 -22.44
CA LEU G 159 61.83 -113.84 -20.81
CA SER G 160 59.36 -111.42 -22.51
CA VAL G 161 56.47 -110.62 -20.09
CA THR G 162 53.66 -108.37 -21.37
CA TRP G 163 50.28 -107.58 -19.63
CA SER G 164 46.89 -106.98 -21.44
CA GLU G 165 46.25 -103.62 -19.63
CA SER G 166 48.57 -100.54 -20.05
CA GLY G 167 48.13 -96.89 -18.85
CA GLN G 168 49.34 -93.87 -16.76
CA GLY G 169 48.75 -95.33 -13.23
CA VAL G 170 49.26 -99.06 -14.20
CA THR G 171 52.86 -100.06 -13.20
CA ALA G 172 54.54 -103.31 -14.39
CA ARG G 173 57.50 -104.71 -12.39
CA ASN G 174 59.46 -107.60 -13.96
CA PHE G 175 61.60 -109.19 -11.15
CA PRO G 176 65.01 -110.62 -12.42
CA PRO G 177 65.47 -114.48 -12.44
CA SER G 178 66.43 -116.02 -9.06
CA GLN G 179 68.25 -119.41 -9.08
CA ASP G 180 67.26 -122.31 -6.69
CA ALA G 181 70.36 -124.22 -5.28
CA SER G 182 73.27 -125.29 -7.65
CA GLY G 183 71.80 -124.38 -11.11
CA ASP G 184 68.69 -126.63 -10.56
CA LEU G 185 65.73 -124.30 -11.50
CA TYR G 186 65.16 -120.52 -12.12
CA THR G 187 61.99 -118.62 -10.93
CA THR G 188 60.87 -115.03 -11.90
CA SER G 189 57.72 -113.08 -10.89
CA SER G 190 55.98 -110.36 -13.03
CA GLN G 191 53.75 -107.92 -11.01
CA LEU G 192 51.03 -105.48 -12.30
CA THR G 193 50.03 -102.71 -9.79
CA LEU G 194 46.88 -100.75 -10.97
CA PRO G 195 43.98 -98.72 -9.34
CA ALA G 196 40.98 -100.82 -8.01
CA THR G 197 38.59 -98.82 -10.33
CA GLN G 198 40.72 -100.14 -13.32
CA CYS G 199 40.65 -103.80 -12.01
CA LEU G 200 37.07 -104.51 -10.71
CA ALA G 201 35.84 -107.81 -9.07
CA GLY G 202 34.82 -110.47 -11.69
CA LYS G 203 37.20 -109.00 -14.36
CA SER G 204 40.67 -110.37 -15.39
CA VAL G 205 44.03 -109.14 -16.89
CA THR G 206 46.05 -111.46 -19.21
CA CYS G 207 49.82 -112.00 -18.65
CA HIS G 208 51.68 -113.05 -21.87
CA VAL G 209 55.01 -114.89 -21.21
CA LYS G 210 57.52 -115.66 -24.01
CA HIS G 211 60.51 -117.86 -22.98
CA TYR G 212 63.24 -117.65 -25.85
CA THR G 213 61.87 -118.42 -29.37
CA ASN G 214 59.17 -120.74 -27.90
CA PRO G 215 55.37 -120.07 -28.39
CA SER G 216 53.72 -117.51 -26.01
CA GLN G 217 52.22 -118.93 -22.75
CA ASP G 218 49.12 -116.90 -21.70
CA VAL G 219 47.40 -116.79 -18.26
CA THR G 220 44.17 -114.93 -17.41
CA VAL G 221 44.72 -113.62 -13.82
CA PRO G 222 41.66 -112.43 -11.73
CA CYS G 223 41.71 -110.52 -11.23
CA PRO G 224 41.74 -108.61 -10.75
CA VAL G 225 42.92 -106.52 -7.81
CA PRO G 226 42.83 -102.96 -9.62
CA SER G 227 46.11 -102.04 -11.69
CA THR G 228 46.01 -98.53 -13.45
CA PRO G 229 48.55 -95.61 -14.54
CA PRO G 230 47.88 -92.46 -12.04
CA THR G 231 49.25 -88.81 -12.06
CA PRO G 232 50.33 -87.17 -8.57
CA SER G 233 52.57 -84.08 -7.65
CA PRO G 234 55.18 -84.35 -4.71
CA SER G 235 54.92 -80.53 -4.09
CA THR G 236 53.67 -77.58 -1.51
CA PRO G 237 50.71 -75.00 -2.39
CA PRO G 238 51.27 -71.14 -1.23
CA THR G 239 48.35 -69.03 0.19
CA PRO G 240 50.21 -65.64 0.62
CA SER G 241 50.07 -62.15 2.61
CA PRO G 242 49.38 -58.89 0.43
CA SER G 243 49.91 -55.13 0.53
CA CYS G 244 47.50 -52.84 -0.50
CA CYS G 245 45.63 -49.59 -1.78
CA HIS G 246 46.04 -45.82 -1.17
CA PRO G 247 43.98 -43.27 1.00
CA ARG G 248 42.15 -40.49 -1.00
CA LEU G 249 41.36 -36.95 0.42
CA SER G 250 38.28 -35.20 -1.17
CA LEU G 251 36.69 -31.75 -0.45
CA HIS G 252 32.95 -31.40 -1.41
CA ARG G 253 31.90 -27.66 -1.60
CA PRO G 254 28.64 -26.08 -0.17
CA ALA G 255 25.52 -25.95 -2.50
CA LEU G 256 24.54 -22.56 -4.16
CA GLU G 257 20.74 -22.63 -3.38
CA ASP G 258 21.16 -23.49 0.39
CA LEU G 259 23.93 -20.85 1.05
CA LEU G 260 21.85 -18.10 -0.75
CA LEU G 261 18.38 -18.99 0.75
CA GLY G 262 18.92 -18.72 4.58
CA SER G 263 22.80 -18.89 5.00
CA GLU G 264 23.06 -22.76 5.05
CA ALA G 265 26.58 -23.83 3.85
CA ASN G 266 28.80 -26.78 4.96
CA LEU G 267 32.26 -27.48 3.46
CA THR G 268 32.71 -31.24 3.74
CA CYS G 269 36.04 -33.10 4.17
CA THR G 270 36.16 -36.79 3.22
CA LEU G 271 39.21 -39.12 3.79
CA THR G 272 38.75 -42.27 1.64
CA GLY G 273 41.52 -44.98 1.61
CA LEU G 274 42.82 -45.11 5.25
CA ARG G 275 43.84 -48.86 5.65
CA ASP G 276 43.27 -51.21 8.72
CA ALA G 277 43.89 -50.25 12.48
CA SER G 278 43.74 -46.47 11.98
CA GLY G 279 42.43 -42.93 12.87
CA VAL G 280 42.38 -39.46 11.16
CA THR G 281 43.10 -36.05 12.85
CA PHE G 282 41.46 -32.99 11.23
CA THR G 283 42.67 -29.31 11.31
CA TRP G 284 40.13 -26.81 9.78
CA THR G 285 40.71 -22.99 9.35
CA PRO G 286 37.90 -20.91 11.04
CA SER G 287 35.29 -18.95 8.95
CA SER G 288 35.58 -15.08 8.92
CA GLY G 289 33.52 -14.27 12.11
CA LYS G 290 35.92 -16.35 14.36
CA SER G 291 34.04 -19.69 13.90
CA ALA G 292 35.48 -23.29 13.79
CA VAL G 293 32.96 -26.16 14.51
CA GLN G 294 33.48 -29.88 13.43
CA GLY G 295 31.92 -33.45 13.74
CA PRO G 296 34.13 -36.41 12.53
CA PRO G 297 32.74 -40.07 12.47
CA GLU G 298 34.73 -43.11 11.09
CA ARG G 299 32.72 -45.07 8.46
CA ASP G 300 34.02 -48.36 6.87
CA LEU G 301 33.17 -47.97 3.08
CA CYS G 302 33.95 -50.84 0.56
CA GLY G 303 36.11 -52.55 3.25
CA CYS G 304 38.15 -49.59 4.72
CA TYR G 305 37.75 -46.50 7.07
CA SER G 306 36.62 -42.97 5.95
CA VAL G 307 36.89 -39.96 8.39
CA SER G 308 34.26 -37.57 7.05
CA SER G 309 34.27 -34.28 8.99
CA VAL G 310 32.02 -31.24 8.26
CA LEU G 311 32.55 -27.47 8.96
CA PRO G 312 29.25 -25.41 9.03
CA GLY G 313 29.64 -21.93 7.40
CA CYS G 314 27.81 -18.60 6.90
CA ALA G 315 26.98 -16.87 3.53
CA GLU G 316 29.31 -13.78 4.07
CA PRO G 317 32.75 -15.66 4.14
CA TRP G 318 31.74 -17.64 0.95
CA ASN G 319 30.33 -14.50 -0.89
CA HIS G 320 33.18 -12.04 0.13
CA GLY G 321 36.21 -14.41 -0.43
CA LYS G 322 37.44 -16.83 2.33
CA THR G 323 39.91 -19.79 1.91
CA PHE G 324 38.75 -22.99 3.74
CA THR G 325 41.63 -25.37 4.53
CA CYS G 326 41.06 -28.98 5.67
CA THR G 327 44.46 -30.27 6.83
CA ALA G 328 44.41 -33.96 7.81
CA ALA G 329 47.27 -35.77 9.72
CA TYR G 330 47.86 -39.61 9.92
CA PRO G 331 51.19 -41.52 10.73
CA GLU G 332 51.21 -43.72 7.51
CA SER G 333 50.65 -40.46 5.45
CA LYS G 334 54.25 -39.01 5.84
CA THR G 335 53.13 -35.55 4.52
CA PRO G 336 49.87 -34.39 6.31
CA LEU G 337 47.38 -33.56 3.48
CA THR G 338 46.17 -29.97 3.14
CA ALA G 339 43.20 -29.19 0.78
CA THR G 340 42.01 -25.54 0.48
CA LEU G 341 38.76 -24.25 -1.09
CA SER G 342 37.17 -20.76 -1.82
CA LYS G 343 35.17 -18.66 -4.43
CA SER G 344 36.25 -18.35 -8.15
CA GLY G 345 38.13 -15.72 -10.28
CA ASN G 346 38.20 -11.87 -10.69
CA THR G 347 34.84 -9.90 -10.70
CA PHE G 348 32.85 -8.31 -13.66
CA ARG G 349 29.69 -6.04 -13.45
CA PRO G 350 26.47 -7.69 -14.93
CA GLU G 351 24.90 -5.83 -17.89
CA VAL G 352 21.08 -6.14 -17.36
CA HIS G 353 18.84 -5.53 -20.47
CA LEU G 354 15.04 -6.11 -20.24
CA LEU G 355 13.38 -7.39 -23.46
CA PRO G 356 9.60 -7.04 -24.17
CA PRO G 357 7.68 -9.92 -25.91
CA PRO G 358 7.88 -10.61 -29.67
CA SER G 359 4.98 -9.28 -31.87
CA GLU G 360 3.93 -12.92 -32.73
CA GLU G 361 3.66 -13.91 -28.99
CA LEU G 362 0.87 -11.25 -28.62
CA ALA G 363 -1.22 -13.67 -30.79
CA LEU G 364 -0.93 -15.92 -27.63
CA ASN G 365 -3.01 -15.29 -24.40
CA GLU G 366 -2.39 -16.81 -20.87
CA LEU G 367 1.41 -16.10 -20.66
CA VAL G 368 3.39 -13.14 -22.19
CA THR G 369 7.09 -13.84 -22.18
CA LEU G 370 8.95 -10.96 -20.36
CA THR G 371 12.70 -11.58 -20.70
CA CYS G 372 15.71 -10.06 -18.90
CA LEU G 373 19.26 -10.80 -20.14
CA ALA G 374 22.05 -10.60 -17.50
CA ARG G 375 25.35 -10.81 -19.47
CA GLY G 376 29.15 -10.31 -19.11
CA PHE G 377 29.16 -11.12 -15.34
CA SER G 378 31.73 -12.98 -13.11
CA PRO G 379 31.87 -14.93 -10.94
CA LYS G 380 28.74 -17.05 -11.84
CA ASP G 381 27.37 -16.23 -8.40
CA VAL G 382 24.16 -14.14 -8.97
CA LEU G 383 20.48 -13.76 -7.82
CA VAL G 384 17.77 -12.60 -10.25
CA ARG G 385 14.15 -11.92 -9.13
CA TRP G 386 11.05 -10.24 -10.67
CA LEU G 387 8.64 -7.62 -9.24
CA GLN G 388 5.18 -6.31 -10.21
CA GLY G 389 4.78 -2.46 -10.13
CA SER G 390 0.93 -2.62 -10.43
CA GLN G 391 0.41 -4.45 -7.04
CA GLU G 392 3.74 -3.36 -5.32
CA LEU G 393 4.61 -7.08 -4.82
CA PRO G 394 7.12 -9.82 -5.89
CA ARG G 395 6.01 -12.10 -8.79
CA GLU G 396 5.52 -15.89 -9.06
CA LYS G 397 5.44 -17.20 -12.65
CA TYR G 398 9.14 -16.84 -13.55
CA LEU G 399 12.01 -19.24 -14.41
CA THR G 400 15.82 -18.54 -14.64
CA TRP G 401 18.24 -20.70 -16.78
CA ALA G 402 22.15 -20.72 -16.98
CA SER G 403 25.23 -20.27 -19.34
CA ARG G 404 28.98 -20.13 -18.35
CA GLN G 405 30.89 -18.90 -21.49
CA GLU G 406 34.38 -20.50 -22.05
CA PRO G 407 35.95 -21.16 -25.55
CA SER G 408 39.69 -21.81 -26.42
CA GLN G 409 40.59 -18.06 -25.96
CA GLY G 410 41.05 -15.78 -22.86
CA THR G 411 37.37 -14.64 -23.06
CA THR G 412 35.44 -16.25 -20.09
CA THR G 413 32.37 -14.52 -18.38
CA PHE G 414 28.70 -15.73 -17.82
CA ALA G 415 25.23 -15.01 -19.27
CA VAL G 416 21.67 -15.96 -18.13
CA THR G 417 18.14 -15.22 -19.36
CA SER G 418 15.21 -14.97 -16.88
CA ILE G 419 11.64 -15.54 -18.15
CA LEU G 420 8.61 -13.89 -16.39
CA ARG G 421 5.35 -15.16 -17.92
CA VAL G 422 2.27 -12.79 -17.61
CA ALA G 423 -1.34 -12.52 -18.89
CA ALA G 424 -1.41 -10.61 -22.28
CA GLU G 425 -3.91 -8.12 -20.70
CA ASP G 426 -1.74 -6.84 -17.72
CA TRP G 427 1.18 -5.97 -20.07
CA LYS G 428 -1.38 -4.01 -22.25
CA LYS G 429 -2.95 -2.44 -19.08
CA GLY G 430 0.43 -0.59 -18.96
CA ASP G 431 2.00 -2.44 -16.01
CA THR G 432 5.68 -1.96 -15.08
CA PHE G 433 7.54 -5.23 -14.33
CA SER G 434 11.14 -5.04 -13.00
CA CYS G 435 13.98 -7.58 -13.10
CA MET G 436 16.17 -7.18 -9.94
CA VAL G 437 19.77 -8.52 -10.24
CA GLY G 438 22.06 -8.98 -7.19
CA HIS G 439 25.79 -9.57 -7.79
CA GLU G 440 29.24 -9.02 -6.11
CA ALA G 441 30.25 -6.30 -8.69
CA LEU G 442 26.96 -4.28 -8.73
CA PRO G 443 27.09 -0.69 -7.20
CA LEU G 444 25.02 -1.41 -4.02
CA ALA G 445 25.19 -5.21 -4.70
CA PHE G 446 21.80 -4.59 -6.39
CA THR G 447 20.48 -3.18 -9.69
CA GLN G 448 16.92 -3.22 -11.12
CA LYS G 449 15.95 -2.67 -14.81
CA THR G 450 12.26 -2.08 -15.72
CA ILE G 451 9.83 -3.18 -18.53
CA ASP G 452 6.43 -1.67 -19.49
CA ARG G 453 4.14 -1.37 -22.61
CA LEU G 454 5.08 2.39 -22.54
CA ALA G 455 7.98 3.53 -24.84
CA GLY G 456 9.07 7.24 -24.82
CA LYS G 457 11.83 7.83 -27.45
CA PRO G 458 14.11 10.41 -25.75
CA THR G 459 15.21 7.41 -25.19
CA HIS G 460 15.31 4.49 -22.64
CA VAL G 461 15.11 6.18 -19.12
CA ASN G 462 14.11 4.79 -15.61
CA VAL G 463 11.55 5.41 -12.69
CA SER G 464 11.96 8.23 -10.04
CA VAL G 465 13.50 8.15 -6.42
CA VAL G 466 11.07 6.06 -4.21
CA MET G 467 12.02 6.40 -0.47
CA ALA G 468 14.28 8.78 1.65
CA GLU G 469 15.82 8.81 4.44
CA VAL G 470 15.55 5.72 6.85
CA ASP G 471 18.68 3.93 5.42
CA GLY G 472 19.20 1.04 7.96
CA THR G 473 22.18 2.52 9.94
CA CYS G 474 20.28 5.80 10.75
CA TYR G 475 16.73 4.27 11.30
CA GLN H 1 37.67 -48.43 67.60
CA VAL H 2 41.15 -49.79 68.50
CA LYS H 3 39.06 -52.91 68.01
CA LEU H 4 35.57 -52.91 69.73
CA LEU H 5 36.10 -55.72 72.28
CA GLU H 6 39.89 -56.33 72.78
CA GLN H 7 41.60 -58.95 74.94
CA SER H 8 44.89 -59.34 76.88
CA GLY H 9 47.39 -61.62 75.03
CA ALA H 10 48.59 -65.11 75.87
CA GLU H 11 49.80 -66.89 78.42
CA VAL H 12 51.53 -69.89 79.81
CA LYS H 13 50.62 -70.86 83.35
CA LYS H 14 51.91 -73.80 85.42
CA PRO H 15 49.28 -76.50 86.43
CA GLY H 16 47.73 -75.40 89.78
CA ALA H 17 48.16 -71.65 89.07
CA SER H 18 45.46 -69.08 88.22
CA VAL H 19 45.07 -66.97 85.03
CA LYS H 20 43.32 -63.58 84.69
CA VAL H 21 42.08 -62.64 81.19
CA SER H 22 40.82 -59.08 80.46
CA CYS H 23 38.43 -57.72 77.84
CA LYS H 24 38.40 -53.92 77.20
CA ALA H 25 35.23 -52.54 75.51
CA SER H 26 35.72 -49.44 73.23
CA GLY H 27 33.20 -47.45 71.05
CA TYR H 28 29.87 -48.50 72.69
CA SER H 29 28.32 -47.72 76.14
CA PHE H 30 29.95 -50.42 78.37
CA THR H 31 27.26 -50.53 81.17
CA SER H 32 24.30 -51.02 78.72
CA TYR H 33 25.27 -54.65 77.75
CA GLY H 34 26.37 -57.92 79.33
CA LEU H 35 29.57 -59.80 78.35
CA HIS H 36 29.70 -63.58 77.86
CA TRP H 37 32.90 -65.71 78.31
CA VAL H 38 33.43 -68.73 75.98
CA ARG H 39 36.39 -71.06 75.45
CA GLN H 40 37.57 -73.37 72.65
CA ALA H 41 40.00 -76.20 73.53
CA PRO H 42 42.09 -77.51 70.55
CA GLY H 43 39.94 -79.51 68.07
CA GLN H 44 36.86 -79.04 70.23
CA ARG H 45 33.56 -77.17 70.17
CA LEU H 46 33.02 -73.80 71.86
CA GLU H 47 32.05 -74.09 75.55
CA TRP H 48 30.09 -71.36 77.35
CA MET H 49 31.68 -70.50 80.79
CA GLY H 50 29.70 -67.53 82.17
CA TRP H 51 28.27 -64.00 81.79
CA ILE H 52 28.58 -60.64 83.63
CA SER H 53 26.18 -57.64 83.50
CA ALA H 54 28.48 -54.54 83.12
CA GLY H 55 25.80 -52.31 84.79
CA THR H 56 25.06 -54.32 88.02
CA GLY H 57 28.19 -56.57 88.25
CA ASN H 58 25.83 -59.63 88.49
CA THR H 59 27.12 -62.98 87.50
CA LYS H 60 25.96 -66.23 85.91
CA TYR H 61 28.15 -69.24 85.20
CA SER H 62 28.38 -72.83 83.99
CA GLN H 63 28.38 -75.31 86.92
CA LYS H 64 31.21 -77.17 85.06
CA PHE H 65 33.43 -74.31 86.49
CA ARG H 66 31.70 -74.27 89.96
CA GLY H 67 34.11 -73.00 92.63
CA ARG H 68 37.01 -72.00 90.28
CA VAL H 69 35.75 -69.21 87.90
CA THR H 70 35.30 -65.48 88.89
CA PHE H 71 33.89 -62.57 86.75
CA THR H 72 34.68 -58.91 87.55
CA ARG H 73 34.17 -55.58 85.71
CA ASP H 74 36.04 -52.28 86.21
CA THR H 75 33.26 -49.93 85.09
CA SER H 76 35.58 -46.81 84.99
CA ALA H 77 38.34 -48.52 82.85
CA THR H 78 35.53 -50.19 80.83
CA THR H 79 37.18 -53.64 81.17
CA ALA H 80 35.72 -57.00 82.24
CA TYR H 81 37.89 -59.87 83.58
CA MET H 82 37.57 -63.59 84.07
CA GLY H 83 39.69 -65.32 86.71
CA LEU H 84 40.24 -69.11 86.31
CA SER H 85 41.84 -70.90 89.33
CA SER H 86 43.38 -74.38 89.86
CA LEU H 87 44.58 -74.67 86.25
CA ARG H 88 44.74 -78.18 84.76
CA PRO H 89 46.42 -79.11 81.38
CA GLU H 90 42.88 -79.42 79.80
CA ASP H 91 42.30 -75.66 80.41
CA THR H 92 44.71 -75.06 77.43
CA ALA H 93 42.24 -73.26 75.14
CA VAL H 94 41.44 -69.92 73.45
CA TYR H 95 39.32 -67.75 75.84
CA TYR H 96 36.92 -65.32 74.14
CA CYS H 97 34.76 -62.62 75.61
CA ALA H 98 31.67 -61.88 73.45
CA ARG H 99 28.90 -59.29 73.76
CA ASP H 100 25.28 -59.92 74.88
CA PRO H 101 23.31 -57.43 72.61
CA TYR H 102 20.45 -57.10 75.19
CA GLY H 103 22.01 -57.22 78.73
CA GLY H 104 19.80 -60.16 79.94
CA GLY H 105 22.27 -63.14 80.00
CA LYS H 106 20.63 -65.46 77.45
CA SER H 107 21.40 -64.35 73.92
CA GLU H 108 23.28 -64.92 70.67
CA PHE H 109 26.68 -63.04 70.78
CA ASP H 110 27.01 -60.19 68.19
CA TYR H 111 30.66 -58.95 68.83
CA TRP H 112 33.52 -61.23 69.83
CA GLY H 113 36.92 -60.36 71.27
CA GLN H 114 39.95 -61.85 69.41
CA GLY H 115 40.79 -64.63 71.90
CA THR H 116 43.67 -65.20 74.34
CA LEU H 117 45.35 -68.58 74.28
CA VAL H 118 46.18 -69.79 77.81
CA THR H 119 48.53 -72.76 77.73
CA VAL H 120 48.83 -74.79 80.97
CA SER H 121 52.35 -76.37 81.16
CA SER H 122 55.48 -77.25 83.23
CA ALA H 123 57.48 -78.67 80.21
CA SER H 124 59.43 -75.43 80.23
CA PRO H 125 58.46 -72.24 78.25
CA THR H 126 61.04 -71.44 75.48
CA SER H 127 61.12 -68.33 73.20
CA PRO H 128 61.50 -68.80 69.37
CA LYS H 129 64.86 -68.28 67.60
CA VAL H 130 64.16 -66.62 64.23
CA PHE H 131 66.37 -67.55 61.22
CA PRO H 132 66.40 -66.13 57.64
CA LEU H 133 65.45 -68.33 54.66
CA SER H 134 67.05 -66.68 51.55
CA LEU H 135 68.76 -67.79 48.28
CA CYS H 136 71.64 -66.05 46.40
CA SER H 137 71.29 -67.20 42.69
CA THR H 138 69.73 -70.60 43.73
CA GLN H 139 66.06 -69.52 43.04
CA PRO H 140 64.56 -69.49 39.45
CA ASP H 141 65.00 -66.24 37.36
CA GLY H 142 61.66 -64.30 37.67
CA ASN H 143 60.04 -64.81 41.15
CA VAL H 144 61.62 -64.61 44.66
CA VAL H 145 60.78 -66.79 47.74
CA ILE H 146 62.15 -65.58 51.10
CA ALA H 147 61.09 -66.74 54.56
CA CYS H 148 61.60 -66.75 58.34
CA LEU H 149 62.05 -70.02 60.26
CA VAL H 150 60.51 -69.46 63.78
CA GLN H 151 62.30 -72.29 65.62
CA GLY H 152 62.24 -74.14 68.98
CA PHE H 153 59.43 -72.52 70.97
CA PHE H 154 56.97 -73.76 73.65
CA PRO H 155 54.10 -73.51 74.17
CA GLN H 156 52.38 -73.00 70.71
CA GLU H 157 50.38 -69.76 71.60
CA PRO H 158 49.20 -67.15 68.97
CA LEU H 159 52.11 -66.27 66.63
CA SER H 160 51.57 -62.94 64.74
CA VAL H 161 53.84 -62.86 61.63
CA THR H 162 53.79 -59.69 59.50
CA TRP H 163 56.14 -58.79 56.55
CA SER H 164 57.38 -55.21 55.66
CA GLU H 165 56.24 -55.48 51.96
CA SER H 166 52.52 -55.93 50.93
CA GLY H 167 50.85 -55.79 47.45
CA GLN H 168 48.80 -57.49 44.65
CA GLY H 169 51.41 -60.14 43.55
CA VAL H 170 53.16 -60.49 46.99
CA THR H 171 51.76 -63.67 48.70
CA ALA H 172 52.34 -64.47 52.42
CA ARG H 173 51.99 -68.11 53.60
CA ASN H 174 52.03 -68.73 57.38
CA PHE H 175 52.64 -72.51 57.92
CA PRO H 176 50.84 -73.94 61.09
CA PRO H 177 53.05 -75.00 64.10
CA SER H 178 54.62 -78.51 63.79
CA GLN H 179 55.61 -80.32 67.03
CA ASP H 180 59.02 -82.16 67.42
CA ALA H 181 58.69 -85.54 69.36
CA SER H 182 56.62 -85.73 72.65
CA GLY H 183 55.78 -82.00 73.24
CA ASP H 184 59.53 -80.99 73.25
CA LEU H 185 59.65 -77.97 70.82
CA TYR H 186 57.34 -76.35 68.16
CA THR H 187 58.62 -74.91 64.81
CA THR H 188 56.67 -72.74 62.26
CA SER H 189 57.86 -71.17 58.94
CA SER H 190 56.48 -67.89 57.40
CA GLN H 191 57.08 -67.55 53.59
CA LEU H 192 56.85 -64.39 51.36
CA THR H 193 56.59 -65.10 47.57
CA LEU H 194 57.00 -61.86 45.45
CA PRO H 195 58.18 -60.90 41.86
CA ALA H 196 62.02 -60.52 41.38
CA THR H 197 61.49 -56.88 40.19
CA GLN H 198 59.89 -56.18 43.66
CA CYS H 199 62.79 -57.91 45.58
CA LEU H 200 66.10 -56.86 43.87
CA ALA H 201 69.67 -58.06 44.86
CA GLY H 202 71.17 -56.02 47.76
CA LYS H 203 67.67 -55.11 49.16
CA SER H 204 65.88 -56.74 52.19
CA VAL H 205 62.31 -57.39 53.54
CA THR H 206 61.65 -57.34 57.34
CA CYS H 207 59.69 -60.19 59.02
CA HIS H 208 58.00 -59.10 62.32
CA VAL H 209 57.22 -62.01 64.71
CA LYS H 210 55.06 -61.58 67.85
CA HIS H 211 54.85 -64.66 70.15
CA TYR H 212 51.89 -64.10 72.72
CA THR H 213 52.06 -60.74 74.61
CA ASN H 214 55.90 -60.71 74.35
CA PRO H 215 57.84 -57.87 72.51
CA SER H 216 58.10 -58.13 68.66
CA GLN H 217 61.17 -60.00 67.29
CA ASP H 218 62.29 -58.48 63.93
CA VAL H 219 64.59 -60.02 61.25
CA THR H 220 65.82 -58.31 58.08
CA VAL H 221 65.71 -61.06 55.36
CA PRO H 222 67.74 -60.51 52.08
CA CYS H 223 66.64 -60.49 50.44
CA PRO H 224 65.53 -60.49 48.80
CA VAL H 225 64.42 -63.01 46.21
CA PRO H 226 61.52 -60.81 44.55
CA SER H 227 57.99 -61.04 46.40
CA THR H 228 55.13 -58.90 44.76
CA PRO H 229 51.14 -58.99 44.30
CA PRO H 230 50.41 -59.83 40.38
CA THR H 231 47.11 -59.87 38.32
CA PRO H 232 46.54 -62.85 35.70
CA SER H 233 43.35 -64.25 33.90
CA PRO H 234 42.82 -68.16 33.62
CA SER H 235 40.70 -67.65 30.39
CA THR H 236 40.54 -68.25 26.34
CA PRO H 237 40.51 -65.21 23.69
CA PRO H 238 38.03 -65.61 20.49
CA THR H 239 39.11 -64.47 16.95
CA PRO H 240 35.78 -65.22 15.04
CA SER H 241 34.31 -65.92 11.37
CA PRO H 242 31.87 -63.14 9.89
CA SER H 243 29.08 -62.74 7.33
CA CYS H 244 28.84 -60.00 5.20
CA CYS H 245 27.50 -57.18 2.74
CA HIS H 246 24.98 -57.12 -0.15
CA PRO H 247 25.47 -56.96 -4.06
CA ARG H 248 24.17 -53.73 -5.77
CA LEU H 249 22.88 -53.58 -9.44
CA SER H 250 23.24 -50.12 -11.16
CA LEU H 251 22.30 -48.94 -14.72
CA HIS H 252 24.23 -45.87 -16.05
CA ARG H 253 22.42 -44.29 -19.10
CA PRO H 254 24.07 -43.04 -22.40
CA ALA H 255 25.25 -39.34 -22.56
CA LEU H 256 23.11 -36.76 -24.53
CA GLU H 257 25.97 -35.04 -26.51
CA ASP H 258 27.58 -38.36 -27.75
CA LEU H 259 24.23 -39.99 -28.86
CA LEU H 260 23.19 -36.77 -30.75
CA LEU H 261 26.62 -35.97 -32.39
CA GLY H 262 27.45 -39.16 -34.43
CA SER H 263 25.11 -41.89 -32.90
CA GLU H 264 27.47 -42.91 -30.00
CA ALA H 265 25.40 -44.38 -27.09
CA ASN H 266 26.24 -47.20 -24.60
CA LEU H 267 23.85 -48.32 -21.82
CA THR H 268 26.10 -49.61 -19.04
CA CYS H 269 25.24 -52.37 -16.52
CA THR H 270 27.25 -52.51 -13.27
CA LEU H 271 26.93 -55.29 -10.61
CA THR H 272 28.53 -54.05 -7.35
CA GLY H 273 28.44 -56.28 -4.19
CA LEU H 274 28.95 -59.89 -5.51
CA ARG H 275 30.87 -61.61 -2.57
CA ASP H 276 33.86 -64.11 -2.78
CA ALA H 277 34.14 -67.15 -5.24
CA SER H 278 31.60 -65.87 -7.78
CA GLY H 279 30.47 -65.00 -11.39
CA VAL H 280 27.64 -62.92 -13.00
CA THR H 281 25.51 -63.93 -16.09
CA PHE H 282 24.04 -61.04 -18.13
CA THR H 283 20.86 -61.06 -20.32
CA TRP H 284 20.39 -57.80 -22.40
CA THR H 285 17.35 -57.02 -24.68
CA PRO H 286 18.46 -56.16 -28.30
CA SER H 287 18.19 -52.55 -29.70
CA SER H 288 15.45 -51.88 -32.37
CA GLY H 289 17.42 -52.88 -35.56
CA LYS H 290 17.97 -56.51 -34.25
CA SER H 291 21.24 -55.72 -32.38
CA ALA H 292 22.61 -57.28 -29.10
CA VAL H 293 26.43 -56.90 -28.46
CA GLN H 294 28.13 -57.18 -24.96
CA GLY H 295 31.61 -57.23 -23.20
CA PRO H 296 31.64 -58.29 -19.46
CA PRO H 297 34.94 -58.17 -17.36
CA GLU H 298 35.11 -58.98 -13.57
CA ARG H 299 36.81 -56.16 -11.56
CA ASP H 300 37.52 -56.44 -7.76
CA LEU H 301 36.50 -52.96 -6.35
CA CYS H 302 36.98 -52.11 -2.57
CA GLY H 303 37.60 -55.85 -1.87
CA CYS H 304 34.81 -57.60 -3.96
CA TYR H 305 33.89 -58.48 -7.64
CA SER H 306 31.95 -56.17 -10.07
CA VAL H 307 30.65 -57.56 -13.46
CA SER H 308 30.38 -54.43 -15.59
CA SER H 309 28.91 -55.22 -19.02
CA VAL H 310 28.16 -52.64 -21.79
CA LEU H 311 25.60 -52.69 -24.68
CA PRO H 312 26.48 -50.30 -27.62
CA GLY H 313 23.37 -48.55 -29.09
CA CYS H 314 22.23 -46.34 -32.01
CA ALA H 315 20.47 -42.89 -31.80
CA GLU H 316 17.08 -44.07 -33.34
CA PRO H 317 16.04 -46.63 -30.56
CA TRP H 318 16.88 -44.00 -27.82
CA ASN H 319 15.12 -41.07 -29.70
CA HIS H 320 11.96 -43.06 -30.84
CA GLY H 321 11.28 -44.99 -27.52
CA LYS H 322 13.02 -48.36 -26.75
CA THR H 323 13.16 -50.18 -23.32
CA PHE H 324 16.67 -51.55 -22.48
CA THR H 325 16.58 -54.41 -19.96
CA CYS H 326 19.72 -55.70 -18.19
CA THR H 327 18.71 -58.95 -16.45
CA ALA H 328 21.49 -60.45 -14.32
CA ALA H 329 21.44 -64.03 -12.82
CA TYR H 330 23.62 -65.36 -9.89
CA PRO H 331 22.93 -68.42 -7.54
CA GLU H 332 23.23 -66.43 -4.19
CA SER H 333 20.74 -63.83 -5.68
CA LYS H 334 17.53 -66.02 -5.42
CA THR H 335 15.54 -63.60 -7.69
CA PRO H 336 17.59 -62.73 -10.88
CA LEU H 337 17.71 -58.87 -11.01
CA THR H 338 16.06 -57.11 -13.95
CA ALA H 339 16.70 -53.33 -14.49
CA THR H 340 15.00 -51.59 -17.48
CA LEU H 341 15.78 -48.14 -18.95
CA SER H 342 14.31 -45.86 -21.75
CA LYS H 343 13.35 -42.22 -22.72
CA SER H 344 11.11 -39.97 -20.46
CA GLY H 345 7.38 -38.92 -20.41
CA ASN H 346 4.67 -37.84 -22.97
CA THR H 347 5.63 -35.36 -25.82
CA PHE H 348 4.88 -31.56 -26.22
CA ARG H 349 5.58 -29.29 -29.32
CA PRO H 350 8.28 -26.55 -28.67
CA GLU H 351 7.08 -22.94 -29.07
CA VAL H 352 10.03 -21.08 -30.77
CA HIS H 353 10.03 -17.22 -30.47
CA LEU H 354 13.03 -15.19 -31.78
CA LEU H 355 13.84 -12.00 -29.80
CA PRO H 356 15.90 -9.08 -31.27
CA PRO H 357 18.45 -7.19 -29.05
CA PRO H 358 17.45 -4.59 -26.43
CA SER H 359 17.75 -0.86 -27.43
CA GLU H 360 20.53 -0.33 -24.78
CA GLU H 361 22.67 -3.25 -26.20
CA LEU H 362 22.93 -1.25 -29.51
CA ALA H 363 25.14 1.16 -27.46
CA LEU H 364 27.54 -1.90 -27.43
CA ASN H 365 29.65 -2.96 -30.51
CA GLU H 366 31.47 -6.36 -31.06
CA LEU H 367 28.55 -8.68 -30.09
CA VAL H 368 24.74 -8.10 -30.56
CA THR H 369 22.72 -10.51 -28.50
CA LEU H 370 20.25 -12.42 -30.78
CA THR H 371 18.02 -14.59 -28.56
CA CYS H 372 15.65 -17.47 -29.35
CA LEU H 373 13.32 -18.85 -26.64
CA ALA H 374 12.24 -22.52 -27.03
CA ARG H 375 9.48 -23.08 -24.42
CA GLY H 376 6.74 -25.57 -23.36
CA PHE H 377 8.60 -28.63 -24.82
CA SER H 378 8.87 -32.29 -23.59
CA PRO H 379 10.82 -34.44 -23.29
CA LYS H 380 13.98 -32.30 -22.60
CA ASP H 381 15.58 -33.92 -25.64
CA VAL H 382 16.15 -31.07 -28.22
CA LEU H 383 18.77 -29.62 -30.66
CA VAL H 384 18.97 -25.87 -31.33
CA ARG H 385 21.34 -24.36 -33.97
CA TRP H 386 21.77 -20.94 -35.66
CA LEU H 387 22.17 -20.00 -39.37
CA GLN H 388 23.29 -16.86 -41.26
CA GLY H 389 21.06 -15.87 -44.27
CA SER H 390 23.64 -13.31 -45.62
CA GLN H 391 26.37 -15.98 -46.35
CA GLU H 392 24.04 -19.08 -46.66
CA LEU H 393 26.08 -20.79 -43.86
CA PRO H 394 25.82 -22.09 -40.24
CA ARG H 395 27.01 -19.69 -37.48
CA GLU H 396 29.74 -20.00 -34.80
CA LYS H 397 29.38 -17.49 -31.93
CA TYR H 398 26.36 -18.99 -30.13
CA LEU H 399 25.71 -20.59 -26.71
CA THR H 400 22.62 -22.59 -25.47
CA TRP H 401 21.66 -22.91 -21.72
CA ALA H 402 18.99 -25.15 -19.94
CA SER H 403 15.82 -25.13 -17.68
CA ARG H 404 13.56 -28.14 -16.73
CA GLN H 405 10.37 -26.65 -15.11
CA GLU H 406 8.88 -28.69 -12.17
CA PRO H 407 7.04 -27.13 -9.12
CA SER H 408 4.65 -28.88 -6.59
CA GLN H 409 1.76 -28.98 -9.18
CA GLY H 410 1.05 -31.14 -12.31
CA THR H 411 2.70 -28.49 -14.59
CA THR H 412 6.08 -29.94 -15.86
CA THR H 413 7.60 -29.00 -19.34
CA PHE H 414 11.04 -27.43 -20.32
CA ALA H 415 12.39 -24.06 -21.53
CA VAL H 416 15.79 -22.96 -22.97
CA THR H 417 17.24 -19.70 -24.33
CA SER H 418 19.90 -19.76 -27.11
CA ILE H 419 22.22 -16.72 -27.51
CA LEU H 420 23.78 -15.87 -30.96
CA ARG H 421 26.25 -12.98 -30.58
CA VAL H 422 26.88 -10.83 -33.77
CA ALA H 423 28.66 -7.59 -34.81
CA ALA H 424 26.26 -4.56 -34.39
CA GLU H 425 26.86 -3.71 -38.10
CA ASP H 426 25.63 -7.02 -39.73
CA TRP H 427 22.28 -6.83 -37.85
CA LYS H 428 21.93 -3.19 -39.18
CA LYS H 429 23.07 -4.31 -42.70
CA GLY H 430 19.64 -6.07 -42.67
CA ASP H 431 20.85 -9.67 -42.26
CA THR H 432 18.40 -12.53 -41.56
CA PHE H 433 19.55 -14.94 -38.80
CA SER H 434 17.49 -18.11 -38.13
CA CYS H 435 17.21 -20.30 -35.04
CA MET H 436 16.61 -23.97 -36.11
CA VAL H 437 14.96 -26.23 -33.46
CA GLY H 438 14.80 -30.04 -33.80
CA HIS H 439 12.49 -31.97 -31.47
CA GLU H 440 10.41 -35.26 -31.31
CA ALA H 441 7.05 -33.33 -31.45
CA LEU H 442 7.90 -30.85 -34.30
CA PRO H 443 6.02 -31.33 -37.68
CA LEU H 444 8.98 -32.65 -39.76
CA ALA H 445 11.12 -33.04 -36.55
CA PHE H 446 12.38 -29.56 -37.53
CA THR H 447 11.20 -25.93 -37.33
CA GLN H 448 13.10 -22.69 -38.02
CA LYS H 449 12.08 -19.16 -36.83
CA THR H 450 13.85 -16.09 -38.34
CA ILE H 451 15.20 -12.69 -37.03
CA ASP H 452 16.14 -9.55 -39.05
CA ARG H 453 16.39 -5.71 -38.54
CA LEU H 454 13.32 -5.55 -40.92
CA ALA H 455 9.83 -5.32 -39.26
CA GLY H 456 6.67 -5.19 -41.50
CA LYS H 457 3.52 -4.75 -39.34
CA PRO H 458 0.90 -6.89 -41.17
CA THR H 459 2.32 -8.62 -38.82
CA HIS H 460 5.07 -11.26 -38.04
CA VAL H 461 5.33 -13.46 -41.26
CA ASN H 462 8.15 -15.82 -42.59
CA VAL H 463 10.48 -16.36 -45.71
CA SER H 464 9.30 -18.03 -49.02
CA VAL H 465 9.59 -21.74 -50.26
CA VAL H 466 13.36 -22.40 -50.98
CA MET H 467 13.82 -25.75 -52.86
CA ALA H 468 11.49 -28.24 -54.78
CA GLU H 469 11.43 -31.31 -55.66
CA VAL H 470 14.48 -33.64 -54.84
CA ASP H 471 13.06 -34.84 -51.45
CA GLY H 472 15.49 -37.71 -50.50
CA THR H 473 13.23 -40.71 -51.40
CA CYS H 474 12.63 -39.48 -55.01
CA TYR H 475 16.21 -38.05 -55.70
CA GLU A 1 -79.39 80.19 -78.28
CA LEU A 2 -76.29 78.04 -77.85
CA VAL A 3 -76.57 76.21 -74.57
CA MET A 4 -73.55 76.03 -72.23
CA THR A 5 -73.69 73.18 -69.71
CA GLN A 6 -71.15 72.86 -66.87
CA SER A 7 -70.21 69.72 -65.06
CA PRO A 8 -70.32 69.33 -62.07
CA SER A 9 -72.55 71.76 -60.21
CA SER A 10 -70.53 71.40 -56.97
CA LEU A 11 -67.20 69.94 -55.88
CA SER A 12 -65.41 69.87 -52.52
CA ALA A 13 -61.67 69.17 -52.65
CA SER A 14 -58.72 69.62 -50.29
CA VAL A 15 -56.05 72.24 -50.83
CA GLY A 16 -53.32 70.89 -53.09
CA ASP A 17 -55.83 68.85 -55.10
CA ARG A 18 -56.14 69.28 -58.82
CA VAL A 19 -59.71 70.09 -59.93
CA ASN A 20 -61.15 70.02 -63.50
CA ILE A 21 -64.57 71.65 -64.41
CA ALA A 22 -66.08 70.83 -67.83
CA CYS A 23 -68.29 73.02 -70.02
CA ARG A 24 -70.08 71.78 -73.18
CA ALA A 25 -71.31 73.94 -75.99
CA SER A 26 -74.51 72.48 -77.63
CA GLN A 27 -72.62 73.09 -80.92
CA GLY A 28 -69.15 74.19 -82.09
CA ILE A 29 -67.81 77.54 -80.88
CA SER A 30 -64.16 77.15 -81.96
CA SER A 31 -62.18 78.87 -79.14
CA ALA A 32 -64.70 81.52 -78.16
CA LEU A 33 -64.98 80.60 -74.55
CA ALA A 34 -64.11 82.72 -71.50
CA TRP A 35 -64.09 81.48 -67.79
CA TYR A 36 -65.07 83.72 -64.80
CA GLN A 37 -64.57 83.41 -61.08
CA GLN A 38 -67.27 84.93 -58.84
CA LYS A 39 -66.70 85.10 -55.09
CA PRO A 40 -70.07 85.13 -53.39
CA GLY A 41 -71.46 88.66 -53.44
CA LYS A 42 -69.11 90.18 -55.94
CA ALA A 43 -68.79 91.04 -59.50
CA PRO A 44 -67.49 88.16 -61.69
CA ARG A 45 -63.75 88.21 -62.66
CA LEU A 46 -62.12 87.14 -65.92
CA LEU A 47 -59.60 84.29 -65.63
CA ILE A 48 -59.31 82.88 -69.14
CA TYR A 49 -60.41 84.13 -72.62
CA ASP A 50 -60.14 82.35 -76.05
CA ALA A 51 -60.35 78.96 -74.22
CA SER A 52 -56.75 79.05 -73.04
CA ASN A 53 -55.31 82.60 -72.62
CA LEU A 54 -54.84 83.69 -68.94
CA GLU A 55 -55.83 87.24 -68.28
CA SER A 56 -52.93 89.39 -66.88
CA GLY A 57 -52.51 89.04 -63.06
CA VAL A 58 -54.38 85.63 -62.78
CA PRO A 59 -52.31 82.99 -60.93
CA SER A 60 -50.41 80.50 -63.04
CA ARG A 61 -52.32 77.57 -61.37
CA PHE A 62 -55.38 78.30 -63.54
CA SER A 63 -55.32 76.82 -67.08
CA GLY A 64 -58.01 76.12 -69.71
CA SER A 65 -58.29 73.80 -72.70
CA GLY A 66 -60.74 72.69 -75.41
CA SER A 67 -61.88 73.62 -78.85
CA GLY A 68 -65.11 73.01 -80.69
CA THR A 69 -67.57 71.83 -78.12
CA ASP A 70 -65.75 70.60 -74.94
CA PHE A 71 -63.71 72.90 -72.69
CA THR A 72 -61.90 72.26 -69.31
CA LEU A 73 -60.72 74.69 -66.64
CA THR A 74 -58.02 73.10 -64.37
CA ILE A 75 -56.92 74.54 -61.00
CA SER A 76 -53.70 72.63 -60.45
CA SER A 77 -53.22 73.12 -56.68
CA LEU A 78 -56.43 74.28 -55.04
CA GLN A 79 -55.90 77.04 -52.50
CA PRO A 80 -58.53 78.41 -49.79
CA GLU A 81 -58.92 81.62 -51.72
CA ASP A 82 -60.21 79.60 -54.68
CA PHE A 83 -63.65 79.14 -53.06
CA ALA A 84 -66.02 80.61 -55.65
CA ILE A 85 -68.63 79.82 -58.34
CA TYR A 86 -66.94 79.40 -61.76
CA TYR A 87 -68.83 80.20 -65.12
CA CYS A 88 -68.05 79.64 -68.74
CA GLN A 89 -69.51 81.98 -71.38
CA GLN A 90 -69.53 81.61 -75.24
CA PHE A 91 -69.11 84.60 -77.60
CA ASN A 92 -69.31 82.86 -80.92
CA SER A 93 -73.02 83.66 -81.37
CA TYR A 94 -75.60 86.14 -80.12
CA PRO A 95 -77.30 85.83 -77.51
CA LEU A 96 -74.07 85.48 -75.62
CA THR A 97 -74.71 82.72 -73.07
CA PHE A 98 -73.36 81.52 -69.73
CA GLY A 99 -73.15 78.12 -68.24
CA GLY A 100 -74.91 77.30 -64.97
CA GLY A 101 -71.93 77.43 -62.51
CA THR A 102 -69.66 75.06 -60.63
CA LYS A 103 -69.41 75.95 -56.93
CA VAL A 104 -66.05 74.86 -55.47
CA GLU A 105 -65.99 74.49 -51.64
CA ILE A 106 -62.71 73.69 -49.74
CA LYS A 107 -62.44 70.47 -47.59
CA ARG A 108 -60.44 70.81 -44.34
CA THR A 109 -60.12 69.41 -40.77
CA VAL A 110 -63.01 69.73 -38.26
CA ALA A 111 -63.05 72.87 -36.21
CA ALA A 112 -65.35 73.20 -33.23
CA PRO A 113 -67.29 76.41 -32.90
CA SER A 114 -66.91 79.22 -30.37
CA VAL A 115 -70.42 79.86 -29.03
CA PHE A 116 -71.76 83.20 -27.81
CA ILE A 117 -75.24 84.27 -26.69
CA PHE A 118 -76.58 87.84 -26.55
CA PRO A 119 -79.66 89.14 -24.61
CA PRO A 120 -82.16 91.69 -26.14
CA SER A 121 -80.91 95.25 -25.87
CA ASP A 122 -82.81 97.78 -23.79
CA GLU A 123 -84.06 99.96 -26.56
CA GLN A 124 -85.20 96.90 -28.39
CA LEU A 125 -87.48 95.83 -25.46
CA LYS A 126 -88.73 99.49 -25.57
CA SER A 127 -90.32 98.64 -29.00
CA GLY A 128 -92.20 95.68 -27.53
CA THR A 129 -89.91 92.92 -29.16
CA ALA A 130 -86.98 90.86 -27.99
CA SER A 131 -84.39 89.18 -30.26
CA VAL A 132 -81.98 86.75 -28.59
CA VAL A 133 -78.91 85.83 -30.73
CA CYS A 134 -76.67 82.76 -30.44
CA LEU A 135 -73.39 82.88 -32.43
CA LEU A 136 -71.34 79.85 -33.47
CA ASN A 137 -68.08 81.28 -34.78
CA ASN A 138 -65.58 79.65 -37.07
CA PHE A 139 -66.29 76.01 -37.56
CA TYR A 140 -65.90 73.21 -40.11
CA PRO A 141 -67.93 71.17 -41.48
CA ARG A 142 -70.99 73.41 -41.98
CA GLU A 143 -73.51 71.08 -40.32
CA ALA A 144 -74.39 72.07 -36.73
CA LYS A 145 -77.64 72.05 -34.69
CA VAL A 146 -78.82 74.96 -32.47
CA GLN A 147 -81.61 74.29 -29.98
CA TRP A 148 -83.25 77.00 -27.91
CA LYS A 149 -84.65 76.21 -24.48
CA VAL A 150 -86.50 78.87 -22.44
CA ASP A 151 -87.17 77.78 -18.80
CA ASN A 152 -85.02 74.73 -19.26
CA ALA A 153 -86.38 72.01 -21.61
CA LEU A 154 -89.25 74.16 -22.87
CA GLN A 155 -87.30 74.09 -26.04
CA SER A 156 -88.76 76.11 -28.83
CA GLY A 157 -89.60 76.27 -32.63
CA ASN A 158 -89.61 80.16 -33.46
CA SER A 159 -85.99 80.90 -34.55
CA GLN A 160 -84.25 81.77 -37.84
CA GLU A 161 -80.67 80.97 -38.93
CA SER A 162 -78.05 82.52 -41.18
CA VAL A 163 -74.70 80.94 -42.22
CA THR A 164 -71.92 82.86 -43.86
CA GLU A 165 -70.08 81.54 -47.00
CA GLN A 166 -66.68 79.81 -46.58
CA ASP A 167 -63.91 82.09 -45.45
CA SER A 168 -61.12 82.40 -48.05
CA LYS A 169 -58.45 82.38 -45.38
CA ASP A 170 -59.31 79.44 -43.06
CA SER A 171 -62.26 77.69 -44.79
CA THR A 172 -64.73 78.00 -41.89
CA TYR A 173 -68.37 79.05 -41.56
CA SER A 174 -70.02 81.10 -38.83
CA LEU A 175 -73.76 80.89 -38.00
CA SER A 176 -76.38 82.95 -36.11
CA SER A 177 -79.67 81.83 -34.70
CA THR A 178 -82.12 84.58 -33.73
CA LEU A 179 -84.96 83.72 -31.42
CA THR A 180 -87.67 86.39 -31.54
CA LEU A 181 -90.39 86.80 -28.97
CA SER A 182 -92.54 89.71 -27.81
CA LYS A 183 -91.45 91.89 -24.78
CA ALA A 184 -94.29 90.22 -22.77
CA ASP A 185 -93.23 86.70 -23.75
CA TYR A 186 -89.64 87.42 -22.83
CA GLU A 187 -90.81 89.02 -19.51
CA LYS A 188 -92.24 85.81 -18.28
CA HIS A 189 -89.35 83.43 -18.55
CA LYS A 190 -85.90 83.65 -16.91
CA VAL A 191 -83.36 81.03 -18.25
CA TYR A 192 -82.66 81.50 -21.95
CA ALA A 193 -80.27 78.96 -23.46
CA CYS A 194 -78.61 78.02 -26.75
CA GLU A 195 -77.53 74.34 -27.03
CA VAL A 196 -75.08 73.45 -29.81
CA THR A 197 -74.23 70.16 -31.46
CA HIS A 198 -71.38 69.88 -33.96
CA GLN A 199 -68.77 67.19 -34.79
CA GLY A 200 -65.74 68.99 -33.27
CA LEU A 201 -67.26 69.28 -29.79
CA SER A 202 -67.04 66.33 -27.34
CA SER A 203 -70.33 67.26 -25.68
CA PRO A 204 -73.29 69.55 -26.66
CA VAL A 205 -72.48 73.09 -25.55
CA THR A 206 -74.94 75.39 -23.73
CA LYS A 207 -74.69 79.16 -23.28
CA SER A 208 -77.42 80.53 -21.03
CA PHE A 209 -78.31 83.75 -19.29
CA ASN A 210 -80.82 84.83 -16.70
CA ARG A 211 -83.37 87.55 -17.53
CA GLY A 212 -82.08 90.28 -15.18
CA GLU A 213 -78.38 90.68 -16.32
CA CYS A 214 -75.79 93.04 -14.66
CA GLU B 1 -19.39 69.43 69.76
CA LEU B 2 -18.36 66.67 67.36
CA VAL B 3 -17.99 68.17 63.92
CA MET B 4 -19.47 66.34 60.90
CA THR B 5 -17.93 67.35 57.57
CA GLN B 6 -19.37 66.18 54.24
CA SER B 7 -17.55 65.90 50.98
CA PRO B 8 -18.38 67.19 48.38
CA SER B 9 -20.77 70.09 48.75
CA SER B 10 -22.24 69.54 45.23
CA LEU B 11 -22.13 66.88 42.53
CA SER B 12 -23.84 66.60 39.14
CA ALA B 13 -24.01 63.10 37.65
CA SER B 14 -26.04 61.38 34.93
CA VAL B 15 -28.74 58.84 35.67
CA GLY B 16 -27.24 55.38 35.98
CA ASP B 17 -24.06 56.75 37.53
CA ARG B 18 -22.86 55.56 40.90
CA VAL B 19 -22.32 58.40 43.39
CA ASN B 20 -20.49 58.28 46.76
CA ILE B 21 -20.78 61.09 49.43
CA ALA B 22 -18.33 61.06 52.36
CA CYS B 23 -18.89 62.29 55.91
CA ARG B 24 -16.11 62.60 58.54
CA ALA B 25 -16.60 62.67 62.26
CA SER B 26 -13.93 64.86 64.01
CA GLN B 27 -13.55 61.83 66.36
CA GLY B 28 -14.84 58.25 66.63
CA ILE B 29 -18.61 57.68 66.75
CA SER B 30 -18.65 53.88 66.21
CA SER B 31 -21.75 53.31 64.02
CA ALA B 32 -23.94 56.13 65.29
CA LEU B 33 -24.52 57.80 62.01
CA ALA B 34 -27.84 58.36 60.20
CA TRP B 35 -28.24 59.77 56.57
CA TYR B 36 -31.21 61.99 55.48
CA GLN B 37 -32.55 63.01 52.12
CA GLN B 38 -34.20 66.47 51.90
CA LYS B 39 -35.99 67.47 48.71
CA PRO B 40 -35.95 71.24 48.48
CA GLY B 41 -38.74 72.66 50.62
CA LYS B 42 -39.62 69.57 52.57
CA ALA B 43 -38.99 67.88 55.77
CA PRO B 44 -35.86 65.67 55.79
CA ARG B 45 -36.36 61.87 55.36
CA LEU B 46 -34.45 59.01 56.97
CA LEU B 47 -32.62 56.68 54.56
CA ILE B 48 -30.02 54.93 56.70
CA TYR B 49 -29.47 54.58 60.50
CA ASP B 50 -26.57 52.86 62.39
CA ALA B 51 -24.24 53.63 59.40
CA SER B 52 -25.61 50.82 57.26
CA ASN B 53 -29.27 49.85 58.05
CA LEU B 54 -31.83 50.97 55.39
CA GLU B 55 -35.01 52.31 56.82
CA SER B 56 -38.14 50.34 55.68
CA GLY B 57 -39.46 51.48 52.24
CA VAL B 58 -36.14 53.14 51.09
CA PRO B 59 -35.01 51.87 47.64
CA SER B 60 -32.39 49.15 47.59
CA ARG B 61 -30.04 51.43 45.50
CA PHE B 62 -29.13 53.38 48.66
CA SER B 63 -26.39 51.82 50.86
CA GLY B 64 -24.10 53.19 53.61
CA SER B 65 -20.76 52.11 55.08
CA GLY B 66 -18.12 53.19 57.61
CA SER B 67 -17.30 52.89 61.26
CA GLY B 68 -15.28 55.07 63.58
CA THR B 69 -14.72 58.31 61.76
CA ASP B 70 -15.34 57.86 57.98
CA PHE B 71 -18.74 57.04 56.49
CA THR B 72 -19.95 56.71 52.82
CA LEU B 73 -23.45 56.84 51.35
CA THR B 74 -23.58 55.21 47.83
CA ILE B 75 -26.47 55.64 45.36
CA SER B 76 -25.72 52.82 42.94
CA SER B 77 -27.79 53.93 39.91
CA LEU B 78 -28.75 57.59 40.19
CA GLN B 79 -32.35 58.27 39.21
CA PRO B 80 -34.07 61.83 38.51
CA GLU B 81 -36.05 61.57 41.69
CA ASP B 82 -32.76 61.45 43.63
CA PHE B 83 -32.22 65.23 43.26
CA ALA B 84 -31.95 66.40 46.87
CA ILE B 85 -29.57 67.66 49.59
CA TYR B 86 -28.20 64.72 51.64
CA TYR B 87 -27.12 65.12 55.39
CA CYS B 88 -25.33 62.91 57.84
CA GLN B 89 -26.00 63.28 61.57
CA GLN B 90 -24.10 61.72 64.58
CA PHE B 91 -25.89 60.53 67.74
CA ASN B 92 -22.97 59.29 69.74
CA SER B 93 -22.65 62.52 71.73
CA TYR B 94 -24.77 65.51 72.73
CA PRO B 95 -25.17 68.10 71.02
CA LEU B 96 -26.35 65.91 68.22
CA THR B 97 -24.79 67.39 65.06
CA PHE B 98 -25.40 67.45 61.31
CA GLY B 99 -23.02 67.71 58.45
CA GLY B 100 -23.22 70.60 56.00
CA GLY B 101 -25.00 68.87 53.03
CA THR B 102 -24.19 67.46 49.62
CA LYS B 103 -26.53 68.76 46.91
CA VAL B 104 -26.92 66.23 44.08
CA GLU B 105 -28.14 67.71 40.75
CA ILE B 106 -28.96 65.45 37.71
CA LYS B 107 -27.04 65.90 34.37
CA ARG B 108 -29.11 65.42 31.18
CA THR B 109 -29.38 66.51 27.50
CA VAL B 110 -30.02 70.17 26.56
CA ALA B 111 -33.63 71.19 26.35
CA ALA B 112 -34.61 74.52 24.84
CA PRO B 113 -37.15 76.58 26.71
CA SER B 114 -40.75 77.38 25.79
CA VAL B 115 -41.06 81.17 26.20
CA PHE B 116 -44.21 83.05 27.20
CA ILE B 117 -44.82 86.74 27.94
CA PHE B 118 -47.74 88.19 29.94
CA PRO B 119 -48.96 91.84 29.98
CA PRO B 120 -50.05 93.64 33.27
CA SER B 121 -53.59 92.77 34.26
CA ASP B 122 -56.24 95.47 34.36
CA GLU B 123 -56.77 95.60 38.07
CA GLN B 124 -53.06 95.76 38.53
CA LEU B 125 -52.79 98.96 36.41
CA LYS B 126 -55.70 100.24 38.61
CA SER B 127 -53.20 100.26 41.59
CA GLY B 128 -50.74 102.43 39.65
CA THR B 129 -48.16 99.55 38.92
CA ALA B 130 -47.47 97.23 36.04
CA SER B 131 -45.65 93.89 36.24
CA VAL B 132 -44.72 92.23 32.94
CA VAL B 133 -43.73 88.52 33.23
CA CYS B 134 -41.65 86.45 30.81
CA LEU B 135 -41.69 82.65 31.38
CA LEU B 136 -39.05 80.21 30.15
CA ASN B 137 -40.53 76.77 30.76
CA ASN B 138 -38.71 73.49 31.05
CA PHE B 139 -35.12 73.76 30.00
CA TYR B 140 -31.71 72.23 30.67
CA PRO B 141 -28.87 73.43 31.54
CA ARG B 142 -29.98 76.13 34.02
CA GLU B 143 -28.01 78.99 32.44
CA ALA B 144 -30.14 81.30 30.25
CA LYS B 145 -30.22 85.09 29.67
CA VAL B 146 -33.42 87.22 29.60
CA GLN B 147 -33.21 90.74 28.20
CA TRP B 148 -36.08 93.21 28.31
CA LYS B 149 -36.45 95.83 25.60
CA VAL B 150 -39.21 98.48 25.78
CA ASP B 151 -39.56 100.50 22.53
CA ASN B 152 -37.16 98.20 20.77
CA ALA B 153 -33.49 98.37 21.88
CA LEU B 154 -34.24 100.59 24.90
CA GLN B 155 -33.34 97.51 26.81
CA SER B 156 -33.67 97.82 30.52
CA GLY B 157 -32.08 97.05 33.99
CA ASN B 158 -35.18 96.91 36.46
CA SER B 159 -36.22 93.20 36.49
CA GLN B 160 -36.05 90.33 38.98
CA GLU B 161 -35.72 86.58 38.29
CA SER B 162 -36.77 83.34 39.97
CA VAL B 163 -35.71 79.80 38.95
CA THR B 164 -37.38 76.68 40.23
CA GLU B 165 -35.36 73.66 41.58
CA GLN B 166 -34.76 70.65 39.29
CA ASP B 167 -37.87 68.68 38.47
CA SER B 168 -37.72 65.10 39.80
CA LYS B 169 -39.39 63.74 36.70
CA ASP B 170 -37.53 65.33 33.74
CA SER B 171 -34.60 67.24 35.34
CA THR B 172 -35.48 70.68 33.95
CA TYR B 173 -35.74 74.18 35.39
CA SER B 174 -38.27 76.89 34.66
CA LEU B 175 -37.59 80.63 35.15
CA SER B 176 -39.59 83.89 35.43
CA SER B 177 -38.42 87.41 34.89
CA THR B 178 -40.68 90.17 36.19
CA LEU B 179 -40.22 93.67 34.86
CA THR B 180 -41.91 96.22 37.11
CA LEU B 181 -42.70 99.76 36.12
CA SER B 182 -45.26 102.34 37.24
CA LYS B 183 -48.66 102.68 35.39
CA ALA B 184 -47.36 106.01 33.93
CA ASP B 185 -44.09 104.46 32.75
CA TYR B 186 -45.90 101.60 31.12
CA GLU B 187 -48.41 104.09 29.53
CA LYS B 188 -45.74 105.73 27.53
CA HIS B 189 -44.17 102.87 25.67
CA LYS B 190 -45.81 100.40 23.25
CA VAL B 191 -43.54 97.42 22.27
CA TYR B 192 -42.61 95.30 25.31
CA ALA B 193 -40.28 92.37 24.55
CA CYS B 194 -38.50 89.49 26.24
CA GLU B 195 -35.37 88.21 24.43
CA VAL B 196 -34.01 84.80 25.45
CA THR B 197 -30.61 83.20 25.00
CA HIS B 198 -30.01 79.57 25.96
CA GLN B 199 -27.87 76.72 24.52
CA GLY B 200 -30.77 74.65 23.06
CA LEU B 201 -32.10 77.46 20.86
CA SER B 202 -30.53 78.11 17.42
CA SER B 203 -31.27 81.83 17.59
CA PRO B 204 -32.22 84.24 20.47
CA VAL B 205 -36.01 84.14 20.91
CA THR B 206 -38.23 87.22 21.32
CA LYS B 207 -41.80 87.36 22.60
CA SER B 208 -43.31 90.83 22.32
CA PHE B 209 -46.66 92.50 22.68
CA ASN B 210 -48.10 95.90 21.90
CA ARG B 211 -49.59 98.02 24.70
CA GLY B 212 -53.25 97.94 23.59
CA GLU B 213 -53.99 94.12 23.46
CA CYS B 214 -57.33 92.53 22.31
CA GLN C 1 -59.77 105.29 -60.48
CA VAL C 2 -62.74 105.99 -58.15
CA LYS C 3 -63.37 102.46 -59.40
CA LEU C 4 -62.93 101.91 -63.23
CA LEU C 5 -66.55 101.09 -64.19
CA GLU C 6 -68.95 102.30 -61.40
CA GLN C 7 -72.73 101.91 -61.21
CA SER C 8 -75.73 103.78 -59.69
CA GLY C 9 -77.01 102.07 -56.48
CA ALA C 10 -80.22 100.15 -55.86
CA GLU C 11 -83.52 100.41 -56.32
CA VAL C 12 -87.02 99.35 -55.61
CA LYS C 13 -89.53 99.89 -58.41
CA LYS C 14 -93.25 99.02 -58.47
CA PRO C 15 -94.36 96.33 -61.06
CA GLY C 16 -95.20 98.18 -64.34
CA ALA C 17 -92.64 100.98 -63.74
CA SER C 18 -89.31 101.58 -65.51
CA VAL C 19 -85.77 101.61 -64.04
CA LYS C 20 -82.70 103.46 -65.39
CA VAL C 21 -79.29 102.08 -64.36
CA SER C 22 -76.08 104.07 -65.09
CA CYS C 23 -72.46 103.00 -65.52
CA LYS C 24 -69.72 105.71 -65.33
CA ALA C 25 -66.35 104.78 -66.95
CA SER C 26 -63.19 106.36 -65.34
CA GLY C 27 -59.43 105.94 -66.16
CA TYR C 28 -59.65 104.58 -69.76
CA SER C 29 -60.73 106.21 -73.09
CA PHE C 30 -64.57 105.74 -72.98
CA THR C 31 -65.25 105.93 -76.80
CA SER C 32 -62.62 103.24 -77.70
CA TYR C 33 -64.61 100.28 -76.19
CA GLY C 34 -68.13 98.86 -76.09
CA LEU C 35 -70.07 98.14 -72.86
CA HIS C 36 -72.10 94.97 -72.30
CA TRP C 37 -75.13 94.72 -69.89
CA VAL C 38 -75.67 91.45 -67.97
CA ARG C 39 -78.08 90.50 -65.15
CA GLN C 40 -78.16 87.81 -62.44
CA ALA C 41 -81.55 86.93 -60.89
CA PRO C 42 -81.33 85.31 -57.38
CA GLY C 43 -79.95 81.72 -57.54
CA GLN C 44 -79.70 81.91 -61.34
CA ARG C 45 -77.05 82.09 -64.04
CA LEU C 46 -75.87 85.33 -65.62
CA GLU C 47 -78.02 86.46 -68.58
CA TRP C 48 -76.67 88.71 -71.35
CA MET C 49 -79.11 91.61 -72.14
CA GLY C 50 -77.32 93.85 -74.67
CA TRP C 51 -74.28 95.91 -75.75
CA ILE C 52 -73.60 99.56 -76.74
CA SER C 53 -70.62 100.95 -78.73
CA ALA C 54 -69.52 104.13 -76.79
CA GLY C 55 -68.05 105.65 -80.03
CA THR C 56 -71.05 105.28 -82.45
CA GLY C 57 -73.99 104.80 -79.98
CA ASN C 58 -74.93 101.57 -81.89
CA THR C 59 -76.90 98.95 -80.11
CA LYS C 60 -77.30 95.18 -79.96
CA TYR C 61 -79.65 93.30 -77.64
CA SER C 62 -81.13 89.98 -76.59
CA GLN C 63 -84.56 89.38 -78.21
CA LYS C 64 -85.74 88.13 -74.75
CA PHE C 65 -85.95 91.94 -73.93
CA ARG C 66 -87.42 92.92 -77.38
CA GLY C 67 -89.48 96.12 -77.09
CA ARG C 68 -88.63 96.93 -73.41
CA VAL C 69 -84.82 97.55 -73.14
CA THR C 70 -83.01 100.80 -74.24
CA PHE C 71 -79.21 101.56 -74.24
CA THR C 72 -77.86 105.14 -74.24
CA ARG C 73 -74.40 106.73 -73.70
CA ASP C 74 -73.57 110.31 -72.64
CA THR C 75 -70.16 110.57 -74.32
CA SER C 76 -69.25 113.91 -72.53
CA ALA C 77 -70.11 112.62 -68.97
CA THR C 78 -68.55 109.25 -69.97
CA THR C 79 -71.60 107.32 -68.68
CA ALA C 80 -73.69 104.58 -70.34
CA TYR C 81 -77.29 103.78 -69.25
CA MET C 82 -79.72 100.92 -69.64
CA GLY C 83 -83.46 101.62 -69.42
CA LEU C 84 -85.74 98.62 -68.58
CA SER C 85 -89.52 99.23 -69.01
CA SER C 86 -92.67 97.32 -67.92
CA LEU C 87 -91.03 95.86 -64.81
CA ARG C 88 -92.25 92.44 -63.65
CA PRO C 89 -91.35 90.78 -60.25
CA GLU C 90 -88.91 88.42 -62.15
CA ASP C 91 -86.76 91.47 -63.13
CA THR C 92 -85.54 91.48 -59.46
CA ALA C 93 -81.83 90.89 -60.17
CA VAL C 94 -78.34 92.44 -59.97
CA TYR C 95 -77.63 94.45 -63.18
CA TYR C 96 -73.96 94.65 -64.21
CA CYS C 97 -72.32 96.65 -66.93
CA ALA C 98 -69.07 95.01 -68.17
CA ARG C 99 -66.45 96.13 -70.69
CA ASP C 100 -65.94 94.76 -74.25
CA PRO C 101 -62.05 94.91 -74.60
CA TYR C 102 -62.25 95.27 -78.44
CA GLY C 103 -65.36 97.44 -79.27
CA GLY C 104 -66.93 94.81 -81.64
CA GLY C 105 -69.88 93.44 -79.56
CA LYS C 106 -68.90 89.75 -79.27
CA SER C 107 -66.25 89.29 -76.60
CA GLU C 108 -65.31 88.06 -73.14
CA PHE C 109 -65.77 90.90 -70.55
CA ASP C 110 -62.50 92.10 -68.88
CA TYR C 111 -63.80 94.79 -66.38
CA TRP C 112 -67.12 94.56 -64.57
CA GLY C 113 -69.07 97.24 -62.73
CA GLN C 114 -70.12 96.37 -59.13
CA GLY C 115 -73.82 95.65 -59.80
CA THR C 116 -77.06 97.46 -58.89
CA LEU C 117 -79.83 95.41 -57.37
CA VAL C 118 -83.25 96.41 -58.74
CA THR C 119 -86.05 94.93 -56.67
CA VAL C 120 -89.54 94.96 -58.26
CA SER C 121 -92.21 95.16 -55.47
CA SER C 122 -95.51 96.65 -54.14
CA ALA C 123 -95.28 94.88 -50.68
CA SER C 124 -94.21 98.22 -49.27
CA PRO C 125 -90.55 99.44 -49.01
CA THR C 126 -89.41 99.79 -45.34
CA SER C 127 -86.05 101.22 -44.06
CA PRO C 128 -84.00 99.20 -41.45
CA LYS C 129 -84.05 100.09 -37.73
CA VAL C 130 -80.51 99.57 -36.37
CA PHE C 131 -80.10 98.28 -32.76
CA PRO C 132 -76.91 97.73 -30.69
CA LEU C 133 -75.84 94.23 -29.58
CA SER C 134 -73.54 94.70 -26.53
CA LEU C 135 -72.83 92.95 -23.16
CA CYS C 136 -71.84 94.58 -19.81
CA SER C 137 -69.95 91.79 -17.85
CA THR C 138 -72.00 88.98 -19.57
CA GLN C 139 -69.24 88.08 -22.16
CA PRO C 140 -66.18 85.84 -21.24
CA ASP C 141 -63.04 87.62 -19.78
CA GLY C 142 -60.56 88.00 -22.75
CA ASN C 143 -62.42 88.60 -26.08
CA VAL C 144 -65.33 91.01 -26.90
CA VAL C 145 -68.28 90.40 -29.31
CA ILE C 146 -70.37 93.46 -30.26
CA ALA C 147 -72.85 93.76 -33.10
CA CYS C 148 -75.58 95.72 -34.93
CA LEU C 149 -79.03 94.18 -35.57
CA VAL C 150 -80.30 95.68 -38.92
CA GLN C 151 -84.02 95.00 -38.43
CA GLY C 152 -87.32 95.08 -40.39
CA PHE C 153 -86.38 96.19 -43.91
CA PHE C 154 -87.78 95.51 -47.42
CA PRO C 155 -86.67 94.84 -50.05
CA GLN C 156 -83.34 92.96 -49.40
CA GLU C 157 -81.06 95.17 -51.68
CA PRO C 158 -77.21 95.55 -51.18
CA LEU C 159 -76.46 96.28 -47.49
CA SER C 160 -72.95 97.83 -46.96
CA VAL C 161 -71.88 97.32 -43.29
CA THR C 162 -68.54 98.82 -42.21
CA TRP C 163 -67.11 99.06 -38.62
CA SER C 164 -64.92 101.97 -37.24
CA GLU C 165 -62.14 99.59 -35.95
CA SER C 166 -60.08 97.30 -38.32
CA GLY C 167 -56.96 95.13 -37.61
CA GLN C 168 -55.23 91.67 -37.52
CA GLY C 169 -57.29 90.07 -34.66
CA VAL C 170 -60.54 92.08 -35.27
CA THR C 171 -62.97 89.82 -37.27
CA ALA C 172 -66.15 91.15 -38.97
CA ARG C 173 -68.98 88.68 -39.79
CA ASN C 174 -71.84 89.97 -41.98
CA PHE C 175 -74.77 87.45 -41.65
CA PRO C 176 -76.90 87.12 -44.89
CA PRO C 177 -80.52 88.54 -44.86
CA SER C 178 -83.14 86.22 -43.26
CA GLN C 179 -86.81 86.67 -44.30
CA ASP C 180 -89.72 86.73 -41.71
CA ALA C 181 -92.89 84.82 -42.97
CA SER C 182 -94.23 85.41 -46.58
CA GLY C 183 -91.98 88.31 -47.77
CA ASP C 184 -93.06 90.58 -44.80
CA LEU C 185 -89.68 91.89 -43.41
CA TYR C 186 -85.93 91.03 -43.76
CA THR C 187 -83.43 91.10 -40.80
CA THR C 188 -79.55 90.88 -40.95
CA SER C 189 -76.97 91.03 -38.10
CA SER C 190 -73.35 92.38 -38.43
CA GLN C 191 -70.92 91.09 -35.71
CA LEU C 192 -67.44 92.47 -34.72
CA THR C 193 -65.27 90.03 -32.65
CA LEU C 194 -62.09 91.76 -31.21
CA PRO C 195 -59.69 91.31 -28.17
CA ALA C 196 -60.88 92.88 -24.81
CA THR C 197 -57.64 95.01 -24.70
CA GLN C 198 -58.78 96.57 -28.08
CA CYS C 199 -62.39 97.22 -26.81
CA LEU C 200 -62.11 98.53 -23.18
CA ALA C 201 -65.09 99.42 -20.83
CA GLY C 202 -66.44 103.00 -21.45
CA LYS C 203 -65.23 103.01 -25.13
CA SER C 204 -67.39 102.44 -28.29
CA VAL C 205 -67.07 101.16 -31.93
CA THR C 206 -69.24 102.72 -34.71
CA CYS C 207 -71.18 100.50 -37.16
CA HIS C 208 -71.93 102.25 -40.52
CA VAL C 209 -74.91 100.75 -42.44
CA LYS C 210 -75.73 101.72 -46.06
CA HIS C 211 -79.02 100.28 -47.44
CA TYR C 212 -79.02 100.76 -51.39
CA THR C 213 -78.30 104.38 -52.51
CA ASN C 214 -79.84 105.78 -49.27
CA PRO C 215 -77.78 107.92 -46.76
CA SER C 216 -75.54 106.02 -44.25
CA GLN C 217 -77.16 105.09 -40.88
CA ASP C 218 -74.54 105.16 -38.07
CA VAL C 219 -74.75 103.57 -34.56
CA THR C 220 -72.18 103.93 -31.75
CA VAL C 221 -72.02 100.42 -30.12
CA PRO C 222 -70.45 100.12 -26.56
CA CYS C 223 -68.89 98.89 -26.74
CA PRO C 224 -67.35 97.68 -26.92
CA VAL C 225 -66.61 96.38 -23.23
CA PRO C 226 -65.24 92.61 -23.78
CA SER C 227 -61.42 92.11 -24.35
CA THR C 228 -59.81 89.56 -21.95
CA PRO C 229 -58.99 86.06 -23.89
CA PRO C 230 -61.28 83.95 -21.66
CA THR C 231 -60.17 80.51 -20.22
CA PRO C 232 -62.79 77.65 -19.81
CA SER C 233 -61.98 74.06 -18.28
CA PRO C 234 -58.62 73.89 -16.08
CA SER C 235 -58.34 69.90 -15.72
CA THR C 236 -54.98 69.98 -13.60
CA PRO C 237 -53.50 67.29 -11.06
CA PRO C 238 -50.37 68.42 -8.81
CA THR C 239 -48.82 64.79 -8.74
CA PRO C 240 -45.34 62.88 -8.45
CA SER C 241 -44.05 59.78 -10.49
CA PRO C 242 -41.94 57.37 -7.91
CA SER C 243 -38.56 55.52 -8.43
CA CYS C 244 -37.92 53.38 -5.35
CA CYS C 245 -35.39 50.49 -5.85
CA HIS C 246 -34.88 47.16 -3.70
CA PRO C 247 -31.16 46.99 -2.08
CA ARG C 248 -28.83 44.28 -3.60
CA LEU C 249 -25.31 43.40 -2.17
CA SER C 250 -22.81 41.97 -4.76
CA LEU C 251 -19.14 40.82 -4.39
CA HIS C 252 -17.02 40.88 -7.62
CA ARG C 253 -13.79 38.74 -7.22
CA PRO C 254 -10.19 39.71 -8.35
CA ALA C 255 -9.11 38.70 -11.96
CA LEU C 256 -6.72 35.67 -12.43
CA GLU C 257 -4.22 37.29 -14.91
CA ASP C 258 -3.69 40.53 -12.81
CA LEU C 259 -3.20 38.70 -9.43
CA LEU C 260 -0.67 36.23 -11.03
CA LEU C 261 1.31 38.80 -13.16
CA GLY C 262 2.59 41.37 -10.57
CA SER C 263 0.32 40.78 -7.44
CA GLU C 264 -2.59 43.08 -8.56
CA ALA C 265 -5.89 41.91 -6.93
CA ASN C 266 -8.91 43.95 -5.67
CA LEU C 267 -12.01 42.33 -4.11
CA THR C 268 -14.87 44.70 -4.92
CA CYS C 269 -18.01 45.27 -2.81
CA THR C 270 -21.08 46.78 -4.53
CA LEU C 271 -24.34 47.81 -2.71
CA THR C 272 -27.10 48.23 -5.34
CA GLY C 273 -30.70 49.12 -4.21
CA LEU C 274 -30.22 51.59 -1.26
CA ARG C 275 -33.36 53.90 -1.59
CA ASP C 276 -33.57 57.78 -1.15
CA ALA C 277 -31.87 59.85 1.72
CA SER C 278 -29.27 57.22 2.65
CA GLY C 279 -25.63 56.09 3.38
CA VAL C 280 -23.75 52.71 3.62
CA THR C 281 -21.13 51.72 6.29
CA PHE C 282 -18.56 49.09 5.22
CA THR C 283 -16.62 46.59 7.47
CA TRP C 284 -13.88 44.60 5.57
CA THR C 285 -11.67 41.82 7.12
CA PRO C 286 -7.88 42.56 6.64
CA SER C 287 -5.70 40.49 4.19
CA SER C 288 -3.12 38.03 5.74
CA GLY C 289 -0.14 40.48 6.22
CA LYS C 290 -2.22 42.79 8.56
CA SER C 291 -3.66 44.98 5.70
CA ALA C 292 -7.13 46.70 5.47
CA VAL C 293 -7.42 49.64 2.95
CA GLN C 294 -10.78 50.94 1.45
CA GLY C 295 -12.29 53.76 -0.80
CA PRO C 296 -16.16 54.07 -0.82
CA PRO C 297 -17.97 56.60 -3.19
CA GLU C 298 -21.83 56.89 -3.50
CA ARG C 299 -23.01 56.63 -7.15
CA ASP C 300 -26.72 57.08 -8.19
CA LEU C 301 -27.33 54.24 -10.78
CA CYS C 302 -30.78 53.88 -12.58
CA GLY C 303 -32.29 56.36 -10.06
CA CYS C 304 -30.85 55.14 -6.66
CA TYR C 305 -27.53 55.13 -4.60
CA SER C 306 -24.75 52.44 -4.85
CA VAL C 307 -21.87 52.39 -2.24
CA SER C 308 -19.08 50.62 -4.15
CA SER C 309 -16.04 50.08 -1.92
CA VAL C 310 -12.78 48.28 -2.96
CA LEU C 311 -10.16 46.39 -0.87
CA PRO C 312 -6.69 46.06 -2.61
CA GLY C 313 -5.03 42.62 -2.00
CA CYS C 314 -1.75 40.70 -2.49
CA ALA C 315 -1.27 37.34 -4.37
CA GLU C 316 -0.26 35.27 -1.22
CA PRO C 317 -3.62 35.56 0.77
CA TRP C 318 -5.60 34.63 -2.44
CA ASN C 319 -3.20 31.70 -3.42
CA HIS C 320 -2.76 30.23 0.16
CA GLY C 321 -6.47 30.45 1.33
CA LYS C 322 -7.90 33.66 2.93
CA THR C 323 -11.65 34.50 3.54
CA PHE C 324 -12.56 38.11 2.55
CA THR C 325 -15.69 39.39 4.33
CA CYS C 326 -17.50 42.59 3.27
CA THR C 327 -20.03 43.36 6.04
CA ALA C 328 -22.27 46.33 5.25
CA ALA C 329 -24.56 48.11 7.84
CA TYR C 330 -27.59 50.44 7.04
CA PRO C 331 -30.64 51.32 9.35
CA GLU C 332 -33.39 50.23 6.83
CA SER C 333 -31.49 46.85 6.42
CA LYS C 334 -32.46 45.34 9.87
CA THR C 335 -29.81 42.54 9.51
CA PRO C 336 -26.38 44.04 8.42
CA LEU C 337 -25.34 42.05 5.27
CA THR C 338 -22.19 39.95 5.42
CA ALA C 339 -20.73 38.48 2.14
CA THR C 340 -17.52 36.35 2.34
CA LEU C 341 -15.25 35.25 -0.53
CA SER C 342 -12.08 33.01 -0.93
CA LYS C 343 -10.36 30.31 -3.14
CA SER C 344 -12.15 27.04 -4.25
CA GLY C 345 -12.17 23.35 -3.08
CA ASN C 346 -9.62 20.69 -1.90
CA THR C 347 -6.21 20.37 -3.76
CA PHE C 348 -4.98 17.72 -6.34
CA ARG C 349 -1.40 17.32 -7.84
CA PRO C 350 -1.21 18.05 -11.66
CA GLU C 351 -0.06 15.13 -13.84
CA VAL C 352 2.20 16.72 -16.57
CA HIS C 353 2.82 14.61 -19.75
CA LEU C 354 4.75 16.14 -22.72
CA LEU C 355 3.62 14.94 -26.19
CA PRO C 356 5.87 15.19 -29.33
CA PRO C 357 4.31 16.14 -32.74
CA PRO C 358 2.31 13.68 -34.90
CA SER C 359 4.17 12.00 -37.85
CA GLU C 360 1.89 13.83 -40.39
CA GLU C 361 2.72 17.32 -38.87
CA LEU C 362 6.41 16.71 -39.87
CA ALA C 363 5.13 17.11 -43.49
CA LEU C 364 4.53 20.76 -42.32
CA ASN C 365 7.40 23.35 -41.90
CA GLU C 366 7.25 26.76 -40.02
CA LEU C 367 5.57 25.47 -36.78
CA VAL C 368 5.94 22.01 -35.08
CA THR C 369 3.25 21.47 -32.50
CA LEU C 370 4.87 20.59 -29.10
CA THR C 371 2.06 19.74 -26.66
CA CYS C 372 2.02 19.37 -22.85
CA LEU C 373 -1.08 17.96 -21.09
CA ALA C 374 -1.62 19.08 -17.45
CA ARG C 375 -4.46 16.85 -16.10
CA GLY C 376 -6.23 15.83 -12.85
CA PHE C 377 -5.42 19.14 -11.05
CA SER C 378 -7.45 21.26 -8.52
CA PRO C 379 -8.14 24.03 -7.91
CA LYS C 380 -8.11 25.47 -11.51
CA ASP C 381 -5.43 27.91 -10.38
CA VAL C 382 -2.24 27.06 -12.39
CA LEU C 383 0.64 28.65 -14.43
CA VAL C 384 2.17 26.85 -17.41
CA ARG C 385 5.24 28.22 -19.32
CA TRP C 386 7.71 26.86 -21.93
CA LEU C 387 11.54 26.97 -22.05
CA GLN C 388 14.18 26.36 -24.76
CA GLY C 389 17.20 24.19 -23.67
CA SER C 390 19.26 25.08 -26.83
CA GLN C 391 19.51 28.86 -25.98
CA GLU C 392 18.94 28.61 -22.14
CA LEU C 393 15.95 31.02 -22.51
CA PRO C 394 12.12 31.23 -22.14
CA ARG C 395 10.08 30.73 -25.36
CA GLU C 396 7.57 32.96 -27.21
CA LYS C 397 5.35 31.08 -29.70
CA TYR C 398 3.07 29.22 -27.26
CA LEU C 399 -0.66 29.28 -26.39
CA THR C 400 -2.52 27.67 -23.38
CA TRP C 401 -6.28 26.75 -23.47
CA ALA C 402 -8.71 25.59 -20.62
CA SER C 403 -11.08 22.74 -19.43
CA ARG C 404 -12.86 22.41 -15.99
CA GLN C 405 -14.27 18.81 -15.84
CA GLU C 406 -17.70 18.43 -14.05
CA PRO C 407 -20.40 15.80 -15.01
CA SER C 408 -23.41 14.55 -12.88
CA GLN C 409 -21.10 12.39 -10.63
CA GLY C 410 -18.62 13.21 -7.79
CA THR C 411 -15.67 13.34 -10.30
CA THR C 412 -14.58 17.05 -10.68
CA THR C 413 -10.89 18.08 -11.47
CA PHE C 414 -9.36 20.20 -14.37
CA ALA C 415 -7.31 19.59 -17.55
CA VAL C 416 -5.45 21.96 -19.95
CA THR C 417 -3.28 21.52 -23.06
CA SER C 418 -0.44 23.99 -23.83
CA ILE C 419 0.82 24.33 -27.44
CA LEU C 420 4.45 25.44 -28.20
CA ARG C 421 4.91 25.92 -31.95
CA VAL C 422 8.55 25.53 -33.29
CA ALA C 423 10.42 25.35 -36.64
CA ALA C 424 10.57 21.67 -37.89
CA GLU C 425 14.42 22.00 -38.06
CA ASP C 426 15.15 22.88 -34.33
CA TRP C 427 13.16 19.83 -33.09
CA LYS C 428 15.28 17.68 -35.56
CA LYS C 429 18.51 19.51 -34.45
CA GLY C 430 17.85 17.58 -31.17
CA ASP C 431 16.69 20.51 -29.01
CA THR C 432 15.19 19.94 -25.54
CA PHE C 433 12.02 22.00 -24.85
CA SER C 434 10.50 21.94 -21.33
CA CYS C 435 6.97 22.65 -20.11
CA MET C 436 7.11 24.20 -16.58
CA VAL C 437 3.91 23.85 -14.47
CA GLY C 438 3.34 25.81 -11.21
CA HIS C 439 0.49 24.73 -8.93
CA GLU C 440 -0.56 24.76 -5.18
CA ALA C 441 -0.18 20.91 -4.89
CA LEU C 442 3.22 20.50 -6.70
CA PRO C 443 6.26 19.45 -4.51
CA LEU C 444 8.15 22.81 -4.59
CA ALA C 445 5.08 24.56 -6.16
CA PHE C 446 6.93 23.81 -9.43
CA THR C 447 7.51 20.83 -11.77
CA GLN C 448 9.05 20.73 -15.26
CA LYS C 449 8.66 17.88 -17.83
CA THR C 450 10.95 17.81 -20.93
CA ILE C 451 10.57 17.00 -24.71
CA ASP C 452 13.31 16.26 -27.30
CA ARG C 453 13.73 14.35 -30.65
CA LEU C 454 15.89 11.86 -28.57
CA ALA C 455 14.13 8.69 -27.24
CA GLY C 456 16.13 6.16 -25.11
CA LYS C 457 13.94 3.12 -24.25
CA PRO C 458 15.06 2.21 -20.68
CA THR C 459 12.46 4.16 -20.59
CA HIS C 460 11.26 7.83 -20.13
CA VAL C 461 13.89 9.49 -17.76
CA ASN C 462 14.79 13.22 -17.07
CA VAL C 463 17.83 15.72 -17.19
CA SER C 464 20.58 15.87 -14.44
CA VAL C 465 20.94 18.23 -11.32
CA VAL C 466 21.71 21.79 -12.67
CA MET C 467 22.78 24.14 -9.77
CA ALA C 468 23.91 23.69 -6.07
CA GLU C 469 24.05 25.35 -3.36
CA VAL C 470 22.89 29.11 -3.32
CA ASP C 471 19.23 28.30 -2.34
CA GLY C 472 17.79 31.83 -1.57
CA THR C 473 17.81 31.63 2.29
CA CYS C 474 21.57 30.73 2.45
CA TYR C 475 22.80 33.02 -0.48
CA GLN D 1 -53.37 59.88 60.08
CA VAL D 2 -54.25 63.58 59.50
CA LYS D 3 -50.49 63.47 59.14
CA LEU D 4 -48.55 61.49 61.86
CA LEU D 5 -46.61 64.36 63.49
CA GLU D 6 -48.27 67.74 62.60
CA GLN D 7 -47.14 71.25 63.53
CA SER D 8 -48.73 74.69 64.16
CA GLY D 9 -48.22 77.09 61.18
CA ALA D 10 -46.05 80.16 60.89
CA GLU D 11 -45.33 83.01 62.50
CA VAL D 12 -43.89 86.43 62.63
CA LYS D 13 -42.68 87.63 66.01
CA LYS D 14 -41.03 90.95 66.93
CA PRO D 15 -37.35 90.78 68.18
CA GLY D 16 -37.47 90.31 72.02
CA ALA D 17 -40.78 88.35 71.94
CA SER D 18 -41.34 84.62 72.55
CA VAL D 19 -42.77 81.99 70.15
CA LYS D 20 -44.56 78.73 71.06
CA VAL D 21 -44.54 75.97 68.42
CA SER D 22 -46.74 72.84 68.86
CA CYS D 23 -46.43 69.31 67.48
CA LYS D 24 -49.52 67.01 67.64
CA ALA D 25 -48.81 63.23 67.39
CA SER D 26 -51.58 61.08 65.73
CA GLY D 27 -51.73 57.30 64.93
CA TYR D 28 -49.02 55.97 67.33
CA SER D 29 -48.88 55.69 71.18
CA PHE D 30 -47.64 59.21 72.18
CA THR D 31 -46.11 58.30 75.63
CA SER D 32 -43.96 55.38 74.23
CA TYR D 33 -41.50 57.69 72.32
CA GLY D 34 -39.47 60.87 72.77
CA LEU D 35 -39.70 63.91 70.45
CA HIS D 36 -36.65 65.84 69.22
CA TRP D 37 -36.72 69.57 68.16
CA VAL D 38 -34.48 70.68 65.26
CA ARG D 39 -34.22 73.96 63.33
CA GLN D 40 -32.92 75.02 59.90
CA ALA D 41 -31.99 78.70 59.38
CA PRO D 42 -32.02 79.84 55.68
CA GLY D 43 -29.09 78.34 53.69
CA GLN D 44 -27.78 76.57 56.80
CA ARG D 45 -27.45 73.07 58.19
CA LEU D 46 -29.96 71.52 60.59
CA GLU D 47 -29.27 72.33 64.25
CA TRP D 48 -30.46 70.08 67.10
CA MET D 49 -32.16 72.13 69.93
CA GLY D 50 -33.52 69.58 72.42
CA TRP D 51 -35.60 66.47 73.23
CA ILE D 52 -38.59 65.63 75.49
CA SER D 53 -39.70 62.16 76.74
CA ALA D 54 -43.56 62.11 76.24
CA GLY D 55 -43.91 59.53 79.10
CA THR D 56 -41.93 61.26 81.94
CA GLY D 57 -41.85 64.92 80.68
CA ASN D 58 -38.00 64.86 81.09
CA THR D 59 -35.94 67.24 79.10
CA LYS D 60 -32.56 67.49 77.37
CA TYR D 61 -31.31 70.48 75.40
CA SER D 62 -28.45 72.09 73.51
CA GLN D 63 -26.50 74.53 75.73
CA LYS D 64 -26.51 76.96 72.71
CA PHE D 65 -30.16 77.66 73.87
CA ARG D 66 -29.32 77.65 77.65
CA GLY D 67 -31.80 79.81 79.59
CA ARG D 68 -34.20 80.56 76.65
CA VAL D 69 -35.72 77.23 75.42
CA THR D 70 -38.56 75.28 77.20
CA PHE D 71 -40.10 71.86 76.25
CA THR D 72 -43.58 70.80 77.46
CA ARG D 73 -45.99 67.94 76.57
CA ASP D 74 -49.78 67.79 77.06
CA THR D 75 -50.10 64.01 77.40
CA SER D 76 -53.99 64.06 77.16
CA ALA D 77 -54.10 66.23 73.94
CA THR D 78 -51.06 64.24 72.67
CA THR D 79 -49.17 67.45 71.77
CA ALA D 80 -45.60 68.54 72.57
CA TYR D 81 -44.51 72.23 72.55
CA MET D 82 -41.28 74.16 72.38
CA GLY D 83 -41.13 77.69 73.78
CA LEU D 84 -38.30 79.97 72.49
CA SER D 85 -37.81 83.27 74.41
CA SER D 86 -35.84 86.50 73.70
CA LEU D 87 -36.18 86.18 69.92
CA ARG D 88 -33.33 87.61 67.81
CA PRO D 89 -33.44 88.09 63.96
CA GLU D 90 -31.13 84.98 63.60
CA ASP D 91 -33.93 82.76 65.07
CA THR D 92 -35.70 83.13 61.65
CA ALA D 93 -35.73 79.43 60.70
CA VAL D 94 -37.97 76.41 60.06
CA TYR D 95 -38.62 74.55 63.38
CA TYR D 96 -39.22 70.81 63.06
CA CYS D 97 -40.26 68.29 65.66
CA ALA D 98 -39.05 64.74 64.83
CA ARG D 99 -39.62 61.39 66.52
CA ASP D 100 -37.08 59.41 68.62
CA PRO D 101 -37.95 55.74 67.66
CA TYR D 102 -36.68 54.38 71.04
CA GLY D 103 -37.56 56.97 73.78
CA GLY D 104 -33.92 57.33 75.06
CA GLY D 105 -32.87 60.80 73.71
CA LYS D 106 -29.94 59.83 71.44
CA SER D 107 -31.21 58.46 68.14
CA GLU D 108 -31.72 58.96 64.41
CA PHE D 109 -35.19 60.57 63.76
CA ASP D 110 -37.67 58.32 61.82
CA TYR D 111 -40.76 60.65 61.46
CA TRP D 112 -40.54 64.41 61.00
CA GLY D 113 -43.22 67.07 61.39
CA GLN D 114 -43.66 69.43 58.39
CA GLY D 115 -41.91 72.51 59.87
CA THR D 116 -43.15 75.92 61.07
CA LEU D 117 -41.31 78.96 59.80
CA VAL D 118 -40.89 81.58 62.56
CA THR D 119 -39.77 84.90 61.13
CA VAL D 120 -38.35 87.44 63.63
CA SER D 121 -39.06 91.02 62.35
CA SER D 122 -40.16 94.66 63.06
CA ALA D 123 -40.05 95.76 59.33
CA SER D 124 -43.82 95.52 59.35
CA PRO D 125 -45.83 92.34 58.45
CA THR D 126 -47.89 92.81 55.21
CA SER D 127 -50.44 90.33 53.68
CA PRO D 128 -50.16 89.41 49.92
CA LYS D 129 -52.44 91.00 47.29
CA VAL D 130 -53.32 88.31 44.73
CA PHE D 131 -53.74 89.33 41.04
CA PRO D 132 -54.81 87.24 38.00
CA LEU D 133 -52.40 86.55 35.12
CA SER D 134 -54.57 85.70 32.05
CA LEU D 135 -54.54 86.34 28.25
CA CYS D 136 -57.55 86.88 25.90
CA SER D 137 -56.31 85.81 22.37
CA THR D 138 -52.65 86.84 23.18
CA GLN D 139 -51.44 83.23 23.95
CA PRO D 140 -50.52 80.71 21.13
CA ASP D 141 -53.39 78.51 19.68
CA GLY D 142 -53.10 75.07 21.46
CA ASN D 143 -51.86 75.44 25.09
CA VAL D 144 -53.00 77.87 27.87
CA VAL D 145 -50.82 79.56 30.56
CA ILE D 146 -52.69 81.24 33.46
CA ALA D 147 -51.23 82.36 36.77
CA CYS D 148 -51.61 84.20 40.11
CA LEU D 149 -49.22 87.02 41.08
CA VAL D 150 -48.90 86.89 44.96
CA GLN D 151 -47.64 90.46 45.51
CA GLY D 152 -46.17 92.67 48.27
CA PHE D 153 -45.97 90.44 51.36
CA PHE D 154 -43.62 90.27 54.40
CA PRO D 155 -42.22 88.16 55.87
CA GLN D 156 -41.56 85.28 53.33
CA GLU D 157 -43.12 82.38 55.45
CA PRO D 158 -44.54 79.09 53.91
CA LEU D 159 -46.85 79.93 50.96
CA SER D 160 -49.23 77.02 50.05
CA VAL D 161 -50.50 77.52 46.44
CA THR D 162 -53.02 74.98 45.11
CA TRP D 163 -55.01 75.15 41.78
CA SER D 164 -58.64 73.84 41.25
CA GLU D 165 -57.68 71.71 38.15
CA SER D 166 -55.16 68.76 38.34
CA GLY D 167 -54.23 66.10 35.70
CA GLN D 168 -51.60 64.38 33.45
CA GLY D 169 -50.87 67.34 31.06
CA VAL D 170 -51.66 70.17 33.59
CA THR D 171 -48.30 71.45 35.02
CA ALA D 172 -48.08 73.74 38.10
CA ARG D 173 -44.91 75.87 38.59
CA ASN D 174 -44.53 77.66 41.97
CA PHE D 175 -41.77 80.34 41.52
CA PRO D 176 -39.66 80.94 44.76
CA PRO D 177 -40.11 84.33 46.62
CA SER D 178 -38.11 87.27 45.13
CA GLN D 179 -37.27 90.22 47.44
CA ASP D 180 -37.69 93.92 46.33
CA ALA D 181 -34.78 96.21 47.56
CA SER D 182 -33.54 96.00 51.25
CA GLY D 183 -36.15 93.60 52.80
CA ASP D 184 -39.10 95.90 51.78
CA LEU D 185 -41.60 93.46 50.07
CA TYR D 186 -41.55 89.84 48.70
CA THR D 187 -43.37 88.76 45.45
CA THR D 188 -43.99 85.16 44.17
CA SER D 189 -45.86 83.96 41.02
CA SER D 190 -47.74 80.58 40.68
CA GLN D 191 -48.26 79.41 37.04
CA LEU D 192 -50.67 76.70 35.67
CA THR D 193 -49.83 75.44 32.10
CA LEU D 194 -52.67 73.21 30.64
CA PRO D 195 -54.04 72.23 27.13
CA ALA D 196 -56.51 74.76 25.50
CA THR D 197 -59.18 71.94 25.29
CA GLN D 198 -58.94 71.69 29.16
CA CYS D 199 -59.21 75.54 29.65
CA LEU D 200 -61.90 76.82 27.18
CA ALA D 201 -62.97 80.54 26.69
CA GLY D 202 -65.59 81.69 29.29
CA LYS D 203 -64.38 79.09 31.90
CA SER D 204 -62.11 79.76 34.97
CA VAL D 205 -59.58 77.92 37.26
CA THR D 206 -59.35 78.85 40.99
CA CYS D 207 -55.95 79.53 42.64
CA HIS D 208 -55.98 78.92 46.45
CA VAL D 209 -53.19 80.79 48.35
CA LYS D 210 -52.41 80.12 52.05
CA HIS D 211 -49.82 82.49 53.63
CA TYR D 212 -48.67 80.92 57.09
CA THR D 213 -51.57 79.99 59.44
CA ASN D 214 -53.78 82.77 57.94
CA PRO D 215 -57.16 82.02 56.17
CA SER D 216 -56.99 80.89 52.48
CA GLN D 217 -57.17 83.69 49.83
CA ASP D 218 -58.95 82.45 46.66
CA VAL D 219 -58.92 83.98 43.13
CA THR D 220 -60.94 82.80 40.12
CA VAL D 221 -58.60 83.30 37.10
CA PRO D 222 -60.07 83.27 33.49
CA CYS D 223 -59.25 81.71 32.55
CA PRO D 224 -58.46 80.17 31.62
CA VAL D 225 -58.97 80.93 27.75
CA PRO D 226 -55.71 79.28 26.00
CA SER D 227 -55.90 75.54 24.94
CA THR D 228 -54.98 74.91 21.27
CA PRO D 229 -51.27 73.21 20.95
CA PRO D 230 -49.79 76.09 18.93
CA THR D 231 -47.57 75.50 15.79
CA PRO D 232 -44.61 77.91 15.04
CA SER D 233 -42.23 77.61 11.84
CA PRO D 234 -43.72 75.42 8.82
CA SER D 235 -40.39 75.11 6.59
CA THR D 236 -42.09 72.90 3.77
CA PRO D 237 -41.06 72.44 -0.06
CA PRO D 238 -43.68 70.56 -2.46
CA THR D 239 -40.83 68.99 -4.71
CA PRO D 240 -40.05 65.83 -7.01
CA SER D 241 -36.77 63.68 -7.18
CA PRO D 242 -36.15 62.68 -11.12
CA SER D 243 -35.07 59.29 -12.70
CA CYS D 244 -34.55 59.84 -16.43
CA CYS D 245 -32.36 57.18 -18.20
CA HIS D 246 -30.40 57.43 -21.66
CA PRO D 247 -31.73 54.68 -24.34
CA ARG D 248 -29.26 51.80 -25.14
CA LEU D 249 -29.86 49.13 -27.89
CA SER D 250 -28.10 45.72 -27.28
CA LEU D 251 -28.07 42.46 -29.36
CA HIS D 252 -27.29 39.22 -27.40
CA ARG D 253 -26.30 36.33 -29.80
CA PRO D 254 -27.51 32.63 -29.65
CA ALA D 255 -25.41 30.13 -27.52
CA LEU D 256 -23.07 27.61 -29.35
CA GLU D 257 -24.08 24.40 -27.40
CA ASP D 258 -27.91 24.93 -27.81
CA LEU D 259 -27.77 25.77 -31.59
CA LEU D 260 -25.50 22.68 -32.28
CA LEU D 261 -27.37 20.14 -30.01
CA GLY D 262 -30.99 20.15 -31.39
CA SER D 263 -31.20 23.45 -33.46
CA GLU D 264 -32.14 25.76 -30.49
CA ALA D 265 -31.01 29.39 -31.25
CA ASN D 266 -32.65 32.75 -30.33
CA LEU D 267 -31.14 36.14 -31.30
CA THR D 268 -32.27 38.53 -28.57
CA CYS D 269 -32.91 42.29 -28.98
CA THR D 270 -32.85 44.47 -25.84
CA LEU D 271 -33.77 48.23 -25.75
CA THR D 272 -32.44 49.71 -22.46
CA GLY D 273 -32.88 53.50 -21.77
CA LEU D 274 -36.37 54.38 -23.20
CA ARG D 275 -37.57 57.24 -20.81
CA ASP D 276 -41.14 57.78 -19.31
CA ALA D 277 -44.52 57.49 -21.29
CA SER D 278 -43.15 55.36 -24.14
CA GLY D 279 -43.26 52.28 -26.50
CA VAL D 280 -40.80 50.49 -28.88
CA THR D 281 -41.59 49.13 -32.42
CA PHE D 282 -39.41 46.22 -33.63
CA THR D 283 -38.55 45.24 -37.27
CA TRP D 284 -36.63 41.87 -37.57
CA THR D 285 -35.30 40.35 -40.86
CA PRO D 286 -36.62 36.73 -41.41
CA SER D 287 -34.29 33.65 -41.09
CA SER D 288 -33.33 31.79 -44.37
CA GLY D 289 -36.37 29.38 -44.65
CA LYS D 290 -38.89 32.35 -44.79
CA SER D 291 -39.34 32.61 -40.95
CA ALA D 292 -39.98 35.77 -38.80
CA VAL D 293 -41.51 35.16 -35.27
CA GLN D 294 -41.30 37.69 -32.31
CA GLY D 295 -42.53 38.29 -28.66
CA PRO D 296 -41.93 41.83 -27.18
CA PRO D 297 -42.81 42.65 -23.47
CA GLU D 298 -42.05 46.07 -21.77
CA ARG D 299 -40.09 45.65 -18.49
CA ASP D 300 -39.23 48.64 -16.18
CA LEU D 301 -35.52 48.02 -15.16
CA CYS D 302 -33.70 50.41 -12.68
CA GLY D 303 -36.57 52.94 -13.09
CA CYS D 304 -37.19 52.94 -16.93
CA TYR D 305 -38.76 50.75 -19.74
CA SER D 306 -36.91 47.97 -21.72
CA VAL D 307 -38.56 46.40 -24.86
CA SER D 308 -36.86 42.99 -25.06
CA SER D 309 -37.97 41.08 -28.16
CA VAL D 310 -36.70 37.60 -29.24
CA LEU D 311 -36.46 35.95 -32.73
CA PRO D 312 -36.24 32.07 -32.61
CA GLY D 313 -33.82 30.64 -35.26
CA CYS D 314 -32.67 27.34 -36.85
CA ALA D 315 -29.04 25.98 -37.02
CA GLU D 316 -28.70 26.22 -40.91
CA PRO D 317 -29.01 30.12 -41.26
CA TRP D 318 -26.44 30.58 -38.39
CA ASN D 319 -23.99 27.85 -39.74
CA HIS D 320 -24.24 28.82 -43.51
CA GLY D 321 -24.06 32.69 -43.11
CA LYS D 322 -27.23 34.81 -42.46
CA THR D 323 -27.37 38.52 -41.31
CA PHE D 324 -29.96 39.13 -38.52
CA THR D 325 -31.11 42.77 -38.33
CA CYS D 326 -33.10 44.16 -35.37
CA THR D 327 -34.33 47.61 -36.44
CA ALA D 328 -36.14 49.49 -33.66
CA ALA D 329 -38.23 52.71 -34.19
CA TYR D 330 -39.30 55.27 -31.45
CA PRO D 331 -40.32 59.03 -31.90
CA GLU D 332 -37.71 60.48 -29.40
CA SER D 333 -34.98 58.42 -31.25
CA LYS D 334 -34.81 60.61 -34.47
CA THR D 335 -32.79 57.91 -36.35
CA PRO D 336 -34.45 54.41 -35.94
CA LEU D 337 -31.65 52.09 -34.61
CA THR D 338 -30.56 49.17 -36.77
CA ALA D 339 -28.27 46.44 -35.25
CA THR D 340 -27.20 43.49 -37.48
CA LEU D 341 -25.58 40.20 -36.40
CA SER D 342 -24.14 37.03 -38.18
CA LYS D 343 -21.25 34.42 -38.20
CA SER D 344 -17.50 35.45 -38.18
CA GLY D 345 -14.69 35.78 -40.83
CA ASN D 346 -13.39 33.78 -43.89
CA THR D 347 -13.13 29.90 -43.67
CA PHE D 348 -10.02 27.60 -43.19
CA ARG D 349 -9.87 23.72 -43.35
CA PRO D 350 -9.02 22.03 -39.94
CA GLU D 351 -5.81 19.93 -39.90
CA VAL D 352 -6.62 16.86 -37.70
CA HIS D 353 -3.61 14.89 -36.27
CA LEU D 354 -4.19 12.00 -33.78
CA LEU D 355 -1.48 11.57 -31.11
CA PRO D 356 -0.94 8.26 -29.18
CA PRO D 357 -0.05 8.35 -25.42
CA PRO D 358 3.46 9.18 -24.10
CA SER D 359 5.72 6.20 -23.10
CA GLU D 360 5.66 7.35 -19.39
CA GLU D 361 1.77 7.38 -19.31
CA LEU D 362 1.87 3.58 -20.02
CA ALA D 363 3.27 3.30 -16.43
CA LEU D 364 -0.31 4.51 -15.50
CA ASN D 365 -3.42 2.18 -15.62
CA GLU D 366 -7.16 3.25 -15.54
CA LEU D 367 -6.96 6.03 -18.22
CA VAL D 368 -4.67 6.21 -21.33
CA THR D 369 -4.61 9.68 -22.80
CA LEU D 370 -5.59 9.54 -26.53
CA THR D 371 -5.18 13.05 -27.99
CA CYS D 372 -6.39 14.61 -31.26
CA LEU D 373 -5.13 18.07 -32.31
CA ALA D 374 -7.48 20.10 -34.58
CA ARG D 375 -5.42 23.12 -35.77
CA GLY D 376 -5.43 26.01 -38.31
CA PHE D 377 -9.27 26.16 -38.52
CA SER D 378 -11.70 29.15 -38.94
CA PRO D 379 -14.25 30.16 -37.92
CA LYS D 380 -14.06 28.75 -34.32
CA ASP D 381 -17.30 26.89 -35.02
CA VAL D 382 -16.45 23.11 -34.84
CA LEU D 383 -17.70 19.73 -33.41
CA VAL D 384 -15.24 17.04 -32.31
CA ARG D 385 -16.39 13.54 -31.16
CA TRP D 386 -14.70 10.17 -30.47
CA LEU D 387 -15.61 6.61 -31.62
CA GLN D 388 -14.58 3.07 -30.57
CA GLY D 389 -13.78 0.66 -33.48
CA SER D 390 -13.75 -2.46 -31.19
CA GLN D 391 -17.51 -2.16 -30.22
CA GLU D 392 -18.72 -0.10 -33.29
CA LEU D 393 -20.02 2.60 -30.86
CA PRO D 394 -19.47 6.26 -29.78
CA ARG D 395 -17.26 6.80 -26.68
CA GLU D 396 -17.92 8.45 -23.28
CA LYS D 397 -14.74 9.38 -21.36
CA TYR D 398 -13.56 12.36 -23.45
CA LEU D 399 -13.12 16.11 -22.87
CA THR D 400 -12.49 18.95 -25.45
CA TRP D 401 -10.78 22.31 -24.54
CA ALA D 402 -10.35 25.62 -26.60
CA SER D 403 -7.76 28.13 -28.08
CA ARG D 404 -8.47 31.12 -30.46
CA GLN D 405 -5.01 32.29 -31.77
CA GLU D 406 -4.62 36.13 -32.24
CA PRO D 407 -1.29 38.07 -31.75
CA SER D 408 -0.36 41.62 -33.07
CA GLN D 409 0.13 40.31 -36.69
CA GLY D 410 -2.32 39.23 -39.48
CA THR D 411 -2.09 35.53 -38.37
CA THR D 412 -5.47 34.56 -36.71
CA THR D 413 -6.92 30.93 -36.83
CA PHE D 414 -7.96 28.46 -33.98
CA ALA D 415 -6.60 25.28 -32.35
CA VAL D 416 -8.15 22.72 -29.91
CA THR D 417 -6.99 19.47 -28.30
CA SER D 418 -9.52 16.68 -27.49
CA ILE D 419 -8.64 14.10 -24.80
CA LEU D 420 -10.14 10.53 -24.90
CA ARG D 421 -9.16 8.61 -21.75
CA VAL D 422 -9.10 4.73 -22.05
CA ALA D 423 -8.01 1.65 -20.02
CA ALA D 424 -4.29 0.82 -20.76
CA GLU D 425 -5.38 -2.74 -21.77
CA ASP D 426 -7.83 -1.85 -24.67
CA TRP D 427 -5.18 0.31 -26.41
CA LYS D 428 -2.77 -2.72 -26.11
CA LYS D 429 -5.57 -5.13 -27.25
CA GLY D 430 -5.04 -3.30 -30.61
CA ASP D 431 -8.24 -1.22 -30.64
CA THR D 432 -8.81 1.52 -33.24
CA PHE D 433 -10.18 4.80 -31.78
CA SER D 434 -11.20 7.61 -34.19
CA CYS D 435 -11.53 11.37 -33.67
CA MET D 436 -14.37 12.74 -35.89
CA VAL D 437 -14.18 16.50 -36.70
CA GLY D 438 -17.10 18.43 -38.28
CA HIS D 439 -16.42 21.91 -39.68
CA GLU D 440 -17.72 24.38 -42.38
CA ALA D 441 -14.51 23.96 -44.54
CA LEU D 442 -14.21 20.10 -44.38
CA PRO D 443 -14.85 18.16 -47.70
CA LEU D 444 -18.23 16.56 -46.71
CA ALA D 445 -18.43 18.82 -43.58
CA PHE D 446 -16.87 15.77 -41.87
CA THR D 447 -13.42 14.16 -41.52
CA GLN D 448 -12.26 11.32 -39.23
CA LYS D 449 -8.61 10.49 -38.31
CA THR D 450 -7.82 7.16 -36.57
CA ILE D 451 -5.49 5.93 -33.72
CA ASP D 452 -4.41 2.34 -32.86
CA ARG D 453 -1.45 0.51 -31.14
CA LEU D 454 -0.59 -0.75 -34.73
CA ALA D 455 2.08 1.25 -36.69
CA GLY D 456 3.01 0.14 -40.28
CA LYS D 457 5.86 2.34 -41.65
CA PRO D 458 4.95 2.72 -45.37
CA THR D 459 3.79 5.23 -43.67
CA HIS D 460 0.63 6.69 -41.94
CA VAL D 461 -2.41 5.34 -44.01
CA ASN D 462 -6.19 4.97 -43.15
CA VAL D 463 -9.05 2.27 -42.93
CA SER D 464 -10.93 0.89 -46.05
CA VAL D 465 -14.36 1.94 -47.63
CA VAL D 466 -17.14 0.87 -45.14
CA MET D 467 -20.64 1.18 -46.79
CA ALA D 468 -22.00 1.62 -50.43
CA GLU D 469 -24.60 2.68 -51.92
CA VAL D 470 -27.68 3.94 -49.83
CA ASP D 471 -26.53 7.63 -49.77
CA GLY D 472 -29.63 9.44 -48.28
CA THR D 473 -31.02 10.97 -51.55
CA CYS D 474 -31.14 7.55 -53.36
CA TYR D 475 -32.26 5.36 -50.32
CA GLU E 1 91.72 -24.63 57.60
CA LEU E 2 89.87 -23.10 54.65
CA VAL E 3 86.54 -24.81 54.32
CA MET E 4 85.30 -25.90 50.87
CA THR E 5 81.54 -26.42 50.65
CA GLN E 6 79.89 -27.96 47.57
CA SER E 7 76.33 -27.50 46.48
CA PRO E 8 74.37 -29.74 45.92
CA SER E 9 75.27 -33.07 47.47
CA SER E 10 73.33 -35.02 44.80
CA LEU E 11 71.72 -34.33 41.43
CA SER E 12 69.95 -36.60 38.94
CA ALA E 13 69.65 -35.24 35.39
CA SER E 14 68.93 -36.70 31.96
CA VAL E 15 71.57 -37.05 29.28
CA GLY E 16 71.85 -33.86 27.26
CA ASP E 17 71.08 -31.73 30.31
CA ARG E 18 73.44 -29.02 31.43
CA VAL E 19 74.50 -29.39 35.09
CA ASN E 20 76.29 -26.81 37.30
CA ILE E 21 77.94 -27.75 40.70
CA ALA E 22 79.01 -24.91 43.02
CA CYS E 23 81.91 -24.83 45.50
CA ARG E 24 82.48 -22.03 48.05
CA ALA E 25 85.73 -21.22 49.72
CA SER E 26 85.21 -19.85 53.30
CA GLN E 27 87.62 -17.07 52.18
CA GLY E 28 89.39 -15.91 49.00
CA ILE E 29 91.63 -18.40 47.16
CA SER E 30 92.10 -16.45 43.89
CA SER E 31 92.13 -19.19 41.20
CA ALA E 32 93.67 -22.02 43.21
CA LEU E 33 90.92 -24.50 42.72
CA ALA E 34 91.09 -27.91 41.03
CA TRP E 35 88.04 -30.23 40.25
CA TYR E 36 88.24 -34.09 40.34
CA GLN E 37 85.98 -36.80 39.03
CA GLN E 38 85.86 -40.08 41.02
CA LYS E 39 84.01 -43.06 39.59
CA PRO E 40 82.91 -45.24 42.47
CA GLY E 41 85.81 -47.43 43.56
CA LYS E 42 88.59 -45.68 41.73
CA ALA E 43 91.24 -43.20 42.18
CA PRO E 44 90.11 -39.57 41.64
CA ARG E 45 90.91 -37.94 38.23
CA LEU E 46 91.87 -34.34 37.47
CA LEU E 47 89.49 -32.45 35.17
CA ILE E 48 90.24 -28.79 35.80
CA TYR E 49 93.11 -26.90 37.57
CA ASP E 50 93.50 -23.11 38.23
CA ALA E 51 89.64 -22.80 38.29
CA SER E 52 89.30 -22.96 34.51
CA ASN E 53 92.13 -24.88 32.74
CA LEU E 54 91.08 -28.33 31.37
CA GLU E 55 93.62 -31.02 31.89
CA SER E 56 94.85 -32.65 28.60
CA GLY E 57 92.50 -35.44 27.34
CA VAL E 58 89.39 -34.25 29.36
CA PRO E 59 86.29 -33.84 27.14
CA SER E 60 85.48 -30.34 25.97
CA ARG E 61 82.00 -30.56 27.66
CA PHE E 62 83.60 -29.91 31.07
CA SER E 63 84.29 -26.24 31.93
CA GLY E 64 84.96 -24.37 35.21
CA SER E 65 84.63 -20.75 36.34
CA GLY E 66 85.01 -18.53 39.41
CA SER E 67 87.60 -16.53 41.24
CA GLY E 68 87.88 -15.46 44.85
CA THR E 69 85.35 -17.47 46.73
CA ASP E 70 82.71 -18.96 44.33
CA PHE E 71 83.53 -21.55 41.68
CA THR E 72 81.28 -23.50 39.19
CA LEU E 73 81.94 -26.70 37.25
CA THR E 74 79.53 -27.04 34.22
CA ILE E 75 78.97 -30.29 32.28
CA SER E 76 77.28 -28.95 29.18
CA SER E 77 75.66 -32.15 27.81
CA LEU E 78 75.56 -34.85 30.46
CA GLN E 79 76.51 -38.27 29.15
CA PRO E 80 76.03 -41.82 30.96
CA GLU E 81 79.74 -42.09 31.55
CA ASP E 82 79.58 -38.90 33.63
CA PHE E 83 78.11 -40.77 36.64
CA ALA E 84 80.60 -40.02 39.42
CA ILE E 85 81.24 -38.03 42.62
CA TYR E 86 82.85 -34.65 41.80
CA TYR E 87 85.23 -32.80 44.34
CA CYS E 88 86.77 -29.39 44.45
CA GLN E 89 90.07 -28.86 46.29
CA GLN E 90 91.86 -25.55 47.21
CA PHE E 91 95.67 -25.17 47.13
CA ASN E 92 96.01 -21.59 48.21
CA SER E 93 96.69 -22.53 51.85
CA TYR E 94 97.93 -25.48 53.88
CA PRO E 95 96.16 -27.82 54.95
CA LEU E 96 95.03 -28.40 51.42
CA THR E 97 91.29 -29.12 51.66
CA PHE E 98 88.56 -30.85 49.68
CA GLY E 99 84.90 -30.17 49.41
CA GLY E 100 82.34 -32.78 50.43
CA GLY E 101 81.30 -34.13 46.96
CA THR E 102 78.43 -33.85 44.52
CA LYS E 103 77.18 -37.26 43.35
CA VAL E 104 75.69 -37.05 39.85
CA GLU E 105 73.29 -39.93 38.94
CA ILE E 106 71.80 -40.28 35.39
CA LYS E 107 67.95 -40.21 34.87
CA ARG E 108 66.59 -42.55 32.17
CA THR E 109 63.50 -44.60 31.16
CA VAL E 110 62.22 -47.48 33.35
CA ALA E 111 63.74 -50.85 32.67
CA ALA E 112 62.26 -53.96 34.20
CA PRO E 113 64.65 -56.43 35.76
CA SER E 114 65.65 -59.90 34.59
CA VAL E 115 65.25 -62.15 37.65
CA PHE E 116 67.30 -65.25 38.41
CA ILE E 117 67.36 -67.55 41.45
CA PHE E 118 70.20 -69.91 42.44
CA PRO E 119 70.04 -72.89 44.88
CA PRO E 120 72.86 -73.63 47.47
CA SER E 121 75.78 -75.47 45.91
CA ASP E 122 76.63 -78.97 47.09
CA GLU E 123 79.90 -78.21 48.78
CA GLN E 124 78.24 -75.33 50.53
CA LEU E 125 75.63 -77.66 52.14
CA LYS E 126 78.67 -79.84 53.11
CA SER E 127 79.74 -76.98 55.51
CA GLY E 128 76.34 -77.00 57.22
CA THR E 129 75.05 -73.66 55.58
CA ALA E 130 72.88 -72.81 52.62
CA SER E 131 72.85 -69.46 50.77
CA VAL E 132 70.06 -68.93 48.24
CA VAL E 133 70.64 -65.99 45.81
CA CYS E 134 68.06 -64.03 43.82
CA LEU E 135 69.44 -61.73 41.07
CA LEU E 136 67.60 -58.76 39.56
CA ASN E 137 69.69 -57.73 36.58
CA ASN E 138 69.73 -54.40 34.81
CA PHE E 139 66.90 -52.20 35.90
CA TYR E 140 65.97 -48.55 36.31
CA PRO E 141 64.87 -46.80 38.75
CA ARG E 142 66.84 -48.33 41.66
CA GLU E 143 63.83 -48.99 43.92
CA ALA E 144 62.66 -52.64 43.87
CA LYS E 145 61.34 -55.04 46.56
CA VAL E 146 62.48 -58.68 46.97
CA GLN E 147 60.41 -60.98 49.16
CA TRP E 148 61.45 -64.51 50.07
CA LYS E 149 58.84 -67.18 50.70
CA VAL E 150 59.84 -70.70 51.82
CA ASP E 151 56.93 -73.20 51.72
CA ASN E 152 54.75 -70.67 49.98
CA ALA E 153 53.65 -67.63 52.04
CA LEU E 154 55.97 -68.44 54.96
CA GLN E 155 57.75 -65.38 53.79
CA SER E 156 60.87 -64.57 55.70
CA GLY E 157 63.01 -61.78 57.35
CA ASN E 158 66.73 -63.21 57.26
CA SER E 159 68.17 -61.89 53.94
CA GLN E 160 70.77 -59.30 52.94
CA GLU E 161 70.92 -57.15 49.78
CA SER E 162 73.61 -55.55 47.63
CA VAL E 163 73.05 -53.08 44.75
CA THR E 164 75.71 -52.15 42.26
CA GLU E 165 76.43 -48.46 41.30
CA GLN E 166 74.96 -47.07 38.04
CA ASP E 167 76.42 -48.57 34.91
CA SER E 168 78.27 -45.98 32.79
CA LYS E 169 76.97 -47.50 29.58
CA ASP E 170 73.20 -47.99 30.11
CA SER E 171 72.48 -46.34 33.51
CA THR E 172 71.02 -49.41 35.21
CA TYR E 173 71.50 -51.11 38.58
CA SER E 174 71.63 -54.80 39.41
CA LEU E 175 70.78 -56.24 42.86
CA SER E 176 71.31 -59.49 44.81
CA SER E 177 69.41 -60.79 47.77
CA THR E 178 71.03 -63.63 49.71
CA LEU E 179 68.87 -65.71 52.00
CA THR E 180 71.01 -67.68 54.46
CA LEU E 181 69.79 -70.60 56.48
CA SER E 182 71.47 -73.62 58.08
CA LYS E 183 71.72 -77.00 56.16
CA ALA E 184 69.06 -78.39 58.59
CA ASP E 185 66.70 -75.44 58.05
CA TYR E 186 67.03 -75.73 54.30
CA GLU E 187 66.50 -79.56 54.56
CA LYS E 188 63.05 -79.15 55.91
CA HIS E 189 61.38 -76.96 53.34
CA LYS E 190 60.88 -77.61 49.60
CA VAL E 191 59.57 -74.52 47.65
CA TYR E 192 62.03 -71.62 47.79
CA ALA E 193 60.86 -68.46 46.00
CA CYS E 194 61.96 -64.91 45.21
CA GLU E 195 59.10 -62.43 44.53
CA VAL E 196 60.01 -59.13 42.85
CA THR E 197 58.20 -55.82 42.66
CA HIS E 198 59.51 -52.99 40.49
CA GLN E 199 57.86 -50.25 38.35
CA GLY E 200 58.72 -51.74 34.92
CA LEU E 201 56.99 -55.07 35.58
CA SER E 202 53.21 -55.41 35.03
CA SER E 203 52.87 -58.02 37.77
CA PRO E 204 55.14 -59.14 40.69
CA VAL E 205 57.56 -61.77 39.37
CA THR E 206 58.35 -65.07 41.17
CA LYS E 207 61.27 -67.41 40.53
CA SER E 208 61.03 -70.61 42.57
CA PHE E 209 62.73 -73.96 42.77
CA ASN E 210 62.07 -77.22 44.54
CA ARG E 211 64.64 -78.62 46.99
CA GLY E 212 65.72 -81.71 44.99
CA GLU E 213 66.91 -80.14 41.63
CA CYS E 214 68.15 -82.14 38.54
CA GLU F 1 6.02 -124.38 -33.72
CA LEU F 2 5.07 -120.71 -33.94
CA VAL F 3 8.22 -118.66 -33.63
CA MET F 4 8.24 -115.58 -31.37
CA THR F 5 10.99 -113.06 -32.17
CA GLN F 6 11.72 -110.07 -29.92
CA SER F 7 13.36 -106.87 -30.93
CA PRO F 8 15.81 -105.66 -29.62
CA SER F 9 17.89 -108.09 -27.59
CA SER F 10 19.26 -105.29 -25.34
CA LEU F 11 18.48 -101.64 -24.61
CA SER F 12 19.99 -99.16 -22.15
CA ALA F 13 17.86 -96.10 -21.37
CA SER F 14 17.77 -93.45 -18.65
CA VAL F 15 15.08 -93.31 -16.00
CA GLY F 16 12.10 -91.32 -17.25
CA ASP F 17 12.60 -92.58 -20.80
CA ARG F 18 9.86 -94.37 -22.65
CA VAL F 19 10.91 -97.79 -23.97
CA ASN F 20 9.08 -100.03 -26.51
CA ILE F 21 9.99 -103.77 -27.04
CA ALA F 22 8.52 -105.55 -30.10
CA CYS F 23 7.59 -109.21 -30.47
CA ARG F 24 6.59 -110.85 -33.80
CA ALA F 25 4.61 -114.02 -34.18
CA SER F 26 5.66 -115.98 -37.34
CA GLN F 27 1.87 -116.16 -38.00
CA GLY F 28 -1.37 -114.75 -36.55
CA ILE F 29 -2.14 -115.41 -32.87
CA SER F 30 -5.03 -112.94 -32.41
CA SER F 31 -4.51 -111.59 -28.85
CA ALA F 32 -2.97 -114.65 -27.24
CA LEU F 33 0.17 -113.03 -26.05
CA ALA F 34 1.41 -112.64 -22.47
CA TRP F 35 4.54 -110.57 -21.36
CA TYR F 36 6.81 -111.59 -18.39
CA GLN F 37 9.41 -109.75 -16.40
CA GLN F 38 12.32 -111.81 -15.02
CA LYS F 39 14.79 -110.20 -12.63
CA PRO F 40 18.08 -112.04 -12.90
CA GLY F 41 17.92 -115.19 -10.80
CA LYS F 42 14.22 -115.31 -10.15
CA ALA F 43 11.11 -116.83 -11.36
CA PRO F 44 9.44 -114.93 -14.24
CA ARG F 45 6.45 -112.63 -13.36
CA LEU F 46 3.30 -111.93 -15.36
CA LEU F 47 2.78 -108.32 -16.40
CA ILE F 48 0.31 -108.48 -19.29
CA TYR F 49 -2.01 -111.23 -20.66
CA ASP F 50 -4.30 -111.15 -23.78
CA ALA F 51 -1.89 -108.61 -25.40
CA SER F 52 -3.16 -105.69 -23.36
CA ASN F 53 -4.63 -106.65 -19.94
CA LEU F 54 -2.41 -105.70 -16.92
CA GLU F 55 -2.25 -108.33 -14.25
CA SER F 56 -3.49 -107.08 -10.81
CA GLY F 57 -0.74 -105.23 -8.83
CA VAL F 58 1.48 -104.41 -11.92
CA PRO F 59 2.35 -100.67 -12.11
CA SER F 60 0.28 -98.55 -14.45
CA ARG F 61 3.45 -97.55 -16.42
CA PHE F 62 3.43 -100.94 -18.18
CA SER F 63 1.10 -101.23 -21.22
CA GLY F 64 0.90 -103.66 -24.18
CA SER F 65 -0.60 -103.48 -27.68
CA GLY F 66 -0.91 -105.49 -30.90
CA SER F 67 -3.10 -108.08 -32.51
CA GLY F 68 -2.41 -110.66 -35.17
CA THR F 69 1.32 -110.81 -35.55
CA ASP F 70 2.97 -107.65 -34.05
CA PHE F 71 2.87 -106.81 -30.34
CA THR F 72 4.52 -103.95 -28.29
CA LEU F 73 5.21 -103.65 -24.58
CA THR F 74 5.76 -99.96 -23.52
CA ILE F 75 7.28 -98.87 -20.18
CA SER F 76 6.27 -95.22 -20.13
CA SER F 77 8.73 -93.86 -17.51
CA LEU F 78 11.58 -96.29 -16.93
CA GLN F 79 12.46 -96.70 -13.26
CA PRO F 80 15.71 -98.46 -11.71
CA GLU F 81 13.65 -101.36 -10.51
CA ASP F 82 12.70 -102.08 -14.12
CA PHE F 83 16.09 -103.71 -14.85
CA ALA F 84 15.14 -107.20 -16.04
CA ILE F 85 14.86 -109.52 -19.07
CA TYR F 86 11.37 -109.25 -20.65
CA TYR F 87 9.73 -112.25 -22.58
CA CYS F 88 6.66 -112.63 -24.72
CA GLN F 89 4.91 -115.99 -24.95
CA GLN F 90 2.08 -117.14 -27.36
CA PHE F 91 -0.74 -119.47 -26.24
CA ASN F 92 -2.68 -119.72 -29.45
CA SER F 93 -1.03 -123.01 -30.47
CA TYR F 94 0.80 -125.92 -28.88
CA PRO F 95 3.87 -126.04 -28.29
CA LEU F 96 3.47 -122.86 -26.33
CA THR F 97 6.53 -120.75 -27.23
CA PHE F 98 8.57 -117.89 -25.80
CA GLY F 99 10.48 -115.16 -27.46
CA GLY F 100 14.24 -114.78 -26.92
CA GLY F 101 14.28 -111.87 -24.38
CA THR F 102 15.00 -108.17 -24.29
CA LYS F 103 17.42 -107.23 -21.49
CA VAL F 104 16.81 -103.67 -20.27
CA GLU F 105 19.79 -102.06 -18.44
CA ILE F 106 19.50 -98.58 -16.77
CA LYS F 107 21.80 -95.67 -17.89
CA ARG F 108 23.00 -93.32 -15.11
CA THR F 109 25.89 -91.00 -14.10
CA VAL F 110 29.43 -92.37 -13.53
CA ALA F 111 30.19 -93.59 -10.07
CA ALA F 112 33.72 -94.40 -9.04
CA PRO F 113 34.28 -97.63 -7.16
CA SER F 114 35.23 -98.16 -3.52
CA VAL F 115 38.17 -100.61 -3.60
CA PHE F 116 39.01 -103.17 -0.92
CA ILE F 117 41.65 -105.90 -0.78
CA PHE F 118 41.61 -108.99 1.47
CA PRO F 119 44.56 -111.28 2.38
CA PRO F 120 44.22 -115.16 2.53
CA SER F 121 42.73 -116.32 5.82
CA ASP F 122 44.79 -118.49 8.15
CA GLU F 123 42.84 -121.69 7.80
CA GLN F 124 42.95 -121.26 4.08
CA LEU F 125 46.81 -121.23 4.05
CA LYS F 126 46.50 -124.38 6.28
CA SER F 127 45.06 -126.21 3.17
CA GLY F 128 48.08 -125.23 1.07
CA THR F 129 46.21 -122.49 -1.06
CA ALA F 130 45.89 -118.75 -0.88
CA SER F 131 43.08 -116.67 -2.43
CA VAL F 132 43.55 -112.89 -2.45
CA VAL F 133 40.34 -110.88 -3.18
CA CYS F 134 40.04 -107.32 -4.51
CA LEU F 135 36.55 -105.73 -4.30
CA LEU F 136 35.34 -102.81 -6.38
CA ASN F 137 32.04 -101.80 -4.82
CA ASN F 138 29.24 -99.82 -6.40
CA PHE F 139 30.25 -98.29 -9.66
CA TYR F 140 28.82 -97.20 -13.01
CA PRO F 141 29.53 -97.88 -16.05
CA ARG F 142 30.38 -101.61 -15.76
CA GLU F 143 33.76 -101.42 -17.53
CA ALA F 144 36.74 -101.40 -15.14
CA LYS F 145 40.23 -103.00 -15.23
CA VAL F 146 41.85 -104.83 -12.26
CA GLN F 147 45.57 -105.56 -12.42
CA TRP F 148 47.41 -107.65 -9.85
CA LYS F 149 51.05 -106.97 -9.07
CA VAL F 150 53.00 -109.19 -6.64
CA ASP F 151 56.44 -107.74 -5.71
CA ASN F 152 55.62 -104.52 -7.46
CA ALA F 153 55.37 -104.65 -11.29
CA LEU F 154 55.55 -108.45 -11.42
CA GLN F 155 52.00 -108.12 -12.50
CA SER F 156 50.22 -111.36 -13.05
CA GLY F 157 47.80 -113.37 -15.34
CA ASN F 158 46.14 -116.04 -12.87
CA SER F 159 42.96 -114.28 -11.59
CA GLN F 160 39.20 -114.71 -12.11
CA GLU F 161 36.46 -112.05 -11.98
CA SER F 162 32.77 -111.91 -11.09
CA VAL F 163 30.43 -108.92 -11.61
CA THR F 164 27.01 -108.66 -10.05
CA GLU F 165 23.88 -107.64 -12.09
CA GLN F 166 22.63 -104.02 -11.90
CA ASP F 167 21.24 -103.02 -8.55
CA SER F 168 17.53 -102.14 -8.73
CA LYS F 169 17.97 -99.27 -6.29
CA ASP F 170 21.02 -97.31 -7.53
CA SER F 171 21.93 -98.94 -10.89
CA THR F 172 25.51 -99.89 -9.97
CA TYR F 173 27.64 -103.01 -10.34
CA SER F 174 30.15 -104.48 -7.92
CA LEU F 175 33.08 -106.74 -8.98
CA SER F 176 35.52 -109.20 -7.36
CA SER F 177 38.84 -110.38 -8.64
CA THR F 178 40.31 -113.46 -6.96
CA LEU F 179 43.98 -114.16 -7.37
CA THR F 180 44.79 -117.77 -6.44
CA LEU F 181 48.26 -119.06 -5.73
CA SER F 182 49.65 -121.96 -3.70
CA LYS F 183 50.73 -121.45 0.01
CA ALA F 184 54.38 -121.76 -1.18
CA ASP F 185 53.93 -119.20 -3.98
CA TYR F 186 52.30 -116.77 -1.61
CA GLU F 187 55.10 -117.41 0.99
CA LYS F 188 57.73 -116.06 -1.27
CA HIS F 189 56.44 -112.65 -2.14
CA LYS F 190 55.58 -109.73 0.19
CA VAL F 191 53.76 -106.80 -1.56
CA TYR F 192 50.39 -107.88 -2.99
CA ALA F 193 48.49 -105.15 -4.84
CA CYS F 194 45.26 -104.54 -6.75
CA GLU F 195 45.37 -101.64 -9.27
CA VAL F 196 42.04 -100.31 -10.55
CA THR F 197 41.16 -98.28 -13.62
CA HIS F 198 37.64 -96.96 -14.15
CA GLN F 199 36.17 -93.75 -15.67
CA GLY F 200 35.04 -92.14 -12.36
CA LEU F 201 38.50 -92.19 -10.79
CA SER F 202 41.02 -89.39 -11.57
CA SER F 203 44.00 -91.72 -11.18
CA PRO F 204 44.40 -95.56 -11.09
CA VAL F 205 43.82 -96.75 -7.52
CA THR F 206 46.06 -99.27 -5.69
CA LYS F 207 45.26 -101.22 -2.54
CA SER F 208 48.22 -103.23 -1.28
CA PHE F 209 49.23 -105.20 1.77
CA ASN F 210 52.40 -106.74 3.07
CA ARG F 211 52.57 -110.51 3.72
CA GLY F 212 52.87 -110.42 7.53
CA GLU F 213 49.70 -108.42 8.57
CA CYS F 214 48.78 -107.42 12.20
CA GLN G 1 1.19 -119.37 2.21
CA VAL G 2 4.54 -121.10 2.92
CA LYS G 3 4.88 -119.86 -0.64
CA LEU G 4 1.86 -120.54 -3.00
CA LEU G 5 3.50 -122.95 -5.47
CA GLU G 6 6.73 -124.45 -3.92
CA GLN G 7 9.22 -126.83 -5.51
CA SER G 8 11.66 -129.58 -4.37
CA GLY G 9 15.32 -128.34 -4.36
CA ALA G 10 18.19 -129.26 -6.64
CA GLU G 11 19.74 -131.93 -7.92
CA VAL G 12 22.64 -133.55 -9.63
CA LYS G 13 21.87 -136.65 -11.67
CA LYS G 14 24.25 -138.80 -13.73
CA PRO G 15 23.66 -138.86 -17.58
CA GLY G 16 21.17 -141.73 -18.30
CA ALA G 17 19.37 -141.39 -14.93
CA SER G 18 15.89 -139.99 -14.22
CA VAL G 19 14.90 -136.96 -12.08
CA LYS G 20 11.55 -136.36 -10.31
CA VAL G 21 10.67 -132.73 -9.52
CA SER G 22 7.69 -131.90 -7.24
CA CYS G 23 5.50 -128.81 -6.94
CA LYS G 24 3.29 -128.42 -3.81
CA ALA G 25 0.30 -126.01 -4.14
CA SER G 26 -0.76 -124.16 -0.91
CA GLY G 27 -3.51 -121.49 -0.29
CA TYR G 28 -5.75 -122.09 -3.36
CA SER G 29 -8.07 -125.02 -4.36
CA PHE G 30 -5.59 -127.43 -6.06
CA THR G 31 -8.13 -129.36 -8.27
CA SER G 32 -9.69 -126.16 -9.81
CA TYR G 33 -6.56 -125.27 -11.94
CA GLY G 34 -4.02 -126.89 -14.25
CA LEU G 35 -0.22 -126.71 -13.74
CA HIS G 36 2.24 -126.05 -16.56
CA TRP G 37 5.93 -127.23 -16.54
CA VAL G 38 8.59 -124.96 -18.13
CA ARG G 39 12.40 -125.12 -18.20
CA GLN G 40 15.22 -122.61 -18.75
CA ALA G 41 18.66 -123.95 -19.82
CA PRO G 42 21.61 -121.59 -19.03
CA GLY G 43 21.61 -118.49 -21.30
CA GLN G 44 18.52 -119.74 -23.16
CA ARG G 45 14.85 -118.89 -23.53
CA LEU G 46 12.09 -120.57 -21.51
CA GLU G 47 10.84 -123.82 -23.09
CA TRP G 48 7.34 -125.18 -22.42
CA MET G 49 7.41 -128.97 -21.58
CA GLY G 50 3.84 -129.93 -20.62
CA TRP G 51 0.67 -129.39 -18.55
CA ILE G 52 -1.46 -131.45 -16.10
CA SER G 53 -5.10 -130.85 -15.05
CA ALA G 54 -5.12 -131.32 -11.18
CA GLY G 55 -8.85 -132.32 -11.29
CA THR G 56 -8.82 -135.09 -14.01
CA GLY G 57 -5.06 -136.03 -14.08
CA ASN G 58 -5.10 -135.42 -17.91
CA THR G 59 -1.89 -134.62 -19.62
CA LYS G 60 -0.54 -132.57 -22.53
CA TYR G 61 3.10 -132.30 -23.52
CA SER G 62 5.67 -130.97 -25.99
CA GLN G 63 6.62 -133.63 -28.58
CA LYS G 64 10.29 -132.51 -28.07
CA PHE G 65 10.03 -134.68 -24.84
CA ARG G 66 8.02 -137.54 -26.53
CA GLY G 67 8.63 -140.84 -24.73
CA ARG G 68 10.71 -139.44 -21.78
CA VAL G 69 8.49 -137.00 -19.78
CA THR G 70 5.71 -138.05 -17.28
CA PHE G 71 3.25 -135.80 -15.30
CA THR G 72 1.51 -137.01 -12.12
CA ARG G 73 -0.56 -135.30 -9.36
CA ASP G 74 -1.18 -136.51 -5.78
CA THR G 75 -4.55 -134.82 -5.25
CA SER G 76 -4.62 -135.57 -1.43
CA ALA G 77 -1.06 -134.16 -0.76
CA THR G 78 -1.85 -131.35 -3.26
CA THR G 79 1.44 -131.91 -5.13
CA ALA G 80 2.15 -132.32 -8.86
CA TYR G 81 5.31 -134.02 -10.20
CA MET G 82 7.21 -134.18 -13.44
CA GLY G 83 9.43 -137.19 -14.19
CA LEU G 84 12.21 -136.72 -16.80
CA SER G 85 13.97 -139.94 -17.98
CA SER G 86 17.17 -140.66 -19.98
CA LEU G 87 18.94 -137.50 -18.76
CA ARG G 88 21.45 -135.90 -21.14
CA PRO G 89 23.93 -133.07 -20.19
CA GLU G 90 21.67 -130.56 -22.11
CA ASP G 91 18.84 -131.22 -19.56
CA THR G 92 20.90 -129.06 -17.08
CA ALA G 93 18.32 -126.29 -16.55
CA VAL G 94 15.99 -124.67 -14.00
CA TYR G 95 12.60 -126.50 -13.98
CA TYR G 96 9.59 -124.36 -13.05
CA CYS G 97 6.01 -125.34 -12.44
CA ALA G 98 3.57 -122.47 -13.15
CA ARG G 99 -0.21 -122.15 -12.72
CA ASP G 100 -2.84 -122.20 -15.51
CA PRO G 101 -5.45 -119.64 -14.16
CA TYR G 102 -8.35 -121.32 -16.07
CA GLY G 103 -7.72 -125.16 -16.04
CA GLY G 104 -7.89 -125.52 -19.89
CA GLY G 105 -4.19 -126.07 -20.87
CA LYS G 106 -3.58 -123.03 -23.12
CA SER G 107 -3.01 -119.92 -21.03
CA GLU G 108 -0.61 -117.30 -19.71
CA PHE G 109 0.88 -118.45 -16.32
CA ASP G 110 -0.10 -116.24 -13.30
CA TYR G 111 1.85 -117.94 -10.40
CA TRP G 112 5.27 -119.55 -10.79
CA GLY G 113 7.12 -121.92 -8.49
CA GLN G 114 10.70 -120.88 -7.56
CA GLY G 115 12.58 -123.33 -9.83
CA THR G 116 14.72 -126.43 -9.17
CA LEU G 117 18.07 -126.63 -10.89
CA VAL G 118 18.79 -130.16 -12.15
CA THR G 119 22.42 -130.55 -13.16
CA VAL G 120 23.28 -133.61 -15.30
CA SER G 121 26.93 -134.68 -14.60
CA SER G 122 29.51 -137.48 -13.97
CA ALA G 123 32.47 -135.03 -13.31
CA SER G 124 32.02 -135.79 -9.65
CA PRO G 125 29.72 -133.83 -7.24
CA THR G 126 31.75 -131.94 -4.54
CA SER G 127 30.34 -129.96 -1.53
CA PRO G 128 31.63 -126.36 -0.86
CA LYS G 129 34.26 -125.63 1.83
CA VAL G 130 33.33 -122.31 3.49
CA PHE G 131 36.17 -119.98 4.66
CA PRO G 132 36.00 -116.64 6.56
CA LEU G 133 37.13 -113.38 4.93
CA SER G 134 37.94 -110.95 7.82
CA LEU G 135 40.55 -108.22 8.60
CA CYS G 136 42.09 -107.31 12.03
CA SER G 137 43.19 -103.59 11.71
CA THR G 138 43.83 -103.95 7.90
CA GLN G 139 40.47 -102.34 6.82
CA PRO G 140 39.93 -98.48 6.77
CA ASP G 141 38.71 -96.80 10.06
CA GLY G 142 34.88 -96.30 9.64
CA ASN G 143 33.30 -99.15 7.57
CA VAL G 144 33.76 -102.97 7.86
CA VAL G 145 33.85 -105.55 4.99
CA ILE G 146 33.56 -109.23 6.01
CA ALA G 147 32.80 -112.17 3.75
CA CYS G 148 32.51 -115.95 3.21
CA LEU G 149 34.49 -117.71 0.44
CA VAL G 150 32.30 -120.70 -0.74
CA GLN G 151 35.06 -122.78 -2.37
CA GLY G 152 35.50 -125.86 -4.59
CA PHE G 153 31.97 -127.10 -5.34
CA PHE G 154 30.33 -128.91 -8.29
CA PRO G 155 27.85 -128.63 -9.83
CA GLN G 156 26.85 -124.87 -9.65
CA GLU G 157 23.18 -125.38 -8.40
CA PRO G 158 21.17 -122.68 -6.42
CA LEU G 159 23.34 -121.30 -3.58
CA SER G 160 21.25 -119.55 -0.83
CA VAL G 161 23.54 -117.20 1.20
CA THR G 162 21.98 -115.34 4.15
CA TRP G 163 23.81 -113.22 6.82
CA SER G 164 22.77 -112.93 10.57
CA GLU G 165 22.73 -109.05 10.50
CA SER G 166 20.31 -107.02 8.26
CA GLY G 167 19.57 -103.22 8.17
CA GLN G 168 19.52 -99.86 6.27
CA GLY G 169 23.34 -99.35 5.88
CA VAL G 170 24.28 -103.12 5.85
CA THR G 171 24.79 -104.19 2.16
CA ALA G 172 25.05 -107.86 1.05
CA ARG G 173 26.75 -108.66 -2.30
CA ASN G 174 26.45 -112.26 -3.58
CA PHE G 175 29.11 -112.71 -6.37
CA PRO G 176 27.99 -115.16 -9.19
CA PRO G 177 29.80 -118.59 -9.44
CA SER G 178 33.18 -118.51 -11.28
CA GLN G 179 34.45 -121.77 -12.85
CA ASP G 180 38.13 -122.98 -12.47
CA ALA G 181 39.56 -124.54 -15.75
CA SER G 182 37.45 -127.10 -17.79
CA GLY G 183 34.45 -127.67 -15.43
CA ASP G 184 36.75 -128.78 -12.51
CA LEU G 185 35.46 -126.67 -9.51
CA TYR G 186 33.18 -123.59 -8.97
CA THR G 187 33.94 -120.81 -6.37
CA THR G 188 31.57 -117.97 -5.18
CA SER G 189 32.15 -115.22 -2.56
CA SER G 190 29.41 -113.56 -0.40
CA GLN G 191 30.37 -110.10 1.03
CA LEU G 192 28.70 -108.10 3.89
CA THR G 193 29.61 -104.33 3.99
CA LEU G 194 28.37 -102.62 7.27
CA PRO G 195 29.37 -99.57 9.47
CA ALA G 196 32.21 -100.20 12.05
CA THR G 197 29.81 -99.13 14.90
CA GLN G 198 27.51 -102.07 13.81
CA CYS G 199 30.46 -104.60 13.65
CA LEU G 200 32.71 -103.93 16.74
CA ALA G 201 36.02 -105.79 17.59
CA GLY G 202 35.41 -109.12 19.44
CA LYS G 203 31.90 -109.55 17.88
CA SER G 204 30.93 -111.86 14.92
CA VAL G 205 28.30 -112.12 12.08
CA THR G 206 27.07 -115.59 10.93
CA CYS G 207 26.95 -116.48 7.21
CA HIS G 208 24.37 -119.24 6.39
CA VAL G 209 25.08 -121.14 3.11
CA LYS G 210 22.56 -123.58 1.56
CA HIS G 211 23.84 -125.55 -1.50
CA TYR G 212 20.72 -127.22 -3.29
CA THR G 213 18.48 -129.29 -0.94
CA ASN G 214 21.50 -130.10 1.33
CA PRO G 215 21.62 -129.06 5.07
CA SER G 216 22.69 -125.42 5.85
CA GLN G 217 26.46 -124.84 6.41
CA ASP G 218 27.03 -122.03 8.96
CA VAL G 219 30.23 -119.99 9.62
CA THR G 220 30.75 -117.39 12.37
CA VAL G 221 32.96 -114.67 10.75
CA PRO G 222 34.79 -112.10 13.00
CA CYS G 223 34.05 -110.31 12.56
CA PRO G 224 33.31 -108.52 12.11
CA VAL G 225 36.01 -105.92 13.44
CA PRO G 226 35.78 -102.85 10.81
CA SER G 227 33.21 -100.03 11.52
CA THR G 228 34.74 -96.49 11.52
CA PRO G 229 33.71 -94.46 8.13
CA PRO G 230 37.31 -94.04 6.93
CA THR G 231 38.66 -90.65 5.54
CA PRO G 232 41.27 -90.66 2.65
CA SER G 233 42.89 -87.36 1.10
CA PRO G 234 42.61 -84.09 3.41
CA SER G 235 43.76 -81.34 0.72
CA THR G 236 43.35 -78.25 3.18
CA PRO G 237 45.11 -74.67 3.10
CA PRO G 238 44.65 -72.33 6.33
CA THR G 239 44.75 -69.00 4.21
CA PRO G 240 43.39 -65.25 4.23
CA SER G 241 41.89 -63.18 1.25
CA PRO G 242 43.23 -59.30 1.63
CA SER G 243 41.31 -55.95 1.20
CA CYS G 244 43.83 -53.11 1.52
CA CYS G 245 42.70 -49.73 0.01
CA HIS G 246 44.91 -46.61 -1.13
CA PRO G 247 43.98 -43.27 1.00
CA ARG G 248 42.15 -40.49 -1.00
CA LEU G 249 41.36 -36.95 0.42
CA SER G 250 38.28 -35.20 -1.17
CA LEU G 251 36.69 -31.75 -0.45
CA HIS G 252 32.95 -31.40 -1.41
CA ARG G 253 31.90 -27.66 -1.60
CA PRO G 254 28.64 -26.08 -0.17
CA ALA G 255 25.52 -25.95 -2.50
CA LEU G 256 24.54 -22.56 -4.16
CA GLU G 257 20.74 -22.63 -3.38
CA ASP G 258 21.16 -23.49 0.39
CA LEU G 259 23.93 -20.85 1.05
CA LEU G 260 21.85 -18.10 -0.75
CA LEU G 261 18.38 -18.99 0.75
CA GLY G 262 18.92 -18.72 4.58
CA SER G 263 22.80 -18.89 5.00
CA GLU G 264 23.06 -22.76 5.05
CA ALA G 265 26.58 -23.83 3.85
CA ASN G 266 28.80 -26.78 4.96
CA LEU G 267 32.26 -27.48 3.46
CA THR G 268 32.71 -31.24 3.74
CA CYS G 269 36.04 -33.10 4.17
CA THR G 270 36.16 -36.79 3.22
CA LEU G 271 39.21 -39.12 3.79
CA THR G 272 38.75 -42.27 1.64
CA GLY G 273 41.52 -44.98 1.61
CA LEU G 274 42.82 -45.11 5.25
CA ARG G 275 43.84 -48.86 5.65
CA ASP G 276 43.27 -51.21 8.72
CA ALA G 277 43.89 -50.25 12.48
CA SER G 278 43.74 -46.47 11.98
CA GLY G 279 42.43 -42.93 12.87
CA VAL G 280 42.38 -39.46 11.16
CA THR G 281 43.10 -36.05 12.85
CA PHE G 282 41.46 -32.99 11.23
CA THR G 283 42.67 -29.31 11.31
CA TRP G 284 40.13 -26.81 9.78
CA THR G 285 40.71 -22.99 9.35
CA PRO G 286 37.90 -20.91 11.04
CA SER G 287 35.29 -18.95 8.95
CA SER G 288 35.58 -15.08 8.92
CA GLY G 289 33.52 -14.27 12.11
CA LYS G 290 35.92 -16.35 14.36
CA SER G 291 34.04 -19.69 13.90
CA ALA G 292 35.48 -23.29 13.79
CA VAL G 293 32.96 -26.16 14.51
CA GLN G 294 33.48 -29.88 13.43
CA GLY G 295 31.92 -33.45 13.74
CA PRO G 296 34.13 -36.41 12.53
CA PRO G 297 32.74 -40.07 12.47
CA GLU G 298 34.73 -43.11 11.09
CA ARG G 299 32.72 -45.07 8.46
CA ASP G 300 34.02 -48.36 6.87
CA LEU G 301 33.17 -47.97 3.08
CA CYS G 302 33.95 -50.84 0.56
CA GLY G 303 36.11 -52.55 3.25
CA CYS G 304 38.15 -49.59 4.72
CA TYR G 305 37.75 -46.50 7.07
CA SER G 306 36.62 -42.97 5.95
CA VAL G 307 36.89 -39.96 8.39
CA SER G 308 34.26 -37.57 7.05
CA SER G 309 34.27 -34.28 8.99
CA VAL G 310 32.02 -31.24 8.26
CA LEU G 311 32.55 -27.47 8.96
CA PRO G 312 29.25 -25.41 9.03
CA GLY G 313 29.64 -21.93 7.40
CA CYS G 314 27.81 -18.60 6.90
CA ALA G 315 26.98 -16.87 3.53
CA GLU G 316 29.31 -13.78 4.07
CA PRO G 317 32.75 -15.66 4.14
CA TRP G 318 31.74 -17.64 0.95
CA ASN G 319 30.33 -14.50 -0.89
CA HIS G 320 33.18 -12.04 0.13
CA GLY G 321 36.21 -14.41 -0.43
CA LYS G 322 37.44 -16.83 2.33
CA THR G 323 39.91 -19.79 1.91
CA PHE G 324 38.75 -22.99 3.74
CA THR G 325 41.63 -25.37 4.53
CA CYS G 326 41.06 -28.98 5.67
CA THR G 327 44.46 -30.27 6.83
CA ALA G 328 44.41 -33.96 7.81
CA ALA G 329 47.27 -35.77 9.72
CA TYR G 330 47.86 -39.61 9.92
CA PRO G 331 51.19 -41.52 10.73
CA GLU G 332 51.21 -43.72 7.51
CA SER G 333 50.65 -40.46 5.45
CA LYS G 334 54.25 -39.01 5.84
CA THR G 335 53.13 -35.55 4.52
CA PRO G 336 49.87 -34.39 6.31
CA LEU G 337 47.38 -33.56 3.48
CA THR G 338 46.17 -29.97 3.14
CA ALA G 339 43.20 -29.19 0.78
CA THR G 340 42.01 -25.54 0.48
CA LEU G 341 38.76 -24.25 -1.09
CA SER G 342 37.17 -20.76 -1.82
CA LYS G 343 35.17 -18.66 -4.43
CA SER G 344 36.25 -18.35 -8.15
CA GLY G 345 38.13 -15.72 -10.28
CA ASN G 346 38.20 -11.87 -10.69
CA THR G 347 34.84 -9.90 -10.70
CA PHE G 348 32.85 -8.31 -13.66
CA ARG G 349 29.69 -6.04 -13.45
CA PRO G 350 26.47 -7.69 -14.93
CA GLU G 351 24.90 -5.83 -17.89
CA VAL G 352 21.08 -6.14 -17.36
CA HIS G 353 18.84 -5.53 -20.47
CA LEU G 354 15.04 -6.11 -20.24
CA LEU G 355 13.38 -7.39 -23.46
CA PRO G 356 9.60 -7.04 -24.17
CA PRO G 357 7.68 -9.92 -25.91
CA PRO G 358 7.88 -10.61 -29.67
CA SER G 359 4.98 -9.28 -31.87
CA GLU G 360 3.93 -12.92 -32.73
CA GLU G 361 3.66 -13.91 -28.99
CA LEU G 362 0.87 -11.25 -28.62
CA ALA G 363 -1.22 -13.67 -30.79
CA LEU G 364 -0.93 -15.92 -27.63
CA ASN G 365 -3.01 -15.29 -24.40
CA GLU G 366 -2.39 -16.81 -20.87
CA LEU G 367 1.41 -16.10 -20.66
CA VAL G 368 3.39 -13.14 -22.19
CA THR G 369 7.09 -13.84 -22.18
CA LEU G 370 8.95 -10.96 -20.36
CA THR G 371 12.70 -11.58 -20.70
CA CYS G 372 15.71 -10.06 -18.90
CA LEU G 373 19.26 -10.80 -20.14
CA ALA G 374 22.05 -10.60 -17.50
CA ARG G 375 25.35 -10.81 -19.47
CA GLY G 376 29.15 -10.31 -19.11
CA PHE G 377 29.16 -11.12 -15.34
CA SER G 378 31.73 -12.98 -13.11
CA PRO G 379 31.87 -14.93 -10.94
CA LYS G 380 28.74 -17.05 -11.84
CA ASP G 381 27.37 -16.23 -8.40
CA VAL G 382 24.16 -14.14 -8.97
CA LEU G 383 20.48 -13.76 -7.82
CA VAL G 384 17.77 -12.60 -10.25
CA ARG G 385 14.15 -11.92 -9.13
CA TRP G 386 11.05 -10.24 -10.67
CA LEU G 387 8.64 -7.62 -9.24
CA GLN G 388 5.18 -6.31 -10.21
CA GLY G 389 4.78 -2.46 -10.13
CA SER G 390 0.93 -2.62 -10.43
CA GLN G 391 0.41 -4.45 -7.04
CA GLU G 392 3.74 -3.36 -5.32
CA LEU G 393 4.61 -7.08 -4.82
CA PRO G 394 7.12 -9.82 -5.89
CA ARG G 395 6.01 -12.10 -8.79
CA GLU G 396 5.52 -15.89 -9.06
CA LYS G 397 5.44 -17.20 -12.65
CA TYR G 398 9.14 -16.84 -13.55
CA LEU G 399 12.01 -19.24 -14.41
CA THR G 400 15.82 -18.54 -14.64
CA TRP G 401 18.24 -20.70 -16.78
CA ALA G 402 22.15 -20.72 -16.98
CA SER G 403 25.23 -20.27 -19.34
CA ARG G 404 28.98 -20.13 -18.35
CA GLN G 405 30.89 -18.90 -21.49
CA GLU G 406 34.38 -20.50 -22.05
CA PRO G 407 35.95 -21.16 -25.55
CA SER G 408 39.69 -21.81 -26.42
CA GLN G 409 40.59 -18.06 -25.96
CA GLY G 410 41.05 -15.78 -22.86
CA THR G 411 37.37 -14.64 -23.06
CA THR G 412 35.44 -16.25 -20.09
CA THR G 413 32.37 -14.52 -18.38
CA PHE G 414 28.70 -15.73 -17.82
CA ALA G 415 25.23 -15.01 -19.27
CA VAL G 416 21.67 -15.96 -18.13
CA THR G 417 18.14 -15.22 -19.36
CA SER G 418 15.21 -14.97 -16.88
CA ILE G 419 11.64 -15.54 -18.15
CA LEU G 420 8.61 -13.89 -16.39
CA ARG G 421 5.35 -15.16 -17.92
CA VAL G 422 2.27 -12.79 -17.61
CA ALA G 423 -1.34 -12.52 -18.89
CA ALA G 424 -1.41 -10.61 -22.28
CA GLU G 425 -3.91 -8.12 -20.70
CA ASP G 426 -1.74 -6.84 -17.72
CA TRP G 427 1.18 -5.97 -20.07
CA LYS G 428 -1.38 -4.01 -22.25
CA LYS G 429 -2.95 -2.44 -19.08
CA GLY G 430 0.43 -0.59 -18.96
CA ASP G 431 2.00 -2.44 -16.01
CA THR G 432 5.68 -1.96 -15.08
CA PHE G 433 7.54 -5.23 -14.33
CA SER G 434 11.14 -5.04 -13.00
CA CYS G 435 13.98 -7.58 -13.10
CA MET G 436 16.17 -7.18 -9.94
CA VAL G 437 19.77 -8.52 -10.24
CA GLY G 438 22.06 -8.98 -7.19
CA HIS G 439 25.79 -9.57 -7.79
CA GLU G 440 29.24 -9.02 -6.11
CA ALA G 441 30.25 -6.30 -8.69
CA LEU G 442 26.96 -4.28 -8.73
CA PRO G 443 27.09 -0.69 -7.20
CA LEU G 444 25.02 -1.41 -4.02
CA ALA G 445 25.19 -5.21 -4.70
CA PHE G 446 21.80 -4.59 -6.39
CA THR G 447 20.48 -3.18 -9.69
CA GLN G 448 16.92 -3.22 -11.12
CA LYS G 449 15.95 -2.67 -14.81
CA THR G 450 12.26 -2.08 -15.72
CA ILE G 451 9.83 -3.18 -18.53
CA ASP G 452 6.43 -1.67 -19.49
CA ARG G 453 4.14 -1.37 -22.61
CA LEU G 454 5.08 2.39 -22.54
CA ALA G 455 7.98 3.53 -24.84
CA GLY G 456 9.07 7.24 -24.82
CA LYS G 457 11.83 7.83 -27.45
CA PRO G 458 14.11 10.41 -25.75
CA THR G 459 15.21 7.41 -25.19
CA HIS G 460 15.31 4.49 -22.64
CA VAL G 461 15.11 6.18 -19.12
CA ASN G 462 14.11 4.79 -15.61
CA VAL G 463 11.55 5.41 -12.69
CA SER G 464 11.96 8.23 -10.04
CA VAL G 465 13.50 8.15 -6.42
CA VAL G 466 11.07 6.06 -4.21
CA MET G 467 12.02 6.40 -0.47
CA ALA G 468 14.28 8.78 1.65
CA GLU G 469 15.82 8.81 4.44
CA VAL G 470 15.55 5.72 6.85
CA ASP G 471 18.68 3.93 5.42
CA GLY G 472 19.20 1.04 7.96
CA THR G 473 22.18 2.52 9.94
CA CYS G 474 20.28 5.80 10.75
CA TYR G 475 16.73 4.27 11.30
CA GLN H 1 104.26 -48.01 32.54
CA VAL H 2 103.40 -50.96 34.85
CA LYS H 3 101.10 -48.19 36.02
CA LEU H 4 102.74 -44.69 36.50
CA LEU H 5 102.34 -44.32 40.29
CA GLU H 6 101.71 -47.80 41.90
CA GLN H 7 101.04 -48.63 45.55
CA SER H 8 101.59 -51.56 47.96
CA GLY H 9 98.35 -53.53 48.61
CA ALA H 10 96.21 -53.74 51.73
CA GLU H 11 96.47 -54.27 55.02
CA VAL H 12 94.99 -55.10 58.33
CA LYS H 13 96.79 -53.73 61.37
CA LYS H 14 95.88 -54.06 65.06
CA PRO H 15 94.95 -50.78 66.93
CA GLY H 16 98.24 -49.32 68.35
CA ALA H 17 100.41 -50.73 65.52
CA SER H 18 102.09 -48.83 62.65
CA VAL H 19 101.53 -49.22 58.87
CA LYS H 20 104.00 -48.41 56.06
CA VAL H 21 102.49 -47.70 52.61
CA SER H 22 104.76 -47.44 49.52
CA CYS H 23 104.31 -45.67 46.18
CA LYS H 24 106.65 -46.64 43.27
CA ALA H 25 106.95 -44.04 40.44
CA SER H 26 107.60 -45.46 36.89
CA GLY H 27 107.92 -43.70 33.46
CA TYR H 28 108.72 -40.10 34.60
CA SER H 29 111.84 -38.55 36.29
CA PHE H 30 111.14 -39.28 40.02
CA THR H 31 113.33 -36.46 41.54
CA SER H 32 111.73 -33.65 39.40
CA TYR H 33 108.31 -33.75 41.22
CA GLY H 34 106.85 -33.87 44.73
CA LEU H 35 104.38 -36.55 45.92
CA HIS H 36 101.29 -35.75 48.02
CA TRP H 37 99.59 -38.28 50.42
CA VAL H 38 95.78 -38.19 50.75
CA ARG H 39 93.30 -40.51 52.52
CA GLN H 40 89.58 -41.27 52.19
CA ALA H 41 87.79 -42.84 55.20
CA PRO H 42 84.54 -44.74 54.30
CA GLY H 43 81.71 -42.34 53.28
CA GLN H 44 83.94 -39.32 53.89
CA ARG H 45 85.71 -36.61 51.92
CA LEU H 46 89.37 -36.82 50.89
CA GLU H 47 91.77 -35.55 53.56
CA TRP H 48 95.25 -34.21 52.71
CA MET H 49 97.97 -35.70 55.03
CA GLY H 50 101.33 -34.46 53.70
CA TRP H 51 103.82 -33.99 50.85
CA ILE H 52 107.46 -35.01 50.13
CA SER H 53 109.89 -33.46 47.57
CA ALA H 54 111.56 -36.49 45.82
CA GLY H 55 114.68 -34.35 45.02
CA THR H 56 115.50 -32.88 48.52
CA GLY H 57 113.59 -35.32 50.83
CA ASN H 58 111.86 -32.25 52.44
CA THR H 59 108.58 -32.73 54.14
CA LYS H 60 105.31 -30.90 54.80
CA TYR H 61 102.34 -32.31 56.69
CA SER H 62 98.89 -31.71 58.14
CA GLN H 63 99.06 -30.88 61.88
CA LYS H 64 96.06 -33.27 62.34
CA PHE H 65 98.79 -36.03 62.05
CA ARG H 66 101.40 -34.12 64.20
CA GLY H 67 103.79 -36.57 65.88
CA ARG H 68 102.52 -39.79 64.16
CA VAL H 69 103.12 -39.45 60.34
CA THR H 70 106.56 -39.89 58.58
CA PHE H 71 107.43 -39.41 54.84
CA THR H 72 110.52 -41.03 53.25
CA ARG H 73 111.76 -41.52 49.66
CA ASP H 74 114.23 -44.12 48.33
CA THR H 75 115.57 -42.11 45.38
CA SER H 76 117.45 -45.15 43.83
CA ALA H 77 114.38 -47.53 43.95
CA THR H 78 112.20 -44.54 42.92
CA THR H 79 109.70 -45.24 45.74
CA ALA H 80 108.18 -42.91 48.36
CA TYR H 81 106.69 -44.19 51.66
CA MET H 82 104.37 -42.91 54.33
CA GLY H 83 104.60 -44.33 57.86
CA LEU H 84 101.50 -43.92 60.11
CA SER H 85 102.01 -44.80 63.82
CA SER H 86 99.62 -45.38 66.79
CA LEU H 87 96.81 -46.71 64.58
CA ARG H 88 93.24 -46.09 65.78
CA PRO H 89 90.07 -47.73 64.25
CA GLU H 90 89.27 -44.35 62.51
CA ASP H 91 92.49 -44.69 60.41
CA THR H 92 90.58 -47.38 58.37
CA ALA H 93 90.69 -45.62 54.99
CA VAL H 94 92.09 -45.81 51.44
CA TYR H 95 95.57 -44.14 51.33
CA TYR H 96 96.51 -42.55 47.99
CA CYS H 97 99.77 -41.05 46.86
CA ALA H 98 99.27 -38.41 44.12
CA ARG H 99 101.74 -36.37 42.06
CA ASP H 100 102.56 -32.64 42.49
CA PRO H 101 103.10 -31.52 38.80
CA TYR H 102 105.47 -28.66 39.84
CA GLY H 103 107.56 -29.89 42.86
CA GLY H 104 106.55 -26.92 45.15
CA GLY H 105 104.09 -28.55 47.64
CA LYS H 106 100.90 -26.56 46.90
CA SER H 107 99.23 -27.84 43.76
CA GLU H 108 96.37 -29.75 42.14
CA PHE H 109 97.32 -33.49 41.78
CA ASP H 110 97.61 -34.72 38.13
CA TYR H 111 98.43 -38.50 38.62
CA TRP H 112 97.05 -40.61 41.44
CA GLY H 113 98.19 -44.02 42.71
CA GLN H 114 95.43 -46.69 42.96
CA GLY H 115 94.97 -46.63 46.77
CA THR H 116 95.80 -49.09 49.57
CA LEU H 117 93.07 -49.85 52.06
CA VAL H 118 94.46 -50.10 55.61
CA THR H 119 91.92 -51.63 57.98
CA VAL H 120 92.59 -51.16 61.72
CA SER H 121 91.09 -54.15 63.66
CA SER H 122 91.40 -56.81 66.45
CA ALA H 123 88.07 -58.59 65.57
CA SER H 124 90.15 -61.28 63.94
CA PRO H 125 91.26 -61.30 60.24
CA THR H 126 89.62 -64.19 58.26
CA SER H 127 90.34 -65.22 54.60
CA PRO H 128 87.35 -65.74 52.17
CA LYS H 129 86.08 -69.25 51.29
CA VAL H 130 85.11 -69.24 47.59
CA PHE H 131 82.10 -71.35 46.47
CA PRO H 132 80.71 -71.99 42.95
CA LEU H 133 77.25 -70.74 41.93
CA SER H 134 76.12 -72.92 38.96
CA LEU H 135 72.87 -74.53 37.64
CA CYS H 136 72.46 -77.89 35.78
CA SER H 137 69.19 -77.53 33.71
CA THR H 138 67.64 -75.09 36.30
CA GLN H 139 68.46 -71.87 34.30
CA PRO H 140 66.28 -70.69 31.29
CA ASP H 141 67.16 -72.08 27.78
CA GLY H 142 69.25 -69.33 26.02
CA ASN H 143 71.45 -67.39 28.54
CA VAL H 144 73.73 -68.70 31.35
CA VAL H 145 74.35 -67.12 34.82
CA ILE H 146 77.30 -68.50 36.82
CA ALA H 147 78.94 -66.95 39.86
CA CYS H 148 81.41 -67.16 42.78
CA LEU H 149 80.25 -66.63 46.39
CA VAL H 150 83.25 -65.03 48.27
CA GLN H 151 82.19 -65.91 51.84
CA GLY H 152 83.12 -65.15 55.47
CA PHE H 153 86.03 -62.69 55.27
CA PHE H 154 87.27 -59.82 57.50
CA PRO H 155 88.20 -57.07 57.08
CA GLN H 156 86.49 -55.79 53.83
CA GLU H 157 89.71 -54.61 51.96
CA PRO H 158 90.00 -54.33 48.09
CA LEU H 159 88.65 -57.52 46.45
CA SER H 160 89.87 -57.98 42.82
CA VAL H 161 87.52 -60.42 40.98
CA THR H 162 88.39 -61.33 37.37
CA TRP H 163 86.72 -64.02 35.15
CA SER H 164 88.55 -66.19 32.48
CA GLU H 165 86.03 -65.29 29.67
CA SER H 166 85.53 -61.66 28.39
CA GLY H 167 83.51 -60.33 25.37
CA GLN H 168 80.68 -58.13 23.94
CA GLY H 169 77.65 -60.06 25.40
CA VAL H 170 79.46 -61.41 28.55
CA THR H 171 78.51 -59.14 31.53
CA ALA H 172 80.36 -59.23 34.91
CA ARG H 173 78.56 -57.89 38.02
CA ASN H 174 80.66 -57.49 41.21
CA PHE H 175 78.19 -57.08 44.16
CA PRO H 176 79.53 -54.77 47.00
CA PRO H 177 80.48 -56.41 50.40
CA SER H 178 77.51 -57.06 52.76
CA GLN H 179 78.23 -57.33 56.53
CA ASP H 180 76.70 -60.12 58.75
CA ALA H 181 75.59 -58.82 62.27
CA SER H 182 77.97 -56.54 64.34
CA GLY H 183 81.18 -56.62 62.20
CA ASP H 184 81.40 -60.49 62.40
CA LEU H 185 81.94 -61.55 58.70
CA TYR H 186 81.65 -59.91 55.20
CA THR H 187 80.25 -61.75 52.10
CA THR H 188 80.39 -60.61 48.39
CA SER H 189 79.13 -62.39 45.21
CA SER H 190 80.65 -62.00 41.68
CA GLN H 191 78.25 -62.94 38.79
CA LEU H 192 79.07 -63.68 35.09
CA THR H 193 76.03 -63.52 32.69
CA LEU H 194 76.90 -64.89 29.14
CA PRO H 195 75.02 -66.52 26.15
CA ALA H 196 74.44 -70.36 26.42
CA THR H 197 76.36 -70.86 23.08
CA GLN H 198 79.43 -69.23 24.84
CA CYS H 199 79.06 -71.46 28.00
CA LEU H 200 78.20 -75.04 26.80
CA ALA H 201 77.49 -78.11 29.10
CA GLY H 202 80.74 -79.87 30.25
CA LYS H 203 82.83 -76.62 29.93
CA SER H 204 83.93 -74.26 32.79
CA VAL H 205 84.86 -70.54 33.41
CA THR H 206 87.54 -69.65 36.03
CA CYS H 207 86.88 -66.93 38.65
CA HIS H 208 90.14 -65.33 40.01
CA VAL H 209 89.74 -63.66 43.45
CA LYS H 210 92.48 -61.46 45.01
CA HIS H 211 91.82 -60.32 48.63
CA TYR H 212 94.36 -57.41 49.49
CA THR H 213 98.04 -58.28 48.78
CA ASN H 214 97.36 -62.03 49.41
CA PRO H 215 97.92 -64.74 46.68
CA SER H 216 95.10 -65.21 44.07
CA GLN H 217 92.39 -67.80 44.94
CA ASP H 218 91.08 -69.51 41.76
CA VAL H 219 87.84 -71.52 41.27
CA THR H 220 86.77 -73.38 38.12
CA VAL H 221 82.95 -72.77 37.86
CA PRO H 222 80.86 -75.11 35.54
CA CYS H 223 80.04 -73.94 34.17
CA PRO H 224 79.20 -72.76 32.81
CA VAL H 225 76.16 -74.87 31.34
CA PRO H 226 73.38 -72.07 30.44
CA SER H 227 73.51 -70.44 26.91
CA THR H 228 70.18 -70.64 24.98
CA PRO H 229 68.34 -66.98 24.91
CA PRO H 230 65.22 -68.19 26.78
CA THR H 231 61.61 -67.22 25.64
CA PRO H 232 58.85 -66.62 28.32
CA SER H 233 55.06 -65.72 27.45
CA PRO H 234 53.93 -66.61 23.71
CA SER H 235 50.40 -64.68 23.65
CA THR H 236 49.54 -65.65 19.90
CA PRO H 237 45.99 -65.90 18.10
CA PRO H 238 45.90 -67.61 14.46
CA THR H 239 42.91 -65.34 13.22
CA PRO H 240 41.37 -63.72 9.91
CA SER H 241 39.97 -60.09 9.38
CA PRO H 242 36.68 -60.38 6.93
CA SER H 243 35.61 -58.18 3.91
CA CYS H 244 32.18 -59.36 2.75
CA CYS H 245 30.20 -56.80 0.63
CA HIS H 246 26.27 -56.62 -0.09
CA PRO H 247 25.47 -56.96 -4.06
CA ARG H 248 24.17 -53.73 -5.77
CA LEU H 249 22.88 -53.58 -9.44
CA SER H 250 23.24 -50.12 -11.16
CA LEU H 251 22.30 -48.94 -14.72
CA HIS H 252 24.23 -45.87 -16.05
CA ARG H 253 22.42 -44.29 -19.10
CA PRO H 254 24.07 -43.04 -22.40
CA ALA H 255 25.25 -39.34 -22.56
CA LEU H 256 23.11 -36.76 -24.53
CA GLU H 257 25.97 -35.04 -26.51
CA ASP H 258 27.58 -38.36 -27.75
CA LEU H 259 24.23 -39.99 -28.86
CA LEU H 260 23.19 -36.77 -30.75
CA LEU H 261 26.62 -35.97 -32.39
CA GLY H 262 27.45 -39.16 -34.43
CA SER H 263 25.11 -41.89 -32.90
CA GLU H 264 27.47 -42.91 -30.00
CA ALA H 265 25.40 -44.38 -27.09
CA ASN H 266 26.24 -47.20 -24.60
CA LEU H 267 23.85 -48.32 -21.82
CA THR H 268 26.10 -49.61 -19.04
CA CYS H 269 25.24 -52.37 -16.52
CA THR H 270 27.25 -52.51 -13.27
CA LEU H 271 26.93 -55.29 -10.61
CA THR H 272 28.53 -54.05 -7.35
CA GLY H 273 28.44 -56.28 -4.19
CA LEU H 274 28.95 -59.89 -5.51
CA ARG H 275 30.87 -61.61 -2.57
CA ASP H 276 33.86 -64.11 -2.78
CA ALA H 277 34.14 -67.15 -5.24
CA SER H 278 31.60 -65.87 -7.78
CA GLY H 279 30.47 -65.00 -11.39
CA VAL H 280 27.64 -62.92 -13.00
CA THR H 281 25.51 -63.93 -16.09
CA PHE H 282 24.04 -61.04 -18.13
CA THR H 283 20.86 -61.06 -20.32
CA TRP H 284 20.39 -57.80 -22.40
CA THR H 285 17.35 -57.02 -24.68
CA PRO H 286 18.46 -56.16 -28.30
CA SER H 287 18.19 -52.55 -29.70
CA SER H 288 15.45 -51.88 -32.37
CA GLY H 289 17.42 -52.88 -35.56
CA LYS H 290 17.97 -56.51 -34.25
CA SER H 291 21.24 -55.72 -32.38
CA ALA H 292 22.61 -57.28 -29.10
CA VAL H 293 26.43 -56.90 -28.46
CA GLN H 294 28.13 -57.18 -24.96
CA GLY H 295 31.61 -57.23 -23.20
CA PRO H 296 31.64 -58.29 -19.46
CA PRO H 297 34.94 -58.17 -17.36
CA GLU H 298 35.11 -58.98 -13.57
CA ARG H 299 36.81 -56.16 -11.56
CA ASP H 300 37.52 -56.44 -7.76
CA LEU H 301 36.50 -52.96 -6.35
CA CYS H 302 36.98 -52.11 -2.57
CA GLY H 303 37.60 -55.85 -1.87
CA CYS H 304 34.81 -57.60 -3.96
CA TYR H 305 33.89 -58.48 -7.64
CA SER H 306 31.95 -56.17 -10.07
CA VAL H 307 30.65 -57.56 -13.46
CA SER H 308 30.38 -54.43 -15.59
CA SER H 309 28.91 -55.22 -19.02
CA VAL H 310 28.16 -52.64 -21.79
CA LEU H 311 25.60 -52.69 -24.68
CA PRO H 312 26.48 -50.30 -27.62
CA GLY H 313 23.37 -48.55 -29.09
CA CYS H 314 22.23 -46.34 -32.01
CA ALA H 315 20.47 -42.89 -31.80
CA GLU H 316 17.08 -44.07 -33.34
CA PRO H 317 16.04 -46.63 -30.56
CA TRP H 318 16.88 -44.00 -27.82
CA ASN H 319 15.12 -41.07 -29.70
CA HIS H 320 11.96 -43.06 -30.84
CA GLY H 321 11.28 -44.99 -27.52
CA LYS H 322 13.02 -48.36 -26.75
CA THR H 323 13.16 -50.18 -23.32
CA PHE H 324 16.67 -51.55 -22.48
CA THR H 325 16.58 -54.41 -19.96
CA CYS H 326 19.72 -55.70 -18.19
CA THR H 327 18.71 -58.95 -16.45
CA ALA H 328 21.49 -60.45 -14.32
CA ALA H 329 21.44 -64.03 -12.82
CA TYR H 330 23.62 -65.36 -9.89
CA PRO H 331 22.93 -68.42 -7.54
CA GLU H 332 23.23 -66.43 -4.19
CA SER H 333 20.74 -63.83 -5.68
CA LYS H 334 17.53 -66.02 -5.42
CA THR H 335 15.54 -63.60 -7.69
CA PRO H 336 17.59 -62.73 -10.88
CA LEU H 337 17.71 -58.87 -11.01
CA THR H 338 16.06 -57.11 -13.95
CA ALA H 339 16.70 -53.33 -14.49
CA THR H 340 15.00 -51.59 -17.48
CA LEU H 341 15.78 -48.14 -18.95
CA SER H 342 14.31 -45.86 -21.75
CA LYS H 343 13.35 -42.22 -22.72
CA SER H 344 11.11 -39.97 -20.46
CA GLY H 345 7.38 -38.92 -20.41
CA ASN H 346 4.67 -37.84 -22.97
CA THR H 347 5.63 -35.36 -25.82
CA PHE H 348 4.88 -31.56 -26.22
CA ARG H 349 5.58 -29.29 -29.32
CA PRO H 350 8.28 -26.55 -28.67
CA GLU H 351 7.08 -22.94 -29.07
CA VAL H 352 10.03 -21.08 -30.77
CA HIS H 353 10.03 -17.22 -30.47
CA LEU H 354 13.03 -15.19 -31.78
CA LEU H 355 13.84 -12.00 -29.80
CA PRO H 356 15.90 -9.08 -31.27
CA PRO H 357 18.45 -7.19 -29.05
CA PRO H 358 17.45 -4.59 -26.43
CA SER H 359 17.75 -0.86 -27.43
CA GLU H 360 20.53 -0.33 -24.78
CA GLU H 361 22.67 -3.25 -26.20
CA LEU H 362 22.93 -1.25 -29.51
CA ALA H 363 25.14 1.16 -27.46
CA LEU H 364 27.54 -1.90 -27.43
CA ASN H 365 29.65 -2.96 -30.51
CA GLU H 366 31.47 -6.36 -31.06
CA LEU H 367 28.55 -8.68 -30.09
CA VAL H 368 24.74 -8.10 -30.56
CA THR H 369 22.72 -10.51 -28.50
CA LEU H 370 20.25 -12.42 -30.78
CA THR H 371 18.02 -14.59 -28.56
CA CYS H 372 15.65 -17.47 -29.35
CA LEU H 373 13.32 -18.85 -26.64
CA ALA H 374 12.24 -22.52 -27.03
CA ARG H 375 9.48 -23.08 -24.42
CA GLY H 376 6.74 -25.57 -23.36
CA PHE H 377 8.60 -28.63 -24.82
CA SER H 378 8.87 -32.29 -23.59
CA PRO H 379 10.82 -34.44 -23.29
CA LYS H 380 13.98 -32.30 -22.60
CA ASP H 381 15.58 -33.92 -25.64
CA VAL H 382 16.15 -31.07 -28.22
CA LEU H 383 18.77 -29.62 -30.66
CA VAL H 384 18.97 -25.87 -31.33
CA ARG H 385 21.34 -24.36 -33.97
CA TRP H 386 21.77 -20.94 -35.66
CA LEU H 387 22.17 -20.00 -39.37
CA GLN H 388 23.29 -16.86 -41.26
CA GLY H 389 21.06 -15.87 -44.27
CA SER H 390 23.64 -13.31 -45.62
CA GLN H 391 26.37 -15.98 -46.35
CA GLU H 392 24.04 -19.08 -46.66
CA LEU H 393 26.08 -20.79 -43.86
CA PRO H 394 25.82 -22.09 -40.24
CA ARG H 395 27.01 -19.69 -37.48
CA GLU H 396 29.74 -20.00 -34.80
CA LYS H 397 29.38 -17.49 -31.93
CA TYR H 398 26.36 -18.99 -30.13
CA LEU H 399 25.71 -20.59 -26.71
CA THR H 400 22.62 -22.59 -25.47
CA TRP H 401 21.66 -22.91 -21.72
CA ALA H 402 18.99 -25.15 -19.94
CA SER H 403 15.82 -25.13 -17.68
CA ARG H 404 13.56 -28.14 -16.73
CA GLN H 405 10.37 -26.65 -15.11
CA GLU H 406 8.88 -28.69 -12.17
CA PRO H 407 7.04 -27.13 -9.12
CA SER H 408 4.65 -28.88 -6.59
CA GLN H 409 1.76 -28.98 -9.18
CA GLY H 410 1.05 -31.14 -12.31
CA THR H 411 2.70 -28.49 -14.59
CA THR H 412 6.08 -29.94 -15.86
CA THR H 413 7.60 -29.00 -19.34
CA PHE H 414 11.04 -27.43 -20.32
CA ALA H 415 12.39 -24.06 -21.53
CA VAL H 416 15.79 -22.96 -22.97
CA THR H 417 17.24 -19.70 -24.33
CA SER H 418 19.90 -19.76 -27.11
CA ILE H 419 22.22 -16.72 -27.51
CA LEU H 420 23.78 -15.87 -30.96
CA ARG H 421 26.25 -12.98 -30.58
CA VAL H 422 26.88 -10.83 -33.77
CA ALA H 423 28.66 -7.59 -34.81
CA ALA H 424 26.26 -4.56 -34.39
CA GLU H 425 26.86 -3.71 -38.10
CA ASP H 426 25.63 -7.02 -39.73
CA TRP H 427 22.28 -6.83 -37.85
CA LYS H 428 21.93 -3.19 -39.18
CA LYS H 429 23.07 -4.31 -42.70
CA GLY H 430 19.64 -6.07 -42.67
CA ASP H 431 20.85 -9.67 -42.26
CA THR H 432 18.40 -12.53 -41.56
CA PHE H 433 19.55 -14.94 -38.80
CA SER H 434 17.49 -18.11 -38.13
CA CYS H 435 17.21 -20.30 -35.04
CA MET H 436 16.61 -23.97 -36.11
CA VAL H 437 14.96 -26.23 -33.46
CA GLY H 438 14.80 -30.04 -33.80
CA HIS H 439 12.49 -31.97 -31.47
CA GLU H 440 10.41 -35.26 -31.31
CA ALA H 441 7.05 -33.33 -31.45
CA LEU H 442 7.90 -30.85 -34.30
CA PRO H 443 6.02 -31.33 -37.68
CA LEU H 444 8.98 -32.65 -39.76
CA ALA H 445 11.12 -33.04 -36.55
CA PHE H 446 12.38 -29.56 -37.53
CA THR H 447 11.20 -25.93 -37.33
CA GLN H 448 13.10 -22.69 -38.02
CA LYS H 449 12.08 -19.16 -36.83
CA THR H 450 13.85 -16.09 -38.34
CA ILE H 451 15.20 -12.69 -37.03
CA ASP H 452 16.14 -9.55 -39.05
CA ARG H 453 16.39 -5.71 -38.54
CA LEU H 454 13.32 -5.55 -40.92
CA ALA H 455 9.83 -5.32 -39.26
CA GLY H 456 6.67 -5.19 -41.50
CA LYS H 457 3.52 -4.75 -39.34
CA PRO H 458 0.90 -6.89 -41.17
CA THR H 459 2.32 -8.62 -38.82
CA HIS H 460 5.07 -11.26 -38.04
CA VAL H 461 5.33 -13.46 -41.26
CA ASN H 462 8.15 -15.82 -42.59
CA VAL H 463 10.48 -16.36 -45.71
CA SER H 464 9.30 -18.03 -49.02
CA VAL H 465 9.59 -21.74 -50.26
CA VAL H 466 13.36 -22.40 -50.98
CA MET H 467 13.82 -25.75 -52.86
CA ALA H 468 11.49 -28.24 -54.78
CA GLU H 469 11.43 -31.31 -55.66
CA VAL H 470 14.48 -33.64 -54.84
CA ASP H 471 13.06 -34.84 -51.45
CA GLY H 472 15.49 -37.71 -50.50
CA THR H 473 13.23 -40.71 -51.40
CA CYS H 474 12.63 -39.48 -55.01
CA TYR H 475 16.21 -38.05 -55.70
CA GLU A 1 -0.10 114.64 42.42
CA LEU A 2 -0.74 110.99 43.20
CA VAL A 3 -0.74 109.06 39.96
CA MET A 4 -3.47 106.45 39.32
CA THR A 5 -2.57 103.87 36.68
CA GLN A 6 -5.11 101.36 35.35
CA SER A 7 -4.37 98.03 33.78
CA PRO A 8 -5.34 97.12 31.07
CA SER A 9 -6.41 99.90 28.75
CA SER A 10 -8.80 97.59 26.81
CA LEU A 11 -10.31 94.13 27.22
CA SER A 12 -12.80 92.16 25.13
CA ALA A 13 -14.53 89.28 26.91
CA SER A 14 -17.64 87.17 26.31
CA VAL A 15 -20.78 87.49 28.39
CA GLY A 16 -20.55 85.28 31.46
CA ASP A 17 -16.81 85.86 31.75
CA ARG A 18 -15.29 87.24 34.91
CA VAL A 19 -13.20 90.38 34.31
CA ASN A 20 -10.74 92.08 36.73
CA ILE A 21 -9.36 95.66 36.14
CA ALA A 22 -6.41 96.84 38.29
CA CYS A 23 -5.60 100.37 39.46
CA ARG A 24 -2.32 101.34 41.20
CA ALA A 25 -1.81 104.37 43.37
CA SER A 26 1.80 105.72 43.08
CA GLN A 27 1.68 105.72 46.93
CA GLY A 28 -0.64 104.57 49.73
CA ILE A 29 -4.22 105.89 49.77
CA SER A 30 -5.71 103.50 52.38
CA SER A 31 -9.26 102.84 51.08
CA ALA A 32 -9.94 106.17 49.40
CA LEU A 33 -10.71 104.84 46.01
CA ALA A 34 -13.97 105.13 44.04
CA TRP A 35 -14.77 103.35 40.65
CA TYR A 36 -16.96 104.91 37.89
CA GLN A 37 -18.65 103.50 34.84
CA GLN A 38 -19.00 105.82 31.81
CA LYS A 39 -21.07 104.71 28.84
CA PRO A 40 -19.79 106.51 25.78
CA GLY A 41 -21.28 109.99 25.65
CA LYS A 42 -22.66 110.18 29.14
CA ALA A 43 -21.87 111.42 32.51
CA PRO A 44 -19.80 108.99 34.63
CA ARG A 45 -21.67 106.86 37.26
CA LEU A 46 -20.54 105.78 40.71
CA LEU A 47 -20.29 102.01 41.26
CA ILE A 48 -18.02 101.61 44.26
CA TYR A 49 -16.67 104.04 46.95
CA ASP A 50 -14.18 103.36 49.82
CA ALA A 51 -12.56 100.58 47.67
CA SER A 52 -15.31 98.07 48.35
CA ASN A 53 -18.74 99.64 49.14
CA LEU A 54 -21.33 99.29 46.31
CA GLU A 55 -23.41 102.37 45.75
CA SER A 56 -27.20 101.75 46.18
CA GLY A 57 -28.87 100.34 43.00
CA VAL A 58 -25.57 98.99 41.41
CA PRO A 59 -25.86 95.29 40.41
CA SER A 60 -24.44 92.75 42.82
CA ARG A 61 -22.05 91.44 40.06
CA PHE A 62 -19.75 94.45 40.61
CA SER A 63 -17.27 94.15 43.53
CA GLY A 64 -14.03 95.97 44.45
CA SER A 65 -11.02 95.14 46.61
CA GLY A 66 -7.63 96.52 47.67
CA SER A 67 -6.07 98.75 50.26
CA GLY A 68 -2.91 100.79 50.26
CA THR A 69 -1.74 100.91 46.69
CA ASP A 70 -3.40 98.11 44.62
CA PHE A 71 -7.13 97.96 43.92
CA THR A 72 -9.27 95.56 41.75
CA LEU A 73 -12.75 95.95 40.30
CA THR A 74 -14.31 92.53 39.38
CA ILE A 75 -17.40 92.09 37.15
CA SER A 76 -18.31 88.50 37.94
CA SER A 77 -20.55 87.67 34.94
CA LEU A 78 -20.09 90.21 32.15
CA GLN A 79 -23.36 91.29 30.57
CA PRO A 80 -23.86 93.36 27.16
CA GLU A 81 -24.93 96.40 29.09
CA ASP A 82 -21.52 96.43 30.79
CA PHE A 83 -19.82 97.93 27.69
CA ALA A 84 -18.25 101.13 29.04
CA ILE A 85 -14.99 102.84 30.04
CA TYR A 86 -14.25 102.25 33.76
CA TYR A 87 -12.20 104.83 35.92
CA CYS A 88 -10.72 104.75 39.36
CA GLN A 89 -10.26 108.01 41.29
CA GLN A 90 -8.33 108.65 44.60
CA PHE A 91 -9.58 111.12 47.25
CA ASN A 92 -6.86 110.75 49.82
CA SER A 93 -4.95 113.81 48.58
CA TYR A 94 -5.58 116.99 46.62
CA PRO A 95 -5.47 117.25 43.50
CA LEU A 96 -8.01 114.48 43.32
CA THR A 97 -6.87 112.28 40.41
CA PHE A 98 -8.34 109.76 37.98
CA GLY A 99 -6.83 106.79 36.31
CA GLY A 100 -6.62 106.57 32.52
CA GLY A 101 -9.58 104.18 31.80
CA THR A 102 -10.18 100.56 30.90
CA LYS A 103 -12.54 100.19 27.92
CA VAL A 104 -14.46 96.91 28.09
CA GLU A 105 -15.90 95.71 24.72
CA ILE A 106 -18.18 92.58 24.50
CA LYS A 107 -17.13 89.54 22.32
CA ARG A 108 -19.97 87.76 20.47
CA THR A 109 -20.75 85.70 17.32
CA VAL A 110 -20.31 87.20 13.81
CA ALA A 111 -23.27 89.05 12.43
CA ALA A 112 -23.38 90.07 8.81
CA PRO A 113 -24.50 93.59 8.05
CA SER A 114 -27.71 94.81 6.39
CA VAL A 115 -26.58 97.23 3.67
CA PHE A 116 -28.52 100.25 2.43
CA ILE A 117 -27.61 103.00 -0.05
CA PHE A 118 -29.25 106.44 -0.32
CA PRO A 119 -29.08 108.90 -3.27
CA PRO A 120 -28.62 112.74 -2.77
CA SER A 121 -31.87 114.46 -1.93
CA ASP A 122 -33.30 117.05 -4.30
CA GLU A 123 -32.81 120.10 -2.18
CA GLN A 124 -29.29 119.01 -1.54
CA LEU A 125 -28.46 119.01 -5.31
CA LYS A 126 -30.09 122.51 -5.30
CA SER A 127 -27.08 123.72 -3.17
CA GLY A 128 -24.60 122.41 -5.75
CA THR A 129 -23.44 119.30 -3.63
CA ALA A 130 -24.35 115.65 -3.54
CA SER A 131 -23.81 113.28 -0.58
CA VAL A 132 -24.36 109.57 -1.22
CA VAL A 133 -24.69 107.42 1.97
CA CYS A 134 -24.12 103.68 2.35
CA LEU A 135 -25.33 102.12 5.64
CA LEU A 136 -24.09 98.84 7.11
CA ASN A 137 -26.47 98.10 9.97
CA ASN A 138 -25.89 95.84 12.92
CA PHE A 139 -22.82 93.73 12.52
CA TYR A 140 -20.09 92.03 14.54
CA PRO A 141 -16.90 92.15 14.50
CA ARG A 142 -16.33 95.88 13.80
CA GLU A 143 -13.96 95.41 10.85
CA ALA A 144 -15.64 95.86 7.44
CA LYS A 145 -14.54 97.46 4.13
CA VAL A 146 -16.72 99.82 2.03
CA GLN A 147 -15.67 100.55 -1.54
CA TRP A 148 -17.38 103.10 -3.75
CA LYS A 149 -17.49 102.62 -7.50
CA VAL A 150 -19.03 105.27 -9.79
CA ASP A 151 -19.46 104.06 -13.42
CA ASN A 152 -18.53 100.57 -12.42
CA ALA A 153 -14.87 99.99 -11.39
CA LEU A 154 -14.02 103.71 -11.36
CA GLN A 155 -13.79 103.14 -7.68
CA SER A 156 -13.05 106.20 -5.66
CA GLY A 157 -11.01 107.72 -2.72
CA ASN A 158 -13.24 110.77 -1.48
CA SER A 159 -15.46 109.26 1.29
CA GLN A 160 -15.67 109.53 5.08
CA GLU A 161 -16.84 106.90 7.60
CA SER A 162 -18.49 106.89 11.03
CA VAL A 163 -19.01 103.82 13.28
CA THR A 164 -21.27 103.81 16.29
CA GLU A 165 -20.15 102.40 19.72
CA GLN A 166 -21.23 98.87 20.71
CA ASP A 167 -24.92 98.48 21.34
CA SER A 168 -25.70 97.54 24.96
CA LYS A 169 -28.45 95.17 23.89
CA ASP A 170 -26.97 93.05 21.06
CA SER A 171 -23.27 94.06 20.95
CA THR A 172 -23.22 95.19 17.30
CA TYR A 173 -21.87 98.22 15.44
CA SER A 174 -23.41 100.15 12.56
CA LEU A 175 -21.37 102.20 10.05
CA SER A 176 -21.98 104.95 7.45
CA SER A 177 -19.84 105.91 4.53
CA THR A 178 -20.62 109.26 2.90
CA LEU A 179 -19.32 109.92 -0.59
CA THR A 180 -19.41 113.64 -1.39
CA LEU A 181 -19.13 115.09 -4.84
CA SER A 182 -20.28 118.32 -6.47
CA LYS A 183 -23.70 118.52 -8.31
CA ALA A 184 -21.75 118.66 -11.63
CA ASP A 185 -19.61 115.63 -10.74
CA TYR A 186 -22.66 113.64 -9.76
CA GLU A 187 -24.46 114.80 -12.99
CA LYS A 188 -21.98 113.08 -15.17
CA HIS A 189 -22.02 109.54 -13.89
CA LYS A 190 -24.96 107.11 -13.68
CA VAL A 191 -24.17 103.88 -11.68
CA TYR A 192 -23.31 104.64 -8.04
CA ALA A 193 -22.41 101.59 -5.95
CA CYS A 194 -21.38 100.60 -2.43
CA GLU A 195 -19.44 97.29 -2.18
CA VAL A 196 -19.13 95.70 1.27
CA THR A 197 -16.73 93.13 2.66
CA HIS A 198 -17.20 91.69 6.15
CA GLN A 199 -16.61 88.24 7.73
CA GLY A 200 -20.31 87.25 8.07
CA LEU A 201 -21.09 87.63 4.37
CA SER A 202 -20.31 84.77 1.94
CA SER A 203 -19.65 87.16 -0.94
CA PRO A 204 -18.96 90.96 -1.15
CA VAL A 205 -22.31 92.78 -1.26
CA THR A 206 -23.14 95.62 -3.70
CA LYS A 207 -26.00 98.11 -3.45
CA SER A 208 -26.23 100.35 -6.51
CA PHE A 209 -28.60 102.86 -8.02
CA ASN A 210 -28.91 104.66 -11.31
CA ARG A 211 -28.83 108.48 -11.42
CA GLY A 212 -32.45 109.11 -12.49
CA GLU A 213 -34.48 107.29 -9.70
CA CYS A 214 -38.33 106.96 -9.60
CA GLU B 1 -116.62 47.63 -40.42
CA LEU B 2 -113.55 48.34 -42.52
CA VAL B 3 -110.54 46.94 -40.73
CA MET B 4 -107.35 49.05 -40.49
CA THR B 5 -104.20 47.02 -39.80
CA GLN B 6 -100.86 48.70 -39.01
CA SER B 7 -97.45 47.22 -39.49
CA PRO B 8 -95.33 46.96 -37.35
CA SER B 9 -96.62 47.14 -33.80
CA SER B 10 -93.25 48.43 -32.47
CA LEU B 11 -90.01 49.80 -33.89
CA SER B 12 -86.85 51.13 -32.23
CA ALA B 13 -84.62 53.29 -34.41
CA SER B 14 -81.80 55.78 -33.83
CA VAL B 15 -82.21 59.51 -34.34
CA GLY B 16 -81.54 60.44 -37.96
CA ASP B 17 -83.02 57.16 -39.20
CA ARG B 18 -85.86 57.11 -41.66
CA VAL B 19 -88.88 55.11 -40.46
CA ASN B 20 -91.91 53.93 -42.49
CA ILE B 21 -95.18 52.62 -40.83
CA ALA B 22 -97.74 50.84 -43.05
CA CYS B 23 -101.52 50.75 -42.68
CA ARG B 24 -103.83 48.51 -44.76
CA ALA B 25 -107.49 49.06 -45.33
CA SER B 26 -109.40 45.72 -45.70
CA GLN B 27 -110.93 47.38 -48.82
CA GLY B 28 -110.51 50.59 -50.86
CA ILE B 29 -110.88 53.93 -49.08
CA SER B 30 -109.48 56.22 -51.80
CA SER B 31 -107.57 58.92 -49.85
CA ALA B 32 -109.69 59.02 -46.70
CA LEU B 33 -106.97 58.29 -44.26
CA ALA B 34 -105.70 60.49 -41.40
CA TRP B 35 -102.58 59.74 -39.18
CA TYR B 36 -102.37 60.71 -35.44
CA GLN B 37 -99.50 60.97 -33.02
CA GLN B 38 -100.26 60.18 -29.35
CA LYS B 39 -97.61 60.81 -26.71
CA PRO B 40 -98.26 58.49 -23.80
CA GLY B 41 -100.96 59.96 -21.59
CA LYS B 42 -102.23 62.65 -23.92
CA ALA B 43 -104.85 63.35 -26.38
CA PRO B 44 -104.02 62.19 -29.93
CA ARG B 45 -102.78 64.87 -32.43
CA LEU B 46 -103.45 65.17 -36.15
CA LEU B 47 -100.39 64.98 -38.41
CA ILE B 48 -101.76 64.09 -41.84
CA TYR B 49 -105.29 64.08 -43.39
CA ASP B 50 -106.41 62.92 -46.90
CA ALA B 51 -103.45 60.44 -46.95
CA SER B 52 -100.87 63.10 -47.73
CA ASN B 53 -101.81 66.63 -46.50
CA LEU B 54 -99.77 67.84 -43.46
CA GLU B 55 -101.80 69.66 -40.88
CA SER B 56 -100.58 73.27 -40.24
CA GLY B 57 -97.67 73.43 -37.71
CA VAL B 58 -96.58 69.71 -38.14
CA PRO B 59 -92.83 69.39 -38.92
CA SER B 60 -91.86 68.94 -42.54
CA ARG B 61 -90.13 65.58 -41.68
CA PHE B 62 -93.54 63.85 -41.53
CA SER B 63 -95.00 62.75 -44.91
CA GLY B 64 -97.73 60.25 -45.92
CA SER B 65 -98.54 58.33 -49.10
CA GLY B 66 -100.95 55.73 -50.49
CA SER B 67 -104.31 55.47 -52.13
CA GLY B 68 -106.85 52.68 -52.26
CA THR B 69 -105.79 50.18 -49.67
CA ASP B 70 -102.09 50.71 -48.68
CA PHE B 71 -100.84 53.84 -46.92
CA THR B 72 -97.35 54.79 -45.52
CA LEU B 73 -96.33 57.41 -42.96
CA THR B 74 -92.56 58.30 -43.24
CA ILE B 75 -90.58 60.19 -40.57
CA SER B 76 -87.52 61.16 -42.56
CA SER B 77 -85.07 61.96 -39.71
CA LEU B 78 -86.30 60.54 -36.42
CA GLN B 79 -85.89 62.93 -33.51
CA PRO B 80 -86.23 62.11 -29.60
CA GLU B 81 -89.47 64.02 -29.41
CA ASP B 82 -90.96 61.59 -31.96
CA PHE B 83 -91.42 58.86 -29.30
CA ALA B 84 -95.15 58.14 -29.47
CA ILE B 85 -97.82 55.64 -30.62
CA TYR B 86 -98.95 56.44 -34.19
CA TYR B 87 -102.56 55.56 -35.47
CA CYS B 88 -104.23 55.60 -38.84
CA GLN B 89 -107.99 56.12 -39.09
CA GLN B 90 -110.32 55.73 -42.17
CA PHE B 91 -113.30 58.06 -42.79
CA ASN B 92 -114.62 56.59 -46.00
CA SER B 93 -117.27 54.51 -44.22
CA TYR B 94 -119.16 54.44 -40.93
CA PRO B 95 -118.16 53.10 -38.29
CA LEU B 96 -115.06 55.21 -38.55
CA THR B 97 -112.18 52.89 -37.55
CA PHE B 98 -108.65 53.12 -36.22
CA GLY B 99 -105.69 50.92 -36.72
CA GLY B 100 -104.01 49.19 -33.77
CA GLY B 101 -100.94 51.48 -33.28
CA THR B 102 -97.22 51.49 -34.00
CA LYS B 103 -95.15 52.41 -30.93
CA VAL B 104 -91.88 54.08 -31.91
CA GLU B 105 -89.13 53.97 -29.21
CA ILE B 106 -85.76 55.81 -29.69
CA LYS B 107 -82.42 53.82 -29.65
CA ARG B 108 -79.46 55.58 -27.98
CA THR B 109 -76.18 54.92 -26.07
CA VAL B 110 -76.20 53.17 -22.66
CA ALA B 111 -76.62 55.41 -19.67
CA ALA B 112 -76.04 54.10 -16.18
CA PRO B 113 -78.60 54.98 -13.56
CA SER B 114 -78.30 57.30 -10.57
CA VAL B 115 -79.60 55.29 -7.59
CA PHE B 116 -81.35 56.71 -4.54
CA ILE B 117 -82.99 55.01 -1.54
CA PHE B 118 -85.57 56.57 0.80
CA PRO B 119 -86.60 55.35 4.31
CA PRO B 120 -90.32 55.31 5.50
CA SER B 121 -91.45 58.71 6.70
CA ASP B 122 -92.47 59.19 10.32
CA GLU B 123 -96.15 59.74 9.80
CA GLN B 124 -96.22 56.72 7.59
CA LEU B 125 -94.90 54.45 10.40
CA LYS B 126 -97.63 56.11 12.56
CA SER B 127 -100.24 54.29 10.35
CA GLY B 128 -98.61 50.92 11.01
CA THR B 129 -96.97 50.56 7.45
CA ALA B 130 -93.56 51.25 6.01
CA SER B 131 -92.77 51.83 2.31
CA VAL B 132 -89.10 51.90 1.34
CA VAL B 133 -88.39 53.37 -2.16
CA CYS B 134 -85.36 52.82 -4.39
CA LEU B 135 -85.02 55.19 -7.40
CA LEU B 136 -82.98 54.49 -10.52
CA ASN B 137 -82.94 57.77 -12.42
CA ASN B 138 -82.24 58.34 -16.07
CA PHE B 139 -80.91 55.26 -17.74
CA TYR B 140 -80.84 53.50 -21.11
CA PRO B 141 -81.65 50.58 -22.11
CA ARG B 142 -84.80 49.96 -20.01
CA GLU B 143 -83.73 46.58 -18.61
CA ALA B 144 -82.38 46.76 -15.03
CA LYS B 145 -82.72 44.49 -11.95
CA VAL B 146 -83.47 45.76 -8.40
CA GLN B 147 -82.92 43.39 -5.50
CA TRP B 148 -83.91 44.17 -1.93
CA LYS B 149 -81.95 42.73 0.98
CA VAL B 150 -83.04 43.34 4.60
CA ASP B 151 -80.40 42.21 7.17
CA ASN B 152 -77.91 41.59 4.42
CA ALA B 153 -78.64 38.64 2.07
CA LEU B 154 -82.15 38.07 3.46
CA GLN B 155 -83.18 39.31 0.10
CA SER B 156 -86.87 39.60 -0.41
CA GLY B 157 -89.87 39.00 -2.82
CA ASN B 158 -92.56 41.71 -1.68
CA SER B 159 -91.83 44.76 -3.90
CA GLN B 160 -93.56 46.50 -6.82
CA GLU B 161 -91.98 48.45 -9.70
CA SER B 162 -92.96 51.34 -11.96
CA VAL B 163 -91.03 52.59 -15.04
CA THR B 164 -91.73 55.87 -16.74
CA GLU B 165 -92.10 56.16 -20.59
CA GLN B 166 -89.12 57.38 -22.66
CA ASP B 167 -88.20 60.99 -22.10
CA SER B 168 -88.64 63.10 -25.24
CA LYS B 169 -85.49 65.07 -24.51
CA ASP B 170 -82.81 62.47 -23.67
CA SER B 171 -84.49 59.09 -24.36
CA THR B 172 -84.04 57.63 -20.87
CA TYR B 173 -86.29 55.79 -18.41
CA SER B 174 -86.49 56.14 -14.65
CA LEU B 175 -87.76 53.36 -12.32
CA SER B 176 -89.01 53.00 -8.72
CA SER B 177 -89.17 49.91 -6.60
CA THR B 178 -91.32 50.12 -3.46
CA LEU B 179 -90.80 47.57 -0.74
CA THR B 180 -93.75 47.50 1.64
CA LEU B 181 -93.71 45.92 5.06
CA SER B 182 -95.67 46.47 8.27
CA LYS B 183 -94.33 48.87 11.04
CA ALA B 184 -93.57 45.74 13.15
CA ASP B 185 -91.70 44.00 10.31
CA TYR B 186 -89.66 47.09 9.63
CA GLU B 187 -88.97 47.48 13.42
CA LYS B 188 -87.13 44.25 13.58
CA HIS B 189 -84.49 44.63 10.93
CA LYS B 190 -81.76 47.29 10.64
CA VAL B 191 -79.88 47.21 7.25
CA TYR B 192 -82.21 47.94 4.32
CA ALA B 193 -80.54 47.81 0.89
CA CYS B 194 -81.31 48.23 -2.80
CA GLU B 195 -78.92 46.41 -5.19
CA VAL B 196 -78.97 47.44 -8.86
CA THR B 197 -77.79 45.69 -11.98
CA HIS B 198 -77.81 47.45 -15.35
CA GLN B 199 -75.51 47.38 -18.44
CA GLY B 200 -73.94 50.85 -17.93
CA LEU B 201 -72.61 50.09 -14.43
CA SER B 202 -69.27 48.26 -14.02
CA SER B 203 -70.39 46.62 -10.78
CA PRO B 204 -73.82 46.08 -9.09
CA VAL B 205 -74.64 49.18 -7.03
CA THR B 206 -76.00 49.09 -3.45
CA LYS B 207 -77.66 51.93 -1.54
CA SER B 208 -78.35 51.01 2.08
CA PHE B 209 -79.45 52.70 5.27
CA ASN B 210 -79.65 51.74 8.91
CA ARG B 211 -83.02 51.80 10.71
CA GLY B 212 -82.32 54.71 13.11
CA GLU B 213 -81.38 57.59 10.67
CA CYS B 214 -80.26 61.14 11.75
CA GLN C 1 -36.44 116.28 39.55
CA VAL C 2 -36.11 118.16 36.22
CA LYS C 3 -32.84 116.28 36.53
CA LEU C 4 -31.08 116.48 40.00
CA LEU C 5 -27.93 118.41 39.02
CA GLU C 6 -28.49 120.21 35.63
CA GLN C 7 -26.02 122.29 33.62
CA SER C 8 -26.11 125.23 31.14
CA GLY C 9 -25.58 124.06 27.51
CA ALA C 10 -22.62 124.57 25.20
CA GLU C 11 -20.59 126.99 24.08
CA VAL C 12 -18.07 128.29 21.67
CA LYS C 13 -15.70 130.95 22.99
CA LYS C 14 -12.84 132.70 21.18
CA PRO C 15 -9.25 132.05 22.55
CA GLY C 16 -8.56 134.70 25.26
CA ALA C 17 -12.24 134.97 26.33
CA SER C 18 -13.89 133.68 29.53
CA VAL C 19 -16.70 131.09 29.91
CA LYS C 20 -19.21 130.79 32.79
CA VAL C 21 -20.81 127.35 33.30
CA SER C 22 -23.76 126.93 35.72
CA CYS C 23 -25.05 123.92 37.65
CA LYS C 24 -28.60 124.10 39.17
CA ALA C 25 -29.33 121.63 42.02
CA SER C 26 -32.99 120.39 42.33
CA GLY C 27 -34.64 117.86 44.76
CA TYR C 28 -32.03 117.84 47.60
CA SER C 29 -31.04 120.50 50.22
CA PHE C 30 -28.44 122.59 48.25
CA THR C 31 -26.51 124.06 51.28
CA SER C 32 -25.92 120.60 52.95
CA TYR C 33 -23.39 119.38 50.29
CA GLY C 34 -20.34 120.57 48.35
CA LEU C 35 -20.08 120.54 44.52
CA HIS C 36 -16.97 119.39 42.65
CA TRP C 37 -16.01 120.60 39.09
CA VAL C 38 -14.34 118.10 36.70
CA ARG C 39 -13.46 118.29 32.99
CA GLN C 40 -12.78 115.76 30.22
CA ALA C 41 -10.80 116.93 27.15
CA PRO C 42 -11.37 114.79 23.98
CA GLY C 43 -9.74 111.31 24.28
CA GLN C 44 -8.37 112.17 27.74
CA ARG C 45 -8.93 111.21 31.36
CA LEU C 46 -11.14 113.21 33.74
CA GLU C 47 -9.31 116.09 35.46
CA TRP C 48 -10.44 117.51 38.81
CA MET C 49 -10.56 121.39 38.75
CA GLY C 50 -12.05 122.47 42.11
CA TRP C 51 -14.79 122.28 44.76
CA ILE C 52 -17.22 124.75 46.44
CA SER C 53 -19.10 124.31 49.77
CA ALA C 54 -22.73 125.48 49.02
CA GLY C 55 -23.23 126.39 52.74
CA THR C 56 -20.11 128.61 53.39
CA GLY C 57 -19.09 129.58 49.79
CA ASN C 58 -15.53 128.27 50.57
CA THR C 59 -13.36 127.19 47.74
CA LYS C 60 -10.65 124.66 46.91
CA TYR C 61 -8.98 124.26 43.52
CA SER C 62 -6.32 122.52 41.44
CA GLN C 63 -3.15 124.66 41.17
CA LYS C 64 -3.08 123.71 37.43
CA PHE C 65 -5.86 126.43 37.14
CA ARG C 66 -4.14 128.90 39.58
CA GLY C 67 -5.15 132.49 38.80
CA ARG C 68 -7.80 131.69 36.10
CA VAL C 69 -10.63 129.63 37.74
CA THR C 70 -13.42 131.10 40.00
CA PHE C 71 -16.23 129.22 41.89
CA THR C 72 -19.44 130.97 43.02
CA ARG C 73 -22.83 129.78 44.39
CA ASP C 74 -26.19 131.63 44.34
CA THR C 75 -27.70 130.03 47.44
CA SER C 76 -31.26 131.46 46.78
CA ALA C 77 -31.41 130.25 43.08
CA THR C 78 -29.68 127.01 44.23
CA THR C 79 -27.08 127.26 41.41
CA ALA C 80 -23.28 126.98 41.50
CA TYR C 81 -21.03 128.45 38.75
CA MET C 82 -17.49 128.02 37.56
CA GLY C 83 -15.78 130.87 35.70
CA LEU C 84 -12.76 129.94 33.49
CA SER C 85 -10.70 132.91 32.16
CA SER C 86 -7.98 133.29 29.46
CA LEU C 87 -9.34 130.44 27.33
CA ARG C 88 -6.82 128.46 25.28
CA PRO C 89 -7.72 125.88 22.51
CA GLU C 90 -6.79 123.03 24.99
CA ASP C 91 -9.71 124.11 27.28
CA THR C 92 -12.05 122.48 24.65
CA ALA C 93 -13.59 119.83 26.93
CA VAL C 94 -16.82 118.68 28.62
CA TYR C 95 -17.21 120.44 32.02
CA TYR C 96 -19.12 118.47 34.67
CA CYS C 97 -20.28 119.51 38.08
CA ALA C 98 -20.62 116.52 40.48
CA ARG C 99 -21.87 116.25 44.06
CA ASP C 100 -19.72 115.74 47.21
CA PRO C 101 -22.03 113.44 49.36
CA TYR C 102 -20.49 114.72 52.67
CA GLY C 103 -19.71 118.49 52.23
CA GLY C 104 -15.97 118.14 53.20
CA GLY C 105 -14.16 118.53 49.80
CA LYS C 106 -12.42 115.14 49.51
CA SER C 107 -14.87 112.48 48.38
CA GLU C 108 -16.11 110.17 45.63
CA PHE C 109 -18.85 111.96 43.55
CA ASP C 110 -22.34 110.33 43.79
CA TYR C 111 -24.44 112.56 41.37
CA TRP C 112 -23.05 114.11 38.19
CA GLY C 113 -24.46 116.89 36.03
CA GLN C 114 -24.80 116.08 32.29
CA GLY C 115 -21.79 118.09 31.03
CA THR C 116 -21.42 121.29 28.97
CA LEU C 117 -19.03 121.19 26.05
CA VAL C 118 -17.04 124.45 25.77
CA THR C 119 -15.24 124.69 22.44
CA VAL C 120 -12.47 127.30 22.19
CA SER C 121 -12.18 128.53 18.54
CA SER C 122 -11.76 131.42 16.02
CA ALA C 123 -12.21 129.18 12.88
CA SER C 124 -15.70 130.60 12.61
CA PRO C 125 -18.84 129.08 14.27
CA THR C 126 -21.35 127.76 11.65
CA SER C 127 -24.89 126.36 12.31
CA PRO C 128 -25.91 122.96 10.74
CA LYS C 129 -28.09 122.77 7.58
CA VAL C 130 -30.47 119.80 7.99
CA PHE C 131 -31.41 117.76 4.87
CA PRO C 132 -33.87 114.84 4.49
CA LEU C 133 -32.65 111.33 3.55
CA SER C 134 -35.68 109.50 2.04
CA LEU C 135 -36.40 106.99 -0.81
CA CYS C 136 -39.52 106.75 -3.04
CA SER C 137 -39.66 103.05 -4.24
CA THR C 138 -35.80 102.70 -4.09
CA GLN C 139 -35.75 100.88 -0.65
CA PRO C 140 -36.50 97.07 -0.32
CA ASP C 141 -40.22 96.01 0.14
CA GLY C 142 -40.71 95.39 3.93
CA ASN C 143 -38.53 97.80 6.05
CA VAL C 144 -38.03 101.61 5.73
CA VAL C 145 -34.79 103.62 6.35
CA ILE C 146 -35.17 107.42 6.61
CA ALA C 147 -32.63 109.88 7.95
CA CYS C 148 -31.50 113.49 8.55
CA LEU C 149 -28.11 114.72 7.25
CA VAL C 150 -26.90 117.43 9.78
CA GLN C 151 -24.39 119.20 7.51
CA GLY C 152 -21.60 121.82 7.68
CA PHE C 153 -21.40 122.86 11.34
CA PHE C 154 -18.58 124.08 13.65
CA PRO C 155 -17.67 123.48 16.37
CA GLN C 156 -18.70 119.81 17.13
CA GLU C 157 -20.59 120.49 20.49
CA PRO C 158 -23.39 118.19 21.92
CA LEU C 159 -25.92 117.39 19.16
CA SER C 160 -29.31 116.14 20.54
CA VAL C 161 -31.20 114.24 17.78
CA THR C 162 -34.70 112.94 18.61
CA TRP C 163 -37.27 111.37 16.18
CA SER C 164 -41.15 111.77 16.42
CA GLU C 165 -41.78 107.94 16.29
CA SER C 166 -40.48 105.49 19.00
CA GLY C 167 -41.23 101.75 19.56
CA GLN C 168 -40.01 98.09 19.82
CA GLY C 169 -38.93 97.57 16.14
CA VAL C 170 -38.03 101.27 15.41
CA THR C 171 -34.20 101.64 15.71
CA ALA C 172 -32.42 105.04 15.87
CA ARG C 173 -28.70 105.23 14.92
CA ASN C 174 -26.88 108.54 15.66
CA PHE C 175 -23.58 108.48 13.64
CA PRO C 176 -20.65 110.36 15.42
CA PRO C 177 -19.42 113.71 13.88
CA SER C 178 -16.97 113.33 10.94
CA GLN C 179 -14.61 116.26 10.18
CA ASP C 180 -14.00 117.56 6.56
CA ALA C 181 -10.26 118.49 5.91
CA SER C 182 -8.28 120.62 8.51
CA GLY C 183 -11.07 121.58 11.00
CA ASP C 184 -13.21 123.24 8.21
CA LEU C 185 -16.74 121.71 8.76
CA TYR C 186 -18.29 118.76 10.72
CA THR C 187 -21.12 116.52 9.33
CA THR C 188 -23.26 113.90 11.25
CA SER C 189 -26.15 111.70 10.01
CA SER C 190 -29.10 110.43 12.19
CA GLN C 191 -30.89 107.31 10.78
CA LEU C 192 -34.34 105.85 11.74
CA THR C 193 -34.94 102.18 10.63
CA LEU C 194 -38.64 101.09 11.11
CA PRO C 195 -41.09 98.51 9.53
CA ALA C 196 -42.88 99.65 6.26
CA THR C 197 -46.32 99.10 7.97
CA GLN C 198 -45.21 101.75 10.60
CA CYS C 199 -44.00 104.24 7.87
CA LEU C 200 -46.62 104.19 5.02
CA ALA C 201 -46.41 106.21 1.69
CA GLY C 202 -47.72 109.83 2.07
CA LYS C 203 -46.87 109.92 5.85
CA SER C 204 -43.82 111.62 7.52
CA VAL C 205 -41.59 111.33 10.67
CA THR C 206 -40.13 114.50 12.28
CA CYS C 207 -36.40 114.69 13.19
CA HIS C 208 -35.66 117.23 16.02
CA VAL C 209 -32.03 118.48 16.08
CA LYS C 210 -30.62 120.56 18.99
CA HIS C 211 -27.06 121.94 18.45
CA TYR C 212 -25.68 123.21 21.94
CA THR C 213 -28.04 125.66 23.76
CA ASN C 214 -29.45 126.92 20.40
CA PRO C 215 -33.22 126.58 19.46
CA SER C 216 -34.39 123.17 18.08
CA GLN C 217 -34.24 122.74 14.25
CA ASP C 218 -37.09 120.46 13.04
CA VAL C 219 -37.42 118.62 9.67
CA THR C 220 -40.41 116.58 8.48
CA VAL C 221 -38.88 113.53 6.66
CA PRO C 222 -41.17 111.47 4.26
CA CYS C 223 -47.50 116.79 7.49
CA PRO C 224 -41.58 107.53 4.62
CA VAL C 225 -39.47 105.06 2.43
CA PRO C 226 -40.62 101.12 2.40
CA SER C 227 -38.38 99.24 4.96
CA THR C 228 -38.75 95.35 4.18
CA PRO C 229 -40.50 94.25 0.76
CA PRO C 230 -41.04 90.29 1.23
CA THR C 231 -39.27 88.55 -1.84
CA PRO C 232 -37.96 85.72 -1.58
CA SER C 233 -40.55 83.39 -0.30
CA PRO C 234 -39.27 79.86 -1.44
CA SER C 235 -41.68 77.73 0.76
CA THR C 236 -43.37 74.87 -1.05
CA PRO C 237 -41.46 72.25 -3.39
CA PRO C 238 -43.69 69.29 -4.84
CA THR C 239 -41.77 66.23 -3.79
CA PRO C 240 -42.33 62.36 -4.31
CA SER C 241 -39.08 60.26 -4.79
CA PRO C 242 -36.35 59.24 -7.45
CA SER C 243 -36.33 55.64 -6.33
CA CYS C 244 -33.42 54.25 -8.35
CA CYS C 245 -32.84 51.94 -5.24
CA HIS C 246 -33.85 48.20 -4.65
CA PRO C 247 -31.16 46.99 -2.08
CA ARG C 248 -28.83 44.28 -3.60
CA LEU C 249 -25.31 43.40 -2.17
CA SER C 250 -22.81 41.97 -4.76
CA LEU C 251 -19.14 40.82 -4.39
CA HIS C 252 -17.02 40.88 -7.62
CA ARG C 253 -13.79 38.74 -7.22
CA PRO C 254 -10.19 39.71 -8.35
CA ALA C 255 -9.11 38.70 -11.96
CA LEU C 256 -6.72 35.67 -12.43
CA GLU C 257 -4.22 37.29 -14.91
CA ASP C 258 -3.69 40.53 -12.81
CA LEU C 259 -3.20 38.70 -9.43
CA LEU C 260 -0.67 36.23 -11.03
CA LEU C 261 1.31 38.80 -13.16
CA GLY C 262 2.59 41.37 -10.57
CA SER C 263 0.32 40.78 -7.44
CA GLU C 264 -2.59 43.08 -8.56
CA ALA C 265 -5.89 41.91 -6.93
CA ASN C 266 -8.91 43.95 -5.67
CA LEU C 267 -12.01 42.33 -4.11
CA THR C 268 -14.87 44.70 -4.92
CA CYS C 269 -18.01 45.27 -2.81
CA THR C 270 -21.08 46.78 -4.53
CA LEU C 271 -24.34 47.81 -2.71
CA THR C 272 -27.10 48.23 -5.34
CA GLY C 273 -30.70 49.12 -4.21
CA LEU C 274 -30.22 51.59 -1.26
CA ARG C 275 -33.36 53.90 -1.59
CA ASP C 276 -33.57 57.78 -1.15
CA ALA C 277 -31.87 59.85 1.72
CA SER C 278 -29.27 57.22 2.65
CA GLY C 279 -25.63 56.09 3.38
CA VAL C 280 -23.75 52.71 3.62
CA THR C 281 -21.13 51.72 6.29
CA PHE C 282 -18.56 49.09 5.22
CA THR C 283 -16.62 46.59 7.47
CA TRP C 284 -13.88 44.60 5.57
CA THR C 285 -11.67 41.82 7.12
CA PRO C 286 -7.88 42.56 6.64
CA SER C 287 -5.70 40.49 4.19
CA SER C 288 -3.12 38.03 5.74
CA GLY C 289 -0.14 40.48 6.22
CA LYS C 290 -2.22 42.79 8.56
CA SER C 291 -3.66 44.98 5.70
CA ALA C 292 -7.13 46.70 5.47
CA VAL C 293 -7.42 49.64 2.95
CA GLN C 294 -10.78 50.94 1.45
CA GLY C 295 -12.29 53.76 -0.80
CA PRO C 296 -16.16 54.07 -0.82
CA PRO C 297 -17.97 56.60 -3.19
CA GLU C 298 -21.83 56.89 -3.50
CA ARG C 299 -23.01 56.63 -7.15
CA ASP C 300 -26.72 57.08 -8.19
CA LEU C 301 -27.33 54.24 -10.78
CA CYS C 302 -30.78 53.88 -12.58
CA GLY C 303 -32.29 56.36 -10.06
CA CYS C 304 -30.85 55.14 -6.66
CA TYR C 305 -27.53 55.13 -4.60
CA SER C 306 -24.75 52.44 -4.85
CA VAL C 307 -21.87 52.39 -2.24
CA SER C 308 -19.08 50.62 -4.15
CA SER C 309 -16.04 50.08 -1.92
CA VAL C 310 -12.78 48.28 -2.96
CA LEU C 311 -10.16 46.39 -0.87
CA PRO C 312 -6.69 46.06 -2.61
CA GLY C 313 -5.03 42.62 -2.00
CA CYS C 314 -1.75 40.70 -2.49
CA ALA C 315 -1.27 37.34 -4.37
CA GLU C 316 -0.26 35.27 -1.22
CA PRO C 317 -3.62 35.56 0.77
CA TRP C 318 -5.60 34.63 -2.44
CA ASN C 319 -3.20 31.70 -3.42
CA HIS C 320 -2.76 30.23 0.16
CA GLY C 321 -6.47 30.45 1.33
CA LYS C 322 -7.90 33.66 2.93
CA THR C 323 -11.65 34.50 3.54
CA PHE C 324 -12.56 38.11 2.55
CA THR C 325 -15.69 39.39 4.33
CA CYS C 326 -17.50 42.59 3.27
CA THR C 327 -20.03 43.36 6.04
CA ALA C 328 -22.27 46.33 5.25
CA ALA C 329 -24.56 48.11 7.84
CA TYR C 330 -27.59 50.44 7.04
CA PRO C 331 -30.64 51.32 9.35
CA GLU C 332 -33.39 50.23 6.83
CA SER C 333 -31.49 46.85 6.42
CA LYS C 334 -32.46 45.34 9.87
CA THR C 335 -29.81 42.54 9.51
CA PRO C 336 -26.38 44.04 8.42
CA LEU C 337 -25.34 42.05 5.27
CA THR C 338 -22.19 39.95 5.42
CA ALA C 339 -20.73 38.48 2.14
CA THR C 340 -17.52 36.35 2.34
CA LEU C 341 -15.25 35.25 -0.53
CA SER C 342 -12.08 33.01 -0.93
CA LYS C 343 -10.36 30.31 -3.14
CA SER C 344 -12.15 27.04 -4.25
CA GLY C 345 -12.17 23.35 -3.08
CA ASN C 346 -9.62 20.69 -1.90
CA THR C 347 -6.21 20.37 -3.76
CA PHE C 348 -4.98 17.72 -6.34
CA ARG C 349 -1.40 17.32 -7.84
CA PRO C 350 -1.21 18.05 -11.66
CA GLU C 351 -0.06 15.13 -13.84
CA VAL C 352 2.20 16.72 -16.57
CA HIS C 353 2.82 14.61 -19.75
CA LEU C 354 4.75 16.14 -22.72
CA LEU C 355 3.62 14.94 -26.19
CA PRO C 356 5.87 15.19 -29.33
CA PRO C 357 4.31 16.14 -32.74
CA PRO C 358 2.31 13.68 -34.90
CA SER C 359 4.17 12.00 -37.85
CA GLU C 360 1.89 13.83 -40.39
CA GLU C 361 2.72 17.32 -38.87
CA LEU C 362 6.41 16.71 -39.87
CA ALA C 363 5.13 17.11 -43.49
CA LEU C 364 4.53 20.76 -42.32
CA ASN C 365 7.40 23.35 -41.90
CA GLU C 366 7.25 26.76 -40.02
CA LEU C 367 5.57 25.47 -36.78
CA VAL C 368 5.94 22.01 -35.08
CA THR C 369 3.25 21.47 -32.50
CA LEU C 370 4.87 20.59 -29.10
CA THR C 371 2.06 19.74 -26.66
CA CYS C 372 2.02 19.37 -22.85
CA LEU C 373 -1.08 17.96 -21.09
CA ALA C 374 -1.62 19.08 -17.45
CA ARG C 375 -4.46 16.85 -16.10
CA GLY C 376 -6.23 15.83 -12.85
CA PHE C 377 -5.42 19.14 -11.05
CA SER C 378 -7.45 21.26 -8.52
CA PRO C 379 -8.14 24.03 -7.91
CA LYS C 380 -8.11 25.47 -11.51
CA ASP C 381 -5.43 27.91 -10.38
CA VAL C 382 -2.24 27.06 -12.39
CA LEU C 383 0.64 28.65 -14.43
CA VAL C 384 2.17 26.85 -17.41
CA ARG C 385 5.24 28.22 -19.32
CA TRP C 386 7.71 26.86 -21.93
CA LEU C 387 11.54 26.97 -22.05
CA GLN C 388 14.18 26.36 -24.76
CA GLY C 389 17.20 24.19 -23.67
CA SER C 390 19.26 25.08 -26.83
CA GLN C 391 19.51 28.86 -25.98
CA GLU C 392 18.94 28.61 -22.14
CA LEU C 393 15.95 31.02 -22.51
CA PRO C 394 12.12 31.23 -22.14
CA ARG C 395 10.08 30.73 -25.36
CA GLU C 396 7.57 32.96 -27.21
CA LYS C 397 5.35 31.08 -29.70
CA TYR C 398 3.07 29.22 -27.26
CA LEU C 399 -0.66 29.28 -26.39
CA THR C 400 -2.52 27.67 -23.38
CA TRP C 401 -6.28 26.75 -23.47
CA ALA C 402 -8.71 25.59 -20.62
CA SER C 403 -11.08 22.74 -19.43
CA ARG C 404 -12.86 22.41 -15.99
CA GLN C 405 -14.27 18.81 -15.84
CA GLU C 406 -17.70 18.43 -14.05
CA PRO C 407 -20.40 15.80 -15.01
CA SER C 408 -23.41 14.55 -12.88
CA GLN C 409 -21.10 12.39 -10.63
CA GLY C 410 -18.62 13.21 -7.79
CA THR C 411 -15.67 13.34 -10.30
CA THR C 412 -14.58 17.05 -10.68
CA THR C 413 -10.89 18.08 -11.47
CA PHE C 414 -9.36 20.20 -14.37
CA ALA C 415 -7.31 19.59 -17.55
CA VAL C 416 -5.45 21.96 -19.95
CA THR C 417 -3.28 21.52 -23.06
CA SER C 418 -0.44 23.99 -23.83
CA ILE C 419 0.82 24.33 -27.44
CA LEU C 420 4.45 25.44 -28.20
CA ARG C 421 4.91 25.92 -31.95
CA VAL C 422 8.55 25.53 -33.29
CA ALA C 423 10.42 25.35 -36.64
CA ALA C 424 10.57 21.67 -37.89
CA GLU C 425 14.42 22.00 -38.06
CA ASP C 426 15.15 22.88 -34.33
CA TRP C 427 13.16 19.83 -33.09
CA LYS C 428 15.28 17.68 -35.56
CA LYS C 429 18.51 19.51 -34.45
CA GLY C 430 17.85 17.58 -31.17
CA ASP C 431 16.69 20.51 -29.01
CA THR C 432 15.19 19.94 -25.54
CA PHE C 433 12.02 22.00 -24.85
CA SER C 434 10.50 21.94 -21.33
CA CYS C 435 6.97 22.65 -20.11
CA MET C 436 7.11 24.20 -16.58
CA VAL C 437 3.91 23.85 -14.47
CA GLY C 438 3.34 25.81 -11.21
CA HIS C 439 0.49 24.73 -8.93
CA GLU C 440 -0.56 24.76 -5.18
CA ALA C 441 -0.18 20.91 -4.89
CA LEU C 442 3.22 20.50 -6.70
CA PRO C 443 6.26 19.45 -4.51
CA LEU C 444 8.15 22.81 -4.59
CA ALA C 445 5.08 24.56 -6.16
CA PHE C 446 6.93 23.81 -9.43
CA THR C 447 7.51 20.83 -11.77
CA GLN C 448 9.05 20.73 -15.26
CA LYS C 449 8.66 17.88 -17.83
CA THR C 450 10.95 17.81 -20.93
CA ILE C 451 10.57 17.00 -24.71
CA ASP C 452 13.31 16.26 -27.30
CA ARG C 453 13.73 14.35 -30.65
CA LEU C 454 15.89 11.86 -28.57
CA ALA C 455 14.13 8.69 -27.24
CA GLY C 456 16.13 6.16 -25.11
CA LYS C 457 13.94 3.12 -24.25
CA PRO C 458 15.06 2.21 -20.68
CA THR C 459 12.46 4.16 -20.59
CA HIS C 460 11.26 7.83 -20.13
CA VAL C 461 13.89 9.49 -17.76
CA ASN C 462 14.79 13.22 -17.07
CA VAL C 463 17.83 15.72 -17.19
CA SER C 464 20.58 15.87 -14.44
CA VAL C 465 20.94 18.23 -11.32
CA VAL C 466 21.71 21.79 -12.67
CA MET C 467 22.78 24.14 -9.77
CA ALA C 468 23.91 23.69 -6.07
CA GLU C 469 24.05 25.35 -3.36
CA VAL C 470 22.89 29.11 -3.32
CA ASP C 471 19.23 28.30 -2.34
CA GLY C 472 17.79 31.83 -1.57
CA THR C 473 17.81 31.63 2.29
CA CYS C 474 21.57 30.73 2.45
CA TYR C 475 22.80 33.02 -0.48
CA GLN D 1 -108.72 79.85 -24.97
CA VAL D 2 -109.10 78.30 -21.49
CA LYS D 3 -108.32 75.34 -23.73
CA LEU D 4 -110.28 75.15 -27.08
CA LEU D 5 -112.32 71.98 -26.45
CA GLU D 6 -112.42 71.20 -22.66
CA GLN D 7 -114.02 68.23 -20.89
CA SER D 8 -115.61 67.46 -17.48
CA GLY D 9 -113.23 65.45 -15.21
CA ALA D 10 -113.43 61.84 -14.09
CA GLU D 11 -115.58 59.65 -12.75
CA VAL D 12 -116.35 56.43 -11.03
CA LYS D 13 -119.76 54.94 -11.71
CA LYS D 14 -121.24 51.68 -10.38
CA PRO D 15 -122.03 48.93 -13.01
CA GLY D 16 -125.63 49.53 -14.27
CA ALA D 17 -125.46 53.33 -13.77
CA SER D 18 -125.23 56.08 -16.42
CA VAL D 19 -122.45 58.66 -16.97
CA LYS D 20 -122.77 62.10 -18.62
CA VAL D 21 -119.57 63.60 -20.08
CA SER D 22 -119.49 67.26 -21.26
CA CYS D 23 -117.31 69.07 -23.79
CA LYS D 24 -117.26 72.92 -23.73
CA ALA D 25 -116.05 74.63 -26.97
CA SER D 26 -114.26 78.03 -26.54
CA GLY D 27 -112.61 80.39 -29.14
CA TYR D 28 -114.33 79.18 -32.37
CA SER D 29 -117.98 79.46 -33.64
CA PHE D 30 -119.62 76.40 -31.94
CA THR D 31 -122.58 75.93 -34.42
CA SER D 32 -120.32 75.90 -37.57
CA TYR D 33 -118.73 72.45 -36.80
CA GLY D 34 -119.70 68.94 -35.71
CA LEU D 35 -118.19 67.15 -32.67
CA HIS D 36 -117.13 63.49 -32.71
CA TRP D 37 -116.98 61.24 -29.55
CA VAL D 38 -114.19 58.61 -29.32
CA ARG D 39 -113.07 56.32 -26.48
CA GLN D 40 -109.86 54.45 -25.60
CA ALA D 41 -110.10 51.46 -23.21
CA PRO D 42 -106.81 50.58 -21.40
CA GLY D 43 -104.22 49.04 -23.80
CA GLN D 44 -106.68 49.24 -26.70
CA ARG D 45 -107.17 51.18 -29.92
CA LEU D 46 -109.39 54.26 -30.21
CA GLU D 47 -113.04 53.43 -30.91
CA TRP D 48 -115.40 55.88 -32.64
CA MET D 49 -118.79 56.15 -30.77
CA GLY D 50 -120.76 58.93 -32.53
CA TRP D 51 -121.03 62.50 -33.85
CA ILE D 52 -123.34 65.52 -33.28
CA SER D 53 -123.87 68.57 -35.58
CA ALA D 54 -123.79 71.64 -33.19
CA GLY D 55 -125.98 73.65 -35.66
CA THR D 56 -128.91 71.17 -36.24
CA GLY D 57 -128.55 68.83 -33.18
CA ASN D 58 -128.51 65.83 -35.63
CA THR D 59 -126.92 62.65 -34.53
CA LYS D 60 -124.94 59.71 -35.93
CA TYR D 61 -123.61 56.80 -33.90
CA SER D 62 -121.84 53.44 -33.90
CA GLN D 63 -124.34 50.54 -33.77
CA LYS D 64 -122.00 48.92 -31.16
CA PHE D 65 -123.67 51.46 -28.73
CA ARG D 66 -127.24 51.01 -30.19
CA GLY D 67 -129.88 51.79 -27.56
CA ARG D 68 -127.47 53.07 -24.80
CA VAL D 69 -125.67 56.22 -26.13
CA THR D 70 -127.25 59.76 -26.37
CA PHE D 71 -125.70 63.00 -27.82
CA THR D 72 -126.99 66.48 -26.85
CA ARG D 73 -125.72 70.06 -27.38
CA ASP D 74 -126.57 73.20 -25.35
CA THR D 75 -126.05 75.76 -28.12
CA SER D 76 -126.26 78.81 -25.70
CA ALA D 77 -123.66 77.38 -23.18
CA THR D 78 -121.64 76.11 -26.20
CA THR D 79 -121.32 72.62 -24.65
CA ALA D 80 -121.96 69.16 -26.14
CA TYR D 81 -122.68 66.07 -23.98
CA MET D 82 -122.61 62.33 -24.40
CA GLY D 83 -124.78 60.15 -22.14
CA LEU D 84 -123.76 56.46 -21.77
CA SER D 85 -126.33 54.19 -20.02
CA SER D 86 -126.20 50.63 -18.56
CA LEU D 87 -122.50 50.87 -17.66
CA ARG D 88 -120.49 47.63 -17.74
CA PRO D 89 -116.88 47.20 -16.34
CA GLU D 90 -115.56 47.22 -20.00
CA ASP D 91 -116.78 50.87 -20.39
CA THR D 92 -113.74 51.86 -18.19
CA ALA D 93 -111.97 54.07 -20.76
CA VAL D 94 -110.88 57.63 -21.56
CA TYR D 95 -113.73 59.47 -23.42
CA TYR D 96 -112.61 62.18 -25.85
CA CYS D 97 -114.65 64.67 -27.79
CA ALA D 98 -112.89 65.81 -31.00
CA ARG D 99 -113.80 68.38 -33.66
CA ASP D 100 -115.09 67.68 -37.20
CA PRO D 101 -113.40 70.53 -39.23
CA TYR D 102 -116.21 70.54 -41.88
CA GLY D 103 -119.57 69.82 -40.06
CA GLY D 104 -120.48 66.79 -42.29
CA GLY D 105 -119.88 63.78 -39.94
CA LYS D 106 -117.15 61.91 -41.84
CA SER D 107 -113.78 63.55 -41.31
CA GLU D 108 -110.34 63.45 -39.69
CA PHE D 109 -110.47 65.20 -36.22
CA ASP D 110 -108.33 68.42 -35.97
CA TYR D 111 -108.86 69.45 -32.26
CA TRP D 112 -109.26 66.98 -29.41
CA GLY D 113 -110.55 67.52 -25.88
CA GLN D 114 -108.26 66.28 -23.06
CA GLY D 115 -110.21 63.12 -22.13
CA THR D 116 -112.30 62.11 -19.10
CA LEU D 117 -111.59 58.73 -17.55
CA VAL D 118 -114.81 56.97 -16.51
CA THR D 119 -114.09 54.00 -14.28
CA VAL D 120 -116.95 51.48 -13.82
CA SER D 121 -116.63 49.80 -10.34
CA SER D 122 -118.28 48.53 -7.10
CA ALA D 123 -114.92 47.57 -5.39
CA SER D 124 -115.28 50.71 -3.34
CA PRO D 125 -113.90 54.18 -4.32
CA THR D 126 -111.10 55.34 -1.93
CA SER D 127 -109.32 58.77 -1.92
CA PRO D 128 -105.44 58.89 -1.84
CA LYS D 129 -103.51 59.60 1.40
CA VAL D 130 -100.50 61.79 0.51
CA PHE D 131 -97.22 61.28 2.46
CA PRO D 132 -93.91 63.23 2.27
CA LEU D 133 -90.71 61.56 1.02
CA SER D 134 -87.78 63.63 2.45
CA LEU D 135 -84.25 63.00 3.87
CA CYS D 136 -82.43 64.94 6.66
CA SER D 137 -78.63 64.39 5.99
CA THR D 138 -79.26 60.91 4.39
CA GLN D 139 -79.04 62.17 0.72
CA PRO D 140 -75.63 62.80 -1.04
CA ASP D 141 -74.03 66.32 -0.63
CA GLY D 142 -74.90 68.28 -3.88
CA ASN D 143 -78.37 67.26 -5.24
CA VAL D 144 -81.73 66.88 -3.41
CA VAL D 145 -84.50 64.26 -4.10
CA ILE D 146 -87.88 64.91 -2.43
CA ALA D 147 -91.20 63.25 -3.27
CA CYS D 148 -94.90 62.64 -2.48
CA LEU D 149 -96.24 59.08 -2.00
CA VAL D 150 -99.92 59.13 -3.26
CA GLN D 151 -101.15 56.02 -1.44
CA GLY D 152 -104.18 53.67 -1.31
CA PHE D 153 -106.61 55.02 -3.91
CA PHE D 154 -109.25 53.44 -6.21
CA PRO D 155 -110.04 53.68 -9.02
CA GLN D 156 -106.84 54.75 -10.97
CA GLU D 157 -108.38 57.87 -12.78
CA PRO D 158 -106.27 60.89 -14.05
CA LEU D 159 -103.87 62.04 -11.30
CA SER D 160 -102.57 65.64 -11.86
CA VAL D 161 -99.33 66.14 -9.83
CA THR D 162 -97.72 69.61 -9.92
CA TRP D 163 -94.77 70.90 -7.77
CA SER D 164 -94.34 74.56 -6.46
CA GLU D 165 -90.74 74.89 -7.89
CA SER D 166 -89.97 74.69 -11.69
CA GLY D 167 -86.70 75.41 -13.61
CA GLN D 168 -83.83 74.22 -15.92
CA GLY D 169 -82.13 71.71 -13.50
CA VAL D 170 -85.32 70.78 -11.51
CA THR D 171 -86.64 67.41 -12.89
CA ALA D 172 -90.13 66.04 -12.06
CA ARG D 173 -90.76 62.26 -12.46
CA ASN D 174 -94.40 61.07 -12.16
CA PHE D 175 -94.30 57.23 -11.65
CA PRO D 176 -97.34 55.37 -13.26
CA PRO D 177 -99.97 53.79 -10.86
CA SER D 178 -99.01 50.34 -9.46
CA GLN D 179 -101.83 48.02 -8.29
CA ASP D 180 -101.67 46.06 -4.94
CA ALA D 181 -103.08 42.43 -5.23
CA SER D 182 -106.46 41.78 -7.06
CA GLY D 183 -107.68 45.39 -7.72
CA ASP D 184 -107.55 46.30 -3.95
CA LEU D 185 -105.61 49.65 -3.90
CA TYR D 186 -103.43 51.73 -6.35
CA THR D 187 -100.23 53.64 -5.26
CA THR D 188 -98.21 56.24 -7.31
CA SER D 189 -95.10 58.27 -6.32
CA SER D 190 -94.19 61.78 -7.69
CA GLN D 191 -90.44 62.69 -7.36
CA LEU D 192 -88.75 66.15 -7.65
CA THR D 193 -84.93 66.06 -8.22
CA LEU D 194 -83.30 69.58 -7.85
CA PRO D 195 -79.82 71.06 -6.90
CA ALA D 196 -79.11 71.40 -3.09
CA THR D 197 -78.53 75.21 -3.59
CA GLN D 198 -82.19 75.41 -4.89
CA CYS D 199 -83.58 73.32 -1.92
CA LEU D 200 -81.78 74.54 1.28
CA ALA D 201 -82.29 73.12 4.87
CA GLY D 202 -85.36 74.65 6.66
CA LYS D 203 -87.15 75.41 3.31
CA SER D 204 -90.02 73.38 1.69
CA VAL D 205 -91.53 72.60 -1.79
CA THR D 206 -95.33 72.07 -2.16
CA CYS D 207 -96.71 69.06 -4.08
CA HIS D 208 -100.26 69.65 -5.49
CA VAL D 209 -102.23 66.42 -6.21
CA LYS D 210 -105.56 66.41 -8.11
CA HIS D 211 -107.38 63.01 -8.25
CA TYR D 212 -110.22 63.24 -11.00
CA THR D 213 -112.58 66.26 -10.56
CA ASN D 214 -112.03 66.24 -6.75
CA PRO D 215 -110.50 69.29 -4.86
CA SER D 216 -106.65 69.62 -4.89
CA GLN D 217 -104.77 67.92 -1.99
CA ASP D 218 -101.62 69.91 -1.08
CA VAL D 219 -98.56 68.75 0.95
CA THR D 220 -95.58 70.91 2.02
CA VAL D 221 -92.52 68.56 1.75
CA PRO D 222 -89.20 69.55 3.52
CA CYS D 223 -87.48 69.71 2.53
CA PRO D 224 -85.75 69.87 1.55
CA VAL D 225 -83.16 66.95 1.49
CA PRO D 226 -79.40 67.79 0.09
CA SER D 227 -79.28 66.68 -3.63
CA THR D 228 -75.42 66.52 -4.65
CA PRO D 229 -72.67 66.68 -1.77
CA PRO D 230 -69.23 67.16 -3.79
CA THR D 231 -66.85 64.22 -2.67
CA PRO D 232 -64.74 62.99 -4.63
CA SER D 233 -62.60 65.75 -5.88
CA PRO D 234 -59.31 63.97 -7.00
CA SER D 235 -57.75 66.94 -8.97
CA THR D 236 -54.11 67.62 -8.22
CA PRO D 237 -51.27 64.81 -8.15
CA PRO D 238 -47.56 66.12 -7.57
CA THR D 239 -45.71 64.63 -10.49
CA PRO D 240 -41.95 64.74 -11.65
CA SER D 241 -40.63 61.47 -13.32
CA PRO D 242 -39.26 57.85 -12.53
CA SER D 243 -36.52 58.11 -15.12
CA CYS D 244 -35.14 54.57 -15.08
CA CYS D 245 -34.48 55.17 -18.89
CA HIS D 246 -31.16 56.15 -20.76
CA PRO D 247 -31.73 54.68 -24.34
CA ARG D 248 -29.26 51.80 -25.14
CA LEU D 249 -29.86 49.13 -27.89
CA SER D 250 -28.10 45.72 -27.28
CA LEU D 251 -28.07 42.46 -29.36
CA HIS D 252 -27.29 39.22 -27.40
CA ARG D 253 -26.30 36.33 -29.80
CA PRO D 254 -27.51 32.63 -29.65
CA ALA D 255 -25.41 30.13 -27.52
CA LEU D 256 -23.07 27.61 -29.35
CA GLU D 257 -24.08 24.40 -27.40
CA ASP D 258 -27.91 24.93 -27.81
CA LEU D 259 -27.77 25.77 -31.59
CA LEU D 260 -25.50 22.68 -32.28
CA LEU D 261 -27.37 20.14 -30.01
CA GLY D 262 -30.99 20.15 -31.39
CA SER D 263 -31.20 23.45 -33.46
CA GLU D 264 -32.14 25.76 -30.49
CA ALA D 265 -31.01 29.39 -31.25
CA ASN D 266 -32.65 32.75 -30.33
CA LEU D 267 -31.14 36.14 -31.30
CA THR D 268 -32.27 38.53 -28.57
CA CYS D 269 -32.91 42.29 -28.98
CA THR D 270 -32.85 44.47 -25.84
CA LEU D 271 -33.77 48.23 -25.75
CA THR D 272 -32.44 49.71 -22.46
CA GLY D 273 -32.88 53.50 -21.77
CA LEU D 274 -36.37 54.38 -23.20
CA ARG D 275 -37.57 57.24 -20.81
CA ASP D 276 -41.14 57.78 -19.31
CA ALA D 277 -44.52 57.49 -21.29
CA SER D 278 -43.15 55.36 -24.14
CA GLY D 279 -43.26 52.28 -26.50
CA VAL D 280 -40.80 50.49 -28.88
CA THR D 281 -41.59 49.13 -32.42
CA PHE D 282 -39.41 46.22 -33.63
CA THR D 283 -38.55 45.24 -37.27
CA TRP D 284 -36.63 41.87 -37.57
CA THR D 285 -35.30 40.35 -40.86
CA PRO D 286 -36.62 36.73 -41.41
CA SER D 287 -34.29 33.65 -41.09
CA SER D 288 -33.33 31.79 -44.37
CA GLY D 289 -36.37 29.38 -44.65
CA LYS D 290 -38.89 32.35 -44.79
CA SER D 291 -39.34 32.61 -40.95
CA ALA D 292 -39.98 35.77 -38.80
CA VAL D 293 -41.51 35.16 -35.27
CA GLN D 294 -41.30 37.69 -32.31
CA GLY D 295 -42.53 38.29 -28.66
CA PRO D 296 -41.93 41.83 -27.18
CA PRO D 297 -42.81 42.65 -23.47
CA GLU D 298 -42.05 46.07 -21.77
CA ARG D 299 -40.09 45.65 -18.49
CA ASP D 300 -39.23 48.64 -16.18
CA LEU D 301 -35.52 48.02 -15.16
CA CYS D 302 -33.70 50.41 -12.68
CA GLY D 303 -36.57 52.94 -13.09
CA CYS D 304 -37.19 52.94 -16.93
CA TYR D 305 -38.76 50.75 -19.74
CA SER D 306 -36.91 47.97 -21.72
CA VAL D 307 -38.56 46.40 -24.86
CA SER D 308 -36.86 42.99 -25.06
CA SER D 309 -37.97 41.08 -28.16
CA VAL D 310 -36.70 37.60 -29.24
CA LEU D 311 -36.46 35.95 -32.73
CA PRO D 312 -36.24 32.07 -32.61
CA GLY D 313 -33.82 30.64 -35.26
CA CYS D 314 -32.67 27.34 -36.85
CA ALA D 315 -29.04 25.98 -37.02
CA GLU D 316 -28.70 26.22 -40.91
CA PRO D 317 -29.01 30.12 -41.26
CA TRP D 318 -26.44 30.58 -38.39
CA ASN D 319 -23.99 27.85 -39.74
CA HIS D 320 -24.24 28.82 -43.51
CA GLY D 321 -24.06 32.69 -43.11
CA LYS D 322 -27.23 34.81 -42.46
CA THR D 323 -27.37 38.52 -41.31
CA PHE D 324 -29.96 39.13 -38.52
CA THR D 325 -31.11 42.77 -38.33
CA CYS D 326 -33.10 44.16 -35.37
CA THR D 327 -34.33 47.61 -36.44
CA ALA D 328 -36.14 49.49 -33.66
CA ALA D 329 -38.23 52.71 -34.19
CA TYR D 330 -39.30 55.27 -31.45
CA PRO D 331 -40.32 59.03 -31.90
CA GLU D 332 -37.71 60.48 -29.40
CA SER D 333 -34.98 58.42 -31.25
CA LYS D 334 -34.81 60.61 -34.47
CA THR D 335 -32.79 57.91 -36.35
CA PRO D 336 -34.45 54.41 -35.94
CA LEU D 337 -31.65 52.09 -34.61
CA THR D 338 -30.56 49.17 -36.77
CA ALA D 339 -28.27 46.44 -35.25
CA THR D 340 -27.20 43.49 -37.48
CA LEU D 341 -25.58 40.20 -36.40
CA SER D 342 -24.14 37.03 -38.18
CA LYS D 343 -21.25 34.42 -38.20
CA SER D 344 -17.50 35.45 -38.18
CA GLY D 345 -14.69 35.78 -40.83
CA ASN D 346 -13.39 33.78 -43.89
CA THR D 347 -13.13 29.90 -43.67
CA PHE D 348 -10.02 27.60 -43.19
CA ARG D 349 -9.87 23.72 -43.35
CA PRO D 350 -9.02 22.03 -39.94
CA GLU D 351 -5.81 19.93 -39.90
CA VAL D 352 -6.62 16.86 -37.70
CA HIS D 353 -3.61 14.89 -36.27
CA LEU D 354 -4.19 12.00 -33.78
CA LEU D 355 -1.48 11.57 -31.11
CA PRO D 356 -0.94 8.26 -29.18
CA PRO D 357 -0.05 8.35 -25.42
CA PRO D 358 3.46 9.18 -24.10
CA SER D 359 5.72 6.20 -23.10
CA GLU D 360 5.66 7.35 -19.39
CA GLU D 361 1.77 7.38 -19.31
CA LEU D 362 1.87 3.58 -20.02
CA ALA D 363 3.27 3.30 -16.43
CA LEU D 364 -0.31 4.51 -15.50
CA ASN D 365 -3.42 2.18 -15.62
CA GLU D 366 -7.16 3.25 -15.54
CA LEU D 367 -6.96 6.03 -18.22
CA VAL D 368 -4.67 6.21 -21.33
CA THR D 369 -4.61 9.68 -22.80
CA LEU D 370 -5.59 9.54 -26.53
CA THR D 371 -5.18 13.05 -27.99
CA CYS D 372 -6.39 14.61 -31.26
CA LEU D 373 -5.13 18.07 -32.31
CA ALA D 374 -7.48 20.10 -34.58
CA ARG D 375 -5.42 23.12 -35.77
CA GLY D 376 -5.43 26.01 -38.31
CA PHE D 377 -9.27 26.16 -38.52
CA SER D 378 -11.70 29.15 -38.94
CA PRO D 379 -14.25 30.16 -37.92
CA LYS D 380 -14.06 28.75 -34.32
CA ASP D 381 -17.30 26.89 -35.02
CA VAL D 382 -16.45 23.11 -34.84
CA LEU D 383 -17.70 19.73 -33.41
CA VAL D 384 -15.24 17.04 -32.31
CA ARG D 385 -16.39 13.54 -31.16
CA TRP D 386 -14.70 10.17 -30.47
CA LEU D 387 -15.61 6.61 -31.62
CA GLN D 388 -14.58 3.07 -30.57
CA GLY D 389 -13.78 0.66 -33.48
CA SER D 390 -13.75 -2.46 -31.19
CA GLN D 391 -17.51 -2.16 -30.22
CA GLU D 392 -18.72 -0.10 -33.29
CA LEU D 393 -20.02 2.60 -30.86
CA PRO D 394 -19.47 6.26 -29.78
CA ARG D 395 -17.26 6.80 -26.68
CA GLU D 396 -17.92 8.45 -23.28
CA LYS D 397 -14.74 9.38 -21.36
CA TYR D 398 -13.56 12.36 -23.45
CA LEU D 399 -13.12 16.11 -22.87
CA THR D 400 -12.49 18.95 -25.45
CA TRP D 401 -10.78 22.31 -24.54
CA ALA D 402 -10.35 25.62 -26.60
CA SER D 403 -7.76 28.13 -28.08
CA ARG D 404 -8.47 31.12 -30.46
CA GLN D 405 -5.01 32.29 -31.77
CA GLU D 406 -4.62 36.13 -32.24
CA PRO D 407 -1.29 38.07 -31.75
CA SER D 408 -0.36 41.62 -33.07
CA GLN D 409 0.13 40.31 -36.69
CA GLY D 410 -2.32 39.23 -39.48
CA THR D 411 -2.09 35.53 -38.37
CA THR D 412 -5.47 34.56 -36.71
CA THR D 413 -6.92 30.93 -36.83
CA PHE D 414 -7.96 28.46 -33.98
CA ALA D 415 -6.60 25.28 -32.35
CA VAL D 416 -8.15 22.72 -29.91
CA THR D 417 -6.99 19.47 -28.30
CA SER D 418 -9.52 16.68 -27.49
CA ILE D 419 -8.64 14.10 -24.80
CA LEU D 420 -10.14 10.53 -24.90
CA ARG D 421 -9.16 8.61 -21.75
CA VAL D 422 -9.10 4.73 -22.05
CA ALA D 423 -8.01 1.65 -20.02
CA ALA D 424 -4.29 0.82 -20.76
CA GLU D 425 -5.38 -2.74 -21.77
CA ASP D 426 -7.83 -1.85 -24.67
CA TRP D 427 -5.18 0.31 -26.41
CA LYS D 428 -2.77 -2.72 -26.11
CA LYS D 429 -5.57 -5.13 -27.25
CA GLY D 430 -5.04 -3.30 -30.61
CA ASP D 431 -8.24 -1.22 -30.64
CA THR D 432 -8.81 1.52 -33.24
CA PHE D 433 -10.18 4.80 -31.78
CA SER D 434 -11.20 7.61 -34.19
CA CYS D 435 -11.53 11.37 -33.67
CA MET D 436 -14.37 12.74 -35.89
CA VAL D 437 -14.18 16.50 -36.70
CA GLY D 438 -17.10 18.43 -38.28
CA HIS D 439 -16.42 21.91 -39.68
CA GLU D 440 -17.72 24.38 -42.38
CA ALA D 441 -14.51 23.96 -44.54
CA LEU D 442 -14.21 20.10 -44.38
CA PRO D 443 -14.85 18.16 -47.70
CA LEU D 444 -18.23 16.56 -46.71
CA ALA D 445 -18.43 18.82 -43.58
CA PHE D 446 -16.87 15.77 -41.87
CA THR D 447 -13.42 14.16 -41.52
CA GLN D 448 -12.26 11.32 -39.23
CA LYS D 449 -8.61 10.49 -38.31
CA THR D 450 -7.82 7.16 -36.57
CA ILE D 451 -5.49 5.93 -33.72
CA ASP D 452 -4.41 2.34 -32.86
CA ARG D 453 -1.45 0.51 -31.14
CA LEU D 454 -0.59 -0.75 -34.73
CA ALA D 455 2.08 1.25 -36.69
CA GLY D 456 3.01 0.14 -40.28
CA LYS D 457 5.86 2.34 -41.65
CA PRO D 458 4.95 2.72 -45.37
CA THR D 459 3.79 5.23 -43.67
CA HIS D 460 0.63 6.69 -41.94
CA VAL D 461 -2.41 5.34 -44.01
CA ASN D 462 -6.19 4.97 -43.15
CA VAL D 463 -9.05 2.27 -42.93
CA SER D 464 -10.93 0.89 -46.05
CA VAL D 465 -14.36 1.94 -47.63
CA VAL D 466 -17.14 0.87 -45.14
CA MET D 467 -20.64 1.18 -46.79
CA ALA D 468 -22.00 1.62 -50.43
CA GLU D 469 -24.60 2.68 -51.92
CA VAL D 470 -27.68 3.94 -49.83
CA ASP D 471 -26.53 7.63 -49.77
CA GLY D 472 -29.63 9.44 -48.28
CA THR D 473 -31.02 10.97 -51.55
CA CYS D 474 -31.14 7.55 -53.36
CA TYR D 475 -32.26 5.36 -50.32
CA GLU E 1 59.91 -122.21 -49.66
CA LEU E 2 56.39 -121.01 -48.94
CA VAL E 3 56.54 -117.35 -48.04
CA MET E 4 54.52 -116.06 -45.05
CA THR E 5 53.85 -112.32 -45.11
CA GLN E 6 52.31 -110.49 -42.14
CA SER E 7 50.42 -107.26 -42.25
CA PRO E 8 51.07 -104.80 -40.62
CA SER E 9 54.60 -104.67 -39.25
CA SER E 10 53.56 -102.42 -36.32
CA LEU E 11 50.35 -101.24 -34.68
CA SER E 12 49.68 -99.06 -31.63
CA ALA E 13 46.19 -99.34 -30.13
CA SER E 14 44.56 -98.45 -26.81
CA VAL E 15 43.50 -101.04 -24.28
CA GLY E 16 40.00 -102.27 -25.02
CA ASP E 17 40.57 -101.94 -28.77
CA ARG E 18 40.10 -104.89 -31.07
CA VAL E 19 43.18 -105.60 -33.22
CA ASN E 20 43.44 -107.91 -36.29
CA ILE E 21 46.85 -109.05 -37.76
CA ALA E 22 46.85 -110.73 -41.20
CA CYS E 23 49.21 -113.38 -42.54
CA ARG E 24 49.30 -114.55 -46.20
CA ALA E 25 50.68 -117.81 -47.43
CA SER E 26 52.20 -117.48 -50.97
CA GLN E 27 50.10 -120.61 -51.74
CA GLY E 28 47.47 -122.80 -50.03
CA ILE E 29 48.33 -124.38 -46.67
CA SER E 30 44.84 -125.55 -45.65
CA SER E 31 44.75 -124.98 -41.85
CA ALA E 32 48.42 -125.57 -41.05
CA LEU E 33 49.10 -122.30 -39.42
CA ALA E 34 50.22 -121.62 -35.83
CA TRP E 35 50.50 -118.11 -34.16
CA TYR E 36 53.19 -117.24 -31.51
CA GLN E 37 53.55 -114.41 -29.06
CA GLN E 38 57.11 -113.31 -28.20
CA LYS E 39 57.67 -110.78 -25.42
CA PRO E 40 60.91 -108.98 -26.11
CA GLY E 41 63.82 -111.11 -24.89
CA LYS E 42 61.98 -114.35 -24.38
CA ALA E 43 61.24 -117.56 -26.01
CA PRO E 44 58.19 -117.48 -28.33
CA ARG E 45 54.87 -118.89 -26.94
CA LEU E 46 52.15 -120.83 -28.75
CA LEU E 47 48.72 -119.17 -28.82
CA ILE E 48 46.89 -120.85 -31.69
CA TYR E 49 47.54 -124.03 -33.80
CA ASP E 50 45.58 -125.38 -36.83
CA ALA E 51 44.52 -121.77 -37.69
CA SER E 52 41.87 -121.61 -34.98
CA ASN E 53 42.55 -123.90 -31.95
CA LEU E 54 43.63 -122.03 -28.76
CA GLU E 55 46.39 -123.72 -26.86
CA SER E 56 45.41 -124.63 -23.23
CA GLY E 57 45.84 -121.69 -20.77
CA VAL E 58 45.78 -118.91 -23.51
CA PRO E 59 43.20 -116.17 -22.71
CA SER E 60 39.86 -116.40 -24.44
CA ARG E 61 40.40 -112.90 -26.02
CA PHE E 62 42.77 -114.43 -28.61
CA SER E 63 41.09 -116.04 -31.66
CA GLY E 64 42.32 -117.01 -35.16
CA SER E 65 40.63 -117.61 -38.52
CA GLY E 66 41.42 -118.42 -42.15
CA SER E 67 41.97 -121.35 -44.43
CA GLY E 68 43.88 -121.71 -47.66
CA THR E 69 45.98 -118.62 -47.99
CA ASP E 70 44.66 -115.83 -45.68
CA PHE E 71 44.69 -116.05 -41.89
CA THR E 72 43.72 -113.49 -39.14
CA LEU E 73 44.62 -113.36 -35.45
CA THR E 74 42.16 -111.12 -33.46
CA ILE E 75 42.82 -109.81 -29.92
CA SER E 76 39.32 -108.73 -28.95
CA SER E 77 40.12 -106.38 -26.01
CA LEU E 78 43.77 -105.39 -26.02
CA GLN E 79 45.34 -105.46 -22.57
CA PRO E 80 48.90 -103.94 -21.46
CA GLU E 81 50.34 -107.39 -21.10
CA ASP E 82 49.65 -107.99 -24.80
CA PHE E 83 52.70 -105.90 -25.85
CA ALA E 84 54.74 -108.35 -27.94
CA ILE E 85 55.83 -109.32 -31.47
CA TYR E 86 53.36 -111.83 -32.99
CA TYR E 87 54.47 -114.48 -35.67
CA CYS E 88 52.63 -116.88 -37.89
CA GLN E 89 54.34 -120.10 -39.04
CA GLN E 90 53.20 -122.66 -41.71
CA PHE E 91 53.75 -126.43 -41.31
CA ASN E 92 52.21 -127.66 -44.50
CA SER E 93 55.57 -127.87 -46.31
CA TYR E 94 59.26 -128.15 -45.49
CA PRO E 95 61.18 -125.75 -44.90
CA LEU E 96 58.79 -124.71 -42.18
CA THR E 97 58.60 -120.90 -42.44
CA PHE E 98 57.72 -117.91 -40.27
CA GLY E 99 56.24 -114.61 -41.12
CA GLY E 100 58.12 -111.37 -40.44
CA GLY E 101 56.33 -110.20 -37.22
CA THR E 102 53.74 -107.65 -36.14
CA LYS E 103 54.91 -105.60 -33.14
CA VAL E 104 51.95 -104.40 -31.06
CA GLU E 105 52.68 -101.37 -28.80
CA ILE E 106 50.04 -100.04 -26.29
CA LYS E 107 48.74 -96.39 -26.58
CA ARG E 108 48.08 -94.59 -23.26
CA THR E 109 48.02 -91.12 -21.62
CA VAL E 110 51.20 -89.00 -21.36
CA ALA E 111 53.31 -89.57 -18.31
CA ALA E 112 56.14 -87.22 -17.45
CA PRO E 113 59.43 -88.77 -16.47
CA SER E 114 61.15 -88.85 -13.08
CA VAL E 115 64.72 -87.68 -13.73
CA PHE E 116 67.81 -88.77 -11.79
CA ILE E 117 71.51 -88.04 -12.32
CA PHE E 118 74.44 -90.07 -10.94
CA PRO E 119 78.12 -88.98 -10.61
CA PRO E 120 81.08 -91.35 -11.48
CA SER E 121 81.87 -93.73 -8.64
CA ASP E 122 85.24 -93.55 -6.91
CA GLU E 123 86.68 -96.80 -8.12
CA GLN E 124 85.63 -95.89 -11.60
CA LEU E 125 87.73 -92.66 -11.53
CA LYS E 126 90.56 -94.93 -10.22
CA SER E 127 90.60 -96.59 -13.72
CA GLY E 128 91.05 -93.23 -15.44
CA THR E 129 87.37 -93.00 -16.81
CA ALA E 130 84.20 -91.31 -15.67
CA SER E 131 80.65 -92.29 -16.68
CA VAL E 132 77.86 -89.90 -15.71
CA VAL E 133 74.31 -91.38 -15.96
CA CYS E 134 70.99 -89.53 -16.31
CA LEU E 135 67.83 -91.63 -15.76
CA LEU E 136 64.36 -90.75 -17.06
CA ASN E 137 62.04 -93.22 -15.35
CA ASN E 138 58.58 -94.25 -16.41
CA PHE E 139 57.22 -92.07 -19.13
CA TYR E 140 54.87 -92.14 -22.12
CA PRO E 141 55.19 -91.44 -25.21
CA ARG E 142 58.72 -92.74 -25.88
CA GLU E 143 60.08 -89.55 -27.48
CA ALA E 144 62.20 -87.44 -25.09
CA LYS E 145 65.40 -85.37 -25.53
CA VAL E 146 68.39 -85.46 -23.11
CA GLN E 147 71.00 -82.72 -23.38
CA TRP E 148 74.24 -82.72 -21.41
CA LYS E 149 75.86 -79.44 -20.40
CA VAL E 150 79.23 -79.40 -18.59
CA ASP E 151 80.16 -75.91 -17.25
CA ASN E 152 76.75 -74.61 -18.11
CA ALA E 153 75.93 -74.27 -21.85
CA LEU E 154 79.07 -76.11 -22.96
CA GLN E 155 76.62 -78.72 -23.99
CA SER E 156 78.13 -81.83 -25.41
CA GLY E 157 77.95 -84.55 -28.18
CA ASN E 158 79.68 -87.73 -26.53
CA SER E 159 76.77 -89.66 -24.90
CA GLN E 160 74.93 -92.93 -25.59
CA GLU E 161 71.29 -93.82 -24.84
CA SER E 162 69.32 -96.96 -24.01
CA VAL E 163 65.50 -97.25 -23.79
CA THR E 164 63.72 -100.20 -22.28
CA GLU E 165 60.74 -101.95 -24.05
CA GLN E 166 57.17 -101.09 -22.96
CA ASP E 167 56.28 -102.26 -19.48
CA SER E 168 53.48 -104.85 -19.49
CA LYS E 169 51.92 -103.36 -16.39
CA ASP E 170 51.76 -99.58 -17.02
CA SER E 171 52.90 -99.15 -20.66
CA THR E 172 55.83 -96.82 -19.96
CA TYR E 173 59.45 -96.64 -21.07
CA SER E 174 62.53 -95.71 -19.07
CA LEU E 175 65.74 -94.31 -20.63
CA SER E 176 69.42 -93.83 -19.66
CA SER E 177 71.95 -91.49 -21.14
CA THR E 178 75.59 -92.17 -20.27
CA LEU E 179 78.11 -89.42 -20.78
CA THR E 180 81.66 -90.80 -20.81
CA LEU E 181 84.76 -88.72 -20.38
CA SER E 182 88.28 -89.43 -19.16
CA LYS E 183 89.24 -88.85 -15.42
CA ALA E 184 91.28 -85.79 -16.57
CA ASP E 185 88.38 -84.35 -18.60
CA TYR E 186 86.00 -84.79 -15.72
CA GLU E 187 88.61 -83.23 -13.33
CA LYS E 188 88.51 -79.95 -15.10
CA HIS E 189 84.85 -79.09 -15.08
CA LYS E 190 82.51 -78.63 -12.07
CA VAL E 191 78.77 -78.32 -13.05
CA TYR E 192 77.49 -81.46 -14.78
CA ALA E 193 73.85 -81.29 -15.90
CA CYS E 194 71.18 -83.36 -17.64
CA GLU E 195 68.39 -81.33 -19.32
CA VAL E 196 65.21 -83.18 -20.29
CA THR E 197 62.45 -82.35 -22.73
CA HIS E 198 59.32 -84.50 -22.97
CA GLN E 199 55.60 -83.78 -23.63
CA GLY E 200 54.36 -84.39 -20.05
CA LEU E 201 56.64 -81.78 -18.46
CA SER E 202 55.61 -78.09 -18.44
CA SER E 203 59.22 -76.90 -18.60
CA PRO E 204 62.56 -78.62 -19.52
CA VAL E 205 63.95 -80.31 -16.39
CA THR E 206 67.59 -80.07 -15.25
CA LYS E 207 69.36 -82.28 -12.72
CA SER E 208 72.88 -81.06 -11.97
CA PHE E 209 75.66 -81.77 -9.52
CA ASN E 210 78.93 -80.15 -8.59
CA ARG E 211 82.19 -82.12 -8.95
CA GLY E 212 83.08 -82.43 -5.24
CA GLU E 213 79.92 -84.18 -3.78
CA CYS E 214 79.35 -84.99 -0.03
CA GLU F 1 41.60 -46.35 87.59
CA LEU F 2 43.54 -44.32 85.04
CA VAL F 3 41.58 -44.30 81.81
CA MET F 4 43.40 -44.89 78.50
CA THR F 5 41.53 -43.61 75.44
CA GLN F 6 42.70 -44.37 71.90
CA SER F 7 41.94 -42.38 68.81
CA PRO F 8 40.68 -43.47 66.28
CA SER F 9 38.83 -46.74 66.70
CA SER F 10 39.39 -47.73 63.03
CA LEU F 11 41.51 -46.56 60.11
CA SER F 12 41.91 -47.89 56.56
CA ALA F 13 45.05 -46.76 54.73
CA SER F 14 46.99 -47.92 51.67
CA VAL F 15 50.36 -49.63 51.89
CA GLY F 16 53.14 -47.04 52.00
CA ASP F 17 50.98 -44.63 53.98
CA ARG F 18 52.11 -43.27 57.30
CA VAL F 19 49.59 -43.87 60.10
CA ASN F 20 49.52 -42.29 63.61
CA ILE F 21 47.32 -43.69 66.49
CA ALA F 22 46.89 -41.54 69.63
CA CYS F 23 46.38 -42.68 73.22
CA ARG F 24 45.48 -40.32 76.11
CA ALA F 25 46.04 -41.01 79.75
CA SER F 26 43.31 -39.36 81.96
CA GLN F 27 46.31 -38.10 84.01
CA GLY F 28 50.13 -38.07 83.83
CA ILE F 29 51.93 -41.42 83.52
CA SER F 30 55.43 -40.13 82.61
CA SER F 31 56.73 -42.71 80.09
CA ALA F 32 54.99 -45.81 81.42
CA LEU F 33 53.22 -46.75 78.28
CA ALA F 34 53.58 -49.95 76.22
CA TRP F 35 51.94 -50.62 72.74
CA TYR F 36 50.74 -54.10 71.59
CA GLN F 37 49.80 -55.53 68.25
CA GLN F 38 47.10 -58.25 68.21
CA LYS F 39 46.37 -60.09 64.98
CA PRO F 40 42.81 -61.35 65.13
CA GLY F 41 42.68 -64.56 67.13
CA LYS F 42 46.11 -64.43 68.68
CA ALA F 43 47.88 -63.44 71.74
CA PRO F 44 48.89 -59.75 71.83
CA ARG F 45 52.56 -58.87 70.99
CA LEU F 46 54.79 -56.19 72.48
CA LEU F 47 56.04 -53.55 70.04
CA ILE F 48 57.07 -50.63 72.22
CA TYR F 49 57.70 -50.19 76.00
CA ASP F 50 58.56 -46.99 77.99
CA ALA F 51 56.69 -44.92 75.31
CA SER F 52 59.50 -45.12 72.78
CA ASN F 53 61.73 -48.24 73.13
CA LEU F 54 61.21 -50.88 70.37
CA GLU F 55 61.21 -54.41 71.61
CA SER F 56 63.97 -56.60 70.00
CA GLY F 57 62.91 -58.05 66.58
CA VAL F 58 60.10 -55.44 65.91
CA PRO F 59 60.48 -53.76 62.47
CA SER F 60 62.12 -50.36 62.40
CA ARG F 61 58.95 -48.83 60.78
CA PHE F 62 57.21 -48.81 64.19
CA SER F 63 58.03 -45.83 66.47
CA GLY F 64 56.32 -44.30 69.55
CA SER F 65 56.40 -40.89 71.21
CA GLY F 66 54.82 -38.92 74.08
CA SER F 67 55.29 -38.25 77.74
CA GLY F 68 52.87 -37.23 80.44
CA THR F 69 49.43 -37.71 79.01
CA ASP F 70 49.57 -37.94 75.16
CA PHE F 71 51.31 -40.76 73.29
CA THR F 72 51.55 -41.59 69.50
CA LEU F 73 52.42 -44.83 67.73
CA THR F 74 53.54 -44.20 64.07
CA ILE F 75 53.80 -46.92 61.39
CA SER F 76 55.88 -45.12 58.79
CA SER F 77 55.16 -47.29 55.70
CA LEU F 78 52.10 -49.46 56.25
CA GLN F 79 52.55 -53.00 55.01
CA PRO F 80 49.72 -55.80 54.50
CA GLU F 81 51.02 -57.74 57.45
CA ASP F 82 50.28 -54.72 59.66
CA PHE F 83 46.52 -55.51 59.72
CA ALA F 84 45.77 -55.84 63.44
CA ILE F 85 44.14 -54.19 66.48
CA TYR F 86 46.69 -52.01 68.35
CA TYR F 87 46.43 -51.34 72.21
CA CYS F 88 48.19 -49.03 74.59
CA GLN F 89 48.53 -49.99 78.25
CA GLN F 90 49.73 -47.84 81.25
CA PHE F 91 51.84 -49.29 84.10
CA ASN F 92 52.27 -46.23 86.23
CA SER F 93 49.39 -47.15 88.56
CA TYR F 94 47.44 -50.21 89.64
CA PRO F 95 44.94 -51.40 88.17
CA LEU F 96 47.04 -51.59 85.06
CA THR F 97 44.73 -50.47 82.23
CA PHE F 98 44.41 -50.85 78.47
CA GLY F 99 43.02 -48.55 75.88
CA GLY F 100 40.08 -49.61 73.71
CA GLY F 101 41.92 -50.52 70.44
CA THR F 102 42.54 -49.08 67.00
CA LYS F 103 41.77 -51.58 64.21
CA VAL F 104 43.91 -50.92 61.14
CA GLU F 105 42.52 -52.39 57.86
CA ILE F 106 44.52 -52.21 54.55
CA LYS F 107 43.04 -50.39 51.46
CA ARG F 108 43.79 -51.99 48.07
CA THR F 109 42.40 -52.41 44.51
CA VAL F 110 39.08 -54.23 43.88
CA ALA F 111 39.31 -57.95 43.42
CA ALA F 112 36.35 -59.92 42.16
CA PRO F 113 35.51 -63.12 43.98
CA SER F 114 35.84 -66.72 42.82
CA VAL F 115 32.46 -68.34 43.56
CA PHE F 116 31.89 -71.99 44.44
CA ILE F 117 28.75 -73.87 45.48
CA PHE F 118 28.62 -77.22 47.32
CA PRO F 119 25.63 -79.63 47.62
CA PRO F 120 24.72 -81.43 50.95
CA SER F 121 26.85 -84.51 51.51
CA ASP F 122 25.22 -87.94 51.64
CA GLU F 123 25.74 -88.68 55.27
CA GLN F 124 24.41 -85.27 56.09
CA LEU F 125 21.06 -86.01 54.33
CA LYS F 126 21.11 -89.29 56.38
CA SER F 127 20.63 -87.12 59.55
CA GLY F 128 17.54 -85.46 58.07
CA THR F 129 19.28 -82.01 57.32
CA ALA F 130 20.84 -80.41 54.29
CA SER F 131 23.39 -77.56 54.34
CA VAL F 132 24.19 -75.94 50.98
CA VAL F 133 27.38 -73.75 51.00
CA CYS F 134 28.31 -70.95 48.60
CA LEU F 135 31.94 -69.71 48.77
CA LEU F 136 33.18 -66.34 47.56
CA ASN F 137 36.96 -66.58 47.70
CA ASN F 138 39.46 -63.76 47.83
CA PHE F 139 37.87 -60.43 47.16
CA TYR F 140 38.23 -56.74 47.99
CA PRO F 141 36.28 -54.55 49.23
CA ARG F 142 34.43 -56.64 51.86
CA GLU F 143 30.90 -55.69 50.77
CA ALA F 144 29.19 -58.37 48.62
CA LYS F 145 25.60 -59.71 48.41
CA VAL F 146 24.68 -63.43 48.24
CA GLN F 147 21.15 -64.37 47.22
CA TRP F 148 19.82 -67.91 47.30
CA LYS F 149 17.16 -69.02 44.85
CA VAL F 150 15.64 -72.53 45.03
CA ASP F 151 13.45 -73.38 41.98
CA ASN F 152 14.57 -70.25 40.22
CA ALA F 153 13.33 -66.92 41.70
CA LEU F 154 11.89 -68.55 44.83
CA GLN F 155 14.69 -66.75 46.51
CA SER F 156 14.98 -67.37 50.18
CA GLY F 157 15.60 -65.79 53.69
CA ASN F 158 17.09 -68.81 55.84
CA SER F 159 20.89 -68.50 55.40
CA GLN F 160 23.83 -67.48 57.60
CA GLU F 161 27.13 -65.84 56.58
CA SER F 162 30.72 -65.82 57.83
CA VAL F 163 33.55 -63.54 56.56
CA THR F 164 37.18 -64.10 57.37
CA GLU F 165 39.48 -61.24 58.59
CA GLN F 166 41.81 -59.52 56.08
CA ASP F 167 44.59 -61.72 54.78
CA SER F 168 48.04 -60.42 55.77
CA LYS F 169 49.49 -61.34 52.40
CA ASP F 170 47.02 -59.99 49.80
CA SER F 171 44.45 -57.99 51.85
CA THR F 172 41.36 -59.92 50.73
CA TYR F 173 38.36 -61.44 52.48
CA SER F 174 36.58 -64.71 51.78
CA LEU F 175 32.92 -65.39 52.70
CA SER F 176 30.58 -68.39 53.12
CA SER F 177 26.83 -68.48 53.03
CA THR F 178 25.18 -71.63 54.38
CA LEU F 179 21.60 -72.32 53.46
CA THR F 180 20.07 -74.91 55.78
CA LEU F 181 16.88 -76.81 55.07
CA SER F 182 15.49 -80.15 56.19
CA LYS F 183 16.07 -83.37 54.07
CA ALA F 184 12.36 -83.21 53.09
CA ASP F 185 12.55 -79.54 52.07
CA TYR F 186 15.64 -80.17 50.00
CA GLU F 187 13.94 -83.29 48.43
CA LYS F 188 11.25 -81.24 46.86
CA HIS F 189 13.18 -78.68 44.89
CA LYS F 190 15.74 -79.24 42.09
CA VAL F 191 17.63 -76.03 41.04
CA TYR F 192 19.68 -74.60 43.92
CA ALA F 193 21.54 -71.38 43.11
CA CYS F 194 23.85 -68.80 44.67
CA GLU F 195 23.76 -65.32 43.03
CA VAL F 196 26.61 -62.93 43.85
CA THR F 197 26.92 -59.17 43.56
CA HIS F 198 30.22 -57.41 44.20
CA GLN F 199 31.98 -54.35 42.69
CA GLY F 200 34.71 -56.27 40.78
CA LEU F 201 32.25 -58.37 38.75
CA SER F 202 30.69 -56.92 35.55
CA SER F 203 27.48 -58.92 36.02
CA PRO F 204 25.92 -60.80 39.02
CA VAL F 205 27.34 -64.33 39.09
CA THR F 206 25.25 -67.49 39.59
CA LYS F 207 26.48 -70.96 40.54
CA SER F 208 23.70 -73.55 40.46
CA PHE F 209 23.32 -77.29 40.67
CA ASN F 210 20.54 -79.76 40.09
CA ARG F 211 19.41 -82.05 42.95
CA GLY F 212 20.57 -85.40 41.49
CA GLU F 213 24.37 -84.76 40.91
CA CYS F 214 26.83 -87.28 39.30
CA GLN G 1 60.70 -74.40 73.87
CA VAL G 2 57.48 -76.47 73.59
CA LYS G 3 56.27 -72.87 73.55
CA LEU G 4 57.80 -70.53 76.24
CA LEU G 5 54.69 -69.80 78.33
CA GLU G 6 51.97 -72.46 77.61
CA GLN G 7 48.43 -72.66 78.99
CA SER G 8 45.83 -75.37 79.81
CA GLY G 9 43.06 -75.55 77.14
CA ALA G 10 39.41 -74.56 77.35
CA GLU G 11 36.71 -74.96 79.31
CA VAL G 12 33.04 -74.78 79.90
CA LYS G 13 31.95 -74.24 83.49
CA LYS G 14 28.41 -73.89 84.88
CA PRO G 15 27.49 -70.46 86.46
CA GLY G 16 28.45 -70.62 90.20
CA ALA G 17 31.38 -73.04 89.62
CA SER G 18 35.13 -72.32 89.79
CA VAL G 19 37.76 -72.62 87.02
CA LYS G 20 41.53 -73.22 87.44
CA VAL G 21 43.76 -72.11 84.55
CA SER G 22 47.48 -73.12 84.46
CA CYS G 23 50.50 -71.55 82.78
CA LYS G 24 53.70 -73.66 82.42
CA ALA G 25 56.97 -71.68 81.86
CA SER G 26 59.69 -73.44 79.76
CA GLY G 27 63.17 -72.24 78.57
CA TYR G 28 63.81 -69.37 81.07
CA SER G 29 64.51 -69.36 84.87
CA PHE G 30 60.92 -69.46 86.32
CA THR G 31 61.69 -67.91 89.80
CA SER G 32 63.51 -64.81 88.32
CA TYR G 33 60.30 -63.19 86.88
CA GLY G 34 56.71 -62.40 87.84
CA LEU G 35 53.65 -63.54 85.82
CA HIS G 36 50.68 -61.28 85.09
CA TRP G 37 47.09 -62.57 84.39
CA VAL G 38 44.93 -60.69 81.84
CA ARG G 39 41.53 -61.48 80.28
CA GLN G 40 39.69 -60.43 77.11
CA ALA G 41 35.88 -60.80 77.03
CA PRO G 42 34.35 -61.01 73.48
CA GLY G 43 34.52 -57.64 71.64
CA GLN G 44 36.12 -55.98 74.67
CA ARG G 45 39.46 -54.53 75.73
CA LEU G 46 42.06 -56.49 77.72
CA GLU G 47 41.51 -56.32 81.50
CA TRP G 48 44.37 -56.82 83.99
CA MET G 49 43.38 -59.27 86.83
CA GLY G 50 46.54 -59.81 88.92
CA TRP G 51 50.24 -60.73 89.21
CA ILE G 52 52.31 -63.37 91.09
CA SER G 53 56.07 -63.28 91.88
CA ALA G 54 57.36 -66.85 91.02
CA GLY G 55 60.24 -66.45 93.56
CA THR G 56 58.31 -65.34 96.73
CA GLY G 57 54.71 -66.47 95.86
CA ASN G 58 53.53 -62.85 96.61
CA THR G 59 50.36 -61.64 95.07
CA LYS G 60 48.78 -58.46 93.71
CA TYR G 61 45.33 -58.21 92.16
CA SER G 62 42.62 -55.97 90.72
CA GLN G 63 39.96 -55.10 93.34
CA LYS G 64 37.33 -55.78 90.59
CA PHE G 65 38.05 -59.52 91.47
CA ARG G 66 38.23 -58.93 95.29
CA GLY G 67 37.30 -62.10 97.19
CA ARG G 68 37.03 -64.46 94.13
CA VAL G 69 40.50 -64.66 92.43
CA THR G 70 43.49 -66.75 93.74
CA PHE G 71 47.10 -66.97 92.32
CA THR G 72 49.40 -69.93 93.08
CA ARG G 73 52.76 -71.14 91.69
CA ASP G 74 54.24 -74.68 91.81
CA THR G 75 57.92 -73.71 91.74
CA SER G 76 59.14 -77.36 91.14
CA ALA G 77 56.75 -78.02 88.16
CA THR G 78 57.44 -74.42 86.99
CA THR G 79 53.69 -73.71 86.59
CA ALA G 80 51.57 -70.78 87.83
CA TYR G 81 47.76 -71.02 88.26
CA MET G 82 44.86 -68.64 88.59
CA GLY G 83 41.68 -69.80 90.35
CA LEU G 84 38.44 -67.86 89.57
CA SER G 85 35.43 -68.65 91.83
CA SER G 86 31.67 -67.87 91.64
CA LEU G 87 31.61 -67.87 87.83
CA ARG G 88 29.06 -65.59 86.14
CA PRO G 89 28.17 -65.63 82.37
CA GLU G 90 30.25 -62.38 81.92
CA ASP G 91 33.44 -64.32 82.90
CA THR G 92 33.26 -65.93 79.38
CA ALA G 93 36.61 -64.62 78.07
CA VAL G 94 40.10 -65.65 76.93
CA TYR G 95 42.47 -65.80 79.97
CA TYR G 96 46.13 -65.05 79.23
CA CYS G 97 49.15 -65.31 81.46
CA ALA G 98 51.95 -62.92 80.39
CA ARG G 99 55.49 -62.38 81.69
CA ASP G 100 56.75 -59.44 83.82
CA PRO G 101 60.35 -58.93 82.41
CA TYR G 102 61.62 -57.46 85.75
CA GLY G 103 59.82 -59.33 88.63
CA GLY G 104 58.44 -56.10 90.28
CA GLY G 105 54.68 -56.25 89.39
CA LYS G 106 54.32 -53.05 87.33
CA SER G 107 55.60 -53.58 83.80
CA GLU G 108 54.85 -54.03 80.10
CA PHE G 109 54.42 -57.79 79.29
CA ASP G 110 57.11 -59.23 76.91
CA TYR G 111 55.93 -62.92 76.50
CA TRP G 112 52.29 -63.99 76.43
CA GLY G 113 50.75 -67.44 76.83
CA GLN G 114 48.32 -68.50 74.04
CA GLY G 115 45.04 -68.00 75.98
CA THR G 116 42.41 -70.39 77.39
CA LEU G 117 38.81 -69.65 76.61
CA VAL G 118 36.57 -70.29 79.63
CA THR G 119 32.90 -70.32 78.65
CA VAL G 120 30.38 -70.00 81.51
CA SER G 121 27.11 -71.82 80.54
CA SER G 122 24.18 -74.14 81.50
CA ALA G 123 22.64 -74.22 77.92
CA SER G 124 24.13 -77.66 77.56
CA PRO G 125 27.67 -78.41 76.18
CA THR G 126 27.51 -80.32 72.81
CA SER G 127 30.48 -81.77 70.82
CA PRO G 128 30.79 -81.00 67.03
CA LYS G 129 29.73 -83.54 64.36
CA VAL G 130 32.23 -83.30 61.47
CA PHE G 131 30.95 -83.84 57.88
CA PRO G 132 32.88 -83.96 54.56
CA LEU G 133 32.36 -81.29 51.87
CA SER G 134 33.50 -82.87 48.54
CA LEU G 135 32.41 -82.87 44.84
CA CYS G 136 32.63 -85.74 42.28
CA SER G 137 32.78 -84.01 38.79
CA THR G 138 30.69 -80.99 40.04
CA GLN G 139 33.75 -78.65 40.57
CA PRO G 140 35.43 -76.76 37.61
CA ASP G 141 38.27 -78.62 35.69
CA GLY G 142 41.61 -77.26 37.13
CA ASN G 143 41.30 -76.43 40.88
CA VAL G 144 39.76 -78.49 43.77
CA VAL G 145 37.78 -77.17 46.81
CA ILE G 146 37.21 -79.65 49.66
CA ALA G 147 36.08 -78.85 53.20
CA CYS G 148 34.91 -80.03 56.65
CA LEU G 149 31.60 -78.80 58.12
CA VAL G 150 32.10 -78.68 61.97
CA GLN G 151 28.41 -78.75 62.99
CA GLY G 152 26.20 -78.29 66.09
CA PHE G 153 28.60 -77.49 68.94
CA PHE G 154 28.35 -75.41 72.16
CA PRO G 155 30.03 -73.44 73.54
CA GLN G 156 32.19 -71.70 70.81
CA GLU G 157 35.68 -72.28 72.46
CA PRO G 158 39.03 -72.40 70.48
CA LEU G 159 38.66 -74.68 67.43
CA SER G 160 42.05 -75.86 66.01
CA VAL G 161 41.57 -77.03 62.36
CA THR G 162 44.62 -78.45 60.56
CA TRP G 163 44.71 -80.19 57.10
CA SER G 164 47.09 -83.12 56.10
CA GLU G 165 48.36 -81.31 52.91
CA SER G 166 50.30 -77.95 53.04
CA GLY G 167 52.15 -76.01 50.25
CA GLN G 168 52.57 -72.83 48.09
CA GLY G 169 49.27 -73.04 46.09
CA VAL G 170 47.22 -74.90 48.81
CA THR G 171 45.06 -72.27 50.65
CA ALA G 172 43.24 -73.01 53.97
CA ARG G 173 40.26 -70.79 54.96
CA ASN G 174 38.88 -71.24 58.51
CA PHE G 175 35.40 -69.55 58.59
CA PRO G 176 34.52 -67.97 62.07
CA PRO G 177 31.75 -69.65 64.19
CA SER G 178 28.15 -68.71 63.19
CA GLN G 179 25.40 -69.05 65.85
CA ASP G 180 21.95 -70.67 65.08
CA ALA G 181 18.98 -68.80 66.81
CA SER G 182 19.23 -67.76 70.55
CA GLY G 183 22.54 -69.46 71.60
CA ASP G 184 21.25 -72.97 70.54
CA LEU G 185 24.15 -74.37 68.38
CA TYR G 186 27.34 -73.00 66.66
CA THR G 187 28.56 -74.16 63.17
CA THR G 188 31.97 -73.44 61.48
CA SER G 189 33.32 -74.60 58.07
CA SER G 190 37.06 -75.19 57.22
CA GLN G 191 37.88 -75.07 53.44
CA LEU G 192 41.04 -76.32 51.59
CA THR G 193 41.50 -74.90 48.02
CA LEU G 194 44.35 -76.73 46.09
CA PRO G 195 45.28 -77.48 42.38
CA ALA G 196 43.55 -80.57 40.79
CA THR G 197 47.04 -82.11 40.04
CA GLN G 198 47.68 -82.00 43.88
CA CYS G 199 44.25 -83.60 44.71
CA LEU G 200 43.64 -86.43 42.15
CA ALA G 201 40.47 -88.67 41.93
CA GLY G 202 40.59 -91.67 44.37
CA LYS G 203 42.95 -89.80 46.82
CA SER G 204 41.94 -88.06 50.13
CA VAL G 205 43.09 -85.18 52.45
CA THR G 206 42.62 -85.49 56.27
CA CYS G 207 41.05 -82.63 58.28
CA HIS G 208 42.09 -82.65 62.00
CA VAL G 209 39.65 -80.79 64.33
CA LYS G 210 40.48 -80.02 68.00
CA HIS G 211 37.59 -78.50 70.05
CA TYR G 212 39.11 -77.07 73.43
CA THR G 213 41.25 -79.60 75.38
CA ASN G 214 39.20 -82.54 73.97
CA PRO G 215 40.82 -85.36 71.82
CA SER G 216 41.35 -84.61 68.07
CA GLN G 217 38.47 -85.59 65.70
CA ASP G 218 39.82 -86.67 62.28
CA VAL G 219 37.94 -86.97 58.93
CA THR G 220 39.36 -88.29 55.64
CA VAL G 221 37.72 -86.10 52.92
CA PRO G 222 37.79 -87.28 49.22
CA CYS G 223 38.56 -86.16 47.76
CA PRO G 224 39.35 -85.05 46.30
CA VAL G 225 37.08 -82.82 44.02
CA PRO G 226 38.77 -81.26 40.63
CA SER G 227 39.87 -77.62 41.44
CA THR G 228 40.52 -75.81 37.95
CA PRO G 229 39.26 -77.58 34.61
CA PRO G 230 40.98 -75.40 31.70
CA THR G 231 38.05 -74.16 29.36
CA PRO G 232 38.21 -71.42 27.86
CA SER G 233 41.34 -71.40 25.85
CA PRO G 234 40.65 -68.76 23.06
CA SER G 235 44.31 -68.41 21.76
CA THR G 236 44.70 -68.53 18.01
CA PRO G 237 42.47 -66.40 15.45
CA PRO G 238 43.48 -66.70 11.63
CA THR G 239 43.93 -63.11 10.61
CA PRO G 240 44.89 -61.35 7.22
CA SER G 241 43.14 -57.92 6.57
CA PRO G 242 39.75 -56.28 5.35
CA SER G 243 41.55 -53.69 3.26
CA CYS G 244 38.64 -51.48 2.20
CA CYS G 245 41.25 -48.58 2.37
CA HIS G 246 43.29 -46.82 -0.49
CA PRO G 247 43.98 -43.27 1.00
CA ARG G 248 42.15 -40.49 -1.00
CA LEU G 249 41.36 -36.95 0.42
CA SER G 250 38.28 -35.20 -1.17
CA LEU G 251 36.69 -31.75 -0.45
CA HIS G 252 32.95 -31.40 -1.41
CA ARG G 253 31.90 -27.66 -1.60
CA PRO G 254 28.64 -26.08 -0.17
CA ALA G 255 25.52 -25.95 -2.50
CA LEU G 256 24.54 -22.56 -4.16
CA GLU G 257 20.74 -22.63 -3.38
CA ASP G 258 21.16 -23.49 0.39
CA LEU G 259 23.93 -20.85 1.05
CA LEU G 260 21.85 -18.10 -0.75
CA LEU G 261 18.38 -18.99 0.75
CA GLY G 262 18.92 -18.72 4.58
CA SER G 263 22.80 -18.89 5.00
CA GLU G 264 23.06 -22.76 5.05
CA ALA G 265 26.58 -23.83 3.85
CA ASN G 266 28.80 -26.78 4.96
CA LEU G 267 32.26 -27.48 3.46
CA THR G 268 32.71 -31.24 3.74
CA CYS G 269 36.04 -33.10 4.17
CA THR G 270 36.16 -36.79 3.22
CA LEU G 271 39.21 -39.12 3.79
CA THR G 272 38.75 -42.27 1.64
CA GLY G 273 41.52 -44.98 1.61
CA LEU G 274 42.82 -45.11 5.25
CA ARG G 275 43.84 -48.86 5.65
CA ASP G 276 43.27 -51.21 8.72
CA ALA G 277 43.89 -50.25 12.48
CA SER G 278 43.74 -46.47 11.98
CA GLY G 279 42.43 -42.93 12.87
CA VAL G 280 42.38 -39.46 11.16
CA THR G 281 43.10 -36.05 12.85
CA PHE G 282 41.46 -32.99 11.23
CA THR G 283 42.67 -29.31 11.31
CA TRP G 284 40.13 -26.81 9.78
CA THR G 285 40.71 -22.99 9.35
CA PRO G 286 37.90 -20.91 11.04
CA SER G 287 35.29 -18.95 8.95
CA SER G 288 35.58 -15.08 8.92
CA GLY G 289 33.52 -14.27 12.11
CA LYS G 290 35.92 -16.35 14.36
CA SER G 291 34.04 -19.69 13.90
CA ALA G 292 35.48 -23.29 13.79
CA VAL G 293 32.96 -26.16 14.51
CA GLN G 294 33.48 -29.88 13.43
CA GLY G 295 31.92 -33.45 13.74
CA PRO G 296 34.13 -36.41 12.53
CA PRO G 297 32.74 -40.07 12.47
CA GLU G 298 34.73 -43.11 11.09
CA ARG G 299 32.72 -45.07 8.46
CA ASP G 300 34.02 -48.36 6.87
CA LEU G 301 33.17 -47.97 3.08
CA CYS G 302 33.95 -50.84 0.56
CA GLY G 303 36.11 -52.55 3.25
CA CYS G 304 38.15 -49.59 4.72
CA TYR G 305 37.75 -46.50 7.07
CA SER G 306 36.62 -42.97 5.95
CA VAL G 307 36.89 -39.96 8.39
CA SER G 308 34.26 -37.57 7.05
CA SER G 309 34.27 -34.28 8.99
CA VAL G 310 32.02 -31.24 8.26
CA LEU G 311 32.55 -27.47 8.96
CA PRO G 312 29.25 -25.41 9.03
CA GLY G 313 29.64 -21.93 7.40
CA CYS G 314 27.81 -18.60 6.90
CA ALA G 315 26.98 -16.87 3.53
CA GLU G 316 29.31 -13.78 4.07
CA PRO G 317 32.75 -15.66 4.14
CA TRP G 318 31.74 -17.64 0.95
CA ASN G 319 30.33 -14.50 -0.89
CA HIS G 320 33.18 -12.04 0.13
CA GLY G 321 36.21 -14.41 -0.43
CA LYS G 322 37.44 -16.83 2.33
CA THR G 323 39.91 -19.79 1.91
CA PHE G 324 38.75 -22.99 3.74
CA THR G 325 41.63 -25.37 4.53
CA CYS G 326 41.06 -28.98 5.67
CA THR G 327 44.46 -30.27 6.83
CA ALA G 328 44.41 -33.96 7.81
CA ALA G 329 47.27 -35.77 9.72
CA TYR G 330 47.86 -39.61 9.92
CA PRO G 331 51.19 -41.52 10.73
CA GLU G 332 51.21 -43.72 7.51
CA SER G 333 50.65 -40.46 5.45
CA LYS G 334 54.25 -39.01 5.84
CA THR G 335 53.13 -35.55 4.52
CA PRO G 336 49.87 -34.39 6.31
CA LEU G 337 47.38 -33.56 3.48
CA THR G 338 46.17 -29.97 3.14
CA ALA G 339 43.20 -29.19 0.78
CA THR G 340 42.01 -25.54 0.48
CA LEU G 341 38.76 -24.25 -1.09
CA SER G 342 37.17 -20.76 -1.82
CA LYS G 343 35.17 -18.66 -4.43
CA SER G 344 36.25 -18.35 -8.15
CA GLY G 345 38.13 -15.72 -10.28
CA ASN G 346 38.20 -11.87 -10.69
CA THR G 347 34.84 -9.90 -10.70
CA PHE G 348 32.85 -8.31 -13.66
CA ARG G 349 29.69 -6.04 -13.45
CA PRO G 350 26.47 -7.69 -14.93
CA GLU G 351 24.90 -5.83 -17.89
CA VAL G 352 21.08 -6.14 -17.36
CA HIS G 353 18.84 -5.53 -20.47
CA LEU G 354 15.04 -6.11 -20.24
CA LEU G 355 13.38 -7.39 -23.46
CA PRO G 356 9.60 -7.04 -24.17
CA PRO G 357 7.68 -9.92 -25.91
CA PRO G 358 7.88 -10.61 -29.67
CA SER G 359 4.98 -9.28 -31.87
CA GLU G 360 3.93 -12.92 -32.73
CA GLU G 361 3.66 -13.91 -28.99
CA LEU G 362 0.87 -11.25 -28.62
CA ALA G 363 -1.22 -13.67 -30.79
CA LEU G 364 -0.93 -15.92 -27.63
CA ASN G 365 -3.01 -15.29 -24.40
CA GLU G 366 -2.39 -16.81 -20.87
CA LEU G 367 1.41 -16.10 -20.66
CA VAL G 368 3.39 -13.14 -22.19
CA THR G 369 7.09 -13.84 -22.18
CA LEU G 370 8.95 -10.96 -20.36
CA THR G 371 12.70 -11.58 -20.70
CA CYS G 372 15.71 -10.06 -18.90
CA LEU G 373 19.26 -10.80 -20.14
CA ALA G 374 22.05 -10.60 -17.50
CA ARG G 375 25.35 -10.81 -19.47
CA GLY G 376 29.15 -10.31 -19.11
CA PHE G 377 29.16 -11.12 -15.34
CA SER G 378 31.73 -12.98 -13.11
CA PRO G 379 31.87 -14.93 -10.94
CA LYS G 380 28.74 -17.05 -11.84
CA ASP G 381 27.37 -16.23 -8.40
CA VAL G 382 24.16 -14.14 -8.97
CA LEU G 383 20.48 -13.76 -7.82
CA VAL G 384 17.77 -12.60 -10.25
CA ARG G 385 14.15 -11.92 -9.13
CA TRP G 386 11.05 -10.24 -10.67
CA LEU G 387 8.64 -7.62 -9.24
CA GLN G 388 5.18 -6.31 -10.21
CA GLY G 389 4.78 -2.46 -10.13
CA SER G 390 0.93 -2.62 -10.43
CA GLN G 391 0.41 -4.45 -7.04
CA GLU G 392 3.74 -3.36 -5.32
CA LEU G 393 4.61 -7.08 -4.82
CA PRO G 394 7.12 -9.82 -5.89
CA ARG G 395 6.01 -12.10 -8.79
CA GLU G 396 5.52 -15.89 -9.06
CA LYS G 397 5.44 -17.20 -12.65
CA TYR G 398 9.14 -16.84 -13.55
CA LEU G 399 12.01 -19.24 -14.41
CA THR G 400 15.82 -18.54 -14.64
CA TRP G 401 18.24 -20.70 -16.78
CA ALA G 402 22.15 -20.72 -16.98
CA SER G 403 25.23 -20.27 -19.34
CA ARG G 404 28.98 -20.13 -18.35
CA GLN G 405 30.89 -18.90 -21.49
CA GLU G 406 34.38 -20.50 -22.05
CA PRO G 407 35.95 -21.16 -25.55
CA SER G 408 39.69 -21.81 -26.42
CA GLN G 409 40.59 -18.06 -25.96
CA GLY G 410 41.05 -15.78 -22.86
CA THR G 411 37.37 -14.64 -23.06
CA THR G 412 35.44 -16.25 -20.09
CA THR G 413 32.37 -14.52 -18.38
CA PHE G 414 28.70 -15.73 -17.82
CA ALA G 415 25.23 -15.01 -19.27
CA VAL G 416 21.67 -15.96 -18.13
CA THR G 417 18.14 -15.22 -19.36
CA SER G 418 15.21 -14.97 -16.88
CA ILE G 419 11.64 -15.54 -18.15
CA LEU G 420 8.61 -13.89 -16.39
CA ARG G 421 5.35 -15.16 -17.92
CA VAL G 422 2.27 -12.79 -17.61
CA ALA G 423 -1.34 -12.52 -18.89
CA ALA G 424 -1.41 -10.61 -22.28
CA GLU G 425 -3.91 -8.12 -20.70
CA ASP G 426 -1.74 -6.84 -17.72
CA TRP G 427 1.18 -5.97 -20.07
CA LYS G 428 -1.38 -4.01 -22.25
CA LYS G 429 -2.95 -2.44 -19.08
CA GLY G 430 0.43 -0.59 -18.96
CA ASP G 431 2.00 -2.44 -16.01
CA THR G 432 5.68 -1.96 -15.08
CA PHE G 433 7.54 -5.23 -14.33
CA SER G 434 11.14 -5.04 -13.00
CA CYS G 435 13.98 -7.58 -13.10
CA MET G 436 16.17 -7.18 -9.94
CA VAL G 437 19.77 -8.52 -10.24
CA GLY G 438 22.06 -8.98 -7.19
CA HIS G 439 25.79 -9.57 -7.79
CA GLU G 440 29.24 -9.02 -6.11
CA ALA G 441 30.25 -6.30 -8.69
CA LEU G 442 26.96 -4.28 -8.73
CA PRO G 443 27.09 -0.69 -7.20
CA LEU G 444 25.02 -1.41 -4.02
CA ALA G 445 25.19 -5.21 -4.70
CA PHE G 446 21.80 -4.59 -6.39
CA THR G 447 20.48 -3.18 -9.69
CA GLN G 448 16.92 -3.22 -11.12
CA LYS G 449 15.95 -2.67 -14.81
CA THR G 450 12.26 -2.08 -15.72
CA ILE G 451 9.83 -3.18 -18.53
CA ASP G 452 6.43 -1.67 -19.49
CA ARG G 453 4.14 -1.37 -22.61
CA LEU G 454 5.08 2.39 -22.54
CA ALA G 455 7.98 3.53 -24.84
CA GLY G 456 9.07 7.24 -24.82
CA LYS G 457 11.83 7.83 -27.45
CA PRO G 458 14.11 10.41 -25.75
CA THR G 459 15.21 7.41 -25.19
CA HIS G 460 15.31 4.49 -22.64
CA VAL G 461 15.11 6.18 -19.12
CA ASN G 462 14.11 4.79 -15.61
CA VAL G 463 11.55 5.41 -12.69
CA SER G 464 11.96 8.23 -10.04
CA VAL G 465 13.50 8.15 -6.42
CA VAL G 466 11.07 6.06 -4.21
CA MET G 467 12.02 6.40 -0.47
CA ALA G 468 14.28 8.78 1.65
CA GLU G 469 15.82 8.81 4.44
CA VAL G 470 15.55 5.72 6.85
CA ASP G 471 18.68 3.93 5.42
CA GLY G 472 19.20 1.04 7.96
CA THR G 473 22.18 2.52 9.94
CA CYS G 474 20.28 5.80 10.75
CA TYR G 475 16.73 4.27 11.30
CA GLN H 1 60.61 -129.29 -13.87
CA VAL H 2 64.01 -127.54 -13.57
CA LYS H 3 62.47 -126.01 -16.67
CA LEU H 4 60.86 -128.51 -19.19
CA LEU H 5 63.21 -128.03 -22.17
CA GLU H 6 66.52 -126.38 -21.00
CA GLN H 7 69.50 -125.31 -23.09
CA SER H 8 73.30 -124.92 -22.66
CA GLY H 9 74.32 -121.22 -22.25
CA ALA H 10 76.19 -118.95 -24.63
CA GLU H 11 78.94 -118.87 -26.53
CA VAL H 12 81.50 -117.03 -28.52
CA LYS H 13 83.15 -118.98 -31.33
CA LYS H 14 85.78 -117.80 -33.82
CA PRO H 15 84.71 -117.70 -37.57
CA GLY H 16 85.51 -121.18 -39.08
CA ALA H 17 84.92 -123.04 -35.77
CA SER H 18 82.01 -125.32 -34.80
CA VAL H 19 79.46 -124.88 -31.96
CA LYS H 20 77.49 -127.64 -30.16
CA VAL H 21 74.23 -126.57 -28.47
CA SER H 22 72.38 -128.99 -26.12
CA CYS H 23 68.73 -129.23 -25.08
CA LYS H 24 67.85 -131.36 -22.00
CA ALA H 25 64.18 -132.51 -21.76
CA SER H 26 62.76 -132.95 -18.18
CA GLY H 27 59.21 -133.92 -16.93
CA TYR H 28 57.82 -135.61 -20.11
CA SER H 29 58.69 -138.93 -21.89
CA PHE H 30 61.67 -137.87 -24.12
CA THR H 31 61.36 -140.65 -26.80
CA SER H 32 57.60 -139.99 -27.49
CA TYR H 33 58.18 -136.58 -29.23
CA GLY H 34 60.41 -134.94 -31.85
CA LEU H 35 62.48 -131.78 -31.21
CA HIS H 36 62.73 -128.91 -33.71
CA TRP H 37 65.73 -126.47 -33.92
CA VAL H 38 65.03 -122.80 -34.80
CA ARG H 39 67.26 -119.70 -34.82
CA GLN H 40 66.69 -115.93 -34.65
CA ALA H 41 69.44 -113.62 -35.95
CA PRO H 42 69.34 -110.02 -34.51
CA GLY H 43 66.37 -108.02 -35.90
CA GLN H 44 65.30 -110.95 -38.08
CA ARG H 45 62.50 -113.50 -38.29
CA LEU H 46 62.74 -117.01 -36.84
CA GLU H 47 64.34 -119.52 -39.23
CA TRP H 48 63.65 -123.27 -39.02
CA MET H 49 66.92 -125.34 -39.20
CA GLY H 50 65.91 -128.99 -38.61
CA TRP H 51 64.13 -131.67 -36.53
CA ILE H 52 65.14 -134.93 -34.76
CA SER H 53 62.85 -137.82 -33.66
CA ALA H 54 64.01 -138.71 -30.07
CA GLY H 55 62.73 -142.32 -30.51
CA THR H 56 64.43 -143.32 -33.85
CA GLY H 57 67.25 -140.69 -34.09
CA ASN H 58 65.95 -139.77 -37.61
CA THR H 59 66.73 -136.40 -38.99
CA LYS H 60 65.21 -133.72 -41.23
CA TYR H 61 66.82 -130.38 -42.04
CA SER H 62 66.65 -127.14 -44.02
CA GLN H 63 68.79 -127.33 -47.19
CA LYS H 64 70.03 -123.77 -46.33
CA PHE H 65 72.30 -125.66 -43.78
CA ARG H 66 73.14 -128.56 -46.20
CA GLY H 67 76.52 -130.11 -45.32
CA ARG H 68 77.14 -128.11 -42.06
CA VAL H 69 74.36 -128.99 -39.52
CA THR H 70 74.19 -132.27 -37.46
CA PHE H 71 71.42 -133.44 -35.02
CA THR H 72 72.08 -136.05 -32.29
CA ARG H 73 70.13 -137.32 -29.23
CA ASP H 74 71.50 -139.05 -26.11
CA THR H 75 68.38 -141.05 -25.22
CA SER H 76 69.72 -142.12 -21.73
CA ALA H 77 70.69 -138.52 -20.65
CA THR H 78 67.48 -137.28 -22.34
CA THR H 79 69.37 -134.54 -24.22
CA ALA H 80 69.32 -133.57 -27.92
CA TYR H 81 72.18 -131.62 -29.58
CA MET H 82 72.68 -129.58 -32.71
CA GLY H 83 76.18 -129.22 -34.17
CA LEU H 84 76.80 -126.22 -36.52
CA SER H 85 80.13 -126.28 -38.44
CA SER H 86 82.07 -123.67 -40.49
CA LEU H 87 80.76 -120.72 -38.46
CA ARG H 88 80.37 -117.40 -40.28
CA PRO H 89 79.66 -113.98 -38.57
CA GLU H 90 75.98 -114.23 -39.81
CA ASP H 91 75.47 -117.34 -37.59
CA THR H 92 75.38 -114.89 -34.60
CA ALA H 93 71.83 -115.66 -33.42
CA VAL H 94 69.75 -117.16 -30.58
CA TYR H 95 69.36 -120.96 -31.12
CA TYR H 96 66.15 -122.47 -29.72
CA CYS H 97 65.10 -126.07 -29.47
CA ALA H 98 61.28 -126.47 -29.45
CA ARG H 99 59.02 -129.51 -29.04
CA ASP H 100 57.02 -131.27 -31.80
CA PRO H 101 53.78 -132.30 -29.89
CA TYR H 102 53.15 -135.31 -32.24
CA GLY H 103 56.60 -136.81 -33.19
CA GLY H 104 56.01 -136.52 -37.01
CA GLY H 105 58.30 -133.58 -38.02
CA LYS H 106 55.72 -131.10 -39.37
CA SER H 107 53.96 -129.31 -36.54
CA GLU H 108 53.44 -126.13 -34.53
CA PHE H 109 55.89 -126.06 -31.53
CA ASP H 110 54.19 -126.20 -28.06
CA TYR H 111 57.24 -125.93 -25.65
CA TRP H 112 60.34 -123.88 -26.38
CA GLY H 113 63.76 -123.98 -24.74
CA GLN H 114 65.10 -120.59 -23.48
CA GLY H 115 67.65 -119.95 -26.28
CA THR H 116 71.46 -119.93 -26.40
CA LEU H 117 73.12 -116.97 -28.05
CA VAL H 118 76.11 -118.03 -30.16
CA THR H 119 78.23 -115.05 -31.17
CA VAL H 120 80.73 -115.62 -34.00
CA SER H 121 83.76 -113.25 -33.53
CA SER H 122 87.57 -112.68 -33.59
CA ALA H 123 87.38 -109.04 -32.26
CA SER H 124 88.50 -110.40 -28.93
CA PRO H 125 86.13 -111.67 -26.14
CA THR H 126 86.28 -109.42 -23.00
CA SER H 127 84.54 -110.02 -19.61
CA PRO H 128 82.49 -107.16 -17.99
CA LYS H 129 83.90 -105.02 -15.14
CA VAL H 130 81.05 -104.30 -12.70
CA PHE H 131 80.97 -100.89 -10.91
CA PRO H 132 78.58 -99.58 -8.21
CA LEU H 133 76.24 -96.64 -8.90
CA SER H 134 75.33 -95.14 -5.46
CA LEU H 135 74.72 -91.65 -3.93
CA CYS H 136 75.55 -90.45 -0.37
CA SER H 137 73.08 -87.51 0.33
CA THR H 138 72.95 -86.54 -3.43
CA GLN H 139 69.56 -88.32 -4.12
CA PRO H 140 66.14 -86.70 -3.18
CA ASP H 141 64.79 -87.37 0.41
CA GLY H 142 62.18 -90.22 0.06
CA ASN H 143 63.18 -92.72 -2.72
CA VAL H 144 66.57 -94.40 -3.42
CA VAL H 145 68.12 -95.23 -6.87
CA ILE H 146 71.14 -97.58 -6.85
CA ALA H 147 72.63 -99.41 -9.82
CA CYS H 148 75.40 -101.57 -11.33
CA LEU H 149 77.35 -100.41 -14.42
CA VAL H 150 78.30 -103.62 -16.39
CA GLN H 151 81.17 -102.16 -18.45
CA GLY H 152 83.45 -103.07 -21.39
CA PHE H 153 82.35 -106.54 -22.50
CA PHE H 154 82.29 -108.39 -25.86
CA PRO H 155 80.38 -110.05 -27.33
CA GLN H 156 76.82 -108.93 -26.20
CA GLU H 157 75.45 -112.45 -25.20
CA PRO H 158 72.58 -113.02 -22.64
CA LEU H 159 73.24 -110.95 -19.48
CA SER H 160 71.25 -112.19 -16.42
CA VAL H 161 71.03 -109.37 -13.80
CA THR H 162 69.27 -110.16 -10.50
CA TRP H 163 69.12 -107.95 -7.32
CA SER H 164 69.09 -109.27 -3.66
CA GLU H 165 65.92 -107.24 -2.70
CA SER H 166 62.48 -107.81 -4.39
CA GLY H 167 58.99 -106.40 -3.51
CA GLN H 168 55.86 -104.35 -4.47
CA GLY H 169 57.48 -100.84 -4.63
CA VAL H 170 61.03 -102.05 -5.63
CA THR H 171 61.41 -101.58 -9.45
CA ALA H 172 64.30 -103.14 -11.46
CA ARG H 173 65.19 -101.60 -14.87
CA ASN H 174 67.67 -103.55 -17.06
CA PHE H 175 68.93 -101.14 -19.81
CA PRO H 176 69.71 -102.90 -23.20
CA PRO H 177 73.43 -103.17 -24.29
CA SER H 178 74.85 -100.02 -25.97
CA GLN H 179 77.86 -100.43 -28.32
CA ASP H 180 80.96 -98.08 -28.18
CA ALA H 181 82.33 -97.17 -31.72
CA SER H 182 82.82 -99.96 -34.40
CA GLY H 183 82.10 -103.14 -32.34
CA ASP H 184 84.87 -102.29 -29.76
CA LEU H 185 83.07 -102.73 -26.34
CA TYR H 186 79.43 -103.08 -25.07
CA THR H 187 78.13 -101.41 -21.81
CA THR H 188 74.78 -102.06 -19.98
CA SER H 189 73.43 -100.53 -16.71
CA SER H 190 71.00 -102.30 -14.26
CA GLN H 191 69.05 -99.90 -11.95
CA LEU H 192 67.09 -100.70 -8.71
CA THR H 193 64.58 -97.96 -7.61
CA LEU H 194 63.19 -98.61 -4.03
CA PRO H 195 61.73 -96.52 -1.08
CA ALA H 196 64.34 -94.91 1.30
CA THR H 197 62.74 -96.80 4.29
CA GLN H 198 63.61 -100.10 2.41
CA CYS H 199 67.25 -98.96 1.67
CA LEU H 200 68.60 -97.23 4.87
CA ALA H 201 72.10 -95.60 5.28
CA GLY H 202 74.84 -98.17 6.18
CA LYS H 203 72.91 -101.07 4.48
CA SER H 204 73.63 -102.62 1.00
CA VAL H 205 71.81 -104.49 -1.86
CA THR H 206 73.68 -107.16 -3.91
CA CYS H 207 73.57 -107.13 -7.74
CA HIS H 208 74.21 -110.61 -9.30
CA VAL H 209 75.46 -110.49 -12.94
CA LYS H 210 75.71 -113.63 -15.13
CA HIS H 211 77.38 -113.10 -18.57
CA TYR H 212 76.63 -116.29 -20.80
CA THR H 213 77.54 -119.64 -19.12
CA ASN H 214 80.34 -117.94 -17.08
CA PRO H 215 80.33 -117.88 -13.19
CA SER H 216 78.15 -115.19 -11.47
CA GLN H 217 79.88 -111.83 -10.70
CA ASP H 218 78.45 -110.29 -7.49
CA VAL H 219 78.72 -106.65 -6.24
CA THR H 220 77.47 -105.28 -2.91
CA VAL H 221 76.00 -101.80 -3.75
CA PRO H 222 75.44 -99.29 -0.82
CA CYS H 223 73.68 -98.41 -0.51
CA PRO H 224 71.92 -97.53 -0.19
CA VAL H 225 71.16 -93.95 -1.54
CA PRO H 226 67.81 -92.06 -0.11
CA SER H 227 64.98 -92.58 -2.74
CA THR H 228 62.13 -89.94 -1.88
CA PRO H 229 62.94 -86.99 0.68
CA PRO H 230 59.35 -85.36 1.39
CA THR H 231 59.66 -81.52 0.52
CA PRO H 232 57.23 -79.90 -0.60
CA SER H 233 54.42 -80.27 1.80
CA PRO H 234 52.17 -77.16 1.11
CA SER H 235 49.04 -78.34 3.11
CA THR H 236 47.52 -75.72 5.39
CA PRO H 237 46.71 -71.97 4.28
CA PRO H 238 44.88 -69.74 7.00
CA THR H 239 41.87 -68.47 5.13
CA PRO H 240 38.88 -66.09 6.09
CA SER H 241 37.58 -63.81 3.22
CA PRO H 242 38.34 -60.45 1.25
CA SER H 243 34.71 -59.40 1.25
CA CYS H 244 34.83 -56.36 -1.00
CA CYS H 245 31.24 -57.47 -2.10
CA HIS H 246 27.72 -56.16 -0.96
CA PRO H 247 25.47 -56.96 -4.06
CA ARG H 248 24.17 -53.73 -5.77
CA LEU H 249 22.88 -53.58 -9.44
CA SER H 250 23.24 -50.12 -11.16
CA LEU H 251 22.30 -48.94 -14.72
CA HIS H 252 24.23 -45.87 -16.05
CA ARG H 253 22.42 -44.29 -19.10
CA PRO H 254 24.07 -43.04 -22.40
CA ALA H 255 25.25 -39.34 -22.56
CA LEU H 256 23.11 -36.76 -24.53
CA GLU H 257 25.97 -35.04 -26.51
CA ASP H 258 27.58 -38.36 -27.75
CA LEU H 259 24.23 -39.99 -28.86
CA LEU H 260 23.19 -36.77 -30.75
CA LEU H 261 26.62 -35.97 -32.39
CA GLY H 262 27.45 -39.16 -34.43
CA SER H 263 25.11 -41.89 -32.90
CA GLU H 264 27.47 -42.91 -30.00
CA ALA H 265 25.40 -44.38 -27.09
CA ASN H 266 26.24 -47.20 -24.60
CA LEU H 267 23.85 -48.32 -21.82
CA THR H 268 26.10 -49.61 -19.04
CA CYS H 269 25.24 -52.37 -16.52
CA THR H 270 27.25 -52.51 -13.27
CA LEU H 271 26.93 -55.29 -10.61
CA THR H 272 28.53 -54.05 -7.35
CA GLY H 273 28.44 -56.28 -4.19
CA LEU H 274 28.95 -59.89 -5.51
CA ARG H 275 30.87 -61.61 -2.57
CA ASP H 276 33.86 -64.11 -2.78
CA ALA H 277 34.14 -67.15 -5.24
CA SER H 278 31.60 -65.87 -7.78
CA GLY H 279 30.47 -65.00 -11.39
CA VAL H 280 27.64 -62.92 -13.00
CA THR H 281 25.51 -63.93 -16.09
CA PHE H 282 24.04 -61.04 -18.13
CA THR H 283 20.86 -61.06 -20.32
CA TRP H 284 20.39 -57.80 -22.40
CA THR H 285 17.35 -57.02 -24.68
CA PRO H 286 18.46 -56.16 -28.30
CA SER H 287 18.19 -52.55 -29.70
CA SER H 288 15.45 -51.88 -32.37
CA GLY H 289 17.42 -52.88 -35.56
CA LYS H 290 17.97 -56.51 -34.25
CA SER H 291 21.24 -55.72 -32.38
CA ALA H 292 22.61 -57.28 -29.10
CA VAL H 293 26.43 -56.90 -28.46
CA GLN H 294 28.13 -57.18 -24.96
CA GLY H 295 31.61 -57.23 -23.20
CA PRO H 296 31.64 -58.29 -19.46
CA PRO H 297 34.94 -58.17 -17.36
CA GLU H 298 35.11 -58.98 -13.57
CA ARG H 299 36.81 -56.16 -11.56
CA ASP H 300 37.52 -56.44 -7.76
CA LEU H 301 36.50 -52.96 -6.35
CA CYS H 302 36.98 -52.11 -2.57
CA GLY H 303 37.60 -55.85 -1.87
CA CYS H 304 34.81 -57.60 -3.96
CA TYR H 305 33.89 -58.48 -7.64
CA SER H 306 31.95 -56.17 -10.07
CA VAL H 307 30.65 -57.56 -13.46
CA SER H 308 30.38 -54.43 -15.59
CA SER H 309 28.91 -55.22 -19.02
CA VAL H 310 28.16 -52.64 -21.79
CA LEU H 311 25.60 -52.69 -24.68
CA PRO H 312 26.48 -50.30 -27.62
CA GLY H 313 23.37 -48.55 -29.09
CA CYS H 314 22.23 -46.34 -32.01
CA ALA H 315 20.47 -42.89 -31.80
CA GLU H 316 17.08 -44.07 -33.34
CA PRO H 317 16.04 -46.63 -30.56
CA TRP H 318 16.88 -44.00 -27.82
CA ASN H 319 15.12 -41.07 -29.70
CA HIS H 320 11.96 -43.06 -30.84
CA GLY H 321 11.28 -44.99 -27.52
CA LYS H 322 13.02 -48.36 -26.75
CA THR H 323 13.16 -50.18 -23.32
CA PHE H 324 16.67 -51.55 -22.48
CA THR H 325 16.58 -54.41 -19.96
CA CYS H 326 19.72 -55.70 -18.19
CA THR H 327 18.71 -58.95 -16.45
CA ALA H 328 21.49 -60.45 -14.32
CA ALA H 329 21.44 -64.03 -12.82
CA TYR H 330 23.62 -65.36 -9.89
CA PRO H 331 22.93 -68.42 -7.54
CA GLU H 332 23.23 -66.43 -4.19
CA SER H 333 20.74 -63.83 -5.68
CA LYS H 334 17.53 -66.02 -5.42
CA THR H 335 15.54 -63.60 -7.69
CA PRO H 336 17.59 -62.73 -10.88
CA LEU H 337 17.71 -58.87 -11.01
CA THR H 338 16.06 -57.11 -13.95
CA ALA H 339 16.70 -53.33 -14.49
CA THR H 340 15.00 -51.59 -17.48
CA LEU H 341 15.78 -48.14 -18.95
CA SER H 342 14.31 -45.86 -21.75
CA LYS H 343 13.35 -42.22 -22.72
CA SER H 344 11.11 -39.97 -20.46
CA GLY H 345 7.38 -38.92 -20.41
CA ASN H 346 4.67 -37.84 -22.97
CA THR H 347 5.63 -35.36 -25.82
CA PHE H 348 4.88 -31.56 -26.22
CA ARG H 349 5.58 -29.29 -29.32
CA PRO H 350 8.28 -26.55 -28.67
CA GLU H 351 7.08 -22.94 -29.07
CA VAL H 352 10.03 -21.08 -30.77
CA HIS H 353 10.03 -17.22 -30.47
CA LEU H 354 13.03 -15.19 -31.78
CA LEU H 355 13.84 -12.00 -29.80
CA PRO H 356 15.90 -9.08 -31.27
CA PRO H 357 18.45 -7.19 -29.05
CA PRO H 358 17.45 -4.59 -26.43
CA SER H 359 17.75 -0.86 -27.43
CA GLU H 360 20.53 -0.33 -24.78
CA GLU H 361 22.67 -3.25 -26.20
CA LEU H 362 22.93 -1.25 -29.51
CA ALA H 363 25.14 1.16 -27.46
CA LEU H 364 27.54 -1.90 -27.43
CA ASN H 365 29.65 -2.96 -30.51
CA GLU H 366 31.47 -6.36 -31.06
CA LEU H 367 28.55 -8.68 -30.09
CA VAL H 368 24.74 -8.10 -30.56
CA THR H 369 22.72 -10.51 -28.50
CA LEU H 370 20.25 -12.42 -30.78
CA THR H 371 18.02 -14.59 -28.56
CA CYS H 372 15.65 -17.47 -29.35
CA LEU H 373 13.32 -18.85 -26.64
CA ALA H 374 12.24 -22.52 -27.03
CA ARG H 375 9.48 -23.08 -24.42
CA GLY H 376 6.74 -25.57 -23.36
CA PHE H 377 8.60 -28.63 -24.82
CA SER H 378 8.87 -32.29 -23.59
CA PRO H 379 10.82 -34.44 -23.29
CA LYS H 380 13.98 -32.30 -22.60
CA ASP H 381 15.58 -33.92 -25.64
CA VAL H 382 16.15 -31.07 -28.22
CA LEU H 383 18.77 -29.62 -30.66
CA VAL H 384 18.97 -25.87 -31.33
CA ARG H 385 21.34 -24.36 -33.97
CA TRP H 386 21.77 -20.94 -35.66
CA LEU H 387 22.17 -20.00 -39.37
CA GLN H 388 23.29 -16.86 -41.26
CA GLY H 389 21.06 -15.87 -44.27
CA SER H 390 23.64 -13.31 -45.62
CA GLN H 391 26.37 -15.98 -46.35
CA GLU H 392 24.04 -19.08 -46.66
CA LEU H 393 26.08 -20.79 -43.86
CA PRO H 394 25.82 -22.09 -40.24
CA ARG H 395 27.01 -19.69 -37.48
CA GLU H 396 29.74 -20.00 -34.80
CA LYS H 397 29.38 -17.49 -31.93
CA TYR H 398 26.36 -18.99 -30.13
CA LEU H 399 25.71 -20.59 -26.71
CA THR H 400 22.62 -22.59 -25.47
CA TRP H 401 21.66 -22.91 -21.72
CA ALA H 402 18.99 -25.15 -19.94
CA SER H 403 15.82 -25.13 -17.68
CA ARG H 404 13.56 -28.14 -16.73
CA GLN H 405 10.37 -26.65 -15.11
CA GLU H 406 8.88 -28.69 -12.17
CA PRO H 407 7.04 -27.13 -9.12
CA SER H 408 4.65 -28.88 -6.59
CA GLN H 409 1.76 -28.98 -9.18
CA GLY H 410 1.05 -31.14 -12.31
CA THR H 411 2.70 -28.49 -14.59
CA THR H 412 6.08 -29.94 -15.86
CA THR H 413 7.60 -29.00 -19.34
CA PHE H 414 11.04 -27.43 -20.32
CA ALA H 415 12.39 -24.06 -21.53
CA VAL H 416 15.79 -22.96 -22.97
CA THR H 417 17.24 -19.70 -24.33
CA SER H 418 19.90 -19.76 -27.11
CA ILE H 419 22.22 -16.72 -27.51
CA LEU H 420 23.78 -15.87 -30.96
CA ARG H 421 26.25 -12.98 -30.58
CA VAL H 422 26.88 -10.83 -33.77
CA ALA H 423 28.66 -7.59 -34.81
CA ALA H 424 26.26 -4.56 -34.39
CA GLU H 425 26.86 -3.71 -38.10
CA ASP H 426 25.63 -7.02 -39.73
CA TRP H 427 22.28 -6.83 -37.85
CA LYS H 428 21.93 -3.19 -39.18
CA LYS H 429 23.07 -4.31 -42.70
CA GLY H 430 19.64 -6.07 -42.67
CA ASP H 431 20.85 -9.67 -42.26
CA THR H 432 18.40 -12.53 -41.56
CA PHE H 433 19.55 -14.94 -38.80
CA SER H 434 17.49 -18.11 -38.13
CA CYS H 435 17.21 -20.30 -35.04
CA MET H 436 16.61 -23.97 -36.11
CA VAL H 437 14.96 -26.23 -33.46
CA GLY H 438 14.80 -30.04 -33.80
CA HIS H 439 12.49 -31.97 -31.47
CA GLU H 440 10.41 -35.26 -31.31
CA ALA H 441 7.05 -33.33 -31.45
CA LEU H 442 7.90 -30.85 -34.30
CA PRO H 443 6.02 -31.33 -37.68
CA LEU H 444 8.98 -32.65 -39.76
CA ALA H 445 11.12 -33.04 -36.55
CA PHE H 446 12.38 -29.56 -37.53
CA THR H 447 11.20 -25.93 -37.33
CA GLN H 448 13.10 -22.69 -38.02
CA LYS H 449 12.08 -19.16 -36.83
CA THR H 450 13.85 -16.09 -38.34
CA ILE H 451 15.20 -12.69 -37.03
CA ASP H 452 16.14 -9.55 -39.05
CA ARG H 453 16.39 -5.71 -38.54
CA LEU H 454 13.32 -5.55 -40.92
CA ALA H 455 9.83 -5.32 -39.26
CA GLY H 456 6.67 -5.19 -41.50
CA LYS H 457 3.52 -4.75 -39.34
CA PRO H 458 0.90 -6.89 -41.17
CA THR H 459 2.32 -8.62 -38.82
CA HIS H 460 5.07 -11.26 -38.04
CA VAL H 461 5.33 -13.46 -41.26
CA ASN H 462 8.15 -15.82 -42.59
CA VAL H 463 10.48 -16.36 -45.71
CA SER H 464 9.30 -18.03 -49.02
CA VAL H 465 9.59 -21.74 -50.26
CA VAL H 466 13.36 -22.40 -50.98
CA MET H 467 13.82 -25.75 -52.86
CA ALA H 468 11.49 -28.24 -54.78
CA GLU H 469 11.43 -31.31 -55.66
CA VAL H 470 14.48 -33.64 -54.84
CA ASP H 471 13.06 -34.84 -51.45
CA GLY H 472 15.49 -37.71 -50.50
CA THR H 473 13.23 -40.71 -51.40
CA CYS H 474 12.63 -39.48 -55.01
CA TYR H 475 16.21 -38.05 -55.70
CA GLU A 1 -104.52 73.85 -58.33
CA LEU A 2 -100.87 74.27 -59.26
CA VAL A 3 -98.85 71.79 -57.27
CA MET A 4 -95.60 72.91 -55.58
CA THR A 5 -93.21 70.07 -54.76
CA GLN A 6 -90.07 70.62 -52.67
CA SER A 7 -86.98 68.51 -52.69
CA PRO A 8 -85.71 67.22 -50.25
CA SER A 9 -88.00 66.84 -47.28
CA SER A 10 -85.06 66.89 -44.80
CA LEU A 11 -81.36 67.72 -44.85
CA SER A 12 -78.73 67.78 -42.11
CA ALA A 13 -75.59 69.79 -42.88
CA SER A 14 -72.73 71.29 -40.86
CA VAL A 15 -72.34 75.01 -40.31
CA GLY A 16 -70.41 76.59 -43.16
CA ASP A 17 -71.95 74.18 -45.68
CA ARG A 18 -73.83 75.45 -48.69
CA VAL A 19 -77.36 74.02 -48.96
CA ASN A 20 -79.74 74.15 -51.97
CA ILE A 21 -83.54 73.32 -51.68
CA ALA A 22 -85.51 72.84 -54.91
CA CYS A 23 -89.19 73.59 -55.58
CA ARG A 24 -91.06 72.56 -58.76
CA ALA A 25 -94.21 74.13 -60.06
CA SER A 26 -96.43 71.56 -61.91
CA GLN A 27 -96.58 74.26 -64.65
CA GLY A 28 -95.02 77.64 -65.44
CA ILE A 29 -95.38 80.45 -62.87
CA SER A 30 -92.83 82.91 -64.32
CA SER A 31 -91.23 84.49 -61.21
CA ALA A 32 -94.18 84.35 -58.85
CA LEU A 33 -92.53 82.40 -56.13
CA ALA A 34 -91.88 83.45 -52.52
CA TRP A 35 -89.80 81.44 -49.90
CA TYR A 36 -90.62 81.39 -46.12
CA GLN A 37 -88.67 80.33 -43.08
CA GLN A 38 -90.67 78.89 -40.15
CA LYS A 39 -88.92 78.19 -36.86
CA PRO A 40 -90.83 75.48 -35.07
CA GLY A 41 -93.82 77.00 -33.29
CA LYS A 42 -93.82 80.39 -34.93
CA ALA A 43 -95.37 82.29 -37.64
CA PRO A 44 -93.67 81.86 -41.05
CA ARG A 45 -91.27 84.66 -42.20
CA LEU A 46 -90.68 86.02 -45.70
CA LEU A 47 -87.13 85.63 -47.04
CA ILE A 48 -87.47 85.96 -50.81
CA TYR A 49 -90.28 87.20 -53.14
CA ASP A 50 -90.41 87.25 -57.00
CA ALA A 51 -88.03 84.20 -57.04
CA SER A 52 -84.94 86.25 -56.29
CA ASN A 53 -85.62 89.49 -54.31
CA LEU A 54 -84.49 89.38 -50.63
CA GLU A 55 -86.90 90.96 -48.24
CA SER A 56 -85.37 93.89 -46.23
CA GLY A 57 -83.42 92.72 -43.12
CA VAL A 58 -82.88 89.06 -44.37
CA PRO A 59 -79.18 88.02 -44.22
CA SER A 60 -77.21 88.23 -47.42
CA ARG A 61 -76.41 84.44 -47.22
CA PHE A 62 -79.93 83.63 -48.48
CA SER A 63 -80.41 83.77 -52.29
CA GLY A 64 -83.06 82.35 -54.68
CA SER A 65 -83.12 81.53 -58.39
CA GLY A 66 -85.37 80.02 -61.08
CA SER A 67 -88.03 81.00 -63.52
CA GLY A 68 -90.82 79.05 -65.15
CA THR A 69 -91.05 75.81 -63.26
CA ASP A 70 -87.83 75.15 -61.24
CA PHE A 71 -86.69 77.35 -58.35
CA THR A 72 -83.72 77.03 -55.88
CA LEU A 73 -83.15 78.62 -52.48
CA THR A 74 -79.40 78.58 -51.50
CA ILE A 75 -78.08 79.23 -47.96
CA SER A 76 -74.43 79.86 -48.69
CA SER A 77 -72.91 79.32 -45.21
CA LEU A 78 -75.33 77.49 -42.95
CA GLN A 79 -75.47 78.93 -39.45
CA PRO A 80 -77.17 77.29 -36.20
CA GLU A 81 -79.93 79.85 -36.28
CA ASP A 82 -80.91 78.55 -39.73
CA PHE A 83 -82.65 75.46 -38.24
CA ALA A 84 -86.20 75.74 -39.58
CA ILE A 85 -88.73 74.34 -42.08
CA TYR A 86 -88.54 76.24 -45.40
CA TYR A 87 -91.64 76.63 -47.77
CA CYS A 88 -92.12 77.88 -51.27
CA GLN A 89 -95.48 79.37 -52.31
CA GLN A 90 -96.75 80.32 -55.85
CA PHE A 91 -98.95 83.39 -56.48
CA ASN A 92 -99.41 83.12 -60.19
CA SER A 93 -102.78 81.38 -59.89
CA TYR A 94 -105.61 81.00 -57.38
CA PRO A 95 -105.73 78.85 -55.11
CA LEU A 96 -102.40 80.13 -53.91
CA THR A 97 -100.42 77.00 -52.96
CA PHE A 98 -97.50 76.01 -50.75
CA GLY A 99 -94.93 73.34 -51.13
CA GLY A 100 -94.58 70.59 -48.52
CA GLY A 101 -91.48 71.86 -46.58
CA THR A 102 -87.79 71.12 -46.29
CA LYS A 103 -86.69 70.73 -42.65
CA VAL A 104 -83.03 71.73 -42.21
CA GLU A 105 -81.34 70.30 -39.07
CA ILE A 106 -77.73 71.29 -38.07
CA LYS A 107 -74.95 68.59 -37.78
CA ARG A 108 -72.42 69.10 -34.96
CA THR A 109 -70.08 67.21 -32.57
CA VAL A 110 -71.46 64.75 -29.97
CA ALA A 111 -72.43 66.23 -26.66
CA ALA A 112 -73.21 64.01 -23.71
CA PRO A 113 -76.29 64.84 -21.70
CA SER A 114 -76.57 66.21 -18.17
CA VAL A 115 -79.06 63.92 -16.39
CA PHE A 116 -81.41 64.96 -13.59
CA ILE A 117 -84.18 63.04 -11.80
CA PHE A 118 -87.08 64.57 -9.83
CA PRO A 119 -89.36 62.83 -7.25
CA PRO A 120 -93.21 63.43 -7.13
CA SER A 121 -94.08 66.61 -5.28
CA ASP A 122 -96.11 66.43 -2.07
CA GLU A 123 -99.28 67.99 -3.32
CA GLN A 124 -99.15 65.71 -6.29
CA LEU A 125 -99.17 62.57 -4.05
CA LYS A 126 -102.14 64.28 -2.28
CA SER A 127 -104.17 63.75 -5.54
CA GLY A 128 -103.42 60.02 -5.53
CA THR A 129 -100.82 60.15 -8.48
CA ALA A 130 -97.06 60.29 -8.73
CA SER A 131 -95.06 61.55 -11.73
CA VAL A 132 -91.31 60.93 -11.67
CA VAL A 133 -89.31 62.99 -14.24
CA CYS A 134 -85.85 62.26 -15.68
CA LEU A 135 -84.20 65.13 -17.62
CA LEU A 136 -81.42 64.72 -20.18
CA ASN A 137 -80.24 68.25 -20.90
CA ASN A 138 -78.35 69.49 -23.91
CA PHE A 139 -77.08 66.69 -26.05
CA TYR A 140 -76.22 65.83 -29.64
CA PRO A 141 -77.15 63.53 -31.66
CA ARG A 142 -80.86 63.22 -30.72
CA GLU A 143 -80.86 59.44 -30.20
CA ALA A 144 -80.70 58.41 -26.51
CA LYS A 145 -82.37 55.62 -24.47
CA VAL A 146 -83.99 56.14 -21.03
CA GLN A 147 -84.78 53.07 -18.94
CA TRP A 148 -86.71 53.20 -15.68
CA LYS A 149 -86.02 50.65 -12.96
CA VAL A 150 -88.09 50.62 -9.73
CA ASP A 151 -86.63 48.29 -7.04
CA ASN A 152 -83.54 47.75 -9.10
CA ALA A 153 -83.96 45.73 -12.35
CA LEU A 154 -87.76 45.72 -12.15
CA GLN A 155 -87.46 47.95 -15.12
CA SER A 156 -90.71 49.28 -16.44
CA GLY A 157 -92.84 50.02 -19.59
CA ASN A 158 -95.28 52.95 -18.43
CA SER A 159 -93.38 56.19 -19.34
CA GLN A 160 -93.79 58.95 -21.93
CA GLU A 161 -91.07 61.10 -23.57
CA SER A 162 -90.80 64.60 -25.02
CA VAL A 163 -87.82 66.02 -26.97
CA THR A 164 -87.39 69.69 -27.72
CA GLU A 165 -86.47 70.99 -31.25
CA GLN A 166 -82.84 71.89 -32.02
CA ASP A 167 -81.55 74.91 -30.16
CA SER A 168 -80.63 77.78 -32.52
CA LYS A 169 -77.60 78.66 -30.44
CA ASP A 170 -75.78 75.35 -29.77
CA SER A 171 -77.68 72.76 -31.87
CA THR A 172 -78.62 70.44 -28.99
CA TYR A 173 -81.79 68.68 -27.87
CA SER A 174 -83.12 68.13 -24.36
CA LEU A 175 -85.49 65.28 -23.41
CA SER A 176 -87.87 64.37 -20.53
CA SER A 177 -89.20 61.01 -19.58
CA THR A 178 -92.16 60.98 -17.18
CA LEU A 179 -92.95 57.79 -15.33
CA THR A 180 -96.49 57.89 -13.92
CA LEU A 181 -97.78 55.57 -11.25
CA SER A 182 -100.54 55.80 -8.65
CA LYS A 183 -99.77 57.03 -5.04
CA ALA A 184 -100.24 53.41 -3.84
CA ASP A 185 -97.89 52.00 -6.50
CA TYR A 186 -95.25 54.55 -5.67
CA GLU A 187 -95.74 53.83 -1.90
CA LYS A 188 -94.60 50.30 -2.25
CA HIS A 189 -91.24 50.66 -3.90
CA LYS A 190 -88.16 52.54 -2.66
CA VAL A 191 -85.34 52.82 -5.30
CA TYR A 192 -86.47 54.79 -8.37
CA ALA A 193 -83.86 55.08 -11.12
CA CYS A 194 -83.33 56.57 -14.58
CA GLU A 195 -80.64 54.85 -16.71
CA VAL A 196 -79.36 56.72 -19.77
CA THR A 197 -77.56 55.54 -22.87
CA HIS A 198 -76.21 58.00 -25.43
CA GLN A 199 -73.11 58.13 -27.68
CA GLY A 200 -71.23 60.87 -25.75
CA LEU A 201 -71.22 58.97 -22.45
CA SER A 202 -68.53 56.32 -21.76
CA SER A 203 -70.87 54.28 -19.58
CA PRO A 204 -74.71 54.22 -19.08
CA VAL A 205 -75.61 56.83 -16.46
CA THR A 206 -78.02 56.22 -13.54
CA LYS A 207 -79.71 58.82 -11.35
CA SER A 208 -81.66 57.26 -8.50
CA PHE A 209 -83.42 58.34 -5.34
CA ASN A 210 -84.90 56.62 -2.35
CA ARG A 211 -88.61 57.07 -1.53
CA GLY A 212 -88.24 59.04 1.73
CA GLU A 213 -86.11 62.10 0.61
CA CYS A 214 -84.82 64.90 2.97
CA GLU B 1 -16.25 100.10 59.10
CA LEU B 2 -17.08 96.40 58.81
CA VAL B 3 -16.14 95.25 55.34
CA MET B 4 -18.55 93.02 53.37
CA THR B 5 -16.90 91.03 50.58
CA GLN B 6 -18.94 89.04 48.04
CA SER B 7 -17.77 86.10 46.04
CA PRO B 8 -17.89 85.87 43.03
CA SER B 9 -18.24 89.16 41.19
CA SER B 10 -19.94 87.49 38.18
CA LEU B 11 -21.50 84.13 37.35
CA SER B 12 -23.26 82.83 34.22
CA ALA B 13 -25.44 79.75 34.72
CA SER B 14 -28.23 78.03 32.78
CA VAL B 15 -31.84 78.09 33.91
CA GLY B 16 -32.52 75.25 36.32
CA ASP B 17 -29.02 75.51 37.80
CA ARG B 18 -28.50 76.06 41.48
CA VAL B 19 -26.33 79.11 42.25
CA ASN B 20 -24.70 80.08 45.59
CA ILE B 21 -23.22 83.61 46.26
CA ALA B 22 -21.04 84.08 49.37
CA CYS B 23 -20.61 87.20 51.50
CA ARG B 24 -17.99 87.56 54.28
CA ALA B 25 -18.14 89.99 57.13
CA SER B 26 -14.61 91.14 58.22
CA GLN B 27 -15.85 90.30 61.76
CA GLY B 28 -18.90 88.72 63.44
CA ILE B 29 -22.33 90.22 62.75
CA SER B 30 -24.51 87.43 64.21
CA SER B 31 -27.53 87.30 61.83
CA ALA B 32 -27.69 90.95 60.84
CA LEU B 33 -27.43 90.45 57.16
CA ALA B 34 -29.97 91.39 54.45
CA TRP B 35 -29.72 90.44 50.67
CA TYR B 36 -31.01 92.72 47.83
CA GLN B 37 -31.74 92.12 44.18
CA GLN B 38 -31.20 95.07 41.80
CA LYS B 39 -32.30 94.77 38.19
CA PRO B 40 -30.18 97.12 36.11
CA GLY B 41 -31.57 100.63 36.36
CA LYS B 42 -33.92 100.13 39.27
CA ALA B 43 -34.15 100.55 42.90
CA PRO B 44 -32.79 97.58 44.92
CA ARG B 45 -35.34 95.06 46.34
CA LEU B 46 -35.27 93.17 49.63
CA LEU B 47 -35.18 89.36 49.34
CA ILE B 48 -33.89 88.17 52.69
CA TYR B 49 -33.41 89.85 56.14
CA ASP B 50 -31.86 88.39 59.37
CA ALA B 51 -29.67 86.07 57.19
CA SER B 52 -32.49 83.66 56.47
CA ASN B 53 -36.01 85.22 56.58
CA LEU B 54 -37.67 85.68 53.11
CA GLU B 55 -39.48 88.93 52.70
CA SER B 56 -43.23 88.49 51.88
CA GLY B 57 -43.89 87.91 48.13
CA VAL B 58 -40.28 86.74 47.29
CA PRO B 59 -40.24 83.38 45.42
CA SER B 60 -39.58 80.28 47.48
CA ARG B 61 -36.50 79.46 45.30
CA PHE B 62 -34.46 82.12 47.16
CA SER B 63 -32.94 81.02 50.51
CA GLY B 64 -30.12 82.38 52.72
CA SER B 65 -27.88 80.90 55.40
CA GLY B 66 -24.95 81.79 57.68
CA SER B 67 -24.23 83.29 61.04
CA GLY B 68 -21.22 85.07 62.42
CA THR B 69 -19.05 85.90 59.46
CA ASP B 70 -20.01 83.73 56.41
CA PHE B 71 -23.38 83.99 54.65
CA THR B 72 -24.77 82.25 51.48
CA LEU B 73 -27.69 83.18 49.23
CA THR B 74 -28.90 80.16 47.13
CA ILE B 75 -31.19 80.42 44.07
CA SER B 76 -32.28 76.82 43.72
CA SER B 77 -33.55 76.82 40.11
CA LEU B 78 -32.29 79.86 38.23
CA GLN B 79 -34.95 81.49 36.07
CA PRO B 80 -34.43 84.27 33.23
CA GLU B 81 -36.03 86.88 35.41
CA ASP B 82 -33.27 86.32 37.97
CA PHE B 83 -30.74 88.35 35.93
CA ALA B 84 -29.65 91.07 38.36
CA ILE B 85 -26.82 92.30 40.62
CA TYR B 86 -27.21 90.86 44.16
CA TYR B 87 -25.88 92.76 47.33
CA CYS B 88 -25.48 91.84 50.95
CA GLN B 89 -25.62 94.54 53.62
CA GLN B 90 -24.75 94.32 57.40
CA PHE B 91 -26.72 96.22 60.08
CA ASN B 92 -24.87 95.11 63.15
CA SER B 93 -22.70 98.24 63.25
CA TYR B 94 -22.73 101.82 61.97
CA PRO B 95 -21.72 102.74 59.16
CA LEU B 96 -24.08 100.26 57.65
CA THR B 97 -22.13 98.68 54.75
CA PHE B 98 -22.81 96.85 51.49
CA GLY B 99 -20.87 94.24 49.69
CA GLY B 100 -19.57 94.84 46.17
CA GLY B 101 -22.17 92.86 44.11
CA THR B 102 -22.48 89.57 42.27
CA LYS B 103 -23.85 90.02 38.74
CA VAL B 104 -25.73 86.91 37.58
CA GLU B 105 -26.12 86.57 33.77
CA ILE B 106 -28.23 83.73 32.19
CA LYS B 107 -26.58 81.19 29.77
CA ARG B 108 -28.74 80.04 26.83
CA THR B 109 -28.56 78.78 23.20
CA VAL B 110 -27.11 80.98 20.41
CA ALA B 111 -29.54 83.27 18.70
CA ALA B 112 -28.58 85.08 15.53
CA PRO B 113 -29.43 88.74 15.31
CA SER B 114 -32.01 90.50 13.14
CA VAL B 115 -30.15 93.38 11.47
CA PHE B 116 -31.65 96.72 10.46
CA ILE B 117 -30.05 99.88 9.04
CA PHE B 118 -31.55 103.39 9.12
CA PRO B 119 -30.52 106.43 6.97
CA PRO B 120 -30.23 110.02 8.45
CA SER B 121 -33.60 111.74 8.70
CA ASP B 122 -34.28 114.86 6.68
CA GLU B 123 -34.44 117.34 9.49
CA GLN B 124 -31.25 115.90 10.84
CA LEU B 125 -29.36 116.68 7.57
CA LYS B 126 -30.93 120.20 7.91
CA SER B 127 -28.67 120.70 11.03
CA GLY B 128 -25.55 119.83 9.06
CA THR B 129 -25.05 116.27 10.65
CA ALA B 130 -25.94 112.75 9.64
CA SER B 131 -26.29 109.76 12.00
CA VAL B 132 -26.62 106.33 10.38
CA VAL B 133 -27.86 103.56 12.77
CA CYS B 134 -27.42 99.79 12.43
CA LEU B 135 -29.55 97.63 14.78
CA LEU B 136 -28.79 94.04 15.75
CA ASN B 137 -31.89 92.83 17.57
CA ASN B 138 -32.20 89.95 19.96
CA PHE B 139 -29.14 87.79 19.99
CA TYR B 140 -27.13 85.51 22.26
CA PRO B 141 -24.07 85.43 23.17
CA ARG B 142 -23.32 89.17 23.53
CA GLU B 143 -20.18 89.21 21.35
CA ALA B 144 -20.80 90.51 17.81
CA LYS B 145 -18.78 92.72 15.41
CA VAL B 146 -20.25 95.62 13.36
CA GLN B 147 -18.19 97.05 10.51
CA TRP B 148 -19.19 100.13 8.55
CA LYS B 149 -18.19 100.49 4.92
CA VAL B 150 -18.99 103.69 2.96
CA ASP B 151 -18.34 103.32 -0.82
CA ASN B 152 -17.73 99.64 -0.43
CA ALA B 153 -14.53 98.62 1.45
CA LEU B 154 -13.75 102.16 2.58
CA GLN B 155 -14.60 100.80 5.94
CA SER B 156 -14.50 103.28 8.73
CA GLY B 157 -13.41 103.99 12.39
CA ASN B 158 -15.92 106.83 13.61
CA SER B 159 -18.84 104.88 15.20
CA GLN B 160 -20.16 104.34 18.74
CA GLU B 161 -22.01 101.29 20.15
CA SER B 162 -24.59 100.64 22.86
CA VAL B 163 -25.75 97.19 24.10
CA THR B 164 -28.79 96.67 26.25
CA GLU B 165 -28.73 94.47 29.43
CA GLN B 166 -30.04 90.88 29.24
CA ASP B 167 -33.76 90.61 28.67
CA SER B 168 -35.55 88.94 31.61
CA LYS B 169 -37.87 87.07 29.28
CA ASP B 170 -35.62 85.52 26.59
CA SER B 171 -32.04 86.29 27.76
CA THR B 172 -30.94 88.18 24.66
CA TYR B 173 -29.10 91.45 24.00
CA SER B 174 -29.73 94.06 21.33
CA LEU B 175 -27.06 96.48 20.05
CA SER B 176 -26.87 99.76 18.07
CA SER B 177 -23.98 101.21 16.19
CA THR B 178 -24.24 104.88 15.22
CA LEU B 179 -21.99 106.20 12.50
CA THR B 180 -21.85 109.99 12.60
CA LEU B 181 -20.57 112.15 9.79
CA SER B 182 -21.20 115.73 8.69
CA LYS B 183 -23.93 116.55 6.03
CA ALA B 184 -21.08 117.29 3.55
CA ASP B 185 -19.29 114.00 4.28
CA TYR B 186 -22.49 112.05 3.87
CA GLU B 187 -23.27 114.00 0.61
CA LYS B 188 -20.25 112.65 -1.10
CA HIS B 189 -20.65 108.93 -0.74
CA LYS B 190 -23.53 106.70 -1.93
CA VAL B 191 -23.36 103.07 -0.59
CA TYR B 192 -23.60 102.96 3.21
CA ALA B 193 -23.35 99.47 4.71
CA CYS B 194 -23.38 97.67 8.06
CA GLU B 195 -21.60 94.26 8.10
CA VAL B 196 -22.32 91.94 11.03
CA THR B 197 -20.43 88.98 12.41
CA HIS B 198 -21.89 86.84 15.20
CA GLN B 199 -21.79 83.08 16.05
CA GLY B 200 -25.43 82.29 15.09
CA LEU B 201 -25.08 83.53 11.50
CA SER B 202 -23.62 81.22 8.80
CA SER B 203 -22.15 84.15 6.86
CA PRO B 204 -21.44 87.85 7.74
CA VAL B 205 -24.61 89.86 7.09
CA THR B 206 -24.70 93.21 5.24
CA LYS B 207 -27.50 95.77 5.22
CA SER B 208 -26.83 98.64 2.82
CA PHE B 209 -28.66 101.57 1.32
CA ASN B 210 -28.00 104.06 -1.42
CA ARG B 211 -27.90 107.80 -0.62
CA GLY B 212 -31.05 108.87 -2.52
CA GLU B 213 -33.79 106.63 -0.91
CA CYS B 214 -37.51 106.54 -2.00
CA GLN C 1 -96.72 98.28 -32.37
CA VAL C 2 -98.45 96.08 -29.75
CA LYS C 3 -97.49 93.66 -32.50
CA LEU C 4 -98.29 94.77 -36.13
CA LEU C 5 -100.92 92.14 -37.04
CA GLU C 6 -102.35 90.51 -33.82
CA GLN C 7 -104.89 87.71 -33.52
CA SER C 8 -107.58 86.55 -31.03
CA GLY C 9 -106.40 83.52 -28.96
CA ALA C 10 -107.54 79.91 -29.07
CA GLU C 11 -110.33 78.07 -29.05
CA VAL C 12 -112.11 74.82 -28.65
CA LYS C 13 -115.35 74.42 -30.60
CA LYS C 14 -117.69 71.41 -30.75
CA PRO C 15 -118.03 69.66 -34.21
CA GLY C 16 -120.91 71.41 -36.10
CA ALA C 17 -120.27 74.82 -34.45
CA SER C 18 -118.77 77.98 -35.99
CA VAL C 19 -115.58 79.85 -35.00
CA LYS C 20 -114.79 83.56 -35.55
CA VAL C 21 -111.08 84.53 -35.61
CA SER C 22 -110.04 88.23 -35.56
CA CYS C 23 -106.90 90.00 -36.77
CA LYS C 24 -106.24 93.59 -35.54
CA ALA C 25 -103.82 95.68 -37.68
CA SER C 26 -101.71 98.32 -35.79
CA GLY C 27 -98.96 100.75 -37.03
CA TYR C 28 -99.74 100.82 -40.81
CA SER C 29 -102.70 102.29 -42.83
CA PHE C 30 -105.28 99.42 -42.62
CA THR C 31 -107.33 100.29 -45.78
CA SER C 32 -104.23 100.48 -48.11
CA TYR C 33 -103.56 96.66 -48.05
CA GLY C 34 -105.40 93.34 -48.35
CA LEU C 35 -105.23 90.56 -45.72
CA HIS C 36 -104.83 86.86 -46.59
CA TRP C 37 -106.06 83.96 -44.36
CA VAL C 38 -103.96 80.75 -44.21
CA ARG C 39 -104.19 77.63 -42.02
CA GLN C 40 -101.77 74.88 -40.95
CA ALA C 41 -103.26 71.56 -39.73
CA PRO C 42 -100.89 69.48 -37.49
CA GLY C 43 -97.96 67.98 -39.48
CA GLN C 44 -99.30 69.47 -42.73
CA ARG C 45 -98.43 72.18 -45.21
CA LEU C 46 -99.91 75.68 -45.11
CA GLU C 47 -103.24 75.97 -46.96
CA TRP C 48 -104.49 79.28 -48.39
CA MET C 49 -108.20 79.92 -47.47
CA GLY C 50 -109.04 83.43 -48.75
CA TRP C 51 -108.28 87.19 -48.95
CA ILE C 52 -110.13 90.45 -48.10
CA SER C 53 -109.38 93.99 -49.42
CA ALA C 54 -109.56 96.27 -46.28
CA GLY C 55 -110.50 99.29 -48.50
CA THR C 56 -113.46 97.84 -50.53
CA GLY C 57 -114.48 94.83 -48.35
CA ASN C 58 -114.15 92.58 -51.49
CA THR C 59 -113.54 88.94 -51.05
CA LYS C 60 -111.73 86.02 -52.71
CA TYR C 61 -111.60 82.48 -51.39
CA SER C 62 -110.51 78.89 -51.96
CA GLN C 63 -113.36 76.75 -53.36
CA LYS C 64 -112.27 74.02 -50.86
CA PHE C 65 -114.18 76.24 -48.29
CA ARG C 66 -117.13 77.04 -50.67
CA GLY C 67 -120.30 77.79 -48.70
CA ARG C 68 -118.71 77.74 -45.17
CA VAL C 69 -116.09 80.57 -44.96
CA THR C 70 -116.90 84.33 -44.52
CA PHE C 71 -114.47 87.35 -44.47
CA THR C 72 -115.40 90.69 -42.86
CA ARG C 73 -113.47 93.88 -41.92
CA ASP C 74 -114.39 96.54 -39.33
CA THR C 75 -112.60 99.48 -40.96
CA SER C 76 -113.06 101.80 -37.87
CA ALA C 77 -111.67 99.23 -35.32
CA THR C 78 -109.04 98.25 -37.95
CA THR C 79 -109.79 94.52 -37.51
CA ALA C 80 -110.50 91.80 -40.09
CA TYR C 81 -112.35 88.55 -39.23
CA MET C 82 -112.77 85.13 -40.73
CA GLY C 83 -115.88 83.07 -39.88
CA LEU C 84 -115.64 79.27 -40.41
CA SER C 85 -118.97 77.35 -40.15
CA SER C 86 -119.89 73.62 -39.85
CA LEU C 87 -116.69 72.71 -38.01
CA ARG C 88 -115.31 69.20 -38.54
CA PRO C 89 -112.46 67.58 -36.46
CA GLU C 90 -110.06 68.15 -39.47
CA ASP C 91 -110.47 71.96 -39.03
CA THR C 92 -108.17 71.62 -35.93
CA ALA C 93 -105.34 73.86 -37.16
CA VAL C 94 -103.48 77.14 -36.55
CA TYR C 95 -105.26 80.00 -38.43
CA TYR C 96 -102.99 82.87 -39.54
CA CYS C 97 -103.88 86.18 -41.09
CA ALA C 98 -101.03 87.59 -43.24
CA ARG C 99 -100.61 90.88 -45.12
CA ASP C 100 -100.82 91.38 -48.91
CA PRO C 101 -98.13 94.14 -49.49
CA TYR C 102 -99.92 95.47 -52.64
CA GLY C 103 -103.74 95.19 -52.05
CA GLY C 104 -104.39 93.11 -55.24
CA GLY C 105 -105.07 89.57 -53.85
CA LYS C 106 -102.22 87.60 -55.46
CA SER C 107 -98.97 88.17 -53.60
CA GLU C 108 -96.30 86.84 -51.26
CA PHE C 109 -97.21 87.68 -47.59
CA ASP C 110 -94.77 90.10 -45.84
CA TYR C 111 -96.27 90.32 -42.25
CA TRP C 112 -97.96 87.41 -40.49
CA GLY C 113 -100.18 87.39 -37.42
CA GLN C 114 -99.13 84.96 -34.62
CA GLY C 115 -101.78 82.26 -35.23
CA THR C 116 -104.86 81.09 -33.28
CA LEU C 117 -105.23 77.38 -32.72
CA VAL C 118 -108.86 76.27 -33.12
CA THR C 119 -109.39 72.76 -31.79
CA VAL C 120 -112.61 70.99 -32.86
CA SER C 121 -113.68 68.51 -30.10
CA SER C 122 -116.46 66.93 -27.94
CA ALA C 123 -114.03 64.78 -25.80
CA SER C 124 -114.50 67.32 -23.06
CA PRO C 125 -112.32 70.48 -22.56
CA THR C 126 -110.26 70.31 -19.29
CA SER C 127 -108.05 73.08 -17.76
CA PRO C 128 -104.42 72.22 -16.66
CA LYS C 129 -103.54 71.62 -12.98
CA VAL C 130 -100.09 73.15 -12.36
CA PHE C 131 -97.73 71.39 -9.88
CA PRO C 132 -94.25 72.45 -8.61
CA LEU C 133 -91.13 70.40 -9.44
CA SER C 134 -88.51 71.27 -6.75
CA LEU C 135 -85.76 69.46 -4.72
CA CYS C 136 -84.63 70.16 -1.11
CA SER C 137 -80.96 68.88 -0.91
CA THR C 138 -81.62 66.15 -3.60
CA GLN C 139 -80.03 68.16 -6.54
CA PRO C 140 -76.19 68.33 -7.08
CA ASP C 141 -74.23 71.15 -5.23
CA GLY C 142 -73.71 73.98 -7.82
CA ASN C 143 -76.68 74.23 -10.28
CA VAL C 144 -80.48 74.24 -9.58
CA VAL C 145 -83.27 72.64 -11.72
CA ILE C 146 -86.85 73.68 -10.87
CA ALA C 147 -89.96 73.15 -12.99
CA CYS C 148 -93.75 73.29 -13.41
CA LEU C 149 -95.74 70.17 -14.40
CA VAL C 150 -98.78 71.43 -16.48
CA GLN C 151 -101.02 68.36 -16.07
CA GLY C 152 -104.28 66.88 -17.45
CA PHE C 153 -105.51 69.38 -20.05
CA PHE C 154 -107.51 69.10 -23.31
CA PRO C 155 -107.31 70.19 -26.02
CA GLN C 156 -103.53 70.89 -26.66
CA GLU C 157 -103.88 74.62 -27.77
CA PRO C 158 -101.02 77.25 -27.48
CA LEU C 159 -99.45 77.08 -23.99
CA SER C 160 -97.46 80.26 -23.07
CA VAL C 161 -95.00 79.45 -20.22
CA THR C 162 -92.91 82.33 -18.84
CA TRP C 163 -90.61 82.29 -15.72
CA SER C 164 -90.02 85.30 -13.30
CA GLU C 165 -86.16 85.06 -13.58
CA SER C 166 -84.27 85.60 -16.93
CA GLY C 167 -80.47 85.94 -17.63
CA GLN C 168 -77.26 84.66 -19.38
CA GLY C 169 -76.86 81.31 -17.48
CA VAL C 170 -80.63 80.75 -16.76
CA THR C 171 -81.98 78.24 -19.38
CA ALA C 172 -85.72 77.61 -19.93
CA ARG C 173 -86.81 74.32 -21.61
CA ASN C 174 -90.49 74.03 -22.64
CA PHE C 175 -91.19 70.27 -23.31
CA PRO C 176 -93.83 69.68 -26.12
CA PRO C 177 -97.31 68.25 -25.09
CA SER C 178 -97.41 64.44 -24.60
CA GLN C 179 -100.81 62.69 -24.96
CA ASP C 180 -102.04 60.00 -22.43
CA ALA C 181 -103.86 57.01 -24.17
CA SER C 182 -106.55 57.68 -26.92
CA GLY C 183 -106.88 61.53 -26.74
CA ASP C 184 -107.80 61.43 -22.97
CA LEU C 185 -105.46 64.09 -21.40
CA TYR C 186 -102.31 66.08 -22.46
CA THR C 187 -99.35 66.83 -20.07
CA THR C 188 -96.38 69.26 -20.64
CA SER C 189 -93.45 70.16 -18.31
CA SER C 190 -91.59 73.56 -18.27
CA GLN C 191 -88.05 73.42 -16.71
CA LEU C 192 -85.81 76.32 -15.49
CA THR C 193 -82.06 75.41 -15.06
CA LEU C 194 -80.08 78.24 -13.24
CA PRO C 195 -76.89 78.53 -11.03
CA ALA C 196 -77.37 77.77 -7.25
CA THR C 197 -76.05 81.32 -6.39
CA GLN C 198 -79.03 82.71 -8.48
CA CYS C 199 -81.61 80.38 -6.74
CA LEU C 200 -80.75 80.31 -2.97
CA ALA C 201 -82.59 78.24 -0.24
CA GLY C 202 -85.77 80.00 1.08
CA LYS C 203 -86.25 81.97 -2.23
CA SER C 204 -88.75 81.15 -5.06
CA VAL C 205 -89.20 81.64 -8.88
CA THR C 206 -92.72 82.18 -10.36
CA CYS C 207 -93.89 80.15 -13.39
CA HIS C 208 -96.67 81.93 -15.42
CA VAL C 209 -98.82 79.55 -17.56
CA LYS C 210 -101.33 80.83 -20.17
CA HIS C 211 -103.53 78.12 -21.79
CA TYR C 212 -105.28 79.69 -24.97
CA THR C 213 -107.13 83.00 -24.27
CA ASN C 214 -107.83 81.93 -20.63
CA PRO C 215 -106.50 83.95 -17.59
CA SER C 216 -102.84 83.32 -16.52
CA GLN C 217 -102.27 80.56 -13.89
CA ASP C 218 -99.29 81.43 -11.64
CA VAL C 219 -97.26 79.10 -9.33
CA THR C 220 -94.47 80.13 -6.95
CA VAL C 221 -91.83 77.32 -7.23
CA PRO C 222 -89.14 77.02 -4.42
CA CYS C 223 -87.30 77.23 -4.79
CA PRO C 224 -85.46 77.43 -5.17
CA VAL C 225 -83.69 74.06 -4.36
CA PRO C 226 -79.83 74.09 -3.67
CA SER C 227 -78.96 71.24 -6.07
CA THR C 228 -76.03 71.89 -8.45
CA PRO C 229 -75.03 68.84 -10.88
CA PRO C 230 -72.84 66.78 -11.49
CA THR C 231 -72.83 64.35 -9.24
CA PRO C 232 -72.31 61.33 -9.07
CA SER C 233 -68.61 59.98 -8.71
CA PRO C 234 -66.62 57.62 -11.30
CA SER C 235 -63.33 56.88 -9.30
CA THR C 236 -60.75 58.06 -12.21
CA PRO C 237 -57.22 56.43 -10.86
CA PRO C 238 -53.54 57.80 -10.34
CA THR C 239 -50.49 56.00 -12.05
CA PRO C 240 -47.20 55.27 -10.01
CA SER C 241 -43.51 55.20 -10.87
CA PRO C 242 -41.51 53.42 -7.98
CA SER C 243 -37.66 53.11 -8.81
CA CYS C 244 -34.52 53.51 -6.22
CA CYS C 245 -35.58 51.07 -3.40
CA HIS C 246 -33.64 48.14 -4.77
CA PRO C 247 -31.16 46.99 -2.08
CA ARG C 248 -28.83 44.28 -3.60
CA LEU C 249 -25.31 43.40 -2.17
CA SER C 250 -22.81 41.97 -4.76
CA LEU C 251 -19.14 40.82 -4.39
CA HIS C 252 -17.02 40.88 -7.62
CA ARG C 253 -13.79 38.74 -7.22
CA PRO C 254 -10.19 39.71 -8.35
CA ALA C 255 -9.11 38.70 -11.96
CA LEU C 256 -6.72 35.67 -12.43
CA GLU C 257 -4.22 37.29 -14.91
CA ASP C 258 -3.69 40.53 -12.81
CA LEU C 259 -3.20 38.70 -9.43
CA LEU C 260 -0.67 36.23 -11.03
CA LEU C 261 1.31 38.80 -13.16
CA GLY C 262 2.59 41.37 -10.57
CA SER C 263 0.32 40.78 -7.44
CA GLU C 264 -2.59 43.08 -8.56
CA ALA C 265 -5.89 41.91 -6.93
CA ASN C 266 -8.91 43.95 -5.67
CA LEU C 267 -12.01 42.33 -4.11
CA THR C 268 -14.87 44.70 -4.92
CA CYS C 269 -18.01 45.27 -2.81
CA THR C 270 -21.08 46.78 -4.53
CA LEU C 271 -24.34 47.81 -2.71
CA THR C 272 -27.10 48.23 -5.34
CA GLY C 273 -30.70 49.12 -4.21
CA LEU C 274 -30.22 51.59 -1.26
CA ARG C 275 -33.36 53.90 -1.59
CA ASP C 276 -33.57 57.78 -1.15
CA ALA C 277 -31.87 59.85 1.72
CA SER C 278 -29.27 57.22 2.65
CA GLY C 279 -25.63 56.09 3.38
CA VAL C 280 -23.75 52.71 3.62
CA THR C 281 -21.13 51.72 6.29
CA PHE C 282 -18.56 49.09 5.22
CA THR C 283 -16.62 46.59 7.47
CA TRP C 284 -13.88 44.60 5.57
CA THR C 285 -11.67 41.82 7.12
CA PRO C 286 -7.88 42.56 6.64
CA SER C 287 -5.70 40.49 4.19
CA SER C 288 -3.12 38.03 5.74
CA GLY C 289 -0.14 40.48 6.22
CA LYS C 290 -2.22 42.79 8.56
CA SER C 291 -3.66 44.98 5.70
CA ALA C 292 -7.13 46.70 5.47
CA VAL C 293 -7.42 49.64 2.95
CA GLN C 294 -10.78 50.94 1.45
CA GLY C 295 -12.29 53.76 -0.80
CA PRO C 296 -16.16 54.07 -0.82
CA PRO C 297 -17.97 56.60 -3.19
CA GLU C 298 -21.83 56.89 -3.50
CA ARG C 299 -23.01 56.63 -7.15
CA ASP C 300 -26.72 57.08 -8.19
CA LEU C 301 -27.33 54.24 -10.78
CA CYS C 302 -30.78 53.88 -12.58
CA GLY C 303 -32.29 56.36 -10.06
CA CYS C 304 -30.85 55.14 -6.66
CA TYR C 305 -27.53 55.13 -4.60
CA SER C 306 -24.75 52.44 -4.85
CA VAL C 307 -21.87 52.39 -2.24
CA SER C 308 -19.08 50.62 -4.15
CA SER C 309 -16.04 50.08 -1.92
CA VAL C 310 -12.78 48.28 -2.96
CA LEU C 311 -10.16 46.39 -0.87
CA PRO C 312 -6.69 46.06 -2.61
CA GLY C 313 -5.03 42.62 -2.00
CA CYS C 314 -1.75 40.70 -2.49
CA ALA C 315 -1.27 37.34 -4.37
CA GLU C 316 -0.26 35.27 -1.22
CA PRO C 317 -3.62 35.56 0.77
CA TRP C 318 -5.60 34.63 -2.44
CA ASN C 319 -3.20 31.70 -3.42
CA HIS C 320 -2.76 30.23 0.16
CA GLY C 321 -6.47 30.45 1.33
CA LYS C 322 -7.90 33.66 2.93
CA THR C 323 -11.65 34.50 3.54
CA PHE C 324 -12.56 38.11 2.55
CA THR C 325 -15.69 39.39 4.33
CA CYS C 326 -17.50 42.59 3.27
CA THR C 327 -20.03 43.36 6.04
CA ALA C 328 -22.27 46.33 5.25
CA ALA C 329 -24.56 48.11 7.84
CA TYR C 330 -27.59 50.44 7.04
CA PRO C 331 -30.64 51.32 9.35
CA GLU C 332 -33.39 50.23 6.83
CA SER C 333 -31.49 46.85 6.42
CA LYS C 334 -32.46 45.34 9.87
CA THR C 335 -29.81 42.54 9.51
CA PRO C 336 -26.38 44.04 8.42
CA LEU C 337 -25.34 42.05 5.27
CA THR C 338 -22.19 39.95 5.42
CA ALA C 339 -20.73 38.48 2.14
CA THR C 340 -17.52 36.35 2.34
CA LEU C 341 -15.25 35.25 -0.53
CA SER C 342 -12.08 33.01 -0.93
CA LYS C 343 -10.36 30.31 -3.14
CA SER C 344 -12.15 27.04 -4.25
CA GLY C 345 -12.17 23.35 -3.08
CA ASN C 346 -9.62 20.69 -1.90
CA THR C 347 -6.21 20.37 -3.76
CA PHE C 348 -4.98 17.72 -6.34
CA ARG C 349 -1.40 17.32 -7.84
CA PRO C 350 -1.21 18.05 -11.66
CA GLU C 351 -0.06 15.13 -13.84
CA VAL C 352 2.20 16.72 -16.57
CA HIS C 353 2.82 14.61 -19.75
CA LEU C 354 4.75 16.14 -22.72
CA LEU C 355 3.62 14.94 -26.19
CA PRO C 356 5.87 15.19 -29.33
CA PRO C 357 4.31 16.14 -32.74
CA PRO C 358 2.31 13.68 -34.90
CA SER C 359 4.17 12.00 -37.85
CA GLU C 360 1.89 13.83 -40.39
CA GLU C 361 2.72 17.32 -38.87
CA LEU C 362 6.41 16.71 -39.87
CA ALA C 363 5.13 17.11 -43.49
CA LEU C 364 4.53 20.76 -42.32
CA ASN C 365 7.40 23.35 -41.90
CA GLU C 366 7.25 26.76 -40.02
CA LEU C 367 5.57 25.47 -36.78
CA VAL C 368 5.94 22.01 -35.08
CA THR C 369 3.25 21.47 -32.50
CA LEU C 370 4.87 20.59 -29.10
CA THR C 371 2.06 19.74 -26.66
CA CYS C 372 2.02 19.37 -22.85
CA LEU C 373 -1.08 17.96 -21.09
CA ALA C 374 -1.62 19.08 -17.45
CA ARG C 375 -4.46 16.85 -16.10
CA GLY C 376 -6.23 15.83 -12.85
CA PHE C 377 -5.42 19.14 -11.05
CA SER C 378 -7.45 21.26 -8.52
CA PRO C 379 -8.14 24.03 -7.91
CA LYS C 380 -8.11 25.47 -11.51
CA ASP C 381 -5.43 27.91 -10.38
CA VAL C 382 -2.24 27.06 -12.39
CA LEU C 383 0.64 28.65 -14.43
CA VAL C 384 2.17 26.85 -17.41
CA ARG C 385 5.24 28.22 -19.32
CA TRP C 386 7.71 26.86 -21.93
CA LEU C 387 11.54 26.97 -22.05
CA GLN C 388 14.18 26.36 -24.76
CA GLY C 389 17.20 24.19 -23.67
CA SER C 390 19.26 25.08 -26.83
CA GLN C 391 19.51 28.86 -25.98
CA GLU C 392 18.94 28.61 -22.14
CA LEU C 393 15.95 31.02 -22.51
CA PRO C 394 12.12 31.23 -22.14
CA ARG C 395 10.08 30.73 -25.36
CA GLU C 396 7.57 32.96 -27.21
CA LYS C 397 5.35 31.08 -29.70
CA TYR C 398 3.07 29.22 -27.26
CA LEU C 399 -0.66 29.28 -26.39
CA THR C 400 -2.52 27.67 -23.38
CA TRP C 401 -6.28 26.75 -23.47
CA ALA C 402 -8.71 25.59 -20.62
CA SER C 403 -11.08 22.74 -19.43
CA ARG C 404 -12.86 22.41 -15.99
CA GLN C 405 -14.27 18.81 -15.84
CA GLU C 406 -17.70 18.43 -14.05
CA PRO C 407 -20.40 15.80 -15.01
CA SER C 408 -23.41 14.55 -12.88
CA GLN C 409 -21.10 12.39 -10.63
CA GLY C 410 -18.62 13.21 -7.79
CA THR C 411 -15.67 13.34 -10.30
CA THR C 412 -14.58 17.05 -10.68
CA THR C 413 -10.89 18.08 -11.47
CA PHE C 414 -9.36 20.20 -14.37
CA ALA C 415 -7.31 19.59 -17.55
CA VAL C 416 -5.45 21.96 -19.95
CA THR C 417 -3.28 21.52 -23.06
CA SER C 418 -0.44 23.99 -23.83
CA ILE C 419 0.82 24.33 -27.44
CA LEU C 420 4.45 25.44 -28.20
CA ARG C 421 4.91 25.92 -31.95
CA VAL C 422 8.55 25.53 -33.29
CA ALA C 423 10.42 25.35 -36.64
CA ALA C 424 10.57 21.67 -37.89
CA GLU C 425 14.42 22.00 -38.06
CA ASP C 426 15.15 22.88 -34.33
CA TRP C 427 13.16 19.83 -33.09
CA LYS C 428 15.28 17.68 -35.56
CA LYS C 429 18.51 19.51 -34.45
CA GLY C 430 17.85 17.58 -31.17
CA ASP C 431 16.69 20.51 -29.01
CA THR C 432 15.19 19.94 -25.54
CA PHE C 433 12.02 22.00 -24.85
CA SER C 434 10.50 21.94 -21.33
CA CYS C 435 6.97 22.65 -20.11
CA MET C 436 7.11 24.20 -16.58
CA VAL C 437 3.91 23.85 -14.47
CA GLY C 438 3.34 25.81 -11.21
CA HIS C 439 0.49 24.73 -8.93
CA GLU C 440 -0.56 24.76 -5.18
CA ALA C 441 -0.18 20.91 -4.89
CA LEU C 442 3.22 20.50 -6.70
CA PRO C 443 6.26 19.45 -4.51
CA LEU C 444 8.15 22.81 -4.59
CA ALA C 445 5.08 24.56 -6.16
CA PHE C 446 6.93 23.81 -9.43
CA THR C 447 7.51 20.83 -11.77
CA GLN C 448 9.05 20.73 -15.26
CA LYS C 449 8.66 17.88 -17.83
CA THR C 450 10.95 17.81 -20.93
CA ILE C 451 10.57 17.00 -24.71
CA ASP C 452 13.31 16.26 -27.30
CA ARG C 453 13.73 14.35 -30.65
CA LEU C 454 15.89 11.86 -28.57
CA ALA C 455 14.13 8.69 -27.24
CA GLY C 456 16.13 6.16 -25.11
CA LYS C 457 13.94 3.12 -24.25
CA PRO C 458 15.06 2.21 -20.68
CA THR C 459 12.46 4.16 -20.59
CA HIS C 460 11.26 7.83 -20.13
CA VAL C 461 13.89 9.49 -17.76
CA ASN C 462 14.79 13.22 -17.07
CA VAL C 463 17.83 15.72 -17.19
CA SER C 464 20.58 15.87 -14.44
CA VAL C 465 20.94 18.23 -11.32
CA VAL C 466 21.71 21.79 -12.67
CA MET C 467 22.78 24.14 -9.77
CA ALA C 468 23.91 23.69 -6.07
CA GLU C 469 24.05 25.35 -3.36
CA VAL C 470 22.89 29.11 -3.32
CA ASP C 471 19.23 28.30 -2.34
CA GLY C 472 17.79 31.83 -1.57
CA THR C 473 17.81 31.63 2.29
CA CYS C 474 21.57 30.73 2.45
CA TYR C 475 22.80 33.02 -0.48
CA GLN D 1 -50.27 104.70 46.40
CA VAL D 2 -48.98 107.23 43.82
CA LYS D 3 -45.94 105.13 44.64
CA LEU D 4 -45.29 104.44 48.40
CA LEU D 5 -41.99 106.34 48.85
CA GLU D 6 -41.52 108.86 45.94
CA GLN D 7 -38.58 111.16 45.26
CA SER D 8 -37.94 114.58 43.59
CA GLY D 9 -36.36 114.20 40.11
CA ALA D 10 -32.86 115.02 38.93
CA GLU D 11 -30.59 117.48 39.02
CA VAL D 12 -27.47 119.11 37.81
CA LYS D 13 -25.61 121.26 40.32
CA LYS D 14 -22.35 123.18 39.86
CA PRO D 15 -19.32 122.01 42.01
CA GLY D 16 -19.47 123.95 45.35
CA ALA D 17 -23.30 124.22 45.34
CA SER D 18 -25.82 122.36 47.55
CA VAL D 19 -28.61 119.95 46.51
CA LYS D 20 -31.85 119.18 48.38
CA VAL D 21 -33.52 115.83 47.62
CA SER D 22 -37.06 115.07 48.93
CA CYS D 23 -38.85 111.81 49.66
CA LYS D 24 -42.68 111.88 50.08
CA ALA D 25 -44.22 108.89 51.97
CA SER D 26 -47.80 107.86 50.92
CA GLY D 27 -50.09 104.96 52.12
CA TYR D 28 -48.44 104.16 55.51
CA SER D 29 -48.27 106.11 58.84
CA PHE D 30 -45.21 108.40 58.24
CA THR D 31 -44.26 109.05 61.95
CA SER D 32 -44.19 105.28 62.88
CA TYR D 33 -40.97 104.51 60.84
CA GLY D 34 -37.49 105.89 60.19
CA LEU D 35 -36.12 106.68 56.70
CA HIS D 36 -32.59 105.78 55.59
CA TRP D 37 -30.63 107.67 52.83
CA VAL D 38 -28.31 105.65 50.52
CA ARG D 39 -26.38 106.60 47.37
CA GLN D 40 -24.91 104.70 44.41
CA ALA D 41 -22.13 106.37 42.39
CA PRO D 42 -21.71 105.03 38.78
CA GLY D 43 -20.24 101.47 38.74
CA GLN D 44 -19.96 101.46 42.54
CA ARG D 45 -21.56 99.77 45.53
CA LEU D 46 -24.37 101.34 47.57
CA GLU D 47 -23.14 103.64 50.34
CA TRP D 48 -25.20 104.37 53.47
CA MET D 49 -25.32 108.17 54.27
CA GLY D 50 -27.73 108.57 57.21
CA TRP D 51 -31.14 107.98 58.84
CA ILE D 52 -33.96 110.17 60.27
CA SER D 53 -36.73 109.14 62.72
CA ALA D 54 -39.98 110.67 61.26
CA GLY D 55 -41.56 110.78 64.78
CA THR D 56 -38.79 112.59 66.80
CA GLY D 57 -36.76 114.26 63.95
CA ASN D 58 -33.57 112.58 65.40
CA THR D 59 -30.66 112.02 63.15
CA LYS D 60 -27.82 109.56 62.57
CA TYR D 61 -25.22 109.80 59.81
CA SER D 62 -22.07 108.39 58.26
CA GLN D 63 -18.96 110.33 59.40
CA LYS D 64 -17.79 110.22 55.72
CA PHE D 65 -20.35 113.11 55.28
CA ARG D 66 -19.44 114.87 58.61
CA GLY D 67 -20.19 118.60 58.41
CA ARG D 68 -21.92 118.59 54.95
CA VAL D 69 -25.11 116.41 55.19
CA THR D 70 -28.45 117.52 56.83
CA PHE D 71 -31.69 115.46 57.34
CA THR D 72 -35.09 117.13 57.87
CA ARG D 73 -38.72 115.90 57.90
CA ASP D 74 -41.92 117.91 57.32
CA THR D 75 -44.28 115.77 59.40
CA SER D 76 -47.49 117.55 58.08
CA ALA D 77 -46.55 117.18 54.33
CA THR D 78 -45.22 113.67 55.15
CA THR D 79 -41.91 114.36 53.33
CA ALA D 80 -38.30 113.82 54.44
CA TYR D 81 -35.35 115.71 52.88
CA MET D 82 -31.60 115.32 52.68
CA GLY D 83 -29.43 118.39 52.09
CA LEU D 84 -25.89 117.79 50.69
CA SER D 85 -23.54 120.83 50.73
CA SER D 86 -20.15 121.61 49.10
CA LEU D 87 -20.81 119.40 46.07
CA ARG D 88 -17.80 117.75 44.43
CA PRO D 89 -17.82 115.91 41.01
CA GLU D 90 -17.67 112.53 42.93
CA ASP D 91 -21.13 113.27 44.46
CA THR D 92 -22.59 112.41 40.97
CA ALA D 93 -24.73 109.44 42.05
CA VAL D 94 -28.30 108.15 42.42
CA TYR D 95 -29.69 109.14 45.88
CA TYR D 96 -32.29 106.77 47.34
CA CYS D 97 -34.40 107.11 50.42
CA ALA D 98 -35.44 103.69 51.87
CA ARG D 99 -37.67 102.72 54.78
CA ASP D 100 -36.56 101.40 58.21
CA PRO D 101 -39.38 98.83 59.02
CA TYR D 102 -38.90 99.25 62.83
CA GLY D 103 -38.02 102.97 63.51
CA GLY D 104 -34.74 102.17 65.41
CA GLY D 105 -32.01 103.19 62.86
CA LYS D 106 -30.25 99.84 62.31
CA SER D 107 -32.25 97.65 59.95
CA GLU D 108 -32.61 96.09 56.50
CA PHE D 109 -34.63 98.46 54.18
CA ASP D 110 -38.04 97.05 53.03
CA TYR D 111 -39.32 99.89 50.69
CA TRP D 112 -37.08 102.00 48.49
CA GLY D 113 -37.79 105.28 46.72
CA GLN D 114 -37.01 105.33 42.95
CA GLY D 115 -33.75 107.37 43.11
CA THR D 116 -32.81 110.91 42.02
CA LEU D 117 -29.67 111.31 39.98
CA VAL D 118 -27.71 114.41 41.03
CA THR D 119 -25.00 115.25 38.51
CA VAL D 120 -22.28 117.67 39.68
CA SER D 121 -20.94 119.66 36.64
CA SER D 122 -19.78 122.99 35.08
CA ALA D 123 -19.29 121.53 31.51
CA SER D 124 -22.54 123.19 30.58
CA PRO D 125 -26.04 121.57 30.89
CA THR D 126 -27.66 121.01 27.42
CA SER D 127 -31.24 119.73 26.70
CA PRO D 128 -31.74 116.83 24.16
CA LYS D 129 -32.88 117.49 20.56
CA VAL D 130 -35.27 114.66 19.58
CA PHE D 131 -35.25 113.42 15.94
CA PRO D 132 -37.48 110.82 14.20
CA LEU D 133 -36.02 107.54 12.87
CA SER D 134 -38.48 106.27 10.17
CA LEU D 135 -38.31 104.50 6.75
CA CYS D 136 -40.64 104.97 3.72
CA SER D 137 -40.41 101.64 1.71
CA THR D 138 -36.76 101.01 2.90
CA GLN D 139 -37.71 98.48 5.69
CA PRO D 140 -38.52 94.75 4.90
CA ASP D 141 -42.21 93.86 4.01
CA GLY D 142 -43.78 92.46 7.27
CA ASN D 143 -42.35 94.19 10.40
CA VAL D 144 -41.78 97.93 11.13
CA VAL D 145 -38.87 99.54 13.09
CA ILE D 146 -39.32 103.22 14.10
CA ALA D 147 -37.30 105.15 16.65
CA CYS D 148 -36.40 108.46 18.35
CA LEU D 149 -32.79 109.73 18.40
CA VAL D 150 -32.38 111.72 21.73
CA GLN D 151 -29.32 113.78 20.74
CA GLY D 152 -26.71 116.12 22.30
CA PHE D 153 -27.61 116.31 26.00
CA PHE D 154 -25.60 116.80 29.23
CA PRO D 155 -25.51 115.58 31.89
CA GLN D 156 -26.73 111.90 31.45
CA GLU D 157 -29.51 111.94 34.19
CA PRO D 158 -32.61 109.57 34.19
CA LEU D 159 -34.21 109.56 30.70
CA SER D 160 -37.86 108.27 30.75
CA VAL D 161 -38.84 107.14 27.19
CA THR D 162 -42.43 105.92 26.67
CA TRP D 163 -44.17 105.09 23.31
CA SER D 164 -47.93 105.68 22.50
CA GLU D 165 -48.49 102.03 21.31
CA SER D 166 -48.05 98.97 23.66
CA GLY D 167 -48.91 95.25 23.10
CA GLN D 168 -47.81 91.55 22.86
CA GLY D 169 -45.70 91.78 19.63
CA VAL D 170 -44.63 95.48 20.06
CA THR D 171 -41.06 95.53 21.52
CA ALA D 172 -39.42 98.69 22.95
CA ARG D 173 -35.59 98.84 23.19
CA ASN D 174 -34.07 101.77 25.15
CA PHE D 175 -30.32 101.96 24.22
CA PRO D 176 -28.06 103.20 27.15
CA PRO D 177 -26.44 106.72 26.84
CA SER D 178 -23.23 106.84 24.72
CA GLN D 179 -20.75 109.69 25.36
CA ASP D 180 -19.10 111.73 22.47
CA ALA D 181 -15.34 112.54 23.15
CA SER D 182 -14.23 113.91 26.63
CA GLY D 183 -17.63 114.48 28.35
CA ASP D 184 -18.86 116.83 25.53
CA LEU D 185 -22.38 115.46 24.67
CA TYR D 186 -24.43 112.24 25.38
CA THR D 187 -26.72 110.56 22.75
CA THR D 188 -29.33 107.74 23.33
CA SER D 189 -31.72 106.04 20.84
CA SER D 190 -35.18 104.54 21.72
CA GLN D 191 -36.47 101.91 19.19
CA LEU D 192 -40.04 100.51 18.75
CA THR D 193 -40.27 97.22 16.71
CA LEU D 194 -43.95 96.30 15.83
CA PRO D 195 -45.82 94.28 13.07
CA ALA D 196 -46.56 96.22 9.78
CA THR D 197 -50.35 95.54 10.25
CA GLN D 198 -50.07 97.47 13.63
CA CYS D 199 -48.12 100.43 12.01
CA LEU D 200 -49.77 101.16 8.59
CA ALA D 201 -48.61 103.84 6.02
CA GLY D 202 -49.99 107.37 6.82
CA LYS D 203 -50.29 106.57 10.60
CA SER D 204 -47.87 107.67 13.41
CA VAL D 205 -46.66 106.54 16.92
CA THR D 206 -45.75 109.18 19.57
CA CYS D 207 -42.45 108.92 21.53
CA HIS D 208 -42.60 110.73 24.96
CA VAL D 209 -39.14 111.70 26.35
CA LYS D 210 -38.66 113.00 29.93
CA HIS D 211 -35.10 114.23 30.77
CA TYR D 212 -34.82 114.61 34.70
CA THR D 213 -37.62 116.74 36.27
CA ASN D 214 -37.97 118.79 33.03
CA PRO D 215 -41.30 118.92 31.01
CA SER D 216 -41.99 115.98 28.60
CA GLN D 217 -40.73 116.39 24.98
CA ASP D 218 -43.09 114.62 22.52
CA VAL D 219 -42.41 113.59 18.87
CA THR D 220 -44.91 112.06 16.43
CA VAL D 221 -42.86 109.53 14.37
CA PRO D 222 -44.30 108.16 11.03
CA CYS D 223 -45.06 105.94 11.12
CA PRO D 224 -45.20 104.51 10.58
CA VAL D 225 -42.92 103.06 7.77
CA PRO D 226 -44.10 99.81 5.91
CA SER D 227 -40.83 97.92 6.28
CA THR D 228 -41.10 94.31 7.53
CA PRO D 229 -37.63 92.26 7.78
CA PRO D 230 -36.05 89.92 6.60
CA THR D 231 -34.82 90.69 3.63
CA PRO D 232 -32.33 90.13 1.92
CA SER D 233 -32.11 86.84 -0.25
CA PRO D 234 -29.42 83.87 0.12
CA SER D 235 -30.31 81.63 -2.97
CA THR D 236 -30.78 78.16 -0.91
CA PRO D 237 -30.67 75.39 -3.96
CA PRO D 238 -32.93 72.30 -5.01
CA THR D 239 -31.34 68.75 -5.47
CA PRO D 240 -32.25 66.53 -8.59
CA SER D 241 -32.68 62.81 -9.17
CA PRO D 242 -32.72 62.07 -13.03
CA SER D 243 -32.98 58.20 -13.78
CA CYS D 244 -35.09 56.39 -16.80
CA CYS D 245 -33.83 58.38 -19.87
CA HIS D 246 -31.11 55.92 -20.76
CA PRO D 247 -31.73 54.68 -24.34
CA ARG D 248 -29.26 51.80 -25.14
CA LEU D 249 -29.86 49.13 -27.89
CA SER D 250 -28.10 45.72 -27.28
CA LEU D 251 -28.07 42.46 -29.36
CA HIS D 252 -27.29 39.22 -27.40
CA ARG D 253 -26.30 36.33 -29.80
CA PRO D 254 -27.51 32.63 -29.65
CA ALA D 255 -25.41 30.13 -27.52
CA LEU D 256 -23.07 27.61 -29.35
CA GLU D 257 -24.08 24.40 -27.40
CA ASP D 258 -27.91 24.93 -27.81
CA LEU D 259 -27.77 25.77 -31.59
CA LEU D 260 -25.50 22.68 -32.28
CA LEU D 261 -27.37 20.14 -30.01
CA GLY D 262 -30.99 20.15 -31.39
CA SER D 263 -31.20 23.45 -33.46
CA GLU D 264 -32.14 25.76 -30.49
CA ALA D 265 -31.01 29.39 -31.25
CA ASN D 266 -32.65 32.75 -30.33
CA LEU D 267 -31.14 36.14 -31.30
CA THR D 268 -32.27 38.53 -28.57
CA CYS D 269 -32.91 42.29 -28.98
CA THR D 270 -32.85 44.47 -25.84
CA LEU D 271 -33.77 48.23 -25.75
CA THR D 272 -32.44 49.71 -22.46
CA GLY D 273 -32.88 53.50 -21.77
CA LEU D 274 -36.37 54.38 -23.20
CA ARG D 275 -37.57 57.24 -20.81
CA ASP D 276 -41.14 57.78 -19.31
CA ALA D 277 -44.52 57.49 -21.29
CA SER D 278 -43.15 55.36 -24.14
CA GLY D 279 -43.26 52.28 -26.50
CA VAL D 280 -40.80 50.49 -28.88
CA THR D 281 -41.59 49.13 -32.42
CA PHE D 282 -39.41 46.22 -33.63
CA THR D 283 -38.55 45.24 -37.27
CA TRP D 284 -36.63 41.87 -37.57
CA THR D 285 -35.30 40.35 -40.86
CA PRO D 286 -36.62 36.73 -41.41
CA SER D 287 -34.29 33.65 -41.09
CA SER D 288 -33.33 31.79 -44.37
CA GLY D 289 -36.37 29.38 -44.65
CA LYS D 290 -38.89 32.35 -44.79
CA SER D 291 -39.34 32.61 -40.95
CA ALA D 292 -39.98 35.77 -38.80
CA VAL D 293 -41.51 35.16 -35.27
CA GLN D 294 -41.30 37.69 -32.31
CA GLY D 295 -42.53 38.29 -28.66
CA PRO D 296 -41.93 41.83 -27.18
CA PRO D 297 -42.81 42.65 -23.47
CA GLU D 298 -42.05 46.07 -21.77
CA ARG D 299 -40.09 45.65 -18.49
CA ASP D 300 -39.23 48.64 -16.18
CA LEU D 301 -35.52 48.02 -15.16
CA CYS D 302 -33.70 50.41 -12.68
CA GLY D 303 -36.57 52.94 -13.09
CA CYS D 304 -37.19 52.94 -16.93
CA TYR D 305 -38.76 50.75 -19.74
CA SER D 306 -36.91 47.97 -21.72
CA VAL D 307 -38.56 46.40 -24.86
CA SER D 308 -36.86 42.99 -25.06
CA SER D 309 -37.97 41.08 -28.16
CA VAL D 310 -36.70 37.60 -29.24
CA LEU D 311 -36.46 35.95 -32.73
CA PRO D 312 -36.24 32.07 -32.61
CA GLY D 313 -33.82 30.64 -35.26
CA CYS D 314 -32.67 27.34 -36.85
CA ALA D 315 -29.04 25.98 -37.02
CA GLU D 316 -28.70 26.22 -40.91
CA PRO D 317 -29.01 30.12 -41.26
CA TRP D 318 -26.44 30.58 -38.39
CA ASN D 319 -23.99 27.85 -39.74
CA HIS D 320 -24.24 28.82 -43.51
CA GLY D 321 -24.06 32.69 -43.11
CA LYS D 322 -27.23 34.81 -42.46
CA THR D 323 -27.37 38.52 -41.31
CA PHE D 324 -29.96 39.13 -38.52
CA THR D 325 -31.11 42.77 -38.33
CA CYS D 326 -33.10 44.16 -35.37
CA THR D 327 -34.33 47.61 -36.44
CA ALA D 328 -36.14 49.49 -33.66
CA ALA D 329 -38.23 52.71 -34.19
CA TYR D 330 -39.30 55.27 -31.45
CA PRO D 331 -40.32 59.03 -31.90
CA GLU D 332 -37.71 60.48 -29.40
CA SER D 333 -34.98 58.42 -31.25
CA LYS D 334 -34.81 60.61 -34.47
CA THR D 335 -32.79 57.91 -36.35
CA PRO D 336 -34.45 54.41 -35.94
CA LEU D 337 -31.65 52.09 -34.61
CA THR D 338 -30.56 49.17 -36.77
CA ALA D 339 -28.27 46.44 -35.25
CA THR D 340 -27.20 43.49 -37.48
CA LEU D 341 -25.58 40.20 -36.40
CA SER D 342 -24.14 37.03 -38.18
CA LYS D 343 -21.25 34.42 -38.20
CA SER D 344 -17.50 35.45 -38.18
CA GLY D 345 -14.69 35.78 -40.83
CA ASN D 346 -13.39 33.78 -43.89
CA THR D 347 -13.13 29.90 -43.67
CA PHE D 348 -10.02 27.60 -43.19
CA ARG D 349 -9.87 23.72 -43.35
CA PRO D 350 -9.02 22.03 -39.94
CA GLU D 351 -5.81 19.93 -39.90
CA VAL D 352 -6.62 16.86 -37.70
CA HIS D 353 -3.61 14.89 -36.27
CA LEU D 354 -4.19 12.00 -33.78
CA LEU D 355 -1.48 11.57 -31.11
CA PRO D 356 -0.94 8.26 -29.18
CA PRO D 357 -0.05 8.35 -25.42
CA PRO D 358 3.46 9.18 -24.10
CA SER D 359 5.72 6.20 -23.10
CA GLU D 360 5.66 7.35 -19.39
CA GLU D 361 1.77 7.38 -19.31
CA LEU D 362 1.87 3.58 -20.02
CA ALA D 363 3.27 3.30 -16.43
CA LEU D 364 -0.31 4.51 -15.50
CA ASN D 365 -3.42 2.18 -15.62
CA GLU D 366 -7.16 3.25 -15.54
CA LEU D 367 -6.96 6.03 -18.22
CA VAL D 368 -4.67 6.21 -21.33
CA THR D 369 -4.61 9.68 -22.80
CA LEU D 370 -5.59 9.54 -26.53
CA THR D 371 -5.18 13.05 -27.99
CA CYS D 372 -6.39 14.61 -31.26
CA LEU D 373 -5.13 18.07 -32.31
CA ALA D 374 -7.48 20.10 -34.58
CA ARG D 375 -5.42 23.12 -35.77
CA GLY D 376 -5.43 26.01 -38.31
CA PHE D 377 -9.27 26.16 -38.52
CA SER D 378 -11.70 29.15 -38.94
CA PRO D 379 -14.25 30.16 -37.92
CA LYS D 380 -14.06 28.75 -34.32
CA ASP D 381 -17.30 26.89 -35.02
CA VAL D 382 -16.45 23.11 -34.84
CA LEU D 383 -17.70 19.73 -33.41
CA VAL D 384 -15.24 17.04 -32.31
CA ARG D 385 -16.39 13.54 -31.16
CA TRP D 386 -14.70 10.17 -30.47
CA LEU D 387 -15.61 6.61 -31.62
CA GLN D 388 -14.58 3.07 -30.57
CA GLY D 389 -13.78 0.66 -33.48
CA SER D 390 -13.75 -2.46 -31.19
CA GLN D 391 -17.51 -2.16 -30.22
CA GLU D 392 -18.72 -0.10 -33.29
CA LEU D 393 -20.02 2.60 -30.86
CA PRO D 394 -19.47 6.26 -29.78
CA ARG D 395 -17.26 6.80 -26.68
CA GLU D 396 -17.92 8.45 -23.28
CA LYS D 397 -14.74 9.38 -21.36
CA TYR D 398 -13.56 12.36 -23.45
CA LEU D 399 -13.12 16.11 -22.87
CA THR D 400 -12.49 18.95 -25.45
CA TRP D 401 -10.78 22.31 -24.54
CA ALA D 402 -10.35 25.62 -26.60
CA SER D 403 -7.76 28.13 -28.08
CA ARG D 404 -8.47 31.12 -30.46
CA GLN D 405 -5.01 32.29 -31.77
CA GLU D 406 -4.62 36.13 -32.24
CA PRO D 407 -1.29 38.07 -31.75
CA SER D 408 -0.36 41.62 -33.07
CA GLN D 409 0.13 40.31 -36.69
CA GLY D 410 -2.32 39.23 -39.48
CA THR D 411 -2.09 35.53 -38.37
CA THR D 412 -5.47 34.56 -36.71
CA THR D 413 -6.92 30.93 -36.83
CA PHE D 414 -7.96 28.46 -33.98
CA ALA D 415 -6.60 25.28 -32.35
CA VAL D 416 -8.15 22.72 -29.91
CA THR D 417 -6.99 19.47 -28.30
CA SER D 418 -9.52 16.68 -27.49
CA ILE D 419 -8.64 14.10 -24.80
CA LEU D 420 -10.14 10.53 -24.90
CA ARG D 421 -9.16 8.61 -21.75
CA VAL D 422 -9.10 4.73 -22.05
CA ALA D 423 -8.01 1.65 -20.02
CA ALA D 424 -4.29 0.82 -20.76
CA GLU D 425 -5.38 -2.74 -21.77
CA ASP D 426 -7.83 -1.85 -24.67
CA TRP D 427 -5.18 0.31 -26.41
CA LYS D 428 -2.77 -2.72 -26.11
CA LYS D 429 -5.57 -5.13 -27.25
CA GLY D 430 -5.04 -3.30 -30.61
CA ASP D 431 -8.24 -1.22 -30.64
CA THR D 432 -8.81 1.52 -33.24
CA PHE D 433 -10.18 4.80 -31.78
CA SER D 434 -11.20 7.61 -34.19
CA CYS D 435 -11.53 11.37 -33.67
CA MET D 436 -14.37 12.74 -35.89
CA VAL D 437 -14.18 16.50 -36.70
CA GLY D 438 -17.10 18.43 -38.28
CA HIS D 439 -16.42 21.91 -39.68
CA GLU D 440 -17.72 24.38 -42.38
CA ALA D 441 -14.51 23.96 -44.54
CA LEU D 442 -14.21 20.10 -44.38
CA PRO D 443 -14.85 18.16 -47.70
CA LEU D 444 -18.23 16.56 -46.71
CA ALA D 445 -18.43 18.82 -43.58
CA PHE D 446 -16.87 15.77 -41.87
CA THR D 447 -13.42 14.16 -41.52
CA GLN D 448 -12.26 11.32 -39.23
CA LYS D 449 -8.61 10.49 -38.31
CA THR D 450 -7.82 7.16 -36.57
CA ILE D 451 -5.49 5.93 -33.72
CA ASP D 452 -4.41 2.34 -32.86
CA ARG D 453 -1.45 0.51 -31.14
CA LEU D 454 -0.59 -0.75 -34.73
CA ALA D 455 2.08 1.25 -36.69
CA GLY D 456 3.01 0.14 -40.28
CA LYS D 457 5.86 2.34 -41.65
CA PRO D 458 4.95 2.72 -45.37
CA THR D 459 3.79 5.23 -43.67
CA HIS D 460 0.63 6.69 -41.94
CA VAL D 461 -2.41 5.34 -44.01
CA ASN D 462 -6.19 4.97 -43.15
CA VAL D 463 -9.05 2.27 -42.93
CA SER D 464 -10.93 0.89 -46.05
CA VAL D 465 -14.36 1.94 -47.63
CA VAL D 466 -17.14 0.87 -45.14
CA MET D 467 -20.64 1.18 -46.79
CA ALA D 468 -22.00 1.62 -50.43
CA GLU D 469 -24.60 2.68 -51.92
CA VAL D 470 -27.68 3.94 -49.83
CA ASP D 471 -26.53 7.63 -49.77
CA GLY D 472 -29.63 9.44 -48.28
CA THR D 473 -31.02 10.97 -51.55
CA CYS D 474 -31.14 7.55 -53.36
CA TYR D 475 -32.26 5.36 -50.32
CA GLU E 1 74.00 -43.23 77.94
CA LEU E 2 75.09 -41.86 74.58
CA VAL E 3 72.05 -41.64 72.35
CA MET E 4 72.27 -42.84 68.72
CA THR E 5 69.59 -41.41 66.43
CA GLN E 6 69.10 -42.67 62.86
CA SER E 7 67.54 -40.78 60.02
CA PRO E 8 65.23 -41.75 58.35
CA SER E 9 63.14 -44.49 59.92
CA SER E 10 62.02 -45.84 56.49
CA LEU E 11 62.97 -45.38 52.85
CA SER E 12 61.69 -47.01 49.66
CA ALA E 13 64.00 -46.73 46.64
CA SER E 14 64.33 -48.50 43.29
CA VAL E 15 67.16 -50.87 42.49
CA GLY E 16 70.15 -48.97 41.16
CA ASP E 17 69.41 -45.99 43.41
CA ARG E 18 71.99 -44.68 45.81
CA VAL E 19 70.73 -44.52 49.42
CA ASN E 20 72.32 -42.73 52.41
CA ILE E 21 71.24 -43.39 56.09
CA ALA E 22 72.47 -40.98 58.79
CA CYS E 23 73.24 -41.72 62.44
CA ARG E 24 73.99 -39.03 65.07
CA ALA E 25 75.82 -39.56 68.30
CA SER E 26 74.52 -37.20 71.08
CA GLN E 27 78.26 -36.47 71.66
CA GLY E 28 81.62 -37.31 70.05
CA ILE E 29 82.56 -40.98 69.60
CA SER E 30 85.57 -40.54 67.27
CA SER E 31 85.30 -43.53 64.86
CA ALA E 32 83.71 -46.06 67.21
CA LEU E 33 80.71 -46.81 65.14
CA ALA E 34 79.67 -50.15 63.60
CA TRP E 35 76.69 -50.69 61.13
CA TYR E 36 74.55 -53.91 61.06
CA GLN E 37 72.13 -55.33 58.56
CA GLN E 38 69.21 -57.39 59.93
CA LYS E 39 66.95 -59.26 57.55
CA PRO E 40 63.58 -59.69 59.20
CA GLY E 41 63.71 -62.66 61.56
CA LYS E 42 67.43 -63.16 61.68
CA ALA E 43 70.41 -62.36 63.67
CA PRO E 44 72.01 -58.98 62.82
CA ARG E 45 75.12 -58.99 60.54
CA LEU E 46 78.20 -56.76 60.66
CA LEU E 47 78.81 -54.64 57.56
CA ILE E 48 81.11 -51.86 58.73
CA TYR E 49 83.25 -51.30 61.89
CA ASP E 50 85.37 -48.23 62.91
CA ALA E 51 82.98 -46.00 60.85
CA SER E 52 84.47 -46.99 57.51
CA ASN E 53 86.08 -50.49 57.47
CA LEU E 54 84.07 -53.14 55.53
CA GLU E 55 83.94 -56.49 57.20
CA SER E 56 85.40 -59.35 55.03
CA GLY E 57 82.85 -60.77 52.51
CA VAL E 58 80.50 -57.66 52.55
CA PRO E 59 79.77 -56.35 49.02
CA SER E 60 81.81 -53.40 47.82
CA ARG E 61 78.57 -51.35 47.28
CA PHE E 62 78.36 -50.70 51.06
CA SER E 63 80.52 -47.82 52.39
CA GLY E 64 80.47 -45.73 55.61
CA SER E 65 81.79 -42.31 56.59
CA GLY E 66 81.84 -39.85 59.51
CA SER E 67 83.83 -39.03 62.58
CA GLY E 68 82.90 -37.32 65.80
CA THR E 69 79.15 -37.14 65.85
CA ASP E 70 77.71 -37.66 62.30
CA PHE E 71 78.04 -40.92 60.37
CA THR E 72 76.62 -42.06 56.94
CA LEU E 73 76.14 -45.52 55.48
CA THR E 74 75.80 -45.42 51.62
CA ILE E 75 74.51 -48.32 49.48
CA SER E 76 75.65 -47.20 46.06
CA SER E 77 73.40 -49.37 43.83
CA LEU E 78 70.50 -50.78 45.80
CA GLN E 79 69.79 -54.42 45.02
CA PRO E 80 66.55 -56.56 46.05
CA GLU E 81 68.57 -58.52 48.55
CA ASP E 82 69.29 -55.26 50.40
CA PHE E 83 65.79 -55.20 51.97
CA ALA E 84 66.54 -55.10 55.71
CA ILE E 85 66.56 -52.92 58.85
CA TYR E 86 69.97 -51.22 59.27
CA TYR E 87 71.38 -50.23 62.81
CA CYS E 88 74.31 -48.20 63.98
CA GLN E 89 75.91 -48.95 67.36
CA GLN E 90 78.56 -46.90 69.32
CA PHE E 91 81.34 -48.57 71.36
CA ASN E 92 83.09 -45.53 72.68
CA SER E 93 81.27 -45.63 76.02
CA TYR E 94 79.40 -48.11 78.21
CA PRO E 95 76.37 -48.82 77.98
CA LEU E 96 77.00 -49.69 74.38
CA THR E 97 73.99 -48.30 72.48
CA PHE E 98 72.14 -48.86 69.21
CA GLY E 99 70.25 -46.52 67.01
CA GLY E 100 66.56 -47.05 66.29
CA GLY E 101 66.76 -48.58 62.75
CA THR E 102 66.21 -47.56 59.15
CA LYS E 103 63.97 -50.03 57.27
CA VAL E 104 64.79 -50.06 53.56
CA GLU E 105 61.99 -51.43 51.29
CA ILE E 106 62.51 -51.93 47.49
CA LYS E 107 60.26 -50.05 44.95
CA ARG E 108 59.31 -52.02 41.80
CA THR E 109 56.58 -52.38 39.12
CA VAL E 110 53.01 -53.47 40.06
CA ALA E 111 52.40 -57.17 40.13
CA ALA E 112 48.89 -58.54 40.38
CA PRO E 113 48.31 -61.33 42.84
CA SER E 114 47.52 -64.99 42.19
CA VAL E 115 44.49 -65.78 44.38
CA PHE E 116 43.69 -69.14 45.95
CA ILE E 117 40.94 -70.22 48.36
CA PHE E 118 40.98 -73.30 50.60
CA PRO E 119 37.98 -74.98 52.35
CA PRO E 120 38.17 -76.30 56.02
CA SER E 121 39.79 -79.73 56.20
CA ASP E 122 37.77 -82.69 57.43
CA GLU E 123 39.56 -83.27 60.68
CA GLN E 124 39.28 -79.61 61.41
CA LEU E 125 35.43 -79.72 61.17
CA LYS E 126 35.71 -82.78 63.52
CA SER E 127 36.91 -80.33 66.27
CA GLY E 128 33.84 -78.14 65.82
CA THR E 129 35.69 -75.22 63.97
CA ALA E 130 36.18 -74.23 60.36
CA SER E 131 38.98 -72.01 59.02
CA VAL E 132 38.67 -70.84 55.41
CA VAL E 133 41.91 -69.40 53.90
CA CYS E 134 42.29 -67.05 50.93
CA LEU E 135 45.85 -66.63 49.55
CA LEU E 136 47.07 -63.70 47.47
CA ASN E 137 50.50 -64.74 46.22
CA ASN E 138 53.28 -62.54 44.98
CA PHE E 139 52.16 -59.00 44.45
CA TYR E 140 53.45 -55.43 44.52
CA PRO E 141 52.56 -52.78 46.06
CA ARG E 142 51.57 -54.23 49.47
CA GLU E 143 48.12 -52.61 49.64
CA ALA E 144 45.27 -55.00 48.72
CA LYS E 145 41.73 -55.54 50.08
CA VAL E 146 40.18 -58.97 50.82
CA GLN E 147 36.43 -59.18 51.36
CA TRP E 148 34.65 -62.34 52.47
CA LYS E 149 31.09 -63.01 51.38
CA VAL E 150 29.18 -66.08 52.65
CA ASP E 151 25.85 -66.65 50.79
CA ASN E 152 26.71 -63.97 48.31
CA ALA E 153 26.75 -60.35 49.62
CA LEU E 154 26.41 -61.40 53.27
CA GLN E 155 29.90 -60.14 53.48
CA SER E 156 31.53 -60.55 56.82
CA GLY E 157 33.74 -58.90 59.56
CA ASN E 158 35.42 -62.00 61.44
CA SER E 159 38.72 -62.57 59.55
CA GLN E 160 42.42 -62.06 60.33
CA GLU E 161 45.28 -61.26 57.90
CA SER E 162 49.02 -61.92 57.71
CA VAL E 163 51.46 -60.42 55.15
CA THR E 164 54.95 -61.70 54.61
CA GLU E 165 58.01 -59.33 54.44
CA GLN E 166 59.41 -58.34 51.01
CA ASP E 167 61.02 -61.18 49.11
CA SER E 168 64.74 -60.60 48.53
CA LYS E 169 64.55 -62.06 45.04
CA ASP E 170 61.53 -60.38 43.38
CA SER E 171 60.38 -57.73 45.91
CA THR E 172 56.81 -59.01 46.34
CA TYR E 173 54.53 -59.71 49.30
CA SER E 174 52.09 -62.56 49.82
CA LEU E 175 49.04 -62.35 52.13
CA SER E 176 46.58 -64.74 53.84
CA SER E 177 43.16 -64.00 55.18
CA THR E 178 41.65 -66.61 57.50
CA LEU E 179 37.93 -66.58 58.10
CA THR E 180 37.03 -68.60 61.19
CA LEU E 181 33.55 -69.79 62.02
CA SER E 182 32.15 -72.67 64.07
CA LYS E 183 31.29 -76.08 62.40
CA ALA E 184 27.57 -75.18 62.87
CA ASP E 185 27.97 -71.73 61.30
CA TYR E 186 29.82 -73.16 58.35
CA GLU E 187 27.14 -75.94 58.03
CA LYS E 188 24.46 -73.47 57.28
CA HIS E 189 25.84 -71.55 54.37
CA LYS E 190 26.94 -72.84 50.93
CA VAL E 191 28.79 -70.21 48.78
CA TYR E 192 32.03 -69.05 50.44
CA ALA E 193 33.93 -66.38 48.50
CA CYS E 194 37.08 -64.26 48.68
CA GLU E 195 36.96 -60.98 46.70
CA VAL E 196 40.26 -59.22 46.00
CA THR E 197 41.08 -55.65 45.06
CA HIS E 198 44.61 -54.61 44.15
CA GLN E 199 46.13 -52.12 41.65
CA GLY E 200 47.50 -54.73 39.18
CA LEU E 201 44.11 -56.37 38.55
CA SER E 202 41.69 -54.86 35.99
CA SER E 203 38.64 -56.06 37.91
CA PRO E 204 38.09 -57.34 41.53
CA VAL E 205 38.80 -61.07 41.60
CA THR E 206 36.55 -63.66 43.31
CA LYS E 207 37.44 -67.25 44.25
CA SER E 208 34.46 -69.16 45.61
CA PHE E 209 33.55 -72.70 46.50
CA ASN E 210 30.39 -74.54 47.40
CA ARG E 211 30.10 -76.31 50.77
CA GLY E 212 30.00 -79.92 49.51
CA GLU E 213 33.30 -80.18 47.46
CA CYS E 214 34.44 -83.29 45.44
CA GLU F 1 37.65 -131.60 -36.68
CA LEU F 2 34.67 -129.57 -35.53
CA VAL F 3 35.63 -125.92 -35.56
CA MET F 4 34.70 -123.70 -32.59
CA THR F 5 34.65 -119.97 -33.40
CA GLN F 6 34.24 -117.33 -30.68
CA SER F 7 32.93 -113.84 -31.14
CA PRO F 8 34.37 -111.31 -30.30
CA SER F 9 38.10 -111.69 -29.80
CA SER F 10 38.22 -108.76 -27.32
CA LEU F 11 35.77 -106.63 -25.36
CA SER F 12 36.27 -103.83 -22.84
CA ALA F 13 33.29 -103.07 -20.61
CA SER F 14 32.73 -101.23 -17.31
CA VAL F 15 31.95 -103.01 -14.07
CA GLY F 16 28.22 -103.58 -13.74
CA ASP F 17 27.85 -104.09 -17.50
CA ARG F 18 26.33 -107.25 -18.89
CA VAL F 19 28.61 -109.01 -21.41
CA ASN F 20 27.71 -111.84 -23.84
CA ILE F 21 30.38 -113.96 -25.70
CA ALA F 22 29.24 -116.21 -28.56
CA CYS F 23 30.71 -119.52 -29.71
CA ARG F 24 29.67 -121.34 -32.93
CA ALA F 25 30.13 -125.00 -33.61
CA SER F 26 30.73 -125.67 -37.39
CA GLN F 27 28.02 -128.38 -36.92
CA GLY F 28 25.61 -129.58 -34.23
CA ILE F 29 27.03 -130.64 -30.85
CA SER F 30 23.77 -130.83 -28.85
CA SER F 31 24.76 -129.54 -25.37
CA ALA F 32 28.36 -130.74 -25.27
CA LEU F 33 29.96 -127.44 -24.64
CA ALA F 34 32.04 -126.36 -21.63
CA TRP F 35 33.32 -122.74 -20.94
CA TYR F 36 36.69 -121.97 -19.20
CA GLN F 37 38.12 -118.88 -17.62
CA GLN F 38 41.92 -118.41 -17.83
CA LYS F 39 43.57 -115.59 -15.91
CA PRO F 40 46.79 -114.68 -17.68
CA GLY F 41 49.51 -117.12 -16.66
CA LYS F 42 47.37 -119.74 -15.01
CA ALA F 43 45.73 -122.96 -15.63
CA PRO F 44 42.24 -122.67 -17.20
CA ARG F 45 39.20 -123.05 -14.85
CA LEU F 46 35.83 -124.67 -15.52
CA LEU F 47 32.81 -122.36 -15.25
CA ILE F 48 30.06 -124.13 -17.18
CA TYR F 49 29.63 -127.70 -18.57
CA ASP F 50 26.76 -129.16 -20.70
CA ALA F 51 26.13 -125.62 -22.13
CA SER F 52 24.32 -124.39 -19.04
CA ASN F 53 25.37 -126.16 -15.77
CA LEU F 54 27.52 -124.00 -13.41
CA GLU F 55 30.35 -125.85 -11.81
CA SER F 56 30.20 -125.83 -7.95
CA GLY F 57 31.71 -122.63 -6.40
CA VAL F 58 31.40 -120.47 -9.63
CA PRO F 59 29.61 -117.14 -8.97
CA SER F 60 25.94 -116.97 -9.84
CA ARG F 61 26.62 -114.04 -12.27
CA PHE F 62 27.96 -116.51 -14.89
CA SER F 63 25.32 -118.27 -17.04
CA GLY F 64 25.44 -120.12 -20.38
CA SER F 65 22.87 -120.97 -23.06
CA GLY F 66 22.56 -122.60 -26.50
CA SER F 67 22.03 -125.95 -28.08
CA GLY F 68 22.97 -127.32 -31.47
CA THR F 69 25.40 -124.88 -32.95
CA ASP F 70 25.18 -121.47 -31.14
CA PHE F 71 26.13 -120.98 -27.49
CA THR F 72 26.33 -117.80 -25.28
CA LEU F 73 28.15 -117.17 -22.01
CA THR F 74 26.68 -114.13 -20.12
CA ILE F 75 28.42 -112.33 -17.21
CA SER F 76 25.52 -110.36 -15.80
CA SER F 77 27.42 -107.73 -13.74
CA LEU F 78 31.06 -107.56 -14.76
CA GLN F 79 33.43 -107.32 -11.81
CA PRO F 80 37.34 -106.41 -11.88
CA GLU F 81 38.25 -109.95 -11.04
CA ASP F 82 36.54 -111.08 -14.26
CA PHE F 83 39.51 -109.93 -16.40
CA ALA F 84 40.54 -113.11 -18.24
CA ILE F 85 40.51 -114.94 -21.59
CA TYR F 86 37.36 -117.11 -21.91
CA TYR F 87 37.30 -120.39 -24.07
CA CYS F 88 34.59 -122.72 -25.22
CA GLN F 89 35.41 -126.37 -25.91
CA GLN F 90 33.22 -129.10 -27.60
CA PHE F 91 33.24 -132.76 -26.45
CA ASN F 92 30.75 -134.21 -28.86
CA SER F 93 33.46 -135.47 -31.24
CA TYR F 94 37.14 -136.38 -31.20
CA PRO F 95 39.50 -134.37 -31.61
CA LEU F 96 38.10 -132.35 -28.77
CA THR F 97 38.47 -128.71 -29.88
CA PHE F 98 38.67 -125.24 -28.32
CA GLY F 99 37.58 -121.92 -29.59
CA GLY F 100 40.07 -119.09 -30.10
CA GLY F 101 39.36 -116.98 -26.94
CA THR F 102 37.59 -113.78 -25.97
CA LYS F 103 39.81 -111.48 -23.86
CA VAL F 104 37.72 -109.32 -21.52
CA GLU F 105 39.47 -106.14 -20.26
CA ILE F 106 37.82 -103.83 -17.63
CA LYS F 107 37.11 -100.11 -18.47
CA ARG F 108 37.62 -97.61 -15.61
CA THR F 109 38.55 -93.97 -14.85
CA VAL F 110 41.98 -92.56 -15.79
CA ALA F 111 44.68 -92.99 -13.22
CA ALA F 112 47.98 -91.17 -13.56
CA PRO F 113 51.11 -93.17 -12.98
CA SER F 114 53.60 -92.98 -10.10
CA VAL F 115 57.04 -92.76 -11.77
CA PHE F 116 60.29 -94.10 -10.34
CA ILE F 117 63.81 -94.29 -11.80
CA PHE F 118 66.62 -96.59 -10.64
CA PRO F 119 70.39 -96.27 -11.38
CA PRO F 120 72.61 -99.33 -12.29
CA SER F 121 73.71 -101.25 -9.21
CA ASP F 122 77.38 -101.46 -8.33
CA GLU F 123 77.91 -105.12 -9.02
CA GLN F 124 76.17 -104.69 -12.30
CA LEU F 125 78.72 -102.02 -13.45
CA LYS F 126 81.38 -104.57 -12.28
CA SER F 127 80.25 -106.83 -15.22
CA GLY F 128 80.79 -104.03 -17.73
CA THR F 129 76.96 -103.27 -18.30
CA ALA F 130 74.52 -100.76 -16.93
CA SER F 131 70.71 -101.13 -16.91
CA VAL F 132 68.69 -98.05 -15.94
CA VAL F 133 65.00 -98.77 -15.07
CA CYS F 134 62.06 -96.35 -15.13
CA LEU F 135 58.83 -97.59 -13.44
CA LEU F 136 55.35 -96.24 -14.12
CA ASN F 137 53.17 -97.79 -11.43
CA ASN F 138 49.43 -98.24 -11.44
CA PHE F 139 47.80 -96.38 -14.25
CA TYR F 140 44.77 -96.51 -16.56
CA PRO F 141 44.40 -96.48 -19.73
CA ARG F 142 47.39 -98.62 -20.81
CA GLU F 143 48.78 -96.15 -23.37
CA ALA F 144 51.77 -94.13 -22.06
CA LYS F 145 55.04 -92.92 -23.65
CA VAL F 146 58.50 -93.18 -21.97
CA GLN F 147 61.36 -91.16 -23.43
CA TRP F 148 64.94 -91.48 -22.26
CA LYS F 149 67.28 -88.51 -22.42
CA VAL F 150 70.97 -88.83 -21.44
CA ASP F 151 72.77 -85.44 -21.18
CA ASN F 152 69.50 -83.62 -21.58
CA ALA F 153 67.82 -83.83 -25.03
CA LEU F 154 70.23 -86.48 -26.32
CA GLN F 155 67.20 -88.65 -26.16
CA SER F 156 67.77 -92.22 -27.09
CA GLY F 157 66.44 -95.32 -29.04
CA ASN F 158 68.00 -98.42 -27.11
CA SER F 159 65.34 -99.35 -24.48
CA GLN F 160 62.88 -102.21 -23.98
CA GLU F 161 59.45 -102.14 -22.26
CA SER F 162 57.28 -104.57 -20.32
CA VAL F 163 53.65 -103.98 -19.22
CA THR F 164 51.86 -106.15 -16.71
CA GLU F 165 48.29 -107.52 -17.35
CA GLN F 166 45.31 -105.73 -15.74
CA ASP F 167 45.16 -106.01 -11.98
CA SER F 168 42.07 -107.89 -10.79
CA LYS F 169 41.60 -105.54 -7.86
CA ASP F 170 41.91 -102.00 -9.31
CA SER F 171 42.13 -102.52 -13.10
CA THR F 172 45.48 -100.78 -13.62
CA TYR F 173 48.69 -101.59 -15.50
CA SER F 174 52.28 -100.99 -14.48
CA LEU F 175 55.17 -100.63 -16.97
CA SER F 176 59.00 -100.78 -16.95
CA SER F 177 61.40 -99.36 -19.44
CA THR F 178 64.99 -100.62 -19.24
CA LEU F 179 67.71 -98.61 -20.91
CA THR F 180 70.86 -100.70 -21.37
CA LEU F 181 74.26 -99.30 -22.13
CA SER F 182 77.82 -100.49 -21.56
CA LYS F 183 79.78 -99.43 -18.35
CA ALA F 184 81.92 -97.15 -20.60
CA ASP F 185 78.87 -95.55 -22.26
CA TYR F 186 77.27 -94.91 -18.90
CA GLU F 187 80.63 -93.52 -17.56
CA LYS F 188 80.60 -90.70 -19.99
CA HIS F 189 77.27 -89.07 -19.39
CA LYS F 190 75.88 -87.58 -16.14
CA VAL F 191 72.12 -86.65 -16.34
CA TYR F 192 69.95 -89.73 -16.97
CA ALA F 193 66.22 -88.99 -17.29
CA CYS F 194 62.89 -90.72 -17.87
CA GLU F 195 60.13 -88.50 -19.35
CA VAL F 196 56.54 -89.78 -19.14
CA THR F 197 53.43 -88.86 -21.07
CA HIS F 198 50.03 -90.29 -20.12
CA GLN F 199 46.45 -88.93 -20.12
CA GLY F 200 46.08 -88.57 -16.31
CA LEU F 201 49.08 -86.27 -15.91
CA SER F 202 48.70 -82.50 -16.54
CA SER F 203 52.30 -82.16 -17.75
CA PRO F 204 54.96 -84.71 -18.93
CA VAL F 205 56.81 -86.01 -15.86
CA THR F 206 60.62 -86.36 -15.60
CA LYS F 207 62.59 -88.37 -13.08
CA SER F 208 66.34 -87.82 -13.41
CA PHE F 209 69.50 -88.63 -11.52
CA ASN F 210 73.11 -87.61 -11.71
CA ARG F 211 75.81 -90.25 -12.29
CA GLY F 212 77.56 -90.05 -8.89
CA GLU F 213 74.64 -90.76 -6.42
CA CYS F 214 74.93 -90.72 -2.56
CA GLN G 1 46.33 -131.81 -1.13
CA VAL G 2 49.93 -130.80 -1.98
CA LYS G 3 47.91 -129.59 -4.96
CA LEU G 4 45.32 -132.11 -6.40
CA LEU G 5 46.88 -132.73 -9.85
CA GLU G 6 50.60 -131.64 -9.83
CA GLN G 7 53.08 -131.64 -12.71
CA SER G 8 56.88 -132.00 -13.21
CA GLY G 9 58.55 -128.60 -13.92
CA ALA G 10 60.08 -127.27 -17.11
CA GLU G 11 62.23 -128.15 -19.52
CA VAL G 12 64.45 -127.32 -22.40
CA LYS G 13 65.00 -130.08 -24.94
CA LYS G 14 67.06 -129.98 -28.15
CA PRO G 15 65.09 -130.38 -31.50
CA GLY G 16 64.91 -134.15 -32.27
CA ALA G 17 64.90 -135.19 -28.57
CA SER G 18 61.99 -136.57 -26.49
CA VAL G 19 60.36 -135.06 -23.36
CA LYS G 20 58.50 -136.93 -20.59
CA VAL G 21 56.01 -134.88 -18.53
CA SER G 22 54.45 -136.37 -15.33
CA CYS G 23 51.21 -135.61 -13.50
CA LYS G 24 50.80 -136.89 -9.89
CA ALA G 25 47.19 -137.16 -8.60
CA SER G 26 46.67 -136.59 -4.81
CA GLY G 27 43.47 -136.53 -2.64
CA TYR G 28 41.04 -138.44 -4.95
CA SER G 29 40.87 -142.16 -6.04
CA PHE G 30 43.31 -142.20 -9.04
CA THR G 31 41.89 -145.31 -10.86
CA SER G 32 38.23 -144.01 -10.85
CA TYR G 33 38.89 -141.20 -13.45
CA GLY G 34 40.61 -140.60 -16.78
CA LEU G 35 43.26 -137.88 -17.37
CA HIS G 36 43.32 -135.67 -20.47
CA TRP G 37 46.52 -134.00 -21.89
CA VAL G 38 46.23 -130.52 -23.45
CA ARG G 39 48.84 -128.02 -24.68
CA GLN G 40 48.95 -124.26 -25.28
CA ALA G 41 51.63 -122.88 -27.65
CA PRO G 42 52.48 -119.14 -27.12
CA GLY G 43 49.62 -116.84 -28.26
CA GLN G 44 47.56 -119.84 -29.40
CA ARG G 45 44.43 -121.72 -28.41
CA LEU G 46 44.46 -124.87 -26.25
CA GLU G 47 44.96 -128.07 -28.28
CA TRP G 48 43.74 -131.47 -27.04
CA MET G 49 46.48 -134.20 -27.42
CA GLY G 50 45.08 -137.36 -25.77
CA TRP G 51 43.49 -139.16 -22.80
CA ILE G 52 44.38 -142.15 -20.55
CA SER G 53 42.01 -144.22 -18.34
CA ALA G 54 43.90 -144.63 -14.98
CA GLY G 55 41.97 -147.91 -14.26
CA THR G 56 42.57 -149.86 -17.56
CA GLY G 57 45.63 -147.99 -19.01
CA ASN G 58 43.63 -147.51 -22.30
CA THR G 59 44.56 -144.71 -24.56
CA LYS G 60 42.99 -142.24 -26.99
CA TYR G 61 44.85 -139.53 -28.90
CA SER G 62 44.71 -136.78 -31.50
CA GLN G 63 45.90 -138.02 -34.93
CA LYS G 64 47.88 -134.71 -35.21
CA PHE G 65 50.38 -136.52 -32.84
CA ARG G 66 50.10 -139.95 -34.62
CA GLY G 67 53.29 -141.98 -34.15
CA ARG G 68 55.04 -139.58 -31.67
CA VAL G 69 52.90 -139.34 -28.46
CA THR G 70 52.74 -142.05 -25.69
CA PHE G 71 50.54 -142.11 -22.50
CA THR G 72 51.43 -144.24 -19.45
CA ARG G 73 50.17 -144.45 -15.83
CA ASP G 74 51.98 -145.81 -12.75
CA THR G 75 48.91 -146.89 -10.77
CA SER G 76 50.92 -147.54 -7.50
CA ALA G 77 52.71 -144.09 -7.53
CA THR G 78 49.40 -142.54 -8.74
CA THR G 79 51.17 -140.67 -11.57
CA ALA G 80 50.33 -140.44 -15.30
CA TYR G 81 52.95 -139.50 -17.95
CA MET G 82 52.95 -138.26 -21.50
CA GLY G 83 55.98 -138.93 -23.72
CA LEU G 84 56.45 -136.64 -26.79
CA SER G 85 59.12 -137.77 -29.31
CA SER G 86 60.87 -136.08 -32.29
CA LEU G 87 60.61 -132.59 -30.78
CA ARG G 88 60.31 -129.66 -33.21
CA PRO G 89 60.62 -125.91 -32.24
CA GLU G 90 56.76 -125.60 -32.58
CA ASP G 91 56.33 -128.05 -29.62
CA THR G 92 57.42 -125.11 -27.34
CA ALA G 93 54.22 -124.87 -25.28
CA VAL G 94 52.72 -125.31 -21.79
CA TYR G 95 51.59 -128.97 -21.32
CA TYR G 96 48.65 -129.48 -18.95
CA CYS G 97 47.12 -132.65 -17.63
CA ALA G 98 43.43 -132.20 -16.70
CA ARG G 99 40.89 -134.56 -15.10
CA ASP G 100 37.99 -136.35 -16.88
CA PRO G 101 35.23 -136.28 -14.13
CA TYR G 102 33.54 -139.47 -15.51
CA GLY G 103 36.34 -141.83 -16.80
CA GLY G 104 34.84 -142.15 -20.35
CA GLY G 105 37.25 -140.01 -22.50
CA LYS G 106 34.84 -137.34 -23.82
CA SER G 107 34.17 -134.71 -21.17
CA GLU G 108 34.71 -131.18 -19.90
CA PHE G 109 37.83 -131.06 -17.60
CA ASP G 110 37.07 -130.16 -13.92
CA TYR G 111 40.64 -130.11 -12.36
CA TRP G 112 43.74 -128.95 -14.20
CA GLY G 113 47.40 -129.46 -13.35
CA GLN G 114 49.55 -126.26 -13.25
CA GLY G 115 51.36 -126.73 -16.60
CA THR G 116 54.98 -127.54 -17.54
CA LEU G 117 56.60 -125.37 -20.16
CA VAL G 118 58.74 -127.43 -22.55
CA THR G 119 60.99 -125.22 -24.66
CA VAL G 120 62.55 -126.84 -27.76
CA SER G 121 65.94 -125.14 -28.52
CA SER G 122 69.65 -125.42 -29.53
CA ALA G 123 70.40 -121.62 -29.09
CA SER G 124 72.09 -122.54 -25.85
CA PRO G 125 70.36 -122.71 -22.40
CA THR G 126 71.67 -120.00 -19.99
CA SER G 127 70.78 -119.56 -16.25
CA PRO G 128 69.70 -116.06 -14.96
CA LYS G 129 72.13 -113.78 -13.07
CA VAL G 130 70.15 -112.01 -10.32
CA PHE G 131 71.09 -108.39 -9.40
CA PRO G 132 69.72 -106.10 -6.63
CA LEU G 133 67.78 -102.91 -7.48
CA SER G 134 68.03 -100.63 -4.39
CA LEU G 135 68.42 -96.87 -3.63
CA CYS G 136 70.31 -95.21 -0.70
CA SER G 137 68.62 -91.74 -0.21
CA THR G 138 67.68 -91.49 -3.98
CA GLN G 139 63.99 -92.61 -3.48
CA PRO G 140 61.24 -90.15 -2.24
CA ASP G 141 60.75 -89.81 1.61
CA GLY G 142 57.72 -92.05 2.51
CA ASN G 143 57.55 -95.19 0.25
CA VAL G 144 60.33 -97.67 -0.75
CA VAL G 145 60.79 -99.44 -4.15
CA ILE G 146 63.29 -102.34 -4.23
CA ALA G 147 63.65 -104.98 -6.93
CA CYS G 148 65.56 -107.93 -8.44
CA LEU G 149 66.81 -107.82 -12.06
CA VAL G 150 66.70 -111.47 -13.38
CA GLN G 151 69.14 -111.08 -16.29
CA GLY G 152 70.41 -113.00 -19.35
CA PHE G 153 68.51 -116.29 -19.35
CA PHE G 154 67.29 -118.70 -22.09
CA PRO G 155 64.82 -120.16 -22.67
CA GLN G 156 61.91 -118.11 -21.10
CA GLU G 157 60.30 -121.01 -19.03
CA PRO G 158 58.12 -120.44 -15.84
CA LEU G 159 59.90 -118.00 -13.49
CA SER G 160 58.57 -118.18 -9.86
CA VAL G 161 59.50 -114.94 -8.01
CA THR G 162 58.54 -114.69 -4.31
CA TRP G 163 59.56 -111.93 -1.79
CA SER G 164 60.26 -112.48 2.01
CA GLU G 165 57.82 -109.69 3.11
CA SER G 166 54.00 -109.82 2.38
CA GLY G 167 51.14 -107.56 3.64
CA GLN G 168 48.25 -105.10 2.91
CA GLY G 169 50.32 -102.12 1.58
CA VAL G 170 53.26 -104.22 0.16
CA THR G 171 52.72 -104.59 -3.65
CA ALA G 172 54.68 -107.08 -5.81
CA ARG G 173 54.92 -106.45 -9.60
CA ASN G 174 56.39 -109.27 -11.74
CA PHE G 175 57.29 -107.73 -15.19
CA PRO G 176 56.88 -110.24 -18.15
CA PRO G 177 60.09 -111.51 -19.93
CA SER G 178 61.54 -109.11 -22.56
CA GLN G 179 63.74 -110.60 -25.33
CA ASP G 180 67.10 -108.97 -26.42
CA ALA G 181 67.65 -109.07 -30.29
CA SER G 182 66.97 -112.36 -32.28
CA GLY G 183 66.30 -114.87 -29.42
CA ASP G 184 69.74 -114.15 -27.77
CA LEU G 185 68.84 -113.53 -24.05
CA TYR G 186 65.64 -112.85 -21.97
CA THR G 187 65.51 -110.35 -19.00
CA THR G 188 62.67 -109.90 -16.40
CA SER G 189 62.47 -107.54 -13.37
CA SER G 190 60.50 -108.25 -10.10
CA GLN G 191 59.61 -105.08 -8.06
CA LEU G 192 58.45 -104.81 -4.38
CA THR G 193 56.80 -101.43 -3.45
CA LEU G 194 56.27 -101.09 0.40
CA PRO G 195 55.98 -98.21 3.02
CA ALA G 196 59.35 -96.77 4.33
CA THR G 197 58.27 -97.68 7.95
CA GLN G 198 58.09 -101.37 6.75
CA CYS G 199 61.55 -101.20 5.01
CA LEU G 200 63.92 -99.23 7.34
CA ALA G 201 67.64 -98.34 6.58
CA GLY G 202 70.06 -101.22 7.46
CA LYS G 203 67.32 -103.90 6.95
CA SER G 204 66.87 -106.20 3.87
CA VAL G 205 64.09 -108.15 1.99
CA THR G 206 64.93 -111.50 0.28
CA CYS G 207 63.84 -112.18 -3.33
CA HIS G 208 63.48 -115.94 -4.13
CA VAL G 209 63.76 -116.79 -7.88
CA LYS G 210 62.93 -120.27 -9.27
CA HIS G 211 63.72 -120.78 -13.00
CA TYR G 212 61.91 -124.10 -14.20
CA THR G 213 62.68 -127.18 -12.02
CA ASN G 214 66.14 -125.75 -11.08
CA PRO G 215 67.14 -124.96 -7.41
CA SER G 216 65.94 -121.60 -5.95
CA GLN G 217 68.33 -118.60 -6.38
CA ASP G 218 68.04 -116.19 -3.39
CA VAL G 219 69.21 -112.53 -3.14
CA THR G 220 69.09 -110.33 -0.02
CA VAL G 221 68.21 -106.81 -1.35
CA PRO G 222 68.79 -103.70 0.92
CA CYS G 223 67.37 -102.64 1.55
CA PRO G 224 65.93 -101.58 2.17
CA VAL G 225 66.38 -97.99 0.72
CA PRO G 226 64.60 -95.01 2.56
CA SER G 227 63.01 -93.51 -0.57
CA THR G 228 59.29 -92.64 -0.30
CA PRO G 229 57.65 -90.92 -3.57
CA PRO G 230 56.42 -88.32 -4.65
CA THR G 231 58.76 -86.05 -5.23
CA PRO G 232 59.37 -83.79 -7.21
CA SER G 233 57.81 -80.22 -6.66
CA PRO G 234 55.28 -78.27 -9.13
CA SER G 235 55.03 -74.77 -7.38
CA THR G 236 50.97 -74.67 -7.12
CA PRO G 237 50.32 -70.68 -6.32
CA PRO G 238 48.16 -68.70 -3.65
CA THR G 239 45.53 -66.03 -4.80
CA PRO G 240 45.31 -62.52 -3.04
CA SER G 241 42.49 -60.14 -2.20
CA PRO G 242 43.96 -56.63 -1.21
CA SER G 243 41.11 -53.99 -0.48
CA CYS G 244 41.11 -51.08 2.40
CA CYS G 245 44.52 -49.37 1.72
CA HIS G 246 43.10 -46.68 -0.52
CA PRO G 247 43.98 -43.27 1.00
CA ARG G 248 42.15 -40.49 -1.00
CA LEU G 249 41.36 -36.95 0.42
CA SER G 250 38.28 -35.20 -1.17
CA LEU G 251 36.69 -31.75 -0.45
CA HIS G 252 32.95 -31.40 -1.41
CA ARG G 253 31.90 -27.66 -1.60
CA PRO G 254 28.64 -26.08 -0.17
CA ALA G 255 25.52 -25.95 -2.50
CA LEU G 256 24.54 -22.56 -4.16
CA GLU G 257 20.74 -22.63 -3.38
CA ASP G 258 21.16 -23.49 0.39
CA LEU G 259 23.93 -20.85 1.05
CA LEU G 260 21.85 -18.10 -0.75
CA LEU G 261 18.38 -18.99 0.75
CA GLY G 262 18.92 -18.72 4.58
CA SER G 263 22.80 -18.89 5.00
CA GLU G 264 23.06 -22.76 5.05
CA ALA G 265 26.58 -23.83 3.85
CA ASN G 266 28.80 -26.78 4.96
CA LEU G 267 32.26 -27.48 3.46
CA THR G 268 32.71 -31.24 3.74
CA CYS G 269 36.04 -33.10 4.17
CA THR G 270 36.16 -36.79 3.22
CA LEU G 271 39.21 -39.12 3.79
CA THR G 272 38.75 -42.27 1.64
CA GLY G 273 41.52 -44.98 1.61
CA LEU G 274 42.82 -45.11 5.25
CA ARG G 275 43.84 -48.86 5.65
CA ASP G 276 43.27 -51.21 8.72
CA ALA G 277 43.89 -50.25 12.48
CA SER G 278 43.74 -46.47 11.98
CA GLY G 279 42.43 -42.93 12.87
CA VAL G 280 42.38 -39.46 11.16
CA THR G 281 43.10 -36.05 12.85
CA PHE G 282 41.46 -32.99 11.23
CA THR G 283 42.67 -29.31 11.31
CA TRP G 284 40.13 -26.81 9.78
CA THR G 285 40.71 -22.99 9.35
CA PRO G 286 37.90 -20.91 11.04
CA SER G 287 35.29 -18.95 8.95
CA SER G 288 35.58 -15.08 8.92
CA GLY G 289 33.52 -14.27 12.11
CA LYS G 290 35.92 -16.35 14.36
CA SER G 291 34.04 -19.69 13.90
CA ALA G 292 35.48 -23.29 13.79
CA VAL G 293 32.96 -26.16 14.51
CA GLN G 294 33.48 -29.88 13.43
CA GLY G 295 31.92 -33.45 13.74
CA PRO G 296 34.13 -36.41 12.53
CA PRO G 297 32.74 -40.07 12.47
CA GLU G 298 34.73 -43.11 11.09
CA ARG G 299 32.72 -45.07 8.46
CA ASP G 300 34.02 -48.36 6.87
CA LEU G 301 33.17 -47.97 3.08
CA CYS G 302 33.95 -50.84 0.56
CA GLY G 303 36.11 -52.55 3.25
CA CYS G 304 38.15 -49.59 4.72
CA TYR G 305 37.75 -46.50 7.07
CA SER G 306 36.62 -42.97 5.95
CA VAL G 307 36.89 -39.96 8.39
CA SER G 308 34.26 -37.57 7.05
CA SER G 309 34.27 -34.28 8.99
CA VAL G 310 32.02 -31.24 8.26
CA LEU G 311 32.55 -27.47 8.96
CA PRO G 312 29.25 -25.41 9.03
CA GLY G 313 29.64 -21.93 7.40
CA CYS G 314 27.81 -18.60 6.90
CA ALA G 315 26.98 -16.87 3.53
CA GLU G 316 29.31 -13.78 4.07
CA PRO G 317 32.75 -15.66 4.14
CA TRP G 318 31.74 -17.64 0.95
CA ASN G 319 30.33 -14.50 -0.89
CA HIS G 320 33.18 -12.04 0.13
CA GLY G 321 36.21 -14.41 -0.43
CA LYS G 322 37.44 -16.83 2.33
CA THR G 323 39.91 -19.79 1.91
CA PHE G 324 38.75 -22.99 3.74
CA THR G 325 41.63 -25.37 4.53
CA CYS G 326 41.06 -28.98 5.67
CA THR G 327 44.46 -30.27 6.83
CA ALA G 328 44.41 -33.96 7.81
CA ALA G 329 47.27 -35.77 9.72
CA TYR G 330 47.86 -39.61 9.92
CA PRO G 331 51.19 -41.52 10.73
CA GLU G 332 51.21 -43.72 7.51
CA SER G 333 50.65 -40.46 5.45
CA LYS G 334 54.25 -39.01 5.84
CA THR G 335 53.13 -35.55 4.52
CA PRO G 336 49.87 -34.39 6.31
CA LEU G 337 47.38 -33.56 3.48
CA THR G 338 46.17 -29.97 3.14
CA ALA G 339 43.20 -29.19 0.78
CA THR G 340 42.01 -25.54 0.48
CA LEU G 341 38.76 -24.25 -1.09
CA SER G 342 37.17 -20.76 -1.82
CA LYS G 343 35.17 -18.66 -4.43
CA SER G 344 36.25 -18.35 -8.15
CA GLY G 345 38.13 -15.72 -10.28
CA ASN G 346 38.20 -11.87 -10.69
CA THR G 347 34.84 -9.90 -10.70
CA PHE G 348 32.85 -8.31 -13.66
CA ARG G 349 29.69 -6.04 -13.45
CA PRO G 350 26.47 -7.69 -14.93
CA GLU G 351 24.90 -5.83 -17.89
CA VAL G 352 21.08 -6.14 -17.36
CA HIS G 353 18.84 -5.53 -20.47
CA LEU G 354 15.04 -6.11 -20.24
CA LEU G 355 13.38 -7.39 -23.46
CA PRO G 356 9.60 -7.04 -24.17
CA PRO G 357 7.68 -9.92 -25.91
CA PRO G 358 7.88 -10.61 -29.67
CA SER G 359 4.98 -9.28 -31.87
CA GLU G 360 3.93 -12.92 -32.73
CA GLU G 361 3.66 -13.91 -28.99
CA LEU G 362 0.87 -11.25 -28.62
CA ALA G 363 -1.22 -13.67 -30.79
CA LEU G 364 -0.93 -15.92 -27.63
CA ASN G 365 -3.01 -15.29 -24.40
CA GLU G 366 -2.39 -16.81 -20.87
CA LEU G 367 1.41 -16.10 -20.66
CA VAL G 368 3.39 -13.14 -22.19
CA THR G 369 7.09 -13.84 -22.18
CA LEU G 370 8.95 -10.96 -20.36
CA THR G 371 12.70 -11.58 -20.70
CA CYS G 372 15.71 -10.06 -18.90
CA LEU G 373 19.26 -10.80 -20.14
CA ALA G 374 22.05 -10.60 -17.50
CA ARG G 375 25.35 -10.81 -19.47
CA GLY G 376 29.15 -10.31 -19.11
CA PHE G 377 29.16 -11.12 -15.34
CA SER G 378 31.73 -12.98 -13.11
CA PRO G 379 31.87 -14.93 -10.94
CA LYS G 380 28.74 -17.05 -11.84
CA ASP G 381 27.37 -16.23 -8.40
CA VAL G 382 24.16 -14.14 -8.97
CA LEU G 383 20.48 -13.76 -7.82
CA VAL G 384 17.77 -12.60 -10.25
CA ARG G 385 14.15 -11.92 -9.13
CA TRP G 386 11.05 -10.24 -10.67
CA LEU G 387 8.64 -7.62 -9.24
CA GLN G 388 5.18 -6.31 -10.21
CA GLY G 389 4.78 -2.46 -10.13
CA SER G 390 0.93 -2.62 -10.43
CA GLN G 391 0.41 -4.45 -7.04
CA GLU G 392 3.74 -3.36 -5.32
CA LEU G 393 4.61 -7.08 -4.82
CA PRO G 394 7.12 -9.82 -5.89
CA ARG G 395 6.01 -12.10 -8.79
CA GLU G 396 5.52 -15.89 -9.06
CA LYS G 397 5.44 -17.20 -12.65
CA TYR G 398 9.14 -16.84 -13.55
CA LEU G 399 12.01 -19.24 -14.41
CA THR G 400 15.82 -18.54 -14.64
CA TRP G 401 18.24 -20.70 -16.78
CA ALA G 402 22.15 -20.72 -16.98
CA SER G 403 25.23 -20.27 -19.34
CA ARG G 404 28.98 -20.13 -18.35
CA GLN G 405 30.89 -18.90 -21.49
CA GLU G 406 34.38 -20.50 -22.05
CA PRO G 407 35.95 -21.16 -25.55
CA SER G 408 39.69 -21.81 -26.42
CA GLN G 409 40.59 -18.06 -25.96
CA GLY G 410 41.05 -15.78 -22.86
CA THR G 411 37.37 -14.64 -23.06
CA THR G 412 35.44 -16.25 -20.09
CA THR G 413 32.37 -14.52 -18.38
CA PHE G 414 28.70 -15.73 -17.82
CA ALA G 415 25.23 -15.01 -19.27
CA VAL G 416 21.67 -15.96 -18.13
CA THR G 417 18.14 -15.22 -19.36
CA SER G 418 15.21 -14.97 -16.88
CA ILE G 419 11.64 -15.54 -18.15
CA LEU G 420 8.61 -13.89 -16.39
CA ARG G 421 5.35 -15.16 -17.92
CA VAL G 422 2.27 -12.79 -17.61
CA ALA G 423 -1.34 -12.52 -18.89
CA ALA G 424 -1.41 -10.61 -22.28
CA GLU G 425 -3.91 -8.12 -20.70
CA ASP G 426 -1.74 -6.84 -17.72
CA TRP G 427 1.18 -5.97 -20.07
CA LYS G 428 -1.38 -4.01 -22.25
CA LYS G 429 -2.95 -2.44 -19.08
CA GLY G 430 0.43 -0.59 -18.96
CA ASP G 431 2.00 -2.44 -16.01
CA THR G 432 5.68 -1.96 -15.08
CA PHE G 433 7.54 -5.23 -14.33
CA SER G 434 11.14 -5.04 -13.00
CA CYS G 435 13.98 -7.58 -13.10
CA MET G 436 16.17 -7.18 -9.94
CA VAL G 437 19.77 -8.52 -10.24
CA GLY G 438 22.06 -8.98 -7.19
CA HIS G 439 25.79 -9.57 -7.79
CA GLU G 440 29.24 -9.02 -6.11
CA ALA G 441 30.25 -6.30 -8.69
CA LEU G 442 26.96 -4.28 -8.73
CA PRO G 443 27.09 -0.69 -7.20
CA LEU G 444 25.02 -1.41 -4.02
CA ALA G 445 25.19 -5.21 -4.70
CA PHE G 446 21.80 -4.59 -6.39
CA THR G 447 20.48 -3.18 -9.69
CA GLN G 448 16.92 -3.22 -11.12
CA LYS G 449 15.95 -2.67 -14.81
CA THR G 450 12.26 -2.08 -15.72
CA ILE G 451 9.83 -3.18 -18.53
CA ASP G 452 6.43 -1.67 -19.49
CA ARG G 453 4.14 -1.37 -22.61
CA LEU G 454 5.08 2.39 -22.54
CA ALA G 455 7.98 3.53 -24.84
CA GLY G 456 9.07 7.24 -24.82
CA LYS G 457 11.83 7.83 -27.45
CA PRO G 458 14.11 10.41 -25.75
CA THR G 459 15.21 7.41 -25.19
CA HIS G 460 15.31 4.49 -22.64
CA VAL G 461 15.11 6.18 -19.12
CA ASN G 462 14.11 4.79 -15.61
CA VAL G 463 11.55 5.41 -12.69
CA SER G 464 11.96 8.23 -10.04
CA VAL G 465 13.50 8.15 -6.42
CA VAL G 466 11.07 6.06 -4.21
CA MET G 467 12.02 6.40 -0.47
CA ALA G 468 14.28 8.78 1.65
CA GLU G 469 15.82 8.81 4.44
CA VAL G 470 15.55 5.72 6.85
CA ASP G 471 18.68 3.93 5.42
CA GLY G 472 19.20 1.04 7.96
CA THR G 473 22.18 2.52 9.94
CA CYS G 474 20.28 5.80 10.75
CA TYR G 475 16.73 4.27 11.30
CA GLN H 1 80.86 -75.58 62.51
CA VAL H 2 77.49 -76.92 63.77
CA LYS H 3 77.00 -73.16 63.65
CA LEU H 4 79.86 -71.01 65.18
CA LEU H 5 78.00 -69.47 68.14
CA GLU H 6 74.80 -71.52 68.90
CA GLN H 7 72.12 -70.85 71.52
CA SER H 8 69.64 -72.87 73.65
CA GLY H 9 66.05 -72.63 72.26
CA ALA H 10 63.01 -70.86 73.68
CA GLU H 11 61.29 -70.51 76.53
CA VAL H 12 58.24 -69.51 78.42
CA LYS H 13 58.77 -68.48 82.03
CA LYS H 14 56.19 -67.27 84.56
CA PRO H 15 56.57 -63.61 85.83
CA GLY H 16 58.89 -63.70 88.91
CA ALA H 17 60.89 -66.74 87.66
CA SER H 18 64.47 -66.84 86.31
CA VAL H 19 65.69 -67.91 82.84
CA LYS H 20 69.14 -69.28 81.91
CA VAL H 21 70.22 -68.89 78.26
CA SER H 22 73.35 -70.69 76.95
CA CYS H 23 75.69 -69.94 74.05
CA LYS H 24 78.07 -72.71 72.85
CA ALA H 25 81.12 -71.55 70.82
CA SER H 26 82.44 -74.00 68.13
CA GLY H 27 85.33 -73.68 65.57
CA TYR H 28 87.38 -70.84 67.19
CA SER H 29 89.52 -70.71 70.41
CA PHE H 30 86.85 -69.92 73.09
CA THR H 31 89.18 -68.31 75.74
CA SER H 32 90.78 -65.81 73.24
CA TYR H 33 87.59 -63.64 72.88
CA GLY H 34 84.86 -62.02 74.98
CA LEU H 35 81.11 -62.61 74.44
CA HIS H 36 78.52 -59.81 74.53
CA TRP H 37 74.79 -60.34 75.44
CA VAL H 38 72.15 -58.23 73.61
CA ARG H 39 68.34 -58.36 73.58
CA GLN H 40 65.60 -57.18 71.20
CA ALA H 41 62.06 -56.71 72.62
CA PRO H 42 59.25 -56.85 69.97
CA GLY H 43 59.25 -53.73 67.70
CA GLN H 44 62.18 -52.25 69.64
CA ARG H 45 65.86 -51.49 69.14
CA LEU H 46 68.65 -53.81 70.28
CA GLU H 47 69.70 -53.27 73.92
CA TRP H 48 73.16 -54.18 75.20
CA MET H 49 72.97 -56.14 78.55
CA GLY H 50 76.56 -57.21 79.37
CA TRP H 51 79.85 -58.89 78.40
CA ILE H 52 82.02 -61.77 79.74
CA SER H 53 85.73 -62.45 79.06
CA ALA H 54 85.94 -66.26 78.31
CA GLY H 55 89.62 -66.32 79.51
CA THR H 56 89.32 -64.59 82.96
CA GLY H 57 85.54 -64.96 83.68
CA ASN H 58 85.39 -61.13 84.26
CA THR H 59 82.13 -59.37 83.84
CA LYS H 60 80.71 -56.04 82.69
CA TYR H 61 77.03 -55.15 82.55
CA SER H 62 74.39 -52.49 81.89
CA GLN H 63 73.19 -50.88 85.15
CA LYS H 64 69.61 -51.17 83.73
CA PHE H 65 69.95 -54.89 84.82
CA ARG H 66 71.75 -54.08 88.16
CA GLY H 67 71.11 -56.83 90.72
CA ARG H 68 69.25 -59.29 88.39
CA VAL H 69 71.66 -60.37 85.57
CA THR H 70 74.53 -62.95 85.96
CA PHE H 71 77.18 -64.05 83.36
CA THR H 72 79.04 -67.38 83.65
CA ARG H 73 81.32 -69.40 81.29
CA ASP H 74 82.09 -73.15 81.39
CA THR H 75 85.55 -73.01 79.80
CA SER H 76 85.79 -76.87 79.36
CA ALA H 77 82.33 -77.21 77.62
CA THR H 78 83.11 -73.94 75.74
CA THR H 79 79.70 -72.45 76.67
CA ALA H 80 78.78 -69.06 78.16
CA TYR H 81 75.47 -68.43 80.01
CA MET H 82 73.40 -65.47 81.02
CA GLY H 83 71.03 -65.78 84.01
CA LEU H 84 68.13 -63.24 84.20
CA SER H 85 66.18 -63.19 87.51
CA SER H 86 62.85 -61.63 88.63
CA LEU H 87 61.27 -61.88 85.16
CA ARG H 88 58.71 -59.23 84.22
CA PRO H 89 56.39 -59.36 81.11
CA GLU H 90 58.66 -56.67 79.43
CA ASP H 91 61.58 -59.19 79.43
CA THR H 92 59.75 -60.96 76.52
CA ALA H 93 62.48 -60.53 73.87
CA VAL H 94 65.01 -62.36 71.67
CA TYR H 95 68.32 -62.80 73.61
CA TYR H 96 71.45 -62.92 71.44
CA CYS H 97 75.01 -63.66 72.40
CA ALA H 98 77.54 -62.02 70.02
CA ARG H 99 81.33 -62.18 69.80
CA ASP H 100 83.81 -59.43 70.83
CA PRO H 101 86.59 -59.83 68.13
CA TYR H 102 89.31 -58.43 70.49
CA GLY H 103 88.52 -59.65 74.08
CA GLY H 104 88.47 -56.10 75.60
CA GLY H 105 84.71 -55.48 76.22
CA LYS H 106 84.10 -52.43 73.97
CA SER H 107 83.78 -53.49 70.35
CA GLU H 108 81.55 -54.03 67.32
CA PHE H 109 80.21 -57.67 67.31
CA ASP H 110 81.44 -59.82 64.34
CA TYR H 111 79.58 -63.19 64.97
CA TRP H 112 76.08 -63.43 66.42
CA GLY H 113 74.26 -66.42 67.88
CA GLN H 114 70.78 -67.13 66.41
CA GLY H 115 68.68 -65.79 69.32
CA THR H 116 66.45 -67.45 71.95
CA LEU H 117 63.02 -66.00 72.47
CA VAL H 118 62.09 -65.92 76.17
CA THR H 119 58.38 -65.21 76.65
CA VAL H 120 57.30 -64.15 80.16
CA SER H 121 53.64 -65.28 80.76
CA SER H 122 50.98 -66.84 83.09
CA ALA H 123 48.17 -66.83 80.40
CA SER H 124 48.78 -70.54 80.03
CA PRO H 125 51.29 -72.14 77.56
CA THR H 126 49.49 -74.20 74.82
CA SER H 127 51.13 -76.41 72.11
CA PRO H 128 50.03 -75.99 68.41
CA LYS H 129 47.59 -78.43 66.75
CA VAL H 130 48.74 -78.94 63.14
CA PHE H 131 46.07 -79.45 60.41
CA PRO H 132 46.48 -80.23 56.67
CA LEU H 133 45.40 -77.72 53.99
CA SER H 134 44.83 -79.75 50.77
CA LEU H 135 42.39 -79.76 47.77
CA CYS H 136 41.08 -82.80 45.80
CA SER H 137 40.12 -81.41 42.28
CA THR H 138 39.26 -77.91 43.75
CA GLN H 139 42.63 -76.26 42.74
CA PRO H 140 43.31 -75.01 39.11
CA ASP H 141 44.78 -77.58 36.58
CA GLY H 142 48.59 -76.87 36.45
CA ASN H 143 49.95 -75.73 39.87
CA VAL H 144 49.34 -77.19 43.39
CA VAL H 145 48.99 -75.25 46.72
CA ILE H 146 49.18 -77.34 49.92
CA ALA H 147 49.70 -76.06 53.45
CA CYS H 148 49.81 -76.70 57.23
CA LEU H 149 47.62 -74.67 59.62
CA VAL H 150 49.61 -74.38 62.96
CA GLN H 151 46.69 -73.58 65.27
CA GLY H 152 45.99 -72.42 68.86
CA PHE H 153 49.42 -71.96 70.45
CA PHE H 154 50.83 -69.65 73.17
CA PRO H 155 53.23 -68.00 73.51
CA GLN H 156 54.40 -66.97 69.94
CA GLU H 157 58.10 -68.18 70.24
CA PRO H 158 60.32 -69.15 67.19
CA LEU H 159 58.38 -71.53 64.89
CA SER H 160 60.67 -73.52 62.51
CA VAL H 161 58.60 -74.81 59.53
CA THR H 162 60.38 -76.99 56.94
CA TRP H 163 58.80 -78.95 54.00
CA SER H 164 60.04 -82.39 52.65
CA GLU H 165 60.24 -81.15 48.98
CA SER H 166 62.63 -78.28 47.87
CA GLY H 167 63.51 -77.01 44.33
CA GLN H 168 63.58 -74.16 41.72
CA GLY H 169 59.78 -73.78 41.15
CA VAL H 170 58.69 -74.95 44.68
CA THR H 171 57.93 -71.79 46.78
CA ALA H 172 57.47 -71.87 50.60
CA ARG H 173 55.56 -69.00 52.29
CA ASN H 174 55.64 -68.86 56.12
CA PHE H 175 52.82 -66.46 57.24
CA PRO H 176 53.68 -64.48 60.50
CA PRO H 177 51.72 -65.36 63.74
CA SER H 178 48.25 -63.72 64.03
CA GLN H 179 46.77 -63.27 67.54
CA ASP H 180 43.07 -64.15 68.37
CA ALA H 181 41.39 -61.57 70.76
CA SER H 182 43.29 -60.34 73.95
CA GLY H 183 46.39 -62.64 73.93
CA ASP H 184 44.21 -65.85 73.97
CA LEU H 185 45.74 -68.00 71.13
CA TYR H 186 48.16 -67.49 68.16
CA THR H 187 47.67 -69.13 64.68
CA THR H 188 50.20 -69.29 61.75
CA SER H 189 49.87 -70.97 58.30
CA SER H 190 52.80 -72.41 56.22
CA GLN H 191 52.07 -72.75 52.43
CA LEU H 192 53.97 -74.79 49.76
CA THR H 193 53.21 -73.77 46.10
CA LEU H 194 54.70 -76.30 43.54
CA PRO H 195 53.95 -77.50 39.92
CA ALA H 196 51.23 -80.26 39.57
CA THR H 197 53.82 -82.56 37.82
CA GLN H 198 55.94 -82.32 41.07
CA CYS H 199 52.88 -83.07 43.36
CA LEU H 200 50.84 -85.88 41.66
CA ALA H 201 47.51 -87.39 42.99
CA GLY H 202 48.07 -90.15 45.64
CA LYS H 203 51.47 -88.66 46.72
CA SER H 204 52.18 -86.52 49.86
CA VAL H 205 54.64 -83.80 51.12
CA THR H 206 55.67 -83.72 54.83
CA CYS H 207 55.54 -80.44 56.82
CA HIS H 208 57.96 -80.42 59.85
CA VAL H 209 57.00 -77.90 62.61
CA LYS H 210 59.33 -77.08 65.54
CA HIS H 211 57.80 -74.82 68.26
CA TYR H 212 60.75 -73.51 70.57
CA THR H 213 63.02 -76.30 71.94
CA ASN H 214 60.11 -78.83 71.86
CA PRO H 215 60.23 -82.06 69.72
CA SER H 216 59.35 -81.73 65.97
CA GLN H 217 55.65 -82.23 65.03
CA ASP H 218 55.34 -83.82 61.56
CA VAL H 219 52.26 -83.95 59.24
CA THR H 220 52.01 -85.78 55.90
CA VAL H 221 49.96 -83.40 53.63
CA PRO H 222 48.34 -84.89 50.39
CA CYS H 223 48.00 -85.32 49.52
CA PRO H 224 49.32 -83.65 46.96
CA VAL H 225 46.75 -81.31 44.74
CA PRO H 226 46.05 -81.73 41.42
CA SER H 227 45.03 -78.06 41.35
CA THR H 228 47.04 -75.80 39.00
CA PRO H 229 45.86 -71.95 38.82
CA PRO H 230 44.60 -69.82 37.00
CA THR H 231 41.34 -70.32 36.65
CA PRO H 232 38.77 -68.70 36.34
CA SER H 233 37.65 -67.41 32.78
CA PRO H 234 37.20 -63.57 31.64
CA SER H 235 35.70 -64.01 28.04
CA THR H 236 38.44 -61.70 26.11
CA PRO H 237 36.55 -61.07 22.50
CA PRO H 238 37.64 -61.37 18.70
CA THR H 239 37.25 -58.32 16.28
CA PRO H 240 35.74 -58.79 12.67
CA SER H 241 36.36 -57.19 9.30
CA PRO H 242 33.44 -58.10 6.84
CA SER H 243 33.87 -56.35 3.32
CA CYS H 244 32.98 -57.93 -0.36
CA CYS H 245 29.34 -59.13 0.22
CA HIS H 246 27.74 -55.99 -1.13
CA PRO H 247 25.47 -56.96 -4.06
CA ARG H 248 24.17 -53.73 -5.77
CA LEU H 249 22.88 -53.58 -9.44
CA SER H 250 23.24 -50.12 -11.16
CA LEU H 251 22.30 -48.94 -14.72
CA HIS H 252 24.23 -45.87 -16.05
CA ARG H 253 22.42 -44.29 -19.10
CA PRO H 254 24.07 -43.04 -22.40
CA ALA H 255 25.25 -39.34 -22.56
CA LEU H 256 23.11 -36.76 -24.53
CA GLU H 257 25.97 -35.04 -26.51
CA ASP H 258 27.58 -38.36 -27.75
CA LEU H 259 24.23 -39.99 -28.86
CA LEU H 260 23.19 -36.77 -30.75
CA LEU H 261 26.62 -35.97 -32.39
CA GLY H 262 27.45 -39.16 -34.43
CA SER H 263 25.11 -41.89 -32.90
CA GLU H 264 27.47 -42.91 -30.00
CA ALA H 265 25.40 -44.38 -27.09
CA ASN H 266 26.24 -47.20 -24.60
CA LEU H 267 23.85 -48.32 -21.82
CA THR H 268 26.10 -49.61 -19.04
CA CYS H 269 25.24 -52.37 -16.52
CA THR H 270 27.25 -52.51 -13.27
CA LEU H 271 26.93 -55.29 -10.61
CA THR H 272 28.53 -54.05 -7.35
CA GLY H 273 28.44 -56.28 -4.19
CA LEU H 274 28.95 -59.89 -5.51
CA ARG H 275 30.87 -61.61 -2.57
CA ASP H 276 33.86 -64.11 -2.78
CA ALA H 277 34.14 -67.15 -5.24
CA SER H 278 31.60 -65.87 -7.78
CA GLY H 279 30.47 -65.00 -11.39
CA VAL H 280 27.64 -62.92 -13.00
CA THR H 281 25.51 -63.93 -16.09
CA PHE H 282 24.04 -61.04 -18.13
CA THR H 283 20.86 -61.06 -20.32
CA TRP H 284 20.39 -57.80 -22.40
CA THR H 285 17.35 -57.02 -24.68
CA PRO H 286 18.46 -56.16 -28.30
CA SER H 287 18.19 -52.55 -29.70
CA SER H 288 15.45 -51.88 -32.37
CA GLY H 289 17.42 -52.88 -35.56
CA LYS H 290 17.97 -56.51 -34.25
CA SER H 291 21.24 -55.72 -32.38
CA ALA H 292 22.61 -57.28 -29.10
CA VAL H 293 26.43 -56.90 -28.46
CA GLN H 294 28.13 -57.18 -24.96
CA GLY H 295 31.61 -57.23 -23.20
CA PRO H 296 31.64 -58.29 -19.46
CA PRO H 297 34.94 -58.17 -17.36
CA GLU H 298 35.11 -58.98 -13.57
CA ARG H 299 36.81 -56.16 -11.56
CA ASP H 300 37.52 -56.44 -7.76
CA LEU H 301 36.50 -52.96 -6.35
CA CYS H 302 36.98 -52.11 -2.57
CA GLY H 303 37.60 -55.85 -1.87
CA CYS H 304 34.81 -57.60 -3.96
CA TYR H 305 33.89 -58.48 -7.64
CA SER H 306 31.95 -56.17 -10.07
CA VAL H 307 30.65 -57.56 -13.46
CA SER H 308 30.38 -54.43 -15.59
CA SER H 309 28.91 -55.22 -19.02
CA VAL H 310 28.16 -52.64 -21.79
CA LEU H 311 25.60 -52.69 -24.68
CA PRO H 312 26.48 -50.30 -27.62
CA GLY H 313 23.37 -48.55 -29.09
CA CYS H 314 22.23 -46.34 -32.01
CA ALA H 315 20.47 -42.89 -31.80
CA GLU H 316 17.08 -44.07 -33.34
CA PRO H 317 16.04 -46.63 -30.56
CA TRP H 318 16.88 -44.00 -27.82
CA ASN H 319 15.12 -41.07 -29.70
CA HIS H 320 11.96 -43.06 -30.84
CA GLY H 321 11.28 -44.99 -27.52
CA LYS H 322 13.02 -48.36 -26.75
CA THR H 323 13.16 -50.18 -23.32
CA PHE H 324 16.67 -51.55 -22.48
CA THR H 325 16.58 -54.41 -19.96
CA CYS H 326 19.72 -55.70 -18.19
CA THR H 327 18.71 -58.95 -16.45
CA ALA H 328 21.49 -60.45 -14.32
CA ALA H 329 21.44 -64.03 -12.82
CA TYR H 330 23.62 -65.36 -9.89
CA PRO H 331 22.93 -68.42 -7.54
CA GLU H 332 23.23 -66.43 -4.19
CA SER H 333 20.74 -63.83 -5.68
CA LYS H 334 17.53 -66.02 -5.42
CA THR H 335 15.54 -63.60 -7.69
CA PRO H 336 17.59 -62.73 -10.88
CA LEU H 337 17.71 -58.87 -11.01
CA THR H 338 16.06 -57.11 -13.95
CA ALA H 339 16.70 -53.33 -14.49
CA THR H 340 15.00 -51.59 -17.48
CA LEU H 341 15.78 -48.14 -18.95
CA SER H 342 14.31 -45.86 -21.75
CA LYS H 343 13.35 -42.22 -22.72
CA SER H 344 11.11 -39.97 -20.46
CA GLY H 345 7.38 -38.92 -20.41
CA ASN H 346 4.67 -37.84 -22.97
CA THR H 347 5.63 -35.36 -25.82
CA PHE H 348 4.88 -31.56 -26.22
CA ARG H 349 5.58 -29.29 -29.32
CA PRO H 350 8.28 -26.55 -28.67
CA GLU H 351 7.08 -22.94 -29.07
CA VAL H 352 10.03 -21.08 -30.77
CA HIS H 353 10.03 -17.22 -30.47
CA LEU H 354 13.03 -15.19 -31.78
CA LEU H 355 13.84 -12.00 -29.80
CA PRO H 356 15.90 -9.08 -31.27
CA PRO H 357 18.45 -7.19 -29.05
CA PRO H 358 17.45 -4.59 -26.43
CA SER H 359 17.75 -0.86 -27.43
CA GLU H 360 20.53 -0.33 -24.78
CA GLU H 361 22.67 -3.25 -26.20
CA LEU H 362 22.93 -1.25 -29.51
CA ALA H 363 25.14 1.16 -27.46
CA LEU H 364 27.54 -1.90 -27.43
CA ASN H 365 29.65 -2.96 -30.51
CA GLU H 366 31.47 -6.36 -31.06
CA LEU H 367 28.55 -8.68 -30.09
CA VAL H 368 24.74 -8.10 -30.56
CA THR H 369 22.72 -10.51 -28.50
CA LEU H 370 20.25 -12.42 -30.78
CA THR H 371 18.02 -14.59 -28.56
CA CYS H 372 15.65 -17.47 -29.35
CA LEU H 373 13.32 -18.85 -26.64
CA ALA H 374 12.24 -22.52 -27.03
CA ARG H 375 9.48 -23.08 -24.42
CA GLY H 376 6.74 -25.57 -23.36
CA PHE H 377 8.60 -28.63 -24.82
CA SER H 378 8.87 -32.29 -23.59
CA PRO H 379 10.82 -34.44 -23.29
CA LYS H 380 13.98 -32.30 -22.60
CA ASP H 381 15.58 -33.92 -25.64
CA VAL H 382 16.15 -31.07 -28.22
CA LEU H 383 18.77 -29.62 -30.66
CA VAL H 384 18.97 -25.87 -31.33
CA ARG H 385 21.34 -24.36 -33.97
CA TRP H 386 21.77 -20.94 -35.66
CA LEU H 387 22.17 -20.00 -39.37
CA GLN H 388 23.29 -16.86 -41.26
CA GLY H 389 21.06 -15.87 -44.27
CA SER H 390 23.64 -13.31 -45.62
CA GLN H 391 26.37 -15.98 -46.35
CA GLU H 392 24.04 -19.08 -46.66
CA LEU H 393 26.08 -20.79 -43.86
CA PRO H 394 25.82 -22.09 -40.24
CA ARG H 395 27.01 -19.69 -37.48
CA GLU H 396 29.74 -20.00 -34.80
CA LYS H 397 29.38 -17.49 -31.93
CA TYR H 398 26.36 -18.99 -30.13
CA LEU H 399 25.71 -20.59 -26.71
CA THR H 400 22.62 -22.59 -25.47
CA TRP H 401 21.66 -22.91 -21.72
CA ALA H 402 18.99 -25.15 -19.94
CA SER H 403 15.82 -25.13 -17.68
CA ARG H 404 13.56 -28.14 -16.73
CA GLN H 405 10.37 -26.65 -15.11
CA GLU H 406 8.88 -28.69 -12.17
CA PRO H 407 7.04 -27.13 -9.12
CA SER H 408 4.65 -28.88 -6.59
CA GLN H 409 1.76 -28.98 -9.18
CA GLY H 410 1.05 -31.14 -12.31
CA THR H 411 2.70 -28.49 -14.59
CA THR H 412 6.08 -29.94 -15.86
CA THR H 413 7.60 -29.00 -19.34
CA PHE H 414 11.04 -27.43 -20.32
CA ALA H 415 12.39 -24.06 -21.53
CA VAL H 416 15.79 -22.96 -22.97
CA THR H 417 17.24 -19.70 -24.33
CA SER H 418 19.90 -19.76 -27.11
CA ILE H 419 22.22 -16.72 -27.51
CA LEU H 420 23.78 -15.87 -30.96
CA ARG H 421 26.25 -12.98 -30.58
CA VAL H 422 26.88 -10.83 -33.77
CA ALA H 423 28.66 -7.59 -34.81
CA ALA H 424 26.26 -4.56 -34.39
CA GLU H 425 26.86 -3.71 -38.10
CA ASP H 426 25.63 -7.02 -39.73
CA TRP H 427 22.28 -6.83 -37.85
CA LYS H 428 21.93 -3.19 -39.18
CA LYS H 429 23.07 -4.31 -42.70
CA GLY H 430 19.64 -6.07 -42.67
CA ASP H 431 20.85 -9.67 -42.26
CA THR H 432 18.40 -12.53 -41.56
CA PHE H 433 19.55 -14.94 -38.80
CA SER H 434 17.49 -18.11 -38.13
CA CYS H 435 17.21 -20.30 -35.04
CA MET H 436 16.61 -23.97 -36.11
CA VAL H 437 14.96 -26.23 -33.46
CA GLY H 438 14.80 -30.04 -33.80
CA HIS H 439 12.49 -31.97 -31.47
CA GLU H 440 10.41 -35.26 -31.31
CA ALA H 441 7.05 -33.33 -31.45
CA LEU H 442 7.90 -30.85 -34.30
CA PRO H 443 6.02 -31.33 -37.68
CA LEU H 444 8.98 -32.65 -39.76
CA ALA H 445 11.12 -33.04 -36.55
CA PHE H 446 12.38 -29.56 -37.53
CA THR H 447 11.20 -25.93 -37.33
CA GLN H 448 13.10 -22.69 -38.02
CA LYS H 449 12.08 -19.16 -36.83
CA THR H 450 13.85 -16.09 -38.34
CA ILE H 451 15.20 -12.69 -37.03
CA ASP H 452 16.14 -9.55 -39.05
CA ARG H 453 16.39 -5.71 -38.54
CA LEU H 454 13.32 -5.55 -40.92
CA ALA H 455 9.83 -5.32 -39.26
CA GLY H 456 6.67 -5.19 -41.50
CA LYS H 457 3.52 -4.75 -39.34
CA PRO H 458 0.90 -6.89 -41.17
CA THR H 459 2.32 -8.62 -38.82
CA HIS H 460 5.07 -11.26 -38.04
CA VAL H 461 5.33 -13.46 -41.26
CA ASN H 462 8.15 -15.82 -42.59
CA VAL H 463 10.48 -16.36 -45.71
CA SER H 464 9.30 -18.03 -49.02
CA VAL H 465 9.59 -21.74 -50.26
CA VAL H 466 13.36 -22.40 -50.98
CA MET H 467 13.82 -25.75 -52.86
CA ALA H 468 11.49 -28.24 -54.78
CA GLU H 469 11.43 -31.31 -55.66
CA VAL H 470 14.48 -33.64 -54.84
CA ASP H 471 13.06 -34.84 -51.45
CA GLY H 472 15.49 -37.71 -50.50
CA THR H 473 13.23 -40.71 -51.40
CA CYS H 474 12.63 -39.48 -55.01
CA TYR H 475 16.21 -38.05 -55.70
CA GLU A 1 -67.65 103.50 -65.22
CA LEU A 2 -65.45 104.85 -62.45
CA VAL A 3 -63.96 101.93 -60.58
CA MET A 4 -63.92 101.97 -56.75
CA THR A 5 -61.34 99.62 -55.20
CA GLN A 6 -61.23 98.95 -51.45
CA SER A 7 -58.26 97.79 -49.48
CA PRO A 8 -58.18 95.35 -47.69
CA SER A 9 -60.88 92.79 -48.38
CA SER A 10 -60.78 91.47 -44.77
CA LEU A 11 -59.30 92.52 -41.44
CA SER A 12 -59.53 91.01 -37.95
CA ALA A 13 -58.67 93.34 -35.08
CA SER A 14 -59.25 93.39 -31.32
CA VAL A 15 -61.68 95.74 -29.63
CA GLY A 16 -60.00 99.05 -28.86
CA ASP A 17 -57.87 98.84 -32.00
CA ARG A 18 -57.92 101.59 -34.56
CA VAL A 19 -58.75 100.34 -38.08
CA ASN A 20 -58.37 102.20 -41.41
CA ILE A 21 -60.03 100.99 -44.71
CA ALA A 22 -58.91 102.61 -47.99
CA CYS A 23 -60.95 103.19 -51.15
CA ARG A 24 -59.46 104.40 -54.48
CA ALA A 25 -61.36 106.06 -57.25
CA SER A 26 -59.87 105.20 -60.72
CA GLN A 27 -60.06 109.00 -61.30
CA GLY A 28 -60.89 112.17 -59.34
CA ILE A 29 -64.30 112.41 -57.66
CA SER A 30 -63.66 115.47 -55.45
CA SER A 31 -65.58 114.68 -52.22
CA ALA A 32 -68.42 112.63 -53.67
CA LEU A 33 -67.89 109.56 -51.61
CA ALA A 34 -70.28 107.93 -49.12
CA TRP A 35 -69.43 104.94 -46.77
CA TYR A 36 -72.00 102.24 -45.75
CA GLN A 37 -72.05 99.62 -43.06
CA GLN A 38 -73.90 96.36 -43.83
CA LYS A 39 -74.43 93.82 -41.07
CA PRO A 40 -74.78 90.41 -42.66
CA GLY A 41 -78.34 89.96 -43.91
CA LYS A 42 -79.50 93.52 -43.65
CA ALA A 43 -79.96 96.57 -45.64
CA PRO A 44 -76.83 98.78 -45.88
CA ARG A 45 -76.64 101.86 -43.56
CA LEU A 46 -75.16 105.29 -44.26
CA LEU A 47 -72.27 106.32 -41.99
CA ILE A 48 -70.49 109.09 -43.89
CA TYR A 49 -71.42 111.26 -46.95
CA ASP A 50 -69.28 113.90 -48.81
CA ALA A 51 -66.11 111.98 -47.72
CA SER A 52 -66.18 113.31 -44.19
CA ASN A 53 -69.69 114.25 -42.90
CA LEU A 54 -71.15 111.80 -40.30
CA GLU A 55 -74.78 111.03 -40.78
CA SER A 56 -76.95 111.96 -37.71
CA GLY A 57 -76.98 109.21 -35.00
CA VAL A 58 -73.69 107.48 -36.20
CA PRO A 59 -71.17 107.04 -33.33
CA SER A 60 -68.41 109.61 -33.07
CA ARG A 61 -65.75 106.82 -33.42
CA PHE A 62 -66.37 106.68 -37.19
CA SER A 63 -64.53 109.33 -39.28
CA GLY A 64 -63.67 109.62 -43.01
CA SER A 65 -61.06 111.54 -44.99
CA GLY A 66 -59.77 112.02 -48.55
CA SER A 67 -60.39 114.09 -51.61
CA GLY A 68 -59.71 113.46 -55.27
CA THR A 69 -58.90 109.80 -55.56
CA ASP A 70 -57.95 108.33 -52.12
CA PHE A 71 -60.37 108.07 -49.21
CA THR A 72 -60.02 106.51 -45.68
CA LEU A 73 -62.67 105.41 -43.18
CA THR A 74 -61.22 105.15 -39.59
CA ILE A 75 -62.96 103.35 -36.70
CA SER A 76 -60.99 104.73 -33.77
CA SER A 77 -61.85 102.13 -31.07
CA LEU A 78 -63.29 99.00 -32.61
CA GLN A 79 -66.28 97.64 -30.72
CA PRO A 80 -68.03 94.04 -31.15
CA GLU A 81 -71.03 95.63 -32.75
CA ASP A 82 -68.76 96.93 -35.54
CA PHE A 83 -68.61 93.48 -37.23
CA ALA A 84 -69.90 94.20 -40.74
CA ILE A 85 -68.93 94.59 -44.41
CA TYR A 86 -68.10 98.26 -45.19
CA TYR A 87 -68.62 99.79 -48.78
CA CYS A 88 -67.65 103.04 -50.39
CA GLN A 89 -69.75 104.43 -53.25
CA GLN A 90 -68.99 107.39 -55.65
CA PHE A 91 -71.71 109.79 -56.88
CA ASN A 92 -69.65 112.06 -59.03
CA SER A 93 -70.53 110.21 -62.24
CA TYR A 94 -73.23 107.90 -63.59
CA PRO A 95 -73.26 104.78 -63.29
CA LEU A 96 -72.97 105.28 -59.58
CA THR A 97 -70.52 102.59 -58.41
CA PHE A 98 -69.62 100.72 -55.23
CA GLY A 99 -66.39 99.33 -54.03
CA GLY A 100 -65.98 95.60 -53.37
CA GLY A 101 -66.26 95.55 -49.51
CA THR A 102 -64.00 95.23 -46.49
CA LYS A 103 -65.26 92.60 -44.02
CA VAL A 104 -64.20 93.44 -40.46
CA GLU A 105 -64.22 90.46 -38.03
CA ILE A 106 -63.50 90.91 -34.24
CA LYS A 107 -60.52 89.08 -32.58
CA ARG A 108 -61.11 87.81 -29.02
CA THR A 109 -60.07 85.09 -26.52
CA VAL A 110 -60.76 81.38 -27.23
CA ALA A 111 -64.09 80.09 -26.10
CA ALA A 112 -64.82 76.39 -26.07
CA PRO A 113 -68.13 75.26 -27.50
CA SER A 114 -71.17 73.83 -25.72
CA VAL A 115 -72.08 70.68 -27.69
CA PHE A 116 -75.57 69.25 -28.09
CA ILE A 117 -76.88 66.33 -30.17
CA PHE A 118 -80.50 65.77 -31.25
CA PRO A 119 -82.10 62.50 -32.51
CA PRO A 120 -84.58 62.41 -35.51
CA SER A 121 -88.09 63.35 -34.47
CA ASP A 122 -90.90 60.81 -34.76
CA GLU A 123 -92.84 62.42 -37.53
CA GLN A 124 -89.64 62.82 -39.45
CA LEU A 125 -88.97 59.02 -39.38
CA LYS A 126 -92.64 58.70 -40.56
CA SER A 127 -91.51 60.31 -43.92
CA GLY A 128 -88.79 57.69 -44.37
CA THR A 129 -85.79 60.08 -43.50
CA ALA A 130 -83.76 60.78 -40.40
CA SER A 131 -81.75 63.96 -39.72
CA VAL A 132 -79.41 63.90 -36.71
CA VAL A 133 -78.15 67.37 -35.60
CA CYS A 134 -75.05 68.21 -33.56
CA LEU A 135 -74.84 71.80 -32.21
CA LEU A 136 -71.64 73.56 -31.16
CA ASN A 137 -72.80 76.75 -29.45
CA ASN A 138 -70.84 79.91 -28.86
CA PHE A 139 -67.20 79.47 -29.59
CA TYR A 140 -64.14 81.40 -30.76
CA PRO A 141 -62.05 81.00 -33.14
CA ARG A 142 -64.35 79.72 -35.92
CA GLU A 143 -62.29 76.63 -36.80
CA ALA A 144 -63.70 73.39 -35.29
CA LYS A 145 -64.00 69.79 -36.58
CA VAL A 146 -67.17 67.63 -36.23
CA GLN A 147 -66.87 63.90 -36.85
CA TRP A 148 -69.85 61.56 -36.95
CA LYS A 149 -69.47 57.94 -35.89
CA VAL A 150 -72.40 55.48 -36.18
CA ASP A 151 -71.71 52.14 -34.41
CA ASN A 152 -68.55 53.50 -32.90
CA ALA A 153 -65.65 54.19 -35.33
CA LEU A 154 -67.77 53.63 -38.44
CA GLN A 155 -67.30 57.29 -38.87
CA SER A 156 -69.08 58.78 -41.82
CA GLY A 157 -68.87 61.22 -44.82
CA ASN A 158 -72.66 62.28 -45.48
CA SER A 159 -73.14 65.45 -43.35
CA GLN A 160 -73.59 69.17 -44.05
CA GLU A 161 -72.55 72.15 -41.89
CA SER A 162 -73.75 75.69 -41.28
CA VAL A 163 -71.95 78.40 -39.25
CA THR A 164 -73.58 81.60 -38.13
CA GLU A 165 -71.87 85.05 -38.59
CA GLN A 166 -70.06 86.64 -35.61
CA ASP A 167 -72.34 87.72 -32.80
CA SER A 168 -72.27 91.50 -32.25
CA LYS A 169 -72.42 91.08 -28.49
CA ASP A 170 -69.77 88.43 -27.64
CA SER A 171 -67.96 87.76 -30.96
CA THR A 172 -68.66 84.02 -31.12
CA TYR A 173 -69.89 81.61 -33.80
CA SER A 174 -72.26 78.68 -33.48
CA LEU A 175 -72.29 75.70 -35.89
CA SER A 176 -74.64 72.82 -36.83
CA SER A 177 -73.81 69.58 -38.52
CA THR A 178 -76.72 67.59 -39.92
CA LEU A 179 -76.22 63.94 -40.68
CA THR A 180 -78.96 62.64 -42.99
CA LEU A 181 -79.74 59.00 -43.55
CA SER A 182 -82.84 57.08 -44.62
CA LYS A 183 -85.28 55.61 -41.96
CA ALA A 184 -83.94 52.11 -42.88
CA ASP A 185 -80.29 53.17 -42.53
CA TYR A 186 -80.97 54.75 -39.18
CA GLU A 187 -82.95 51.61 -38.09
CA LYS A 188 -79.94 49.43 -38.34
CA HIS A 189 -77.43 51.19 -36.16
CA LYS A 190 -77.69 52.06 -32.45
CA VAL A 191 -74.85 54.38 -31.19
CA TYR A 192 -74.91 57.77 -32.96
CA ALA A 193 -72.14 60.15 -31.93
CA CYS A 194 -70.80 63.63 -32.62
CA GLU A 195 -67.07 64.14 -31.83
CA VAL A 196 -65.79 67.72 -31.60
CA THR A 197 -62.32 69.19 -31.84
CA HIS A 198 -61.68 72.87 -31.15
CA GLN A 199 -58.81 74.85 -29.52
CA GLY A 200 -60.64 75.73 -26.27
CA LEU A 201 -61.35 72.11 -25.31
CA SER A 202 -58.67 70.03 -23.52
CA SER A 203 -59.88 66.80 -25.10
CA PRO A 204 -62.17 65.98 -28.11
CA VAL A 205 -65.78 65.98 -26.90
CA THR A 206 -68.36 63.28 -27.78
CA LYS A 207 -72.14 63.48 -27.45
CA SER A 208 -73.83 60.18 -28.24
CA PHE A 209 -77.25 58.62 -27.97
CA ASN A 210 -78.68 55.17 -28.37
CA ARG A 211 -81.40 54.52 -30.99
CA GLY A 212 -84.31 53.77 -28.61
CA GLU A 213 -84.45 56.99 -26.41
CA CYS A 214 -86.86 57.56 -23.43
CA GLU B 1 -48.24 65.19 65.80
CA LEU B 2 -51.05 64.36 63.40
CA VAL B 3 -49.55 63.63 60.02
CA MET B 4 -51.13 65.14 56.88
CA THR B 5 -50.25 63.30 53.66
CA GLN B 6 -51.19 64.67 50.23
CA SER B 7 -51.63 62.71 47.08
CA PRO B 8 -50.20 63.24 44.46
CA SER B 9 -47.04 65.30 44.76
CA SER B 10 -47.35 66.61 41.16
CA LEU B 11 -49.96 66.66 38.41
CA SER B 12 -49.98 68.19 34.92
CA ALA B 13 -53.40 68.69 33.35
CA SER B 14 -54.82 70.74 30.48
CA VAL B 15 -57.03 73.75 31.01
CA GLY B 16 -60.66 72.70 31.31
CA ASP B 17 -59.69 69.47 33.07
CA ARG B 18 -61.08 68.61 36.46
CA VAL B 19 -58.37 67.88 39.05
CA ASN B 20 -58.77 66.28 42.52
CA ILE B 21 -55.99 66.39 45.22
CA ALA B 22 -56.36 64.14 48.28
CA CYS B 23 -55.14 64.74 51.84
CA ARG B 24 -55.21 62.10 54.62
CA ALA B 25 -55.13 62.79 58.30
CA SER B 26 -53.31 60.00 60.25
CA GLN B 27 -56.41 60.11 62.53
CA GLY B 28 -59.81 61.81 62.67
CA ILE B 29 -59.94 65.62 62.55
CA SER B 30 -63.69 66.08 61.92
CA SER B 31 -63.86 69.10 59.56
CA ALA B 32 -60.82 71.01 60.77
CA LEU B 33 -59.04 71.21 57.50
CA ALA B 34 -58.06 74.31 55.52
CA TRP B 35 -56.55 74.35 51.92
CA TYR B 36 -53.97 76.97 50.73
CA GLN B 37 -52.73 77.99 47.32
CA GLN B 38 -49.10 79.21 47.08
CA LYS B 39 -47.84 80.69 43.83
CA PRO B 40 -44.11 80.19 43.69
CA GLY B 41 -42.40 82.91 45.71
CA LYS B 42 -45.40 84.26 47.54
CA ALA B 43 -47.21 84.02 50.73
CA PRO B 44 -49.77 81.17 50.88
CA ARG B 45 -53.48 82.08 50.32
CA LEU B 46 -56.58 80.62 51.96
CA LEU B 47 -59.05 78.94 49.60
CA ILE B 48 -61.14 76.69 51.83
CA TYR B 49 -61.63 76.39 55.65
CA ASP B 50 -63.70 73.83 57.65
CA ALA B 51 -63.16 71.27 54.81
CA SER B 52 -65.75 72.83 52.53
CA ASN B 53 -66.30 76.60 53.10
CA LEU B 54 -64.84 78.87 50.34
CA GLU B 55 -63.16 81.96 51.61
CA SER B 56 -64.72 85.23 50.26
CA GLY B 57 -63.37 86.21 46.78
CA VAL B 58 -62.09 82.65 45.85
CA PRO B 59 -63.44 81.48 42.44
CA SER B 60 -66.43 79.20 42.47
CA ARG B 61 -64.41 76.48 40.57
CA PHE B 62 -62.64 75.52 43.82
CA SER B 63 -64.55 73.12 46.13
CA GLY B 64 -63.51 70.84 49.03
CA SER B 65 -65.00 67.74 50.66
CA GLY B 66 -64.29 65.14 53.35
CA SER B 67 -64.75 64.58 57.03
CA GLY B 68 -62.87 62.44 59.51
CA THR B 69 -59.69 61.41 57.80
CA ASP B 70 -59.99 61.85 53.98
CA PHE B 71 -60.38 65.24 52.30
CA THR B 72 -60.50 66.28 48.55
CA LEU B 73 -59.93 69.65 46.90
CA THR B 74 -61.47 69.76 43.34
CA ILE B 75 -60.65 72.44 40.73
CA SER B 76 -63.49 71.88 38.28
CA SER B 77 -62.09 73.64 35.18
CA LEU B 78 -58.35 74.18 35.49
CA GLN B 79 -57.24 77.61 34.32
CA PRO B 80 -53.49 78.86 33.62
CA GLU B 81 -53.57 81.03 36.69
CA ASP B 82 -54.11 77.89 38.80
CA PHE B 83 -50.42 76.91 38.55
CA ALA B 84 -49.35 76.69 42.20
CA ILE B 85 -48.43 74.35 45.07
CA TYR B 86 -51.55 73.45 47.11
CA TYR B 87 -51.34 72.55 50.94
CA CYS B 88 -53.80 71.16 53.42
CA GLN B 89 -53.40 72.00 57.12
CA GLN B 90 -55.24 70.47 60.19
CA PHE B 91 -56.25 72.57 63.23
CA ASN B 92 -57.87 69.93 65.34
CA SER B 93 -54.74 69.36 67.42
CA TYR B 94 -51.55 71.16 68.38
CA PRO B 95 -48.89 71.16 66.71
CA LEU B 96 -50.89 72.42 63.79
CA THR B 97 -49.53 70.53 60.77
CA PHE B 98 -49.34 70.90 57.00
CA GLY B 99 -49.32 68.36 54.27
CA GLY B 100 -46.37 68.08 51.88
CA GLY B 101 -47.83 69.88 48.78
CA THR B 102 -49.27 69.04 45.39
CA LYS B 103 -47.65 71.05 42.58
CA VAL B 104 -50.07 71.57 39.69
CA GLU B 105 -48.39 72.42 36.33
CA ILE B 106 -50.49 73.32 33.19
CA LYS B 107 -50.20 71.18 29.97
CA ARG B 108 -50.38 73.10 26.66
CA THR B 109 -49.21 73.03 23.00
CA VAL B 110 -45.47 73.19 22.12
CA ALA B 111 -44.03 76.63 21.73
CA ALA B 112 -40.60 77.13 20.25
CA PRO B 113 -38.28 79.51 22.03
CA SER B 114 -37.03 82.94 20.94
CA VAL B 115 -33.24 82.83 21.42
CA PHE B 116 -31.03 85.79 22.29
CA ILE B 117 -27.30 85.99 23.08
CA PHE B 118 -25.55 88.84 24.95
CA PRO B 119 -21.79 89.63 25.02
CA PRO B 120 -19.93 90.68 28.28
CA SER B 121 -20.39 94.35 29.05
CA ASP B 122 -17.40 96.67 29.08
CA GLU B 123 -17.27 97.39 32.77
CA GLN B 124 -17.57 93.72 33.43
CA LEU B 125 -14.37 92.96 31.40
CA LYS B 126 -12.79 95.81 33.47
CA SER B 127 -13.13 93.50 36.58
CA GLY B 128 -11.23 90.71 34.83
CA THR B 129 -14.39 88.44 34.19
CA ALA B 130 -16.71 87.87 31.27
CA SER B 131 -20.25 86.46 31.50
CA VAL B 132 -21.95 85.55 28.21
CA VAL B 133 -25.76 85.01 28.46
CA CYS B 134 -28.02 83.05 26.12
CA LEU B 135 -31.80 83.57 26.59
CA LEU B 136 -34.51 81.17 25.44
CA ASN B 137 -37.76 83.08 25.90
CA ASN B 138 -41.24 81.67 26.20
CA PHE B 139 -41.38 78.03 25.37
CA TYR B 140 -43.30 74.85 26.18
CA PRO B 141 -42.46 71.96 27.23
CA ARG B 142 -39.69 72.88 29.71
CA GLU B 143 -37.06 70.49 28.32
CA ALA B 144 -34.47 72.22 26.07
CA LYS B 145 -30.70 71.81 25.58
CA VAL B 146 -28.21 74.74 25.37
CA GLN B 147 -24.72 74.03 24.08
CA TRP B 148 -21.92 76.60 24.09
CA LYS B 149 -19.23 76.51 21.42
CA VAL B 150 -16.28 78.95 21.52
CA ASP B 151 -14.17 78.87 18.30
CA ASN B 152 -16.70 76.66 16.62
CA ALA B 153 -17.00 73.06 17.95
CA LEU B 154 -14.76 73.72 20.97
CA GLN B 155 -17.94 73.29 22.84
CA SER B 156 -17.67 73.79 26.53
CA GLY B 157 -18.68 72.50 30.06
CA ASN B 158 -18.50 75.74 32.36
CA SER B 159 -22.06 77.20 32.24
CA GLN B 160 -24.97 77.51 34.68
CA GLU B 161 -28.72 77.59 33.91
CA SER B 162 -31.84 79.11 35.46
CA VAL B 163 -35.47 78.41 34.42
CA THR B 164 -38.39 80.49 35.53
CA GLU B 165 -41.65 78.92 36.90
CA GLN B 166 -44.67 78.55 34.57
CA ASP B 167 -46.24 81.82 33.54
CA SER B 168 -49.82 82.17 34.79
CA LYS B 169 -50.94 83.81 31.56
CA ASP B 170 -49.52 81.60 28.75
CA SER B 171 -48.01 78.58 30.56
CA THR B 172 -44.46 78.96 29.21
CA TYR B 173 -40.98 78.88 30.72
CA SER B 174 -37.98 81.04 29.92
CA LEU B 175 -34.34 79.95 30.53
CA SER B 176 -30.88 81.57 30.79
CA SER B 177 -27.52 79.96 30.39
CA THR B 178 -24.53 81.97 31.63
CA LEU B 179 -21.09 81.02 30.41
CA THR B 180 -18.40 82.53 32.63
CA LEU B 181 -14.77 82.84 31.68
CA SER B 182 -11.93 85.15 32.73
CA LYS B 183 -11.15 88.37 30.70
CA ALA B 184 -7.98 86.61 29.40
CA ASP B 185 -9.89 83.47 28.36
CA TYR B 186 -12.48 85.52 26.57
CA GLU B 187 -9.68 87.62 24.90
CA LYS B 188 -8.32 84.66 23.09
CA HIS B 189 -11.33 83.35 21.25
CA LYS B 190 -13.54 85.12 18.68
CA VAL B 191 -16.76 83.15 17.76
CA TYR B 192 -19.02 82.65 20.79
CA ALA B 193 -22.18 80.65 20.09
CA CYS B 194 -25.30 79.31 21.80
CA GLU B 195 -26.90 76.25 20.13
CA VAL B 196 -30.47 75.36 21.14
CA THR B 197 -32.45 72.17 20.83
CA HIS B 198 -36.14 72.03 21.74
CA GLN B 199 -39.19 70.18 20.35
CA GLY B 200 -40.88 73.20 18.69
CA LEU B 201 -37.89 74.06 16.49
CA SER B 202 -37.38 72.23 13.15
CA SER B 203 -33.59 72.55 13.37
CA PRO B 204 -31.14 73.38 16.26
CA VAL B 205 -30.81 77.17 16.49
CA THR B 206 -27.49 79.03 16.85
CA LYS B 207 -26.95 82.63 17.94
CA SER B 208 -23.31 83.69 17.66
CA PHE B 209 -21.27 86.85 17.87
CA ASN B 210 -17.72 87.83 17.11
CA ARG B 211 -15.48 89.23 19.87
CA GLY B 212 -15.11 92.81 18.56
CA GLU B 213 -18.82 93.97 18.29
CA CYS B 214 -19.98 97.41 16.92
CA GLN C 1 -93.67 104.41 -39.66
CA VAL C 2 -94.73 100.83 -40.57
CA LYS C 3 -91.12 101.05 -41.72
CA LEU C 4 -90.15 104.25 -43.72
CA LEU C 5 -89.38 102.67 -47.12
CA GLU C 6 -90.98 99.14 -47.33
CA GLN C 7 -90.75 96.61 -50.16
CA SER C 8 -92.88 93.77 -51.64
CA GLY C 9 -91.56 90.30 -50.59
CA ALA C 10 -89.84 87.63 -52.66
CA GLU C 11 -90.18 85.97 -55.54
CA VAL C 12 -89.33 83.14 -57.82
CA LYS C 13 -89.68 83.82 -61.54
CA LYS C 14 -88.95 81.47 -64.47
CA PRO C 15 -86.06 82.52 -66.85
CA GLY C 16 -87.58 84.75 -69.60
CA ALA C 17 -90.32 86.17 -67.32
CA SER C 18 -90.60 89.67 -65.82
CA VAL C 19 -90.66 90.71 -62.13
CA LYS C 20 -92.24 93.85 -60.62
CA VAL C 21 -90.84 95.02 -57.26
CA SER C 22 -92.63 97.79 -55.26
CA CYS C 23 -91.38 100.25 -52.65
CA LYS C 24 -93.98 102.09 -50.48
CA ALA C 25 -92.76 105.33 -48.79
CA SER C 26 -94.37 106.20 -45.39
CA GLY C 27 -93.73 109.12 -42.92
CA TYR C 28 -92.01 111.64 -45.28
CA SER C 29 -93.34 113.75 -48.25
CA PHE C 30 -93.03 111.23 -51.18
CA THR C 31 -92.84 113.79 -54.09
CA SER C 32 -89.98 115.86 -52.48
CA TYR C 33 -87.27 113.13 -53.01
CA GLY C 34 -85.99 110.72 -55.66
CA LEU C 35 -85.70 106.93 -55.16
CA HIS C 36 -82.67 104.90 -56.30
CA TRP C 37 -82.80 101.13 -57.17
CA VAL C 38 -79.77 98.96 -56.29
CA ARG C 39 -79.20 95.18 -56.41
CA GLN C 40 -76.82 92.73 -54.71
CA ALA C 41 -76.23 89.32 -56.38
CA PRO C 42 -74.98 86.56 -53.98
CA GLY C 43 -71.34 87.17 -52.87
CA GLN C 44 -71.12 90.31 -55.04
CA ARG C 45 -70.92 94.07 -54.63
CA LEU C 46 -73.94 96.37 -54.80
CA GLU C 47 -74.83 97.45 -58.34
CA TRP C 48 -76.73 100.68 -59.08
CA MET C 49 -79.63 100.09 -61.59
CA GLY C 50 -81.53 103.41 -61.82
CA TRP C 51 -83.34 106.35 -60.18
CA ILE C 52 -86.84 107.92 -60.38
CA SER C 53 -87.91 111.46 -59.32
CA ALA C 54 -91.22 110.96 -57.36
CA GLY C 55 -92.33 114.55 -58.27
CA THR C 56 -91.83 114.54 -62.11
CA GLY C 57 -91.74 110.75 -62.87
CA ASN C 58 -88.36 111.31 -64.68
CA THR C 59 -86.01 108.43 -65.04
CA LYS C 60 -82.29 107.68 -65.13
CA TYR C 61 -80.76 104.22 -65.47
CA SER C 62 -77.62 102.13 -65.87
CA GLN C 63 -77.00 101.21 -69.54
CA LYS C 64 -76.15 97.65 -68.28
CA PHE C 65 -80.03 97.29 -68.07
CA ARG C 66 -80.71 99.17 -71.39
CA GLY C 67 -84.00 98.00 -72.94
CA ARG C 68 -85.15 95.74 -70.02
CA VAL C 69 -85.64 97.96 -66.88
CA THR C 70 -88.69 100.28 -66.25
CA PHE C 71 -89.30 102.70 -63.30
CA THR C 72 -92.81 103.93 -62.36
CA ARG C 73 -94.30 105.81 -59.37
CA ASP C 74 -97.94 105.87 -58.18
CA THR C 75 -97.90 109.31 -56.55
CA SER C 76 -101.36 108.84 -54.84
CA ALA C 77 -100.48 105.40 -53.28
CA THR C 78 -96.97 106.79 -52.56
CA THR C 79 -95.30 103.70 -54.08
CA ALA C 80 -92.49 103.41 -56.65
CA TYR C 81 -91.94 100.26 -58.78
CA MET C 82 -89.17 98.75 -60.83
CA GLY C 83 -90.02 96.34 -63.66
CA LEU C 84 -87.22 93.96 -64.82
CA SER C 85 -87.93 92.02 -68.07
CA SER C 86 -86.26 89.02 -69.80
CA LEU C 87 -85.07 87.46 -66.54
CA ARG C 88 -81.84 85.44 -66.66
CA PRO C 89 -80.51 83.18 -63.80
CA GLU C 90 -77.86 85.91 -62.98
CA ASP C 91 -80.72 88.33 -62.01
CA THR C 92 -81.06 86.23 -58.77
CA ALA C 93 -80.26 89.02 -56.28
CA VAL C 94 -81.67 91.18 -53.47
CA TYR C 95 -83.32 94.33 -54.97
CA TYR C 96 -83.27 97.42 -52.74
CA CYS C 97 -84.90 100.76 -53.20
CA ALA C 98 -83.04 103.58 -51.37
CA ARG C 99 -83.79 107.27 -50.91
CA ASP C 100 -82.03 110.22 -52.66
CA PRO C 101 -81.99 112.91 -49.84
CA TYR C 102 -81.96 115.81 -52.38
CA GLY C 103 -84.15 114.77 -55.40
CA GLY C 104 -81.36 115.36 -58.02
CA GLY C 105 -80.32 111.76 -59.00
CA LYS C 106 -76.65 111.76 -57.92
CA SER C 107 -76.36 111.29 -54.18
CA GLU C 108 -75.45 109.03 -51.25
CA PHE C 109 -78.57 107.03 -50.11
CA ASP C 110 -79.80 107.88 -46.55
CA TYR C 111 -82.79 105.42 -46.12
CA TRP C 112 -82.88 101.93 -47.59
CA GLY C 113 -85.81 99.57 -48.07
CA GLN C 114 -85.35 96.03 -46.63
CA GLY C 115 -84.72 94.18 -49.93
CA THR C 116 -86.74 91.66 -51.98
CA LEU C 117 -84.95 88.55 -53.13
CA VAL C 118 -85.95 87.60 -56.70
CA THR C 119 -84.80 84.10 -57.56
CA VAL C 120 -84.79 83.19 -61.29
CA SER C 121 -85.39 79.39 -61.67
CA SER C 122 -87.13 76.46 -63.48
CA ALA C 123 -85.72 73.72 -61.10
CA SER C 124 -89.14 73.65 -59.50
CA PRO C 125 -90.24 75.83 -56.51
CA THR C 126 -90.92 73.71 -53.34
CA SER C 127 -92.35 74.94 -49.97
CA PRO C 128 -90.54 73.97 -46.68
CA LYS C 129 -91.80 71.14 -44.44
CA VAL C 130 -91.29 72.22 -40.81
CA PHE C 131 -90.36 69.53 -38.20
CA PRO C 132 -89.91 69.83 -34.40
CA LEU C 133 -86.51 69.26 -32.77
CA SER C 134 -87.21 68.36 -29.08
CA LEU C 135 -85.79 65.98 -26.38
CA CYS C 136 -87.70 64.16 -23.59
CA SER C 137 -85.07 63.52 -20.79
CA THR C 138 -82.17 63.29 -23.36
CA GLN C 139 -80.90 66.93 -22.77
CA PRO C 140 -78.66 67.86 -19.74
CA ASP C 141 -80.44 68.87 -16.42
CA GLY C 142 -80.44 72.74 -16.33
CA ASN C 143 -80.75 74.25 -19.87
CA VAL C 144 -83.17 73.35 -22.74
CA VAL C 145 -82.43 73.33 -26.53
CA ILE C 146 -85.46 73.09 -28.85
CA ALA C 147 -85.55 73.80 -32.58
CA CYS C 148 -87.42 73.75 -35.92
CA LEU C 149 -85.95 71.94 -38.96
CA VAL C 150 -87.15 73.93 -42.09
CA GLN C 151 -86.66 71.17 -44.69
CA GLY C 152 -86.67 70.66 -48.48
CA PHE C 153 -87.38 74.10 -49.97
CA PHE C 154 -86.39 75.89 -53.22
CA PRO C 155 -85.41 78.55 -53.95
CA GLN C 156 -83.48 79.92 -50.87
CA GLU C 157 -85.35 83.34 -50.56
CA PRO C 158 -85.64 85.37 -47.25
CA LEU C 159 -86.71 83.04 -44.40
CA SER C 160 -88.17 84.96 -41.37
CA VAL C 161 -88.00 82.71 -38.24
CA THR C 162 -89.48 84.09 -35.00
CA TRP C 163 -90.04 82.20 -31.66
CA SER C 164 -92.99 82.80 -29.19
CA GLU C 165 -90.64 83.26 -26.14
CA SER C 166 -88.05 86.14 -25.91
CA GLY C 167 -85.84 87.29 -22.95
CA GLN C 168 -82.34 87.93 -21.42
CA GLY C 169 -81.14 84.25 -21.20
CA VAL C 170 -83.19 82.93 -24.21
CA THR C 171 -80.83 82.75 -27.26
CA ALA C 172 -82.10 82.24 -30.86
CA ARG C 173 -79.66 80.87 -33.50
CA ASN C 174 -80.84 80.94 -37.15
CA PHE C 175 -78.48 78.60 -39.16
CA PRO C 176 -77.89 79.78 -42.83
CA PRO C 177 -79.44 77.66 -45.70
CA SER C 178 -77.40 74.55 -46.68
CA GLN C 179 -77.89 73.14 -50.22
CA ASP C 180 -78.33 69.32 -50.90
CA ALA C 181 -76.43 68.14 -54.11
CA SER C 182 -76.69 70.19 -57.41
CA GLY C 183 -79.37 72.81 -56.48
CA ASP C 184 -81.96 70.07 -55.57
CA LEU C 185 -83.28 71.20 -52.10
CA TYR C 186 -82.25 73.72 -49.34
CA THR C 187 -82.52 72.97 -45.56
CA THR C 188 -82.14 75.46 -42.60
CA SER C 189 -82.49 74.86 -38.82
CA SER C 190 -83.65 77.50 -36.22
CA GLN C 191 -82.56 76.76 -32.59
CA LEU C 192 -83.90 78.27 -29.29
CA THR C 193 -81.60 77.75 -26.22
CA LEU C 194 -83.36 78.78 -22.89
CA PRO C 195 -83.13 77.85 -19.11
CA ALA C 196 -85.08 74.67 -18.03
CA THR C 197 -87.08 76.81 -15.48
CA GLN C 198 -88.32 78.90 -18.52
CA CYS C 199 -89.24 75.74 -20.58
CA LEU C 200 -90.91 73.23 -18.16
CA ALA C 201 -92.16 69.65 -19.09
CA GLY C 202 -95.70 69.67 -20.64
CA LYS C 203 -95.28 73.28 -21.97
CA SER C 204 -94.47 74.34 -25.60
CA VAL C 205 -92.81 77.24 -27.57
CA THR C 206 -94.17 78.23 -31.04
CA CYS C 207 -91.77 78.69 -34.00
CA HIS C 208 -93.19 81.05 -36.74
CA VAL C 209 -91.61 80.53 -40.21
CA LYS C 210 -92.24 82.94 -43.13
CA HIS C 211 -90.79 81.83 -46.52
CA TYR C 212 -90.87 84.95 -48.97
CA THR C 213 -94.32 86.66 -49.23
CA ASN C 214 -96.11 83.32 -48.48
CA PRO C 215 -98.41 82.86 -45.38
CA SER C 216 -96.70 82.10 -42.00
CA GLN C 217 -96.18 78.38 -41.16
CA ASP C 218 -96.45 77.81 -37.36
CA VAL C 219 -95.24 74.79 -35.29
CA THR C 220 -95.77 74.23 -31.55
CA VAL C 221 -92.46 72.70 -30.31
CA PRO C 222 -92.46 70.87 -26.85
CA CYS C 223 -91.12 70.30 -25.46
CA PRO C 224 -89.78 69.74 -24.07
CA VAL C 225 -88.04 66.69 -26.07
CA PRO C 226 -84.42 66.90 -24.24
CA SER C 227 -81.42 64.35 -24.16
CA THR C 228 -77.95 63.69 -22.54
CA PRO C 229 -75.32 61.11 -24.36
CA PRO C 230 -73.17 59.31 -21.39
CA THR C 231 -70.64 60.30 -18.42
CA PRO C 232 -68.45 57.41 -16.83
CA SER C 233 -66.86 59.64 -14.19
CA PRO C 234 -62.99 58.77 -13.21
CA SER C 235 -61.16 57.50 -16.46
CA THR C 236 -57.56 58.61 -15.38
CA PRO C 237 -54.02 56.79 -15.94
CA PRO C 238 -53.13 53.80 -13.77
CA THR C 239 -49.94 54.85 -12.03
CA PRO C 240 -46.36 53.21 -12.47
CA SER C 241 -44.98 52.79 -8.73
CA PRO C 242 -41.34 52.30 -9.81
CA SER C 243 -39.95 50.34 -6.54
CA CYS C 244 -41.97 47.58 -4.32
CA CYS C 245 -38.73 46.15 -2.98
CA HIS C 246 -35.15 47.78 -2.00
CA PRO C 247 -31.16 46.99 -2.08
CA ARG C 248 -28.83 44.28 -3.60
CA LEU C 249 -25.31 43.40 -2.17
CA SER C 250 -22.81 41.97 -4.76
CA LEU C 251 -19.14 40.82 -4.39
CA HIS C 252 -17.02 40.88 -7.62
CA ARG C 253 -13.79 38.74 -7.22
CA PRO C 254 -10.19 39.71 -8.35
CA ALA C 255 -9.11 38.70 -11.96
CA LEU C 256 -6.72 35.67 -12.43
CA GLU C 257 -4.22 37.29 -14.91
CA ASP C 258 -3.69 40.53 -12.81
CA LEU C 259 -3.20 38.70 -9.43
CA LEU C 260 -0.67 36.23 -11.03
CA LEU C 261 1.31 38.80 -13.16
CA GLY C 262 2.59 41.37 -10.57
CA SER C 263 0.32 40.78 -7.44
CA GLU C 264 -2.59 43.08 -8.56
CA ALA C 265 -5.89 41.91 -6.93
CA ASN C 266 -8.91 43.95 -5.67
CA LEU C 267 -12.01 42.33 -4.11
CA THR C 268 -14.87 44.70 -4.92
CA CYS C 269 -18.01 45.27 -2.81
CA THR C 270 -21.08 46.78 -4.53
CA LEU C 271 -24.34 47.81 -2.71
CA THR C 272 -27.10 48.23 -5.34
CA GLY C 273 -30.70 49.12 -4.21
CA LEU C 274 -30.22 51.59 -1.26
CA ARG C 275 -33.36 53.90 -1.59
CA ASP C 276 -33.57 57.78 -1.15
CA ALA C 277 -31.87 59.85 1.72
CA SER C 278 -29.27 57.22 2.65
CA GLY C 279 -25.63 56.09 3.38
CA VAL C 280 -23.75 52.71 3.62
CA THR C 281 -21.13 51.72 6.29
CA PHE C 282 -18.56 49.09 5.22
CA THR C 283 -16.62 46.59 7.47
CA TRP C 284 -13.88 44.60 5.57
CA THR C 285 -11.67 41.82 7.12
CA PRO C 286 -7.88 42.56 6.64
CA SER C 287 -5.70 40.49 4.19
CA SER C 288 -3.12 38.03 5.74
CA GLY C 289 -0.14 40.48 6.22
CA LYS C 290 -2.22 42.79 8.56
CA SER C 291 -3.66 44.98 5.70
CA ALA C 292 -7.13 46.70 5.47
CA VAL C 293 -7.42 49.64 2.95
CA GLN C 294 -10.78 50.94 1.45
CA GLY C 295 -12.29 53.76 -0.80
CA PRO C 296 -16.16 54.07 -0.82
CA PRO C 297 -17.97 56.60 -3.19
CA GLU C 298 -21.83 56.89 -3.50
CA ARG C 299 -23.01 56.63 -7.15
CA ASP C 300 -26.72 57.08 -8.19
CA LEU C 301 -27.33 54.24 -10.78
CA CYS C 302 -30.78 53.88 -12.58
CA GLY C 303 -32.29 56.36 -10.06
CA CYS C 304 -30.85 55.14 -6.66
CA TYR C 305 -27.53 55.13 -4.60
CA SER C 306 -24.75 52.44 -4.85
CA VAL C 307 -21.87 52.39 -2.24
CA SER C 308 -19.08 50.62 -4.15
CA SER C 309 -16.04 50.08 -1.92
CA VAL C 310 -12.78 48.28 -2.96
CA LEU C 311 -10.16 46.39 -0.87
CA PRO C 312 -6.69 46.06 -2.61
CA GLY C 313 -5.03 42.62 -2.00
CA CYS C 314 -1.75 40.70 -2.49
CA ALA C 315 -1.27 37.34 -4.37
CA GLU C 316 -0.26 35.27 -1.22
CA PRO C 317 -3.62 35.56 0.77
CA TRP C 318 -5.60 34.63 -2.44
CA ASN C 319 -3.20 31.70 -3.42
CA HIS C 320 -2.76 30.23 0.16
CA GLY C 321 -6.47 30.45 1.33
CA LYS C 322 -7.90 33.66 2.93
CA THR C 323 -11.65 34.50 3.54
CA PHE C 324 -12.56 38.11 2.55
CA THR C 325 -15.69 39.39 4.33
CA CYS C 326 -17.50 42.59 3.27
CA THR C 327 -20.03 43.36 6.04
CA ALA C 328 -22.27 46.33 5.25
CA ALA C 329 -24.56 48.11 7.84
CA TYR C 330 -27.59 50.44 7.04
CA PRO C 331 -30.64 51.32 9.35
CA GLU C 332 -33.39 50.23 6.83
CA SER C 333 -31.49 46.85 6.42
CA LYS C 334 -32.46 45.34 9.87
CA THR C 335 -29.81 42.54 9.51
CA PRO C 336 -26.38 44.04 8.42
CA LEU C 337 -25.34 42.05 5.27
CA THR C 338 -22.19 39.95 5.42
CA ALA C 339 -20.73 38.48 2.14
CA THR C 340 -17.52 36.35 2.34
CA LEU C 341 -15.25 35.25 -0.53
CA SER C 342 -12.08 33.01 -0.93
CA LYS C 343 -10.36 30.31 -3.14
CA SER C 344 -12.15 27.04 -4.25
CA GLY C 345 -12.17 23.35 -3.08
CA ASN C 346 -9.62 20.69 -1.90
CA THR C 347 -6.21 20.37 -3.76
CA PHE C 348 -4.98 17.72 -6.34
CA ARG C 349 -1.40 17.32 -7.84
CA PRO C 350 -1.21 18.05 -11.66
CA GLU C 351 -0.06 15.13 -13.84
CA VAL C 352 2.20 16.72 -16.57
CA HIS C 353 2.82 14.61 -19.75
CA LEU C 354 4.75 16.14 -22.72
CA LEU C 355 3.62 14.94 -26.19
CA PRO C 356 5.87 15.19 -29.33
CA PRO C 357 4.31 16.14 -32.74
CA PRO C 358 2.31 13.68 -34.90
CA SER C 359 4.17 12.00 -37.85
CA GLU C 360 1.89 13.83 -40.39
CA GLU C 361 2.72 17.32 -38.87
CA LEU C 362 6.41 16.71 -39.87
CA ALA C 363 5.13 17.11 -43.49
CA LEU C 364 4.53 20.76 -42.32
CA ASN C 365 7.40 23.35 -41.90
CA GLU C 366 7.25 26.76 -40.02
CA LEU C 367 5.57 25.47 -36.78
CA VAL C 368 5.94 22.01 -35.08
CA THR C 369 3.25 21.47 -32.50
CA LEU C 370 4.87 20.59 -29.10
CA THR C 371 2.06 19.74 -26.66
CA CYS C 372 2.02 19.37 -22.85
CA LEU C 373 -1.08 17.96 -21.09
CA ALA C 374 -1.62 19.08 -17.45
CA ARG C 375 -4.46 16.85 -16.10
CA GLY C 376 -6.23 15.83 -12.85
CA PHE C 377 -5.42 19.14 -11.05
CA SER C 378 -7.45 21.26 -8.52
CA PRO C 379 -8.14 24.03 -7.91
CA LYS C 380 -8.11 25.47 -11.51
CA ASP C 381 -5.43 27.91 -10.38
CA VAL C 382 -2.24 27.06 -12.39
CA LEU C 383 0.64 28.65 -14.43
CA VAL C 384 2.17 26.85 -17.41
CA ARG C 385 5.24 28.22 -19.32
CA TRP C 386 7.71 26.86 -21.93
CA LEU C 387 11.54 26.97 -22.05
CA GLN C 388 14.18 26.36 -24.76
CA GLY C 389 17.20 24.19 -23.67
CA SER C 390 19.26 25.08 -26.83
CA GLN C 391 19.51 28.86 -25.98
CA GLU C 392 18.94 28.61 -22.14
CA LEU C 393 15.95 31.02 -22.51
CA PRO C 394 12.12 31.23 -22.14
CA ARG C 395 10.08 30.73 -25.36
CA GLU C 396 7.57 32.96 -27.21
CA LYS C 397 5.35 31.08 -29.70
CA TYR C 398 3.07 29.22 -27.26
CA LEU C 399 -0.66 29.28 -26.39
CA THR C 400 -2.52 27.67 -23.38
CA TRP C 401 -6.28 26.75 -23.47
CA ALA C 402 -8.71 25.59 -20.62
CA SER C 403 -11.08 22.74 -19.43
CA ARG C 404 -12.86 22.41 -15.99
CA GLN C 405 -14.27 18.81 -15.84
CA GLU C 406 -17.70 18.43 -14.05
CA PRO C 407 -20.40 15.80 -15.01
CA SER C 408 -23.41 14.55 -12.88
CA GLN C 409 -21.10 12.39 -10.63
CA GLY C 410 -18.62 13.21 -7.79
CA THR C 411 -15.67 13.34 -10.30
CA THR C 412 -14.58 17.05 -10.68
CA THR C 413 -10.89 18.08 -11.47
CA PHE C 414 -9.36 20.20 -14.37
CA ALA C 415 -7.31 19.59 -17.55
CA VAL C 416 -5.45 21.96 -19.95
CA THR C 417 -3.28 21.52 -23.06
CA SER C 418 -0.44 23.99 -23.83
CA ILE C 419 0.82 24.33 -27.44
CA LEU C 420 4.45 25.44 -28.20
CA ARG C 421 4.91 25.92 -31.95
CA VAL C 422 8.55 25.53 -33.29
CA ALA C 423 10.42 25.35 -36.64
CA ALA C 424 10.57 21.67 -37.89
CA GLU C 425 14.42 22.00 -38.06
CA ASP C 426 15.15 22.88 -34.33
CA TRP C 427 13.16 19.83 -33.09
CA LYS C 428 15.28 17.68 -35.56
CA LYS C 429 18.51 19.51 -34.45
CA GLY C 430 17.85 17.58 -31.17
CA ASP C 431 16.69 20.51 -29.01
CA THR C 432 15.19 19.94 -25.54
CA PHE C 433 12.02 22.00 -24.85
CA SER C 434 10.50 21.94 -21.33
CA CYS C 435 6.97 22.65 -20.11
CA MET C 436 7.11 24.20 -16.58
CA VAL C 437 3.91 23.85 -14.47
CA GLY C 438 3.34 25.81 -11.21
CA HIS C 439 0.49 24.73 -8.93
CA GLU C 440 -0.56 24.76 -5.18
CA ALA C 441 -0.18 20.91 -4.89
CA LEU C 442 3.22 20.50 -6.70
CA PRO C 443 6.26 19.45 -4.51
CA LEU C 444 8.15 22.81 -4.59
CA ALA C 445 5.08 24.56 -6.16
CA PHE C 446 6.93 23.81 -9.43
CA THR C 447 7.51 20.83 -11.77
CA GLN C 448 9.05 20.73 -15.26
CA LYS C 449 8.66 17.88 -17.83
CA THR C 450 10.95 17.81 -20.93
CA ILE C 451 10.57 17.00 -24.71
CA ASP C 452 13.31 16.26 -27.30
CA ARG C 453 13.73 14.35 -30.65
CA LEU C 454 15.89 11.86 -28.57
CA ALA C 455 14.13 8.69 -27.24
CA GLY C 456 16.13 6.16 -25.11
CA LYS C 457 13.94 3.12 -24.25
CA PRO C 458 15.06 2.21 -20.68
CA THR C 459 12.46 4.16 -20.59
CA HIS C 460 11.26 7.83 -20.13
CA VAL C 461 13.89 9.49 -17.76
CA ASN C 462 14.79 13.22 -17.07
CA VAL C 463 17.83 15.72 -17.19
CA SER C 464 20.58 15.87 -14.44
CA VAL C 465 20.94 18.23 -11.32
CA VAL C 466 21.71 21.79 -12.67
CA MET C 467 22.78 24.14 -9.77
CA ALA C 468 23.91 23.69 -6.07
CA GLU C 469 24.05 25.35 -3.36
CA VAL C 470 22.89 29.11 -3.32
CA ASP C 471 19.23 28.30 -2.34
CA GLY C 472 17.79 31.83 -1.57
CA THR C 473 17.81 31.63 2.29
CA CYS C 474 21.57 30.73 2.45
CA TYR C 475 22.80 33.02 -0.48
CA GLN D 1 -53.52 99.45 54.06
CA VAL D 2 -49.75 99.86 53.52
CA LYS D 3 -50.29 96.12 53.35
CA LEU D 4 -52.54 94.58 56.13
CA LEU D 5 -49.94 92.42 57.94
CA GLU D 6 -46.36 93.62 57.03
CA GLN D 7 -43.04 92.14 58.12
CA SER D 8 -39.44 93.35 58.75
CA GLY D 9 -37.07 92.40 55.85
CA ALA D 10 -34.27 89.88 55.75
CA GLU D 11 -31.56 88.92 57.47
CA VAL D 12 -28.33 87.09 57.75
CA LYS D 13 -27.35 85.94 61.23
CA LYS D 14 -24.26 83.97 62.31
CA PRO D 15 -24.88 80.42 63.77
CA GLY D 16 -25.41 80.82 67.57
CA ALA D 17 -26.96 84.32 67.28
CA SER D 18 -30.61 85.34 67.75
CA VAL D 19 -33.01 86.93 65.22
CA LYS D 20 -36.05 89.15 65.95
CA VAL D 21 -38.75 89.29 63.25
CA SER D 22 -41.61 91.86 63.49
CA CYS D 23 -45.12 91.89 62.05
CA LYS D 24 -47.04 95.24 61.99
CA ALA D 25 -50.87 94.96 61.68
CA SER D 26 -52.65 97.86 59.82
CA GLY D 27 -56.37 98.41 58.92
CA TYR D 28 -58.05 96.01 61.43
CA SER D 29 -58.42 96.13 65.28
CA PHE D 30 -55.08 94.54 66.43
CA THR D 31 -56.23 93.33 69.93
CA SER D 32 -59.35 91.46 68.59
CA TYR D 33 -57.33 88.64 66.85
CA GLY D 34 -54.42 86.28 67.50
CA LEU D 35 -51.33 86.02 65.25
CA HIS D 36 -49.75 82.70 64.23
CA TRP D 37 -46.02 82.27 63.26
CA VAL D 38 -45.13 79.75 60.51
CA ARG D 39 -41.86 79.00 58.69
CA GLN D 40 -40.91 77.40 55.36
CA ALA D 41 -37.35 76.01 54.97
CA PRO D 42 -36.15 75.69 51.30
CA GLY D 43 -37.96 72.85 49.45
CA GLN D 44 -39.91 71.94 52.58
CA ARG D 45 -43.46 72.10 53.90
CA LEU D 46 -44.75 74.91 56.12
CA GLU D 47 -44.09 74.34 59.84
CA TRP D 48 -46.22 75.95 62.56
CA MET D 49 -44.04 77.54 65.33
CA GLY D 50 -46.46 79.35 67.70
CA TRP D 51 -49.32 81.82 68.30
CA ILE D 52 -49.84 85.01 70.38
CA SER D 53 -53.17 86.59 71.49
CA ALA D 54 -52.76 90.39 70.78
CA GLY D 55 -55.34 91.20 73.54
CA THR D 56 -53.90 89.19 76.52
CA GLY D 57 -50.25 88.63 75.37
CA ASN D 58 -50.77 84.83 75.98
CA THR D 59 -48.61 82.40 74.16
CA LYS D 60 -48.74 78.93 72.63
CA TYR D 61 -45.88 77.22 70.81
CA SER D 62 -44.58 74.09 69.11
CA GLN D 63 -42.43 71.99 71.49
CA LYS D 64 -39.97 71.55 68.55
CA PHE D 65 -38.86 75.15 69.52
CA ARG D 66 -39.03 74.53 73.33
CA GLY D 67 -36.64 76.85 75.18
CA ARG D 68 -35.55 78.98 72.14
CA VAL D 69 -38.66 80.80 70.74
CA THR D 70 -40.29 83.94 72.33
CA PHE D 71 -43.49 85.81 71.22
CA THR D 72 -44.15 89.46 72.19
CA ARG D 73 -46.70 92.13 71.11
CA ASP D 74 -46.40 95.94 71.39
CA THR D 75 -50.13 96.72 71.62
CA SER D 76 -49.61 100.56 71.17
CA ALA D 77 -47.38 100.22 68.00
CA THR D 78 -49.69 97.37 66.85
CA THR D 79 -46.72 95.07 66.13
CA ALA D 80 -46.06 91.45 67.16
CA TYR D 81 -42.53 89.94 67.27
CA MET D 82 -41.00 86.50 67.32
CA GLY D 83 -37.53 86.02 68.83
CA LEU D 84 -35.58 82.87 67.75
CA SER D 85 -32.39 82.12 69.77
CA SER D 86 -29.41 79.74 69.25
CA LEU D 87 -29.62 79.89 65.45
CA ARG D 88 -28.50 76.79 63.53
CA PRO D 89 -27.95 76.61 59.69
CA GLU D 90 -31.30 74.67 59.38
CA ASP D 91 -33.19 77.78 60.66
CA THR D 92 -32.55 79.30 57.15
CA ALA D 93 -36.21 79.71 56.11
CA VAL D 94 -38.94 82.24 55.28
CA TYR D 95 -40.76 83.30 58.51
CA TYR D 96 -44.41 84.31 58.07
CA CYS D 97 -46.82 85.79 60.54
CA ALA D 98 -50.47 84.96 59.69
CA ARG D 99 -53.77 86.00 61.27
CA ASP D 100 -56.07 83.85 63.46
CA PRO D 101 -59.60 85.08 62.36
CA TYR D 102 -61.16 84.17 65.77
CA GLY D 103 -58.52 84.90 68.52
CA GLY D 104 -58.63 81.32 70.01
CA GLY D 105 -55.29 79.80 68.81
CA LYS D 106 -56.54 76.88 66.68
CA SER D 107 -57.70 78.10 63.28
CA GLU D 108 -57.08 78.34 59.54
CA PHE D 109 -55.05 81.56 58.74
CA ASP D 110 -56.97 84.16 56.61
CA TYR D 111 -54.28 86.94 56.14
CA TRP D 112 -50.56 86.26 55.78
CA GLY D 113 -47.62 88.62 56.08
CA GLN D 114 -45.16 88.61 53.12
CA GLY D 115 -42.34 86.60 54.77
CA THR D 116 -38.82 87.50 55.99
CA LEU D 117 -36.00 85.25 54.89
CA VAL D 118 -33.50 84.68 57.73
CA THR D 119 -30.30 83.10 56.45
CA VAL D 120 -28.00 81.55 59.08
CA SER D 121 -24.33 81.76 57.85
CA SER D 122 -20.62 82.46 58.59
CA ALA D 123 -19.46 82.00 54.90
CA SER D 124 -19.26 85.77 54.70
CA PRO D 125 -22.17 88.09 53.63
CA THR D 126 -21.40 89.88 50.29
CA SER D 127 -23.53 92.62 48.57
CA PRO D 128 -24.41 92.23 44.80
CA LYS D 129 -22.51 94.16 42.09
CA VAL D 130 -25.04 95.21 39.43
CA PHE D 131 -23.90 95.28 35.74
CA PRO D 132 -25.81 96.42 32.60
CA LEU D 133 -26.73 93.94 29.83
CA SER D 134 -27.26 96.03 26.64
CA LEU D 135 -26.56 95.70 22.85
CA CYS D 136 -25.63 98.49 20.36
CA SER D 137 -26.78 97.18 16.87
CA THR D 138 -26.20 93.48 17.92
CA GLN D 139 -29.95 92.74 18.67
CA PRO D 140 -32.50 91.96 15.84
CA ASP D 141 -34.31 94.99 14.18
CA GLY D 142 -37.80 95.20 15.88
CA ASN D 143 -37.64 94.14 19.59
CA VAL D 144 -35.15 95.14 22.35
CA VAL D 145 -33.77 92.94 25.21
CA ILE D 146 -31.94 94.76 28.03
CA ALA D 147 -31.05 93.38 31.44
CA CYS D 148 -29.24 93.72 34.80
CA LEU D 149 -26.74 91.08 35.98
CA VAL D 150 -26.97 91.00 39.86
CA GLN D 151 -23.59 89.36 40.56
CA GLY D 152 -21.61 87.81 43.45
CA PHE D 153 -23.91 88.04 46.49
CA PHE D 154 -24.41 85.92 49.65
CA PRO D 155 -26.69 84.84 51.14
CA GLN D 156 -29.59 84.40 48.58
CA GLU D 157 -32.32 86.40 50.53
CA PRO D 158 -35.39 88.10 48.83
CA LEU D 159 -34.23 90.12 45.79
CA SER D 160 -36.81 92.76 44.67
CA VAL D 161 -36.11 93.76 41.02
CA THR D 162 -38.31 96.49 39.49
CA TRP D 163 -37.85 98.25 36.07
CA SER D 164 -38.72 101.97 35.31
CA GLU D 165 -40.89 101.08 32.22
CA SER D 166 -44.12 98.95 32.47
CA GLY D 167 -46.83 98.19 29.82
CA GLN D 168 -48.79 95.65 27.67
CA GLY D 169 -45.90 94.44 25.40
CA VAL D 170 -43.05 95.04 27.95
CA THR D 171 -42.19 91.65 29.59
CA ALA D 172 -40.00 91.33 32.74
CA ARG D 173 -38.28 87.97 33.46
CA ASN D 174 -36.61 87.57 36.89
CA PHE D 175 -34.26 84.49 36.66
CA PRO D 176 -33.96 82.53 40.02
CA PRO D 177 -30.57 82.68 41.93
CA SER D 178 -27.88 80.27 40.62
CA GLN D 179 -25.09 79.22 43.05
CA ASP D 180 -21.34 79.15 42.01
CA ALA D 181 -19.43 76.06 43.45
CA SER D 182 -19.86 75.06 47.19
CA GLY D 183 -21.96 78.02 48.54
CA ASP D 184 -19.30 80.62 47.42
CA LEU D 185 -21.41 83.29 45.52
CA TYR D 186 -24.98 83.58 44.07
CA THR D 187 -25.78 85.33 40.69
CA THR D 188 -29.26 86.29 39.29
CA SER D 189 -30.17 88.11 36.02
CA SER D 190 -33.29 90.34 35.49
CA GLN D 191 -34.33 90.78 31.80
CA LEU D 192 -36.72 93.41 30.24
CA THR D 193 -38.01 92.52 26.69
CA LEU D 194 -39.86 95.52 25.03
CA PRO D 195 -40.61 96.78 21.42
CA ALA D 196 -37.78 98.86 19.74
CA THR D 197 -40.25 101.82 19.30
CA GLN D 198 -40.60 101.83 23.17
CA CYS D 199 -36.76 101.68 23.74
CA LEU D 200 -35.12 104.05 21.15
CA ALA D 201 -31.30 104.64 20.69
CA GLY D 202 -29.89 107.26 23.18
CA LYS D 203 -32.66 106.51 25.79
CA SER D 204 -32.32 104.36 28.99
CA VAL D 205 -34.48 102.20 31.37
CA THR D 206 -33.65 102.08 35.13
CA CYS D 207 -33.41 98.72 36.97
CA HIS D 208 -34.07 99.03 40.77
CA VAL D 209 -32.58 96.16 42.85
CA LYS D 210 -33.40 95.67 46.57
CA HIS D 211 -31.38 92.92 48.36
CA TYR D 212 -33.14 92.16 51.84
CA THR D 213 -33.77 95.29 54.00
CA ASN D 214 -30.71 97.06 52.45
CA PRO D 215 -31.03 100.40 50.47
CA SER D 216 -32.10 100.16 46.77
CA GLN D 217 -29.26 99.85 44.19
CA ASP D 218 -30.22 101.59 40.90
CA VAL D 219 -28.65 101.16 37.41
CA THR D 220 -29.53 103.14 34.27
CA VAL D 221 -29.26 100.58 31.40
CA PRO D 222 -29.04 101.84 27.72
CA CYS D 223 -29.41 101.15 25.87
CA PRO D 224 -29.78 100.46 24.00
CA VAL D 225 -26.66 97.91 23.65
CA PRO D 226 -28.40 95.36 21.03
CA SER D 227 -26.85 92.52 18.77
CA THR D 228 -27.70 89.97 15.97
CA PRO D 229 -25.27 86.71 15.38
CA PRO D 230 -25.37 85.85 11.40
CA THR D 231 -28.01 84.79 8.56
CA PRO D 232 -26.60 83.30 5.18
CA SER D 233 -30.00 83.02 3.50
CA PRO D 234 -30.49 79.84 0.99
CA SER D 235 -28.46 76.79 2.45
CA THR D 236 -30.70 73.99 0.85
CA PRO D 237 -29.67 70.45 -0.71
CA PRO D 238 -28.10 70.36 -4.18
CA THR D 239 -30.45 68.20 -6.20
CA PRO D 240 -29.62 64.67 -7.81
CA SER D 241 -31.08 64.90 -11.54
CA PRO D 242 -31.03 61.12 -12.11
CA SER D 243 -30.92 61.06 -16.16
CA CYS D 244 -28.92 63.68 -18.57
CA CYS D 245 -28.92 61.19 -21.43
CA HIS D 246 -31.57 58.40 -22.69
CA PRO D 247 -31.73 54.68 -24.34
CA ARG D 248 -29.26 51.80 -25.14
CA LEU D 249 -29.86 49.13 -27.89
CA SER D 250 -28.10 45.72 -27.28
CA LEU D 251 -28.07 42.46 -29.36
CA HIS D 252 -27.29 39.22 -27.40
CA ARG D 253 -26.30 36.33 -29.80
CA PRO D 254 -27.51 32.63 -29.65
CA ALA D 255 -25.41 30.13 -27.52
CA LEU D 256 -23.07 27.61 -29.35
CA GLU D 257 -24.08 24.40 -27.40
CA ASP D 258 -27.91 24.93 -27.81
CA LEU D 259 -27.77 25.77 -31.59
CA LEU D 260 -25.50 22.68 -32.28
CA LEU D 261 -27.37 20.14 -30.01
CA GLY D 262 -30.99 20.15 -31.39
CA SER D 263 -31.20 23.45 -33.46
CA GLU D 264 -32.14 25.76 -30.49
CA ALA D 265 -31.01 29.39 -31.25
CA ASN D 266 -32.65 32.75 -30.33
CA LEU D 267 -31.14 36.14 -31.30
CA THR D 268 -32.27 38.53 -28.57
CA CYS D 269 -32.91 42.29 -28.98
CA THR D 270 -32.85 44.47 -25.84
CA LEU D 271 -33.77 48.23 -25.75
CA THR D 272 -32.44 49.71 -22.46
CA GLY D 273 -32.88 53.50 -21.77
CA LEU D 274 -36.37 54.38 -23.20
CA ARG D 275 -37.57 57.24 -20.81
CA ASP D 276 -41.14 57.78 -19.31
CA ALA D 277 -44.52 57.49 -21.29
CA SER D 278 -43.15 55.36 -24.14
CA GLY D 279 -43.26 52.28 -26.50
CA VAL D 280 -40.80 50.49 -28.88
CA THR D 281 -41.59 49.13 -32.42
CA PHE D 282 -39.41 46.22 -33.63
CA THR D 283 -38.55 45.24 -37.27
CA TRP D 284 -36.63 41.87 -37.57
CA THR D 285 -35.30 40.35 -40.86
CA PRO D 286 -36.62 36.73 -41.41
CA SER D 287 -34.29 33.65 -41.09
CA SER D 288 -33.33 31.79 -44.37
CA GLY D 289 -36.37 29.38 -44.65
CA LYS D 290 -38.89 32.35 -44.79
CA SER D 291 -39.34 32.61 -40.95
CA ALA D 292 -39.98 35.77 -38.80
CA VAL D 293 -41.51 35.16 -35.27
CA GLN D 294 -41.30 37.69 -32.31
CA GLY D 295 -42.53 38.29 -28.66
CA PRO D 296 -41.93 41.83 -27.18
CA PRO D 297 -42.81 42.65 -23.47
CA GLU D 298 -42.05 46.07 -21.77
CA ARG D 299 -40.09 45.65 -18.49
CA ASP D 300 -39.23 48.64 -16.18
CA LEU D 301 -35.52 48.02 -15.16
CA CYS D 302 -33.70 50.41 -12.68
CA GLY D 303 -36.57 52.94 -13.09
CA CYS D 304 -37.19 52.94 -16.93
CA TYR D 305 -38.76 50.75 -19.74
CA SER D 306 -36.91 47.97 -21.72
CA VAL D 307 -38.56 46.40 -24.86
CA SER D 308 -36.86 42.99 -25.06
CA SER D 309 -37.97 41.08 -28.16
CA VAL D 310 -36.70 37.60 -29.24
CA LEU D 311 -36.46 35.95 -32.73
CA PRO D 312 -36.24 32.07 -32.61
CA GLY D 313 -33.82 30.64 -35.26
CA CYS D 314 -32.67 27.34 -36.85
CA ALA D 315 -29.04 25.98 -37.02
CA GLU D 316 -28.70 26.22 -40.91
CA PRO D 317 -29.01 30.12 -41.26
CA TRP D 318 -26.44 30.58 -38.39
CA ASN D 319 -23.99 27.85 -39.74
CA HIS D 320 -24.24 28.82 -43.51
CA GLY D 321 -24.06 32.69 -43.11
CA LYS D 322 -27.23 34.81 -42.46
CA THR D 323 -27.37 38.52 -41.31
CA PHE D 324 -29.96 39.13 -38.52
CA THR D 325 -31.11 42.77 -38.33
CA CYS D 326 -33.10 44.16 -35.37
CA THR D 327 -34.33 47.61 -36.44
CA ALA D 328 -36.14 49.49 -33.66
CA ALA D 329 -38.23 52.71 -34.19
CA TYR D 330 -39.30 55.27 -31.45
CA PRO D 331 -40.32 59.03 -31.90
CA GLU D 332 -37.71 60.48 -29.40
CA SER D 333 -34.98 58.42 -31.25
CA LYS D 334 -34.81 60.61 -34.47
CA THR D 335 -32.79 57.91 -36.35
CA PRO D 336 -34.45 54.41 -35.94
CA LEU D 337 -31.65 52.09 -34.61
CA THR D 338 -30.56 49.17 -36.77
CA ALA D 339 -28.27 46.44 -35.25
CA THR D 340 -27.20 43.49 -37.48
CA LEU D 341 -25.58 40.20 -36.40
CA SER D 342 -24.14 37.03 -38.18
CA LYS D 343 -21.25 34.42 -38.20
CA SER D 344 -17.50 35.45 -38.18
CA GLY D 345 -14.69 35.78 -40.83
CA ASN D 346 -13.39 33.78 -43.89
CA THR D 347 -13.13 29.90 -43.67
CA PHE D 348 -10.02 27.60 -43.19
CA ARG D 349 -9.87 23.72 -43.35
CA PRO D 350 -9.02 22.03 -39.94
CA GLU D 351 -5.81 19.93 -39.90
CA VAL D 352 -6.62 16.86 -37.70
CA HIS D 353 -3.61 14.89 -36.27
CA LEU D 354 -4.19 12.00 -33.78
CA LEU D 355 -1.48 11.57 -31.11
CA PRO D 356 -0.94 8.26 -29.18
CA PRO D 357 -0.05 8.35 -25.42
CA PRO D 358 3.46 9.18 -24.10
CA SER D 359 5.72 6.20 -23.10
CA GLU D 360 5.66 7.35 -19.39
CA GLU D 361 1.77 7.38 -19.31
CA LEU D 362 1.87 3.58 -20.02
CA ALA D 363 3.27 3.30 -16.43
CA LEU D 364 -0.31 4.51 -15.50
CA ASN D 365 -3.42 2.18 -15.62
CA GLU D 366 -7.16 3.25 -15.54
CA LEU D 367 -6.96 6.03 -18.22
CA VAL D 368 -4.67 6.21 -21.33
CA THR D 369 -4.61 9.68 -22.80
CA LEU D 370 -5.59 9.54 -26.53
CA THR D 371 -5.18 13.05 -27.99
CA CYS D 372 -6.39 14.61 -31.26
CA LEU D 373 -5.13 18.07 -32.31
CA ALA D 374 -7.48 20.10 -34.58
CA ARG D 375 -5.42 23.12 -35.77
CA GLY D 376 -5.43 26.01 -38.31
CA PHE D 377 -9.27 26.16 -38.52
CA SER D 378 -11.70 29.15 -38.94
CA PRO D 379 -14.25 30.16 -37.92
CA LYS D 380 -14.06 28.75 -34.32
CA ASP D 381 -17.30 26.89 -35.02
CA VAL D 382 -16.45 23.11 -34.84
CA LEU D 383 -17.70 19.73 -33.41
CA VAL D 384 -15.24 17.04 -32.31
CA ARG D 385 -16.39 13.54 -31.16
CA TRP D 386 -14.70 10.17 -30.47
CA LEU D 387 -15.61 6.61 -31.62
CA GLN D 388 -14.58 3.07 -30.57
CA GLY D 389 -13.78 0.66 -33.48
CA SER D 390 -13.75 -2.46 -31.19
CA GLN D 391 -17.51 -2.16 -30.22
CA GLU D 392 -18.72 -0.10 -33.29
CA LEU D 393 -20.02 2.60 -30.86
CA PRO D 394 -19.47 6.26 -29.78
CA ARG D 395 -17.26 6.80 -26.68
CA GLU D 396 -17.92 8.45 -23.28
CA LYS D 397 -14.74 9.38 -21.36
CA TYR D 398 -13.56 12.36 -23.45
CA LEU D 399 -13.12 16.11 -22.87
CA THR D 400 -12.49 18.95 -25.45
CA TRP D 401 -10.78 22.31 -24.54
CA ALA D 402 -10.35 25.62 -26.60
CA SER D 403 -7.76 28.13 -28.08
CA ARG D 404 -8.47 31.12 -30.46
CA GLN D 405 -5.01 32.29 -31.77
CA GLU D 406 -4.62 36.13 -32.24
CA PRO D 407 -1.29 38.07 -31.75
CA SER D 408 -0.36 41.62 -33.07
CA GLN D 409 0.13 40.31 -36.69
CA GLY D 410 -2.32 39.23 -39.48
CA THR D 411 -2.09 35.53 -38.37
CA THR D 412 -5.47 34.56 -36.71
CA THR D 413 -6.92 30.93 -36.83
CA PHE D 414 -7.96 28.46 -33.98
CA ALA D 415 -6.60 25.28 -32.35
CA VAL D 416 -8.15 22.72 -29.91
CA THR D 417 -6.99 19.47 -28.30
CA SER D 418 -9.52 16.68 -27.49
CA ILE D 419 -8.64 14.10 -24.80
CA LEU D 420 -10.14 10.53 -24.90
CA ARG D 421 -9.16 8.61 -21.75
CA VAL D 422 -9.10 4.73 -22.05
CA ALA D 423 -8.01 1.65 -20.02
CA ALA D 424 -4.29 0.82 -20.76
CA GLU D 425 -5.38 -2.74 -21.77
CA ASP D 426 -7.83 -1.85 -24.67
CA TRP D 427 -5.18 0.31 -26.41
CA LYS D 428 -2.77 -2.72 -26.11
CA LYS D 429 -5.57 -5.13 -27.25
CA GLY D 430 -5.04 -3.30 -30.61
CA ASP D 431 -8.24 -1.22 -30.64
CA THR D 432 -8.81 1.52 -33.24
CA PHE D 433 -10.18 4.80 -31.78
CA SER D 434 -11.20 7.61 -34.19
CA CYS D 435 -11.53 11.37 -33.67
CA MET D 436 -14.37 12.74 -35.89
CA VAL D 437 -14.18 16.50 -36.70
CA GLY D 438 -17.10 18.43 -38.28
CA HIS D 439 -16.42 21.91 -39.68
CA GLU D 440 -17.72 24.38 -42.38
CA ALA D 441 -14.51 23.96 -44.54
CA LEU D 442 -14.21 20.10 -44.38
CA PRO D 443 -14.85 18.16 -47.70
CA LEU D 444 -18.23 16.56 -46.71
CA ALA D 445 -18.43 18.82 -43.58
CA PHE D 446 -16.87 15.77 -41.87
CA THR D 447 -13.42 14.16 -41.52
CA GLN D 448 -12.26 11.32 -39.23
CA LYS D 449 -8.61 10.49 -38.31
CA THR D 450 -7.82 7.16 -36.57
CA ILE D 451 -5.49 5.93 -33.72
CA ASP D 452 -4.41 2.34 -32.86
CA ARG D 453 -1.45 0.51 -31.14
CA LEU D 454 -0.59 -0.75 -34.73
CA ALA D 455 2.08 1.25 -36.69
CA GLY D 456 3.01 0.14 -40.28
CA LYS D 457 5.86 2.34 -41.65
CA PRO D 458 4.95 2.72 -45.37
CA THR D 459 3.79 5.23 -43.67
CA HIS D 460 0.63 6.69 -41.94
CA VAL D 461 -2.41 5.34 -44.01
CA ASN D 462 -6.19 4.97 -43.15
CA VAL D 463 -9.05 2.27 -42.93
CA SER D 464 -10.93 0.89 -46.05
CA VAL D 465 -14.36 1.94 -47.63
CA VAL D 466 -17.14 0.87 -45.14
CA MET D 467 -20.64 1.18 -46.79
CA ALA D 468 -22.00 1.62 -50.43
CA GLU D 469 -24.60 2.68 -51.92
CA VAL D 470 -27.68 3.94 -49.83
CA ASP D 471 -26.53 7.63 -49.77
CA GLY D 472 -29.63 9.44 -48.28
CA THR D 473 -31.02 10.97 -51.55
CA CYS D 474 -31.14 7.55 -53.36
CA TYR D 475 -32.26 5.36 -50.32
CA GLU E 1 104.86 -45.06 41.42
CA LEU E 2 104.62 -47.51 38.55
CA VAL E 3 101.25 -47.10 36.90
CA MET E 4 99.20 -50.20 35.98
CA THR E 5 96.55 -49.57 33.31
CA GLN E 6 93.96 -52.22 32.39
CA SER E 7 92.10 -52.49 29.15
CA PRO E 8 89.09 -52.59 28.85
CA SER E 9 87.15 -51.28 31.82
CA SER E 10 84.09 -53.46 31.00
CA LEU E 11 83.27 -56.38 28.73
CA SER E 12 80.09 -58.42 28.26
CA ALA E 13 80.54 -61.81 26.59
CA SER E 14 78.50 -65.01 26.29
CA VAL E 15 79.41 -68.21 28.09
CA GLY E 16 81.84 -70.24 26.02
CA ASP E 17 83.51 -67.09 24.68
CA ARG E 18 87.21 -66.51 25.11
CA VAL E 19 88.01 -63.18 26.81
CA ASN E 20 91.41 -61.42 27.06
CA ILE E 21 92.08 -58.48 29.52
CA ALA E 22 95.30 -56.45 29.06
CA CYS E 23 97.36 -54.69 31.72
CA ARG E 24 100.28 -52.31 30.95
CA ALA E 25 103.06 -51.41 33.29
CA SER E 26 104.31 -47.79 32.71
CA GLN E 27 107.80 -49.42 32.73
CA GLY E 28 109.34 -52.91 32.84
CA ILE E 29 108.42 -55.21 35.74
CA SER E 30 109.82 -58.50 34.38
CA SER E 31 107.28 -61.13 35.56
CA ALA E 32 106.18 -59.51 38.82
CA LEU E 33 102.54 -59.38 38.07
CA ALA E 34 99.67 -61.07 39.94
CA TRP E 35 95.93 -61.16 38.81
CA TYR E 36 92.97 -61.12 41.28
CA GLN E 37 89.30 -61.89 40.92
CA GLN E 38 86.88 -59.94 43.14
CA LYS E 39 83.22 -60.91 43.22
CA PRO E 40 81.21 -57.86 44.18
CA GLY E 41 81.29 -57.45 47.95
CA LYS E 42 84.07 -59.86 48.76
CA ALA E 43 87.67 -60.01 49.42
CA PRO E 44 89.84 -60.27 46.26
CA ARG E 45 91.17 -63.77 45.31
CA LEU E 46 94.51 -64.72 43.77
CA LEU E 47 94.33 -66.43 40.36
CA ILE E 48 97.78 -65.98 38.87
CA TYR E 49 101.21 -64.89 40.29
CA ASP E 50 104.55 -64.33 38.44
CA ALA E 51 102.55 -63.42 35.26
CA SER E 52 101.73 -67.02 34.41
CA ASN E 53 101.62 -69.38 37.46
CA LEU E 54 98.06 -70.49 38.46
CA GLU E 55 97.45 -70.55 42.16
CA SER E 56 96.43 -74.04 43.49
CA GLY E 57 92.67 -74.74 43.10
CA VAL E 58 92.06 -72.07 40.32
CA PRO E 59 90.28 -73.56 37.26
CA SER E 60 92.45 -74.51 34.32
CA ARG E 61 90.47 -72.09 32.04
CA PHE E 62 92.39 -69.13 33.52
CA SER E 63 95.84 -68.43 32.01
CA GLY E 64 98.16 -65.39 32.00
CA SER E 65 101.01 -64.21 29.77
CA GLY E 66 103.42 -61.30 29.29
CA SER E 67 106.78 -60.08 30.44
CA GLY E 68 108.28 -56.63 30.65
CA THR E 69 105.43 -54.22 30.23
CA ASP E 70 102.39 -55.99 28.63
CA PHE E 71 100.45 -58.77 30.34
CA THR E 72 97.23 -60.69 29.31
CA LEU E 73 94.80 -62.73 31.39
CA THR E 74 92.71 -65.14 29.18
CA ILE E 75 89.53 -66.92 30.35
CA SER E 76 89.21 -69.57 27.65
CA SER E 77 85.53 -70.55 28.07
CA LEU E 78 83.65 -67.94 30.08
CA GLN E 79 81.30 -69.43 32.65
CA PRO E 80 78.42 -67.56 34.72
CA GLU E 81 80.43 -67.82 37.88
CA ASP E 82 83.17 -65.74 36.22
CA PHE E 83 81.21 -62.48 36.71
CA ALA E 84 83.63 -60.33 38.71
CA ILE E 85 86.01 -57.34 38.59
CA TYR E 86 89.57 -58.50 37.67
CA TYR E 87 92.77 -56.55 38.89
CA CYS E 88 96.41 -56.78 38.06
CA GLN E 89 99.01 -55.72 40.65
CA GLN E 90 102.83 -55.21 40.23
CA PHE E 91 105.35 -56.15 42.96
CA ASN E 92 108.55 -55.15 41.28
CA SER E 93 108.69 -51.77 43.01
CA TYR E 94 107.32 -50.06 46.12
CA PRO E 95 104.55 -48.62 46.32
CA LEU E 96 102.96 -51.82 45.16
CA THR E 97 100.23 -50.74 42.71
CA PHE E 98 96.98 -52.08 41.26
CA GLY E 99 95.36 -51.54 37.96
CA GLY E 100 91.91 -49.96 37.70
CA GLY E 101 89.76 -53.12 37.08
CA THR E 102 87.99 -54.86 34.23
CA LYS E 103 84.36 -55.73 35.10
CA VAL E 104 83.20 -58.82 33.18
CA GLU E 105 79.38 -59.17 32.88
CA ILE E 106 77.75 -62.30 31.28
CA LYS E 107 75.50 -61.96 28.14
CA ARG E 108 72.46 -64.29 28.00
CA THR E 109 68.89 -64.59 26.63
CA VAL E 110 66.12 -62.17 27.75
CA ALA E 111 64.23 -63.16 30.83
CA ALA E 112 61.06 -61.35 31.81
CA PRO E 113 60.70 -60.36 35.43
CA SER E 114 58.35 -61.73 38.08
CA VAL E 115 56.71 -58.66 39.67
CA PHE E 116 55.53 -58.37 43.26
CA ILE E 117 54.12 -55.43 45.23
CA PHE E 118 54.02 -55.10 49.04
CA PRO E 119 51.86 -52.68 51.13
CA PRO E 120 53.26 -50.79 54.23
CA SER E 121 53.28 -52.96 57.33
CA ASP E 122 51.15 -52.00 60.31
CA GLU E 123 53.88 -51.09 62.70
CA GLN E 124 55.44 -49.00 60.01
CA LEU E 125 52.26 -46.84 59.65
CA LYS E 126 52.43 -46.59 63.49
CA SER E 127 55.66 -44.48 63.05
CA GLY E 128 53.88 -42.06 60.70
CA THR E 129 55.59 -43.36 57.41
CA ALA E 130 54.61 -45.76 54.68
CA SER E 131 57.04 -47.56 52.32
CA VAL E 132 55.50 -49.41 49.38
CA VAL E 133 57.87 -51.91 47.63
CA CYS E 134 57.66 -53.28 44.09
CA LEU E 135 59.94 -56.26 43.29
CA LEU E 136 61.05 -57.32 39.81
CA ASN E 137 62.71 -60.68 40.31
CA ASN E 138 65.16 -62.42 38.02
CA PHE E 139 65.41 -60.74 34.68
CA TYR E 140 67.85 -60.12 31.84
CA PRO E 141 68.93 -57.49 30.38
CA ARG E 142 69.24 -55.09 33.35
CA GLU E 143 67.25 -52.23 31.80
CA ALA E 144 63.64 -52.02 33.06
CA LYS E 145 61.30 -49.11 33.94
CA VAL E 146 59.11 -48.96 37.09
CA GLN E 147 56.34 -46.37 37.23
CA TRP E 148 54.25 -45.72 40.33
CA LYS E 149 50.67 -44.53 40.00
CA VAL E 150 48.58 -43.66 43.09
CA ASP E 151 44.87 -43.11 42.29
CA ASN E 152 45.38 -44.33 38.76
CA ALA E 153 47.46 -42.07 36.45
CA LEU E 154 48.54 -39.73 39.27
CA GLN E 155 51.88 -41.27 38.63
CA SER E 156 54.60 -40.11 40.91
CA GLY E 157 58.31 -38.95 41.21
CA ASN E 158 59.31 -39.87 44.95
CA SER E 159 60.78 -43.43 44.68
CA GLN E 160 64.25 -44.97 45.00
CA GLU E 161 65.63 -48.10 43.26
CA SER E 162 68.20 -50.78 44.02
CA VAL E 163 69.47 -53.47 41.59
CA THR E 164 71.45 -56.48 42.67
CA GLU E 165 74.69 -57.57 40.84
CA GLN E 166 74.52 -60.42 38.29
CA ASP E 167 73.75 -63.80 39.78
CA SER E 168 76.62 -66.28 39.29
CA LYS E 169 74.22 -69.12 38.60
CA ASP E 170 71.70 -67.76 36.05
CA SER E 171 73.05 -64.30 35.10
CA THR E 172 69.96 -62.31 36.11
CA TYR E 173 69.33 -59.12 38.09
CA SER E 174 66.56 -58.35 40.56
CA LEU E 175 65.37 -54.81 41.36
CA SER E 176 63.33 -53.02 44.08
CA SER E 177 61.57 -49.72 43.90
CA THR E 178 60.49 -48.19 47.22
CA LEU E 179 57.88 -45.48 47.19
CA THR E 180 57.87 -43.56 50.47
CA LEU E 181 55.08 -41.32 51.63
CA SER E 182 53.86 -40.13 55.03
CA LYS E 183 51.04 -42.06 56.91
CA ALA E 184 48.70 -39.11 56.10
CA ASP E 185 49.62 -39.11 52.39
CA TYR E 186 49.07 -42.84 52.16
CA GLU E 187 45.73 -42.47 54.08
CA LYS E 188 44.23 -40.39 51.38
CA HIS E 189 44.67 -42.51 48.32
CA LYS E 190 43.36 -46.05 47.64
CA VAL E 191 44.81 -47.66 44.43
CA TYR E 192 48.60 -48.07 44.62
CA ALA E 193 50.20 -49.55 41.51
CA CYS E 194 53.58 -50.56 40.09
CA GLU E 195 53.80 -50.59 36.26
CA VAL E 196 56.76 -52.43 34.70
CA THR E 197 58.32 -52.21 31.27
CA HIS E 198 61.07 -54.62 30.20
CA GLN E 199 62.02 -56.32 26.90
CA GLY E 200 60.88 -59.87 27.84
CA LEU E 201 57.29 -58.85 28.60
CA SER E 202 54.73 -58.54 25.76
CA SER E 203 52.81 -55.80 27.54
CA PRO E 204 53.61 -53.46 30.51
CA VAL E 205 52.75 -55.27 33.75
CA THR E 206 50.80 -53.70 36.65
CA LYS E 207 50.55 -54.97 40.22
CA SER E 208 48.13 -52.95 42.31
CA PHE E 209 46.46 -53.12 45.69
CA ASN E 210 43.69 -51.25 47.44
CA ARG E 211 44.40 -49.44 50.72
CA GLY E 212 42.30 -51.62 53.06
CA GLU E 213 43.80 -55.17 52.45
CA CYS E 214 42.52 -58.45 54.06
CA GLU F 1 2.86 -125.66 -4.50
CA LEU F 2 3.30 -123.93 -1.16
CA VAL F 3 4.61 -120.44 -1.78
CA MET F 4 7.48 -119.09 0.36
CA THR F 5 7.74 -115.30 0.38
CA GLN F 6 10.69 -113.48 1.98
CA SER F 7 10.73 -109.97 3.28
CA PRO F 8 12.68 -107.82 2.45
CA SER F 9 14.43 -108.43 -0.84
CA SER F 10 17.46 -106.30 0.18
CA LEU F 11 18.84 -104.72 3.35
CA SER F 12 22.01 -102.73 4.04
CA ALA F 13 23.07 -102.53 7.69
CA SER F 14 26.26 -101.65 9.57
CA VAL F 15 28.37 -104.23 11.36
CA GLY F 16 27.09 -104.75 14.89
CA ASP F 17 23.49 -104.21 13.80
CA ARG F 18 20.85 -106.80 14.44
CA VAL F 19 19.00 -107.87 11.27
CA ASN F 20 15.75 -109.89 10.98
CA ILE F 21 14.55 -111.50 7.65
CA ALA F 22 10.98 -112.84 7.48
CA CYS F 23 9.63 -115.74 5.43
CA ARG F 24 5.91 -116.59 5.06
CA ALA F 25 4.49 -119.92 4.09
CA SER F 26 1.20 -119.55 2.09
CA GLN F 27 -0.13 -122.18 4.56
CA GLY F 28 1.02 -124.01 7.71
CA ILE F 29 4.26 -126.01 7.56
CA SER F 30 4.75 -126.62 11.31
CA SER F 31 8.56 -126.38 11.79
CA ALA F 32 9.68 -127.68 8.41
CA LEU F 33 11.73 -124.73 7.42
CA ALA F 34 15.47 -124.58 6.68
CA TRP F 35 17.55 -121.33 6.04
CA TYR F 36 20.56 -121.19 3.62
CA GLN F 37 23.33 -118.69 3.12
CA GLN F 38 24.70 -118.31 -0.44
CA LYS F 39 27.79 -116.18 -1.03
CA PRO F 40 27.68 -114.93 -4.59
CA GLY F 41 28.96 -117.63 -6.92
CA LYS F 42 28.91 -120.55 -4.53
CA ALA F 43 26.87 -123.41 -3.49
CA PRO F 44 24.25 -122.59 -0.82
CA ARG F 45 25.09 -123.50 2.84
CA LEU F 46 22.77 -124.76 5.58
CA LEU F 47 22.49 -122.53 8.65
CA ILE F 48 19.27 -123.60 10.34
CA TYR F 49 16.92 -126.64 9.95
CA ASP F 50 13.56 -127.37 11.71
CA ALA F 51 12.99 -123.56 12.03
CA SER F 52 15.38 -123.16 14.94
CA ASN F 53 18.20 -125.79 15.06
CA LEU F 54 21.68 -124.44 14.10
CA GLU F 55 23.68 -126.74 11.93
CA SER F 56 27.05 -127.78 13.52
CA GLY F 57 29.84 -125.19 12.93
CA VAL F 58 27.45 -122.21 12.18
CA PRO F 59 28.24 -119.14 14.35
CA SER F 60 26.12 -118.63 17.43
CA ARG F 61 25.01 -115.16 16.11
CA PHE F 62 22.55 -116.85 13.72
CA SER F 63 19.16 -117.86 15.23
CA GLY F 64 15.75 -118.73 13.73
CA SER F 65 12.17 -118.72 15.05
CA GLY F 66 8.58 -119.33 13.93
CA SER F 67 6.08 -122.10 13.58
CA GLY F 68 3.07 -122.52 11.35
CA THR F 69 3.32 -119.83 8.74
CA ASP F 70 5.75 -117.05 9.87
CA PHE F 71 9.48 -117.61 10.37
CA THR F 72 12.36 -115.18 11.27
CA LEU F 73 16.12 -115.53 10.84
CA THR F 74 18.05 -113.07 13.14
CA ILE F 75 21.77 -112.22 12.74
CA SER F 76 22.44 -110.61 16.10
CA SER F 77 25.69 -108.72 15.32
CA LEU F 78 26.20 -108.39 11.58
CA GLN F 79 29.78 -109.04 10.51
CA PRO F 80 31.44 -108.27 6.94
CA GLU F 81 31.59 -111.94 6.14
CA ASP F 82 27.79 -112.07 6.42
CA PHE F 83 27.33 -110.48 2.97
CA ALA F 84 25.24 -113.06 1.11
CA ILE F 85 21.77 -113.89 -0.27
CA TYR F 86 19.71 -115.79 2.37
CA TYR F 87 16.90 -118.34 1.36
CA CYS F 88 14.24 -120.19 3.27
CA GLN F 89 12.96 -123.53 1.98
CA GLN F 90 9.90 -125.61 3.17
CA PHE F 91 9.95 -129.44 3.30
CA ASN F 92 6.49 -130.10 4.59
CA SER F 93 5.06 -130.74 1.11
CA TYR F 94 6.26 -131.74 -2.35
CA PRO F 95 7.33 -129.78 -4.54
CA LEU F 96 9.85 -128.57 -2.04
CA THR F 97 9.98 -124.77 -2.50
CA PHE F 98 12.35 -121.89 -1.85
CA GLY F 99 11.70 -118.31 -1.05
CA GLY F 100 12.94 -115.53 -3.33
CA GLY F 101 16.04 -114.34 -1.35
CA THR F 102 17.09 -111.48 0.89
CA LYS F 103 20.40 -109.93 -0.19
CA VAL F 104 22.26 -108.43 2.78
CA GLU F 105 24.90 -105.78 1.86
CA ILE F 106 27.23 -104.22 4.54
CA LYS F 107 27.19 -100.40 5.17
CA ARG F 108 30.59 -98.81 5.96
CA THR F 109 32.58 -95.54 5.66
CA VAL F 110 33.43 -94.03 2.23
CA ALA F 111 36.61 -95.24 0.66
CA ALA F 112 38.05 -93.51 -2.38
CA PRO F 113 39.22 -95.70 -5.22
CA SER F 114 42.75 -96.38 -6.43
CA VAL F 115 42.64 -95.80 -10.21
CA PHE F 116 44.78 -97.59 -12.80
CA ILE F 117 44.75 -97.48 -16.61
CA PHE F 118 46.24 -100.12 -18.95
CA PRO F 119 47.10 -99.71 -22.68
CA PRO F 120 46.32 -102.49 -25.31
CA SER F 121 48.95 -105.20 -25.32
CA ASP F 122 51.06 -105.78 -28.42
CA GLU F 123 49.68 -109.11 -29.44
CA GLN F 124 46.23 -107.73 -29.02
CA LEU F 125 46.88 -104.94 -31.60
CA LYS F 126 48.25 -107.79 -33.81
CA SER F 127 44.61 -109.12 -34.04
CA GLY F 128 43.33 -105.76 -35.25
CA THR F 129 41.59 -104.74 -31.87
CA ALA F 130 42.54 -102.63 -28.91
CA SER F 131 41.02 -102.88 -25.41
CA VAL F 132 41.93 -100.12 -22.95
CA VAL F 133 41.12 -100.93 -19.26
CA CYS F 134 40.60 -98.51 -16.38
CA LEU F 135 40.55 -100.05 -12.86
CA LEU F 136 38.98 -98.47 -9.79
CA ASN F 137 40.13 -100.63 -6.88
CA ASN F 138 38.58 -100.92 -3.46
CA PHE F 139 35.97 -98.31 -2.85
CA TYR F 140 32.75 -97.71 -0.93
CA PRO F 141 29.81 -96.80 -1.76
CA ARG F 142 29.40 -98.64 -5.10
CA GLU F 143 28.33 -95.61 -7.15
CA ALA F 144 31.16 -94.12 -9.27
CA LYS F 145 31.31 -92.62 -12.80
CA VAL F 146 34.03 -93.45 -15.39
CA GLN F 147 34.36 -91.20 -18.42
CA TRP F 148 36.68 -91.95 -21.33
CA LYS F 149 38.21 -89.12 -23.33
CA VAL F 150 40.38 -89.82 -26.40
CA ASP F 151 42.20 -86.69 -27.70
CA ASN F 152 41.09 -84.73 -24.69
CA ALA F 153 37.34 -83.92 -24.43
CA LEU F 154 36.41 -86.19 -27.35
CA GLN F 155 34.82 -88.23 -24.65
CA SER F 156 33.26 -91.42 -25.80
CA GLY F 157 30.20 -93.81 -25.54
CA ASN F 158 31.68 -97.38 -26.49
CA SER F 159 32.75 -98.90 -23.11
CA GLN F 160 31.51 -101.72 -20.88
CA GLU F 161 31.75 -102.01 -17.06
CA SER F 162 32.00 -104.81 -14.52
CA VAL F 163 31.75 -104.44 -10.70
CA THR F 164 32.72 -107.16 -8.28
CA GLU F 165 30.45 -108.18 -5.32
CA GLN F 166 31.22 -106.82 -1.82
CA ASP F 167 34.42 -108.11 -0.31
CA SER F 168 33.80 -110.15 2.86
CA LYS F 169 36.86 -108.68 4.55
CA ASP F 170 36.63 -104.88 3.99
CA SER F 171 33.21 -104.36 2.34
CA THR F 172 34.48 -102.64 -0.82
CA TYR F 173 33.82 -103.01 -4.54
CA SER F 174 36.24 -102.82 -7.44
CA LEU F 175 35.22 -101.89 -11.01
CA SER F 176 36.65 -102.15 -14.56
CA SER F 177 35.73 -100.17 -17.61
CA THR F 178 36.92 -101.56 -20.95
CA LEU F 179 37.00 -99.25 -23.92
CA THR F 180 37.24 -101.24 -27.17
CA LEU F 181 38.23 -99.79 -30.51
CA SER F 182 39.77 -101.20 -33.67
CA LYS F 183 43.63 -101.13 -34.21
CA ALA F 184 43.04 -98.39 -36.85
CA ASP F 185 40.86 -96.30 -34.53
CA TYR F 186 43.40 -96.57 -31.75
CA GLU F 187 46.22 -95.70 -34.24
CA LYS F 188 44.82 -92.31 -34.91
CA HIS F 189 44.52 -90.82 -31.48
CA LYS F 190 47.27 -90.22 -28.87
CA VAL F 191 45.92 -89.16 -25.40
CA TYR F 192 43.72 -91.88 -23.86
CA ALA F 193 42.22 -90.97 -20.48
CA CYS F 194 39.98 -92.36 -17.75
CA GLU F 195 38.22 -89.73 -15.57
CA VAL F 196 36.71 -90.90 -12.27
CA THR F 197 34.07 -89.39 -10.04
CA HIS F 198 33.25 -90.91 -6.65
CA GLN F 199 32.25 -89.50 -3.23
CA GLY F 200 35.58 -90.19 -1.44
CA LEU F 201 37.68 -88.18 -3.90
CA SER F 202 37.99 -84.37 -3.50
CA SER F 203 38.37 -83.84 -7.24
CA PRO F 204 37.66 -86.04 -10.34
CA VAL F 205 40.72 -88.20 -11.01
CA THR F 206 42.29 -88.72 -14.46
CA LYS F 207 44.74 -91.42 -15.51
CA SER F 208 46.03 -90.91 -19.05
CA PHE F 209 48.67 -92.31 -21.33
CA ASN F 210 50.13 -91.39 -24.67
CA ARG F 211 49.94 -93.86 -27.58
CA GLY F 212 53.68 -94.64 -27.92
CA GLU F 213 54.57 -95.93 -24.34
CA CYS F 214 58.12 -96.95 -23.17
CA GLN G 1 37.61 -135.92 0.68
CA VAL G 2 38.48 -134.83 -2.89
CA LYS G 3 35.40 -132.79 -2.03
CA LEU G 4 32.47 -134.74 -0.37
CA LEU G 5 29.83 -134.42 -3.14
CA GLU G 6 31.56 -133.50 -6.49
CA GLN G 7 29.94 -132.79 -9.86
CA SER G 8 30.83 -133.11 -13.58
CA GLY G 9 31.75 -129.71 -15.14
CA ALA G 10 29.86 -127.60 -17.65
CA GLU G 11 28.30 -127.84 -20.59
CA VAL G 12 26.81 -126.32 -23.66
CA LYS G 13 24.03 -128.29 -25.32
CA LYS G 14 21.98 -127.38 -28.41
CA PRO G 15 18.17 -126.78 -27.87
CA GLY G 16 16.40 -130.19 -28.26
CA ALA G 17 19.40 -132.20 -26.96
CA SER G 18 19.78 -134.00 -23.61
CA VAL G 19 22.35 -133.37 -20.82
CA LYS G 20 23.60 -135.87 -18.20
CA VAL G 21 25.02 -134.40 -14.97
CA SER G 22 26.87 -136.65 -12.46
CA CYS G 23 27.47 -136.32 -8.72
CA LYS G 24 30.18 -138.53 -7.11
CA ALA G 25 29.87 -139.03 -3.29
CA SER G 26 33.21 -139.52 -1.37
CA GLY G 27 33.92 -139.95 2.41
CA TYR G 28 30.45 -141.09 3.65
CA SER G 29 28.43 -144.34 3.11
CA PHE G 30 26.68 -143.63 -0.26
CA THR G 31 23.70 -146.07 0.14
CA SER G 32 22.67 -144.71 3.62
CA TYR G 33 21.36 -141.31 2.27
CA GLY G 34 19.23 -139.88 -0.53
CA LEU G 35 20.43 -137.19 -2.98
CA HIS G 36 18.28 -134.21 -4.02
CA TRP G 37 18.69 -132.33 -7.39
CA VAL G 38 18.12 -128.53 -7.43
CA ARG G 39 18.70 -125.88 -10.12
CA GLN G 40 19.20 -122.10 -10.16
CA ALA G 41 18.48 -120.21 -13.40
CA PRO G 42 20.28 -116.79 -13.71
CA GLY G 43 18.79 -114.18 -11.31
CA GLN G 44 16.21 -116.67 -10.06
CA ARG G 45 15.40 -118.66 -6.94
CA LEU G 46 16.47 -122.27 -6.41
CA GLU G 47 14.02 -124.81 -7.86
CA TRP G 48 13.75 -128.38 -6.54
CA MET G 49 13.73 -130.98 -9.42
CA GLY G 50 13.80 -134.43 -7.76
CA TRP G 51 15.36 -136.92 -5.32
CA ILE G 52 16.88 -140.44 -5.53
CA SER G 53 17.40 -142.98 -2.67
CA ALA G 54 20.99 -144.36 -3.20
CA GLY G 55 20.02 -147.63 -1.40
CA THR G 56 16.80 -148.62 -3.32
CA GLY G 57 17.18 -146.53 -6.55
CA ASN G 58 13.64 -145.09 -5.89
CA THR G 59 12.72 -141.80 -7.39
CA LYS G 60 10.63 -138.72 -6.64
CA TYR G 61 10.37 -135.65 -8.86
CA SER G 62 8.75 -132.28 -9.49
CA GLN G 63 5.83 -132.57 -11.97
CA LYS G 64 7.21 -129.37 -13.64
CA PHE G 65 9.77 -131.84 -15.22
CA ARG G 66 7.17 -134.63 -15.88
CA GLY G 67 8.25 -136.83 -18.82
CA ARG G 68 11.75 -135.26 -19.34
CA VAL G 69 13.85 -135.84 -16.14
CA THR G 70 15.53 -139.20 -15.16
CA PHE G 71 17.51 -140.07 -11.94
CA THR G 72 19.98 -142.98 -11.81
CA ARG G 73 22.64 -144.14 -9.30
CA ASP G 74 25.71 -146.36 -9.93
CA THR G 75 26.01 -147.85 -6.44
CA SER G 76 29.50 -149.43 -7.14
CA ALA G 77 31.07 -146.17 -8.54
CA THR G 78 29.16 -144.24 -5.81
CA THR G 79 27.82 -141.72 -8.36
CA ALA G 80 24.26 -140.43 -8.95
CA TYR G 81 23.14 -138.89 -12.28
CA MET G 82 20.34 -136.71 -13.51
CA GLY G 83 19.34 -136.85 -17.19
CA LEU G 84 17.41 -133.82 -18.59
CA SER G 85 15.87 -134.30 -22.09
CA SER G 86 14.34 -131.91 -24.69
CA LEU G 87 16.52 -128.96 -23.63
CA ARG G 88 15.03 -125.47 -24.03
CA PRO G 89 17.01 -122.14 -23.67
CA GLU G 90 15.33 -121.62 -20.20
CA ASP G 91 17.14 -124.78 -18.90
CA THR G 92 20.35 -122.62 -18.82
CA ALA G 93 21.03 -122.86 -15.07
CA VAL G 94 23.44 -124.19 -12.42
CA TYR G 95 22.46 -127.80 -11.47
CA TYR G 96 23.31 -128.84 -7.92
CA CYS G 97 23.06 -132.21 -6.26
CA ALA G 98 22.60 -131.93 -2.45
CA ARG G 99 22.42 -134.54 0.31
CA ASP G 100 19.28 -135.68 2.20
CA PRO G 101 20.68 -136.29 5.77
CA TYR G 102 17.98 -138.92 6.58
CA GLY G 103 17.26 -140.92 3.33
CA GLY G 104 13.46 -140.20 3.37
CA GLY G 105 13.04 -137.63 0.51
CA LYS G 106 11.67 -134.63 2.45
CA SER G 107 14.47 -132.81 4.25
CA GLU G 108 16.74 -129.78 4.49
CA PHE G 109 19.98 -130.39 2.48
CA ASP G 110 23.21 -130.53 4.62
CA TYR G 111 25.95 -131.02 1.90
CA TRP G 112 25.80 -129.49 -1.58
CA GLY G 113 27.80 -130.33 -4.68
CA GLN G 114 29.56 -127.36 -6.38
CA GLY G 115 27.16 -126.94 -9.34
CA THR G 116 27.46 -127.58 -13.10
CA LEU G 117 26.35 -124.82 -15.42
CA VAL G 118 24.48 -126.22 -18.45
CA THR G 119 24.05 -123.58 -21.13
CA VAL G 120 21.47 -124.33 -23.86
CA SER G 121 22.53 -122.59 -27.15
CA SER G 122 22.96 -122.69 -30.98
CA ALA G 123 24.65 -119.20 -31.21
CA SER G 124 27.92 -121.03 -31.65
CA PRO G 125 30.27 -122.10 -28.77
CA THR G 126 33.64 -120.18 -28.88
CA SER G 127 36.72 -120.77 -26.63
CA PRO G 128 38.39 -117.72 -24.88
CA LYS G 129 41.59 -116.12 -26.25
CA VAL G 130 43.75 -115.12 -23.27
CA PHE G 131 45.89 -111.93 -23.52
CA PRO G 132 48.42 -110.45 -21.04
CA LEU G 133 47.79 -107.09 -19.33
CA SER G 134 51.24 -105.76 -18.24
CA LEU G 135 53.07 -102.36 -18.02
CA CYS G 136 56.81 -101.64 -18.56
CA SER G 137 57.54 -98.38 -16.55
CA THR G 138 53.90 -97.09 -17.06
CA GLN G 139 52.65 -98.18 -13.55
CA PRO G 140 53.37 -96.07 -10.35
CA ASP G 141 56.69 -96.78 -8.44
CA GLY G 142 55.73 -99.09 -5.47
CA ASN G 143 52.84 -101.48 -6.40
CA VAL G 144 52.34 -103.67 -9.53
CA VAL G 145 49.03 -104.46 -11.36
CA ILE G 146 49.14 -107.30 -13.92
CA ALA G 147 46.18 -109.10 -15.46
CA CYS G 148 44.76 -111.58 -18.01
CA LEU G 149 42.05 -110.51 -20.50
CA VAL G 150 39.88 -113.66 -21.17
CA GLN G 151 38.33 -112.56 -24.48
CA GLY G 152 35.58 -113.59 -26.95
CA PHE G 153 33.99 -116.70 -25.43
CA PHE G 154 30.46 -118.23 -25.50
CA PRO G 155 28.62 -119.39 -23.55
CA GLN G 156 29.45 -117.76 -20.12
CA GLU G 157 29.90 -121.05 -18.08
CA PRO G 158 32.06 -121.32 -14.84
CA LEU G 159 35.47 -119.68 -15.41
CA SER G 160 38.13 -120.81 -12.86
CA VAL G 161 40.99 -118.24 -12.78
CA THR G 162 43.97 -118.98 -10.50
CA TRP G 163 47.33 -117.06 -10.30
CA SER G 164 50.82 -118.66 -9.57
CA GLU G 165 51.60 -116.20 -6.69
CA SER G 166 49.48 -116.01 -3.45
CA GLY G 167 50.11 -114.08 -0.14
CA GLN G 168 49.03 -111.44 2.45
CA GLY G 169 49.43 -108.28 0.26
CA VAL G 170 48.72 -110.00 -3.15
CA THR G 171 45.05 -109.28 -4.09
CA ALA G 172 43.20 -111.14 -6.91
CA ARG G 173 40.11 -109.50 -8.49
CA ASN G 174 38.02 -111.66 -10.87
CA PHE G 175 35.71 -109.27 -12.85
CA PRO G 176 32.26 -110.85 -13.77
CA PRO G 177 31.56 -111.68 -17.50
CA SER G 178 30.41 -108.70 -19.63
CA GLN G 179 28.39 -109.43 -22.82
CA ASP G 180 29.13 -107.67 -26.21
CA ALA G 181 25.88 -106.73 -28.16
CA SER G 182 22.99 -109.31 -28.53
CA GLY G 183 24.60 -112.49 -27.03
CA ASP G 184 27.56 -112.36 -29.54
CA LEU G 185 30.68 -112.77 -27.27
CA TYR G 186 31.50 -112.59 -23.49
CA THR G 187 34.74 -110.99 -22.08
CA THR G 188 36.10 -111.19 -18.45
CA SER G 189 39.33 -109.74 -16.95
CA SER G 190 41.30 -111.26 -13.98
CA GLN G 191 43.61 -108.75 -12.15
CA LEU G 192 46.51 -109.47 -9.69
CA THR G 193 47.61 -106.43 -7.55
CA LEU G 194 50.91 -107.14 -5.60
CA PRO G 195 53.88 -105.09 -4.15
CA ALA G 196 56.70 -104.17 -6.66
CA THR G 197 59.28 -106.01 -4.39
CA GLN G 198 57.16 -109.23 -4.95
CA CYS G 199 56.96 -108.69 -8.78
CA LEU G 200 60.45 -107.51 -9.96
CA ALA G 201 61.44 -106.57 -13.61
CA GLY G 202 62.36 -109.65 -15.75
CA LYS G 203 60.16 -112.01 -13.61
CA SER G 204 56.64 -113.35 -14.50
CA VAL G 205 53.40 -114.61 -12.78
CA THR G 206 51.31 -117.40 -14.45
CA CYS G 207 47.51 -117.00 -14.85
CA HIS G 208 45.67 -120.39 -15.10
CA VAL G 209 42.22 -120.19 -16.81
CA LYS G 210 39.75 -123.13 -16.83
CA HIS G 211 36.60 -122.60 -18.99
CA TYR G 212 33.97 -125.42 -18.02
CA THR G 213 35.38 -128.99 -18.15
CA ASN G 214 37.90 -127.99 -20.89
CA PRO G 215 41.74 -128.28 -20.39
CA SER G 216 43.48 -125.39 -18.48
CA GLN G 217 44.80 -122.48 -20.61
CA ASP G 218 47.98 -120.99 -19.06
CA VAL G 219 49.62 -117.57 -19.76
CA THR G 220 52.92 -116.31 -18.32
CA VAL G 221 52.36 -112.54 -17.74
CA PRO G 222 55.42 -110.19 -17.20
CA CYS G 223 55.82 -108.41 -16.36
CA PRO G 224 56.23 -106.63 -15.53
CA VAL G 225 54.48 -104.22 -18.27
CA PRO G 226 53.65 -101.14 -15.79
CA SER G 227 52.60 -97.41 -16.55
CA THR G 228 51.93 -93.98 -14.89
CA PRO G 229 49.66 -91.17 -16.86
CA PRO G 230 51.10 -87.50 -15.78
CA THR G 231 51.59 -85.26 -12.49
CA PRO G 232 52.26 -81.39 -12.97
CA SER G 233 52.72 -80.68 -9.27
CA PRO G 234 51.38 -77.04 -7.96
CA SER G 235 48.17 -76.10 -10.03
CA THR G 236 46.55 -73.82 -7.28
CA PRO G 237 44.49 -70.39 -7.64
CA PRO G 238 46.39 -67.18 -8.37
CA THR G 239 45.54 -64.94 -5.46
CA PRO G 240 43.51 -61.53 -5.62
CA SER G 241 45.62 -58.98 -3.36
CA PRO G 242 42.78 -56.47 -2.99
CA SER G 243 44.93 -53.13 -2.17
CA CYS G 244 48.56 -52.13 -3.75
CA CYS G 245 48.02 -48.47 -2.90
CA HIS G 246 46.20 -46.57 0.18
CA PRO G 247 43.98 -43.27 1.00
CA ARG G 248 42.15 -40.49 -1.00
CA LEU G 249 41.36 -36.95 0.42
CA SER G 250 38.28 -35.20 -1.17
CA LEU G 251 36.69 -31.75 -0.45
CA HIS G 252 32.95 -31.40 -1.41
CA ARG G 253 31.90 -27.66 -1.60
CA PRO G 254 28.64 -26.08 -0.17
CA ALA G 255 25.52 -25.95 -2.50
CA LEU G 256 24.54 -22.56 -4.16
CA GLU G 257 20.74 -22.63 -3.38
CA ASP G 258 21.16 -23.49 0.39
CA LEU G 259 23.93 -20.85 1.05
CA LEU G 260 21.85 -18.10 -0.75
CA LEU G 261 18.38 -18.99 0.75
CA GLY G 262 18.92 -18.72 4.58
CA SER G 263 22.80 -18.89 5.00
CA GLU G 264 23.06 -22.76 5.05
CA ALA G 265 26.58 -23.83 3.85
CA ASN G 266 28.80 -26.78 4.96
CA LEU G 267 32.26 -27.48 3.46
CA THR G 268 32.71 -31.24 3.74
CA CYS G 269 36.04 -33.10 4.17
CA THR G 270 36.16 -36.79 3.22
CA LEU G 271 39.21 -39.12 3.79
CA THR G 272 38.75 -42.27 1.64
CA GLY G 273 41.52 -44.98 1.61
CA LEU G 274 42.82 -45.11 5.25
CA ARG G 275 43.84 -48.86 5.65
CA ASP G 276 43.27 -51.21 8.72
CA ALA G 277 43.89 -50.25 12.48
CA SER G 278 43.74 -46.47 11.98
CA GLY G 279 42.43 -42.93 12.87
CA VAL G 280 42.38 -39.46 11.16
CA THR G 281 43.10 -36.05 12.85
CA PHE G 282 41.46 -32.99 11.23
CA THR G 283 42.67 -29.31 11.31
CA TRP G 284 40.13 -26.81 9.78
CA THR G 285 40.71 -22.99 9.35
CA PRO G 286 37.90 -20.91 11.04
CA SER G 287 35.29 -18.95 8.95
CA SER G 288 35.58 -15.08 8.92
CA GLY G 289 33.52 -14.27 12.11
CA LYS G 290 35.92 -16.35 14.36
CA SER G 291 34.04 -19.69 13.90
CA ALA G 292 35.48 -23.29 13.79
CA VAL G 293 32.96 -26.16 14.51
CA GLN G 294 33.48 -29.88 13.43
CA GLY G 295 31.92 -33.45 13.74
CA PRO G 296 34.13 -36.41 12.53
CA PRO G 297 32.74 -40.07 12.47
CA GLU G 298 34.73 -43.11 11.09
CA ARG G 299 32.72 -45.07 8.46
CA ASP G 300 34.02 -48.36 6.87
CA LEU G 301 33.17 -47.97 3.08
CA CYS G 302 33.95 -50.84 0.56
CA GLY G 303 36.11 -52.55 3.25
CA CYS G 304 38.15 -49.59 4.72
CA TYR G 305 37.75 -46.50 7.07
CA SER G 306 36.62 -42.97 5.95
CA VAL G 307 36.89 -39.96 8.39
CA SER G 308 34.26 -37.57 7.05
CA SER G 309 34.27 -34.28 8.99
CA VAL G 310 32.02 -31.24 8.26
CA LEU G 311 32.55 -27.47 8.96
CA PRO G 312 29.25 -25.41 9.03
CA GLY G 313 29.64 -21.93 7.40
CA CYS G 314 27.81 -18.60 6.90
CA ALA G 315 26.98 -16.87 3.53
CA GLU G 316 29.31 -13.78 4.07
CA PRO G 317 32.75 -15.66 4.14
CA TRP G 318 31.74 -17.64 0.95
CA ASN G 319 30.33 -14.50 -0.89
CA HIS G 320 33.18 -12.04 0.13
CA GLY G 321 36.21 -14.41 -0.43
CA LYS G 322 37.44 -16.83 2.33
CA THR G 323 39.91 -19.79 1.91
CA PHE G 324 38.75 -22.99 3.74
CA THR G 325 41.63 -25.37 4.53
CA CYS G 326 41.06 -28.98 5.67
CA THR G 327 44.46 -30.27 6.83
CA ALA G 328 44.41 -33.96 7.81
CA ALA G 329 47.27 -35.77 9.72
CA TYR G 330 47.86 -39.61 9.92
CA PRO G 331 51.19 -41.52 10.73
CA GLU G 332 51.21 -43.72 7.51
CA SER G 333 50.65 -40.46 5.45
CA LYS G 334 54.25 -39.01 5.84
CA THR G 335 53.13 -35.55 4.52
CA PRO G 336 49.87 -34.39 6.31
CA LEU G 337 47.38 -33.56 3.48
CA THR G 338 46.17 -29.97 3.14
CA ALA G 339 43.20 -29.19 0.78
CA THR G 340 42.01 -25.54 0.48
CA LEU G 341 38.76 -24.25 -1.09
CA SER G 342 37.17 -20.76 -1.82
CA LYS G 343 35.17 -18.66 -4.43
CA SER G 344 36.25 -18.35 -8.15
CA GLY G 345 38.13 -15.72 -10.28
CA ASN G 346 38.20 -11.87 -10.69
CA THR G 347 34.84 -9.90 -10.70
CA PHE G 348 32.85 -8.31 -13.66
CA ARG G 349 29.69 -6.04 -13.45
CA PRO G 350 26.47 -7.69 -14.93
CA GLU G 351 24.90 -5.83 -17.89
CA VAL G 352 21.08 -6.14 -17.36
CA HIS G 353 18.84 -5.53 -20.47
CA LEU G 354 15.04 -6.11 -20.24
CA LEU G 355 13.38 -7.39 -23.46
CA PRO G 356 9.60 -7.04 -24.17
CA PRO G 357 7.68 -9.92 -25.91
CA PRO G 358 7.88 -10.61 -29.67
CA SER G 359 4.98 -9.28 -31.87
CA GLU G 360 3.93 -12.92 -32.73
CA GLU G 361 3.66 -13.91 -28.99
CA LEU G 362 0.87 -11.25 -28.62
CA ALA G 363 -1.22 -13.67 -30.79
CA LEU G 364 -0.93 -15.92 -27.63
CA ASN G 365 -3.01 -15.29 -24.40
CA GLU G 366 -2.39 -16.81 -20.87
CA LEU G 367 1.41 -16.10 -20.66
CA VAL G 368 3.39 -13.14 -22.19
CA THR G 369 7.09 -13.84 -22.18
CA LEU G 370 8.95 -10.96 -20.36
CA THR G 371 12.70 -11.58 -20.70
CA CYS G 372 15.71 -10.06 -18.90
CA LEU G 373 19.26 -10.80 -20.14
CA ALA G 374 22.05 -10.60 -17.50
CA ARG G 375 25.35 -10.81 -19.47
CA GLY G 376 29.15 -10.31 -19.11
CA PHE G 377 29.16 -11.12 -15.34
CA SER G 378 31.73 -12.98 -13.11
CA PRO G 379 31.87 -14.93 -10.94
CA LYS G 380 28.74 -17.05 -11.84
CA ASP G 381 27.37 -16.23 -8.40
CA VAL G 382 24.16 -14.14 -8.97
CA LEU G 383 20.48 -13.76 -7.82
CA VAL G 384 17.77 -12.60 -10.25
CA ARG G 385 14.15 -11.92 -9.13
CA TRP G 386 11.05 -10.24 -10.67
CA LEU G 387 8.64 -7.62 -9.24
CA GLN G 388 5.18 -6.31 -10.21
CA GLY G 389 4.78 -2.46 -10.13
CA SER G 390 0.93 -2.62 -10.43
CA GLN G 391 0.41 -4.45 -7.04
CA GLU G 392 3.74 -3.36 -5.32
CA LEU G 393 4.61 -7.08 -4.82
CA PRO G 394 7.12 -9.82 -5.89
CA ARG G 395 6.01 -12.10 -8.79
CA GLU G 396 5.52 -15.89 -9.06
CA LYS G 397 5.44 -17.20 -12.65
CA TYR G 398 9.14 -16.84 -13.55
CA LEU G 399 12.01 -19.24 -14.41
CA THR G 400 15.82 -18.54 -14.64
CA TRP G 401 18.24 -20.70 -16.78
CA ALA G 402 22.15 -20.72 -16.98
CA SER G 403 25.23 -20.27 -19.34
CA ARG G 404 28.98 -20.13 -18.35
CA GLN G 405 30.89 -18.90 -21.49
CA GLU G 406 34.38 -20.50 -22.05
CA PRO G 407 35.95 -21.16 -25.55
CA SER G 408 39.69 -21.81 -26.42
CA GLN G 409 40.59 -18.06 -25.96
CA GLY G 410 41.05 -15.78 -22.86
CA THR G 411 37.37 -14.64 -23.06
CA THR G 412 35.44 -16.25 -20.09
CA THR G 413 32.37 -14.52 -18.38
CA PHE G 414 28.70 -15.73 -17.82
CA ALA G 415 25.23 -15.01 -19.27
CA VAL G 416 21.67 -15.96 -18.13
CA THR G 417 18.14 -15.22 -19.36
CA SER G 418 15.21 -14.97 -16.88
CA ILE G 419 11.64 -15.54 -18.15
CA LEU G 420 8.61 -13.89 -16.39
CA ARG G 421 5.35 -15.16 -17.92
CA VAL G 422 2.27 -12.79 -17.61
CA ALA G 423 -1.34 -12.52 -18.89
CA ALA G 424 -1.41 -10.61 -22.28
CA GLU G 425 -3.91 -8.12 -20.70
CA ASP G 426 -1.74 -6.84 -17.72
CA TRP G 427 1.18 -5.97 -20.07
CA LYS G 428 -1.38 -4.01 -22.25
CA LYS G 429 -2.95 -2.44 -19.08
CA GLY G 430 0.43 -0.59 -18.96
CA ASP G 431 2.00 -2.44 -16.01
CA THR G 432 5.68 -1.96 -15.08
CA PHE G 433 7.54 -5.23 -14.33
CA SER G 434 11.14 -5.04 -13.00
CA CYS G 435 13.98 -7.58 -13.10
CA MET G 436 16.17 -7.18 -9.94
CA VAL G 437 19.77 -8.52 -10.24
CA GLY G 438 22.06 -8.98 -7.19
CA HIS G 439 25.79 -9.57 -7.79
CA GLU G 440 29.24 -9.02 -6.11
CA ALA G 441 30.25 -6.30 -8.69
CA LEU G 442 26.96 -4.28 -8.73
CA PRO G 443 27.09 -0.69 -7.20
CA LEU G 444 25.02 -1.41 -4.02
CA ALA G 445 25.19 -5.21 -4.70
CA PHE G 446 21.80 -4.59 -6.39
CA THR G 447 20.48 -3.18 -9.69
CA GLN G 448 16.92 -3.22 -11.12
CA LYS G 449 15.95 -2.67 -14.81
CA THR G 450 12.26 -2.08 -15.72
CA ILE G 451 9.83 -3.18 -18.53
CA ASP G 452 6.43 -1.67 -19.49
CA ARG G 453 4.14 -1.37 -22.61
CA LEU G 454 5.08 2.39 -22.54
CA ALA G 455 7.98 3.53 -24.84
CA GLY G 456 9.07 7.24 -24.82
CA LYS G 457 11.83 7.83 -27.45
CA PRO G 458 14.11 10.41 -25.75
CA THR G 459 15.21 7.41 -25.19
CA HIS G 460 15.31 4.49 -22.64
CA VAL G 461 15.11 6.18 -19.12
CA ASN G 462 14.11 4.79 -15.61
CA VAL G 463 11.55 5.41 -12.69
CA SER G 464 11.96 8.23 -10.04
CA VAL G 465 13.50 8.15 -6.42
CA VAL G 466 11.07 6.06 -4.21
CA MET G 467 12.02 6.40 -0.47
CA ALA G 468 14.28 8.78 1.65
CA GLU G 469 15.82 8.81 4.44
CA VAL G 470 15.55 5.72 6.85
CA ASP G 471 18.68 3.93 5.42
CA GLY G 472 19.20 1.04 7.96
CA THR G 473 22.18 2.52 9.94
CA CYS G 474 20.28 5.80 10.75
CA TYR G 475 16.73 4.27 11.30
CA GLN H 1 90.15 -72.29 60.74
CA VAL H 2 87.58 -69.86 62.26
CA LYS H 3 88.61 -68.21 59.00
CA LEU H 4 92.43 -68.09 58.28
CA LEU H 5 93.01 -64.31 58.43
CA GLU H 6 90.06 -62.60 60.30
CA GLN H 7 89.49 -58.89 60.91
CA SER H 8 87.79 -56.67 63.54
CA GLY H 9 84.39 -55.32 62.29
CA ALA H 10 83.39 -51.80 61.32
CA GLU H 11 83.54 -48.65 62.42
CA VAL H 12 82.46 -45.09 62.35
CA LYS H 13 85.02 -42.53 63.48
CA LYS H 14 84.70 -38.73 63.63
CA PRO H 15 87.05 -36.69 61.27
CA GLY H 16 90.32 -36.03 63.21
CA ALA H 17 90.09 -39.28 65.25
CA SER H 18 92.20 -42.46 64.90
CA VAL H 19 91.06 -46.01 64.03
CA LYS H 20 92.78 -49.30 64.97
CA VAL H 21 92.01 -52.32 62.76
CA SER H 22 93.14 -55.85 63.81
CA CYS H 23 93.86 -58.99 61.81
CA LYS H 24 94.06 -62.36 63.70
CA ALA H 25 95.94 -65.18 61.87
CA SER H 26 94.71 -68.79 62.60
CA GLY H 27 95.86 -72.21 61.18
CA TYR H 28 99.35 -71.27 59.86
CA SER H 29 102.65 -70.31 61.66
CA PHE H 30 102.15 -66.52 62.22
CA THR H 31 105.89 -65.51 62.51
CA SER H 32 106.92 -67.25 59.21
CA TYR H 33 105.09 -64.71 56.92
CA GLY H 34 104.59 -60.97 56.48
CA LEU H 35 101.17 -59.26 56.36
CA HIS H 36 100.27 -56.53 53.85
CA TRP H 37 97.58 -53.82 54.46
CA VAL H 38 95.46 -52.64 51.48
CA ARG H 39 92.39 -50.38 51.26
CA GLN H 40 89.57 -49.86 48.75
CA ALA H 41 87.66 -46.54 48.82
CA PRO H 42 84.12 -46.69 47.27
CA GLY H 43 84.26 -47.06 43.44
CA GLN H 44 88.06 -46.96 43.48
CA ARG H 45 91.00 -49.28 42.89
CA LEU H 46 92.84 -51.08 45.69
CA GLU H 47 95.62 -49.02 47.28
CA TRP H 48 98.61 -50.62 49.05
CA MET H 49 99.29 -48.95 52.47
CA GLY H 50 102.09 -51.00 54.11
CA TRP H 51 103.54 -54.33 55.27
CA ILE H 52 104.76 -55.85 58.60
CA SER H 53 107.08 -58.87 59.10
CA ALA H 54 105.40 -60.95 61.92
CA GLY H 55 108.82 -62.42 62.92
CA THR H 56 110.94 -59.20 63.31
CA GLY H 57 108.18 -56.52 63.69
CA ASN H 58 109.84 -54.56 60.79
CA THR H 59 107.77 -52.17 58.81
CA LYS H 60 107.41 -50.81 55.28
CA TYR H 61 104.79 -48.31 54.14
CA SER H 62 103.45 -46.13 51.35
CA GLN H 63 104.71 -42.52 51.66
CA LYS H 64 101.11 -41.40 50.82
CA PHE H 65 100.45 -42.29 54.56
CA ARG H 66 103.78 -40.78 55.83
CA GLY H 67 103.45 -39.67 59.47
CA ARG H 68 99.89 -41.08 60.10
CA VAL H 69 100.01 -44.92 59.69
CA THR H 70 101.44 -47.39 62.31
CA PHE H 71 101.83 -51.25 62.04
CA THR H 72 102.13 -53.47 65.14
CA ARG H 73 101.99 -57.26 65.76
CA ASP H 74 101.17 -59.10 69.01
CA THR H 75 103.17 -62.28 68.33
CA SER H 76 101.63 -64.21 71.35
CA ALA H 77 97.96 -63.41 70.40
CA THR H 78 98.94 -63.93 66.71
CA THR H 79 97.28 -60.62 65.69
CA ALA H 80 98.61 -57.74 63.57
CA TYR H 81 97.16 -54.19 63.77
CA MET H 82 97.18 -51.07 61.66
CA GLY H 83 96.64 -47.67 63.32
CA LEU H 84 95.45 -44.79 61.05
CA SER H 85 95.55 -41.29 62.64
CA SER H 86 94.08 -37.86 61.65
CA LEU H 87 91.08 -39.39 59.87
CA ARG H 88 89.65 -37.44 56.92
CA PRO H 89 86.28 -38.22 55.14
CA GLU H 90 88.28 -39.74 52.18
CA ASP H 91 89.61 -42.50 54.54
CA THR H 92 86.07 -44.06 54.29
CA ALA H 93 87.10 -47.39 52.72
CA VAL H 94 87.31 -51.16 53.29
CA TYR H 95 90.65 -52.04 54.99
CA TYR H 96 92.03 -55.50 54.18
CA CYS H 97 94.99 -57.32 55.62
CA ALA H 98 96.46 -59.89 53.17
CA ARG H 99 99.27 -62.43 53.50
CA ASP H 100 102.78 -62.20 51.97
CA PRO H 101 103.50 -65.92 51.08
CA TYR H 102 107.32 -65.43 51.41
CA GLY H 103 107.95 -62.93 54.31
CA GLY H 104 110.04 -60.49 52.16
CA GLY H 105 107.63 -57.51 51.64
CA LYS H 106 107.27 -57.53 47.84
CA SER H 107 104.84 -60.23 46.73
CA GLU H 108 101.43 -61.16 45.36
CA PHE H 109 98.95 -61.73 48.28
CA ASP H 110 97.65 -65.36 48.59
CA TYR H 111 95.16 -65.06 51.59
CA TRP H 112 93.04 -62.00 52.28
CA GLY H 113 91.14 -61.03 55.42
CA GLN H 114 87.42 -60.17 54.91
CA GLY H 115 87.71 -56.36 55.20
CA THR H 116 86.59 -53.81 57.82
CA LEU H 117 84.72 -50.78 56.60
CA VAL H 118 85.79 -47.62 58.45
CA THR H 119 83.40 -44.75 57.80
CA VAL H 120 84.66 -41.25 58.73
CA SER H 121 81.65 -39.03 59.69
CA SER H 122 80.07 -36.38 62.03
CA ALA H 123 76.58 -36.50 60.32
CA SER H 124 75.42 -38.55 63.28
CA PRO H 125 75.57 -42.41 63.49
CA THR H 126 72.04 -43.97 63.59
CA SER H 127 71.15 -47.70 64.11
CA PRO H 128 68.66 -49.41 61.67
CA LYS H 129 65.00 -49.99 62.61
CA VAL H 130 63.96 -53.39 61.19
CA PHE H 131 60.35 -53.81 59.91
CA PRO H 132 58.57 -56.94 58.57
CA LEU H 133 57.40 -57.16 54.94
CA SER H 134 54.61 -59.82 54.84
CA LEU H 135 51.24 -60.38 53.03
CA CYS H 136 48.08 -62.10 54.39
CA SER H 137 46.18 -63.40 51.24
CA THR H 138 47.57 -60.52 49.04
CA GLN H 139 50.37 -62.66 47.40
CA PRO H 140 49.63 -65.10 44.45
CA ASP H 141 48.56 -68.73 45.34
CA GLY H 142 51.76 -70.90 45.02
CA ASN H 143 54.93 -68.92 46.02
CA VAL H 144 55.59 -66.70 49.09
CA VAL H 145 57.67 -63.44 49.25
CA ILE H 146 58.55 -62.15 52.74
CA ALA H 147 61.16 -59.55 53.62
CA CYS H 148 62.82 -57.26 56.20
CA LEU H 149 63.05 -53.47 55.62
CA VAL H 150 66.33 -52.30 57.34
CA GLN H 151 65.47 -48.60 57.68
CA GLY H 152 67.10 -45.26 58.59
CA PHE H 153 70.75 -46.09 59.36
CA PHE H 154 74.06 -44.20 59.00
CA PRO H 155 76.76 -44.81 58.01
CA GLN H 156 76.35 -47.59 55.32
CA GLU H 157 78.93 -50.13 56.81
CA PRO H 158 78.82 -53.97 56.16
CA LEU H 159 75.25 -55.26 56.74
CA SER H 160 75.12 -59.08 57.31
CA VAL H 161 71.55 -60.36 56.60
CA THR H 162 70.86 -64.07 57.19
CA TRP H 163 67.43 -65.87 57.11
CA SER H 164 66.41 -68.89 59.36
CA GLU H 165 65.28 -71.06 56.35
CA SER H 166 67.72 -72.20 53.55
CA GLY H 167 67.21 -74.70 50.65
CA GLN H 168 67.13 -75.45 46.86
CA GLY H 169 64.01 -73.36 45.91
CA VAL H 170 64.41 -70.69 48.71
CA THR H 171 66.06 -67.58 47.12
CA ALA H 172 67.51 -64.69 49.23
CA ARG H 173 67.94 -61.25 47.56
CA ASN H 174 69.91 -58.61 49.54
CA PHE H 175 69.19 -55.19 47.89
CA PRO H 176 72.20 -52.71 48.07
CA PRO H 177 71.89 -49.61 50.39
CA SER H 178 69.95 -46.65 48.89
CA GLN H 179 70.65 -43.14 50.28
CA ASP H 180 67.81 -40.64 51.15
CA ALA H 181 68.67 -36.96 50.13
CA SER H 182 72.17 -35.46 50.98
CA GLY H 183 73.70 -38.26 53.17
CA ASP H 184 70.75 -38.12 55.69
CA LEU H 185 69.74 -41.84 56.09
CA TYR H 186 70.40 -45.18 54.26
CA THR H 187 67.70 -47.91 53.71
CA THR H 188 68.20 -51.55 52.47
CA SER H 189 65.62 -54.37 51.99
CA SER H 190 66.36 -58.16 52.32
CA GLN H 191 63.82 -60.43 50.50
CA LEU H 192 63.23 -64.23 50.91
CA THR H 193 61.26 -65.89 48.02
CA LEU H 194 60.20 -69.55 48.89
CA PRO H 195 57.40 -72.04 47.87
CA ALA H 196 54.02 -71.66 49.76
CA THR H 197 54.30 -75.34 50.96
CA GLN H 198 57.63 -74.31 52.70
CA CYS H 199 56.05 -71.15 54.30
CA LEU H 200 52.52 -72.13 55.56
CA ALA H 201 49.96 -69.74 57.25
CA GLY H 202 50.60 -69.33 61.06
CA LYS H 203 54.37 -70.11 60.68
CA SER H 204 57.29 -67.55 60.64
CA VAL H 205 60.89 -67.16 59.25
CA THR H 206 63.51 -65.20 61.27
CA CYS H 207 65.66 -62.50 59.60
CA HIS H 208 69.02 -61.89 61.42
CA VAL H 209 70.58 -58.44 60.72
CA LYS H 210 74.14 -57.53 61.82
CA HIS H 211 75.14 -53.85 61.27
CA TYR H 212 79.08 -53.57 61.67
CA THR H 213 80.44 -55.09 64.94
CA ASN H 214 77.13 -54.32 66.76
CA PRO H 215 74.92 -57.11 68.33
CA SER H 216 72.56 -59.03 65.95
CA GLN H 217 69.00 -57.58 65.54
CA ASP H 218 66.45 -60.40 64.97
CA VAL H 219 62.88 -60.14 63.56
CA THR H 220 60.35 -62.99 63.28
CA VAL H 221 58.57 -62.40 59.88
CA PRO H 222 55.18 -64.20 59.24
CA CYS H 223 54.03 -64.70 57.67
CA PRO H 224 52.88 -65.21 56.09
CA VAL H 225 51.52 -61.54 55.09
CA PRO H 226 50.93 -62.28 51.15
CA SER H 227 48.93 -60.27 48.41
CA THR H 228 47.71 -60.41 44.73
CA PRO H 229 46.70 -56.92 42.80
CA PRO H 230 43.71 -57.85 40.16
CA THR H 231 43.08 -60.19 36.95
CA PRO H 232 39.94 -59.41 34.69
CA SER H 233 40.46 -62.38 32.37
CA PRO H 234 39.44 -61.79 28.47
CA SER H 235 40.25 -58.04 27.53
CA THR H 236 40.81 -58.67 23.70
CA PRO H 237 39.82 -56.41 20.54
CA PRO H 238 36.19 -56.34 19.40
CA THR H 239 36.32 -57.56 15.83
CA PRO H 240 35.39 -55.48 12.58
CA SER H 241 33.10 -57.96 10.42
CA PRO H 242 33.50 -55.97 7.17
CA SER H 243 30.17 -57.22 5.22
CA CYS H 244 26.53 -57.99 6.90
CA CYS H 245 24.79 -57.55 3.55
CA HIS H 246 25.85 -58.38 -0.27
CA PRO H 247 25.47 -56.96 -4.06
CA ARG H 248 24.17 -53.73 -5.77
CA LEU H 249 22.88 -53.58 -9.44
CA SER H 250 23.24 -50.12 -11.16
CA LEU H 251 22.30 -48.94 -14.72
CA HIS H 252 24.23 -45.87 -16.05
CA ARG H 253 22.42 -44.29 -19.10
CA PRO H 254 24.07 -43.04 -22.40
CA ALA H 255 25.25 -39.34 -22.56
CA LEU H 256 23.11 -36.76 -24.53
CA GLU H 257 25.97 -35.04 -26.51
CA ASP H 258 27.58 -38.36 -27.75
CA LEU H 259 24.23 -39.99 -28.86
CA LEU H 260 23.19 -36.77 -30.75
CA LEU H 261 26.62 -35.97 -32.39
CA GLY H 262 27.45 -39.16 -34.43
CA SER H 263 25.11 -41.89 -32.90
CA GLU H 264 27.47 -42.91 -30.00
CA ALA H 265 25.40 -44.38 -27.09
CA ASN H 266 26.24 -47.20 -24.60
CA LEU H 267 23.85 -48.32 -21.82
CA THR H 268 26.10 -49.61 -19.04
CA CYS H 269 25.24 -52.37 -16.52
CA THR H 270 27.25 -52.51 -13.27
CA LEU H 271 26.93 -55.29 -10.61
CA THR H 272 28.53 -54.05 -7.35
CA GLY H 273 28.44 -56.28 -4.19
CA LEU H 274 28.95 -59.89 -5.51
CA ARG H 275 30.87 -61.61 -2.57
CA ASP H 276 33.86 -64.11 -2.78
CA ALA H 277 34.14 -67.15 -5.24
CA SER H 278 31.60 -65.87 -7.78
CA GLY H 279 30.47 -65.00 -11.39
CA VAL H 280 27.64 -62.92 -13.00
CA THR H 281 25.51 -63.93 -16.09
CA PHE H 282 24.04 -61.04 -18.13
CA THR H 283 20.86 -61.06 -20.32
CA TRP H 284 20.39 -57.80 -22.40
CA THR H 285 17.35 -57.02 -24.68
CA PRO H 286 18.46 -56.16 -28.30
CA SER H 287 18.19 -52.55 -29.70
CA SER H 288 15.45 -51.88 -32.37
CA GLY H 289 17.42 -52.88 -35.56
CA LYS H 290 17.97 -56.51 -34.25
CA SER H 291 21.24 -55.72 -32.38
CA ALA H 292 22.61 -57.28 -29.10
CA VAL H 293 26.43 -56.90 -28.46
CA GLN H 294 28.13 -57.18 -24.96
CA GLY H 295 31.61 -57.23 -23.20
CA PRO H 296 31.64 -58.29 -19.46
CA PRO H 297 34.94 -58.17 -17.36
CA GLU H 298 35.11 -58.98 -13.57
CA ARG H 299 36.81 -56.16 -11.56
CA ASP H 300 37.52 -56.44 -7.76
CA LEU H 301 36.50 -52.96 -6.35
CA CYS H 302 36.98 -52.11 -2.57
CA GLY H 303 37.60 -55.85 -1.87
CA CYS H 304 34.81 -57.60 -3.96
CA TYR H 305 33.89 -58.48 -7.64
CA SER H 306 31.95 -56.17 -10.07
CA VAL H 307 30.65 -57.56 -13.46
CA SER H 308 30.38 -54.43 -15.59
CA SER H 309 28.91 -55.22 -19.02
CA VAL H 310 28.16 -52.64 -21.79
CA LEU H 311 25.60 -52.69 -24.68
CA PRO H 312 26.48 -50.30 -27.62
CA GLY H 313 23.37 -48.55 -29.09
CA CYS H 314 22.23 -46.34 -32.01
CA ALA H 315 20.47 -42.89 -31.80
CA GLU H 316 17.08 -44.07 -33.34
CA PRO H 317 16.04 -46.63 -30.56
CA TRP H 318 16.88 -44.00 -27.82
CA ASN H 319 15.12 -41.07 -29.70
CA HIS H 320 11.96 -43.06 -30.84
CA GLY H 321 11.28 -44.99 -27.52
CA LYS H 322 13.02 -48.36 -26.75
CA THR H 323 13.16 -50.18 -23.32
CA PHE H 324 16.67 -51.55 -22.48
CA THR H 325 16.58 -54.41 -19.96
CA CYS H 326 19.72 -55.70 -18.19
CA THR H 327 18.71 -58.95 -16.45
CA ALA H 328 21.49 -60.45 -14.32
CA ALA H 329 21.44 -64.03 -12.82
CA TYR H 330 23.62 -65.36 -9.89
CA PRO H 331 22.93 -68.42 -7.54
CA GLU H 332 23.23 -66.43 -4.19
CA SER H 333 20.74 -63.83 -5.68
CA LYS H 334 17.53 -66.02 -5.42
CA THR H 335 15.54 -63.60 -7.69
CA PRO H 336 17.59 -62.73 -10.88
CA LEU H 337 17.71 -58.87 -11.01
CA THR H 338 16.06 -57.11 -13.95
CA ALA H 339 16.70 -53.33 -14.49
CA THR H 340 15.00 -51.59 -17.48
CA LEU H 341 15.78 -48.14 -18.95
CA SER H 342 14.31 -45.86 -21.75
CA LYS H 343 13.35 -42.22 -22.72
CA SER H 344 11.11 -39.97 -20.46
CA GLY H 345 7.38 -38.92 -20.41
CA ASN H 346 4.67 -37.84 -22.97
CA THR H 347 5.63 -35.36 -25.82
CA PHE H 348 4.88 -31.56 -26.22
CA ARG H 349 5.58 -29.29 -29.32
CA PRO H 350 8.28 -26.55 -28.67
CA GLU H 351 7.08 -22.94 -29.07
CA VAL H 352 10.03 -21.08 -30.77
CA HIS H 353 10.03 -17.22 -30.47
CA LEU H 354 13.03 -15.19 -31.78
CA LEU H 355 13.84 -12.00 -29.80
CA PRO H 356 15.90 -9.08 -31.27
CA PRO H 357 18.45 -7.19 -29.05
CA PRO H 358 17.45 -4.59 -26.43
CA SER H 359 17.75 -0.86 -27.43
CA GLU H 360 20.53 -0.33 -24.78
CA GLU H 361 22.67 -3.25 -26.20
CA LEU H 362 22.93 -1.25 -29.51
CA ALA H 363 25.14 1.16 -27.46
CA LEU H 364 27.54 -1.90 -27.43
CA ASN H 365 29.65 -2.96 -30.51
CA GLU H 366 31.47 -6.36 -31.06
CA LEU H 367 28.55 -8.68 -30.09
CA VAL H 368 24.74 -8.10 -30.56
CA THR H 369 22.72 -10.51 -28.50
CA LEU H 370 20.25 -12.42 -30.78
CA THR H 371 18.02 -14.59 -28.56
CA CYS H 372 15.65 -17.47 -29.35
CA LEU H 373 13.32 -18.85 -26.64
CA ALA H 374 12.24 -22.52 -27.03
CA ARG H 375 9.48 -23.08 -24.42
CA GLY H 376 6.74 -25.57 -23.36
CA PHE H 377 8.60 -28.63 -24.82
CA SER H 378 8.87 -32.29 -23.59
CA PRO H 379 10.82 -34.44 -23.29
CA LYS H 380 13.98 -32.30 -22.60
CA ASP H 381 15.58 -33.92 -25.64
CA VAL H 382 16.15 -31.07 -28.22
CA LEU H 383 18.77 -29.62 -30.66
CA VAL H 384 18.97 -25.87 -31.33
CA ARG H 385 21.34 -24.36 -33.97
CA TRP H 386 21.77 -20.94 -35.66
CA LEU H 387 22.17 -20.00 -39.37
CA GLN H 388 23.29 -16.86 -41.26
CA GLY H 389 21.06 -15.87 -44.27
CA SER H 390 23.64 -13.31 -45.62
CA GLN H 391 26.37 -15.98 -46.35
CA GLU H 392 24.04 -19.08 -46.66
CA LEU H 393 26.08 -20.79 -43.86
CA PRO H 394 25.82 -22.09 -40.24
CA ARG H 395 27.01 -19.69 -37.48
CA GLU H 396 29.74 -20.00 -34.80
CA LYS H 397 29.38 -17.49 -31.93
CA TYR H 398 26.36 -18.99 -30.13
CA LEU H 399 25.71 -20.59 -26.71
CA THR H 400 22.62 -22.59 -25.47
CA TRP H 401 21.66 -22.91 -21.72
CA ALA H 402 18.99 -25.15 -19.94
CA SER H 403 15.82 -25.13 -17.68
CA ARG H 404 13.56 -28.14 -16.73
CA GLN H 405 10.37 -26.65 -15.11
CA GLU H 406 8.88 -28.69 -12.17
CA PRO H 407 7.04 -27.13 -9.12
CA SER H 408 4.65 -28.88 -6.59
CA GLN H 409 1.76 -28.98 -9.18
CA GLY H 410 1.05 -31.14 -12.31
CA THR H 411 2.70 -28.49 -14.59
CA THR H 412 6.08 -29.94 -15.86
CA THR H 413 7.60 -29.00 -19.34
CA PHE H 414 11.04 -27.43 -20.32
CA ALA H 415 12.39 -24.06 -21.53
CA VAL H 416 15.79 -22.96 -22.97
CA THR H 417 17.24 -19.70 -24.33
CA SER H 418 19.90 -19.76 -27.11
CA ILE H 419 22.22 -16.72 -27.51
CA LEU H 420 23.78 -15.87 -30.96
CA ARG H 421 26.25 -12.98 -30.58
CA VAL H 422 26.88 -10.83 -33.77
CA ALA H 423 28.66 -7.59 -34.81
CA ALA H 424 26.26 -4.56 -34.39
CA GLU H 425 26.86 -3.71 -38.10
CA ASP H 426 25.63 -7.02 -39.73
CA TRP H 427 22.28 -6.83 -37.85
CA LYS H 428 21.93 -3.19 -39.18
CA LYS H 429 23.07 -4.31 -42.70
CA GLY H 430 19.64 -6.07 -42.67
CA ASP H 431 20.85 -9.67 -42.26
CA THR H 432 18.40 -12.53 -41.56
CA PHE H 433 19.55 -14.94 -38.80
CA SER H 434 17.49 -18.11 -38.13
CA CYS H 435 17.21 -20.30 -35.04
CA MET H 436 16.61 -23.97 -36.11
CA VAL H 437 14.96 -26.23 -33.46
CA GLY H 438 14.80 -30.04 -33.80
CA HIS H 439 12.49 -31.97 -31.47
CA GLU H 440 10.41 -35.26 -31.31
CA ALA H 441 7.05 -33.33 -31.45
CA LEU H 442 7.90 -30.85 -34.30
CA PRO H 443 6.02 -31.33 -37.68
CA LEU H 444 8.98 -32.65 -39.76
CA ALA H 445 11.12 -33.04 -36.55
CA PHE H 446 12.38 -29.56 -37.53
CA THR H 447 11.20 -25.93 -37.33
CA GLN H 448 13.10 -22.69 -38.02
CA LYS H 449 12.08 -19.16 -36.83
CA THR H 450 13.85 -16.09 -38.34
CA ILE H 451 15.20 -12.69 -37.03
CA ASP H 452 16.14 -9.55 -39.05
CA ARG H 453 16.39 -5.71 -38.54
CA LEU H 454 13.32 -5.55 -40.92
CA ALA H 455 9.83 -5.32 -39.26
CA GLY H 456 6.67 -5.19 -41.50
CA LYS H 457 3.52 -4.75 -39.34
CA PRO H 458 0.90 -6.89 -41.17
CA THR H 459 2.32 -8.62 -38.82
CA HIS H 460 5.07 -11.26 -38.04
CA VAL H 461 5.33 -13.46 -41.26
CA ASN H 462 8.15 -15.82 -42.59
CA VAL H 463 10.48 -16.36 -45.71
CA SER H 464 9.30 -18.03 -49.02
CA VAL H 465 9.59 -21.74 -50.26
CA VAL H 466 13.36 -22.40 -50.98
CA MET H 467 13.82 -25.75 -52.86
CA ALA H 468 11.49 -28.24 -54.78
CA GLU H 469 11.43 -31.31 -55.66
CA VAL H 470 14.48 -33.64 -54.84
CA ASP H 471 13.06 -34.84 -51.45
CA GLY H 472 15.49 -37.71 -50.50
CA THR H 473 13.23 -40.71 -51.40
CA CYS H 474 12.63 -39.48 -55.01
CA TYR H 475 16.21 -38.05 -55.70
CA GLU A 1 -87.69 113.61 -23.41
CA LEU A 2 -86.27 111.29 -20.76
CA VAL A 3 -82.51 111.29 -21.07
CA MET A 4 -80.61 107.97 -20.93
CA THR A 5 -76.92 108.32 -20.03
CA GLN A 6 -74.51 105.38 -20.21
CA SER A 7 -71.30 105.00 -18.31
CA PRO A 8 -68.59 104.47 -19.56
CA SER A 9 -68.31 105.32 -23.23
CA SER A 10 -65.50 102.74 -23.78
CA LEU A 11 -63.93 99.86 -21.88
CA SER A 12 -61.19 97.39 -22.82
CA ALA A 13 -61.07 94.19 -20.75
CA SER A 14 -59.50 90.75 -21.12
CA VAL A 15 -61.52 87.63 -21.82
CA GLY A 16 -62.76 86.11 -18.59
CA ASP A 17 -63.17 89.53 -17.00
CA ARG A 18 -66.49 90.63 -15.58
CA VAL A 19 -67.71 93.94 -17.06
CA ASN A 20 -70.56 96.19 -15.79
CA ILE A 21 -72.08 99.06 -17.93
CA ALA A 22 -74.38 101.57 -16.18
CA CYS A 23 -77.32 103.49 -17.64
CA ARG A 24 -79.18 106.30 -15.82
CA ALA A 25 -82.65 107.49 -16.55
CA SER A 26 -83.06 111.28 -15.87
CA GLN A 27 -86.22 110.19 -13.95
CA GLY A 28 -87.95 106.96 -12.86
CA ILE A 29 -88.87 104.41 -15.54
CA SER A 30 -89.71 101.45 -13.27
CA SER A 31 -88.42 98.41 -15.23
CA ALA A 32 -88.97 99.67 -18.77
CA LEU A 33 -85.46 99.29 -19.95
CA ALA A 34 -84.15 97.09 -22.79
CA TRP A 35 -80.38 96.51 -23.66
CA TYR A 36 -79.10 95.97 -27.27
CA GLN A 37 -75.87 94.68 -28.68
CA GLN A 38 -74.72 96.13 -32.04
CA LYS A 39 -71.74 94.62 -33.81
CA PRO A 40 -70.20 97.27 -36.00
CA GLY A 41 -72.15 97.51 -39.26
CA LYS A 42 -75.18 95.50 -38.27
CA ALA A 43 -78.61 95.86 -37.02
CA PRO A 44 -78.88 96.08 -33.20
CA ARG A 45 -79.89 92.87 -31.30
CA LEU A 46 -82.06 92.52 -28.19
CA LEU A 47 -80.34 90.98 -25.15
CA ILE A 48 -82.48 92.02 -22.20
CA TYR A 49 -86.02 93.54 -21.85
CA ASP A 50 -87.88 94.69 -18.67
CA ALA A 51 -84.46 95.45 -17.04
CA SER A 52 -83.70 91.82 -16.28
CA ASN A 53 -85.38 89.31 -18.68
CA LEU A 54 -82.97 87.63 -21.18
CA GLU A 55 -84.35 87.29 -24.65
CA SER A 56 -84.51 83.63 -25.87
CA GLY A 57 -81.17 82.38 -27.34
CA VAL A 58 -78.96 85.08 -25.57
CA PRO A 59 -76.04 83.50 -23.64
CA SER A 60 -76.50 83.03 -19.93
CA ARG A 61 -73.39 85.24 -19.24
CA PHE A 62 -75.46 88.38 -19.93
CA SER A 63 -77.57 89.67 -16.99
CA GLY A 64 -79.24 93.03 -16.19
CA SER A 65 -80.42 94.73 -13.01
CA GLY A 66 -81.95 98.00 -11.74
CA SER A 67 -85.27 99.64 -11.20
CA GLY A 68 -86.31 103.25 -11.07
CA THR A 69 -83.41 105.23 -12.41
CA ASP A 70 -80.18 103.12 -12.33
CA PHE A 71 -79.67 99.99 -14.44
CA THR A 72 -76.61 97.67 -14.91
CA LEU A 73 -75.78 95.18 -17.67
CA THR A 74 -73.14 92.60 -16.51
CA ILE A 75 -71.19 90.30 -18.88
CA SER A 76 -69.82 87.78 -16.41
CA SER A 77 -66.98 86.24 -18.49
CA LEU A 78 -66.13 88.43 -21.45
CA GLN A 79 -65.58 86.46 -24.65
CA PRO A 80 -63.99 87.79 -28.09
CA GLU A 81 -67.35 87.66 -29.77
CA ASP A 82 -68.62 90.20 -27.24
CA PHE A 83 -66.88 93.11 -29.03
CA ALA A 84 -69.75 95.49 -29.80
CA ILE A 85 -71.41 98.80 -28.87
CA TYR A 86 -74.09 98.24 -26.18
CA TYR A 87 -77.24 100.57 -25.86
CA CYS A 88 -79.97 100.94 -23.31
CA GLN A 89 -83.38 102.25 -24.37
CA GLN A 90 -86.39 103.34 -22.17
CA PHE A 91 -90.02 102.65 -23.14
CA ASN A 92 -91.80 104.19 -20.23
CA SER A 93 -92.46 107.47 -22.06
CA TYR A 94 -92.70 108.78 -25.61
CA PRO A 95 -90.28 109.78 -27.34
CA LEU A 96 -88.66 106.45 -26.74
CA THR A 97 -84.97 107.23 -26.14
CA PHE A 98 -81.60 105.50 -26.34
CA GLY A 99 -78.48 105.97 -24.38
CA GLY A 100 -75.23 107.02 -26.06
CA GLY A 101 -73.40 103.61 -26.22
CA THR A 102 -70.61 101.77 -24.45
CA LYS A 103 -68.05 100.33 -26.88
CA VAL A 104 -66.39 97.21 -25.45
CA GLU A 105 -63.01 96.31 -27.05
CA ILE A 106 -61.13 93.05 -26.10
CA LYS A 107 -57.57 93.23 -24.58
CA ARG A 108 -55.14 90.47 -25.68
CA THR A 109 -51.42 89.71 -26.25
CA VAL A 110 -49.38 91.63 -28.87
CA ALA A 111 -49.42 90.20 -32.34
CA ALA A 112 -47.05 91.46 -34.98
CA PRO A 113 -48.48 92.19 -38.39
CA SER A 114 -47.95 90.35 -41.68
CA VAL A 115 -47.05 93.06 -44.22
CA PHE A 116 -47.85 92.97 -47.94
CA ILE A 117 -47.35 95.57 -50.69
CA PHE A 118 -49.16 95.69 -54.04
CA PRO A 119 -48.14 97.64 -57.20
CA PRO A 120 -50.73 99.55 -59.39
CA SER A 121 -52.54 97.25 -61.79
CA ASP A 122 -52.13 97.72 -65.53
CA GLU A 123 -55.60 98.91 -66.32
CA GLN A 124 -55.35 101.34 -63.49
CA LEU A 125 -52.22 103.01 -65.02
CA LYS A 126 -54.30 103.09 -68.28
CA SER A 127 -56.61 105.67 -66.54
CA GLY A 128 -53.65 107.92 -65.71
CA THR A 129 -53.57 107.07 -61.87
CA ALA A 130 -51.59 104.69 -59.72
CA SER A 131 -52.64 103.40 -56.27
CA VAL A 132 -50.01 101.49 -54.28
CA VAL A 133 -51.41 99.48 -51.30
CA CYS A 134 -49.56 98.29 -48.20
CA LEU A 135 -51.41 95.72 -46.01
CA LEU A 136 -50.70 95.03 -42.35
CA ASN A 137 -52.71 91.92 -41.53
CA ASN A 138 -53.82 90.71 -38.15
CA PHE A 139 -52.16 92.57 -35.36
CA TYR A 140 -52.73 93.70 -31.78
CA PRO A 141 -52.64 96.53 -30.30
CA ARG A 142 -54.17 98.79 -32.99
CA GLU A 143 -51.39 101.40 -32.99
CA ALA A 144 -48.92 100.99 -35.90
CA LYS A 145 -47.08 103.48 -38.17
CA VAL A 146 -46.79 103.13 -42.00
CA GLN A 147 -44.23 105.27 -43.81
CA TRP A 148 -43.96 105.44 -47.58
CA LYS A 149 -40.61 106.09 -49.23
CA VAL A 150 -40.32 106.47 -53.03
CA ASP A 151 -36.67 106.50 -54.25
CA ASN A 152 -35.45 105.57 -50.83
CA ALA A 153 -35.81 108.23 -48.08
CA LEU A 154 -37.94 110.54 -50.24
CA GLN A 155 -40.62 109.57 -47.84
CA SER A 156 -43.99 110.99 -48.59
CA GLY A 157 -47.18 112.68 -47.13
CA ASN A 158 -50.04 111.72 -49.73
CA SER A 159 -51.52 108.44 -48.35
CA GLN A 160 -54.80 107.42 -46.70
CA GLU A 161 -55.42 104.64 -44.15
CA SER A 162 -58.28 102.33 -43.20
CA VAL A 163 -58.40 99.99 -40.16
CA THR A 164 -60.95 97.26 -39.72
CA GLU A 165 -62.90 96.75 -36.41
CA GLN A 166 -61.74 94.06 -33.96
CA ASP A 167 -62.19 90.52 -35.20
CA SER A 168 -64.65 88.53 -33.07
CA LYS A 169 -62.54 85.40 -33.33
CA ASP A 170 -58.94 86.51 -32.55
CA SER A 171 -59.26 90.18 -31.49
CA THR A 172 -56.93 91.63 -34.12
CA TYR A 173 -57.08 94.57 -36.53
CA SER A 174 -55.89 94.79 -40.12
CA LEU A 175 -54.91 98.07 -41.84
CA SER A 176 -54.38 99.37 -45.41
CA SER A 177 -52.45 102.40 -46.52
CA THR A 178 -53.06 103.57 -50.09
CA LEU A 179 -50.53 105.86 -51.69
CA THR A 180 -52.01 107.58 -54.76
CA LEU A 181 -49.99 109.32 -57.41
CA SER A 182 -50.55 110.11 -61.08
CA LYS A 183 -49.29 107.70 -63.86
CA ALA A 184 -46.58 110.30 -64.69
CA ASP A 185 -45.47 110.62 -61.05
CA TYR A 186 -45.27 106.89 -60.67
CA GLU A 187 -43.37 106.64 -64.02
CA LYS A 188 -40.48 108.61 -62.71
CA HIS A 189 -39.52 106.74 -59.60
CA LYS A 190 -38.42 103.09 -59.24
CA VAL A 191 -38.18 101.89 -55.57
CA TYR A 192 -41.56 102.03 -53.80
CA ALA A 193 -41.49 100.99 -50.15
CA CYS A 194 -43.77 100.57 -47.14
CA GLU A 195 -42.01 100.77 -43.72
CA VAL A 196 -43.92 99.48 -40.69
CA THR A 197 -43.49 100.10 -36.99
CA HIS A 198 -45.54 98.20 -34.42
CA GLN A 199 -44.84 96.83 -30.90
CA GLY A 200 -44.72 93.11 -31.86
CA LEU A 201 -41.92 93.54 -34.41
CA SER A 202 -38.26 93.61 -33.28
CA SER A 203 -37.24 95.94 -36.10
CA PRO A 204 -39.21 98.21 -38.53
CA VAL A 205 -40.30 96.12 -41.52
CA THR A 206 -39.96 97.22 -45.17
CA LYS A 207 -41.70 95.75 -48.21
CA SER A 208 -40.48 97.28 -51.46
CA PHE A 209 -40.79 96.68 -55.16
CA ASN A 210 -39.12 98.01 -58.27
CA ARG A 211 -41.22 99.75 -60.96
CA GLY A 212 -40.85 97.14 -63.74
CA GLU A 213 -42.18 93.91 -62.04
CA CYS A 214 -42.24 90.39 -63.67
CA GLU B 1 -69.48 100.98 42.80
CA LEU B 2 -68.82 100.63 39.08
CA VAL B 3 -69.53 97.07 38.08
CA MET B 4 -67.07 95.23 35.78
CA THR B 5 -68.59 92.24 33.97
CA GLN B 6 -66.45 89.82 31.94
CA SER B 7 -67.60 87.62 29.13
CA PRO B 8 -67.23 84.63 28.98
CA SER B 9 -66.56 82.94 32.30
CA SER B 10 -64.70 80.02 30.63
CA LEU B 11 -63.25 79.21 27.22
CA SER B 12 -61.31 76.21 25.91
CA ALA B 13 -59.34 76.77 22.70
CA SER B 14 -56.49 75.02 20.90
CA VAL B 15 -52.99 76.43 20.73
CA GLY B 16 -52.65 78.79 17.79
CA ASP B 17 -56.24 79.98 18.19
CA ARG B 18 -57.04 83.63 18.66
CA VAL B 19 -59.11 84.32 21.80
CA ASN B 20 -60.97 87.55 22.75
CA ILE B 21 -62.32 88.21 26.34
CA ALA B 22 -64.73 91.14 26.84
CA CYS B 23 -65.17 93.33 29.91
CA ARG B 24 -67.99 95.90 30.34
CA ALA B 25 -67.96 98.84 32.66
CA SER B 26 -71.51 99.67 33.97
CA GLN B 27 -70.60 103.28 32.97
CA GLY B 28 -67.79 105.14 31.17
CA ILE B 29 -64.24 104.78 32.51
CA SER B 30 -62.34 106.32 29.57
CA SER B 31 -59.14 104.20 29.34
CA ALA B 32 -58.71 103.34 33.01
CA LEU B 33 -58.68 99.63 32.63
CA ALA B 34 -55.89 97.19 33.50
CA TRP B 35 -55.87 93.37 32.68
CA TYR B 36 -54.22 90.72 34.97
CA GLN B 37 -53.22 87.13 34.44
CA GLN B 38 -53.42 84.81 37.48
CA LYS B 39 -52.03 81.29 37.23
CA PRO B 40 -53.84 79.13 39.74
CA GLY B 41 -52.30 79.62 43.17
CA LYS B 42 -50.24 82.68 42.46
CA ALA B 43 -50.28 86.34 42.75
CA PRO B 44 -51.96 88.13 39.81
CA ARG B 45 -49.67 89.67 37.11
CA LEU B 46 -50.11 92.88 35.13
CA LEU B 47 -50.38 92.46 31.35
CA ILE B 48 -52.01 95.65 30.14
CA TYR B 49 -52.68 99.10 31.73
CA ASP B 50 -54.58 102.14 30.27
CA ALA B 51 -56.68 99.71 28.14
CA SER B 52 -53.94 99.14 25.59
CA ASN B 53 -50.36 99.60 26.96
CA LEU B 54 -48.41 96.30 27.43
CA GLU B 55 -46.40 96.14 30.59
CA SER B 56 -42.62 95.63 29.97
CA GLY B 57 -41.68 91.92 29.47
CA VAL B 58 -45.27 90.74 28.51
CA PRO B 59 -45.31 88.77 25.22
CA SER B 60 -46.31 90.67 22.10
CA ARG B 61 -49.23 88.21 21.51
CA PHE B 62 -51.28 89.99 24.22
CA SER B 63 -53.13 93.15 23.11
CA GLY B 64 -56.05 95.16 24.56
CA SER B 65 -58.58 97.61 23.12
CA GLY B 66 -61.65 99.66 24.10
CA SER B 67 -62.56 103.00 25.53
CA GLY B 68 -65.60 104.19 27.44
CA THR B 69 -67.46 101.10 28.47
CA ASP B 70 -66.35 98.07 26.34
CA PHE B 71 -62.84 96.60 26.46
CA THR B 72 -61.27 93.49 24.75
CA LEU B 73 -58.14 91.52 25.59
CA THR B 74 -56.91 89.43 22.57
CA ILE B 75 -54.36 86.58 22.80
CA SER B 76 -53.44 86.21 19.15
CA SER B 77 -51.86 82.70 19.19
CA LEU B 78 -52.81 80.83 22.35
CA GLN B 79 -49.89 78.96 23.89
CA PRO B 80 -50.03 76.17 26.78
CA GLU B 81 -48.48 78.56 29.23
CA ASP B 82 -51.48 80.88 28.75
CA PHE B 83 -53.73 78.69 30.97
CA ALA B 84 -54.88 81.12 33.66
CA ILE B 85 -57.80 83.18 34.98
CA TYR B 86 -57.80 86.68 33.42
CA TYR B 87 -59.29 89.81 35.29
CA CYS B 88 -60.03 93.34 34.29
CA GLN B 89 -59.99 96.10 36.91
CA GLN B 90 -61.17 99.79 36.62
CA PHE B 91 -59.35 102.68 38.34
CA ASN B 92 -61.50 105.56 37.25
CA SER B 93 -63.51 105.58 40.49
CA TYR B 94 -63.19 104.42 44.08
CA PRO B 95 -63.92 101.58 45.15
CA LEU B 96 -61.56 100.17 42.57
CA THR B 97 -63.34 97.09 41.19
CA PHE B 98 -62.48 93.83 39.43
CA GLY B 99 -64.40 91.79 36.97
CA GLY B 100 -65.36 88.19 37.75
CA GLY B 101 -62.70 86.29 35.69
CA THR B 102 -62.41 84.38 32.45
CA LYS B 103 -60.73 80.99 32.92
CA VAL B 104 -58.91 79.89 29.75
CA GLU B 105 -58.23 76.11 29.50
CA ILE B 106 -56.15 74.61 26.60
CA LYS B 107 -57.72 71.98 24.23
CA ARG B 108 -55.37 69.18 23.04
CA THR B 109 -55.31 65.52 21.91
CA VAL B 110 -56.40 62.69 24.25
CA ALA B 111 -53.73 61.27 26.46
CA ALA B 112 -54.32 58.09 28.41
CA PRO B 113 -53.27 58.06 32.03
CA SER B 114 -50.43 56.17 33.70
CA VAL B 115 -52.00 54.46 36.74
CA PHE B 116 -50.25 53.68 40.01
CA ILE B 117 -51.55 52.24 43.29
CA PHE B 118 -49.89 52.56 46.71
CA PRO B 119 -50.57 50.44 49.87
CA PRO B 120 -50.81 52.02 53.43
CA SER B 121 -47.39 52.60 54.95
CA ASP B 122 -46.38 50.74 58.10
CA GLU B 123 -46.33 53.64 60.47
CA GLN B 124 -49.69 54.68 59.17
CA LEU B 125 -51.26 51.29 60.14
CA LYS B 126 -49.55 51.87 63.56
CA SER B 127 -52.02 54.81 64.09
CA GLY B 128 -55.01 52.56 63.45
CA THR B 129 -55.82 53.98 59.87
CA ALA B 130 -55.03 52.93 56.34
CA SER B 131 -55.05 55.22 53.28
CA VAL B 132 -54.75 53.52 49.88
CA VAL B 133 -53.87 55.90 46.98
CA CYS B 134 -54.47 55.40 43.25
CA LEU B 135 -52.66 57.85 40.91
CA LEU B 136 -53.68 58.63 37.34
CA ASN B 137 -50.80 60.66 35.92
CA ASN B 138 -50.85 62.96 32.94
CA PHE B 139 -54.00 62.67 30.96
CA TYR B 140 -56.32 64.69 28.72
CA PRO B 141 -59.45 65.34 28.78
CA ARG B 142 -60.01 65.76 32.55
CA GLU B 143 -62.95 63.33 32.82
CA ALA B 144 -61.98 59.90 34.19
CA LYS B 145 -63.68 57.41 36.57
CA VAL B 146 -61.89 55.60 39.45
CA GLN B 147 -63.63 52.64 41.06
CA TRP B 148 -62.31 50.87 44.15
CA LYS B 149 -62.98 47.18 44.67
CA VAL B 150 -61.86 45.40 47.87
CA ASP B 151 -62.21 41.57 47.65
CA ASN B 152 -63.03 41.80 43.99
CA ALA B 153 -66.42 43.36 43.08
CA LEU B 154 -67.12 44.55 46.65
CA GLN B 155 -66.63 47.92 45.13
CA SER B 156 -66.83 50.77 47.54
CA GLY B 157 -68.19 54.35 48.20
CA ASN B 158 -65.64 55.87 50.85
CA SER B 159 -62.97 57.63 48.72
CA GLN B 160 -61.99 61.24 47.99
CA GLU B 161 -60.42 62.70 44.82
CA SER B 162 -58.11 65.58 43.94
CA VAL B 163 -57.24 66.80 40.40
CA THR B 164 -54.42 69.17 39.66
CA GLU B 165 -54.87 72.26 37.37
CA GLN B 166 -53.72 72.06 33.73
CA ASP B 167 -49.99 71.80 33.27
CA SER B 168 -48.53 74.81 31.43
CA LYS B 169 -46.13 72.62 29.50
CA ASP B 170 -48.23 69.70 28.15
CA SER B 171 -51.85 70.61 29.07
CA THR B 172 -52.59 67.48 31.12
CA TYR B 173 -54.19 66.79 34.50
CA SER B 174 -53.20 64.26 37.14
CA LEU B 175 -55.63 62.84 39.74
CA SER B 176 -55.48 60.98 43.09
CA SER B 177 -58.13 58.91 44.74
CA THR B 178 -57.59 58.09 48.42
CA LEU B 179 -59.55 55.25 49.93
CA THR B 180 -59.50 55.45 53.73
CA LEU B 181 -60.42 52.61 56.03
CA SER B 182 -59.53 51.69 59.61
CA LYS B 183 -56.54 49.30 60.35
CA ALA B 184 -59.13 46.61 61.31
CA ASP B 185 -61.14 47.09 58.11
CA TYR B 186 -58.02 46.88 56.00
CA GLU B 187 -56.87 43.77 58.00
CA LYS B 188 -59.81 41.76 56.86
CA HIS B 189 -59.62 42.04 53.12
CA LYS B 190 -56.78 41.00 50.77
CA VAL B 191 -57.24 42.20 47.12
CA TYR B 192 -57.32 46.02 46.89
CA ALA B 193 -57.88 47.37 43.37
CA CYS B 194 -58.23 50.64 41.47
CA GLU B 195 -60.17 50.42 38.17
CA VAL B 196 -59.82 53.33 35.73
CA THR B 197 -61.97 54.45 32.84
CA HIS B 198 -60.86 57.27 30.53
CA GLN B 199 -61.23 57.97 26.78
CA GLY B 200 -57.56 57.30 25.81
CA LEU B 201 -57.55 53.74 27.17
CA SER B 202 -58.89 50.86 25.03
CA SER B 203 -60.04 48.90 28.08
CA PRO B 204 -60.63 49.83 31.79
CA VAL B 205 -57.32 49.52 33.64
CA THR B 206 -56.90 47.80 37.04
CA LYS B 207 -53.98 48.09 39.44
CA SER B 208 -54.30 45.74 42.41
CA PHE B 209 -52.20 44.50 45.27
CA ASN B 210 -52.50 41.79 47.88
CA ARG B 211 -52.48 42.71 51.60
CA GLY B 212 -49.13 41.12 52.56
CA GLU B 213 -46.65 42.86 50.12
CA CYS B 214 -42.86 42.09 49.86
CA GLN C 1 -87.76 83.50 -44.03
CA VAL C 2 -86.08 85.44 -46.90
CA LYS C 3 -85.14 87.40 -43.80
CA LEU C 4 -88.02 88.12 -41.28
CA LEU C 5 -88.19 91.93 -41.59
CA GLU C 6 -86.46 93.08 -44.86
CA GLN C 7 -85.91 96.62 -46.12
CA SER C 8 -85.56 98.43 -49.50
CA GLY C 9 -81.89 99.31 -50.28
CA ALA C 10 -80.17 102.69 -50.36
CA GLU C 11 -80.55 105.76 -51.62
CA VAL C 12 -79.22 109.13 -52.53
CA LYS C 13 -81.72 111.97 -52.53
CA LYS C 14 -81.13 115.67 -53.27
CA PRO C 15 -81.73 118.15 -50.34
CA GLY C 16 -85.44 119.20 -50.46
CA ALA C 17 -86.62 115.85 -51.93
CA SER C 18 -88.57 113.05 -50.20
CA VAL C 19 -87.52 109.41 -49.58
CA LYS C 20 -89.80 106.37 -49.13
CA VAL C 21 -88.32 103.39 -47.25
CA SER C 22 -90.19 100.02 -47.18
CA CYS C 23 -90.11 97.12 -44.71
CA LYS C 24 -91.58 93.74 -45.83
CA ALA C 25 -92.55 91.32 -42.98
CA SER C 26 -92.24 87.55 -43.78
CA GLY C 27 -92.85 84.42 -41.58
CA TYR C 28 -95.07 85.93 -38.81
CA SER C 29 -98.70 87.28 -38.84
CA PHE C 30 -98.17 90.92 -40.03
CA THR C 31 -101.41 92.46 -38.54
CA SER C 32 -100.78 91.06 -34.98
CA TYR C 33 -97.79 93.41 -34.23
CA GLY C 34 -96.76 97.07 -34.55
CA LEU C 35 -93.60 98.25 -36.36
CA HIS C 36 -91.28 100.93 -34.98
CA TRP C 37 -89.02 103.18 -37.17
CA VAL C 38 -85.56 104.19 -35.81
CA ARG C 39 -82.59 105.97 -37.42
CA GLN C 40 -78.85 106.18 -36.73
CA ALA C 41 -76.92 109.18 -38.14
CA PRO C 42 -73.12 108.58 -38.55
CA GLY C 43 -71.32 108.44 -35.16
CA GLN C 44 -74.58 109.10 -33.30
CA ARG C 45 -77.03 107.30 -31.06
CA LEU C 46 -80.21 105.62 -32.33
CA GLU C 47 -83.19 108.00 -32.56
CA TRP C 48 -86.80 106.78 -32.39
CA MET C 49 -88.97 108.35 -35.20
CA GLY C 50 -92.39 106.66 -34.97
CA TRP C 51 -94.57 103.52 -34.83
CA ILE C 52 -97.45 102.04 -36.90
CA SER C 53 -100.01 99.38 -35.82
CA ALA C 54 -100.22 96.92 -38.82
CA GLY C 55 -103.81 95.93 -37.79
CA THR C 56 -105.48 99.41 -37.47
CA GLY C 57 -103.04 101.62 -39.50
CA ASN C 58 -102.78 103.95 -36.41
CA THR C 59 -99.77 106.10 -36.05
CA LYS C 60 -97.52 107.58 -33.35
CA TYR C 61 -94.45 109.72 -33.97
CA SER C 62 -91.65 111.82 -32.50
CA GLN C 63 -92.51 115.56 -32.58
CA LYS C 64 -88.90 116.16 -33.79
CA PHE C 65 -90.33 114.98 -37.22
CA ARG C 66 -93.68 116.91 -36.85
CA GLY C 67 -95.13 117.77 -40.27
CA ARG C 68 -92.56 115.81 -42.41
CA VAL C 69 -92.84 112.06 -41.53
CA THR C 70 -95.65 109.69 -42.77
CA PHE C 71 -96.24 105.96 -41.89
CA THR C 72 -98.30 103.65 -44.13
CA ARG C 73 -98.89 99.85 -44.27
CA ASP C 74 -100.04 97.74 -47.24
CA THR C 75 -101.72 94.94 -45.28
CA SER C 76 -102.14 92.64 -48.40
CA ALA C 77 -98.43 92.93 -49.52
CA THR C 78 -97.45 92.76 -45.80
CA THR C 79 -95.18 95.83 -46.14
CA ALA C 80 -94.93 98.99 -44.01
CA TYR C 81 -93.43 102.28 -45.33
CA MET C 82 -92.05 105.46 -43.88
CA GLY C 83 -92.09 108.64 -45.99
CA LEU C 84 -89.63 111.43 -44.99
CA SER C 85 -90.16 114.82 -46.73
CA SER C 86 -88.05 118.03 -47.02
CA LEU C 87 -84.73 116.18 -46.80
CA ARG C 88 -81.80 118.04 -45.21
CA PRO C 89 -78.11 116.86 -45.27
CA GLU C 90 -78.46 115.81 -41.54
CA ASP C 91 -81.09 113.16 -42.58
CA THR C 92 -78.09 111.10 -43.94
CA ALA C 93 -78.51 108.06 -41.68
CA VAL C 94 -79.37 104.33 -41.61
CA TYR C 95 -83.18 103.87 -41.28
CA TYR C 96 -84.30 100.70 -39.49
CA CYS C 97 -87.74 99.27 -39.04
CA ALA C 98 -88.01 97.09 -35.89
CA ARG C 99 -90.84 94.98 -34.47
CA ASP C 100 -93.04 95.81 -31.43
CA PRO C 101 -93.58 92.29 -29.86
CA TYR C 102 -96.97 93.33 -28.30
CA GLY C 103 -98.73 95.74 -30.78
CA GLY C 104 -99.16 98.58 -28.18
CA GLY C 105 -96.54 101.18 -29.31
CA LYS C 106 -94.29 101.32 -26.22
CA SER C 107 -91.94 98.35 -26.15
CA GLU C 108 -88.41 96.99 -26.55
CA PHE C 109 -87.84 95.90 -30.23
CA ASP C 110 -87.26 92.11 -30.70
CA TYR C 111 -86.64 91.87 -34.54
CA TRP C 112 -84.85 94.53 -36.57
CA GLY C 113 -84.74 95.05 -40.33
CA GLN C 114 -81.22 95.37 -41.85
CA GLY C 115 -81.21 99.16 -42.42
CA THR C 116 -81.33 101.37 -45.53
CA LEU C 117 -78.79 104.14 -45.78
CA VAL C 118 -80.34 107.32 -47.22
CA THR C 119 -77.67 109.84 -48.20
CA VAL C 120 -78.85 113.43 -48.79
CA SER C 121 -76.55 115.13 -51.39
CA SER C 122 -76.12 117.38 -54.49
CA ALA C 123 -72.28 116.82 -54.76
CA SER C 124 -73.02 114.48 -57.62
CA PRO C 125 -73.64 110.68 -57.26
CA THR C 126 -70.84 108.60 -58.92
CA SER C 127 -70.72 104.76 -59.35
CA PRO C 128 -67.53 102.83 -58.29
CA LYS C 129 -64.93 101.67 -60.85
CA VAL C 130 -63.67 98.23 -59.74
CA PHE C 131 -59.98 97.33 -60.38
CA PRO C 132 -58.09 94.04 -59.74
CA LEU C 133 -55.27 93.84 -57.18
CA SER C 134 -53.11 90.80 -58.17
CA LEU C 135 -49.37 89.85 -58.22
CA CYS C 136 -47.53 87.59 -60.75
CA SER C 137 -44.44 86.19 -58.84
CA THR C 138 -44.22 89.37 -56.60
CA GLN C 139 -45.98 87.75 -53.53
CA PRO C 140 -44.11 85.39 -51.07
CA ASP C 141 -44.03 81.60 -51.94
CA GLY C 142 -46.81 79.96 -49.80
CA ASN C 143 -49.82 82.32 -49.31
CA VAL C 144 -51.72 84.46 -51.90
CA VAL C 145 -53.24 87.97 -51.38
CA ILE C 146 -55.64 89.20 -54.11
CA ALA C 147 -58.06 92.12 -53.88
CA CYS C 148 -60.55 94.49 -55.55
CA LEU C 149 -60.06 98.29 -55.40
CA VAL C 150 -63.62 99.85 -55.38
CA GLN C 151 -62.68 103.36 -56.55
CA GLY C 152 -64.20 106.86 -56.92
CA PHE C 153 -67.78 106.54 -55.67
CA PHE C 154 -70.25 108.92 -53.94
CA PRO C 155 -72.10 108.77 -51.67
CA GLN C 156 -70.67 106.10 -49.23
CA GLU C 157 -73.89 103.91 -48.92
CA PRO C 158 -73.86 100.13 -47.96
CA LEU C 159 -71.24 98.29 -50.06
CA SER C 160 -71.82 94.47 -50.16
CA VAL C 161 -68.54 92.71 -51.18
CA THR C 162 -68.63 88.92 -51.57
CA TRP C 163 -65.83 86.63 -52.99
CA SER C 164 -66.42 83.38 -55.08
CA GLU C 165 -64.14 81.23 -52.78
CA SER C 166 -64.92 80.62 -49.03
CA GLY C 167 -63.26 78.23 -46.48
CA GLN C 168 -61.33 77.66 -43.18
CA GLY C 169 -57.98 79.31 -44.17
CA VAL C 170 -59.46 81.86 -46.69
CA THR C 171 -59.75 85.26 -44.89
CA ALA C 172 -61.76 88.22 -46.33
CA ARG C 173 -60.94 91.77 -45.10
CA ASN C 174 -63.35 94.57 -46.13
CA PHE C 175 -61.55 97.94 -45.50
CA PRO C 176 -63.96 100.82 -44.45
CA PRO C 177 -64.56 103.71 -46.97
CA SER C 178 -61.83 106.42 -47.01
CA GLN C 179 -62.78 109.91 -48.28
CA ASP C 180 -60.54 111.92 -50.74
CA ALA C 181 -60.38 115.73 -49.89
CA SER C 182 -63.64 117.69 -49.06
CA GLY C 183 -66.35 115.04 -49.83
CA ASP C 184 -65.10 114.60 -53.48
CA LEU C 185 -64.82 110.75 -53.88
CA TYR C 186 -64.80 107.65 -51.57
CA THR C 187 -62.49 104.59 -52.12
CA THR C 188 -62.67 101.13 -50.36
CA SER C 189 -60.51 97.98 -50.89
CA SER C 190 -61.69 94.34 -50.35
CA GLN C 191 -58.83 91.80 -49.77
CA LEU C 192 -58.92 87.94 -49.97
CA THR C 193 -55.94 86.15 -48.26
CA LEU C 194 -55.85 82.35 -49.09
CA PRO C 195 -53.19 79.51 -49.30
CA ALA C 196 -51.23 79.29 -52.66
CA THR C 197 -52.46 75.64 -53.09
CA GLN C 198 -56.09 77.06 -53.06
CA CYS C 199 -55.22 79.87 -55.60
CA LEU C 200 -52.95 78.30 -58.33
CA ALA C 201 -51.39 80.18 -61.35
CA GLY C 202 -53.82 80.49 -64.34
CA LYS C 203 -56.94 80.31 -62.04
CA SER C 204 -59.14 83.26 -60.87
CA VAL C 205 -61.47 84.27 -57.93
CA THR C 206 -64.54 86.49 -58.61
CA CYS C 207 -65.25 89.57 -56.43
CA HIS C 208 -68.98 90.57 -56.39
CA VAL C 209 -69.60 94.25 -55.43
CA LYS C 210 -73.11 95.62 -54.70
CA HIS C 211 -73.32 99.43 -54.18
CA TYR C 212 -76.85 100.27 -52.60
CA THR C 213 -79.83 98.82 -54.55
CA ASN C 214 -77.85 98.98 -57.85
CA PRO C 215 -77.05 95.81 -59.97
CA SER C 216 -74.02 93.69 -58.87
CA GLN C 217 -70.63 94.61 -60.46
CA ASP C 218 -68.44 91.47 -60.89
CA VAL C 219 -64.65 91.26 -61.49
CA THR C 220 -62.63 88.08 -62.16
CA VAL C 221 -59.34 88.59 -60.21
CA PRO C 222 -56.29 86.33 -61.13
CA CYS C 223 -56.12 85.71 -59.15
CA PRO C 224 -56.08 85.07 -57.35
CA VAL C 225 -53.49 82.35 -56.81
CA PRO C 226 -53.82 80.67 -53.19
CA SER C 227 -50.14 80.61 -51.63
CA THR C 228 -51.81 79.87 -48.12
CA PRO C 229 -49.60 77.66 -45.68
CA PRO C 230 -50.75 77.04 -41.78
CA THR C 231 -49.08 76.53 -38.35
CA PRO C 232 -47.48 72.89 -37.79
CA SER C 233 -46.82 71.47 -34.20
CA PRO C 234 -43.54 69.60 -33.68
CA SER C 235 -43.91 66.50 -31.39
CA THR C 236 -41.30 63.37 -31.34
CA PRO C 237 -40.50 61.27 -28.07
CA PRO C 238 -37.51 58.45 -27.83
CA THR C 239 -37.64 55.71 -25.20
CA PRO C 240 -36.89 56.94 -21.47
CA SER C 241 -34.11 55.71 -19.02
CA PRO C 242 -33.96 55.85 -15.21
CA SER C 243 -31.22 55.30 -12.64
CA CYS C 244 -32.71 54.21 -9.21
CA CYS C 245 -31.56 52.32 -5.94
CA HIS C 246 -33.12 49.17 -4.62
CA PRO C 247 -31.16 46.99 -2.08
CA ARG C 248 -28.83 44.28 -3.60
CA LEU C 249 -25.31 43.40 -2.17
CA SER C 250 -22.81 41.97 -4.76
CA LEU C 251 -19.14 40.82 -4.39
CA HIS C 252 -17.02 40.88 -7.62
CA ARG C 253 -13.79 38.74 -7.22
CA PRO C 254 -10.19 39.71 -8.35
CA ALA C 255 -9.11 38.70 -11.96
CA LEU C 256 -6.72 35.67 -12.43
CA GLU C 257 -4.22 37.29 -14.91
CA ASP C 258 -3.69 40.53 -12.81
CA LEU C 259 -3.20 38.70 -9.43
CA LEU C 260 -0.67 36.23 -11.03
CA LEU C 261 1.31 38.80 -13.16
CA GLY C 262 2.59 41.37 -10.57
CA SER C 263 0.32 40.78 -7.44
CA GLU C 264 -2.59 43.08 -8.56
CA ALA C 265 -5.89 41.91 -6.93
CA ASN C 266 -8.91 43.95 -5.67
CA LEU C 267 -12.01 42.33 -4.11
CA THR C 268 -14.87 44.70 -4.92
CA CYS C 269 -18.01 45.27 -2.81
CA THR C 270 -21.08 46.78 -4.53
CA LEU C 271 -24.34 47.81 -2.71
CA THR C 272 -27.10 48.23 -5.34
CA GLY C 273 -30.70 49.12 -4.21
CA LEU C 274 -30.22 51.59 -1.26
CA ARG C 275 -33.36 53.90 -1.59
CA ASP C 276 -33.57 57.78 -1.15
CA ALA C 277 -31.87 59.85 1.72
CA SER C 278 -29.27 57.22 2.65
CA GLY C 279 -25.63 56.09 3.38
CA VAL C 280 -23.75 52.71 3.62
CA THR C 281 -21.13 51.72 6.29
CA PHE C 282 -18.56 49.09 5.22
CA THR C 283 -16.62 46.59 7.47
CA TRP C 284 -13.88 44.60 5.57
CA THR C 285 -11.67 41.82 7.12
CA PRO C 286 -7.88 42.56 6.64
CA SER C 287 -5.70 40.49 4.19
CA SER C 288 -3.12 38.03 5.74
CA GLY C 289 -0.14 40.48 6.22
CA LYS C 290 -2.22 42.79 8.56
CA SER C 291 -3.66 44.98 5.70
CA ALA C 292 -7.13 46.70 5.47
CA VAL C 293 -7.42 49.64 2.95
CA GLN C 294 -10.78 50.94 1.45
CA GLY C 295 -12.29 53.76 -0.80
CA PRO C 296 -16.16 54.07 -0.82
CA PRO C 297 -17.97 56.60 -3.19
CA GLU C 298 -21.83 56.89 -3.50
CA ARG C 299 -23.01 56.63 -7.15
CA ASP C 300 -26.72 57.08 -8.19
CA LEU C 301 -27.33 54.24 -10.78
CA CYS C 302 -30.78 53.88 -12.58
CA GLY C 303 -32.29 56.36 -10.06
CA CYS C 304 -30.85 55.14 -6.66
CA TYR C 305 -27.53 55.13 -4.60
CA SER C 306 -24.75 52.44 -4.85
CA VAL C 307 -21.87 52.39 -2.24
CA SER C 308 -19.08 50.62 -4.15
CA SER C 309 -16.04 50.08 -1.92
CA VAL C 310 -12.78 48.28 -2.96
CA LEU C 311 -10.16 46.39 -0.87
CA PRO C 312 -6.69 46.06 -2.61
CA GLY C 313 -5.03 42.62 -2.00
CA CYS C 314 -1.75 40.70 -2.49
CA ALA C 315 -1.27 37.34 -4.37
CA GLU C 316 -0.26 35.27 -1.22
CA PRO C 317 -3.62 35.56 0.77
CA TRP C 318 -5.60 34.63 -2.44
CA ASN C 319 -3.20 31.70 -3.42
CA HIS C 320 -2.76 30.23 0.16
CA GLY C 321 -6.47 30.45 1.33
CA LYS C 322 -7.90 33.66 2.93
CA THR C 323 -11.65 34.50 3.54
CA PHE C 324 -12.56 38.11 2.55
CA THR C 325 -15.69 39.39 4.33
CA CYS C 326 -17.50 42.59 3.27
CA THR C 327 -20.03 43.36 6.04
CA ALA C 328 -22.27 46.33 5.25
CA ALA C 329 -24.56 48.11 7.84
CA TYR C 330 -27.59 50.44 7.04
CA PRO C 331 -30.64 51.32 9.35
CA GLU C 332 -33.39 50.23 6.83
CA SER C 333 -31.49 46.85 6.42
CA LYS C 334 -32.46 45.34 9.87
CA THR C 335 -29.81 42.54 9.51
CA PRO C 336 -26.38 44.04 8.42
CA LEU C 337 -25.34 42.05 5.27
CA THR C 338 -22.19 39.95 5.42
CA ALA C 339 -20.73 38.48 2.14
CA THR C 340 -17.52 36.35 2.34
CA LEU C 341 -15.25 35.25 -0.53
CA SER C 342 -12.08 33.01 -0.93
CA LYS C 343 -10.36 30.31 -3.14
CA SER C 344 -12.15 27.04 -4.25
CA GLY C 345 -12.17 23.35 -3.08
CA ASN C 346 -9.62 20.69 -1.90
CA THR C 347 -6.21 20.37 -3.76
CA PHE C 348 -4.98 17.72 -6.34
CA ARG C 349 -1.40 17.32 -7.84
CA PRO C 350 -1.21 18.05 -11.66
CA GLU C 351 -0.06 15.13 -13.84
CA VAL C 352 2.20 16.72 -16.57
CA HIS C 353 2.82 14.61 -19.75
CA LEU C 354 4.75 16.14 -22.72
CA LEU C 355 3.62 14.94 -26.19
CA PRO C 356 5.87 15.19 -29.33
CA PRO C 357 4.31 16.14 -32.74
CA PRO C 358 2.31 13.68 -34.90
CA SER C 359 4.17 12.00 -37.85
CA GLU C 360 1.89 13.83 -40.39
CA GLU C 361 2.72 17.32 -38.87
CA LEU C 362 6.41 16.71 -39.87
CA ALA C 363 5.13 17.11 -43.49
CA LEU C 364 4.53 20.76 -42.32
CA ASN C 365 7.40 23.35 -41.90
CA GLU C 366 7.25 26.76 -40.02
CA LEU C 367 5.57 25.47 -36.78
CA VAL C 368 5.94 22.01 -35.08
CA THR C 369 3.25 21.47 -32.50
CA LEU C 370 4.87 20.59 -29.10
CA THR C 371 2.06 19.74 -26.66
CA CYS C 372 2.02 19.37 -22.85
CA LEU C 373 -1.08 17.96 -21.09
CA ALA C 374 -1.62 19.08 -17.45
CA ARG C 375 -4.46 16.85 -16.10
CA GLY C 376 -6.23 15.83 -12.85
CA PHE C 377 -5.42 19.14 -11.05
CA SER C 378 -7.45 21.26 -8.52
CA PRO C 379 -8.14 24.03 -7.91
CA LYS C 380 -8.11 25.47 -11.51
CA ASP C 381 -5.43 27.91 -10.38
CA VAL C 382 -2.24 27.06 -12.39
CA LEU C 383 0.64 28.65 -14.43
CA VAL C 384 2.17 26.85 -17.41
CA ARG C 385 5.24 28.22 -19.32
CA TRP C 386 7.71 26.86 -21.93
CA LEU C 387 11.54 26.97 -22.05
CA GLN C 388 14.18 26.36 -24.76
CA GLY C 389 17.20 24.19 -23.67
CA SER C 390 19.26 25.08 -26.83
CA GLN C 391 19.51 28.86 -25.98
CA GLU C 392 18.94 28.61 -22.14
CA LEU C 393 15.95 31.02 -22.51
CA PRO C 394 12.12 31.23 -22.14
CA ARG C 395 10.08 30.73 -25.36
CA GLU C 396 7.57 32.96 -27.21
CA LYS C 397 5.35 31.08 -29.70
CA TYR C 398 3.07 29.22 -27.26
CA LEU C 399 -0.66 29.28 -26.39
CA THR C 400 -2.52 27.67 -23.38
CA TRP C 401 -6.28 26.75 -23.47
CA ALA C 402 -8.71 25.59 -20.62
CA SER C 403 -11.08 22.74 -19.43
CA ARG C 404 -12.86 22.41 -15.99
CA GLN C 405 -14.27 18.81 -15.84
CA GLU C 406 -17.70 18.43 -14.05
CA PRO C 407 -20.40 15.80 -15.01
CA SER C 408 -23.41 14.55 -12.88
CA GLN C 409 -21.10 12.39 -10.63
CA GLY C 410 -18.62 13.21 -7.79
CA THR C 411 -15.67 13.34 -10.30
CA THR C 412 -14.58 17.05 -10.68
CA THR C 413 -10.89 18.08 -11.47
CA PHE C 414 -9.36 20.20 -14.37
CA ALA C 415 -7.31 19.59 -17.55
CA VAL C 416 -5.45 21.96 -19.95
CA THR C 417 -3.28 21.52 -23.06
CA SER C 418 -0.44 23.99 -23.83
CA ILE C 419 0.82 24.33 -27.44
CA LEU C 420 4.45 25.44 -28.20
CA ARG C 421 4.91 25.92 -31.95
CA VAL C 422 8.55 25.53 -33.29
CA ALA C 423 10.42 25.35 -36.64
CA ALA C 424 10.57 21.67 -37.89
CA GLU C 425 14.42 22.00 -38.06
CA ASP C 426 15.15 22.88 -34.33
CA TRP C 427 13.16 19.83 -33.09
CA LYS C 428 15.28 17.68 -35.56
CA LYS C 429 18.51 19.51 -34.45
CA GLY C 430 17.85 17.58 -31.17
CA ASP C 431 16.69 20.51 -29.01
CA THR C 432 15.19 19.94 -25.54
CA PHE C 433 12.02 22.00 -24.85
CA SER C 434 10.50 21.94 -21.33
CA CYS C 435 6.97 22.65 -20.11
CA MET C 436 7.11 24.20 -16.58
CA VAL C 437 3.91 23.85 -14.47
CA GLY C 438 3.34 25.81 -11.21
CA HIS C 439 0.49 24.73 -8.93
CA GLU C 440 -0.56 24.76 -5.18
CA ALA C 441 -0.18 20.91 -4.89
CA LEU C 442 3.22 20.50 -6.70
CA PRO C 443 6.26 19.45 -4.51
CA LEU C 444 8.15 22.81 -4.59
CA ALA C 445 5.08 24.56 -6.16
CA PHE C 446 6.93 23.81 -9.43
CA THR C 447 7.51 20.83 -11.77
CA GLN C 448 9.05 20.73 -15.26
CA LYS C 449 8.66 17.88 -17.83
CA THR C 450 10.95 17.81 -20.93
CA ILE C 451 10.57 17.00 -24.71
CA ASP C 452 13.31 16.26 -27.30
CA ARG C 453 13.73 14.35 -30.65
CA LEU C 454 15.89 11.86 -28.57
CA ALA C 455 14.13 8.69 -27.24
CA GLY C 456 16.13 6.16 -25.11
CA LYS C 457 13.94 3.12 -24.25
CA PRO C 458 15.06 2.21 -20.68
CA THR C 459 12.46 4.16 -20.59
CA HIS C 460 11.26 7.83 -20.13
CA VAL C 461 13.89 9.49 -17.76
CA ASN C 462 14.79 13.22 -17.07
CA VAL C 463 17.83 15.72 -17.19
CA SER C 464 20.58 15.87 -14.44
CA VAL C 465 20.94 18.23 -11.32
CA VAL C 466 21.71 21.79 -12.67
CA MET C 467 22.78 24.14 -9.77
CA ALA C 468 23.91 23.69 -6.07
CA GLU C 469 24.05 25.35 -3.36
CA VAL C 470 22.89 29.11 -3.32
CA ASP C 471 19.23 28.30 -2.34
CA GLY C 472 17.79 31.83 -1.57
CA THR C 473 17.81 31.63 2.29
CA CYS C 474 21.57 30.73 2.45
CA TYR C 475 22.80 33.02 -0.48
CA GLN D 1 -34.32 91.28 45.92
CA VAL D 2 -35.26 88.69 48.60
CA LYS D 3 -38.46 89.18 46.64
CA LEU D 4 -39.47 92.86 45.88
CA LEU D 5 -42.68 93.09 47.94
CA GLU D 6 -42.77 90.24 50.57
CA GLN D 7 -45.53 89.40 53.04
CA SER D 8 -45.85 87.81 56.54
CA GLY D 9 -47.15 84.19 56.34
CA ALA D 10 -50.49 82.75 57.38
CA GLU D 11 -52.63 82.74 59.96
CA VAL D 12 -55.55 81.33 61.80
CA LYS D 13 -57.49 83.75 63.96
CA LYS D 14 -60.62 83.09 66.07
CA PRO D 15 -63.86 84.94 65.00
CA GLY D 16 -63.90 88.34 66.83
CA ALA D 17 -60.07 88.67 66.90
CA SER D 18 -57.85 91.01 64.85
CA VAL D 19 -55.11 90.11 62.31
CA LYS D 20 -52.08 92.23 61.31
CA VAL D 21 -50.52 91.50 57.90
CA SER D 22 -47.15 93.06 56.92
CA CYS D 23 -45.60 93.83 53.54
CA LYS D 24 -41.81 94.56 53.39
CA ALA D 25 -40.60 96.47 50.27
CA SER D 26 -37.00 95.68 49.09
CA GLY D 27 -34.97 96.98 46.04
CA TYR D 28 -36.94 100.19 45.22
CA SER D 29 -37.29 103.57 47.08
CA PHE D 30 -40.15 102.78 49.56
CA THR D 31 -41.39 106.42 50.14
CA SER D 32 -41.74 107.21 46.36
CA TYR D 33 -44.80 104.90 45.82
CA GLY D 34 -48.14 104.01 47.41
CA LEU D 35 -49.17 100.45 48.37
CA HIS D 36 -52.64 99.01 47.68
CA TRP D 37 -54.26 96.17 49.76
CA VAL D 38 -56.47 93.62 47.95
CA ARG D 39 -58.08 90.35 49.08
CA GLN D 40 -59.39 87.21 47.35
CA ALA D 41 -61.92 85.03 49.23
CA PRO D 42 -62.09 81.36 48.01
CA GLY D 43 -63.73 81.08 44.54
CA GLN D 44 -64.33 84.84 44.44
CA ARG D 45 -63.08 87.89 42.59
CA LEU D 46 -60.36 90.20 43.93
CA GLU D 47 -61.71 92.94 46.23
CA TRP D 48 -59.87 96.24 46.75
CA MET D 49 -59.64 97.18 50.51
CA GLY D 50 -57.46 100.32 50.69
CA TRP D 51 -54.23 102.21 49.88
CA ILE D 52 -51.44 103.93 51.86
CA SER D 53 -48.94 106.57 50.61
CA ALA D 54 -45.50 105.43 52.01
CA GLY D 55 -44.22 109.08 51.93
CA THR D 56 -47.07 110.91 53.84
CA GLY D 57 -48.76 107.98 55.68
CA ASN D 58 -52.13 109.10 54.14
CA THR D 59 -54.87 106.60 53.81
CA LYS D 60 -57.78 105.71 51.52
CA TYR D 61 -60.12 102.75 51.98
CA SER D 62 -63.19 100.89 50.79
CA GLN D 63 -66.29 101.84 52.87
CA LYS D 64 -67.15 98.08 52.91
CA PHE D 65 -64.40 97.94 55.68
CA ARG D 66 -65.50 101.25 57.39
CA GLY D 67 -64.55 101.23 61.08
CA ARG D 68 -62.54 97.93 61.07
CA VAL D 69 -59.50 98.36 58.71
CA THR D 70 -56.25 100.30 59.60
CA PHE D 71 -53.18 101.02 57.35
CA THR D 72 -49.76 101.88 58.83
CA ARG D 73 -46.20 102.17 57.39
CA ASP D 74 -42.87 101.91 59.25
CA THR D 75 -40.80 104.10 56.93
CA SER D 76 -37.42 103.12 58.57
CA ALA D 77 -38.06 99.29 58.36
CA THR D 78 -39.63 99.88 54.91
CA THR D 79 -42.72 97.83 55.82
CA ALA D 80 -46.45 98.62 55.44
CA TYR D 81 -49.16 96.88 57.53
CA MET D 82 -52.88 96.36 57.35
CA GLY D 83 -54.84 95.70 60.56
CA LEU D 84 -58.28 93.99 60.19
CA SER D 85 -60.46 93.94 63.35
CA SER D 86 -63.66 92.06 64.35
CA LEU D 87 -62.86 89.02 62.20
CA ARG D 88 -65.81 87.09 60.77
CA PRO D 89 -65.58 83.62 59.02
CA GLU D 90 -66.08 85.40 55.60
CA ASP D 91 -62.72 87.24 56.11
CA THR D 92 -61.02 83.86 55.27
CA ALA D 93 -59.13 85.01 52.16
CA VAL D 94 -55.67 85.63 50.67
CA TYR D 95 -54.53 89.22 51.49
CA TYR D 96 -52.19 90.81 48.94
CA CYS D 97 -50.33 94.07 49.07
CA ALA D 98 -49.59 95.47 45.57
CA ARG D 99 -47.66 98.53 44.39
CA ASP D 100 -49.13 101.80 43.03
CA PRO D 101 -46.51 102.76 40.29
CA TYR D 102 -47.30 106.52 40.63
CA GLY D 103 -48.04 107.26 44.37
CA GLY D 104 -51.50 108.84 43.69
CA GLY D 105 -53.95 106.12 44.92
CA LYS D 106 -55.83 105.32 41.69
CA SER D 107 -53.76 103.06 39.46
CA GLU D 108 -53.18 99.60 37.99
CA PHE D 109 -50.87 97.54 40.32
CA ASP D 110 -47.45 96.62 38.76
CA TYR D 111 -45.82 94.49 41.59
CA TRP D 112 -47.77 92.18 43.89
CA GLY D 113 -46.74 90.59 47.17
CA GLN D 114 -47.21 86.77 47.38
CA GLY D 115 -50.34 86.73 49.59
CA THR D 116 -51.01 85.69 53.20
CA LEU D 117 -53.95 83.41 53.82
CA VAL D 118 -55.83 84.41 56.99
CA THR D 119 -58.27 81.69 58.05
CA VAL D 120 -60.95 82.72 60.58
CA SER D 121 -61.93 79.64 62.72
CA SER D 122 -62.77 78.12 66.16
CA ALA D 123 -63.04 74.47 64.83
CA SER D 124 -59.64 73.87 66.34
CA PRO D 125 -56.28 74.40 64.52
CA THR D 126 -54.40 71.06 63.98
CA SER D 127 -50.84 70.60 62.53
CA PRO D 128 -50.27 68.01 59.69
CA LYS D 129 -48.80 64.55 60.37
CA VAL D 130 -46.49 63.66 57.46
CA PHE D 131 -46.26 59.99 56.33
CA PRO D 132 -44.04 58.36 53.66
CA LEU D 133 -45.54 56.81 50.50
CA SER D 134 -42.94 54.28 49.19
CA LEU D 135 -42.91 50.80 47.53
CA CYS D 136 -40.31 47.99 47.96
CA SER D 137 -40.54 45.86 44.69
CA THR D 138 -44.31 46.71 44.24
CA GLN D 139 -43.71 49.49 41.58
CA PRO D 140 -43.04 48.65 37.84
CA ASP D 141 -39.34 48.03 36.78
CA GLY D 142 -38.13 51.36 35.20
CA ASN D 143 -39.73 54.43 36.91
CA VAL D 144 -40.16 55.23 40.66
CA VAL D 145 -43.13 57.00 42.37
CA ILE D 146 -42.58 58.15 45.98
CA ALA D 147 -44.71 60.60 47.95
CA CYS D 148 -45.57 62.33 51.25
CA LEU D 149 -49.11 62.13 52.71
CA VAL D 150 -49.70 65.46 54.62
CA GLN D 151 -52.55 64.31 56.87
CA GLY D 152 -55.16 65.73 59.30
CA PHE D 153 -54.57 69.49 59.33
CA PHE D 154 -56.82 72.56 59.83
CA PRO D 155 -57.18 75.16 58.54
CA GLN D 156 -56.13 74.70 54.82
CA GLU D 157 -53.59 77.65 54.63
CA PRO D 158 -50.63 77.83 52.10
CA LEU D 159 -48.74 74.49 52.10
CA SER D 160 -45.18 74.79 50.61
CA VAL D 161 -43.96 71.30 49.54
CA THR D 162 -40.41 71.02 48.14
CA TRP D 163 -38.44 67.79 47.32
CA SER D 164 -34.59 67.32 47.73
CA GLU D 165 -34.12 66.06 44.09
CA SER D 166 -34.92 68.26 40.99
CA GLY D 167 -34.21 67.65 37.24
CA GLN D 168 -35.47 67.19 33.61
CA GLY D 169 -37.28 63.81 34.05
CA VAL D 170 -38.19 64.27 37.80
CA THR D 171 -41.88 65.44 37.99
CA ALA D 172 -43.46 66.84 41.20
CA ARG D 173 -47.29 66.75 41.55
CA ASN D 174 -48.82 68.69 44.50
CA PHE D 175 -52.46 67.46 44.91
CA PRO D 176 -54.89 70.23 46.18
CA PRO D 177 -56.30 69.90 49.80
CA SER D 178 -59.31 67.53 50.14
CA GLN D 179 -61.68 68.07 53.12
CA ASP D 180 -62.97 65.13 55.32
CA ALA D 181 -66.73 65.51 56.31
CA SER D 182 -68.06 68.93 57.64
CA GLY D 183 -64.79 70.95 57.96
CA ASP D 184 -63.21 68.32 60.34
CA LEU D 185 -59.70 67.70 58.80
CA TYR D 186 -57.89 68.47 55.47
CA THR D 187 -55.47 65.98 53.73
CA THR D 188 -53.07 66.69 50.76
CA SER D 189 -50.56 64.34 49.02
CA SER D 190 -47.28 65.45 47.30
CA GLN D 191 -45.91 62.95 44.68
CA LEU D 192 -42.39 62.76 43.10
CA THR D 193 -42.17 60.64 39.87
CA LEU D 194 -38.49 60.03 38.76
CA PRO D 195 -36.48 57.37 36.75
CA ALA D 196 -35.38 54.22 38.74
CA THR D 197 -31.68 54.98 37.83
CA GLN D 198 -32.14 58.38 39.68
CA CYS D 199 -33.79 56.71 42.77
CA LEU D 200 -31.82 53.45 43.52
CA ALA D 201 -32.62 50.90 46.33
CA GLY D 202 -31.14 51.93 49.76
CA LYS D 203 -31.20 55.70 48.84
CA SER D 204 -33.79 58.33 49.98
CA VAL D 205 -35.35 61.69 48.81
CA THR D 206 -36.34 64.35 51.43
CA CYS D 207 -39.80 66.02 51.29
CA HIS D 208 -39.85 69.49 52.98
CA VAL D 209 -43.36 70.63 54.10
CA LYS D 210 -44.08 74.20 55.33
CA HIS D 211 -47.62 74.79 56.71
CA TYR D 212 -48.20 78.69 56.99
CA THR D 213 -45.44 80.56 58.92
CA ASN D 214 -44.71 77.43 61.05
CA PRO D 215 -41.23 75.69 61.06
CA SER D 216 -40.49 73.25 58.15
CA GLN D 217 -41.42 69.56 58.74
CA ASP D 218 -38.95 67.24 56.91
CA VAL D 219 -39.38 63.51 56.03
CA THR D 220 -36.76 61.24 54.44
CA VAL D 221 -38.76 58.93 52.07
CA PRO D 222 -37.12 55.67 50.73
CA CYS D 223 -37.34 56.32 48.85
CA PRO D 224 -37.56 56.96 46.98
CA VAL D 225 -35.96 54.67 44.41
CA PRO D 226 -35.86 56.35 40.78
CA SER D 227 -37.26 53.62 38.22
CA THR D 228 -37.65 56.53 35.57
CA PRO D 229 -37.17 55.39 31.80
CA PRO D 230 -37.93 58.00 28.70
CA THR D 231 -39.24 57.83 25.08
CA PRO D 232 -36.60 56.40 22.41
CA SER D 233 -36.93 57.20 18.60
CA PRO D 234 -36.23 54.31 16.20
CA SER D 235 -34.32 55.42 13.02
CA THR D 236 -32.18 52.91 10.65
CA PRO D 237 -31.80 53.40 6.73
CA PRO D 238 -30.09 50.63 4.22
CA THR D 239 -28.68 51.67 0.85
CA PRO D 240 -31.44 52.55 -1.91
CA SER D 241 -31.97 50.95 -5.42
CA PRO D 242 -33.67 52.36 -8.54
CA SER D 243 -34.84 50.87 -11.82
CA CYS D 244 -34.91 53.56 -14.64
CA CYS D 245 -34.81 53.75 -18.59
CA HIS D 246 -32.21 55.55 -20.59
CA PRO D 247 -31.73 54.68 -24.34
CA ARG D 248 -29.26 51.80 -25.14
CA LEU D 249 -29.86 49.13 -27.89
CA SER D 250 -28.10 45.72 -27.28
CA LEU D 251 -28.07 42.46 -29.36
CA HIS D 252 -27.29 39.22 -27.40
CA ARG D 253 -26.30 36.33 -29.80
CA PRO D 254 -27.51 32.63 -29.65
CA ALA D 255 -25.41 30.13 -27.52
CA LEU D 256 -23.07 27.61 -29.35
CA GLU D 257 -24.08 24.40 -27.40
CA ASP D 258 -27.91 24.93 -27.81
CA LEU D 259 -27.77 25.77 -31.59
CA LEU D 260 -25.50 22.68 -32.28
CA LEU D 261 -27.37 20.14 -30.01
CA GLY D 262 -30.99 20.15 -31.39
CA SER D 263 -31.20 23.45 -33.46
CA GLU D 264 -32.14 25.76 -30.49
CA ALA D 265 -31.01 29.39 -31.25
CA ASN D 266 -32.65 32.75 -30.33
CA LEU D 267 -31.14 36.14 -31.30
CA THR D 268 -32.27 38.53 -28.57
CA CYS D 269 -32.91 42.29 -28.98
CA THR D 270 -32.85 44.47 -25.84
CA LEU D 271 -33.77 48.23 -25.75
CA THR D 272 -32.44 49.71 -22.46
CA GLY D 273 -32.88 53.50 -21.77
CA LEU D 274 -36.37 54.38 -23.20
CA ARG D 275 -37.57 57.24 -20.81
CA ASP D 276 -41.14 57.78 -19.31
CA ALA D 277 -44.52 57.49 -21.29
CA SER D 278 -43.15 55.36 -24.14
CA GLY D 279 -43.26 52.28 -26.50
CA VAL D 280 -40.80 50.49 -28.88
CA THR D 281 -41.59 49.13 -32.42
CA PHE D 282 -39.41 46.22 -33.63
CA THR D 283 -38.55 45.24 -37.27
CA TRP D 284 -36.63 41.87 -37.57
CA THR D 285 -35.30 40.35 -40.86
CA PRO D 286 -36.62 36.73 -41.41
CA SER D 287 -34.29 33.65 -41.09
CA SER D 288 -33.33 31.79 -44.37
CA GLY D 289 -36.37 29.38 -44.65
CA LYS D 290 -38.89 32.35 -44.79
CA SER D 291 -39.34 32.61 -40.95
CA ALA D 292 -39.98 35.77 -38.80
CA VAL D 293 -41.51 35.16 -35.27
CA GLN D 294 -41.30 37.69 -32.31
CA GLY D 295 -42.53 38.29 -28.66
CA PRO D 296 -41.93 41.83 -27.18
CA PRO D 297 -42.81 42.65 -23.47
CA GLU D 298 -42.05 46.07 -21.77
CA ARG D 299 -40.09 45.65 -18.49
CA ASP D 300 -39.23 48.64 -16.18
CA LEU D 301 -35.52 48.02 -15.16
CA CYS D 302 -33.70 50.41 -12.68
CA GLY D 303 -36.57 52.94 -13.09
CA CYS D 304 -37.19 52.94 -16.93
CA TYR D 305 -38.76 50.75 -19.74
CA SER D 306 -36.91 47.97 -21.72
CA VAL D 307 -38.56 46.40 -24.86
CA SER D 308 -36.86 42.99 -25.06
CA SER D 309 -37.97 41.08 -28.16
CA VAL D 310 -36.70 37.60 -29.24
CA LEU D 311 -36.46 35.95 -32.73
CA PRO D 312 -36.24 32.07 -32.61
CA GLY D 313 -33.82 30.64 -35.26
CA CYS D 314 -32.67 27.34 -36.85
CA ALA D 315 -29.04 25.98 -37.02
CA GLU D 316 -28.70 26.22 -40.91
CA PRO D 317 -29.01 30.12 -41.26
CA TRP D 318 -26.44 30.58 -38.39
CA ASN D 319 -23.99 27.85 -39.74
CA HIS D 320 -24.24 28.82 -43.51
CA GLY D 321 -24.06 32.69 -43.11
CA LYS D 322 -27.23 34.81 -42.46
CA THR D 323 -27.37 38.52 -41.31
CA PHE D 324 -29.96 39.13 -38.52
CA THR D 325 -31.11 42.77 -38.33
CA CYS D 326 -33.10 44.16 -35.37
CA THR D 327 -34.33 47.61 -36.44
CA ALA D 328 -36.14 49.49 -33.66
CA ALA D 329 -38.23 52.71 -34.19
CA TYR D 330 -39.30 55.27 -31.45
CA PRO D 331 -40.32 59.03 -31.90
CA GLU D 332 -37.71 60.48 -29.40
CA SER D 333 -34.98 58.42 -31.25
CA LYS D 334 -34.81 60.61 -34.47
CA THR D 335 -32.79 57.91 -36.35
CA PRO D 336 -34.45 54.41 -35.94
CA LEU D 337 -31.65 52.09 -34.61
CA THR D 338 -30.56 49.17 -36.77
CA ALA D 339 -28.27 46.44 -35.25
CA THR D 340 -27.20 43.49 -37.48
CA LEU D 341 -25.58 40.20 -36.40
CA SER D 342 -24.14 37.03 -38.18
CA LYS D 343 -21.25 34.42 -38.20
CA SER D 344 -17.50 35.45 -38.18
CA GLY D 345 -14.69 35.78 -40.83
CA ASN D 346 -13.39 33.78 -43.89
CA THR D 347 -13.13 29.90 -43.67
CA PHE D 348 -10.02 27.60 -43.19
CA ARG D 349 -9.87 23.72 -43.35
CA PRO D 350 -9.02 22.03 -39.94
CA GLU D 351 -5.81 19.93 -39.90
CA VAL D 352 -6.62 16.86 -37.70
CA HIS D 353 -3.61 14.89 -36.27
CA LEU D 354 -4.19 12.00 -33.78
CA LEU D 355 -1.48 11.57 -31.11
CA PRO D 356 -0.94 8.26 -29.18
CA PRO D 357 -0.05 8.35 -25.42
CA PRO D 358 3.46 9.18 -24.10
CA SER D 359 5.72 6.20 -23.10
CA GLU D 360 5.66 7.35 -19.39
CA GLU D 361 1.77 7.38 -19.31
CA LEU D 362 1.87 3.58 -20.02
CA ALA D 363 3.27 3.30 -16.43
CA LEU D 364 -0.31 4.51 -15.50
CA ASN D 365 -3.42 2.18 -15.62
CA GLU D 366 -7.16 3.25 -15.54
CA LEU D 367 -6.96 6.03 -18.22
CA VAL D 368 -4.67 6.21 -21.33
CA THR D 369 -4.61 9.68 -22.80
CA LEU D 370 -5.59 9.54 -26.53
CA THR D 371 -5.18 13.05 -27.99
CA CYS D 372 -6.39 14.61 -31.26
CA LEU D 373 -5.13 18.07 -32.31
CA ALA D 374 -7.48 20.10 -34.58
CA ARG D 375 -5.42 23.12 -35.77
CA GLY D 376 -5.43 26.01 -38.31
CA PHE D 377 -9.27 26.16 -38.52
CA SER D 378 -11.70 29.15 -38.94
CA PRO D 379 -14.25 30.16 -37.92
CA LYS D 380 -14.06 28.75 -34.32
CA ASP D 381 -17.30 26.89 -35.02
CA VAL D 382 -16.45 23.11 -34.84
CA LEU D 383 -17.70 19.73 -33.41
CA VAL D 384 -15.24 17.04 -32.31
CA ARG D 385 -16.39 13.54 -31.16
CA TRP D 386 -14.70 10.17 -30.47
CA LEU D 387 -15.61 6.61 -31.62
CA GLN D 388 -14.58 3.07 -30.57
CA GLY D 389 -13.78 0.66 -33.48
CA SER D 390 -13.75 -2.46 -31.19
CA GLN D 391 -17.51 -2.16 -30.22
CA GLU D 392 -18.72 -0.10 -33.29
CA LEU D 393 -20.02 2.60 -30.86
CA PRO D 394 -19.47 6.26 -29.78
CA ARG D 395 -17.26 6.80 -26.68
CA GLU D 396 -17.92 8.45 -23.28
CA LYS D 397 -14.74 9.38 -21.36
CA TYR D 398 -13.56 12.36 -23.45
CA LEU D 399 -13.12 16.11 -22.87
CA THR D 400 -12.49 18.95 -25.45
CA TRP D 401 -10.78 22.31 -24.54
CA ALA D 402 -10.35 25.62 -26.60
CA SER D 403 -7.76 28.13 -28.08
CA ARG D 404 -8.47 31.12 -30.46
CA GLN D 405 -5.01 32.29 -31.77
CA GLU D 406 -4.62 36.13 -32.24
CA PRO D 407 -1.29 38.07 -31.75
CA SER D 408 -0.36 41.62 -33.07
CA GLN D 409 0.13 40.31 -36.69
CA GLY D 410 -2.32 39.23 -39.48
CA THR D 411 -2.09 35.53 -38.37
CA THR D 412 -5.47 34.56 -36.71
CA THR D 413 -6.92 30.93 -36.83
CA PHE D 414 -7.96 28.46 -33.98
CA ALA D 415 -6.60 25.28 -32.35
CA VAL D 416 -8.15 22.72 -29.91
CA THR D 417 -6.99 19.47 -28.30
CA SER D 418 -9.52 16.68 -27.49
CA ILE D 419 -8.64 14.10 -24.80
CA LEU D 420 -10.14 10.53 -24.90
CA ARG D 421 -9.16 8.61 -21.75
CA VAL D 422 -9.10 4.73 -22.05
CA ALA D 423 -8.01 1.65 -20.02
CA ALA D 424 -4.29 0.82 -20.76
CA GLU D 425 -5.38 -2.74 -21.77
CA ASP D 426 -7.83 -1.85 -24.67
CA TRP D 427 -5.18 0.31 -26.41
CA LYS D 428 -2.77 -2.72 -26.11
CA LYS D 429 -5.57 -5.13 -27.25
CA GLY D 430 -5.04 -3.30 -30.61
CA ASP D 431 -8.24 -1.22 -30.64
CA THR D 432 -8.81 1.52 -33.24
CA PHE D 433 -10.18 4.80 -31.78
CA SER D 434 -11.20 7.61 -34.19
CA CYS D 435 -11.53 11.37 -33.67
CA MET D 436 -14.37 12.74 -35.89
CA VAL D 437 -14.18 16.50 -36.70
CA GLY D 438 -17.10 18.43 -38.28
CA HIS D 439 -16.42 21.91 -39.68
CA GLU D 440 -17.72 24.38 -42.38
CA ALA D 441 -14.51 23.96 -44.54
CA LEU D 442 -14.21 20.10 -44.38
CA PRO D 443 -14.85 18.16 -47.70
CA LEU D 444 -18.23 16.56 -46.71
CA ALA D 445 -18.43 18.82 -43.58
CA PHE D 446 -16.87 15.77 -41.87
CA THR D 447 -13.42 14.16 -41.52
CA GLN D 448 -12.26 11.32 -39.23
CA LYS D 449 -8.61 10.49 -38.31
CA THR D 450 -7.82 7.16 -36.57
CA ILE D 451 -5.49 5.93 -33.72
CA ASP D 452 -4.41 2.34 -32.86
CA ARG D 453 -1.45 0.51 -31.14
CA LEU D 454 -0.59 -0.75 -34.73
CA ALA D 455 2.08 1.25 -36.69
CA GLY D 456 3.01 0.14 -40.28
CA LYS D 457 5.86 2.34 -41.65
CA PRO D 458 4.95 2.72 -45.37
CA THR D 459 3.79 5.23 -43.67
CA HIS D 460 0.63 6.69 -41.94
CA VAL D 461 -2.41 5.34 -44.01
CA ASN D 462 -6.19 4.97 -43.15
CA VAL D 463 -9.05 2.27 -42.93
CA SER D 464 -10.93 0.89 -46.05
CA VAL D 465 -14.36 1.94 -47.63
CA VAL D 466 -17.14 0.87 -45.14
CA MET D 467 -20.64 1.18 -46.79
CA ALA D 468 -22.00 1.62 -50.43
CA GLU D 469 -24.60 2.68 -51.92
CA VAL D 470 -27.68 3.94 -49.83
CA ASP D 471 -26.53 7.63 -49.77
CA GLY D 472 -29.63 9.44 -48.28
CA THR D 473 -31.02 10.97 -51.55
CA CYS D 474 -31.14 7.55 -53.36
CA TYR D 475 -32.26 5.36 -50.32
CA GLU E 1 43.99 -131.38 18.62
CA LEU E 2 45.75 -128.04 18.87
CA VAL E 3 43.28 -125.46 20.06
CA MET E 4 43.13 -122.04 18.35
CA THR E 5 41.52 -119.31 20.46
CA GLN E 6 40.72 -115.87 19.04
CA SER E 7 40.34 -112.68 20.97
CA PRO E 8 37.93 -110.86 20.89
CA SER E 9 34.75 -112.46 19.61
CA SER E 10 33.34 -109.10 18.41
CA LEU E 11 34.60 -105.56 17.86
CA SER E 12 32.91 -102.43 16.50
CA ALA E 13 35.25 -99.69 15.28
CA SER E 14 34.93 -96.61 13.06
CA VAL E 15 36.42 -96.41 9.59
CA GLY E 16 40.02 -95.24 9.76
CA ASP E 17 40.58 -97.05 13.06
CA ARG E 18 43.32 -99.59 13.44
CA VAL E 19 42.07 -102.99 14.68
CA ASN E 20 44.14 -105.93 16.02
CA ILE E 21 42.67 -109.51 16.44
CA ALA E 22 44.70 -112.06 18.44
CA CYS E 23 44.85 -115.84 17.99
CA ARG E 24 46.59 -118.22 20.44
CA ALA E 25 47.80 -121.69 19.64
CA SER E 26 47.56 -124.03 22.71
CA GLN E 27 51.18 -124.95 21.79
CA GLY E 28 53.89 -123.85 19.33
CA ILE E 29 53.08 -123.91 15.60
CA SER E 30 56.08 -121.92 14.31
CA SER E 31 54.63 -119.83 11.43
CA ALA E 32 51.94 -122.23 10.23
CA LEU E 33 49.05 -119.92 10.58
CA ALA E 34 46.69 -118.64 7.86
CA TRP E 35 43.95 -115.90 8.33
CA TYR E 36 40.58 -115.94 6.42
CA GLN E 37 37.92 -113.33 5.85
CA GLN E 38 34.32 -114.58 5.52
CA LYS E 39 31.59 -112.15 4.51
CA PRO E 40 28.31 -113.43 5.86
CA GLY E 41 26.94 -116.11 3.54
CA LYS E 42 30.02 -116.71 1.46
CA ALA E 43 32.92 -118.94 1.15
CA PRO E 44 35.92 -117.92 3.32
CA ARG E 45 38.81 -116.04 1.59
CA LEU E 46 42.55 -116.28 2.23
CA LEU E 47 44.24 -113.06 3.37
CA ILE E 48 47.47 -114.19 4.99
CA TYR E 49 49.45 -117.50 5.01
CA ASP E 50 52.67 -118.40 6.95
CA ALA E 51 51.67 -115.86 9.67
CA SER E 52 52.74 -112.84 7.63
CA ASN E 53 52.59 -113.37 3.81
CA LEU E 54 49.70 -111.50 2.07
CA GLU E 55 47.98 -113.51 -0.59
CA SER E 56 48.11 -111.84 -4.08
CA GLY E 57 45.33 -109.20 -4.59
CA VAL E 58 44.64 -108.64 -0.79
CA PRO E 59 44.79 -104.92 0.16
CA SER E 60 48.00 -103.66 1.69
CA ARG E 61 46.08 -102.54 4.86
CA PHE E 62 45.99 -106.17 6.08
CA SER E 63 49.13 -107.42 7.88
CA GLY E 64 49.85 -110.36 10.22
CA SER E 65 52.52 -111.12 12.83
CA GLY E 66 53.51 -113.74 15.41
CA SER E 67 55.48 -116.92 15.72
CA GLY E 68 55.25 -119.81 18.13
CA THR E 69 51.99 -119.40 19.94
CA ASP E 70 50.67 -115.78 19.59
CA PHE E 71 49.60 -114.26 16.27
CA THR E 72 48.02 -110.84 15.38
CA LEU E 73 46.10 -109.71 12.30
CA THR E 74 46.06 -105.85 11.97
CA ILE E 75 43.71 -103.90 9.66
CA SER E 76 45.43 -100.53 9.63
CA SER E 77 42.57 -98.30 8.37
CA LEU E 78 39.24 -100.06 8.70
CA GLN E 79 37.01 -99.60 5.67
CA PRO E 80 33.10 -100.47 5.37
CA GLU E 81 33.86 -103.38 3.12
CA ASP E 82 35.87 -104.94 5.95
CA PHE E 83 32.71 -106.08 7.79
CA ALA E 84 33.20 -109.85 8.10
CA ILE E 85 34.04 -112.72 10.48
CA TYR E 86 37.82 -113.34 10.56
CA TYR E 87 39.32 -116.89 11.33
CA CYS E 88 42.79 -118.17 12.00
CA GLN E 89 43.68 -121.77 11.14
CA GLN E 90 46.86 -123.81 12.08
CA PHE E 91 48.46 -126.33 9.69
CA ASN E 92 51.33 -127.51 11.79
CA SER E 93 49.46 -130.60 13.01
CA TYR E 94 46.57 -132.82 11.96
CA PRO E 95 43.55 -132.30 12.65
CA LEU E 96 43.91 -128.92 11.07
CA THR E 97 41.97 -126.54 13.33
CA PHE E 98 40.26 -123.16 13.16
CA GLY E 99 39.77 -120.52 15.74
CA GLY E 100 36.27 -119.43 16.79
CA GLY E 101 35.97 -116.12 14.82
CA THR E 102 36.13 -112.39 15.43
CA LYS E 103 33.14 -110.54 13.96
CA VAL E 104 34.06 -106.97 13.00
CA GLU E 105 31.07 -104.57 12.70
CA ILE E 106 31.52 -100.92 11.46
CA LYS E 107 30.51 -97.95 13.73
CA ARG E 108 28.95 -94.93 11.94
CA THR E 109 26.50 -92.01 12.42
CA VAL E 110 22.79 -92.64 13.18
CA ALA E 111 20.56 -93.03 10.19
CA ALA E 112 16.81 -93.02 10.56
CA PRO E 113 14.88 -95.68 8.71
CA SER E 114 12.57 -95.34 5.72
CA VAL E 115 9.38 -97.24 6.68
CA PHE E 116 7.06 -99.06 4.29
CA ILE E 117 3.99 -101.23 4.92
CA PHE E 118 2.51 -103.78 2.50
CA PRO E 119 -1.02 -105.33 2.61
CA PRO E 120 -1.65 -109.12 1.89
CA SER E 121 -1.78 -109.85 -1.82
CA ASP E 122 -4.98 -111.17 -3.38
CA GLU E 123 -3.84 -114.64 -4.19
CA GLN E 124 -2.47 -114.94 -0.71
CA LEU E 125 -5.93 -114.26 0.85
CA LYS E 126 -7.19 -116.94 -1.64
CA SER E 127 -5.18 -119.53 0.41
CA GLY E 128 -6.90 -118.49 3.64
CA THR E 129 -3.81 -116.56 5.13
CA ALA E 130 -2.73 -112.96 5.26
CA SER E 131 0.85 -111.73 5.79
CA VAL E 132 1.29 -107.99 6.41
CA VAL E 133 4.92 -106.72 6.03
CA CYS E 134 6.49 -103.59 7.51
CA LEU E 135 9.92 -102.60 6.11
CA LEU E 136 12.45 -100.37 7.86
CA ASN E 137 15.09 -99.64 5.23
CA ASN E 138 18.64 -98.50 5.77
CA PHE E 139 19.27 -97.48 9.31
CA TYR E 140 22.04 -97.31 11.91
CA PRO E 141 22.36 -98.43 14.88
CA ARG E 142 20.64 -101.84 14.54
CA GLU E 143 18.29 -101.43 17.52
CA ALA E 144 14.71 -100.45 16.53
CA LYS E 145 11.24 -101.43 17.82
CA VAL E 146 8.27 -102.37 15.58
CA GLN E 147 4.81 -102.47 17.12
CA TRP E 148 1.74 -103.69 15.28
CA LYS E 149 -1.68 -102.28 16.09
CA VAL E 150 -4.84 -103.64 14.41
CA ASP E 151 -7.95 -101.49 15.10
CA ASN E 152 -5.84 -98.84 16.72
CA ALA E 153 -4.24 -99.74 20.09
CA LEU E 154 -5.22 -103.42 19.86
CA GLN E 155 -1.55 -103.90 19.47
CA SER E 156 -0.48 -107.44 18.89
CA GLY E 157 2.09 -110.23 19.78
CA ASN E 158 2.07 -112.60 16.58
CA SER E 159 4.87 -111.19 14.34
CA GLN E 160 8.34 -112.34 13.27
CA GLU E 161 11.38 -110.19 12.36
CA SER E 162 14.42 -110.51 10.09
CA VAL E 163 17.41 -108.10 9.96
CA THR E 164 19.97 -108.13 7.21
CA GLU E 165 23.78 -108.05 7.93
CA GLN E 166 25.66 -104.73 7.67
CA ASP E 167 25.91 -103.34 4.17
CA SER E 168 29.53 -103.14 2.95
CA LYS E 169 28.89 -99.83 1.23
CA ASP E 170 27.04 -97.66 3.81
CA SER E 171 27.08 -99.74 7.03
CA THR E 172 23.31 -99.88 7.53
CA TYR E 173 20.79 -102.61 8.36
CA SER E 174 17.29 -103.15 6.99
CA LEU E 175 14.55 -105.05 8.87
CA SER E 176 11.18 -106.71 8.10
CA SER E 177 8.39 -107.54 10.45
CA THR E 178 5.75 -109.95 9.16
CA LEU E 179 2.42 -110.09 10.92
CA THR E 180 0.53 -113.25 10.00
CA LEU E 181 -3.15 -113.81 10.58
CA SER E 182 -5.81 -115.98 8.96
CA LYS E 183 -8.04 -114.59 6.08
CA ALA E 184 -10.97 -114.52 8.58
CA ASP E 185 -8.95 -112.65 11.23
CA TYR E 186 -7.78 -110.11 8.70
CA GLU E 187 -11.42 -109.77 7.38
CA LYS E 188 -12.65 -108.46 10.64
CA HIS E 189 -10.38 -105.54 11.29
CA LYS E 190 -9.80 -102.41 9.15
CA VAL E 191 -6.84 -100.22 10.36
CA TYR E 192 -3.53 -102.11 10.18
CA ALA E 193 -0.52 -100.14 11.43
CA CYS E 194 3.24 -100.45 11.94
CA GLU E 195 4.73 -98.12 14.61
CA VAL E 196 8.51 -97.64 14.59
CA THR E 197 10.89 -96.41 17.26
CA HIS E 198 14.57 -95.82 16.48
CA GLN E 199 17.18 -93.26 17.64
CA GLY E 200 17.35 -91.25 14.38
CA LEU E 201 13.64 -90.42 14.31
CA SER E 202 12.31 -87.44 16.34
CA SER E 203 8.94 -89.12 16.91
CA PRO E 204 7.67 -92.76 16.55
CA VAL E 205 6.60 -93.31 12.94
CA THR E 206 3.34 -95.02 11.90
CA LYS E 207 2.46 -96.44 8.48
CA SER E 208 -1.13 -97.64 8.30
CA PHE E 209 -3.61 -98.79 5.71
CA ASN E 210 -7.30 -99.51 5.60
CA ARG E 211 -8.56 -103.00 4.66
CA GLY E 212 -10.20 -102.13 1.32
CA GLU E 213 -7.27 -100.52 -0.66
CA CYS E 214 -7.54 -99.01 -4.23
CA GLU F 1 89.39 -88.98 50.50
CA LEU F 2 86.10 -89.54 48.70
CA VAL F 3 86.50 -88.40 45.13
CA MET F 4 83.75 -86.28 43.50
CA THR F 5 83.79 -86.34 39.70
CA GLN F 6 81.57 -84.03 37.62
CA SER F 7 80.42 -84.61 34.10
CA PRO F 8 80.81 -82.69 31.80
CA SER F 9 83.53 -80.11 32.30
CA SER F 10 81.85 -77.62 29.91
CA LEU F 11 78.50 -77.22 28.17
CA SER F 12 77.11 -74.49 25.91
CA ALA F 13 73.32 -74.40 25.57
CA SER F 14 70.73 -71.88 24.40
CA VAL F 15 68.39 -70.09 26.76
CA GLY F 16 65.27 -72.18 27.35
CA ASP F 17 67.25 -75.41 27.12
CA ARG F 18 67.20 -77.92 29.93
CA VAL F 19 70.70 -78.82 31.19
CA ASN F 20 71.71 -81.71 33.49
CA ILE F 21 75.18 -81.90 35.23
CA ALA F 22 76.20 -85.20 36.88
CA CYS F 23 78.42 -85.75 39.92
CA ARG F 24 79.67 -89.17 41.07
CA ALA F 25 80.86 -90.03 44.53
CA SER F 26 83.63 -92.73 44.47
CA GLN F 27 81.49 -94.43 47.18
CA GLY F 28 78.09 -93.98 48.86
CA ILE F 29 77.35 -90.65 50.56
CA SER F 30 73.58 -91.08 51.09
CA SER F 31 72.17 -87.54 50.52
CA ALA F 32 75.11 -85.50 51.77
CA LEU F 33 75.66 -83.51 48.66
CA ALA F 34 75.44 -79.73 48.20
CA TRP F 35 75.65 -77.83 44.80
CA TYR F 36 77.24 -74.32 44.42
CA GLN F 37 77.12 -71.72 41.71
CA GLN F 38 80.23 -69.53 41.26
CA LYS F 39 80.11 -66.58 38.89
CA PRO F 40 83.62 -65.88 37.70
CA GLY F 41 85.45 -63.83 40.31
CA LYS F 42 83.05 -64.26 43.18
CA ALA F 43 82.47 -66.26 46.20
CA PRO F 44 80.56 -69.53 45.56
CA ARG F 45 76.78 -69.58 46.36
CA LEU F 46 74.67 -72.39 47.77
CA LEU F 47 71.84 -73.62 45.54
CA ILE F 48 70.98 -77.07 46.85
CA TYR F 49 71.83 -78.99 50.09
CA ASP F 50 70.96 -82.63 51.08
CA ALA F 51 70.92 -83.55 47.32
CA SER F 52 67.52 -82.02 46.69
CA ASN F 53 66.61 -79.13 49.07
CA LEU F 54 66.71 -75.63 47.43
CA GLU F 55 68.22 -72.98 49.58
CA SER F 56 65.81 -70.03 50.32
CA GLY F 57 65.78 -67.40 47.50
CA VAL F 58 67.20 -69.76 44.74
CA PRO F 59 65.01 -69.79 41.59
CA SER F 60 62.58 -72.65 41.22
CA ARG F 61 64.26 -73.67 37.87
CA PHE F 62 67.13 -75.30 39.80
CA SER F 63 66.47 -78.86 41.08
CA GLY F 64 68.75 -81.71 42.25
CA SER F 65 68.38 -85.48 42.53
CA GLY F 66 70.33 -88.62 43.46
CA SER F 67 71.20 -90.73 46.45
CA GLY F 68 74.10 -93.03 47.15
CA THR F 69 76.66 -92.34 44.49
CA ASP F 70 75.05 -90.51 41.49
CA PHE F 71 73.60 -86.99 41.73
CA THR F 72 72.10 -84.63 39.04
CA LEU F 73 71.56 -80.87 39.07
CA THR F 74 68.94 -79.79 36.44
CA ILE F 75 68.42 -76.18 35.26
CA SER F 76 65.05 -76.49 33.57
CA SER F 77 65.06 -73.31 31.41
CA LEU F 78 68.57 -71.91 31.09
CA GLN F 79 68.68 -68.13 31.45
CA PRO F 80 71.76 -65.69 30.59
CA GLU F 81 72.36 -65.05 34.24
CA ASP F 82 73.03 -68.78 34.70
CA PHE F 83 76.55 -68.49 33.19
CA ALA F 84 78.79 -69.83 35.96
CA ILE F 85 80.95 -72.75 37.11
CA TYR F 86 78.86 -75.26 39.14
CA TYR F 87 80.45 -77.51 41.94
CA CYS F 88 79.20 -80.41 43.97
CA GLN F 89 80.66 -81.05 47.44
CA GLN F 90 80.19 -84.13 49.75
CA PHE F 91 79.92 -83.81 53.56
CA ASN F 92 79.53 -87.43 54.49
CA SER F 93 83.23 -87.87 55.30
CA TYR F 94 86.25 -85.77 56.24
CA PRO F 95 88.16 -84.34 54.23
CA LEU F 96 85.15 -82.64 52.77
CA THR F 97 85.70 -82.70 48.99
CA PHE F 98 84.57 -80.80 45.90
CA GLY F 99 84.08 -81.91 42.38
CA GLY F 100 86.07 -80.36 39.53
CA GLY F 101 83.42 -77.97 38.06
CA THR F 102 81.09 -77.75 35.09
CA LYS F 103 81.36 -74.40 33.28
CA VAL F 104 78.07 -73.48 31.58
CA GLU F 105 78.39 -70.92 28.73
CA ILE F 106 75.26 -69.47 26.94
CA LYS F 107 74.80 -69.97 23.13
CA ARG F 108 73.24 -67.02 21.25
CA THR F 109 73.14 -65.28 17.82
CA VAL F 110 76.29 -63.72 16.29
CA ALA F 111 76.98 -60.15 17.25
CA ALA F 112 79.62 -58.15 15.45
CA PRO F 113 81.99 -56.12 17.56
CA SER F 114 82.26 -52.35 17.94
CA VAL F 115 85.96 -51.55 17.44
CA PHE F 116 87.86 -48.69 19.06
CA ILE F 117 91.56 -47.76 19.01
CA PHE F 118 93.37 -45.53 21.54
CA PRO F 119 96.78 -43.79 21.11
CA PRO F 120 99.42 -43.66 23.98
CA SER F 121 98.68 -40.91 26.47
CA ASP F 122 101.13 -38.04 26.89
CA GLU F 123 102.35 -38.85 30.34
CA GLN F 124 102.86 -42.40 29.27
CA LEU F 125 105.28 -41.34 26.46
CA LYS F 126 106.99 -39.23 29.21
CA SER F 127 108.07 -42.58 30.85
CA GLY F 128 109.68 -43.77 27.62
CA THR F 129 106.88 -46.38 26.72
CA ALA F 130 103.85 -46.38 24.49
CA SER F 131 100.83 -48.70 24.82
CA VAL F 132 98.32 -48.68 21.97
CA VAL F 133 94.93 -50.32 22.80
CA CYS F 134 92.35 -51.75 20.38
CA LEU F 135 88.91 -52.56 21.88
CA LEU F 136 86.38 -54.97 20.39
CA ASN F 137 83.21 -54.42 22.40
CA ASN F 138 80.28 -56.76 22.79
CA PHE F 139 80.44 -59.63 20.41
CA TYR F 140 79.40 -63.27 20.06
CA PRO F 141 80.97 -65.98 19.41
CA ARG F 142 84.24 -65.38 21.32
CA GLU F 143 86.60 -66.14 18.43
CA ALA F 144 87.98 -63.00 16.73
CA LYS F 145 91.41 -62.08 15.27
CA VAL F 146 93.21 -58.74 15.90
CA GLN F 147 96.14 -57.82 13.67
CA TRP F 148 98.35 -54.81 14.25
CA LYS F 149 100.00 -53.05 11.33
CA VAL F 150 102.40 -50.11 11.89
CA ASP F 151 103.31 -48.29 8.62
CA ASN F 152 100.74 -50.26 6.73
CA ALA F 153 101.46 -54.01 6.24
CA LEU F 154 104.44 -54.00 8.62
CA GLN F 155 102.15 -56.04 10.75
CA SER F 156 103.55 -57.00 14.08
CA GLY F 157 103.97 -59.84 16.71
CA ASN F 158 104.41 -57.88 20.15
CA SER F 159 100.82 -57.58 21.54
CA GLN F 160 98.87 -59.12 24.42
CA GLU F 161 95.11 -59.83 24.64
CA SER F 162 92.49 -60.01 27.38
CA VAL F 163 88.87 -61.24 26.98
CA THR F 164 86.19 -60.70 29.57
CA GLU F 165 83.86 -63.56 30.74
CA GLN F 166 80.33 -63.81 29.27
CA ASP F 167 78.02 -61.00 30.26
CA SER F 168 75.05 -62.23 32.31
CA LYS F 169 72.70 -59.83 30.56
CA ASP F 170 73.42 -60.21 26.82
CA SER F 171 75.90 -63.14 26.60
CA THR F 172 78.68 -61.25 24.82
CA TYR F 173 82.44 -60.92 25.29
CA SER F 174 84.65 -57.86 24.94
CA LEU F 175 88.39 -58.02 24.14
CA SER F 176 91.45 -55.72 24.33
CA SER F 177 94.71 -56.00 22.47
CA THR F 178 97.59 -53.90 23.79
CA LEU F 179 100.53 -53.24 21.54
CA THR F 180 103.54 -52.04 23.53
CA LEU F 181 106.57 -50.37 22.05
CA SER F 182 109.19 -47.97 23.38
CA LYS F 183 108.75 -44.12 22.98
CA ALA F 184 111.55 -44.22 20.33
CA ASP F 185 109.91 -47.09 18.40
CA TYR F 186 106.59 -45.32 18.41
CA GLU F 187 108.33 -42.03 17.34
CA LYS F 188 109.43 -43.49 14.10
CA HIS F 189 106.24 -44.76 12.59
CA LYS F 190 103.06 -42.82 11.74
CA VAL F 191 100.06 -45.08 10.75
CA TYR F 192 99.02 -47.37 13.61
CA ALA F 193 96.16 -49.75 12.79
CA CYS F 194 94.04 -52.49 14.34
CA GLU F 195 92.46 -54.94 11.84
CA VAL F 196 89.61 -57.14 13.09
CA THR F 197 88.16 -60.37 11.78
CA HIS F 198 85.05 -61.89 13.33
CA GLN F 199 82.03 -63.84 11.95
CA GLY F 200 79.44 -61.02 12.33
CA LEU F 201 81.36 -58.53 10.17
CA SER F 202 81.03 -58.63 6.36
CA SER F 203 84.57 -57.37 5.84
CA PRO F 204 87.68 -57.10 8.13
CA VAL F 205 87.47 -53.80 10.03
CA THR F 206 90.41 -51.38 10.46
CA LYS F 207 90.71 -48.53 12.95
CA SER F 208 93.84 -46.45 12.39
CA PHE F 209 95.33 -43.20 13.59
CA ASN F 210 98.23 -41.02 12.58
CA ARG F 211 101.02 -40.27 15.11
CA GLY F 212 100.37 -36.53 15.58
CA GLU F 213 96.65 -36.46 16.73
CA CYS F 214 94.59 -33.26 17.43
CA GLN G 1 36.31 -120.43 -15.44
CA VAL G 2 32.64 -121.41 -14.95
CA LYS G 3 33.91 -120.84 -11.43
CA LEU G 4 37.34 -122.45 -10.57
CA LEU G 5 36.22 -124.99 -7.93
CA GLU G 6 32.41 -125.60 -8.22
CA GLN G 7 30.19 -127.80 -6.06
CA SER G 8 26.94 -129.82 -6.43
CA GLY G 9 23.92 -128.02 -4.83
CA ALA G 10 21.96 -128.86 -1.72
CA GLU G 11 20.42 -131.44 -0.23
CA VAL G 12 18.06 -132.85 2.28
CA LYS G 13 18.80 -136.36 3.50
CA LYS G 14 16.91 -138.44 6.09
CA PRO G 15 18.85 -139.34 9.34
CA GLY G 16 20.69 -142.66 8.69
CA ALA G 17 21.16 -141.98 4.93
CA SER G 18 24.37 -141.08 3.07
CA VAL G 19 25.17 -137.91 1.06
CA LYS G 20 27.67 -137.54 -1.82
CA VAL G 21 29.00 -134.02 -2.48
CA SER G 22 31.05 -133.27 -5.65
CA CYS G 23 33.62 -130.60 -6.45
CA LYS G 24 34.55 -130.00 -10.15
CA ALA G 25 37.92 -128.23 -10.75
CA SER G 26 38.12 -125.99 -13.91
CA GLY G 27 40.97 -123.76 -15.28
CA TYR G 28 43.99 -125.30 -13.44
CA SER G 29 45.78 -128.70 -13.79
CA PHE G 30 43.61 -130.96 -11.51
CA THR G 31 46.27 -133.68 -10.74
CA SER G 32 48.97 -131.13 -9.59
CA TYR G 33 47.13 -130.16 -6.31
CA GLY G 34 45.33 -131.75 -3.37
CA LEU G 35 41.75 -130.84 -2.32
CA HIS G 36 40.72 -130.32 1.32
CA TRP G 37 37.11 -130.85 2.63
CA VAL G 38 35.83 -128.52 5.40
CA ARG G 39 32.37 -128.05 6.96
CA GLN G 40 30.60 -125.26 8.88
CA ALA G 41 27.60 -126.19 11.06
CA PRO G 42 25.18 -123.26 11.79
CA GLY G 43 26.72 -120.69 14.20
CA GLN G 44 29.90 -122.78 14.52
CA ARG G 45 33.53 -122.63 13.48
CA LEU G 46 34.90 -124.34 10.36
CA GLU G 47 35.87 -127.99 10.93
CA TRP G 48 38.46 -129.77 8.77
CA MET G 49 37.22 -133.26 7.62
CA GLY G 50 39.88 -134.60 5.21
CA TRP G 51 42.10 -134.20 2.12
CA ILE G 52 42.64 -136.08 -1.18
CA SER G 53 45.69 -135.91 -3.53
CA ALA G 54 44.18 -135.62 -7.11
CA GLY G 55 47.35 -137.23 -8.60
CA THR G 56 47.68 -140.43 -6.43
CA GLY G 57 44.11 -140.73 -4.98
CA ASN G 58 45.68 -140.88 -1.44
CA THR G 59 43.60 -139.90 1.49
CA LYS G 60 43.92 -138.24 4.90
CA TYR G 61 41.06 -137.57 7.29
CA SER G 62 39.96 -136.32 10.70
CA GLN G 63 39.44 -139.24 13.16
CA LYS G 64 36.21 -137.45 14.27
CA PHE G 65 34.76 -138.96 10.98
CA ARG G 66 36.53 -142.38 11.41
CA GLY G 67 34.57 -145.14 9.64
CA ARG G 68 31.94 -142.87 7.94
CA VAL G 69 33.77 -140.49 5.50
CA THR G 70 35.10 -141.49 2.01
CA PHE G 71 37.11 -139.34 -0.53
CA THR G 72 37.24 -140.20 -4.25
CA ARG G 73 38.48 -138.36 -7.39
CA ASP G 74 37.45 -138.95 -11.03
CA THR G 75 40.69 -137.77 -12.68
CA SER G 76 39.17 -137.78 -16.27
CA ALA G 77 36.04 -135.68 -15.30
CA THR G 78 38.32 -133.58 -13.03
CA THR G 79 35.90 -133.94 -10.07
CA ALA G 80 36.54 -134.93 -6.43
CA TYR G 81 33.79 -136.31 -4.15
CA MET G 82 33.23 -136.75 -0.45
CA GLY G 83 30.81 -139.45 0.77
CA LEU G 84 29.38 -139.03 4.32
CA SER G 85 27.48 -142.07 5.71
CA SER G 86 25.16 -142.61 8.73
CA LEU G 87 23.84 -139.04 8.70
CA ARG G 88 22.82 -137.53 12.03
CA PRO G 89 20.87 -134.19 12.48
CA GLU G 90 24.20 -132.50 13.61
CA ASP G 91 25.67 -133.13 10.09
CA THR G 92 23.39 -130.23 8.89
CA ALA G 93 26.16 -127.89 7.69
CA VAL G 94 27.69 -126.20 4.62
CA TYR G 95 30.33 -128.54 3.05
CA TYR G 96 33.18 -126.80 1.24
CA CYS G 97 35.97 -128.23 -0.86
CA ALA G 98 39.08 -125.99 -0.87
CA ARG G 99 42.41 -126.23 -2.72
CA ASP G 100 45.79 -127.25 -1.24
CA PRO G 101 48.24 -124.94 -3.22
CA TYR G 102 51.16 -127.44 -2.83
CA GLY G 103 49.70 -131.03 -3.02
CA GLY G 104 51.19 -132.15 0.37
CA GLY G 105 48.09 -132.25 2.67
CA LYS G 106 49.06 -129.65 5.30
CA SER G 107 48.49 -126.13 3.98
CA GLU G 108 46.44 -122.94 4.03
CA PHE G 109 43.59 -123.16 1.40
CA ASP G 110 43.88 -120.61 -1.48
CA TYR G 111 40.65 -121.37 -3.54
CA TRP G 112 37.36 -122.42 -2.00
CA GLY G 113 34.30 -123.97 -3.62
CA GLN G 114 30.97 -122.18 -2.93
CA GLY G 115 29.54 -124.68 -0.38
CA THR G 116 26.67 -127.19 -0.48
CA LEU G 117 24.23 -127.15 2.40
CA VAL G 118 23.23 -130.69 3.43
CA THR G 119 20.24 -130.66 5.75
CA VAL G 120 19.55 -133.89 7.70
CA SER G 121 15.76 -134.18 8.40
CA SER G 122 12.56 -136.32 8.55
CA ALA G 123 10.22 -133.34 9.40
CA SER G 124 9.09 -133.45 5.80
CA PRO G 125 10.74 -131.47 2.91
CA THR G 126 8.35 -128.78 1.47
CA SER G 127 8.96 -126.53 -1.61
CA PRO G 128 8.37 -122.71 -1.30
CA LYS G 129 5.19 -121.04 -2.63
CA VAL G 130 6.18 -117.66 -4.13
CA PHE G 131 3.72 -114.72 -3.79
CA PRO G 132 3.95 -111.15 -5.23
CA LEU G 133 4.27 -108.12 -2.92
CA SER G 134 3.03 -105.08 -4.94
CA LEU G 135 1.01 -101.85 -4.32
CA CYS G 136 -1.41 -100.06 -6.72
CA SER G 137 -1.43 -96.33 -5.58
CA THR G 138 -0.70 -97.31 -1.89
CA GLN G 139 3.10 -96.52 -2.08
CA PRO G 140 4.47 -92.88 -1.80
CA ASP G 141 4.76 -90.83 -5.11
CA GLY G 142 8.47 -91.07 -6.19
CA ASN G 143 10.01 -94.49 -5.26
CA VAL G 144 8.61 -98.05 -5.77
CA VAL G 145 9.00 -101.09 -3.41
CA ILE G 146 8.04 -104.49 -4.86
CA ALA G 147 8.88 -107.91 -3.44
CA CYS G 148 8.48 -111.71 -3.49
CA LEU G 149 7.31 -113.60 -0.37
CA VAL G 150 9.03 -117.09 -0.51
CA GLN G 151 6.67 -118.95 1.85
CA GLY G 152 6.37 -122.29 3.70
CA PHE G 153 9.55 -124.22 2.83
CA PHE G 154 11.70 -126.81 4.66
CA PRO G 155 14.56 -127.25 5.11
CA GLN G 156 16.26 -123.75 4.97
CA GLU G 157 19.00 -124.62 2.31
CA PRO G 158 20.70 -121.96 0.01
CA LEU G 159 18.01 -119.71 -1.57
CA SER G 160 19.29 -117.84 -4.69
CA VAL G 161 17.02 -114.80 -5.37
CA THR G 162 17.77 -112.69 -8.46
CA TRP G 163 15.63 -109.81 -9.93
CA SER G 164 15.25 -108.99 -13.73
CA GLU G 165 16.20 -105.27 -13.25
CA SER G 166 19.67 -104.13 -11.95
CA GLY G 167 21.24 -100.61 -11.73
CA GLN G 168 22.76 -97.73 -9.64
CA GLY G 169 19.57 -96.68 -7.70
CA VAL G 170 17.86 -100.16 -7.72
CA THR G 171 18.51 -101.81 -4.28
CA ALA G 172 17.85 -105.53 -3.59
CA ARG G 173 17.36 -106.68 0.05
CA ASN G 174 17.28 -110.45 0.69
CA PHE G 175 15.80 -110.98 4.24
CA PRO G 176 17.29 -114.08 6.09
CA PRO G 177 14.97 -117.15 6.66
CA SER G 178 12.60 -116.85 9.68
CA GLN G 179 11.29 -120.10 11.26
CA ASP G 180 7.56 -120.58 12.24
CA ALA G 181 7.11 -122.47 15.63
CA SER G 182 9.17 -125.70 16.35
CA GLY G 183 10.89 -126.30 12.94
CA ASP G 184 7.49 -126.42 11.07
CA LEU G 185 8.03 -124.03 8.07
CA TYR G 186 10.58 -121.33 7.01
CA THR G 187 9.60 -118.00 5.26
CA THR G 188 11.95 -115.43 3.56
CA SER G 189 11.07 -112.16 1.71
CA SER G 190 13.15 -110.60 -1.18
CA GLN G 191 12.54 -106.82 -1.70
CA LEU G 192 13.46 -104.62 -4.74
CA THR G 193 13.45 -100.80 -4.05
CA LEU G 194 13.78 -98.73 -7.33
CA PRO G 195 12.76 -95.18 -8.60
CA ALA G 196 9.11 -94.83 -9.88
CA THR G 197 10.47 -93.65 -13.32
CA GLN G 198 12.28 -97.07 -13.56
CA CYS G 199 9.10 -99.07 -12.54
CA LEU G 200 6.09 -97.45 -14.37
CA ALA G 201 2.36 -98.53 -14.03
CA GLY G 202 1.47 -101.50 -16.34
CA LYS G 203 5.12 -102.80 -16.36
CA SER G 204 6.54 -105.76 -14.32
CA VAL G 205 9.90 -107.00 -12.81
CA THR G 206 10.64 -110.78 -12.64
CA CYS G 207 11.91 -112.38 -9.39
CA HIS G 208 13.89 -115.64 -9.99
CA VAL G 209 14.03 -117.99 -6.93
CA LYS G 210 16.31 -121.07 -6.80
CA HIS G 211 15.83 -123.34 -3.73
CA TYR G 212 18.92 -125.82 -3.53
CA THR G 213 19.60 -127.74 -6.80
CA ASN G 214 15.86 -127.59 -7.74
CA PRO G 215 14.62 -125.83 -10.99
CA SER G 216 14.19 -121.99 -10.87
CA GLN G 217 10.73 -120.70 -9.80
CA ASP G 218 9.92 -117.39 -11.59
CA VAL G 219 7.25 -114.76 -10.69
CA THR G 220 6.38 -111.63 -12.69
CA VAL G 221 5.61 -108.95 -10.02
CA PRO G 222 3.70 -105.72 -11.06
CA CYS G 223 5.25 -104.60 -10.46
CA PRO G 224 6.79 -103.48 -9.87
CA VAL G 225 6.37 -99.79 -10.65
CA PRO G 226 9.76 -97.74 -10.04
CA SER G 227 8.78 -94.53 -7.89
CA THR G 228 12.63 -94.05 -7.14
CA PRO G 229 13.75 -90.29 -6.64
CA PRO G 230 17.57 -89.36 -5.41
CA THR G 231 19.31 -86.65 -3.28
CA PRO G 232 19.73 -83.11 -5.12
CA SER G 233 22.44 -80.53 -3.99
CA PRO G 234 21.38 -76.87 -3.89
CA SER G 235 24.14 -74.46 -5.11
CA THR G 236 23.47 -70.67 -6.45
CA PRO G 237 26.02 -67.69 -5.95
CA PRO G 238 25.17 -63.76 -6.83
CA THR G 239 27.96 -61.28 -7.50
CA PRO G 240 30.01 -60.17 -4.27
CA SER G 241 30.55 -56.59 -2.81
CA PRO G 242 33.33 -55.23 -0.56
CA SER G 243 33.80 -52.05 1.44
CA CYS G 244 37.58 -51.25 1.95
CA CYS G 245 39.88 -48.13 2.74
CA HIS G 246 42.63 -46.87 0.53
CA PRO G 247 43.98 -43.27 1.00
CA ARG G 248 42.15 -40.49 -1.00
CA LEU G 249 41.36 -36.95 0.42
CA SER G 250 38.28 -35.20 -1.17
CA LEU G 251 36.69 -31.75 -0.45
CA HIS G 252 32.95 -31.40 -1.41
CA ARG G 253 31.90 -27.66 -1.60
CA PRO G 254 28.64 -26.08 -0.17
CA ALA G 255 25.52 -25.95 -2.50
CA LEU G 256 24.54 -22.56 -4.16
CA GLU G 257 20.74 -22.63 -3.38
CA ASP G 258 21.16 -23.49 0.39
CA LEU G 259 23.93 -20.85 1.05
CA LEU G 260 21.85 -18.10 -0.75
CA LEU G 261 18.38 -18.99 0.75
CA GLY G 262 18.92 -18.72 4.58
CA SER G 263 22.80 -18.89 5.00
CA GLU G 264 23.06 -22.76 5.05
CA ALA G 265 26.58 -23.83 3.85
CA ASN G 266 28.80 -26.78 4.96
CA LEU G 267 32.26 -27.48 3.46
CA THR G 268 32.71 -31.24 3.74
CA CYS G 269 36.04 -33.10 4.17
CA THR G 270 36.16 -36.79 3.22
CA LEU G 271 39.21 -39.12 3.79
CA THR G 272 38.75 -42.27 1.64
CA GLY G 273 41.52 -44.98 1.61
CA LEU G 274 42.82 -45.11 5.25
CA ARG G 275 43.84 -48.86 5.65
CA ASP G 276 43.27 -51.21 8.72
CA ALA G 277 43.89 -50.25 12.48
CA SER G 278 43.74 -46.47 11.98
CA GLY G 279 42.43 -42.93 12.87
CA VAL G 280 42.38 -39.46 11.16
CA THR G 281 43.10 -36.05 12.85
CA PHE G 282 41.46 -32.99 11.23
CA THR G 283 42.67 -29.31 11.31
CA TRP G 284 40.13 -26.81 9.78
CA THR G 285 40.71 -22.99 9.35
CA PRO G 286 37.90 -20.91 11.04
CA SER G 287 35.29 -18.95 8.95
CA SER G 288 35.58 -15.08 8.92
CA GLY G 289 33.52 -14.27 12.11
CA LYS G 290 35.92 -16.35 14.36
CA SER G 291 34.04 -19.69 13.90
CA ALA G 292 35.48 -23.29 13.79
CA VAL G 293 32.96 -26.16 14.51
CA GLN G 294 33.48 -29.88 13.43
CA GLY G 295 31.92 -33.45 13.74
CA PRO G 296 34.13 -36.41 12.53
CA PRO G 297 32.74 -40.07 12.47
CA GLU G 298 34.73 -43.11 11.09
CA ARG G 299 32.72 -45.07 8.46
CA ASP G 300 34.02 -48.36 6.87
CA LEU G 301 33.17 -47.97 3.08
CA CYS G 302 33.95 -50.84 0.56
CA GLY G 303 36.11 -52.55 3.25
CA CYS G 304 38.15 -49.59 4.72
CA TYR G 305 37.75 -46.50 7.07
CA SER G 306 36.62 -42.97 5.95
CA VAL G 307 36.89 -39.96 8.39
CA SER G 308 34.26 -37.57 7.05
CA SER G 309 34.27 -34.28 8.99
CA VAL G 310 32.02 -31.24 8.26
CA LEU G 311 32.55 -27.47 8.96
CA PRO G 312 29.25 -25.41 9.03
CA GLY G 313 29.64 -21.93 7.40
CA CYS G 314 27.81 -18.60 6.90
CA ALA G 315 26.98 -16.87 3.53
CA GLU G 316 29.31 -13.78 4.07
CA PRO G 317 32.75 -15.66 4.14
CA TRP G 318 31.74 -17.64 0.95
CA ASN G 319 30.33 -14.50 -0.89
CA HIS G 320 33.18 -12.04 0.13
CA GLY G 321 36.21 -14.41 -0.43
CA LYS G 322 37.44 -16.83 2.33
CA THR G 323 39.91 -19.79 1.91
CA PHE G 324 38.75 -22.99 3.74
CA THR G 325 41.63 -25.37 4.53
CA CYS G 326 41.06 -28.98 5.67
CA THR G 327 44.46 -30.27 6.83
CA ALA G 328 44.41 -33.96 7.81
CA ALA G 329 47.27 -35.77 9.72
CA TYR G 330 47.86 -39.61 9.92
CA PRO G 331 51.19 -41.52 10.73
CA GLU G 332 51.21 -43.72 7.51
CA SER G 333 50.65 -40.46 5.45
CA LYS G 334 54.25 -39.01 5.84
CA THR G 335 53.13 -35.55 4.52
CA PRO G 336 49.87 -34.39 6.31
CA LEU G 337 47.38 -33.56 3.48
CA THR G 338 46.17 -29.97 3.14
CA ALA G 339 43.20 -29.19 0.78
CA THR G 340 42.01 -25.54 0.48
CA LEU G 341 38.76 -24.25 -1.09
CA SER G 342 37.17 -20.76 -1.82
CA LYS G 343 35.17 -18.66 -4.43
CA SER G 344 36.25 -18.35 -8.15
CA GLY G 345 38.13 -15.72 -10.28
CA ASN G 346 38.20 -11.87 -10.69
CA THR G 347 34.84 -9.90 -10.70
CA PHE G 348 32.85 -8.31 -13.66
CA ARG G 349 29.69 -6.04 -13.45
CA PRO G 350 26.47 -7.69 -14.93
CA GLU G 351 24.90 -5.83 -17.89
CA VAL G 352 21.08 -6.14 -17.36
CA HIS G 353 18.84 -5.53 -20.47
CA LEU G 354 15.04 -6.11 -20.24
CA LEU G 355 13.38 -7.39 -23.46
CA PRO G 356 9.60 -7.04 -24.17
CA PRO G 357 7.68 -9.92 -25.91
CA PRO G 358 7.88 -10.61 -29.67
CA SER G 359 4.98 -9.28 -31.87
CA GLU G 360 3.93 -12.92 -32.73
CA GLU G 361 3.66 -13.91 -28.99
CA LEU G 362 0.87 -11.25 -28.62
CA ALA G 363 -1.22 -13.67 -30.79
CA LEU G 364 -0.93 -15.92 -27.63
CA ASN G 365 -3.01 -15.29 -24.40
CA GLU G 366 -2.39 -16.81 -20.87
CA LEU G 367 1.41 -16.10 -20.66
CA VAL G 368 3.39 -13.14 -22.19
CA THR G 369 7.09 -13.84 -22.18
CA LEU G 370 8.95 -10.96 -20.36
CA THR G 371 12.70 -11.58 -20.70
CA CYS G 372 15.71 -10.06 -18.90
CA LEU G 373 19.26 -10.80 -20.14
CA ALA G 374 22.05 -10.60 -17.50
CA ARG G 375 25.35 -10.81 -19.47
CA GLY G 376 29.15 -10.31 -19.11
CA PHE G 377 29.16 -11.12 -15.34
CA SER G 378 31.73 -12.98 -13.11
CA PRO G 379 31.87 -14.93 -10.94
CA LYS G 380 28.74 -17.05 -11.84
CA ASP G 381 27.37 -16.23 -8.40
CA VAL G 382 24.16 -14.14 -8.97
CA LEU G 383 20.48 -13.76 -7.82
CA VAL G 384 17.77 -12.60 -10.25
CA ARG G 385 14.15 -11.92 -9.13
CA TRP G 386 11.05 -10.24 -10.67
CA LEU G 387 8.64 -7.62 -9.24
CA GLN G 388 5.18 -6.31 -10.21
CA GLY G 389 4.78 -2.46 -10.13
CA SER G 390 0.93 -2.62 -10.43
CA GLN G 391 0.41 -4.45 -7.04
CA GLU G 392 3.74 -3.36 -5.32
CA LEU G 393 4.61 -7.08 -4.82
CA PRO G 394 7.12 -9.82 -5.89
CA ARG G 395 6.01 -12.10 -8.79
CA GLU G 396 5.52 -15.89 -9.06
CA LYS G 397 5.44 -17.20 -12.65
CA TYR G 398 9.14 -16.84 -13.55
CA LEU G 399 12.01 -19.24 -14.41
CA THR G 400 15.82 -18.54 -14.64
CA TRP G 401 18.24 -20.70 -16.78
CA ALA G 402 22.15 -20.72 -16.98
CA SER G 403 25.23 -20.27 -19.34
CA ARG G 404 28.98 -20.13 -18.35
CA GLN G 405 30.89 -18.90 -21.49
CA GLU G 406 34.38 -20.50 -22.05
CA PRO G 407 35.95 -21.16 -25.55
CA SER G 408 39.69 -21.81 -26.42
CA GLN G 409 40.59 -18.06 -25.96
CA GLY G 410 41.05 -15.78 -22.86
CA THR G 411 37.37 -14.64 -23.06
CA THR G 412 35.44 -16.25 -20.09
CA THR G 413 32.37 -14.52 -18.38
CA PHE G 414 28.70 -15.73 -17.82
CA ALA G 415 25.23 -15.01 -19.27
CA VAL G 416 21.67 -15.96 -18.13
CA THR G 417 18.14 -15.22 -19.36
CA SER G 418 15.21 -14.97 -16.88
CA ILE G 419 11.64 -15.54 -18.15
CA LEU G 420 8.61 -13.89 -16.39
CA ARG G 421 5.35 -15.16 -17.92
CA VAL G 422 2.27 -12.79 -17.61
CA ALA G 423 -1.34 -12.52 -18.89
CA ALA G 424 -1.41 -10.61 -22.28
CA GLU G 425 -3.91 -8.12 -20.70
CA ASP G 426 -1.74 -6.84 -17.72
CA TRP G 427 1.18 -5.97 -20.07
CA LYS G 428 -1.38 -4.01 -22.25
CA LYS G 429 -2.95 -2.44 -19.08
CA GLY G 430 0.43 -0.59 -18.96
CA ASP G 431 2.00 -2.44 -16.01
CA THR G 432 5.68 -1.96 -15.08
CA PHE G 433 7.54 -5.23 -14.33
CA SER G 434 11.14 -5.04 -13.00
CA CYS G 435 13.98 -7.58 -13.10
CA MET G 436 16.17 -7.18 -9.94
CA VAL G 437 19.77 -8.52 -10.24
CA GLY G 438 22.06 -8.98 -7.19
CA HIS G 439 25.79 -9.57 -7.79
CA GLU G 440 29.24 -9.02 -6.11
CA ALA G 441 30.25 -6.30 -8.69
CA LEU G 442 26.96 -4.28 -8.73
CA PRO G 443 27.09 -0.69 -7.20
CA LEU G 444 25.02 -1.41 -4.02
CA ALA G 445 25.19 -5.21 -4.70
CA PHE G 446 21.80 -4.59 -6.39
CA THR G 447 20.48 -3.18 -9.69
CA GLN G 448 16.92 -3.22 -11.12
CA LYS G 449 15.95 -2.67 -14.81
CA THR G 450 12.26 -2.08 -15.72
CA ILE G 451 9.83 -3.18 -18.53
CA ASP G 452 6.43 -1.67 -19.49
CA ARG G 453 4.14 -1.37 -22.61
CA LEU G 454 5.08 2.39 -22.54
CA ALA G 455 7.98 3.53 -24.84
CA GLY G 456 9.07 7.24 -24.82
CA LYS G 457 11.83 7.83 -27.45
CA PRO G 458 14.11 10.41 -25.75
CA THR G 459 15.21 7.41 -25.19
CA HIS G 460 15.31 4.49 -22.64
CA VAL G 461 15.11 6.18 -19.12
CA ASN G 462 14.11 4.79 -15.61
CA VAL G 463 11.55 5.41 -12.69
CA SER G 464 11.96 8.23 -10.04
CA VAL G 465 13.50 8.15 -6.42
CA VAL G 466 11.07 6.06 -4.21
CA MET G 467 12.02 6.40 -0.47
CA ALA G 468 14.28 8.78 1.65
CA GLU G 469 15.82 8.81 4.44
CA VAL G 470 15.55 5.72 6.85
CA ASP G 471 18.68 3.93 5.42
CA GLY G 472 19.20 1.04 7.96
CA THR G 473 22.18 2.52 9.94
CA CYS G 474 20.28 5.80 10.75
CA TYR G 475 16.73 4.27 11.30
CA GLN H 1 75.37 -56.06 57.64
CA VAL H 2 78.65 -54.40 56.52
CA LYS H 3 78.66 -57.74 54.74
CA LEU H 4 77.73 -60.84 56.90
CA LEU H 5 81.07 -62.70 56.85
CA GLU H 6 83.92 -60.27 55.82
CA GLN H 7 87.60 -61.02 55.30
CA SER H 8 90.97 -59.20 55.60
CA GLY H 9 92.36 -58.19 52.15
CA ALA H 10 95.33 -59.54 50.23
CA GLU H 11 98.57 -60.28 50.65
CA VAL H 12 101.96 -61.05 49.31
CA LYS H 13 104.19 -63.18 51.51
CA LYS H 14 107.74 -64.44 50.83
CA PRO H 15 108.18 -68.29 50.54
CA GLY H 16 108.89 -69.63 54.10
CA ALA H 17 106.82 -66.91 55.82
CA SER H 18 103.42 -67.25 57.55
CA VAL H 19 100.10 -65.53 56.67
CA LYS H 20 97.17 -64.78 59.01
CA VAL H 21 93.74 -64.34 57.38
CA SER H 22 90.75 -63.02 59.44
CA CYS H 23 87.01 -63.43 59.01
CA LYS H 24 84.68 -61.05 60.97
CA ALA H 25 81.06 -62.26 61.44
CA SER H 26 78.34 -59.50 61.62
CA GLY H 27 74.49 -59.73 61.94
CA TYR H 28 74.12 -63.30 63.34
CA SER H 29 75.04 -64.86 66.77
CA PHE H 30 78.77 -65.74 66.24
CA THR H 31 79.05 -68.53 68.93
CA SER H 32 75.98 -70.51 67.61
CA TYR H 33 77.74 -71.70 64.36
CA GLY H 34 81.02 -73.16 63.14
CA LEU H 35 83.20 -71.59 60.40
CA HIS H 36 84.84 -73.63 57.62
CA TRP H 37 88.06 -72.54 55.75
CA VAL H 38 88.36 -73.36 52.01
CA ARG H 39 90.91 -72.35 49.37
CA GLN H 40 90.94 -72.14 45.56
CA ALA H 41 94.34 -72.17 43.78
CA PRO H 42 94.30 -70.62 40.23
CA GLY H 43 92.44 -72.87 37.71
CA GLN H 44 91.80 -75.48 40.40
CA ARG H 45 88.90 -76.89 42.40
CA LEU H 46 88.00 -75.71 45.92
CA GLU H 47 89.95 -77.50 48.67
CA TRP H 48 88.61 -77.82 52.23
CA MET H 49 91.31 -76.92 54.86
CA GLY H 50 89.57 -76.99 58.26
CA TRP H 51 86.73 -75.91 60.59
CA ILE H 52 86.43 -74.11 63.97
CA SER H 53 83.45 -74.14 66.41
CA ALA H 54 83.01 -70.44 67.50
CA GLY H 55 81.40 -71.57 70.82
CA THR H 56 84.04 -74.11 72.10
CA GLY H 57 87.15 -73.10 70.02
CA ASN H 58 87.44 -76.79 68.87
CA THR H 59 89.23 -77.55 65.70
CA LYS H 60 89.13 -79.99 62.79
CA TYR H 61 91.46 -79.92 59.79
CA SER H 62 92.59 -81.60 56.57
CA GLN H 63 95.71 -83.76 57.14
CA LYS H 64 97.09 -82.25 53.87
CA PHE H 65 97.88 -79.19 56.13
CA ARG H 66 99.09 -81.32 59.14
CA GLY H 67 101.57 -79.35 61.27
CA ARG H 68 101.25 -75.97 59.41
CA VAL H 69 97.61 -74.72 59.78
CA THR H 70 96.13 -73.09 62.97
CA PHE H 71 92.49 -71.92 63.64
CA THR H 72 91.65 -69.35 66.33
CA ARG H 73 88.51 -67.31 67.22
CA ASP H 74 88.28 -64.03 69.18
CA THR H 75 84.77 -64.50 70.59
CA SER H 76 84.51 -60.84 71.89
CA ALA H 77 85.58 -59.22 68.51
CA THR H 78 83.49 -61.90 66.72
CA THR H 79 86.39 -62.76 64.36
CA ALA H 80 87.89 -66.14 63.39
CA TYR H 81 91.44 -66.49 61.98
CA MET H 82 93.42 -69.06 60.07
CA GLY H 83 97.22 -69.09 60.34
CA LEU H 84 99.16 -70.82 57.51
CA SER H 85 102.91 -71.38 58.15
CA SER H 86 105.89 -72.38 55.92
CA LEU H 87 104.41 -70.78 52.79
CA ARG H 88 105.30 -72.39 49.46
CA PRO H 89 104.57 -70.84 45.97
CA GLU H 90 101.65 -73.36 45.54
CA ASP H 91 99.83 -71.71 48.52
CA THR H 92 99.02 -68.80 46.09
CA ALA H 93 95.22 -69.08 46.22
CA VAL H 94 92.00 -67.31 47.32
CA TYR H 95 91.22 -68.22 50.98
CA TYR H 96 87.52 -68.22 51.90
CA CYS H 97 85.86 -68.62 55.26
CA ALA H 98 82.31 -70.04 54.97
CA ARG H 99 79.60 -70.71 57.55
CA ASP H 100 78.52 -74.13 58.92
CA PRO H 101 74.68 -73.63 59.36
CA TYR H 102 74.50 -76.24 62.20
CA GLY H 103 77.75 -75.95 64.30
CA GLY H 104 78.69 -79.69 63.90
CA GLY H 105 81.64 -79.58 61.41
CA LYS H 106 80.22 -81.61 58.51
CA SER H 107 77.84 -79.52 56.44
CA GLU H 108 77.13 -77.62 53.23
CA PHE H 109 78.26 -73.93 53.59
CA ASP H 110 75.37 -71.36 53.43
CA TYR H 111 77.29 -67.98 53.72
CA TRP H 112 80.74 -67.37 52.25
CA GLY H 113 83.21 -64.58 52.95
CA GLN H 114 84.52 -62.70 49.87
CA GLY H 115 88.00 -64.30 49.70
CA THR H 116 91.53 -63.01 50.36
CA LEU H 117 94.15 -63.71 47.74
CA VAL H 118 97.50 -64.63 49.32
CA THR H 119 100.30 -64.57 46.76
CA VAL H 120 103.56 -66.32 47.77
CA SER H 121 106.53 -64.60 45.99
CA SER H 122 110.13 -63.20 46.11
CA ALA H 123 110.05 -61.79 42.49
CA SER H 124 109.59 -58.38 44.04
CA PRO H 125 106.18 -56.76 44.86
CA THR H 126 105.51 -53.64 42.68
CA SER H 127 102.53 -51.19 42.97
CA PRO H 128 100.53 -50.26 39.78
CA LYS H 129 101.10 -46.95 37.93
CA VAL H 130 97.70 -45.69 36.71
CA PHE H 131 97.53 -43.82 33.35
CA PRO H 132 94.55 -42.12 31.63
CA LEU H 133 93.15 -43.43 28.33
CA SER H 134 91.28 -40.48 26.68
CA LEU H 135 90.73 -39.05 23.15
CA CYS H 136 90.34 -35.35 22.11
CA SER H 137 88.31 -35.41 18.78
CA THR H 138 89.77 -38.88 17.81
CA GLN H 139 86.65 -40.90 18.94
CA PRO H 140 83.44 -41.18 16.75
CA ASP H 141 80.75 -38.40 17.16
CA GLY H 142 78.03 -39.90 19.49
CA ASN H 143 79.57 -42.27 22.13
CA VAL H 144 82.65 -41.79 24.40
CA VAL H 145 85.23 -44.46 25.49
CA ILE H 146 87.58 -43.48 28.34
CA ALA H 147 89.75 -45.81 30.40
CA CYS H 148 92.49 -46.33 33.02
CA LEU H 149 95.62 -48.39 32.22
CA VAL H 150 96.70 -50.08 35.55
CA GLN H 151 100.33 -50.82 34.63
CA GLY H 152 103.37 -52.76 35.92
CA PHE H 153 102.20 -54.44 39.14
CA PHE H 154 103.11 -57.71 40.95
CA PRO H 155 101.64 -59.88 42.24
CA GLN H 156 98.17 -60.08 40.49
CA GLU H 157 95.96 -59.90 43.72
CA PRO H 158 92.28 -58.62 43.76
CA LEU H 159 92.04 -55.32 41.84
CA SER H 160 88.86 -53.31 42.71
CA VAL H 161 88.14 -50.77 39.91
CA THR H 162 85.17 -48.42 40.37
CA TRP H 163 84.20 -45.38 38.18
CA SER H 164 82.56 -42.08 39.47
CA GLU H 165 79.66 -42.23 36.91
CA SER H 166 77.07 -45.12 36.85
CA GLY H 167 73.78 -45.49 34.84
CA GLN H 168 71.63 -47.41 32.25
CA GLY H 169 73.76 -46.71 29.10
CA VAL H 170 77.17 -46.39 30.92
CA THR H 171 79.03 -49.76 30.52
CA ALA H 172 82.16 -50.67 32.58
CA ARG H 173 84.52 -53.38 31.22
CA ASN H 174 87.27 -54.64 33.58
CA PHE H 175 89.86 -56.54 31.42
CA PRO H 176 91.54 -59.52 33.30
CA PRO H 177 95.31 -59.18 34.24
CA SER H 178 97.77 -59.99 31.38
CA GLN H 179 101.33 -61.07 32.33
CA ASP H 180 104.48 -59.63 30.56
CA ALA H 181 107.21 -62.35 29.91
CA SER H 182 108.20 -64.85 32.74
CA GLY H 183 106.25 -63.41 35.75
CA ASP H 184 107.94 -59.94 35.41
CA LEU H 185 104.94 -57.47 35.52
CA TYR H 186 101.09 -57.66 35.22
CA THR H 187 98.96 -55.02 33.34
CA THR H 188 95.11 -54.61 33.37
CA SER H 189 92.89 -51.98 31.64
CA SER H 190 89.47 -50.71 32.95
CA GLN H 191 87.21 -49.15 30.24
CA LEU H 192 84.07 -46.91 30.67
CA THR H 193 81.83 -46.63 27.52
CA LEU H 194 79.09 -43.89 27.92
CA PRO H 195 77.01 -41.55 25.61
CA ALA H 196 78.76 -38.27 24.49
CA THR H 197 75.86 -36.22 26.07
CA GLN H 198 76.82 -37.86 29.46
CA CYS H 199 80.61 -37.12 29.00
CA LEU H 200 80.90 -33.55 27.55
CA ALA H 201 84.22 -31.76 26.56
CA GLY H 202 85.95 -30.08 29.59
CA LYS H 203 84.36 -32.56 32.10
CA SER H 204 86.06 -35.63 33.74
CA VAL H 205 85.17 -39.09 35.25
CA THR H 206 87.20 -40.46 38.22
CA CYS H 207 88.56 -44.05 38.16
CA HIS H 208 89.14 -45.50 41.69
CA VAL H 209 91.68 -48.41 41.80
CA LYS H 210 92.21 -50.56 44.94
CA HIS H 211 95.10 -53.09 44.71
CA TYR H 212 94.74 -55.66 47.72
CA THR H 213 94.39 -53.98 51.17
CA ASN H 214 96.44 -50.95 50.00
CA PRO H 215 94.98 -47.33 49.94
CA SER H 216 92.79 -46.37 46.91
CA GLN H 217 94.63 -44.79 43.92
CA ASP H 218 92.39 -42.23 42.15
CA VAL H 219 92.75 -40.74 38.61
CA THR H 220 90.59 -38.01 37.06
CA VAL H 221 90.15 -39.09 33.36
CA PRO H 222 88.94 -36.40 30.79
CA CYS H 223 87.40 -37.58 30.32
CA PRO H 224 85.84 -38.73 29.83
CA VAL H 225 83.43 -37.09 27.39
CA PRO H 226 80.05 -39.19 27.01
CA SER H 227 79.38 -39.55 23.10
CA THR H 228 76.74 -42.38 23.97
CA PRO H 229 73.70 -42.64 21.44
CA PRO H 230 70.99 -45.72 21.71
CA THR H 231 68.81 -47.82 19.34
CA PRO H 232 65.56 -45.94 17.94
CA SER H 233 62.46 -47.91 16.60
CA PRO H 234 60.82 -46.55 13.44
CA SER H 235 56.96 -46.81 13.51
CA THR H 236 54.46 -44.55 11.21
CA PRO H 237 50.98 -45.87 9.85
CA PRO H 238 48.67 -43.85 7.10
CA THR H 239 44.94 -44.51 6.85
CA PRO H 240 43.99 -48.00 5.16
CA SER H 241 41.80 -48.68 2.00
CA PRO H 242 39.86 -51.81 0.98
CA SER H 243 38.17 -52.93 -2.23
CA CYS H 244 35.30 -55.47 -1.49
CA CYS H 245 32.01 -56.82 -3.20
CA HIS H 246 28.55 -56.54 -1.75
CA PRO H 247 25.47 -56.96 -4.06
CA ARG H 248 24.17 -53.73 -5.77
CA LEU H 249 22.88 -53.58 -9.44
CA SER H 250 23.24 -50.12 -11.16
CA LEU H 251 22.30 -48.94 -14.72
CA HIS H 252 24.23 -45.87 -16.05
CA ARG H 253 22.42 -44.29 -19.10
CA PRO H 254 24.07 -43.04 -22.40
CA ALA H 255 25.25 -39.34 -22.56
CA LEU H 256 23.11 -36.76 -24.53
CA GLU H 257 25.97 -35.04 -26.51
CA ASP H 258 27.58 -38.36 -27.75
CA LEU H 259 24.23 -39.99 -28.86
CA LEU H 260 23.19 -36.77 -30.75
CA LEU H 261 26.62 -35.97 -32.39
CA GLY H 262 27.45 -39.16 -34.43
CA SER H 263 25.11 -41.89 -32.90
CA GLU H 264 27.47 -42.91 -30.00
CA ALA H 265 25.40 -44.38 -27.09
CA ASN H 266 26.24 -47.20 -24.60
CA LEU H 267 23.85 -48.32 -21.82
CA THR H 268 26.10 -49.61 -19.04
CA CYS H 269 25.24 -52.37 -16.52
CA THR H 270 27.25 -52.51 -13.27
CA LEU H 271 26.93 -55.29 -10.61
CA THR H 272 28.53 -54.05 -7.35
CA GLY H 273 28.44 -56.28 -4.19
CA LEU H 274 28.95 -59.89 -5.51
CA ARG H 275 30.87 -61.61 -2.57
CA ASP H 276 33.86 -64.11 -2.78
CA ALA H 277 34.14 -67.15 -5.24
CA SER H 278 31.60 -65.87 -7.78
CA GLY H 279 30.47 -65.00 -11.39
CA VAL H 280 27.64 -62.92 -13.00
CA THR H 281 25.51 -63.93 -16.09
CA PHE H 282 24.04 -61.04 -18.13
CA THR H 283 20.86 -61.06 -20.32
CA TRP H 284 20.39 -57.80 -22.40
CA THR H 285 17.35 -57.02 -24.68
CA PRO H 286 18.46 -56.16 -28.30
CA SER H 287 18.19 -52.55 -29.70
CA SER H 288 15.45 -51.88 -32.37
CA GLY H 289 17.42 -52.88 -35.56
CA LYS H 290 17.97 -56.51 -34.25
CA SER H 291 21.24 -55.72 -32.38
CA ALA H 292 22.61 -57.28 -29.10
CA VAL H 293 26.43 -56.90 -28.46
CA GLN H 294 28.13 -57.18 -24.96
CA GLY H 295 31.61 -57.23 -23.20
CA PRO H 296 31.64 -58.29 -19.46
CA PRO H 297 34.94 -58.17 -17.36
CA GLU H 298 35.11 -58.98 -13.57
CA ARG H 299 36.81 -56.16 -11.56
CA ASP H 300 37.52 -56.44 -7.76
CA LEU H 301 36.50 -52.96 -6.35
CA CYS H 302 36.98 -52.11 -2.57
CA GLY H 303 37.60 -55.85 -1.87
CA CYS H 304 34.81 -57.60 -3.96
CA TYR H 305 33.89 -58.48 -7.64
CA SER H 306 31.95 -56.17 -10.07
CA VAL H 307 30.65 -57.56 -13.46
CA SER H 308 30.38 -54.43 -15.59
CA SER H 309 28.91 -55.22 -19.02
CA VAL H 310 28.16 -52.64 -21.79
CA LEU H 311 25.60 -52.69 -24.68
CA PRO H 312 26.48 -50.30 -27.62
CA GLY H 313 23.37 -48.55 -29.09
CA CYS H 314 22.23 -46.34 -32.01
CA ALA H 315 20.47 -42.89 -31.80
CA GLU H 316 17.08 -44.07 -33.34
CA PRO H 317 16.04 -46.63 -30.56
CA TRP H 318 16.88 -44.00 -27.82
CA ASN H 319 15.12 -41.07 -29.70
CA HIS H 320 11.96 -43.06 -30.84
CA GLY H 321 11.28 -44.99 -27.52
CA LYS H 322 13.02 -48.36 -26.75
CA THR H 323 13.16 -50.18 -23.32
CA PHE H 324 16.67 -51.55 -22.48
CA THR H 325 16.58 -54.41 -19.96
CA CYS H 326 19.72 -55.70 -18.19
CA THR H 327 18.71 -58.95 -16.45
CA ALA H 328 21.49 -60.45 -14.32
CA ALA H 329 21.44 -64.03 -12.82
CA TYR H 330 23.62 -65.36 -9.89
CA PRO H 331 22.93 -68.42 -7.54
CA GLU H 332 23.23 -66.43 -4.19
CA SER H 333 20.74 -63.83 -5.68
CA LYS H 334 17.53 -66.02 -5.42
CA THR H 335 15.54 -63.60 -7.69
CA PRO H 336 17.59 -62.73 -10.88
CA LEU H 337 17.71 -58.87 -11.01
CA THR H 338 16.06 -57.11 -13.95
CA ALA H 339 16.70 -53.33 -14.49
CA THR H 340 15.00 -51.59 -17.48
CA LEU H 341 15.78 -48.14 -18.95
CA SER H 342 14.31 -45.86 -21.75
CA LYS H 343 13.35 -42.22 -22.72
CA SER H 344 11.11 -39.97 -20.46
CA GLY H 345 7.38 -38.92 -20.41
CA ASN H 346 4.67 -37.84 -22.97
CA THR H 347 5.63 -35.36 -25.82
CA PHE H 348 4.88 -31.56 -26.22
CA ARG H 349 5.58 -29.29 -29.32
CA PRO H 350 8.28 -26.55 -28.67
CA GLU H 351 7.08 -22.94 -29.07
CA VAL H 352 10.03 -21.08 -30.77
CA HIS H 353 10.03 -17.22 -30.47
CA LEU H 354 13.03 -15.19 -31.78
CA LEU H 355 13.84 -12.00 -29.80
CA PRO H 356 15.90 -9.08 -31.27
CA PRO H 357 18.45 -7.19 -29.05
CA PRO H 358 17.45 -4.59 -26.43
CA SER H 359 17.75 -0.86 -27.43
CA GLU H 360 20.53 -0.33 -24.78
CA GLU H 361 22.67 -3.25 -26.20
CA LEU H 362 22.93 -1.25 -29.51
CA ALA H 363 25.14 1.16 -27.46
CA LEU H 364 27.54 -1.90 -27.43
CA ASN H 365 29.65 -2.96 -30.51
CA GLU H 366 31.47 -6.36 -31.06
CA LEU H 367 28.55 -8.68 -30.09
CA VAL H 368 24.74 -8.10 -30.56
CA THR H 369 22.72 -10.51 -28.50
CA LEU H 370 20.25 -12.42 -30.78
CA THR H 371 18.02 -14.59 -28.56
CA CYS H 372 15.65 -17.47 -29.35
CA LEU H 373 13.32 -18.85 -26.64
CA ALA H 374 12.24 -22.52 -27.03
CA ARG H 375 9.48 -23.08 -24.42
CA GLY H 376 6.74 -25.57 -23.36
CA PHE H 377 8.60 -28.63 -24.82
CA SER H 378 8.87 -32.29 -23.59
CA PRO H 379 10.82 -34.44 -23.29
CA LYS H 380 13.98 -32.30 -22.60
CA ASP H 381 15.58 -33.92 -25.64
CA VAL H 382 16.15 -31.07 -28.22
CA LEU H 383 18.77 -29.62 -30.66
CA VAL H 384 18.97 -25.87 -31.33
CA ARG H 385 21.34 -24.36 -33.97
CA TRP H 386 21.77 -20.94 -35.66
CA LEU H 387 22.17 -20.00 -39.37
CA GLN H 388 23.29 -16.86 -41.26
CA GLY H 389 21.06 -15.87 -44.27
CA SER H 390 23.64 -13.31 -45.62
CA GLN H 391 26.37 -15.98 -46.35
CA GLU H 392 24.04 -19.08 -46.66
CA LEU H 393 26.08 -20.79 -43.86
CA PRO H 394 25.82 -22.09 -40.24
CA ARG H 395 27.01 -19.69 -37.48
CA GLU H 396 29.74 -20.00 -34.80
CA LYS H 397 29.38 -17.49 -31.93
CA TYR H 398 26.36 -18.99 -30.13
CA LEU H 399 25.71 -20.59 -26.71
CA THR H 400 22.62 -22.59 -25.47
CA TRP H 401 21.66 -22.91 -21.72
CA ALA H 402 18.99 -25.15 -19.94
CA SER H 403 15.82 -25.13 -17.68
CA ARG H 404 13.56 -28.14 -16.73
CA GLN H 405 10.37 -26.65 -15.11
CA GLU H 406 8.88 -28.69 -12.17
CA PRO H 407 7.04 -27.13 -9.12
CA SER H 408 4.65 -28.88 -6.59
CA GLN H 409 1.76 -28.98 -9.18
CA GLY H 410 1.05 -31.14 -12.31
CA THR H 411 2.70 -28.49 -14.59
CA THR H 412 6.08 -29.94 -15.86
CA THR H 413 7.60 -29.00 -19.34
CA PHE H 414 11.04 -27.43 -20.32
CA ALA H 415 12.39 -24.06 -21.53
CA VAL H 416 15.79 -22.96 -22.97
CA THR H 417 17.24 -19.70 -24.33
CA SER H 418 19.90 -19.76 -27.11
CA ILE H 419 22.22 -16.72 -27.51
CA LEU H 420 23.78 -15.87 -30.96
CA ARG H 421 26.25 -12.98 -30.58
CA VAL H 422 26.88 -10.83 -33.77
CA ALA H 423 28.66 -7.59 -34.81
CA ALA H 424 26.26 -4.56 -34.39
CA GLU H 425 26.86 -3.71 -38.10
CA ASP H 426 25.63 -7.02 -39.73
CA TRP H 427 22.28 -6.83 -37.85
CA LYS H 428 21.93 -3.19 -39.18
CA LYS H 429 23.07 -4.31 -42.70
CA GLY H 430 19.64 -6.07 -42.67
CA ASP H 431 20.85 -9.67 -42.26
CA THR H 432 18.40 -12.53 -41.56
CA PHE H 433 19.55 -14.94 -38.80
CA SER H 434 17.49 -18.11 -38.13
CA CYS H 435 17.21 -20.30 -35.04
CA MET H 436 16.61 -23.97 -36.11
CA VAL H 437 14.96 -26.23 -33.46
CA GLY H 438 14.80 -30.04 -33.80
CA HIS H 439 12.49 -31.97 -31.47
CA GLU H 440 10.41 -35.26 -31.31
CA ALA H 441 7.05 -33.33 -31.45
CA LEU H 442 7.90 -30.85 -34.30
CA PRO H 443 6.02 -31.33 -37.68
CA LEU H 444 8.98 -32.65 -39.76
CA ALA H 445 11.12 -33.04 -36.55
CA PHE H 446 12.38 -29.56 -37.53
CA THR H 447 11.20 -25.93 -37.33
CA GLN H 448 13.10 -22.69 -38.02
CA LYS H 449 12.08 -19.16 -36.83
CA THR H 450 13.85 -16.09 -38.34
CA ILE H 451 15.20 -12.69 -37.03
CA ASP H 452 16.14 -9.55 -39.05
CA ARG H 453 16.39 -5.71 -38.54
CA LEU H 454 13.32 -5.55 -40.92
CA ALA H 455 9.83 -5.32 -39.26
CA GLY H 456 6.67 -5.19 -41.50
CA LYS H 457 3.52 -4.75 -39.34
CA PRO H 458 0.90 -6.89 -41.17
CA THR H 459 2.32 -8.62 -38.82
CA HIS H 460 5.07 -11.26 -38.04
CA VAL H 461 5.33 -13.46 -41.26
CA ASN H 462 8.15 -15.82 -42.59
CA VAL H 463 10.48 -16.36 -45.71
CA SER H 464 9.30 -18.03 -49.02
CA VAL H 465 9.59 -21.74 -50.26
CA VAL H 466 13.36 -22.40 -50.98
CA MET H 467 13.82 -25.75 -52.86
CA ALA H 468 11.49 -28.24 -54.78
CA GLU H 469 11.43 -31.31 -55.66
CA VAL H 470 14.48 -33.64 -54.84
CA ASP H 471 13.06 -34.84 -51.45
CA GLY H 472 15.49 -37.71 -50.50
CA THR H 473 13.23 -40.71 -51.40
CA CYS H 474 12.63 -39.48 -55.01
CA TYR H 475 16.21 -38.05 -55.70
CA GLU A 1 -76.13 113.27 -25.15
CA LEU A 2 -72.86 111.80 -23.93
CA VAL A 3 -70.42 111.78 -26.81
CA MET A 4 -68.29 108.67 -27.47
CA THR A 5 -65.16 109.34 -29.53
CA GLN A 6 -62.97 106.50 -30.84
CA SER A 7 -59.34 106.72 -31.76
CA PRO A 8 -58.15 105.92 -34.43
CA SER A 9 -60.62 105.76 -37.29
CA SER A 10 -58.48 103.19 -39.19
CA LEU A 11 -55.49 100.96 -38.50
CA SER A 12 -53.68 98.39 -40.65
CA ALA A 13 -51.54 95.88 -38.75
CA SER A 14 -49.97 92.50 -39.51
CA VAL A 15 -51.22 89.26 -38.01
CA GLY A 16 -49.60 88.64 -34.66
CA ASP A 17 -49.52 92.36 -33.87
CA ARG A 18 -51.13 93.74 -30.76
CA VAL A 19 -53.67 96.50 -31.48
CA ASN A 20 -55.28 98.94 -28.99
CA ILE A 21 -58.40 101.09 -29.89
CA ALA A 22 -59.37 103.93 -27.50
CA CYS A 23 -62.82 105.32 -26.76
CA ARG A 24 -63.47 108.48 -24.69
CA ALA A 25 -66.68 109.35 -22.95
CA SER A 26 -67.27 113.17 -22.86
CA GLN A 27 -67.98 112.58 -19.12
CA GLY A 28 -67.79 109.73 -16.58
CA ILE A 29 -69.74 106.53 -17.30
CA SER A 30 -68.18 104.27 -14.63
CA SER A 31 -67.97 100.85 -16.35
CA ALA A 32 -71.00 101.09 -18.60
CA LEU A 33 -69.26 100.48 -21.84
CA ALA A 34 -69.80 97.62 -24.31
CA TRP A 35 -67.62 96.91 -27.47
CA TYR A 36 -69.05 95.44 -30.75
CA GLN A 37 -67.46 93.88 -33.78
CA GLN A 38 -69.23 94.39 -37.13
CA LYS A 39 -68.01 92.52 -40.20
CA PRO A 40 -68.97 94.52 -43.26
CA GLY A 41 -72.58 93.82 -44.14
CA LYS A 42 -73.64 92.09 -40.96
CA ALA A 43 -75.29 92.70 -37.75
CA PRO A 44 -72.94 93.94 -34.99
CA ARG A 45 -71.71 91.35 -32.40
CA LEU A 46 -71.05 91.80 -28.69
CA LEU A 47 -67.46 91.19 -27.55
CA ILE A 48 -67.20 92.94 -24.20
CA TYR A 49 -69.76 94.41 -21.72
CA ASP A 50 -69.15 96.35 -18.43
CA ALA A 51 -65.79 97.59 -19.87
CA SER A 52 -64.00 94.32 -19.26
CA ASN A 53 -66.29 91.22 -19.26
CA LEU A 54 -65.93 88.98 -22.38
CA GLU A 55 -69.18 87.69 -23.71
CA SER A 56 -69.37 83.82 -23.79
CA GLY A 57 -67.75 82.31 -26.94
CA VAL A 58 -65.56 85.42 -27.77
CA PRO A 59 -61.85 84.49 -28.24
CA SER A 60 -59.57 85.04 -25.29
CA ARG A 61 -57.36 87.41 -27.42
CA PHE A 62 -59.94 90.20 -26.97
CA SER A 63 -59.70 92.20 -23.69
CA GLY A 64 -61.03 95.60 -22.56
CA SER A 65 -60.06 98.08 -19.85
CA GLY A 66 -60.94 101.53 -18.49
CA SER A 67 -63.27 103.18 -16.05
CA GLY A 68 -64.65 106.68 -15.86
CA THR A 69 -63.92 108.27 -19.17
CA ASP A 70 -61.16 106.34 -21.04
CA PHE A 71 -61.58 102.78 -22.28
CA THR A 72 -59.26 100.47 -24.38
CA LEU A 73 -60.03 97.34 -26.39
CA THR A 74 -56.85 95.23 -27.04
CA ILE A 75 -56.61 92.43 -29.63
CA SER A 76 -53.45 90.70 -28.46
CA SER A 77 -52.53 88.71 -31.62
CA LEU A 78 -54.40 90.03 -34.64
CA GLN A 79 -55.77 87.29 -36.87
CA PRO A 80 -57.26 87.65 -40.58
CA GLU A 81 -60.73 87.02 -39.32
CA ASP A 82 -60.44 90.13 -37.13
CA PHE A 83 -61.02 92.47 -40.11
CA ALA A 84 -64.06 94.50 -39.03
CA ILE A 85 -65.29 97.89 -37.79
CA TYR A 86 -65.25 98.03 -33.95
CA TYR A 87 -67.74 100.30 -31.92
CA CYS A 88 -68.00 101.28 -28.31
CA GLN A 89 -71.40 102.16 -26.84
CA GLN A 90 -72.25 103.76 -23.41
CA PHE A 91 -75.34 102.75 -21.38
CA ASN A 92 -74.93 105.00 -18.40
CA SER A 93 -77.31 107.63 -19.76
CA TYR A 94 -80.16 107.93 -22.25
CA PRO A 95 -79.84 108.47 -25.33
CA LEU A 96 -77.60 105.46 -25.47
CA THR A 97 -74.74 106.46 -27.81
CA PHE A 98 -72.15 104.81 -30.04
CA GLY A 99 -68.71 105.85 -30.99
CA GLY A 100 -67.78 106.48 -34.62
CA GLY A 101 -65.89 103.20 -35.43
CA THR A 102 -62.34 101.97 -35.87
CA LYS A 103 -61.89 99.98 -39.09
CA VAL A 104 -59.11 97.40 -38.73
CA GLU A 105 -57.61 96.17 -42.06
CA ILE A 106 -54.97 93.33 -42.17
CA LYS A 107 -51.46 93.98 -43.68
CA ARG A 108 -49.94 91.09 -45.67
CA THR A 109 -47.54 90.28 -48.56
CA VAL A 110 -48.27 91.46 -52.14
CA ALA A 111 -50.36 89.15 -54.22
CA ALA A 112 -50.74 89.70 -57.94
CA PRO A 113 -54.20 89.45 -59.38
CA SER A 114 -55.67 86.80 -61.67
CA VAL A 115 -57.33 88.73 -64.52
CA PHE A 116 -60.39 87.63 -66.49
CA ILE A 117 -62.43 89.40 -69.18
CA PHE A 118 -66.02 88.55 -70.21
CA PRO A 119 -67.84 89.60 -73.43
CA PRO A 120 -71.55 90.80 -73.44
CA SER A 121 -73.97 87.89 -73.39
CA ASP A 122 -76.32 87.34 -76.32
CA GLU A 123 -79.55 88.19 -74.62
CA GLN A 124 -77.95 91.31 -73.28
CA LEU A 125 -77.12 92.57 -76.83
CA LYS A 126 -80.82 91.72 -77.60
CA SER A 127 -81.80 94.63 -75.24
CA GLY A 128 -79.62 97.08 -77.16
CA THR A 129 -76.77 97.30 -74.45
CA ALA A 130 -73.43 95.64 -73.95
CA SER A 131 -71.57 95.30 -70.63
CA VAL A 132 -67.98 94.06 -70.79
CA VAL A 133 -66.53 92.91 -67.42
CA CYS A 134 -62.87 92.63 -66.39
CA LEU A 135 -62.17 90.73 -63.13
CA LEU A 136 -59.03 91.06 -61.02
CA ASN A 137 -59.27 88.24 -58.48
CA ASN A 138 -57.49 87.96 -55.18
CA PHE A 139 -54.82 90.56 -54.76
CA TYR A 140 -53.03 92.60 -52.11
CA PRO A 141 -52.55 95.72 -51.66
CA ARG A 142 -55.92 97.14 -52.82
CA GLU A 143 -54.50 99.71 -55.25
CA ALA A 144 -54.64 98.59 -58.92
CA LYS A 145 -55.39 100.40 -62.22
CA VAL A 146 -57.71 99.03 -64.96
CA GLN A 147 -57.58 100.66 -68.39
CA TRP A 148 -59.98 99.80 -71.20
CA LYS A 149 -58.86 100.06 -74.81
CA VAL A 150 -61.31 99.41 -77.69
CA ASP A 151 -59.57 99.18 -81.11
CA ASN A 152 -56.19 99.23 -79.47
CA ALA A 153 -55.14 102.53 -77.80
CA LEU A 154 -58.58 104.13 -78.19
CA GLN A 155 -58.65 103.78 -74.48
CA SER A 156 -61.82 104.88 -72.84
CA GLY A 157 -63.44 106.82 -69.89
CA ASN A 158 -67.02 105.14 -69.48
CA SER A 159 -66.46 102.33 -66.90
CA GLN A 160 -67.44 101.72 -63.27
CA GLU A 161 -65.57 99.72 -60.59
CA SER A 162 -66.46 97.69 -57.51
CA VAL A 163 -64.01 96.27 -54.93
CA THR A 164 -64.95 93.69 -52.35
CA GLU A 165 -63.99 94.06 -48.62
CA GLN A 166 -60.95 92.15 -47.29
CA ASP A 167 -61.37 88.41 -47.19
CA SER A 168 -61.25 87.02 -43.64
CA LYS A 169 -59.29 83.98 -44.76
CA ASP A 170 -56.45 85.33 -46.97
CA SER A 171 -56.72 89.15 -46.67
CA THR A 172 -57.16 89.88 -50.37
CA TYR A 173 -59.51 92.05 -52.44
CA SER A 174 -61.14 91.31 -55.78
CA LEU A 175 -62.30 94.03 -58.21
CA SER A 176 -64.60 94.34 -61.26
CA SER A 177 -64.62 96.98 -63.92
CA THR A 178 -67.71 97.13 -66.14
CA LEU A 179 -67.49 98.96 -69.43
CA THR A 180 -70.95 99.75 -70.78
CA LEU A 181 -71.69 100.74 -74.33
CA SER A 182 -74.74 100.51 -76.59
CA LYS A 183 -75.24 97.46 -78.95
CA ALA A 184 -74.42 99.80 -81.90
CA ASP A 185 -71.24 101.12 -80.25
CA TYR A 186 -70.07 97.63 -79.47
CA GLU A 187 -70.95 96.53 -83.08
CA LYS A 188 -68.44 98.84 -84.56
CA HIS A 189 -65.26 97.90 -82.79
CA LYS A 190 -63.49 94.51 -82.68
CA VAL A 191 -60.58 94.35 -80.13
CA TYR A 192 -61.80 94.90 -76.55
CA ALA A 193 -59.06 94.88 -73.91
CA CYS A 194 -58.53 95.24 -70.16
CA GLU A 195 -55.02 96.39 -69.11
CA VAL A 196 -54.04 95.93 -65.46
CA THR A 197 -51.36 97.55 -63.35
CA HIS A 198 -50.67 96.37 -59.80
CA GLN A 199 -47.51 96.02 -57.66
CA GLY A 200 -47.31 92.18 -57.74
CA LEU A 201 -47.15 91.96 -61.54
CA SER A 202 -43.82 92.42 -63.37
CA SER A 203 -45.50 93.91 -66.43
CA PRO A 204 -49.00 95.40 -67.10
CA VAL A 205 -51.37 92.55 -68.00
CA THR A 206 -53.82 92.64 -70.93
CA LYS A 207 -56.81 90.35 -71.52
CA SER A 208 -58.46 90.98 -74.87
CA PHE A 209 -61.07 89.39 -77.08
CA ASN A 210 -62.29 89.87 -80.61
CA ARG A 211 -65.94 90.76 -81.27
CA GLY A 212 -67.02 87.51 -82.99
CA GLU A 213 -66.14 84.82 -80.31
CA CYS A 214 -66.56 81.00 -80.77
CA GLU B 1 -71.09 89.61 40.16
CA LEU B 2 -71.01 87.02 37.37
CA VAL B 3 -70.39 83.64 38.92
CA MET B 4 -67.84 81.28 37.30
CA THR B 5 -68.30 77.62 38.25
CA GLN B 6 -65.76 74.94 37.29
CA SER B 7 -66.40 71.28 36.91
CA PRO B 8 -64.88 69.07 38.34
CA SER B 9 -63.02 70.18 41.44
CA SER B 10 -60.46 67.33 41.12
CA LEU B 11 -59.43 64.77 38.52
CA SER B 12 -56.69 62.12 38.48
CA ALA B 13 -55.72 60.80 35.04
CA SER B 14 -52.76 58.89 33.58
CA VAL B 15 -50.22 60.50 31.29
CA GLY B 16 -51.39 60.33 27.70
CA ASP B 17 -55.02 60.75 28.74
CA ARG B 18 -57.13 63.54 27.35
CA VAL B 19 -58.72 65.71 30.07
CA ASN B 20 -61.52 68.30 29.70
CA ILE B 21 -62.37 70.90 32.47
CA ALA B 22 -65.63 72.88 32.15
CA CYS B 23 -66.38 76.40 33.34
CA ARG B 24 -69.89 77.99 33.32
CA ALA B 25 -70.63 81.66 33.35
CA SER B 26 -73.92 82.43 35.24
CA GLN B 27 -74.75 84.55 32.14
CA GLY B 28 -73.29 85.26 28.68
CA ILE B 29 -69.72 86.60 28.46
CA SER B 30 -69.15 86.14 24.70
CA SER B 31 -65.46 85.08 24.47
CA ALA B 32 -64.08 86.96 27.45
CA LEU B 33 -62.63 84.04 29.24
CA ALA B 34 -58.97 83.39 30.15
CA TRP B 35 -57.55 80.09 31.67
CA TYR B 36 -54.62 80.01 34.18
CA GLN B 37 -52.37 77.26 35.41
CA GLN B 38 -51.07 77.54 39.00
CA LYS B 39 -48.45 75.11 40.25
CA PRO B 40 -48.76 74.85 44.00
CA GLY B 41 -46.97 77.77 45.62
CA LYS B 42 -46.48 79.94 42.58
CA ALA B 43 -47.95 82.76 40.77
CA PRO B 44 -50.69 81.78 38.28
CA ARG B 45 -49.73 81.57 34.54
CA LEU B 46 -51.77 82.49 31.49
CA LEU B 47 -52.48 79.64 29.06
CA ILE B 48 -55.46 80.82 27.02
CA TYR B 49 -57.18 84.25 26.53
CA ASP B 50 -60.36 85.11 24.51
CA ALA B 51 -61.65 81.52 25.13
CA SER B 52 -59.39 79.95 22.51
CA ASN B 53 -56.13 81.90 21.86
CA LEU B 54 -52.96 80.21 23.27
CA GLU B 55 -50.54 82.58 24.87
CA SER B 56 -47.05 82.54 23.23
CA GLY B 57 -44.80 79.71 24.57
CA VAL B 58 -47.72 77.52 25.94
CA PRO B 59 -47.53 73.91 24.66
CA SER B 60 -49.73 73.02 21.71
CA ARG B 61 -51.48 70.27 23.81
CA PHE B 62 -53.55 72.95 25.59
CA SER B 63 -56.68 74.15 23.73
CA GLY B 64 -59.87 75.99 24.82
CA SER B 65 -63.38 76.31 23.40
CA GLY B 66 -66.78 77.84 24.16
CA SER B 67 -68.71 81.02 23.70
CA GLY B 68 -71.58 82.54 25.62
CA THR B 69 -71.82 80.61 28.84
CA ASP B 70 -69.97 77.23 28.55
CA PHE B 71 -66.22 76.95 28.08
CA THR B 72 -63.85 73.87 27.95
CA LEU B 73 -60.09 73.62 28.43
CA THR B 74 -58.67 70.35 26.91
CA ILE B 75 -55.20 68.94 27.67
CA SER B 76 -54.84 66.44 24.85
CA SER B 77 -52.02 64.24 26.22
CA LEU B 78 -51.55 64.78 29.95
CA GLN B 79 -47.90 65.02 30.97
CA PRO B 80 -46.40 64.89 34.69
CA GLU B 81 -45.55 68.55 34.54
CA ASP B 82 -49.27 69.31 34.07
CA PHE B 83 -50.00 68.76 37.80
CA ALA B 84 -51.56 72.07 38.86
CA ILE B 85 -54.79 73.86 39.82
CA TYR B 86 -56.46 75.36 36.71
CA TYR B 87 -58.74 78.56 36.92
CA CYS B 88 -61.00 80.32 34.50
CA GLN B 89 -61.62 84.06 34.85
CA GLN B 90 -64.23 86.30 33.05
CA PHE B 91 -63.46 89.89 31.96
CA ASN B 92 -66.75 90.82 30.40
CA SER B 93 -68.00 92.59 33.54
CA TYR B 94 -66.61 94.19 36.69
CA PRO B 95 -65.93 92.69 39.35
CA LEU B 96 -63.70 90.44 37.33
CA THR B 97 -64.28 86.93 38.75
CA PHE B 98 -62.51 83.59 38.95
CA GLY B 99 -63.83 80.10 39.05
CA GLY B 100 -63.12 77.83 42.00
CA GLY B 101 -60.32 75.62 40.52
CA THR B 102 -59.85 72.14 39.12
CA LYS B 103 -56.88 70.33 40.69
CA VAL B 104 -55.36 67.80 38.28
CA GLU B 105 -53.26 65.04 39.94
CA ILE B 106 -51.30 62.44 37.84
CA LYS B 107 -52.06 58.66 38.20
CA ARG B 108 -49.03 56.31 37.98
CA THR B 109 -47.69 52.92 39.17
CA VAL B 110 -47.13 52.21 42.91
CA ALA B 111 -43.76 53.17 44.26
CA ALA B 112 -42.67 52.04 47.69
CA PRO B 113 -41.09 54.62 49.93
CA SER B 114 -37.48 54.91 51.10
CA VAL B 115 -37.67 55.36 54.89
CA PHE B 116 -35.21 57.31 57.03
CA ILE B 117 -35.23 58.18 60.73
CA PHE B 118 -33.27 61.02 62.40
CA PRO B 119 -32.48 61.43 66.15
CA PRO B 120 -32.70 64.87 67.96
CA SER B 121 -29.60 66.97 67.40
CA ASP B 122 -27.40 67.91 70.34
CA GLU B 123 -28.12 71.58 70.43
CA GLN B 124 -31.77 70.81 70.22
CA LEU B 125 -31.66 68.69 73.44
CA LYS B 126 -29.75 71.72 74.93
CA SER B 127 -33.07 73.71 74.65
CA GLY B 128 -34.95 71.06 76.63
CA THR B 129 -36.88 69.56 73.54
CA ALA B 130 -36.36 66.62 71.24
CA SER B 131 -37.82 66.25 67.72
CA VAL B 132 -37.47 62.83 66.07
CA VAL B 133 -38.14 62.82 62.28
CA CYS B 134 -39.13 59.87 60.08
CA LEU B 135 -38.90 60.45 56.29
CA LEU B 136 -40.77 58.45 53.65
CA ASN B 137 -39.24 59.54 50.34
CA ASN B 138 -40.73 59.24 46.90
CA PHE B 139 -43.78 57.10 46.86
CA TYR B 140 -47.08 56.62 45.01
CA PRO B 141 -50.13 56.52 45.92
CA ARG B 142 -50.16 59.20 48.66
CA GLU B 143 -51.78 57.05 51.36
CA ALA B 144 -49.28 55.65 53.90
CA LYS B 145 -49.38 55.09 57.69
CA VAL B 146 -46.55 56.04 60.11
CA GLN B 147 -46.63 54.62 63.62
CA TRP B 148 -44.21 55.64 66.35
CA LYS B 149 -43.21 53.18 69.06
CA VAL B 150 -40.93 54.23 71.94
CA ASP B 151 -39.74 51.24 74.07
CA ASN B 152 -41.20 48.82 71.60
CA ALA B 153 -45.04 48.69 71.40
CA LEU B 154 -45.52 51.76 73.61
CA GLN B 155 -46.70 53.30 70.42
CA SER B 156 -47.62 56.91 70.66
CA GLY B 157 -50.17 59.68 69.67
CA ASN B 158 -48.04 63.03 69.76
CA SER B 159 -46.72 63.42 66.16
CA GLN B 160 -47.41 65.75 63.23
CA GLU B 161 -47.15 65.02 59.48
CA SER B 162 -46.39 66.98 56.32
CA VAL B 163 -46.72 65.69 52.72
CA THR B 164 -45.27 67.48 49.74
CA GLU B 165 -47.32 68.11 46.52
CA GLN B 166 -46.85 65.78 43.52
CA ASP B 167 -43.47 66.03 41.87
CA SER B 168 -43.70 67.28 38.26
CA LYS B 169 -40.99 64.89 37.13
CA ASP B 170 -41.93 61.47 38.61
CA SER B 171 -45.39 62.02 40.20
CA THR B 172 -44.44 60.96 43.73
CA TYR B 173 -45.01 62.38 47.21
CA SER B 174 -42.64 62.49 50.17
CA LEU B 175 -43.80 62.71 53.81
CA SER B 176 -42.32 63.60 57.24
CA SER B 177 -43.59 62.67 60.64
CA THR B 178 -42.13 64.61 63.58
CA LEU B 179 -42.47 63.18 67.04
CA THR B 180 -41.85 65.84 69.68
CA LEU B 181 -41.13 65.13 73.31
CA SER B 182 -39.33 67.00 76.08
CA LYS B 183 -35.55 66.35 76.79
CA ALA B 184 -36.63 64.53 80.00
CA ASP B 185 -39.18 62.36 78.19
CA TYR B 186 -36.66 61.43 75.55
CA GLU B 187 -34.02 60.73 78.30
CA LYS B 188 -36.05 57.94 79.74
CA HIS B 189 -36.64 55.70 76.78
CA LYS B 190 -34.08 53.97 74.54
CA VAL B 191 -35.62 52.32 71.38
CA TYR B 192 -37.27 54.90 69.11
CA ALA B 193 -38.94 53.46 66.00
CA CYS B 194 -40.90 54.51 62.92
CA GLU B 195 -43.13 51.78 61.40
CA VAL B 196 -44.42 52.34 57.85
CA THR B 197 -47.31 50.82 55.96
CA HIS B 198 -47.84 51.56 52.27
CA GLN B 199 -49.12 49.51 49.27
CA GLY B 200 -45.72 49.10 47.51
CA LEU B 201 -44.03 47.43 50.48
CA SER B 202 -44.45 43.66 51.06
CA SER B 203 -44.16 44.04 54.83
CA PRO B 204 -44.42 47.04 57.26
CA VAL B 205 -41.00 48.70 57.48
CA THR B 206 -39.34 49.78 60.76
CA LYS B 207 -36.40 52.16 61.20
CA SER B 208 -35.23 52.35 64.80
CA PHE B 209 -32.34 53.76 66.77
CA ASN B 210 -31.07 53.47 70.29
CA ARG B 211 -30.77 56.59 72.48
CA GLY B 212 -26.95 56.73 72.76
CA GLU B 213 -25.85 56.87 69.03
CA CYS B 214 -22.17 56.89 67.79
CA GLN C 1 -83.95 78.71 -33.88
CA VAL C 2 -85.11 79.84 -37.37
CA LYS C 3 -82.75 82.59 -36.26
CA LEU C 4 -83.22 83.90 -32.64
CA LEU C 5 -84.34 87.48 -33.38
CA GLU C 6 -85.57 87.74 -37.05
CA GLN C 7 -86.77 90.81 -38.93
CA SER C 8 -89.18 91.64 -41.81
CA GLY C 9 -87.30 92.37 -45.10
CA ALA C 10 -86.85 95.62 -46.96
CA GLU C 11 -88.60 98.24 -48.10
CA VAL C 12 -88.97 101.26 -50.26
CA LYS C 13 -91.32 103.95 -48.99
CA LYS C 14 -92.17 107.32 -50.57
CA PRO C 15 -91.12 110.49 -48.58
CA GLY C 16 -94.04 111.38 -46.22
CA ALA C 17 -95.16 107.74 -45.79
CA SER C 18 -94.80 105.47 -42.73
CA VAL C 19 -92.88 102.16 -42.41
CA LYS C 20 -93.56 99.31 -39.96
CA VAL C 21 -90.63 96.97 -39.19
CA SER C 22 -91.20 93.72 -37.21
CA CYS C 23 -88.88 91.59 -35.09
CA LYS C 24 -89.98 88.01 -34.20
CA ALA C 25 -88.23 86.42 -31.14
CA SER C 26 -87.77 82.58 -31.24
CA GLY C 27 -86.07 80.15 -28.76
CA TYR C 28 -86.07 82.32 -25.57
CA SER C 29 -88.93 83.52 -23.25
CA PHE C 30 -90.11 86.72 -25.08
CA THR C 31 -91.71 88.53 -22.03
CA SER C 32 -88.56 88.17 -19.80
CA TYR C 33 -86.43 90.70 -21.82
CA GLY C 34 -86.67 94.14 -23.41
CA LEU C 35 -85.91 94.86 -27.10
CA HIS C 36 -83.89 97.87 -28.27
CA TRP C 37 -84.24 99.49 -31.78
CA VAL C 38 -81.09 100.89 -33.46
CA ARG C 39 -80.46 102.24 -36.98
CA GLN C 40 -77.38 102.71 -39.20
CA ALA C 41 -77.60 105.25 -42.06
CA PRO C 42 -75.08 104.65 -44.93
CA GLY C 43 -71.47 105.47 -43.86
CA GLN C 44 -72.66 106.54 -40.40
CA ARG C 45 -72.49 105.36 -36.81
CA LEU C 46 -75.25 103.33 -35.13
CA GLU C 47 -78.00 105.50 -33.61
CA TRP C 48 -80.19 104.29 -30.72
CA MET C 49 -83.93 105.00 -31.38
CA GLY C 50 -85.86 103.36 -28.49
CA TRP C 51 -86.65 100.32 -26.30
CA ILE C 52 -89.78 98.28 -25.41
CA SER C 53 -90.30 95.95 -22.39
CA ALA C 54 -91.98 92.77 -23.86
CA GLY C 55 -93.61 92.02 -20.44
CA THR C 56 -95.29 95.42 -19.65
CA GLY C 57 -95.40 97.06 -23.15
CA ASN C 58 -93.60 100.14 -21.64
CA THR C 59 -91.66 102.38 -23.91
CA LYS C 60 -88.56 104.58 -23.91
CA TYR C 61 -87.26 106.53 -26.90
CA SER C 62 -84.73 109.01 -28.24
CA GLN C 63 -86.16 112.57 -28.33
CA LYS C 64 -84.55 112.89 -31.84
CA PHE C 65 -87.65 110.80 -32.96
CA ARG C 66 -90.15 112.69 -30.67
CA GLY C 67 -93.67 112.55 -32.14
CA ARG C 68 -92.90 110.15 -35.07
CA VAL C 69 -91.73 106.76 -33.61
CA THR C 70 -94.07 104.08 -32.05
CA PHE C 71 -93.11 100.74 -30.37
CA THR C 72 -95.61 97.85 -30.03
CA ARG C 73 -95.34 94.14 -29.04
CA ASP C 74 -97.73 91.28 -29.89
CA THR C 75 -97.01 89.08 -26.86
CA SER C 76 -98.95 86.03 -28.29
CA ALA C 77 -97.14 86.08 -31.73
CA THR C 78 -93.89 86.94 -29.86
CA THR C 79 -93.16 89.85 -32.24
CA ALA C 80 -92.19 93.48 -31.52
CA TYR C 81 -92.70 96.31 -34.06
CA MET C 82 -91.42 99.80 -34.61
CA GLY C 83 -93.52 102.29 -36.59
CA LEU C 84 -91.68 105.30 -38.13
CA SER C 85 -93.93 108.08 -39.55
CA SER C 86 -93.31 111.14 -41.81
CA LEU C 87 -90.43 109.47 -43.68
CA ARG C 88 -87.68 111.76 -45.00
CA PRO C 89 -84.86 110.70 -47.44
CA GLU C 90 -82.37 110.69 -44.47
CA ASP C 91 -84.37 107.80 -42.84
CA THR C 92 -82.76 105.51 -45.53
CA ALA C 93 -80.90 103.18 -43.15
CA VAL C 94 -80.68 99.60 -41.84
CA TYR C 95 -83.06 99.16 -38.83
CA TYR C 96 -81.98 96.57 -36.26
CA CYS C 97 -83.81 95.24 -33.26
CA ALA C 98 -81.41 93.99 -30.53
CA ARG C 99 -82.01 92.28 -27.18
CA ASP C 100 -81.68 93.86 -23.70
CA PRO C 101 -80.27 90.89 -21.62
CA TYR C 102 -81.81 92.25 -18.34
CA GLY C 103 -85.23 93.85 -19.21
CA GLY C 104 -84.37 97.27 -17.63
CA GLY C 105 -83.81 99.53 -20.71
CA LYS C 106 -80.16 100.55 -20.23
CA SER C 107 -77.84 97.75 -21.31
CA GLU C 108 -75.35 96.41 -23.85
CA PHE C 109 -77.21 94.38 -26.58
CA ASP C 110 -76.33 90.62 -26.64
CA TYR C 111 -78.45 89.35 -29.67
CA TRP C 112 -79.12 91.41 -32.79
CA GLY C 113 -81.69 90.90 -35.53
CA GLN C 114 -80.30 90.86 -39.11
CA GLY C 115 -81.47 94.36 -40.17
CA THR C 116 -84.12 95.64 -42.61
CA LEU C 117 -83.06 98.30 -45.06
CA VAL C 118 -85.79 100.94 -45.51
CA THR C 119 -85.09 103.14 -48.52
CA VAL C 120 -87.06 106.43 -48.72
CA SER C 121 -87.55 107.40 -52.43
CA SER C 122 -89.81 108.74 -55.25
CA ALA C 123 -87.17 108.22 -58.06
CA SER C 124 -89.14 105.17 -59.08
CA PRO C 125 -88.56 101.59 -57.71
CA THR C 126 -87.27 99.20 -60.48
CA SER C 127 -86.70 95.40 -60.18
CA PRO C 128 -83.33 93.89 -61.36
CA LYS C 129 -82.99 92.12 -64.74
CA VAL C 130 -80.63 89.15 -64.28
CA PHE C 131 -78.28 88.19 -67.17
CA PRO C 132 -75.84 85.23 -67.49
CA LEU C 133 -72.07 85.80 -67.70
CA SER C 134 -70.58 82.66 -69.37
CA LEU C 135 -67.79 81.80 -71.88
CA CYS C 136 -67.74 78.99 -74.52
CA SER C 137 -63.97 78.23 -75.16
CA THR C 138 -62.95 81.89 -74.34
CA GLN C 139 -61.79 81.12 -70.71
CA PRO C 140 -58.31 79.57 -69.94
CA ASP C 141 -58.06 75.68 -69.92
CA GLY C 142 -58.23 74.62 -66.19
CA ASN C 143 -60.52 76.96 -64.15
CA VAL C 144 -64.05 78.29 -64.95
CA VAL C 145 -65.51 81.77 -64.14
CA ILE C 146 -69.29 82.16 -64.52
CA ALA C 147 -71.44 84.98 -63.17
CA CYS C 148 -74.83 86.75 -62.97
CA LEU C 149 -75.16 90.46 -63.87
CA VAL C 150 -77.99 91.89 -61.61
CA GLN C 151 -78.83 94.98 -63.70
CA GLY C 152 -80.89 98.21 -63.50
CA PHE C 153 -82.50 98.16 -60.04
CA PHE C 154 -83.56 100.87 -57.53
CA PRO C 155 -83.30 101.30 -54.65
CA GLN C 156 -80.08 99.43 -53.52
CA GLU C 157 -81.69 97.33 -50.64
CA PRO C 158 -80.24 93.96 -49.34
CA LEU C 159 -79.43 91.67 -52.31
CA SER C 160 -79.11 87.96 -51.30
CA VAL C 161 -77.13 86.06 -54.00
CA THR C 162 -76.68 82.29 -53.54
CA TRP C 163 -75.20 79.77 -56.08
CA SER C 164 -76.35 76.07 -56.51
CA GLU C 165 -72.75 74.67 -56.19
CA SER C 166 -70.63 75.08 -52.96
CA GLY C 167 -67.24 73.50 -51.97
CA GLN C 168 -63.52 73.89 -50.98
CA GLY C 169 -62.17 75.28 -54.32
CA VAL C 170 -65.44 77.02 -55.45
CA THR C 171 -65.14 80.78 -54.62
CA ALA C 172 -68.13 83.19 -54.69
CA ARG C 173 -67.46 86.96 -55.06
CA ASN C 174 -70.44 89.31 -54.55
CA PHE C 175 -69.42 92.76 -55.99
CA PRO C 176 -71.01 95.77 -54.07
CA PRO C 177 -73.74 97.86 -55.89
CA SER C 178 -72.40 100.52 -58.32
CA GLN C 179 -74.65 103.52 -59.13
CA ASP C 180 -75.15 104.83 -62.75
CA ALA C 181 -75.25 108.73 -62.95
CA SER C 182 -77.39 110.77 -60.42
CA GLY C 183 -79.28 107.95 -58.58
CA ASP C 184 -80.79 106.57 -61.87
CA LEU C 185 -80.07 102.77 -61.67
CA TYR C 186 -77.84 100.41 -59.55
CA THR C 187 -75.95 97.35 -61.02
CA THR C 188 -74.17 94.50 -59.08
CA SER C 189 -72.35 91.39 -60.42
CA SER C 190 -72.07 88.00 -58.57
CA GLN C 191 -69.14 85.77 -59.75
CA LEU C 192 -68.54 82.00 -59.14
CA THR C 193 -64.91 80.80 -59.77
CA LEU C 194 -64.62 76.92 -59.73
CA PRO C 195 -62.30 74.19 -61.27
CA ALA C 196 -63.15 73.11 -64.90
CA THR C 197 -63.56 69.44 -63.69
CA GLN C 198 -66.39 70.75 -61.35
CA CYS C 199 -68.09 72.77 -64.19
CA LEU C 200 -68.01 70.59 -67.38
CA ALA C 201 -69.34 71.61 -70.89
CA GLY C 202 -73.15 71.05 -71.27
CA LYS C 203 -73.75 71.42 -67.46
CA SER C 204 -75.12 74.54 -65.61
CA VAL C 205 -74.98 76.25 -62.14
CA THR C 206 -78.06 78.15 -60.81
CA CYS C 207 -77.71 81.68 -59.37
CA HIS C 208 -80.54 82.58 -56.87
CA VAL C 209 -81.09 86.36 -56.43
CA LYS C 210 -83.35 87.81 -53.68
CA HIS C 211 -83.93 91.61 -53.86
CA TYR C 212 -85.52 92.78 -50.42
CA THR C 213 -88.65 90.77 -49.38
CA ASN C 214 -89.53 90.08 -53.07
CA PRO C 215 -89.74 86.48 -54.52
CA SER C 216 -86.41 84.80 -55.54
CA GLN C 217 -85.29 85.32 -59.20
CA ASP C 218 -83.40 82.23 -60.48
CA VAL C 219 -81.08 81.95 -63.55
CA THR C 220 -79.46 78.76 -64.88
CA VAL C 221 -75.91 79.84 -65.97
CA PRO C 222 -73.91 77.49 -68.36
CA CYS C 223 -72.71 77.18 -66.87
CA PRO C 224 -71.50 76.88 -65.38
CA VAL C 225 -68.29 75.30 -63.52
CA PRO C 226 -67.53 75.55 -59.55
CA SER C 227 -64.23 74.54 -57.52
CA THR C 228 -62.32 75.24 -53.96
CA PRO C 229 -58.69 74.42 -52.35
CA PRO C 230 -58.23 73.08 -48.53
CA THR C 231 -55.24 73.64 -46.07
CA PRO C 232 -54.44 71.97 -42.45
CA SER C 233 -54.33 73.07 -38.69
CA PRO C 234 -52.42 71.99 -35.31
CA SER C 235 -52.33 69.66 -31.94
CA THR C 236 -49.88 68.32 -29.11
CA PRO C 237 -49.84 64.80 -27.13
CA PRO C 238 -48.18 64.18 -23.61
CA THR C 239 -45.58 61.64 -21.85
CA PRO C 240 -46.36 58.82 -18.87
CA SER C 241 -45.22 57.67 -15.11
CA PRO C 242 -41.79 55.89 -14.84
CA SER C 243 -39.45 55.24 -11.38
CA CYS C 244 -37.96 51.90 -9.52
CA CYS C 245 -35.25 51.22 -6.53
CA HIS C 246 -33.75 47.89 -4.93
CA PRO C 247 -31.16 46.99 -2.08
CA ARG C 248 -28.83 44.28 -3.60
CA LEU C 249 -25.31 43.40 -2.17
CA SER C 250 -22.81 41.97 -4.76
CA LEU C 251 -19.14 40.82 -4.39
CA HIS C 252 -17.02 40.88 -7.62
CA ARG C 253 -13.79 38.74 -7.22
CA PRO C 254 -10.19 39.71 -8.35
CA ALA C 255 -9.11 38.70 -11.96
CA LEU C 256 -6.72 35.67 -12.43
CA GLU C 257 -4.22 37.29 -14.91
CA ASP C 258 -3.69 40.53 -12.81
CA LEU C 259 -3.20 38.70 -9.43
CA LEU C 260 -0.67 36.23 -11.03
CA LEU C 261 1.31 38.80 -13.16
CA GLY C 262 2.59 41.37 -10.57
CA SER C 263 0.32 40.78 -7.44
CA GLU C 264 -2.59 43.08 -8.56
CA ALA C 265 -5.89 41.91 -6.93
CA ASN C 266 -8.91 43.95 -5.67
CA LEU C 267 -12.01 42.33 -4.11
CA THR C 268 -14.87 44.70 -4.92
CA CYS C 269 -18.01 45.27 -2.81
CA THR C 270 -21.08 46.78 -4.53
CA LEU C 271 -24.34 47.81 -2.71
CA THR C 272 -27.10 48.23 -5.34
CA GLY C 273 -30.70 49.12 -4.21
CA LEU C 274 -30.22 51.59 -1.26
CA ARG C 275 -33.36 53.90 -1.59
CA ASP C 276 -33.57 57.78 -1.15
CA ALA C 277 -31.87 59.85 1.72
CA SER C 278 -29.27 57.22 2.65
CA GLY C 279 -25.63 56.09 3.38
CA VAL C 280 -23.75 52.71 3.62
CA THR C 281 -21.13 51.72 6.29
CA PHE C 282 -18.56 49.09 5.22
CA THR C 283 -16.62 46.59 7.47
CA TRP C 284 -13.88 44.60 5.57
CA THR C 285 -11.67 41.82 7.12
CA PRO C 286 -7.88 42.56 6.64
CA SER C 287 -5.70 40.49 4.19
CA SER C 288 -3.12 38.03 5.74
CA GLY C 289 -0.14 40.48 6.22
CA LYS C 290 -2.22 42.79 8.56
CA SER C 291 -3.66 44.98 5.70
CA ALA C 292 -7.13 46.70 5.47
CA VAL C 293 -7.42 49.64 2.95
CA GLN C 294 -10.78 50.94 1.45
CA GLY C 295 -12.29 53.76 -0.80
CA PRO C 296 -16.16 54.07 -0.82
CA PRO C 297 -17.97 56.60 -3.19
CA GLU C 298 -21.83 56.89 -3.50
CA ARG C 299 -23.01 56.63 -7.15
CA ASP C 300 -26.72 57.08 -8.19
CA LEU C 301 -27.33 54.24 -10.78
CA CYS C 302 -30.78 53.88 -12.58
CA GLY C 303 -32.29 56.36 -10.06
CA CYS C 304 -30.85 55.14 -6.66
CA TYR C 305 -27.53 55.13 -4.60
CA SER C 306 -24.75 52.44 -4.85
CA VAL C 307 -21.87 52.39 -2.24
CA SER C 308 -19.08 50.62 -4.15
CA SER C 309 -16.04 50.08 -1.92
CA VAL C 310 -12.78 48.28 -2.96
CA LEU C 311 -10.16 46.39 -0.87
CA PRO C 312 -6.69 46.06 -2.61
CA GLY C 313 -5.03 42.62 -2.00
CA CYS C 314 -1.75 40.70 -2.49
CA ALA C 315 -1.27 37.34 -4.37
CA GLU C 316 -0.26 35.27 -1.22
CA PRO C 317 -3.62 35.56 0.77
CA TRP C 318 -5.60 34.63 -2.44
CA ASN C 319 -3.20 31.70 -3.42
CA HIS C 320 -2.76 30.23 0.16
CA GLY C 321 -6.47 30.45 1.33
CA LYS C 322 -7.90 33.66 2.93
CA THR C 323 -11.65 34.50 3.54
CA PHE C 324 -12.56 38.11 2.55
CA THR C 325 -15.69 39.39 4.33
CA CYS C 326 -17.50 42.59 3.27
CA THR C 327 -20.03 43.36 6.04
CA ALA C 328 -22.27 46.33 5.25
CA ALA C 329 -24.56 48.11 7.84
CA TYR C 330 -27.59 50.44 7.04
CA PRO C 331 -30.64 51.32 9.35
CA GLU C 332 -33.39 50.23 6.83
CA SER C 333 -31.49 46.85 6.42
CA LYS C 334 -32.46 45.34 9.87
CA THR C 335 -29.81 42.54 9.51
CA PRO C 336 -26.38 44.04 8.42
CA LEU C 337 -25.34 42.05 5.27
CA THR C 338 -22.19 39.95 5.42
CA ALA C 339 -20.73 38.48 2.14
CA THR C 340 -17.52 36.35 2.34
CA LEU C 341 -15.25 35.25 -0.53
CA SER C 342 -12.08 33.01 -0.93
CA LYS C 343 -10.36 30.31 -3.14
CA SER C 344 -12.15 27.04 -4.25
CA GLY C 345 -12.17 23.35 -3.08
CA ASN C 346 -9.62 20.69 -1.90
CA THR C 347 -6.21 20.37 -3.76
CA PHE C 348 -4.98 17.72 -6.34
CA ARG C 349 -1.40 17.32 -7.84
CA PRO C 350 -1.21 18.05 -11.66
CA GLU C 351 -0.06 15.13 -13.84
CA VAL C 352 2.20 16.72 -16.57
CA HIS C 353 2.82 14.61 -19.75
CA LEU C 354 4.75 16.14 -22.72
CA LEU C 355 3.62 14.94 -26.19
CA PRO C 356 5.87 15.19 -29.33
CA PRO C 357 4.31 16.14 -32.74
CA PRO C 358 2.31 13.68 -34.90
CA SER C 359 4.17 12.00 -37.85
CA GLU C 360 1.89 13.83 -40.39
CA GLU C 361 2.72 17.32 -38.87
CA LEU C 362 6.41 16.71 -39.87
CA ALA C 363 5.13 17.11 -43.49
CA LEU C 364 4.53 20.76 -42.32
CA ASN C 365 7.40 23.35 -41.90
CA GLU C 366 7.25 26.76 -40.02
CA LEU C 367 5.57 25.47 -36.78
CA VAL C 368 5.94 22.01 -35.08
CA THR C 369 3.25 21.47 -32.50
CA LEU C 370 4.87 20.59 -29.10
CA THR C 371 2.06 19.74 -26.66
CA CYS C 372 2.02 19.37 -22.85
CA LEU C 373 -1.08 17.96 -21.09
CA ALA C 374 -1.62 19.08 -17.45
CA ARG C 375 -4.46 16.85 -16.10
CA GLY C 376 -6.23 15.83 -12.85
CA PHE C 377 -5.42 19.14 -11.05
CA SER C 378 -7.45 21.26 -8.52
CA PRO C 379 -8.14 24.03 -7.91
CA LYS C 380 -8.11 25.47 -11.51
CA ASP C 381 -5.43 27.91 -10.38
CA VAL C 382 -2.24 27.06 -12.39
CA LEU C 383 0.64 28.65 -14.43
CA VAL C 384 2.17 26.85 -17.41
CA ARG C 385 5.24 28.22 -19.32
CA TRP C 386 7.71 26.86 -21.93
CA LEU C 387 11.54 26.97 -22.05
CA GLN C 388 14.18 26.36 -24.76
CA GLY C 389 17.20 24.19 -23.67
CA SER C 390 19.26 25.08 -26.83
CA GLN C 391 19.51 28.86 -25.98
CA GLU C 392 18.94 28.61 -22.14
CA LEU C 393 15.95 31.02 -22.51
CA PRO C 394 12.12 31.23 -22.14
CA ARG C 395 10.08 30.73 -25.36
CA GLU C 396 7.57 32.96 -27.21
CA LYS C 397 5.35 31.08 -29.70
CA TYR C 398 3.07 29.22 -27.26
CA LEU C 399 -0.66 29.28 -26.39
CA THR C 400 -2.52 27.67 -23.38
CA TRP C 401 -6.28 26.75 -23.47
CA ALA C 402 -8.71 25.59 -20.62
CA SER C 403 -11.08 22.74 -19.43
CA ARG C 404 -12.86 22.41 -15.99
CA GLN C 405 -14.27 18.81 -15.84
CA GLU C 406 -17.70 18.43 -14.05
CA PRO C 407 -20.40 15.80 -15.01
CA SER C 408 -23.41 14.55 -12.88
CA GLN C 409 -21.10 12.39 -10.63
CA GLY C 410 -18.62 13.21 -7.79
CA THR C 411 -15.67 13.34 -10.30
CA THR C 412 -14.58 17.05 -10.68
CA THR C 413 -10.89 18.08 -11.47
CA PHE C 414 -9.36 20.20 -14.37
CA ALA C 415 -7.31 19.59 -17.55
CA VAL C 416 -5.45 21.96 -19.95
CA THR C 417 -3.28 21.52 -23.06
CA SER C 418 -0.44 23.99 -23.83
CA ILE C 419 0.82 24.33 -27.44
CA LEU C 420 4.45 25.44 -28.20
CA ARG C 421 4.91 25.92 -31.95
CA VAL C 422 8.55 25.53 -33.29
CA ALA C 423 10.42 25.35 -36.64
CA ALA C 424 10.57 21.67 -37.89
CA GLU C 425 14.42 22.00 -38.06
CA ASP C 426 15.15 22.88 -34.33
CA TRP C 427 13.16 19.83 -33.09
CA LYS C 428 15.28 17.68 -35.56
CA LYS C 429 18.51 19.51 -34.45
CA GLY C 430 17.85 17.58 -31.17
CA ASP C 431 16.69 20.51 -29.01
CA THR C 432 15.19 19.94 -25.54
CA PHE C 433 12.02 22.00 -24.85
CA SER C 434 10.50 21.94 -21.33
CA CYS C 435 6.97 22.65 -20.11
CA MET C 436 7.11 24.20 -16.58
CA VAL C 437 3.91 23.85 -14.47
CA GLY C 438 3.34 25.81 -11.21
CA HIS C 439 0.49 24.73 -8.93
CA GLU C 440 -0.56 24.76 -5.18
CA ALA C 441 -0.18 20.91 -4.89
CA LEU C 442 3.22 20.50 -6.70
CA PRO C 443 6.26 19.45 -4.51
CA LEU C 444 8.15 22.81 -4.59
CA ALA C 445 5.08 24.56 -6.16
CA PHE C 446 6.93 23.81 -9.43
CA THR C 447 7.51 20.83 -11.77
CA GLN C 448 9.05 20.73 -15.26
CA LYS C 449 8.66 17.88 -17.83
CA THR C 450 10.95 17.81 -20.93
CA ILE C 451 10.57 17.00 -24.71
CA ASP C 452 13.31 16.26 -27.30
CA ARG C 453 13.73 14.35 -30.65
CA LEU C 454 15.89 11.86 -28.57
CA ALA C 455 14.13 8.69 -27.24
CA GLY C 456 16.13 6.16 -25.11
CA LYS C 457 13.94 3.12 -24.25
CA PRO C 458 15.06 2.21 -20.68
CA THR C 459 12.46 4.16 -20.59
CA HIS C 460 11.26 7.83 -20.13
CA VAL C 461 13.89 9.49 -17.76
CA ASN C 462 14.79 13.22 -17.07
CA VAL C 463 17.83 15.72 -17.19
CA SER C 464 20.58 15.87 -14.44
CA VAL C 465 20.94 18.23 -11.32
CA VAL C 466 21.71 21.79 -12.67
CA MET C 467 22.78 24.14 -9.77
CA ALA C 468 23.91 23.69 -6.07
CA GLU C 469 24.05 25.35 -3.36
CA VAL C 470 22.89 29.11 -3.32
CA ASP C 471 19.23 28.30 -2.34
CA GLY C 472 17.79 31.83 -1.57
CA THR C 473 17.81 31.63 2.29
CA CYS C 474 21.57 30.73 2.45
CA TYR C 475 22.80 33.02 -0.48
CA GLN D 1 -35.05 91.58 34.04
CA VAL D 2 -34.39 91.30 37.81
CA LYS D 3 -37.81 89.71 37.36
CA LEU D 4 -40.32 91.68 35.15
CA LEU D 5 -42.94 92.57 37.78
CA GLU D 6 -41.42 92.23 41.33
CA GLN D 7 -43.12 92.72 44.69
CA SER D 8 -42.15 93.81 48.25
CA GLY D 9 -41.90 90.81 50.66
CA ALA D 10 -44.13 89.80 53.53
CA GLU D 11 -45.60 91.07 56.25
CA VAL D 12 -47.34 90.69 59.54
CA LYS D 13 -49.69 93.49 60.52
CA LYS D 14 -51.86 93.79 63.66
CA PRO D 15 -55.71 93.79 63.12
CA GLY D 16 -56.80 97.45 62.57
CA ALA D 17 -53.47 98.48 60.93
CA SER D 18 -52.78 99.26 57.25
CA VAL D 19 -50.40 97.47 54.82
CA LYS D 20 -48.71 98.95 51.72
CA VAL D 21 -47.61 96.46 49.03
CA SER D 22 -45.38 97.61 46.11
CA CYS D 23 -44.89 96.24 42.60
CA LYS D 24 -41.81 97.42 40.60
CA ALA D 25 -42.04 96.98 36.78
CA SER D 26 -38.69 96.33 34.93
CA GLY D 27 -37.92 95.65 31.20
CA TYR D 28 -41.13 97.05 29.57
CA SER D 29 -42.48 100.66 29.18
CA PHE D 30 -44.31 101.16 32.56
CA THR D 31 -46.78 103.94 31.42
CA SER D 32 -48.07 101.94 28.36
CA TYR D 33 -49.99 99.31 30.46
CA GLY D 34 -52.35 99.05 33.43
CA LEU D 35 -51.66 96.91 36.54
CA HIS D 36 -54.32 94.74 38.20
CA TRP D 37 -54.27 93.74 41.94
CA VAL D 38 -55.54 90.24 42.91
CA ARG D 39 -55.47 88.31 46.21
CA GLN D 40 -55.69 84.64 47.21
CA ALA D 41 -56.74 83.81 50.80
CA PRO D 42 -55.62 80.31 52.03
CA GLY D 43 -57.60 77.49 50.31
CA GLN D 44 -59.67 80.02 48.36
CA ARG D 45 -60.10 81.25 44.80
CA LEU D 46 -58.36 84.36 43.43
CA GLU D 47 -60.28 87.59 44.10
CA TRP D 48 -59.87 90.69 41.91
CA MET D 49 -59.38 93.89 44.04
CA GLY D 50 -58.66 96.72 41.56
CA TRP D 51 -56.66 98.18 38.64
CA ILE D 52 -54.51 101.30 38.03
CA SER D 53 -53.54 102.88 34.65
CA ALA D 54 -49.75 103.65 34.95
CA GLY D 55 -50.09 106.48 32.36
CA THR D 56 -53.04 108.51 33.84
CA GLY D 57 -53.06 107.28 37.49
CA ASN D 58 -56.81 106.40 37.07
CA THR D 59 -58.32 103.84 39.31
CA LYS D 60 -60.97 101.10 39.27
CA TYR D 61 -61.80 98.81 42.17
CA SER D 62 -64.03 96.07 43.56
CA GLN D 63 -66.82 97.51 45.76
CA LYS D 64 -66.06 94.65 48.25
CA PHE D 65 -63.06 96.93 49.25
CA ARG D 66 -65.09 100.23 49.08
CA GLY D 67 -63.59 102.85 51.41
CA ARG D 68 -60.44 100.85 52.46
CA VAL D 69 -58.30 100.20 49.31
CA THR D 70 -56.01 102.84 47.60
CA PHE D 71 -53.93 102.46 44.35
CA THR D 72 -50.96 104.74 43.59
CA ARG D 73 -48.12 104.70 40.99
CA ASP D 74 -44.70 106.40 41.18
CA THR D 75 -44.14 106.86 37.44
CA SER D 76 -40.41 107.90 37.86
CA ALA D 77 -39.48 104.87 40.11
CA THR D 78 -41.73 102.69 37.86
CA THR D 79 -43.51 101.21 40.91
CA ALA D 80 -47.24 100.79 41.65
CA TYR D 81 -48.62 100.38 45.22
CA MET D 82 -51.79 99.15 46.83
CA GLY D 83 -52.72 100.41 50.31
CA LEU D 84 -55.18 98.25 52.34
CA SER D 85 -56.57 99.87 55.55
CA SER D 86 -58.51 98.54 58.59
CA LEU D 87 -56.94 95.08 58.39
CA ARG D 88 -59.06 92.15 59.60
CA PRO D 89 -57.76 88.53 60.18
CA GLU D 90 -59.51 87.47 56.87
CA ASP D 91 -57.16 89.80 54.90
CA THR D 92 -54.42 87.13 55.51
CA ALA D 93 -53.72 86.27 51.85
CA VAL D 94 -51.12 86.41 49.06
CA TYR D 95 -51.41 89.78 47.19
CA TYR D 96 -50.39 89.71 43.53
CA CYS D 97 -50.01 92.52 41.06
CA ALA D 98 -50.53 91.37 37.44
CA ARG D 99 -50.23 93.19 34.10
CA ASP D 100 -53.11 94.37 31.86
CA PRO D 101 -51.63 93.77 28.30
CA TYR D 102 -53.80 96.56 26.75
CA GLY D 103 -54.10 99.41 29.36
CA GLY D 104 -57.97 99.43 29.34
CA GLY D 105 -58.85 97.79 32.73
CA LYS D 106 -60.79 94.71 31.55
CA SER D 107 -58.39 92.01 30.39
CA GLU D 108 -56.74 88.64 31.01
CA PHE D 109 -53.42 89.15 32.95
CA ASP D 110 -50.25 88.13 30.99
CA TYR D 111 -47.45 88.78 33.60
CA TRP D 112 -47.86 88.24 37.34
CA GLY D 113 -45.71 89.46 40.21
CA GLN D 114 -44.55 86.75 42.68
CA GLY D 115 -46.97 87.55 45.55
CA THR D 116 -46.52 89.06 49.03
CA LEU D 117 -48.13 87.23 51.92
CA VAL D 118 -49.67 89.68 54.42
CA THR D 119 -50.58 87.94 57.66
CA VAL D 120 -52.96 89.83 59.99
CA SER D 121 -52.22 88.82 63.66
CA SER D 122 -51.77 89.82 67.36
CA ALA D 123 -50.77 86.25 68.53
CA SER D 124 -47.21 87.49 68.64
CA PRO D 125 -44.71 87.33 65.68
CA THR D 126 -41.77 84.92 66.42
CA SER D 127 -38.64 84.33 64.23
CA PRO D 128 -37.60 80.70 63.37
CA LYS D 129 -34.76 78.93 65.24
CA VAL D 130 -32.83 76.81 62.69
CA PHE D 131 -31.34 73.45 63.83
CA PRO D 132 -29.15 70.95 61.92
CA LEU D 133 -30.41 67.45 61.07
CA SER D 134 -27.29 65.26 60.50
CA LEU D 135 -26.15 61.64 61.23
CA CYS D 136 -22.61 60.41 62.09
CA SER D 137 -22.52 56.66 61.00
CA THR D 138 -26.33 56.24 61.67
CA GLN D 139 -27.38 56.60 57.94
CA PRO D 140 -27.08 53.66 55.41
CA ASP D 141 -23.71 53.24 53.52
CA GLY D 142 -24.22 54.85 50.03
CA ASN D 143 -26.60 57.88 50.20
CA VAL D 144 -26.66 60.85 52.66
CA VAL D 145 -29.76 62.68 54.08
CA ILE D 146 -29.10 66.01 55.85
CA ALA D 147 -31.65 68.65 56.77
CA CYS D 148 -32.55 71.92 58.55
CA LEU D 149 -35.39 72.04 61.11
CA VAL D 150 -36.93 75.61 60.87
CA GLN D 151 -38.64 75.70 64.28
CA GLY D 152 -41.12 77.81 66.29
CA PHE D 153 -42.10 80.67 63.97
CA PHE D 154 -45.28 82.79 63.51
CA PRO D 155 -46.88 83.74 61.25
CA GLN D 156 -46.40 81.16 58.38
CA GLU D 157 -45.34 83.68 55.58
CA PRO D 158 -43.19 82.71 52.48
CA LEU D 159 -40.15 80.67 53.60
CA SER D 160 -37.33 80.61 50.96
CA VAL D 161 -35.01 77.61 51.65
CA THR D 162 -31.96 77.18 49.39
CA TRP D 163 -29.03 74.69 49.81
CA SER D 164 -25.31 75.38 48.86
CA GLU D 165 -25.02 72.15 46.73
CA SER D 166 -27.16 71.53 43.55
CA GLY D 167 -26.92 68.76 40.87
CA GLN D 168 -28.51 65.78 38.99
CA GLY D 169 -28.70 63.26 41.91
CA VAL D 170 -29.05 65.90 44.74
CA THR D 171 -32.79 66.14 45.68
CA ALA D 172 -34.23 68.96 47.85
CA ARG D 173 -37.56 68.38 49.67
CA ASN D 174 -39.19 71.43 51.34
CA PHE D 175 -41.91 70.10 53.75
CA PRO D 176 -44.99 72.47 54.09
CA PRO D 177 -45.49 74.34 57.47
CA SER D 178 -47.17 72.26 60.23
CA GLN D 179 -49.00 74.14 63.04
CA ASP D 180 -48.59 73.20 66.79
CA ALA D 181 -51.95 73.40 68.77
CA SER D 182 -54.29 76.50 68.35
CA GLY D 183 -52.11 78.82 66.17
CA ASP D 184 -49.22 78.79 68.76
CA LEU D 185 -46.09 78.02 66.60
CA TYR D 186 -45.35 76.74 63.02
CA THR D 187 -42.47 74.26 62.20
CA THR D 188 -41.13 73.27 58.70
CA SER D 189 -38.23 70.92 57.76
CA SER D 190 -36.03 71.23 54.58
CA GLN D 191 -34.25 67.97 53.54
CA LEU D 192 -31.28 67.48 51.10
CA THR D 193 -30.79 63.85 49.85
CA LEU D 194 -27.43 63.41 47.93
CA PRO D 195 -24.91 60.53 47.16
CA ALA D 196 -22.30 59.79 49.95
CA THR D 197 -19.44 60.48 47.40
CA GLN D 198 -20.90 64.06 47.02
CA CYS D 199 -21.17 64.57 50.88
CA LEU D 200 -17.96 63.10 52.46
CA ALA D 201 -17.16 62.96 56.27
CA GLY D 202 -15.64 66.26 57.60
CA LYS D 203 -17.37 68.36 54.84
CA SER D 204 -20.58 70.52 55.22
CA VAL D 205 -23.53 71.87 53.10
CA THR D 206 -25.04 75.32 53.92
CA CYS D 207 -28.83 75.76 54.24
CA HIS D 208 -30.00 79.39 53.55
CA VAL D 209 -33.41 80.25 55.12
CA LYS D 210 -35.28 83.50 54.28
CA HIS D 211 -38.46 84.14 56.36
CA TYR D 212 -40.51 87.05 54.61
CA THR D 213 -38.45 90.23 53.89
CA ASN D 214 -36.16 89.50 56.91
CA PRO D 215 -32.33 88.93 56.52
CA SER D 216 -31.18 85.40 55.46
CA GLN D 217 -30.43 82.93 58.33
CA ASP D 218 -27.60 80.52 57.33
CA VAL D 219 -26.63 77.16 58.94
CA THR D 220 -23.63 74.98 58.01
CA VAL D 221 -24.91 71.36 58.37
CA PRO D 222 -22.36 68.43 58.56
CA CYS D 223 -22.96 67.92 56.79
CA PRO D 224 -23.57 67.40 55.02
CA VAL D 225 -23.64 65.15 51.69
CA PRO D 226 -25.64 66.08 48.28
CA SER D 227 -26.32 63.83 45.03
CA THR D 228 -28.80 63.56 41.79
CA PRO D 229 -29.54 60.85 38.86
CA PRO D 230 -30.01 61.92 34.96
CA THR D 231 -32.17 60.21 32.19
CA PRO D 232 -32.33 60.85 28.18
CA SER D 233 -34.84 62.33 25.56
CA PRO D 234 -35.68 61.90 21.64
CA SER D 235 -35.01 63.05 17.77
CA THR D 236 -35.51 61.89 14.00
CA PRO D 237 -33.19 62.49 10.74
CA PRO D 238 -34.44 62.37 7.01
CA THR D 239 -33.49 60.58 3.52
CA PRO D 240 -32.01 62.35 0.03
CA SER D 241 -32.77 62.78 -3.96
CA PRO D 242 -32.08 59.65 -6.17
CA SER D 243 -33.42 58.90 -10.11
CA CYS D 244 -31.56 58.12 -13.67
CA CYS D 245 -32.77 56.82 -17.35
CA HIS D 246 -30.81 55.93 -20.71
CA PRO D 247 -31.73 54.68 -24.34
CA ARG D 248 -29.26 51.80 -25.14
CA LEU D 249 -29.86 49.13 -27.89
CA SER D 250 -28.10 45.72 -27.28
CA LEU D 251 -28.07 42.46 -29.36
CA HIS D 252 -27.29 39.22 -27.40
CA ARG D 253 -26.30 36.33 -29.80
CA PRO D 254 -27.51 32.63 -29.65
CA ALA D 255 -25.41 30.13 -27.52
CA LEU D 256 -23.07 27.61 -29.35
CA GLU D 257 -24.08 24.40 -27.40
CA ASP D 258 -27.91 24.93 -27.81
CA LEU D 259 -27.77 25.77 -31.59
CA LEU D 260 -25.50 22.68 -32.28
CA LEU D 261 -27.37 20.14 -30.01
CA GLY D 262 -30.99 20.15 -31.39
CA SER D 263 -31.20 23.45 -33.46
CA GLU D 264 -32.14 25.76 -30.49
CA ALA D 265 -31.01 29.39 -31.25
CA ASN D 266 -32.65 32.75 -30.33
CA LEU D 267 -31.14 36.14 -31.30
CA THR D 268 -32.27 38.53 -28.57
CA CYS D 269 -32.91 42.29 -28.98
CA THR D 270 -32.85 44.47 -25.84
CA LEU D 271 -33.77 48.23 -25.75
CA THR D 272 -32.44 49.71 -22.46
CA GLY D 273 -32.88 53.50 -21.77
CA LEU D 274 -36.37 54.38 -23.20
CA ARG D 275 -37.57 57.24 -20.81
CA ASP D 276 -41.14 57.78 -19.31
CA ALA D 277 -44.52 57.49 -21.29
CA SER D 278 -43.15 55.36 -24.14
CA GLY D 279 -43.26 52.28 -26.50
CA VAL D 280 -40.80 50.49 -28.88
CA THR D 281 -41.59 49.13 -32.42
CA PHE D 282 -39.41 46.22 -33.63
CA THR D 283 -38.55 45.24 -37.27
CA TRP D 284 -36.63 41.87 -37.57
CA THR D 285 -35.30 40.35 -40.86
CA PRO D 286 -36.62 36.73 -41.41
CA SER D 287 -34.29 33.65 -41.09
CA SER D 288 -33.33 31.79 -44.37
CA GLY D 289 -36.37 29.38 -44.65
CA LYS D 290 -38.89 32.35 -44.79
CA SER D 291 -39.34 32.61 -40.95
CA ALA D 292 -39.98 35.77 -38.80
CA VAL D 293 -41.51 35.16 -35.27
CA GLN D 294 -41.30 37.69 -32.31
CA GLY D 295 -42.53 38.29 -28.66
CA PRO D 296 -41.93 41.83 -27.18
CA PRO D 297 -42.81 42.65 -23.47
CA GLU D 298 -42.05 46.07 -21.77
CA ARG D 299 -40.09 45.65 -18.49
CA ASP D 300 -39.23 48.64 -16.18
CA LEU D 301 -35.52 48.02 -15.16
CA CYS D 302 -33.70 50.41 -12.68
CA GLY D 303 -36.57 52.94 -13.09
CA CYS D 304 -37.19 52.94 -16.93
CA TYR D 305 -38.76 50.75 -19.74
CA SER D 306 -36.91 47.97 -21.72
CA VAL D 307 -38.56 46.40 -24.86
CA SER D 308 -36.86 42.99 -25.06
CA SER D 309 -37.97 41.08 -28.16
CA VAL D 310 -36.70 37.60 -29.24
CA LEU D 311 -36.46 35.95 -32.73
CA PRO D 312 -36.24 32.07 -32.61
CA GLY D 313 -33.82 30.64 -35.26
CA CYS D 314 -32.67 27.34 -36.85
CA ALA D 315 -29.04 25.98 -37.02
CA GLU D 316 -28.70 26.22 -40.91
CA PRO D 317 -29.01 30.12 -41.26
CA TRP D 318 -26.44 30.58 -38.39
CA ASN D 319 -23.99 27.85 -39.74
CA HIS D 320 -24.24 28.82 -43.51
CA GLY D 321 -24.06 32.69 -43.11
CA LYS D 322 -27.23 34.81 -42.46
CA THR D 323 -27.37 38.52 -41.31
CA PHE D 324 -29.96 39.13 -38.52
CA THR D 325 -31.11 42.77 -38.33
CA CYS D 326 -33.10 44.16 -35.37
CA THR D 327 -34.33 47.61 -36.44
CA ALA D 328 -36.14 49.49 -33.66
CA ALA D 329 -38.23 52.71 -34.19
CA TYR D 330 -39.30 55.27 -31.45
CA PRO D 331 -40.32 59.03 -31.90
CA GLU D 332 -37.71 60.48 -29.40
CA SER D 333 -34.98 58.42 -31.25
CA LYS D 334 -34.81 60.61 -34.47
CA THR D 335 -32.79 57.91 -36.35
CA PRO D 336 -34.45 54.41 -35.94
CA LEU D 337 -31.65 52.09 -34.61
CA THR D 338 -30.56 49.17 -36.77
CA ALA D 339 -28.27 46.44 -35.25
CA THR D 340 -27.20 43.49 -37.48
CA LEU D 341 -25.58 40.20 -36.40
CA SER D 342 -24.14 37.03 -38.18
CA LYS D 343 -21.25 34.42 -38.20
CA SER D 344 -17.50 35.45 -38.18
CA GLY D 345 -14.69 35.78 -40.83
CA ASN D 346 -13.39 33.78 -43.89
CA THR D 347 -13.13 29.90 -43.67
CA PHE D 348 -10.02 27.60 -43.19
CA ARG D 349 -9.87 23.72 -43.35
CA PRO D 350 -9.02 22.03 -39.94
CA GLU D 351 -5.81 19.93 -39.90
CA VAL D 352 -6.62 16.86 -37.70
CA HIS D 353 -3.61 14.89 -36.27
CA LEU D 354 -4.19 12.00 -33.78
CA LEU D 355 -1.48 11.57 -31.11
CA PRO D 356 -0.94 8.26 -29.18
CA PRO D 357 -0.05 8.35 -25.42
CA PRO D 358 3.46 9.18 -24.10
CA SER D 359 5.72 6.20 -23.10
CA GLU D 360 5.66 7.35 -19.39
CA GLU D 361 1.77 7.38 -19.31
CA LEU D 362 1.87 3.58 -20.02
CA ALA D 363 3.27 3.30 -16.43
CA LEU D 364 -0.31 4.51 -15.50
CA ASN D 365 -3.42 2.18 -15.62
CA GLU D 366 -7.16 3.25 -15.54
CA LEU D 367 -6.96 6.03 -18.22
CA VAL D 368 -4.67 6.21 -21.33
CA THR D 369 -4.61 9.68 -22.80
CA LEU D 370 -5.59 9.54 -26.53
CA THR D 371 -5.18 13.05 -27.99
CA CYS D 372 -6.39 14.61 -31.26
CA LEU D 373 -5.13 18.07 -32.31
CA ALA D 374 -7.48 20.10 -34.58
CA ARG D 375 -5.42 23.12 -35.77
CA GLY D 376 -5.43 26.01 -38.31
CA PHE D 377 -9.27 26.16 -38.52
CA SER D 378 -11.70 29.15 -38.94
CA PRO D 379 -14.25 30.16 -37.92
CA LYS D 380 -14.06 28.75 -34.32
CA ASP D 381 -17.30 26.89 -35.02
CA VAL D 382 -16.45 23.11 -34.84
CA LEU D 383 -17.70 19.73 -33.41
CA VAL D 384 -15.24 17.04 -32.31
CA ARG D 385 -16.39 13.54 -31.16
CA TRP D 386 -14.70 10.17 -30.47
CA LEU D 387 -15.61 6.61 -31.62
CA GLN D 388 -14.58 3.07 -30.57
CA GLY D 389 -13.78 0.66 -33.48
CA SER D 390 -13.75 -2.46 -31.19
CA GLN D 391 -17.51 -2.16 -30.22
CA GLU D 392 -18.72 -0.10 -33.29
CA LEU D 393 -20.02 2.60 -30.86
CA PRO D 394 -19.47 6.26 -29.78
CA ARG D 395 -17.26 6.80 -26.68
CA GLU D 396 -17.92 8.45 -23.28
CA LYS D 397 -14.74 9.38 -21.36
CA TYR D 398 -13.56 12.36 -23.45
CA LEU D 399 -13.12 16.11 -22.87
CA THR D 400 -12.49 18.95 -25.45
CA TRP D 401 -10.78 22.31 -24.54
CA ALA D 402 -10.35 25.62 -26.60
CA SER D 403 -7.76 28.13 -28.08
CA ARG D 404 -8.47 31.12 -30.46
CA GLN D 405 -5.01 32.29 -31.77
CA GLU D 406 -4.62 36.13 -32.24
CA PRO D 407 -1.29 38.07 -31.75
CA SER D 408 -0.36 41.62 -33.07
CA GLN D 409 0.13 40.31 -36.69
CA GLY D 410 -2.32 39.23 -39.48
CA THR D 411 -2.09 35.53 -38.37
CA THR D 412 -5.47 34.56 -36.71
CA THR D 413 -6.92 30.93 -36.83
CA PHE D 414 -7.96 28.46 -33.98
CA ALA D 415 -6.60 25.28 -32.35
CA VAL D 416 -8.15 22.72 -29.91
CA THR D 417 -6.99 19.47 -28.30
CA SER D 418 -9.52 16.68 -27.49
CA ILE D 419 -8.64 14.10 -24.80
CA LEU D 420 -10.14 10.53 -24.90
CA ARG D 421 -9.16 8.61 -21.75
CA VAL D 422 -9.10 4.73 -22.05
CA ALA D 423 -8.01 1.65 -20.02
CA ALA D 424 -4.29 0.82 -20.76
CA GLU D 425 -5.38 -2.74 -21.77
CA ASP D 426 -7.83 -1.85 -24.67
CA TRP D 427 -5.18 0.31 -26.41
CA LYS D 428 -2.77 -2.72 -26.11
CA LYS D 429 -5.57 -5.13 -27.25
CA GLY D 430 -5.04 -3.30 -30.61
CA ASP D 431 -8.24 -1.22 -30.64
CA THR D 432 -8.81 1.52 -33.24
CA PHE D 433 -10.18 4.80 -31.78
CA SER D 434 -11.20 7.61 -34.19
CA CYS D 435 -11.53 11.37 -33.67
CA MET D 436 -14.37 12.74 -35.89
CA VAL D 437 -14.18 16.50 -36.70
CA GLY D 438 -17.10 18.43 -38.28
CA HIS D 439 -16.42 21.91 -39.68
CA GLU D 440 -17.72 24.38 -42.38
CA ALA D 441 -14.51 23.96 -44.54
CA LEU D 442 -14.21 20.10 -44.38
CA PRO D 443 -14.85 18.16 -47.70
CA LEU D 444 -18.23 16.56 -46.71
CA ALA D 445 -18.43 18.82 -43.58
CA PHE D 446 -16.87 15.77 -41.87
CA THR D 447 -13.42 14.16 -41.52
CA GLN D 448 -12.26 11.32 -39.23
CA LYS D 449 -8.61 10.49 -38.31
CA THR D 450 -7.82 7.16 -36.57
CA ILE D 451 -5.49 5.93 -33.72
CA ASP D 452 -4.41 2.34 -32.86
CA ARG D 453 -1.45 0.51 -31.14
CA LEU D 454 -0.59 -0.75 -34.73
CA ALA D 455 2.08 1.25 -36.69
CA GLY D 456 3.01 0.14 -40.28
CA LYS D 457 5.86 2.34 -41.65
CA PRO D 458 4.95 2.72 -45.37
CA THR D 459 3.79 5.23 -43.67
CA HIS D 460 0.63 6.69 -41.94
CA VAL D 461 -2.41 5.34 -44.01
CA ASN D 462 -6.19 4.97 -43.15
CA VAL D 463 -9.05 2.27 -42.93
CA SER D 464 -10.93 0.89 -46.05
CA VAL D 465 -14.36 1.94 -47.63
CA VAL D 466 -17.14 0.87 -45.14
CA MET D 467 -20.64 1.18 -46.79
CA ALA D 468 -22.00 1.62 -50.43
CA GLU D 469 -24.60 2.68 -51.92
CA VAL D 470 -27.68 3.94 -49.83
CA ASP D 471 -26.53 7.63 -49.77
CA GLY D 472 -29.63 9.44 -48.28
CA THR D 473 -31.02 10.97 -51.55
CA CYS D 474 -31.14 7.55 -53.36
CA TYR D 475 -32.26 5.36 -50.32
CA GLU E 1 90.77 -84.70 39.72
CA LEU E 2 89.06 -84.11 36.37
CA VAL E 3 90.77 -81.21 34.68
CA MET E 4 88.64 -78.49 33.00
CA THR E 5 90.51 -76.45 30.38
CA GLN E 6 88.99 -73.34 28.77
CA SER E 7 89.89 -71.88 25.45
CA PRO E 8 90.75 -69.01 24.98
CA SER E 9 92.00 -67.19 28.04
CA SER E 10 91.02 -63.76 26.60
CA LEU E 11 88.96 -62.41 23.72
CA SER E 12 88.09 -58.87 22.65
CA ALA E 13 85.09 -58.54 20.34
CA SER E 14 82.76 -55.73 19.25
CA VAL E 15 79.16 -55.48 20.38
CA GLY E 16 76.92 -57.48 18.07
CA ASP E 17 79.62 -60.11 17.53
CA ARG E 18 78.97 -63.75 18.27
CA VAL E 19 81.52 -65.25 20.68
CA ASN E 20 82.12 -68.96 21.49
CA ILE E 21 84.22 -70.13 24.54
CA ALA E 22 85.24 -73.82 24.72
CA CYS E 23 85.78 -75.98 27.79
CA ARG E 24 87.28 -79.51 27.71
CA ALA E 25 86.86 -82.14 30.34
CA SER E 26 89.97 -84.42 30.61
CA GLN E 27 87.41 -87.28 30.48
CA GLY E 28 83.66 -87.75 29.93
CA ILE E 29 81.25 -85.89 32.24
CA SER E 30 78.01 -86.46 30.29
CA SER E 31 76.07 -83.18 30.74
CA ALA E 32 77.31 -82.20 34.19
CA LEU E 33 78.67 -78.85 33.28
CA ALA E 34 77.59 -75.42 34.60
CA TRP E 35 78.84 -71.97 33.27
CA TYR E 36 79.30 -68.87 35.52
CA GLN E 37 79.74 -65.20 34.79
CA GLN E 38 81.88 -63.18 37.24
CA LYS E 39 82.04 -59.42 36.90
CA PRO E 40 85.31 -58.24 38.38
CA GLY E 41 84.98 -58.00 42.15
CA LYS E 42 81.76 -59.88 42.58
CA ALA E 43 80.41 -63.19 43.39
CA PRO E 44 80.11 -65.55 40.38
CA ARG E 45 76.60 -65.95 38.79
CA LEU E 46 75.01 -69.04 37.27
CA LEU E 47 74.09 -68.78 33.58
CA ILE E 48 73.76 -72.37 32.41
CA TYR E 49 73.49 -75.77 34.22
CA ASP E 50 73.36 -79.33 32.72
CA ALA E 51 75.40 -78.06 29.69
CA SER E 52 72.43 -76.36 28.06
CA ASN E 53 69.69 -75.23 30.53
CA LEU E 54 69.53 -71.41 31.06
CA GLU E 55 68.98 -70.40 34.63
CA SER E 56 65.77 -68.29 35.15
CA GLY E 57 66.30 -64.54 34.41
CA VAL E 58 69.50 -65.03 32.21
CA PRO E 59 69.20 -63.28 28.81
CA SER E 60 68.21 -65.42 25.87
CA ARG E 61 71.48 -64.48 24.04
CA PHE E 62 73.42 -66.96 26.22
CA SER E 63 73.32 -70.63 25.08
CA GLY E 64 75.47 -73.70 25.85
CA SER E 65 76.14 -76.99 24.08
CA GLY E 66 78.25 -80.17 24.37
CA SER E 67 78.16 -83.58 25.93
CA GLY E 68 80.90 -85.94 26.97
CA THR E 69 84.08 -83.96 26.89
CA ASP E 70 83.65 -80.76 24.79
CA PHE E 71 81.31 -77.92 25.76
CA THR E 72 80.65 -74.44 24.17
CA LEU E 73 79.09 -71.30 25.63
CA THR E 74 77.85 -68.90 22.85
CA ILE E 75 76.92 -65.23 23.42
CA SER E 76 75.04 -64.50 20.23
CA SER E 77 75.15 -60.66 20.22
CA LEU E 78 77.78 -59.37 22.62
CA GLN E 79 76.61 -56.41 24.67
CA PRO E 80 78.84 -53.96 26.93
CA GLU E 81 77.40 -55.44 30.07
CA ASP E 82 78.84 -58.83 29.05
CA PHE E 83 82.39 -57.82 30.11
CA ALA E 84 83.30 -60.50 32.65
CA ILE E 85 85.40 -63.63 33.30
CA TYR E 86 83.44 -66.78 32.36
CA TYR E 87 84.08 -70.24 34.13
CA CYS E 88 82.93 -73.75 33.49
CA GLN E 89 82.66 -76.21 36.38
CA GLN E 90 82.09 -80.05 36.30
CA PHE E 91 79.95 -81.87 38.90
CA ASN E 92 80.23 -85.39 37.65
CA SER E 93 83.03 -86.27 40.07
CA TYR E 94 84.47 -85.08 43.39
CA PRO E 95 86.60 -82.83 43.73
CA LEU E 96 84.30 -80.55 41.83
CA THR E 97 86.58 -78.53 39.52
CA PHE E 98 86.57 -75.24 37.64
CA GLY E 99 88.17 -74.22 34.44
CA GLY E 100 90.72 -71.41 34.32
CA GLY E 101 88.52 -68.54 32.93
CA THR E 102 87.95 -66.69 29.68
CA LYS E 103 88.06 -62.90 30.14
CA VAL E 104 85.88 -61.15 27.55
CA GLU E 105 86.75 -57.45 26.96
CA ILE E 106 84.59 -55.20 24.64
CA LYS E 107 86.18 -53.52 21.54
CA ARG E 108 84.92 -49.98 20.73
CA THR E 109 85.96 -46.65 19.13
CA VAL E 110 88.84 -44.57 20.57
CA ALA E 111 87.91 -42.12 23.27
CA ALA E 112 90.36 -39.50 24.43
CA PRO E 113 90.73 -39.02 28.16
CA SER E 114 89.66 -36.08 30.32
CA VAL E 115 92.72 -35.21 32.41
CA PHE E 116 92.68 -33.74 35.92
CA ILE E 117 95.50 -33.01 38.39
CA PHE E 118 95.13 -32.57 42.16
CA PRO E 119 97.64 -30.94 44.59
CA PRO E 120 98.42 -32.45 48.10
CA SER E 121 95.82 -31.49 50.66
CA ASP E 122 96.79 -29.38 53.65
CA GLU E 123 96.39 -31.97 56.34
CA GLN E 124 98.37 -34.36 54.23
CA LEU E 125 101.40 -31.98 54.16
CA LYS E 126 100.89 -31.75 57.98
CA SER E 127 101.98 -35.47 58.16
CA GLY E 128 105.20 -34.73 56.30
CA THR E 129 104.09 -36.38 52.91
CA ALA E 130 102.64 -35.09 49.67
CA SER E 131 100.68 -37.16 47.13
CA VAL E 132 99.95 -35.52 43.77
CA VAL E 133 97.23 -37.28 41.68
CA CYS E 134 96.67 -37.11 37.92
CA LEU E 135 93.34 -38.54 36.65
CA LEU E 136 92.66 -39.69 33.09
CA ASN E 137 88.92 -40.28 32.94
CA ASN E 138 87.00 -42.39 30.49
CA PHE E 139 89.12 -43.49 27.61
CA TYR E 140 89.49 -46.32 25.10
CA PRO E 141 91.89 -48.26 24.29
CA ARG E 142 93.50 -48.87 27.71
CA GLU E 143 97.06 -47.96 26.69
CA ALA E 144 98.11 -44.43 27.76
CA LYS E 145 101.36 -42.93 29.10
CA VAL E 146 101.57 -40.51 32.09
CA GLN E 147 104.80 -38.59 32.62
CA TRP E 148 105.46 -36.42 35.66
CA LYS E 149 107.70 -33.38 35.39
CA VAL E 150 108.56 -31.28 38.47
CA ASP E 151 110.35 -27.98 37.59
CA ASN E 152 109.70 -28.54 33.93
CA ALA E 153 111.63 -31.42 32.27
CA LEU E 154 112.96 -32.79 35.58
CA GLN E 155 110.66 -35.61 34.81
CA SER E 156 110.49 -38.27 37.44
CA GLY E 157 110.41 -42.09 38.18
CA ASN E 158 108.56 -42.34 41.69
CA SER E 159 104.84 -42.78 40.77
CA GLN E 160 102.30 -45.61 40.93
CA GLU E 161 99.29 -46.25 38.65
CA SER E 162 95.87 -47.86 38.98
CA VAL E 163 93.42 -48.59 36.11
CA THR E 164 89.81 -49.52 36.63
CA GLU E 165 88.15 -52.50 34.81
CA GLN E 166 86.02 -51.83 31.71
CA ASP E 167 82.81 -49.98 32.39
CA SER E 168 79.72 -52.07 31.55
CA LYS E 169 77.91 -49.07 30.15
CA ASP E 170 80.40 -47.35 27.81
CA SER E 171 83.42 -49.72 27.69
CA THR E 172 86.02 -47.22 28.91
CA TYR E 173 88.81 -47.28 31.49
CA SER E 174 89.91 -44.57 33.90
CA LEU E 175 93.44 -44.33 35.37
CA SER E 176 95.21 -42.57 38.29
CA SER E 177 98.86 -41.86 38.72
CA THR E 178 100.01 -40.88 42.21
CA LEU E 179 103.33 -39.15 42.61
CA THR E 180 104.51 -39.30 46.21
CA LEU E 181 107.23 -37.14 47.67
CA SER E 182 108.06 -35.91 51.17
CA LYS E 183 106.77 -32.47 52.43
CA ALA E 184 110.37 -31.16 52.13
CA ASP E 185 110.79 -32.46 48.57
CA TYR E 186 107.50 -30.93 47.53
CA GLU E 187 108.48 -27.63 49.28
CA LYS E 188 111.38 -27.09 47.00
CA HIS E 189 109.83 -27.27 43.59
CA LYS E 190 107.04 -25.10 42.12
CA VAL E 191 105.70 -26.40 38.72
CA TYR E 192 104.14 -29.87 39.03
CA ALA E 193 102.86 -31.35 35.77
CA CYS E 194 101.17 -34.44 34.37
CA GLU E 195 101.78 -35.10 30.63
CA VAL E 196 99.47 -37.58 28.88
CA THR E 197 99.84 -39.53 25.67
CA HIS E 198 96.98 -41.59 24.28
CA GLN E 199 95.70 -42.40 20.74
CA GLY E 200 92.55 -40.20 20.87
CA LEU E 201 94.44 -36.98 21.62
CA SER E 202 96.01 -34.97 18.75
CA SER E 203 98.83 -33.69 20.97
CA PRO E 204 100.22 -34.79 24.41
CA VAL E 205 98.18 -33.06 27.13
CA THR E 206 99.69 -31.32 30.19
CA LYS E 207 97.91 -30.31 33.39
CA SER E 208 100.15 -28.33 35.72
CA PHE E 209 99.86 -26.29 38.88
CA ASN E 210 102.11 -23.98 40.83
CA ARG E 211 103.00 -24.79 44.46
CA GLY E 212 101.13 -21.90 46.15
CA GLU E 213 97.48 -22.41 44.90
CA CYS E 214 94.49 -20.07 45.70
CA GLU F 1 35.80 -123.48 21.68
CA LEU F 2 35.16 -119.82 22.43
CA VAL F 3 31.53 -119.09 21.74
CA MET F 4 30.58 -115.92 19.83
CA THR F 5 26.97 -114.80 20.35
CA GLN F 6 25.41 -111.98 18.30
CA SER F 7 22.50 -109.85 19.30
CA PRO F 8 19.98 -109.46 17.67
CA SER F 9 19.33 -112.13 15.07
CA SER F 10 17.28 -109.72 12.88
CA LEU F 11 16.60 -105.99 12.68
CA SER F 12 14.58 -103.88 10.24
CA ALA F 13 15.38 -100.18 10.18
CA SER F 14 14.76 -97.27 7.80
CA VAL F 15 17.50 -95.69 5.73
CA GLY F 16 19.25 -92.96 7.70
CA ASP F 17 18.82 -94.88 10.95
CA ARG F 18 21.78 -95.77 13.10
CA VAL F 19 22.02 -99.51 13.85
CA ASN F 20 24.23 -101.27 16.46
CA ILE F 21 24.85 -105.11 16.44
CA ALA F 22 26.47 -106.68 19.53
CA CYS F 23 28.74 -109.72 19.71
CA ARG F 24 29.86 -111.39 22.98
CA ALA F 25 32.87 -113.58 23.41
CA SER F 26 32.29 -116.29 26.11
CA GLN F 27 35.70 -115.12 27.46
CA GLY F 28 38.27 -112.37 26.78
CA ILE F 29 39.72 -112.08 23.27
CA SER F 30 41.40 -108.66 23.61
CA SER F 31 40.87 -107.04 20.16
CA ALA F 32 40.91 -110.15 18.00
CA LEU F 33 37.59 -109.67 16.41
CA ALA F 34 36.77 -109.19 12.70
CA TRP F 35 33.26 -108.31 11.23
CA TYR F 36 32.01 -109.60 7.82
CA GLN F 37 29.18 -108.58 5.55
CA GLN F 38 27.56 -111.34 3.45
CA LYS F 39 25.00 -110.41 0.82
CA PRO F 40 22.72 -113.38 0.29
CA GLY F 41 24.40 -115.85 -2.05
CA LYS F 42 27.88 -114.44 -2.00
CA ALA F 43 31.16 -114.85 -0.38
CA PRO F 44 31.52 -112.96 2.93
CA ARG F 45 33.42 -109.59 2.86
CA LEU F 46 35.74 -108.09 5.48
CA LEU F 47 34.62 -104.77 6.95
CA ILE F 48 36.54 -104.45 10.21
CA TYR F 49 39.56 -106.31 11.73
CA ASP F 50 41.19 -105.89 15.21
CA ALA F 51 37.76 -104.75 16.59
CA SER F 52 38.01 -101.27 15.13
CA ASN F 53 40.20 -101.03 11.96
CA LEU F 54 38.21 -100.52 8.70
CA GLU F 55 39.47 -102.52 5.80
CA SER F 56 40.55 -100.35 2.78
CA GLY F 57 37.59 -99.37 0.51
CA VAL F 58 34.83 -99.98 3.19
CA PRO F 59 32.51 -96.94 3.59
CA SER F 60 33.24 -94.61 6.47
CA ARG F 61 29.68 -95.22 7.90
CA PHE F 62 30.83 -98.59 9.30
CA SER F 63 32.66 -98.48 12.67
CA GLY F 64 33.41 -101.09 15.37
CA SER F 65 34.24 -100.94 19.08
CA GLY F 66 34.89 -103.19 22.09
CA SER F 67 37.69 -104.99 23.82
CA GLY F 68 37.74 -108.04 26.03
CA THR F 69 34.37 -109.65 25.69
CA ASP F 70 31.81 -107.15 24.22
CA PHE F 71 32.06 -105.73 20.70
CA THR F 72 29.70 -103.41 18.68
CA LEU F 73 29.45 -102.79 14.94
CA THR F 74 27.62 -99.46 14.17
CA ILE F 75 26.25 -98.49 10.73
CA SER F 76 25.70 -94.78 11.23
CA SER F 77 23.29 -94.04 8.34
CA LEU F 78 21.76 -97.23 7.00
CA GLN F 79 21.61 -97.33 3.21
CA PRO F 80 19.57 -99.91 0.90
CA GLU F 81 22.77 -101.57 -0.17
CA ASP F 82 23.44 -102.48 3.48
CA PHE F 83 20.91 -105.36 3.39
CA ALA F 84 23.02 -108.37 4.39
CA ILE F 85 23.79 -110.88 7.17
CA TYR F 86 26.64 -109.57 9.39
CA TYR F 87 29.07 -112.01 11.29
CA CYS F 88 31.71 -111.53 13.92
CA GLN F 89 34.62 -113.98 14.15
CA GLN F 90 37.31 -114.34 16.92
CA PHE F 91 40.96 -115.22 16.14
CA ASN F 92 42.39 -115.24 19.60
CA SER F 93 42.08 -119.02 19.96
CA TYR F 94 41.80 -122.11 17.77
CA PRO F 95 39.14 -123.28 16.62
CA LEU F 96 38.49 -119.91 15.09
CA THR F 97 34.76 -119.30 15.61
CA PHE F 98 31.95 -117.23 14.10
CA GLY F 99 28.90 -115.74 15.63
CA GLY F 100 25.42 -116.73 14.45
CA GLY F 101 24.55 -113.68 12.24
CA THR F 102 22.43 -110.55 12.37
CA LYS F 103 20.23 -110.16 9.27
CA VAL F 104 19.52 -106.49 8.55
CA GLU F 105 16.43 -105.85 6.35
CA ILE F 106 15.52 -102.28 5.13
CA LYS F 107 12.11 -100.70 6.08
CA ARG F 108 10.45 -98.55 3.38
CA THR F 109 7.04 -97.37 2.06
CA VAL F 110 4.46 -99.86 0.71
CA ALA F 111 4.73 -100.69 -2.94
CA ALA F 112 1.98 -102.59 -4.69
CA PRO F 113 3.02 -105.43 -6.95
CA SER F 114 2.86 -105.68 -10.74
CA VAL F 115 1.17 -109.04 -11.45
CA PHE F 116 1.79 -111.24 -14.48
CA ILE F 117 0.51 -114.72 -15.38
CA PHE F 118 2.09 -117.13 -17.89
CA PRO F 119 0.45 -120.19 -19.54
CA PRO F 120 2.34 -123.57 -20.01
CA SER F 121 4.58 -123.53 -23.06
CA ASP F 122 3.92 -125.89 -25.94
CA GLU F 123 6.90 -128.13 -25.55
CA GLN F 124 6.14 -128.39 -21.89
CA LEU F 125 2.63 -129.82 -22.59
CA LYS F 126 4.46 -132.22 -25.02
CA SER F 127 6.08 -133.84 -21.89
CA GLY F 128 2.68 -134.44 -20.30
CA THR F 129 2.98 -131.60 -17.60
CA ALA F 130 1.80 -128.03 -17.35
CA SER F 131 3.30 -125.33 -15.10
CA VAL F 132 1.36 -122.07 -14.79
CA VAL F 133 3.36 -119.14 -13.27
CA CYS F 134 2.04 -116.01 -11.58
CA LEU F 135 4.59 -113.21 -10.97
CA LEU F 136 4.24 -110.42 -8.42
CA ASN F 137 7.04 -107.99 -9.21
CA ASN F 138 8.57 -105.40 -6.96
CA PHE F 139 6.60 -104.92 -3.81
CA TYR F 140 7.01 -103.94 -0.17
CA PRO F 141 6.24 -105.33 2.60
CA ARG F 142 7.00 -109.00 1.79
CA GLU F 143 3.63 -110.40 2.91
CA ALA F 144 1.23 -111.11 0.01
CA LYS F 145 -1.29 -113.90 -0.71
CA VAL F 146 -1.64 -115.70 -4.09
CA GLN F 147 -4.75 -117.79 -4.71
CA TRP F 148 -5.22 -119.97 -7.76
CA LYS F 149 -8.69 -120.60 -9.16
CA VAL F 150 -9.24 -122.97 -12.11
CA ASP F 151 -12.82 -122.79 -13.52
CA ASN F 152 -13.60 -119.83 -11.34
CA ALA F 153 -13.83 -120.49 -7.57
CA LEU F 154 -12.49 -124.04 -7.85
CA GLN F 155 -9.55 -122.58 -6.09
CA SER F 156 -6.72 -124.95 -5.54
CA GLY F 157 -4.01 -126.24 -3.05
CA ASN F 158 -1.12 -127.62 -5.40
CA SER F 159 1.25 -124.62 -5.89
CA GLN F 160 4.74 -123.68 -4.72
CA GLU F 161 6.17 -120.18 -4.07
CA SER F 162 9.59 -118.52 -4.23
CA VAL F 163 10.44 -114.99 -2.98
CA THR F 164 13.65 -113.21 -3.85
CA GLU F 165 15.80 -111.43 -1.16
CA GLN F 166 15.50 -107.63 -0.76
CA ASP F 167 16.82 -105.63 -3.67
CA SER F 168 19.80 -103.46 -2.72
CA LYS F 169 18.58 -100.62 -4.90
CA ASP F 170 14.87 -100.18 -4.06
CA SER F 171 14.25 -102.57 -1.12
CA THR F 172 11.50 -104.64 -2.77
CA TYR F 173 10.76 -108.35 -3.13
CA SER F 174 9.40 -110.24 -6.11
CA LEU F 175 7.53 -113.57 -5.84
CA SER F 176 6.50 -116.48 -8.12
CA SER F 177 3.80 -119.02 -7.61
CA THR F 178 3.93 -122.10 -9.84
CA LEU F 179 0.82 -124.20 -10.19
CA THR F 180 1.66 -127.63 -11.61
CA LEU F 181 -0.87 -130.01 -13.08
CA SER F 182 -0.69 -132.84 -15.61
CA LYS F 183 -1.38 -132.18 -19.39
CA ALA F 184 -4.73 -134.04 -18.94
CA ASP F 185 -5.72 -132.00 -15.88
CA TYR F 186 -4.91 -128.78 -17.64
CA GLU F 187 -6.84 -129.99 -20.78
CA LYS F 188 -10.07 -130.12 -18.92
CA HIS F 189 -10.37 -126.67 -17.49
CA LYS F 190 -10.45 -123.31 -19.34
CA VAL F 191 -10.20 -120.24 -16.98
CA TYR F 192 -6.91 -120.18 -15.06
CA ALA F 193 -6.54 -117.28 -12.63
CA CYS F 194 -4.11 -115.82 -10.10
CA GLU F 195 -5.70 -113.64 -7.37
CA VAL F 196 -3.39 -111.37 -5.35
CA THR F 197 -3.82 -109.70 -2.00
CA HIS F 198 -1.22 -107.24 -0.69
CA GLN F 199 -1.38 -104.02 1.39
CA GLY F 200 -0.56 -101.58 -1.46
CA LEU F 201 -3.47 -102.68 -3.67
CA SER F 202 -6.97 -101.20 -3.09
CA SER F 203 -8.69 -104.39 -4.26
CA PRO F 204 -7.50 -108.03 -4.80
CA VAL F 205 -6.03 -108.31 -8.30
CA THR F 206 -6.80 -111.15 -10.75
CA LYS F 207 -4.87 -112.10 -13.88
CA SER F 208 -6.59 -114.84 -15.86
CA PHE F 209 -6.30 -116.52 -19.22
CA ASN F 210 -8.39 -118.91 -21.25
CA ARG F 211 -6.94 -122.30 -22.28
CA GLY F 212 -6.74 -121.71 -26.06
CA GLU F 213 -4.53 -118.51 -26.29
CA CYS F 214 -3.61 -116.66 -29.56
CA GLN G 1 42.98 -111.17 -12.04
CA VAL G 2 40.73 -113.90 -13.52
CA LYS G 3 39.44 -113.48 -9.98
CA LEU G 4 42.14 -113.34 -7.19
CA LEU G 5 41.29 -116.57 -5.31
CA GLU G 6 39.17 -118.90 -7.59
CA GLN G 7 37.66 -122.28 -6.74
CA SER G 8 36.70 -125.52 -8.57
CA GLY G 9 32.90 -125.77 -9.15
CA ALA G 10 30.35 -128.08 -7.55
CA GLU G 11 29.85 -131.30 -6.85
CA VAL G 12 27.64 -134.16 -5.90
CA LYS G 13 29.31 -137.02 -4.05
CA LYS G 14 27.72 -140.22 -2.70
CA PRO G 15 27.78 -140.69 1.17
CA GLY G 16 31.08 -142.48 2.06
CA ALA G 17 33.03 -140.93 -0.87
CA SER G 18 35.72 -138.22 -0.76
CA VAL G 19 35.69 -134.74 -2.37
CA LYS G 20 38.71 -132.63 -3.42
CA VAL G 21 38.16 -128.86 -3.67
CA SER G 22 40.85 -126.60 -5.24
CA CYS G 23 41.64 -122.91 -4.82
CA LYS G 24 43.89 -121.21 -7.44
CA ALA G 25 45.59 -117.93 -6.31
CA SER G 26 46.25 -115.31 -9.08
CA GLY G 27 47.76 -111.74 -8.92
CA TYR G 28 49.62 -111.93 -5.55
CA SER G 29 52.76 -113.89 -4.42
CA PHE G 30 51.24 -117.31 -3.46
CA THR G 31 54.03 -118.48 -1.01
CA SER G 32 53.94 -115.22 1.09
CA TYR G 33 50.48 -115.95 2.67
CA GLY G 34 48.51 -118.76 4.30
CA LEU G 35 45.07 -119.95 3.10
CA HIS G 36 42.19 -120.75 5.46
CA TRP G 37 39.32 -123.21 4.63
CA VAL G 38 35.79 -122.41 5.92
CA ARG G 39 32.39 -124.01 5.24
CA GLN G 40 28.75 -122.89 5.50
CA ALA G 41 26.04 -125.58 5.77
CA PRO G 42 22.51 -124.42 4.67
CA GLY G 43 20.96 -121.97 7.20
CA GLN G 44 24.03 -122.25 9.46
CA ARG G 45 26.96 -120.15 10.59
CA LEU G 46 30.41 -120.30 8.99
CA GLU G 47 32.63 -123.04 10.44
CA TRP G 48 36.45 -122.84 10.31
CA MET G 49 38.00 -126.19 9.10
CA GLY G 50 41.76 -125.56 8.74
CA TRP G 51 44.69 -123.52 7.37
CA ILE G 52 47.77 -124.19 5.17
CA SER G 53 50.97 -122.09 4.88
CA ALA G 54 51.70 -121.88 1.07
CA GLY G 55 55.46 -121.39 1.77
CA THR G 56 56.18 -124.37 4.15
CA GLY G 57 53.15 -126.66 3.42
CA ASN G 58 52.43 -126.73 7.23
CA THR G 59 48.96 -127.49 8.38
CA LYS G 60 46.53 -126.61 11.16
CA TYR G 61 42.98 -127.92 11.48
CA SER G 62 39.80 -128.08 13.54
CA GLN G 63 39.65 -131.28 15.64
CA LYS G 64 35.95 -131.57 14.55
CA PHE G 65 37.49 -132.91 11.23
CA ARG G 66 40.22 -135.03 12.98
CA GLY G 67 41.24 -137.98 10.79
CA ARG G 68 39.19 -137.01 7.65
CA VAL G 69 40.49 -133.61 6.34
CA THR G 70 43.76 -133.11 4.32
CA PHE G 71 45.34 -129.80 3.07
CA THR G 72 47.85 -129.72 0.17
CA ARG G 73 49.40 -126.94 -1.97
CA ASP G 74 50.94 -127.20 -5.46
CA THR G 75 53.38 -124.30 -5.19
CA SER G 76 54.25 -124.33 -8.99
CA ALA G 77 50.55 -124.29 -10.17
CA THR G 78 49.81 -121.83 -7.30
CA THR G 79 46.80 -123.90 -6.15
CA ALA G 80 45.82 -125.15 -2.67
CA TYR G 81 43.45 -128.13 -2.13
CA MET G 82 41.36 -129.51 0.67
CA GLY G 83 40.46 -133.23 0.69
CA LEU G 84 37.40 -134.27 2.77
CA SER G 85 36.94 -138.06 3.26
CA SER G 86 34.06 -140.26 4.55
CA LEU G 87 31.36 -137.86 3.34
CA ARG G 88 28.11 -137.74 5.35
CA PRO G 89 24.85 -135.95 4.24
CA GLU G 90 25.65 -133.12 6.79
CA ASP G 91 28.82 -132.22 4.77
CA THR G 92 26.41 -130.63 2.17
CA ALA G 93 27.72 -127.06 2.41
CA VAL G 94 29.52 -124.27 0.51
CA TYR G 95 33.34 -124.66 0.96
CA TYR G 96 35.32 -121.41 0.81
CA CYS G 97 39.04 -120.86 0.79
CA ALA G 98 40.02 -117.43 2.22
CA ARG G 99 43.36 -115.63 2.55
CA ASP G 100 45.39 -115.14 5.77
CA PRO G 101 46.91 -111.60 5.19
CA TYR G 102 49.97 -112.36 7.44
CA GLY G 103 50.92 -116.08 6.90
CA GLY G 104 50.71 -116.98 10.67
CA GLY G 105 47.45 -119.04 10.87
CA LYS G 106 45.38 -116.87 13.25
CA SER G 107 43.89 -113.91 11.42
CA GLU G 108 40.85 -112.21 9.93
CA PHE G 109 40.41 -113.27 6.22
CA ASP G 110 40.82 -110.39 3.68
CA TYR G 111 40.11 -112.20 0.30
CA TRP G 112 37.61 -115.02 -0.11
CA GLY G 113 37.19 -117.50 -2.94
CA GLN G 114 33.65 -117.76 -4.43
CA GLY G 115 32.62 -121.07 -2.80
CA THR G 116 32.03 -124.60 -4.15
CA LEU G 117 28.84 -126.33 -3.11
CA VAL G 118 29.44 -130.03 -2.38
CA THR G 119 26.16 -131.92 -2.10
CA VAL G 120 26.33 -135.39 -0.47
CA SER G 121 23.54 -137.62 -1.95
CA SER G 122 22.40 -141.05 -3.32
CA ALA G 123 18.84 -139.83 -4.28
CA SER G 124 20.03 -139.74 -7.85
CA PRO G 125 21.65 -136.69 -9.59
CA THR G 126 19.41 -135.30 -12.42
CA SER G 127 20.29 -132.47 -14.91
CA PRO G 128 17.78 -129.57 -15.44
CA LYS G 129 15.46 -129.46 -18.50
CA VAL G 130 15.20 -125.81 -19.62
CA PHE G 131 11.85 -124.56 -21.06
CA PRO G 132 10.92 -121.15 -22.55
CA LEU G 133 8.37 -118.86 -20.85
CA SER G 134 7.04 -116.50 -23.59
CA LEU G 135 3.69 -114.86 -24.58
CA CYS G 136 2.40 -114.05 -28.12
CA SER G 137 -0.14 -111.13 -27.65
CA THR G 138 -1.09 -112.33 -24.08
CA GLN G 139 1.18 -109.75 -22.24
CA PRO G 140 0.10 -106.06 -21.71
CA ASP G 141 0.98 -103.51 -24.53
CA GLY G 142 4.19 -101.69 -23.35
CA ASN G 143 6.49 -104.03 -21.31
CA VAL G 144 7.65 -107.63 -22.05
CA VAL G 145 8.21 -110.49 -19.53
CA ILE G 146 10.08 -113.56 -20.82
CA ALA G 147 11.65 -116.33 -18.76
CA CYS G 148 13.36 -119.74 -18.56
CA LEU G 149 11.90 -122.55 -16.39
CA VAL G 150 14.93 -124.64 -15.13
CA GLN G 151 13.03 -127.85 -14.26
CA GLY G 152 13.57 -131.19 -12.47
CA PHE G 153 17.16 -131.10 -11.21
CA PHE G 154 18.99 -132.61 -8.19
CA PRO G 155 20.91 -131.68 -6.19
CA GLN G 156 20.34 -127.85 -5.80
CA GLU G 157 24.03 -126.71 -6.39
CA PRO G 158 25.05 -123.18 -7.68
CA LEU G 159 22.91 -122.27 -10.73
CA SER G 160 24.47 -119.43 -12.84
CA VAL G 161 21.72 -117.82 -15.02
CA THR G 162 22.78 -115.05 -17.43
CA TRP G 163 20.64 -113.37 -20.18
CA SER G 164 21.96 -112.10 -23.62
CA GLU G 165 20.43 -108.56 -23.16
CA SER G 166 21.51 -106.16 -20.32
CA GLY G 167 20.65 -102.44 -19.71
CA GLN G 168 19.09 -99.68 -17.51
CA GLY G 169 15.37 -100.72 -17.80
CA VAL G 170 16.02 -104.51 -18.32
CA THR G 171 15.49 -106.28 -14.92
CA ALA G 172 16.59 -109.90 -14.25
CA ARG G 173 14.91 -111.83 -11.37
CA ASN G 174 16.46 -115.21 -10.41
CA PHE G 175 13.86 -117.08 -8.24
CA PRO G 176 15.48 -119.35 -5.51
CA PRO G 177 15.18 -123.20 -5.94
CA SER G 178 11.84 -124.72 -4.77
CA GLN G 179 11.79 -128.42 -3.80
CA ASP G 180 8.98 -130.85 -4.98
CA ALA G 181 7.86 -133.35 -2.19
CA SER G 182 10.54 -135.23 -0.07
CA GLY G 183 13.81 -134.22 -1.86
CA ASP G 184 12.55 -135.62 -5.26
CA LEU G 185 13.27 -132.73 -7.74
CA TYR G 186 14.17 -128.96 -7.54
CA THR G 187 12.73 -126.29 -9.94
CA THR G 188 13.89 -122.61 -10.37
CA SER G 189 12.60 -119.89 -12.78
CA SER G 190 14.72 -116.98 -14.22
CA GLN G 191 12.66 -113.96 -15.45
CA LEU G 192 13.75 -111.03 -17.73
CA THR G 193 11.42 -107.94 -17.63
CA LEU G 194 12.31 -105.36 -20.43
CA PRO G 195 10.47 -102.61 -22.46
CA ALA G 196 8.50 -103.83 -25.58
CA THR G 197 10.63 -101.48 -27.82
CA GLN G 198 13.74 -103.47 -26.60
CA CYS G 199 12.06 -106.91 -27.26
CA LEU G 200 10.17 -106.64 -30.62
CA ALA G 201 8.03 -109.45 -32.27
CA GLY G 202 10.17 -111.96 -34.29
CA LYS G 203 13.31 -111.27 -32.14
CA SER G 204 14.72 -113.49 -29.30
CA VAL G 205 16.82 -113.21 -26.06
CA THR G 206 19.18 -116.08 -25.04
CA CYS G 207 19.14 -117.47 -21.47
CA HIS G 208 22.48 -119.15 -20.46
CA VAL G 209 22.16 -121.68 -17.57
CA LYS G 210 25.21 -123.21 -15.83
CA HIS G 211 24.43 -125.98 -13.27
CA TYR G 212 27.69 -126.62 -11.09
CA THR G 213 30.86 -127.27 -13.19
CA ASN G 214 28.76 -128.77 -16.05
CA PRO G 215 28.73 -127.25 -19.63
CA SER G 216 26.41 -124.22 -20.23
CA GLN G 217 22.82 -125.02 -21.42
CA ASP G 218 21.53 -122.26 -23.75
CA VAL G 219 17.89 -121.51 -24.79
CA THR G 220 16.75 -118.88 -27.32
CA VAL G 221 13.46 -117.51 -25.87
CA PRO G 222 11.06 -115.48 -28.17
CA CYS G 223 11.55 -113.92 -27.15
CA PRO G 224 12.04 -112.35 -26.11
CA VAL G 225 11.95 -108.46 -25.09
CA PRO G 226 14.47 -106.67 -22.45
CA SER G 227 14.29 -102.99 -20.87
CA THR G 228 15.67 -100.81 -17.70
CA PRO G 229 14.95 -97.15 -16.09
CA PRO G 230 17.95 -94.68 -14.84
CA THR G 231 17.88 -92.02 -11.97
CA PRO G 232 20.59 -89.16 -10.95
CA SER G 233 23.10 -88.45 -8.02
CA PRO G 234 24.81 -85.24 -6.27
CA SER G 235 27.92 -82.58 -6.14
CA THR G 236 28.97 -79.03 -4.68
CA PRO G 237 31.37 -76.17 -6.23
CA PRO G 238 33.22 -73.38 -4.16
CA THR G 239 33.67 -69.38 -4.14
CA PRO G 240 37.15 -67.17 -4.92
CA SER G 241 39.63 -64.35 -3.30
CA PRO G 242 38.26 -60.72 -3.22
CA SER G 243 39.68 -57.44 -0.96
CA CYS G 244 41.06 -53.70 -1.89
CA CYS G 245 41.90 -50.31 0.24
CA HIS G 246 43.10 -46.66 -0.83
CA PRO G 247 43.98 -43.27 1.00
CA ARG G 248 42.15 -40.49 -1.00
CA LEU G 249 41.36 -36.95 0.42
CA SER G 250 38.28 -35.20 -1.17
CA LEU G 251 36.69 -31.75 -0.45
CA HIS G 252 32.95 -31.40 -1.41
CA ARG G 253 31.90 -27.66 -1.60
CA PRO G 254 28.64 -26.08 -0.17
CA ALA G 255 25.52 -25.95 -2.50
CA LEU G 256 24.54 -22.56 -4.16
CA GLU G 257 20.74 -22.63 -3.38
CA ASP G 258 21.16 -23.49 0.39
CA LEU G 259 23.93 -20.85 1.05
CA LEU G 260 21.85 -18.10 -0.75
CA LEU G 261 18.38 -18.99 0.75
CA GLY G 262 18.92 -18.72 4.58
CA SER G 263 22.80 -18.89 5.00
CA GLU G 264 23.06 -22.76 5.05
CA ALA G 265 26.58 -23.83 3.85
CA ASN G 266 28.80 -26.78 4.96
CA LEU G 267 32.26 -27.48 3.46
CA THR G 268 32.71 -31.24 3.74
CA CYS G 269 36.04 -33.10 4.17
CA THR G 270 36.16 -36.79 3.22
CA LEU G 271 39.21 -39.12 3.79
CA THR G 272 38.75 -42.27 1.64
CA GLY G 273 41.52 -44.98 1.61
CA LEU G 274 42.82 -45.11 5.25
CA ARG G 275 43.84 -48.86 5.65
CA ASP G 276 43.27 -51.21 8.72
CA ALA G 277 43.89 -50.25 12.48
CA SER G 278 43.74 -46.47 11.98
CA GLY G 279 42.43 -42.93 12.87
CA VAL G 280 42.38 -39.46 11.16
CA THR G 281 43.10 -36.05 12.85
CA PHE G 282 41.46 -32.99 11.23
CA THR G 283 42.67 -29.31 11.31
CA TRP G 284 40.13 -26.81 9.78
CA THR G 285 40.71 -22.99 9.35
CA PRO G 286 37.90 -20.91 11.04
CA SER G 287 35.29 -18.95 8.95
CA SER G 288 35.58 -15.08 8.92
CA GLY G 289 33.52 -14.27 12.11
CA LYS G 290 35.92 -16.35 14.36
CA SER G 291 34.04 -19.69 13.90
CA ALA G 292 35.48 -23.29 13.79
CA VAL G 293 32.96 -26.16 14.51
CA GLN G 294 33.48 -29.88 13.43
CA GLY G 295 31.92 -33.45 13.74
CA PRO G 296 34.13 -36.41 12.53
CA PRO G 297 32.74 -40.07 12.47
CA GLU G 298 34.73 -43.11 11.09
CA ARG G 299 32.72 -45.07 8.46
CA ASP G 300 34.02 -48.36 6.87
CA LEU G 301 33.17 -47.97 3.08
CA CYS G 302 33.95 -50.84 0.56
CA GLY G 303 36.11 -52.55 3.25
CA CYS G 304 38.15 -49.59 4.72
CA TYR G 305 37.75 -46.50 7.07
CA SER G 306 36.62 -42.97 5.95
CA VAL G 307 36.89 -39.96 8.39
CA SER G 308 34.26 -37.57 7.05
CA SER G 309 34.27 -34.28 8.99
CA VAL G 310 32.02 -31.24 8.26
CA LEU G 311 32.55 -27.47 8.96
CA PRO G 312 29.25 -25.41 9.03
CA GLY G 313 29.64 -21.93 7.40
CA CYS G 314 27.81 -18.60 6.90
CA ALA G 315 26.98 -16.87 3.53
CA GLU G 316 29.31 -13.78 4.07
CA PRO G 317 32.75 -15.66 4.14
CA TRP G 318 31.74 -17.64 0.95
CA ASN G 319 30.33 -14.50 -0.89
CA HIS G 320 33.18 -12.04 0.13
CA GLY G 321 36.21 -14.41 -0.43
CA LYS G 322 37.44 -16.83 2.33
CA THR G 323 39.91 -19.79 1.91
CA PHE G 324 38.75 -22.99 3.74
CA THR G 325 41.63 -25.37 4.53
CA CYS G 326 41.06 -28.98 5.67
CA THR G 327 44.46 -30.27 6.83
CA ALA G 328 44.41 -33.96 7.81
CA ALA G 329 47.27 -35.77 9.72
CA TYR G 330 47.86 -39.61 9.92
CA PRO G 331 51.19 -41.52 10.73
CA GLU G 332 51.21 -43.72 7.51
CA SER G 333 50.65 -40.46 5.45
CA LYS G 334 54.25 -39.01 5.84
CA THR G 335 53.13 -35.55 4.52
CA PRO G 336 49.87 -34.39 6.31
CA LEU G 337 47.38 -33.56 3.48
CA THR G 338 46.17 -29.97 3.14
CA ALA G 339 43.20 -29.19 0.78
CA THR G 340 42.01 -25.54 0.48
CA LEU G 341 38.76 -24.25 -1.09
CA SER G 342 37.17 -20.76 -1.82
CA LYS G 343 35.17 -18.66 -4.43
CA SER G 344 36.25 -18.35 -8.15
CA GLY G 345 38.13 -15.72 -10.28
CA ASN G 346 38.20 -11.87 -10.69
CA THR G 347 34.84 -9.90 -10.70
CA PHE G 348 32.85 -8.31 -13.66
CA ARG G 349 29.69 -6.04 -13.45
CA PRO G 350 26.47 -7.69 -14.93
CA GLU G 351 24.90 -5.83 -17.89
CA VAL G 352 21.08 -6.14 -17.36
CA HIS G 353 18.84 -5.53 -20.47
CA LEU G 354 15.04 -6.11 -20.24
CA LEU G 355 13.38 -7.39 -23.46
CA PRO G 356 9.60 -7.04 -24.17
CA PRO G 357 7.68 -9.92 -25.91
CA PRO G 358 7.88 -10.61 -29.67
CA SER G 359 4.98 -9.28 -31.87
CA GLU G 360 3.93 -12.92 -32.73
CA GLU G 361 3.66 -13.91 -28.99
CA LEU G 362 0.87 -11.25 -28.62
CA ALA G 363 -1.22 -13.67 -30.79
CA LEU G 364 -0.93 -15.92 -27.63
CA ASN G 365 -3.01 -15.29 -24.40
CA GLU G 366 -2.39 -16.81 -20.87
CA LEU G 367 1.41 -16.10 -20.66
CA VAL G 368 3.39 -13.14 -22.19
CA THR G 369 7.09 -13.84 -22.18
CA LEU G 370 8.95 -10.96 -20.36
CA THR G 371 12.70 -11.58 -20.70
CA CYS G 372 15.71 -10.06 -18.90
CA LEU G 373 19.26 -10.80 -20.14
CA ALA G 374 22.05 -10.60 -17.50
CA ARG G 375 25.35 -10.81 -19.47
CA GLY G 376 29.15 -10.31 -19.11
CA PHE G 377 29.16 -11.12 -15.34
CA SER G 378 31.73 -12.98 -13.11
CA PRO G 379 31.87 -14.93 -10.94
CA LYS G 380 28.74 -17.05 -11.84
CA ASP G 381 27.37 -16.23 -8.40
CA VAL G 382 24.16 -14.14 -8.97
CA LEU G 383 20.48 -13.76 -7.82
CA VAL G 384 17.77 -12.60 -10.25
CA ARG G 385 14.15 -11.92 -9.13
CA TRP G 386 11.05 -10.24 -10.67
CA LEU G 387 8.64 -7.62 -9.24
CA GLN G 388 5.18 -6.31 -10.21
CA GLY G 389 4.78 -2.46 -10.13
CA SER G 390 0.93 -2.62 -10.43
CA GLN G 391 0.41 -4.45 -7.04
CA GLU G 392 3.74 -3.36 -5.32
CA LEU G 393 4.61 -7.08 -4.82
CA PRO G 394 7.12 -9.82 -5.89
CA ARG G 395 6.01 -12.10 -8.79
CA GLU G 396 5.52 -15.89 -9.06
CA LYS G 397 5.44 -17.20 -12.65
CA TYR G 398 9.14 -16.84 -13.55
CA LEU G 399 12.01 -19.24 -14.41
CA THR G 400 15.82 -18.54 -14.64
CA TRP G 401 18.24 -20.70 -16.78
CA ALA G 402 22.15 -20.72 -16.98
CA SER G 403 25.23 -20.27 -19.34
CA ARG G 404 28.98 -20.13 -18.35
CA GLN G 405 30.89 -18.90 -21.49
CA GLU G 406 34.38 -20.50 -22.05
CA PRO G 407 35.95 -21.16 -25.55
CA SER G 408 39.69 -21.81 -26.42
CA GLN G 409 40.59 -18.06 -25.96
CA GLY G 410 41.05 -15.78 -22.86
CA THR G 411 37.37 -14.64 -23.06
CA THR G 412 35.44 -16.25 -20.09
CA THR G 413 32.37 -14.52 -18.38
CA PHE G 414 28.70 -15.73 -17.82
CA ALA G 415 25.23 -15.01 -19.27
CA VAL G 416 21.67 -15.96 -18.13
CA THR G 417 18.14 -15.22 -19.36
CA SER G 418 15.21 -14.97 -16.88
CA ILE G 419 11.64 -15.54 -18.15
CA LEU G 420 8.61 -13.89 -16.39
CA ARG G 421 5.35 -15.16 -17.92
CA VAL G 422 2.27 -12.79 -17.61
CA ALA G 423 -1.34 -12.52 -18.89
CA ALA G 424 -1.41 -10.61 -22.28
CA GLU G 425 -3.91 -8.12 -20.70
CA ASP G 426 -1.74 -6.84 -17.72
CA TRP G 427 1.18 -5.97 -20.07
CA LYS G 428 -1.38 -4.01 -22.25
CA LYS G 429 -2.95 -2.44 -19.08
CA GLY G 430 0.43 -0.59 -18.96
CA ASP G 431 2.00 -2.44 -16.01
CA THR G 432 5.68 -1.96 -15.08
CA PHE G 433 7.54 -5.23 -14.33
CA SER G 434 11.14 -5.04 -13.00
CA CYS G 435 13.98 -7.58 -13.10
CA MET G 436 16.17 -7.18 -9.94
CA VAL G 437 19.77 -8.52 -10.24
CA GLY G 438 22.06 -8.98 -7.19
CA HIS G 439 25.79 -9.57 -7.79
CA GLU G 440 29.24 -9.02 -6.11
CA ALA G 441 30.25 -6.30 -8.69
CA LEU G 442 26.96 -4.28 -8.73
CA PRO G 443 27.09 -0.69 -7.20
CA LEU G 444 25.02 -1.41 -4.02
CA ALA G 445 25.19 -5.21 -4.70
CA PHE G 446 21.80 -4.59 -6.39
CA THR G 447 20.48 -3.18 -9.69
CA GLN G 448 16.92 -3.22 -11.12
CA LYS G 449 15.95 -2.67 -14.81
CA THR G 450 12.26 -2.08 -15.72
CA ILE G 451 9.83 -3.18 -18.53
CA ASP G 452 6.43 -1.67 -19.49
CA ARG G 453 4.14 -1.37 -22.61
CA LEU G 454 5.08 2.39 -22.54
CA ALA G 455 7.98 3.53 -24.84
CA GLY G 456 9.07 7.24 -24.82
CA LYS G 457 11.83 7.83 -27.45
CA PRO G 458 14.11 10.41 -25.75
CA THR G 459 15.21 7.41 -25.19
CA HIS G 460 15.31 4.49 -22.64
CA VAL G 461 15.11 6.18 -19.12
CA ASN G 462 14.11 4.79 -15.61
CA VAL G 463 11.55 5.41 -12.69
CA SER G 464 11.96 8.23 -10.04
CA VAL G 465 13.50 8.15 -6.42
CA VAL G 466 11.07 6.06 -4.21
CA MET G 467 12.02 6.40 -0.47
CA ALA G 468 14.28 8.78 1.65
CA GLU G 469 15.82 8.81 4.44
CA VAL G 470 15.55 5.72 6.85
CA ASP G 471 18.68 3.93 5.42
CA GLY G 472 19.20 1.04 7.96
CA THR G 473 22.18 2.52 9.94
CA CYS G 474 20.28 5.80 10.75
CA TYR G 475 16.73 4.27 11.30
CA GLN H 1 66.07 -60.79 51.99
CA VAL H 2 68.83 -58.86 53.83
CA LYS H 3 70.68 -60.68 51.07
CA LEU H 4 69.78 -64.43 50.60
CA LEU H 5 73.12 -66.02 51.58
CA GLU H 6 75.25 -63.48 53.59
CA GLN H 7 78.78 -63.91 54.95
CA SER H 8 80.89 -62.60 57.88
CA GLY H 9 83.39 -59.90 56.76
CA ALA H 10 87.16 -60.04 56.49
CA GLU H 11 89.86 -60.94 58.25
CA VAL H 12 93.54 -60.92 58.87
CA LYS H 13 94.96 -63.95 60.65
CA LYS H 14 98.58 -64.69 61.58
CA PRO H 15 100.22 -67.77 59.85
CA GLY H 16 99.51 -70.85 62.08
CA ALA H 17 96.16 -69.48 63.35
CA SER H 18 92.62 -70.64 62.47
CA VAL H 19 89.79 -68.66 60.80
CA LYS H 20 86.02 -69.27 61.12
CA VAL H 21 83.83 -67.94 58.28
CA SER H 22 79.99 -67.90 58.63
CA CYS H 23 77.21 -67.93 56.05
CA LYS H 24 73.65 -66.97 57.20
CA ALA H 25 70.78 -68.17 54.92
CA SER H 26 67.64 -65.91 54.79
CA GLY H 27 64.36 -66.21 52.75
CA TYR H 28 64.44 -69.95 51.87
CA SER H 29 64.02 -73.15 54.01
CA PHE H 30 67.62 -73.67 55.33
CA THR H 31 67.39 -77.48 56.04
CA SER H 32 66.06 -78.36 52.49
CA TYR H 33 69.41 -77.59 50.69
CA GLY H 34 73.14 -78.23 51.03
CA LEU H 35 75.79 -75.45 51.08
CA HIS H 36 79.08 -75.66 49.16
CA TRP H 37 82.31 -73.79 50.18
CA VAL H 38 84.60 -72.44 47.41
CA ARG H 39 87.68 -70.19 47.49
CA GLN H 40 89.46 -67.93 44.99
CA ALA H 41 93.14 -67.04 45.65
CA PRO H 42 94.34 -63.80 43.91
CA GLY H 43 94.66 -64.27 40.11
CA GLN H 44 93.62 -67.92 40.38
CA ARG H 45 90.68 -70.14 39.48
CA LEU H 46 87.91 -71.05 41.93
CA GLU H 47 88.72 -74.10 44.08
CA TRP H 48 86.01 -76.29 45.63
CA MET H 49 86.72 -77.02 49.37
CA GLY H 50 83.68 -78.92 50.69
CA TRP H 51 79.90 -79.24 51.20
CA ILE H 52 77.51 -79.58 54.19
CA SER H 53 73.89 -80.89 54.18
CA ALA H 54 71.92 -78.36 56.39
CA GLY H 55 69.33 -81.11 57.25
CA THR H 56 71.65 -83.98 58.43
CA GLY H 57 74.91 -82.06 59.21
CA ASN H 58 76.78 -84.52 56.88
CA THR H 59 80.01 -83.45 55.35
CA LYS H 60 82.04 -83.90 52.17
CA TYR H 61 85.38 -82.25 51.44
CA SER H 62 88.34 -81.90 49.10
CA GLN H 63 91.29 -84.08 50.23
CA LYS H 64 93.55 -81.06 49.46
CA PHE H 65 92.23 -79.75 52.88
CA ARG H 66 92.41 -83.20 54.63
CA GLY H 67 92.88 -82.77 58.40
CA ARG H 68 92.50 -78.92 58.51
CA VAL H 69 88.95 -78.00 57.30
CA THR H 70 85.71 -78.35 59.42
CA PHE H 71 82.04 -77.68 58.36
CA THR H 72 79.30 -76.97 60.94
CA ARG H 73 75.67 -75.71 60.73
CA ASP H 74 73.59 -74.03 63.47
CA THR H 75 70.15 -75.13 62.24
CA SER H 76 68.24 -72.77 64.69
CA ALA H 77 70.27 -69.60 63.73
CA THR H 78 70.17 -70.82 60.08
CA THR H 79 73.94 -70.29 59.68
CA ALA H 80 76.65 -72.61 58.30
CA TYR H 81 80.37 -72.20 59.16
CA MET H 82 83.68 -73.35 57.76
CA GLY H 83 86.70 -73.59 60.07
CA LEU H 84 90.17 -73.53 58.40
CA SER H 85 93.13 -74.42 60.69
CA SER H 86 96.95 -74.10 60.37
CA LEU H 87 96.76 -71.02 58.14
CA ARG H 88 99.56 -70.54 55.60
CA PRO H 89 100.17 -67.32 53.51
CA GLU H 90 98.69 -69.15 50.41
CA ASP H 91 95.27 -69.37 52.20
CA THR H 92 94.91 -65.58 51.43
CA ALA H 93 91.78 -65.82 49.26
CA VAL H 94 88.08 -64.88 49.03
CA TYR H 95 85.95 -67.63 50.68
CA TYR H 96 82.44 -68.05 49.24
CA CYS H 97 79.59 -70.19 50.42
CA ALA H 98 77.21 -71.16 47.57
CA ARG H 99 73.92 -73.08 47.52
CA ASP H 100 73.38 -76.67 46.28
CA PRO H 101 69.84 -76.41 44.66
CA TYR H 102 69.10 -80.16 45.30
CA GLY H 103 70.71 -81.13 48.69
CA GLY H 104 72.77 -84.05 47.22
CA GLY H 105 76.37 -82.65 47.22
CA LYS H 106 77.18 -82.74 43.48
CA SER H 107 75.57 -79.81 41.70
CA GLU H 108 75.97 -76.45 39.97
CA PHE H 109 75.64 -73.58 42.56
CA ASP H 110 72.58 -71.29 42.02
CA TYR H 111 73.04 -68.66 44.86
CA TRP H 112 76.41 -67.41 46.07
CA GLY H 113 77.31 -65.51 49.23
CA GLN H 114 79.32 -62.27 48.71
CA GLY H 115 82.74 -63.58 49.81
CA THR H 116 84.98 -62.93 52.84
CA LEU H 117 88.60 -62.13 52.18
CA VAL H 118 90.89 -63.84 54.72
CA THR H 119 94.41 -62.44 54.56
CA VAL H 120 97.14 -64.51 56.27
CA SER H 121 99.94 -62.16 57.51
CA SER H 122 102.45 -61.13 60.25
CA ALA H 123 103.71 -57.96 58.38
CA SER H 124 101.58 -55.95 60.76
CA PRO H 125 97.88 -54.98 60.16
CA THR H 126 97.46 -51.15 59.73
CA SER H 127 94.14 -49.21 59.40
CA PRO H 128 93.73 -46.64 56.51
CA LYS H 129 94.11 -42.87 57.10
CA VAL H 130 91.51 -41.10 54.94
CA PHE H 131 92.43 -37.69 53.39
CA PRO H 132 90.27 -35.26 51.33
CA LEU H 133 91.09 -34.51 47.67
CA SER H 134 89.46 -31.12 46.86
CA LEU H 135 90.28 -27.97 44.79
CA CYS H 136 89.36 -24.31 45.57
CA SER H 137 89.29 -22.50 42.12
CA THR H 138 91.98 -24.89 40.66
CA GLN H 139 89.44 -27.14 38.75
CA PRO H 140 87.93 -26.10 35.32
CA ASP H 141 84.68 -23.96 35.37
CA GLY H 142 81.76 -26.43 34.77
CA ASN H 143 82.47 -29.89 36.34
CA VAL H 144 83.80 -30.78 39.85
CA VAL H 145 86.19 -33.67 40.80
CA ILE H 146 86.48 -34.47 44.53
CA ALA H 147 87.98 -37.58 46.10
CA CYS H 148 89.15 -39.50 49.19
CA LEU H 149 92.73 -40.85 49.43
CA VAL H 150 92.53 -44.11 51.55
CA GLN H 151 96.19 -44.29 52.60
CA GLY H 152 98.66 -46.68 54.29
CA PHE H 153 96.65 -49.82 55.08
CA PHE H 154 97.50 -53.56 55.32
CA PRO H 155 96.30 -56.07 54.37
CA GLN H 156 94.32 -55.21 51.14
CA GLU H 157 90.90 -56.78 52.20
CA PRO H 158 87.45 -55.66 50.75
CA LEU H 159 87.20 -51.85 50.83
CA SER H 160 83.56 -50.58 50.58
CA VAL H 161 83.57 -46.90 49.43
CA THR H 162 80.19 -45.13 49.16
CA TRP H 163 79.55 -41.37 48.52
CA SER H 164 76.60 -39.29 50.01
CA GLU H 165 75.47 -37.95 46.56
CA SER H 166 74.19 -40.28 43.72
CA GLY H 167 72.54 -39.43 40.33
CA GLN H 168 72.56 -39.58 36.47
CA GLY H 169 75.63 -37.31 35.82
CA VAL H 170 77.49 -38.11 39.13
CA THR H 171 80.20 -40.75 38.34
CA ALA H 172 82.09 -42.68 41.07
CA ARG H 173 85.48 -44.27 40.21
CA ASN H 174 87.00 -46.66 42.80
CA PHE H 175 90.73 -47.12 41.88
CA PRO H 176 92.11 -50.67 42.74
CA PRO H 177 94.68 -50.97 45.64
CA SER H 178 98.31 -50.13 44.70
CA GLN H 179 101.12 -51.61 46.84
CA ASP H 180 104.16 -49.51 48.06
CA ALA H 181 107.53 -51.48 47.89
CA SER H 182 107.73 -55.14 49.24
CA GLY H 183 104.25 -55.55 50.86
CA ASP H 184 104.79 -52.49 53.19
CA LEU H 185 101.54 -50.44 52.73
CA TYR H 186 98.55 -50.35 50.27
CA THR H 187 96.91 -47.07 49.02
CA THR H 188 93.57 -46.67 47.07
CA SER H 189 91.80 -43.47 45.85
CA SER H 190 87.97 -43.07 45.41
CA GLN H 191 86.93 -40.23 43.00
CA LEU H 192 83.47 -38.54 42.58
CA THR H 193 83.04 -36.54 39.30
CA LEU H 194 79.79 -34.41 39.31
CA PRO H 195 78.47 -31.15 37.63
CA ALA H 196 79.50 -27.82 39.37
CA THR H 197 75.74 -26.92 39.77
CA GLN H 198 75.38 -30.17 41.88
CA CYS H 199 78.53 -29.38 44.02
CA LEU H 200 78.42 -25.58 44.84
CA ALA H 201 81.11 -23.62 46.86
CA GLY H 202 80.60 -23.91 50.68
CA LYS H 203 78.81 -27.32 50.36
CA SER H 204 80.33 -30.82 51.03
CA VAL H 205 79.90 -34.52 49.96
CA THR H 206 80.57 -37.34 52.50
CA CYS H 207 82.77 -40.34 51.57
CA HIS H 208 81.99 -43.50 53.65
CA VAL H 209 84.89 -46.04 53.80
CA LYS H 210 84.47 -49.56 55.25
CA HIS H 211 87.72 -51.61 55.56
CA TYR H 212 86.73 -55.40 56.22
CA THR H 213 84.29 -55.88 59.17
CA ASN H 214 85.67 -52.73 60.92
CA PRO H 215 83.42 -49.66 61.73
CA SER H 216 82.78 -47.15 58.87
CA GLN H 217 85.26 -44.21 58.58
CA ASP H 218 83.49 -41.07 57.29
CA VAL H 219 85.06 -37.89 55.77
CA THR H 220 83.20 -34.72 54.74
CA VAL H 221 84.92 -33.60 51.46
CA PRO H 222 84.37 -29.92 50.26
CA CYS H 223 83.38 -30.68 48.77
CA PRO H 224 82.39 -31.43 47.28
CA VAL H 225 80.26 -31.32 43.87
CA PRO H 226 78.35 -34.50 42.20
CA SER H 227 76.61 -34.82 38.60
CA THR H 228 75.39 -37.62 35.89
CA PRO H 229 74.05 -37.63 32.05
CA PRO H 230 70.88 -39.89 30.84
CA THR H 231 70.20 -41.47 27.33
CA PRO H 232 66.89 -43.30 25.85
CA SER H 233 65.76 -46.91 24.80
CA PRO H 234 63.14 -48.61 22.25
CA SER H 235 59.37 -50.05 21.57
CA THR H 236 56.87 -51.04 18.65
CA PRO H 237 52.84 -50.72 18.42
CA PRO H 238 50.52 -52.85 16.06
CA THR H 239 47.60 -52.28 13.33
CA PRO H 240 43.56 -53.34 13.61
CA SER H 241 40.64 -55.49 11.74
CA PRO H 242 39.20 -53.95 8.48
CA SER H 243 36.92 -55.85 5.48
CA CYS H 244 33.22 -55.19 3.86
CA CYS H 245 31.19 -56.61 0.59
CA HIS H 246 27.62 -55.75 -0.97
CA PRO H 247 25.47 -56.96 -4.06
CA ARG H 248 24.17 -53.73 -5.77
CA LEU H 249 22.88 -53.58 -9.44
CA SER H 250 23.24 -50.12 -11.16
CA LEU H 251 22.30 -48.94 -14.72
CA HIS H 252 24.23 -45.87 -16.05
CA ARG H 253 22.42 -44.29 -19.10
CA PRO H 254 24.07 -43.04 -22.40
CA ALA H 255 25.25 -39.34 -22.56
CA LEU H 256 23.11 -36.76 -24.53
CA GLU H 257 25.97 -35.04 -26.51
CA ASP H 258 27.58 -38.36 -27.75
CA LEU H 259 24.23 -39.99 -28.86
CA LEU H 260 23.19 -36.77 -30.75
CA LEU H 261 26.62 -35.97 -32.39
CA GLY H 262 27.45 -39.16 -34.43
CA SER H 263 25.11 -41.89 -32.90
CA GLU H 264 27.47 -42.91 -30.00
CA ALA H 265 25.40 -44.38 -27.09
CA ASN H 266 26.24 -47.20 -24.60
CA LEU H 267 23.85 -48.32 -21.82
CA THR H 268 26.10 -49.61 -19.04
CA CYS H 269 25.24 -52.37 -16.52
CA THR H 270 27.25 -52.51 -13.27
CA LEU H 271 26.93 -55.29 -10.61
CA THR H 272 28.53 -54.05 -7.35
CA GLY H 273 28.44 -56.28 -4.19
CA LEU H 274 28.95 -59.89 -5.51
CA ARG H 275 30.87 -61.61 -2.57
CA ASP H 276 33.86 -64.11 -2.78
CA ALA H 277 34.14 -67.15 -5.24
CA SER H 278 31.60 -65.87 -7.78
CA GLY H 279 30.47 -65.00 -11.39
CA VAL H 280 27.64 -62.92 -13.00
CA THR H 281 25.51 -63.93 -16.09
CA PHE H 282 24.04 -61.04 -18.13
CA THR H 283 20.86 -61.06 -20.32
CA TRP H 284 20.39 -57.80 -22.40
CA THR H 285 17.35 -57.02 -24.68
CA PRO H 286 18.46 -56.16 -28.30
CA SER H 287 18.19 -52.55 -29.70
CA SER H 288 15.45 -51.88 -32.37
CA GLY H 289 17.42 -52.88 -35.56
CA LYS H 290 17.97 -56.51 -34.25
CA SER H 291 21.24 -55.72 -32.38
CA ALA H 292 22.61 -57.28 -29.10
CA VAL H 293 26.43 -56.90 -28.46
CA GLN H 294 28.13 -57.18 -24.96
CA GLY H 295 31.61 -57.23 -23.20
CA PRO H 296 31.64 -58.29 -19.46
CA PRO H 297 34.94 -58.17 -17.36
CA GLU H 298 35.11 -58.98 -13.57
CA ARG H 299 36.81 -56.16 -11.56
CA ASP H 300 37.52 -56.44 -7.76
CA LEU H 301 36.50 -52.96 -6.35
CA CYS H 302 36.98 -52.11 -2.57
CA GLY H 303 37.60 -55.85 -1.87
CA CYS H 304 34.81 -57.60 -3.96
CA TYR H 305 33.89 -58.48 -7.64
CA SER H 306 31.95 -56.17 -10.07
CA VAL H 307 30.65 -57.56 -13.46
CA SER H 308 30.38 -54.43 -15.59
CA SER H 309 28.91 -55.22 -19.02
CA VAL H 310 28.16 -52.64 -21.79
CA LEU H 311 25.60 -52.69 -24.68
CA PRO H 312 26.48 -50.30 -27.62
CA GLY H 313 23.37 -48.55 -29.09
CA CYS H 314 22.23 -46.34 -32.01
CA ALA H 315 20.47 -42.89 -31.80
CA GLU H 316 17.08 -44.07 -33.34
CA PRO H 317 16.04 -46.63 -30.56
CA TRP H 318 16.88 -44.00 -27.82
CA ASN H 319 15.12 -41.07 -29.70
CA HIS H 320 11.96 -43.06 -30.84
CA GLY H 321 11.28 -44.99 -27.52
CA LYS H 322 13.02 -48.36 -26.75
CA THR H 323 13.16 -50.18 -23.32
CA PHE H 324 16.67 -51.55 -22.48
CA THR H 325 16.58 -54.41 -19.96
CA CYS H 326 19.72 -55.70 -18.19
CA THR H 327 18.71 -58.95 -16.45
CA ALA H 328 21.49 -60.45 -14.32
CA ALA H 329 21.44 -64.03 -12.82
CA TYR H 330 23.62 -65.36 -9.89
CA PRO H 331 22.93 -68.42 -7.54
CA GLU H 332 23.23 -66.43 -4.19
CA SER H 333 20.74 -63.83 -5.68
CA LYS H 334 17.53 -66.02 -5.42
CA THR H 335 15.54 -63.60 -7.69
CA PRO H 336 17.59 -62.73 -10.88
CA LEU H 337 17.71 -58.87 -11.01
CA THR H 338 16.06 -57.11 -13.95
CA ALA H 339 16.70 -53.33 -14.49
CA THR H 340 15.00 -51.59 -17.48
CA LEU H 341 15.78 -48.14 -18.95
CA SER H 342 14.31 -45.86 -21.75
CA LYS H 343 13.35 -42.22 -22.72
CA SER H 344 11.11 -39.97 -20.46
CA GLY H 345 7.38 -38.92 -20.41
CA ASN H 346 4.67 -37.84 -22.97
CA THR H 347 5.63 -35.36 -25.82
CA PHE H 348 4.88 -31.56 -26.22
CA ARG H 349 5.58 -29.29 -29.32
CA PRO H 350 8.28 -26.55 -28.67
CA GLU H 351 7.08 -22.94 -29.07
CA VAL H 352 10.03 -21.08 -30.77
CA HIS H 353 10.03 -17.22 -30.47
CA LEU H 354 13.03 -15.19 -31.78
CA LEU H 355 13.84 -12.00 -29.80
CA PRO H 356 15.90 -9.08 -31.27
CA PRO H 357 18.45 -7.19 -29.05
CA PRO H 358 17.45 -4.59 -26.43
CA SER H 359 17.75 -0.86 -27.43
CA GLU H 360 20.53 -0.33 -24.78
CA GLU H 361 22.67 -3.25 -26.20
CA LEU H 362 22.93 -1.25 -29.51
CA ALA H 363 25.14 1.16 -27.46
CA LEU H 364 27.54 -1.90 -27.43
CA ASN H 365 29.65 -2.96 -30.51
CA GLU H 366 31.47 -6.36 -31.06
CA LEU H 367 28.55 -8.68 -30.09
CA VAL H 368 24.74 -8.10 -30.56
CA THR H 369 22.72 -10.51 -28.50
CA LEU H 370 20.25 -12.42 -30.78
CA THR H 371 18.02 -14.59 -28.56
CA CYS H 372 15.65 -17.47 -29.35
CA LEU H 373 13.32 -18.85 -26.64
CA ALA H 374 12.24 -22.52 -27.03
CA ARG H 375 9.48 -23.08 -24.42
CA GLY H 376 6.74 -25.57 -23.36
CA PHE H 377 8.60 -28.63 -24.82
CA SER H 378 8.87 -32.29 -23.59
CA PRO H 379 10.82 -34.44 -23.29
CA LYS H 380 13.98 -32.30 -22.60
CA ASP H 381 15.58 -33.92 -25.64
CA VAL H 382 16.15 -31.07 -28.22
CA LEU H 383 18.77 -29.62 -30.66
CA VAL H 384 18.97 -25.87 -31.33
CA ARG H 385 21.34 -24.36 -33.97
CA TRP H 386 21.77 -20.94 -35.66
CA LEU H 387 22.17 -20.00 -39.37
CA GLN H 388 23.29 -16.86 -41.26
CA GLY H 389 21.06 -15.87 -44.27
CA SER H 390 23.64 -13.31 -45.62
CA GLN H 391 26.37 -15.98 -46.35
CA GLU H 392 24.04 -19.08 -46.66
CA LEU H 393 26.08 -20.79 -43.86
CA PRO H 394 25.82 -22.09 -40.24
CA ARG H 395 27.01 -19.69 -37.48
CA GLU H 396 29.74 -20.00 -34.80
CA LYS H 397 29.38 -17.49 -31.93
CA TYR H 398 26.36 -18.99 -30.13
CA LEU H 399 25.71 -20.59 -26.71
CA THR H 400 22.62 -22.59 -25.47
CA TRP H 401 21.66 -22.91 -21.72
CA ALA H 402 18.99 -25.15 -19.94
CA SER H 403 15.82 -25.13 -17.68
CA ARG H 404 13.56 -28.14 -16.73
CA GLN H 405 10.37 -26.65 -15.11
CA GLU H 406 8.88 -28.69 -12.17
CA PRO H 407 7.04 -27.13 -9.12
CA SER H 408 4.65 -28.88 -6.59
CA GLN H 409 1.76 -28.98 -9.18
CA GLY H 410 1.05 -31.14 -12.31
CA THR H 411 2.70 -28.49 -14.59
CA THR H 412 6.08 -29.94 -15.86
CA THR H 413 7.60 -29.00 -19.34
CA PHE H 414 11.04 -27.43 -20.32
CA ALA H 415 12.39 -24.06 -21.53
CA VAL H 416 15.79 -22.96 -22.97
CA THR H 417 17.24 -19.70 -24.33
CA SER H 418 19.90 -19.76 -27.11
CA ILE H 419 22.22 -16.72 -27.51
CA LEU H 420 23.78 -15.87 -30.96
CA ARG H 421 26.25 -12.98 -30.58
CA VAL H 422 26.88 -10.83 -33.77
CA ALA H 423 28.66 -7.59 -34.81
CA ALA H 424 26.26 -4.56 -34.39
CA GLU H 425 26.86 -3.71 -38.10
CA ASP H 426 25.63 -7.02 -39.73
CA TRP H 427 22.28 -6.83 -37.85
CA LYS H 428 21.93 -3.19 -39.18
CA LYS H 429 23.07 -4.31 -42.70
CA GLY H 430 19.64 -6.07 -42.67
CA ASP H 431 20.85 -9.67 -42.26
CA THR H 432 18.40 -12.53 -41.56
CA PHE H 433 19.55 -14.94 -38.80
CA SER H 434 17.49 -18.11 -38.13
CA CYS H 435 17.21 -20.30 -35.04
CA MET H 436 16.61 -23.97 -36.11
CA VAL H 437 14.96 -26.23 -33.46
CA GLY H 438 14.80 -30.04 -33.80
CA HIS H 439 12.49 -31.97 -31.47
CA GLU H 440 10.41 -35.26 -31.31
CA ALA H 441 7.05 -33.33 -31.45
CA LEU H 442 7.90 -30.85 -34.30
CA PRO H 443 6.02 -31.33 -37.68
CA LEU H 444 8.98 -32.65 -39.76
CA ALA H 445 11.12 -33.04 -36.55
CA PHE H 446 12.38 -29.56 -37.53
CA THR H 447 11.20 -25.93 -37.33
CA GLN H 448 13.10 -22.69 -38.02
CA LYS H 449 12.08 -19.16 -36.83
CA THR H 450 13.85 -16.09 -38.34
CA ILE H 451 15.20 -12.69 -37.03
CA ASP H 452 16.14 -9.55 -39.05
CA ARG H 453 16.39 -5.71 -38.54
CA LEU H 454 13.32 -5.55 -40.92
CA ALA H 455 9.83 -5.32 -39.26
CA GLY H 456 6.67 -5.19 -41.50
CA LYS H 457 3.52 -4.75 -39.34
CA PRO H 458 0.90 -6.89 -41.17
CA THR H 459 2.32 -8.62 -38.82
CA HIS H 460 5.07 -11.26 -38.04
CA VAL H 461 5.33 -13.46 -41.26
CA ASN H 462 8.15 -15.82 -42.59
CA VAL H 463 10.48 -16.36 -45.71
CA SER H 464 9.30 -18.03 -49.02
CA VAL H 465 9.59 -21.74 -50.26
CA VAL H 466 13.36 -22.40 -50.98
CA MET H 467 13.82 -25.75 -52.86
CA ALA H 468 11.49 -28.24 -54.78
CA GLU H 469 11.43 -31.31 -55.66
CA VAL H 470 14.48 -33.64 -54.84
CA ASP H 471 13.06 -34.84 -51.45
CA GLY H 472 15.49 -37.71 -50.50
CA THR H 473 13.23 -40.71 -51.40
CA CYS H 474 12.63 -39.48 -55.01
CA TYR H 475 16.21 -38.05 -55.70
#